data_7P5Z
#
_entry.id   7P5Z
#
_cell.length_a   1.00
_cell.length_b   1.00
_cell.length_c   1.00
_cell.angle_alpha   90.00
_cell.angle_beta   90.00
_cell.angle_gamma   90.00
#
_symmetry.space_group_name_H-M   'P 1'
#
loop_
_entity.id
_entity.type
_entity.pdbx_description
1 polymer 'DNA replication licensing factor MCM2'
2 polymer 'DNA replication licensing factor MCM3'
3 polymer 'DNA replication licensing factor MCM4'
4 polymer 'Minichromosome maintenance protein 5'
5 polymer 'DNA replication licensing factor MCM6'
6 polymer 'DNA replication licensing factor MCM7'
7 polymer 'Cell division control protein 7'
8 polymer 'DDK kinase regulatory subunit DBF4'
9 polymer 'DNA (53-MER)'
10 polymer 'DNA (53-MER)'
11 non-polymer "ADENOSINE-5'-TRIPHOSPHATE"
12 non-polymer 'MAGNESIUM ION'
13 non-polymer 'ZINC ION'
14 non-polymer "ADENOSINE-5'-DIPHOSPHATE"
#
loop_
_entity_poly.entity_id
_entity_poly.type
_entity_poly.pdbx_seq_one_letter_code
_entity_poly.pdbx_strand_id
1 'polypeptide(L)'
;MSDNRRRRREEDDSDSENELPPSSPQQHFRGGMNPVSSPIGSPDMINPEGDDNEVDDVPDIDEVEEQMNEVDLMDDNMYE
DYAADHNRDRYDPDQVDDREQQELSLSERRRIDAQLNERDRLLRNVAYIDDEDEEQEGAAQLDEMGLPVQRRRRRRQYED
LENSDDDLLSDMDIDPLREELTLESLSNVKANSYSEWITQPNVSRTIARELKSFLLEYTDETGRSVYGARIRTLGEMNSE
SLEVNYRHLAESKAILALFLAKCPEEMLKIFDLVAMEATELHYPDYARIHSEIHVRISDFPTIYSLRELRESNLSSLVRV
TGVVTRRTGVFPQLKYVKFNCLKCGSILGPFFQDSNEEIRISFCTNCKSKGPFRVNGEKTVYRNYQRVTLQEAPGTVPPG
RLPRHREVILLADLVDVSKPGEEVEVTGIYKNNYDGNLNAKNGFPVFATIIEANSIKRREGNTANEGEEGLDVFSWTEEE
EREFRKISRDRGIIDKIISSMAPSIYGHRDIKTAVACSLFGGVPKNVNGKHSIRGDINVLLLGDPGTAKSQILKYVEKTA
HRAVFATGQGASAVGLTASVRKDPITKEWTLEGGALVLADKGVCLIDEFDKMNDQDRTSIHEAMEQQSISISKAGIVTTL
QARCSIIAAANPNGGRYNSTLPLAQNVSLTEPILSRFDILCVVRDLVDEEADERLATFVVDSHVRSHPENDEDREGEELK
NNGESAIEQGEDEINEQLNARQRRLQRQRKKEEEISPIPQELLMKYIHYARTKIYPKLHQMDMDKVSRVYADLRRESIST
GSFPITVRHLESILRIAESFAKMRLSEFVSSYDLDRAIKVVVDSFVDAQKVSVRRQLRRSFAIYTLGH
;
2,A
2 'polypeptide(L)'
;MKRRWKKNFIAVSAANRFKKISSSGALENLYFQGEMEGSTGFDGDATTFFAPDAVFGDRVRRFQEFLDTFTSYRDSVRSI
QVYNSNNAANYNDDQDDADERDLLGDDDGDDLEKEKKAASSTSLNILPHRIIISLDDLREFDRSFWSGILVEPAYFIPPA
EKALTDLADSMDDVPHPNASAVSSRHPWKLSFKGSFGAHALSPRTLTAQHLNKLVSVEGIVTKTSLVRPKLIRSVHYAAK
TGRFHYRDYTDATTTLTTRIPTPAIYPTEDTEGNKLTTEYGYSTFIDHQRITVQEMPEMAPAGQLPRSIDVILDDDLVDK
TKPGDRVNVVGVFKSLGAGGMNQSNSNTLIGFKTLILGNTVYPLHARSTGVAARQMLTDFDIRNINKLSKKKDIFDILSQ
SLAPSIYGHDHIKKAILLMLMGGVEKNLENGSHLRGDINILMVGDPSTAKSQLLRFVLNTASLAIATTGRGSSGVGLTAA
VTTDRETGERRLEAGAMVLADRGVVCIDEFDKMTDVDRVAIHEVMEQQTVTIAKAGIHTTLNARCSVIAAANPVFGQYDV
NRDPHQNIALPDSLLSRFDLLFVVTDDINEIRDRSISEHVLRTHRYLPPGYLEGEPVRERLNLSLAVGEDADINPEEHSN
SGAGVENEGEDDEDHVFEKFNPLLQAGAKLAKNKGNYNGTEIPKLVTIPFLRKYVQYAKERVIPQLTQEAINVIVKNYTD
LRNDDNTKKSPITARTLETLIRLATAHAKVRLSKTVNKVDAKVAANLLRFALLGEDIGNDIDEEESEYEEALSKRSPQKS
PKKRQRVRQPASNSGSPIKSTPRRSTASSVNATPSSARRILRFQDDEQNAGEDDNDIMSPLPADEEAELQRRLQLGLRVS
PRRREHLHAPEEGSSGPLTEVGTPRLPNVSSAGQDDEQQQSVISFDNVEPGTISTGRLSLISGIIARLMQTEIFEEESYP
VASLFERINEELPEEEKFSAQEYLAGLKIMSDRNNLMVADDKVWRV
;
3,B
3 'polypeptide(L)'
;MSQQSSSPTKEDNNSSSPVVPNPDSVPPQLSSPALFYSSSSSQGDIYGRNNSQNLSQGEGNIRAAIGSSPLNFPSSSQRQ
NSDVFQSQGRQGRIRSSASASGRSRYHSDLRSDRALPTSSSSLGRNGQNRVHMRRNDIHTSDLSSPRRIVDFDTRSGVNT
LDTSSSSAPPSEASEPLRIIWGTNVSIQECTTNFRNFLMSFKYKFRKILDEREEFINNTTDEELYYIKQLNEMRELGTSN
LNLDARNLLAYKQTEDLYHQLLNYPQEVISIMDQTIKDCMVSLIVDNNLDYDLDEIETKFYKVRPYNVGSCKGMRELNPN
DIDKLINLKGLVLRSTPVIPDMKVAFFKCNVCDHTMAVEIDRGVIQEPARCERIDCNEPNSMSLIHNRCSFADKQVIKLQ
ETPDFVPDGQTPHSISLCVYDELVDSCRAGDRIEVTGTFRSIPIRANSRQRVLKSLYKTYVDVVHVKKVSDKRLDVDTST
IEQELMQNKVDHNEVEEVRQITDQDLAKIREVAAREDLYSLLARSIAPSIYELEDVKKGILLQLFGGTNKTFTKGGRYRG
DINILLCGDPSTSKSQILQYVHKITPRGVYTSGKGSSAVGLTAYITRDVDTKQLVLESGALVLSDGGVCCIDEFDKMSDS
TRSVLHEVMEQQTISIAKAGIITTLNARSSILASANPIGSRYNPNLPVTENIDLPPPLLSRFDLVYLVLDKVDEKNDREL
AKHLTNLYLEDKPEHISQDDVLPVEFLTMYISYAKEHIHPIITEAAKTELVRAYVGMRKMGDDSRSDEKRITATTRQLES
MIRLAEAHAKMKLKNVVELEDVQEAVRLIRSAIKDYATDPKTGKIDMNLVQTGKSVIQRKLQEDLSREIMNVLKDQASDS
MSFNELIKQINEHSQDRVESSDIQEALSRLQQEDKVIVLGEGVRRSVRLNNRV
;
4,C
4 'polypeptide(L)'
;MSFDRPEIYSAPVLQGESPNDDDNTEIIKSFKNFILEFRLDSQFIYRDQLRNNILVKNYSLTVNMEHLIGYNEDIYKKLS
DEPSDIIPLFETAITQVAKRISILSRAQSANNNDKDPENTSMDTDSLLLNSLPTFQLILNSNANQIPLRDLDSEHVSKIV
RLSGIIISTSVLSSRATYLSIMCRNCRHTTSITINNFNSITGNTVSLPRSCLSTIESESSMANESNIGDESTKKNCGPDP
YIIIHESSKFIDQQFLKLQEIPELVPVGEMPRNLTMTCDRYLTNKVIPGTRVTIVGIYSIYNSKNGAGSGRSGGGNGGSG
VAIRTPYIKILGIQSDVETSSIWNSVTMFTEEEEEEFLQLSRNPKLYEILTNSIAPSIFGNEDIKKAIVCLLMGGSKKIL
PDGMRLRGDINVLLLGDPGTAKSQLLKFVEKVSPIAVYTSGKGSSAAGLTASVQRDPMTREFYLEGGAMVLADGGVVCID
EFDKMRDEDRVAIHEAMEQQTISIAKAGITTVLNSRTSVLAAANPIYGRYDDLKSPGDNIDFQTTILSRFDMIFIVKDDH
NEERDISIANHVINIHTGNANAMQNQQEENGSEISIEKMKRYITYCRLKCAPRLSPQAAEKLSSNFVTIRKQLLINELES
TERSSIPITIRQLEAIIRITESLAKLELSPIAQERHVDEAIRLFQASTMDAASQDPIGGLNQASGTSLSEIRRFEQELKR
RLPIGWSTSYQTLRREFVDTHRFSQLALDKALYALEKHETIQLRHQGQNIYRSGV
;
5,D
5 'polypeptide(L)'
;MSSPFPADTPSSNRPSNSSPPPSSIGAGFGSSSGLDSQIGSRLHFPSSSQPHVSNSQTGPFVNDSTQFSSQRLQTDGSAT
NDMEGNEPARSFKSRALNHVKKVDDVTGEKVREAFEQFLEDFSVQSTDTGEVEKVYRAQIEFMKIYDLNTIYIDYQHLSM
RENGALAMAISEQYYRFLPFLQKGLRRVVRKYAPELLNTSDSLKRSEGDEGQADEDEQQDDDMNGSSLPRDSGSSAAPGN
GTSAMATRSITTSTSPEQTERVFQISFFNLPTVHRIRDIRSEKIGSLLSISGTVTRTSEVRPELYKASFTCDMCRAIVDN
VEQSFKYTEPTFCPNPSCENRAFWTLNVTRSRFLDWQKVRIQENANEIPTGSMPRTLDVILRGDSVERAKPGDRCKFTGV
EIVVPDVTQLGLPGVKPSSTLDTRGISKTTEGLNSGVTGLRSLGVRDLTYKISFLACHVISIGSNIGASSPDANSNNRET
ELQMAANLQANNVYQDNERDQEVFLNSLSSDEINELKEMVKDEHIYDKLVRSIAPAVFGHEAVKKGILLQMLGGVHKSTV
EGIKLRGDINICVVGDPSTSKSQFLKYVVGFAPRSVYTSGKASSAAGLTAAVVRDEEGGDYTIEAGALMLADNGICCIDE
FDKMDISDQVAIHEAMEQQTISIAKAGIHATLNARTSILAAANPVGGRYNRKLSLRGNLNMTAPIMSRFDLFFVILDDCN
EKIDTELASHIVDLHMKRDEAIEPPFSAEQLRRYIKYARTFKPILTKEARSYLVEKYKELRKDDAQGFSRSSYRITVRQL
ESMIRLSEAIARANCVDEITPSFIAEAYDLLRQSIIRVDVDDVEMDEEFDNIESQSHAASGNNDDNDDGTGSGVITSEPP
ADIEEGQSEATARPGTSEKKKTTVTYDKYVSMMNMIVRKIAEVDREGAEELTAVDIVDWYLLQKENDLGSLAEYWEERRL
AFKVIKRLVKDRILMEIHGTRHNLRDLENEENENNKTVYVIHPNCEVLDQLEPQDSS
;
6,E
6 'polypeptide(L)'
;MSAALPSIQLPVDYNNLFNEITDFLVTFKQDTLSSDATRNENEDENLDAENIEQHLLEKGPKYMAMLQKVANRELNSVII
DLDDILQYQNEKFLQGTQADDLVSAIQQNANHFTELFCRAIDNNMPLPTKEIDYKDDVLDVILNQRRLRNERMLSDRTNE
IRSENLMDTTMDPPSSMNDALREVVEDETELFPPNLTRRYFLYFKPLSQNCARRYRKKAISSKPLSVRQIKGDFLGQLIT
VRGIITRVSDVKPAVEVIAYTCDQCGYEVFQEVNSRTFTPLSECTSEECSQNQTKGQLFMSTRASKFSAFQECKIQELSQ
QVPVGHIPRSLNIHVNGTLVRSLSPGDIVDVTGIFLPAPYTGFKALKAGLLTETYLEAQFVRQHKKKFASFSLTSDVEER
VMELITSGDVYNRLAKSIAPEIYGNLDVKKALLLLLVGGVDKRVGDGMKIRGDINVCLMGDPGVAKSQLLKAICKISPRG
VYTTGKGSSGVGLTAAVMKDPVTDEMILEGGALVLADNGICCIDEFDKMDESDRTAIHEVMEQQTISISKAGINTTLNAR
TSILAAANPLYGRYNPRLSPLDNINLPAALLSRFDILFLMLDIPSRDDDEKLAEHVTYVHMHNKQPDLDFTPVEPSKMRE
YIAYAKTKRPVMSEAVNDYVVQAYIRLRQDSKREMDSKFSFGQATPRTLLGIIRLSQALAKLRLADMVDIDDVEEALRLV
RVSKESLYQETNKSKEDESPTTKIFTIIKKMLQETGKNTLSYENIVKTVRLRGFTMLQLSNCIQEYSYLNVWHLINEGNT
LKFVDDGTMDTDQEDSLVSTPKLAPQTTASANVSAQDSDIDLQDA
;
7,F
7 'polypeptide(L)'
;MTSKTKNIDDIPPEIKEEMIQLYHDLPGIENEYKLIDKIGEGTFSSVYKAKDITGKITKKFASHFWNYGSNYVALKKIYV
TSSPQRIYNELNLLYIMTGSSRVAPLCDAKRVRDQVIAVLPYYPHEEFRTFYRDLPIKGIKKYIWELLRALKFVHSKGII
HRDIKPTNFLFNLELGRGVLVDFGLAEAQMDYKSMISSQNDYDNYANTNHDGGYSMRNHEQFCPCIMRNQYSPNSHNQTP
PMVTIQNGKVVHLNNVNGVDLTKGYPKNETRRIKRANRAGTRGFRAPEVLMKCGAQSTKIDIWSVGVILLSLLGRRFPMF
QSLDDADSLLELCTIFGWKELRKCAALHGLGFEASGLIWDKPNGYSNGLKEFVYDLLNKECTIGTFPEYSVAFETFGFLQ
QELHDRMSIEPQLPDPKTNMDAVDAYELKKYQEEIWSDHYWCFQVLEQCFEMDPQKRSSAEDLLKTPFFNELNENTYLLD
GESTDEDDVVSSSEADLLDKDVLLISE
;
1
8 'polypeptide(L)'
;KRRWKKNFIAVSAANRFKKISSSGALENLYFQGEMVSPTKMIIASPAKETDTNLKHNNGIAASTTAAGHLNVFSNDNNCN
NNNTTESFPKKRSLEALEAQQQQHLHEKKRARIERARSIEGAVQVSKGTGLKNVEPRVTPKELLEWQTNWKKIMKRDSRI
YFDITDDVEMNTYNKSKMDKRRDLLKRGFLTLGAQITQFFDTTVTIVITRRSVENIYLLKDTDILSRAKKNYMKVWSYEK
AARFLKNLDVDLDHLSKTKSASLAAPTLSNLLHNEKLYGPTDRDPRTKRDDIHYFKYPHVYLYDLWQTWAPIITLEWKPQ
ELTNLDELPYPILKIGSFGRCPFIGDRNYDESSYKRVVKRYSRDKANKKYALQLRALFQYHADTLLNTSSVNDQTKNLIF
IPHTCNDSTKSFKKWMQEKAKNFEKTELKKTDDSAVQDVRNEHADQTDEKNSILLNETETKEPPLKEEKENKQSIAEESN
KYPQRKELAATPKLNHPVLATFARQETEEVPDDLCTLKTKSRQAFEIKASGAHQSNDVATSFGNGLGPTRASVMSKNMKS
LSRLMVDRKLGVKQTNGNNKNYTATIATTAETSKENRHRLDFNALKKDEAPSKETGKDSAVHLETNRKPQNFPKVATKSV
SADSKVHNDIKITTTESPTASKKSTSTNVTLHFNAQTAQTAQPVKKETVKNSGYCENCRVKYESLEQHIVSEKHLSFAEN
DLNFEAIDSLIENLRFQI
;
G
9 'polydeoxyribonucleotide'
;(DG)(DC)(DA)(DT)(DG)(DC)(DA)(DT)(DG)(DC)(DG)(DC)(DA)(DT)(DG)(DC)(DA)(DT)(DG)(DC)
(DA)(DT)(DG)(DC)(DA)(DT)(DG)(DC)(DT)(DG)(DC)(DA)(DT)(DG)(DC)(DA)(DT)(DG)(DC)(DA)
(DT)(DG)(DC)(DG)(DC)(DA)(DT)(DG)(DC)(DA)(DT)(DG)(DC)
;
X
10 'polydeoxyribonucleotide'
;(DG)(DC)(DA)(DT)(DG)(DC)(DA)(DT)(DG)(DC)(DG)(DC)(DA)(DT)(DG)(DC)(DA)(DT)(DG)(DC)
(DA)(DT)(DG)(DC)(DA)(DG)(DC)(DA)(DT)(DG)(DC)(DA)(DT)(DG)(DC)(DA)(DT)(DG)(DC)(DA)
(DT)(DG)(DC)(DG)(DC)(DA)(DT)(DG)(DC)(DA)(DT)(DG)(DC)
;
Y
#
# COMPACT_ATOMS: atom_id res chain seq x y z
N LEU A 183 33.80 -49.23 5.54
CA LEU A 183 34.98 -48.40 5.78
C LEU A 183 35.63 -48.79 7.10
N GLU A 184 36.92 -49.14 7.04
CA GLU A 184 37.66 -49.58 8.22
C GLU A 184 39.06 -48.98 8.14
N SER A 185 39.30 -47.91 8.90
CA SER A 185 40.60 -47.24 8.92
C SER A 185 41.01 -46.78 7.52
N LEU A 186 40.04 -46.57 6.64
CA LEU A 186 40.27 -46.01 5.32
C LEU A 186 40.00 -44.51 5.27
N SER A 187 39.59 -43.91 6.39
CA SER A 187 39.18 -42.52 6.39
C SER A 187 40.31 -41.59 5.97
N ASN A 188 41.56 -42.07 6.00
CA ASN A 188 42.67 -41.24 5.53
C ASN A 188 42.43 -40.77 4.11
N VAL A 189 41.72 -41.56 3.29
CA VAL A 189 41.40 -41.13 1.94
C VAL A 189 40.51 -39.88 2.01
N LYS A 190 40.84 -38.89 1.18
CA LYS A 190 40.15 -37.61 1.19
C LYS A 190 39.30 -37.48 -0.06
N ALA A 191 38.02 -37.18 0.12
CA ALA A 191 37.10 -36.95 -0.98
C ALA A 191 37.00 -35.48 -1.34
N ASN A 192 36.91 -34.62 -0.33
CA ASN A 192 36.90 -33.18 -0.53
C ASN A 192 37.37 -32.54 0.78
N SER A 193 37.20 -31.22 0.90
CA SER A 193 37.61 -30.52 2.11
C SER A 193 37.04 -31.21 3.34
N TYR A 194 37.71 -30.99 4.47
CA TYR A 194 37.47 -31.82 5.66
C TYR A 194 36.04 -31.70 6.15
N SER A 195 35.46 -30.50 6.11
CA SER A 195 34.11 -30.32 6.62
C SER A 195 33.12 -31.19 5.85
N GLU A 196 33.20 -31.18 4.52
CA GLU A 196 32.32 -32.04 3.73
C GLU A 196 32.65 -33.51 3.95
N TRP A 197 33.94 -33.84 4.02
CA TRP A 197 34.33 -35.24 4.18
C TRP A 197 33.72 -35.83 5.45
N ILE A 198 33.84 -35.11 6.57
CA ILE A 198 33.41 -35.63 7.86
C ILE A 198 31.90 -35.82 7.97
N THR A 199 31.11 -35.09 7.17
CA THR A 199 29.67 -35.05 7.35
C THR A 199 28.92 -36.10 6.54
N GLN A 200 29.60 -36.92 5.75
CA GLN A 200 28.90 -37.94 4.99
C GLN A 200 28.36 -39.02 5.93
N PRO A 201 27.15 -39.54 5.67
CA PRO A 201 26.55 -40.47 6.63
C PRO A 201 27.37 -41.74 6.86
N ASN A 202 27.98 -42.30 5.82
CA ASN A 202 28.72 -43.55 5.98
C ASN A 202 29.97 -43.34 6.83
N VAL A 203 30.75 -42.32 6.52
CA VAL A 203 31.94 -42.03 7.33
C VAL A 203 31.53 -41.57 8.72
N SER A 204 30.39 -40.89 8.84
CA SER A 204 29.88 -40.52 10.16
C SER A 204 29.61 -41.76 11.00
N ARG A 205 28.96 -42.76 10.41
CA ARG A 205 28.73 -44.02 11.13
C ARG A 205 30.06 -44.69 11.48
N THR A 206 30.99 -44.71 10.54
CA THR A 206 32.30 -45.29 10.80
C THR A 206 32.95 -44.64 12.02
N ILE A 207 32.97 -43.30 12.03
CA ILE A 207 33.64 -42.59 13.12
C ILE A 207 32.89 -42.78 14.43
N ALA A 208 31.55 -42.79 14.40
CA ALA A 208 30.80 -43.00 15.63
C ALA A 208 31.10 -44.37 16.23
N ARG A 209 31.11 -45.41 15.39
CA ARG A 209 31.45 -46.74 15.88
C ARG A 209 32.88 -46.79 16.41
N GLU A 210 33.79 -46.09 15.72
CA GLU A 210 35.18 -46.07 16.16
C GLU A 210 35.32 -45.41 17.53
N LEU A 211 34.59 -44.30 17.73
CA LEU A 211 34.59 -43.63 19.03
C LEU A 211 34.03 -44.53 20.12
N LYS A 212 32.93 -45.23 19.82
CA LYS A 212 32.37 -46.17 20.79
C LYS A 212 33.39 -47.24 21.16
N SER A 213 34.07 -47.80 20.15
CA SER A 213 35.07 -48.82 20.43
C SER A 213 36.20 -48.25 21.28
N PHE A 214 36.67 -47.05 20.96
CA PHE A 214 37.71 -46.44 21.78
C PHE A 214 37.26 -46.31 23.23
N LEU A 215 36.08 -45.76 23.44
CA LEU A 215 35.61 -45.52 24.81
C LEU A 215 35.48 -46.82 25.58
N LEU A 216 34.92 -47.86 24.96
CA LEU A 216 34.67 -49.10 25.69
C LEU A 216 35.93 -49.93 25.87
N GLU A 217 36.87 -49.90 24.93
CA GLU A 217 38.00 -50.83 24.91
C GLU A 217 39.30 -50.24 25.44
N TYR A 218 39.43 -48.92 25.56
CA TYR A 218 40.70 -48.34 25.97
C TYR A 218 41.06 -48.79 27.38
N THR A 219 42.35 -48.93 27.62
CA THR A 219 42.85 -49.32 28.94
C THR A 219 44.35 -49.07 28.98
N ASP A 220 44.83 -48.59 30.13
CA ASP A 220 46.24 -48.28 30.31
C ASP A 220 46.99 -49.56 30.69
N GLU A 221 48.26 -49.41 31.10
CA GLU A 221 49.06 -50.57 31.47
C GLU A 221 48.47 -51.27 32.70
N THR A 222 47.94 -50.51 33.64
CA THR A 222 47.40 -51.10 34.87
C THR A 222 46.27 -52.08 34.57
N GLY A 223 45.63 -51.97 33.42
CA GLY A 223 44.53 -52.85 33.07
C GLY A 223 43.18 -52.41 33.58
N ARG A 224 43.10 -51.27 34.27
CA ARG A 224 41.84 -50.78 34.81
C ARG A 224 41.17 -49.84 33.82
N SER A 225 39.86 -49.99 33.68
CA SER A 225 39.08 -49.18 32.73
C SER A 225 38.96 -47.78 33.29
N VAL A 226 39.88 -46.91 32.86
CA VAL A 226 39.83 -45.51 33.28
C VAL A 226 38.49 -44.90 32.87
N TYR A 227 38.09 -45.10 31.61
CA TYR A 227 36.83 -44.54 31.15
C TYR A 227 35.65 -45.23 31.82
N GLY A 228 35.75 -46.53 32.07
CA GLY A 228 34.68 -47.20 32.79
C GLY A 228 34.44 -46.56 34.15
N ALA A 229 35.52 -46.30 34.88
CA ALA A 229 35.39 -45.62 36.16
C ALA A 229 34.86 -44.20 35.97
N ARG A 230 35.26 -43.53 34.89
CA ARG A 230 34.80 -42.17 34.64
C ARG A 230 33.29 -42.13 34.48
N ILE A 231 32.73 -42.98 33.61
CA ILE A 231 31.28 -43.03 33.46
C ILE A 231 30.61 -43.50 34.75
N ARG A 232 31.22 -44.43 35.47
CA ARG A 232 30.61 -44.89 36.71
C ARG A 232 30.45 -43.74 37.70
N THR A 233 31.51 -42.94 37.88
CA THR A 233 31.43 -41.81 38.79
C THR A 233 30.50 -40.73 38.26
N LEU A 234 30.47 -40.53 36.93
CA LEU A 234 29.50 -39.60 36.36
C LEU A 234 28.08 -39.99 36.75
N GLY A 235 27.73 -41.26 36.52
CA GLY A 235 26.39 -41.70 36.86
C GLY A 235 26.10 -41.60 38.34
N GLU A 236 27.08 -41.95 39.18
CA GLU A 236 26.89 -41.86 40.61
C GLU A 236 26.64 -40.43 41.06
N MET A 237 27.40 -39.48 40.52
CA MET A 237 27.33 -38.08 40.93
C MET A 237 26.22 -37.31 40.25
N ASN A 238 25.60 -37.88 39.21
CA ASN A 238 24.55 -37.19 38.45
C ASN A 238 25.10 -35.92 37.80
N SER A 239 26.32 -36.02 37.29
CA SER A 239 26.96 -34.91 36.61
C SER A 239 26.62 -34.96 35.12
N GLU A 240 27.17 -34.03 34.34
CA GLU A 240 26.75 -33.84 32.96
C GLU A 240 27.89 -33.83 31.95
N SER A 241 29.13 -34.10 32.35
CA SER A 241 30.26 -33.93 31.45
C SER A 241 31.30 -35.00 31.69
N LEU A 242 31.92 -35.45 30.60
CA LEU A 242 33.06 -36.35 30.63
C LEU A 242 34.30 -35.64 30.12
N GLU A 243 35.39 -35.74 30.89
CA GLU A 243 36.69 -35.28 30.44
C GLU A 243 37.39 -36.39 29.68
N VAL A 244 38.08 -36.03 28.60
CA VAL A 244 38.77 -36.98 27.75
C VAL A 244 40.20 -36.51 27.56
N ASN A 245 41.12 -37.45 27.38
CA ASN A 245 42.54 -37.14 27.28
C ASN A 245 42.98 -37.19 25.83
N TYR A 246 43.39 -36.03 25.31
CA TYR A 246 43.88 -35.97 23.94
C TYR A 246 45.09 -36.86 23.74
N ARG A 247 45.92 -37.04 24.77
CA ARG A 247 47.07 -37.91 24.64
C ARG A 247 46.64 -39.35 24.36
N HIS A 248 45.71 -39.87 25.16
CA HIS A 248 45.21 -41.22 24.93
C HIS A 248 44.55 -41.33 23.57
N LEU A 249 43.73 -40.35 23.21
CA LEU A 249 43.00 -40.44 21.94
C LEU A 249 43.97 -40.43 20.77
N ALA A 250 44.98 -39.56 20.79
CA ALA A 250 45.95 -39.52 19.71
C ALA A 250 46.77 -40.80 19.66
N GLU A 251 47.16 -41.32 20.82
CA GLU A 251 47.95 -42.55 20.85
C GLU A 251 47.16 -43.70 20.23
N SER A 252 45.87 -43.79 20.54
CA SER A 252 45.09 -44.92 20.05
C SER A 252 44.72 -44.75 18.57
N LYS A 253 44.13 -43.61 18.22
CA LYS A 253 43.45 -43.43 16.95
C LYS A 253 43.82 -42.09 16.32
N ALA A 254 45.13 -41.87 16.17
CA ALA A 254 45.70 -40.59 15.74
C ALA A 254 44.86 -39.87 14.69
N ILE A 255 44.36 -40.59 13.69
CA ILE A 255 43.59 -39.93 12.62
C ILE A 255 42.40 -39.19 13.21
N LEU A 256 41.72 -39.81 14.18
CA LEU A 256 40.61 -39.13 14.84
C LEU A 256 41.06 -37.87 15.55
N ALA A 257 42.23 -37.93 16.20
CA ALA A 257 42.76 -36.73 16.84
C ALA A 257 43.02 -35.63 15.83
N LEU A 258 43.59 -35.97 14.68
CA LEU A 258 43.87 -34.97 13.65
C LEU A 258 42.57 -34.34 13.14
N PHE A 259 41.55 -35.17 12.89
CA PHE A 259 40.28 -34.62 12.43
C PHE A 259 39.62 -33.77 13.51
N LEU A 260 39.74 -34.15 14.78
CA LEU A 260 39.23 -33.31 15.85
C LEU A 260 39.93 -31.97 15.86
N ALA A 261 41.25 -31.97 15.72
CA ALA A 261 41.99 -30.72 15.68
C ALA A 261 41.58 -29.85 14.50
N LYS A 262 41.39 -30.46 13.33
CA LYS A 262 41.08 -29.67 12.13
C LYS A 262 39.67 -29.12 12.18
N CYS A 263 38.67 -29.98 12.38
CA CYS A 263 37.26 -29.59 12.40
C CYS A 263 36.61 -30.11 13.67
N PRO A 264 36.99 -29.56 14.82
CA PRO A 264 36.40 -30.04 16.08
C PRO A 264 34.90 -29.87 16.17
N GLU A 265 34.34 -28.87 15.48
CA GLU A 265 32.92 -28.57 15.64
C GLU A 265 32.06 -29.79 15.34
N GLU A 266 32.31 -30.46 14.21
CA GLU A 266 31.43 -31.54 13.79
C GLU A 266 31.57 -32.76 14.71
N MET A 267 32.80 -33.18 14.99
CA MET A 267 33.02 -34.41 15.72
C MET A 267 32.43 -34.36 17.14
N LEU A 268 32.26 -33.17 17.70
CA LEU A 268 31.75 -33.07 19.06
C LEU A 268 30.34 -33.63 19.16
N LYS A 269 29.51 -33.41 18.13
CA LYS A 269 28.14 -33.93 18.17
C LYS A 269 28.13 -35.45 18.23
N ILE A 270 28.87 -36.10 17.32
CA ILE A 270 28.88 -37.55 17.30
C ILE A 270 29.49 -38.11 18.57
N PHE A 271 30.52 -37.43 19.11
CA PHE A 271 31.09 -37.88 20.37
C PHE A 271 30.12 -37.73 21.52
N ASP A 272 29.33 -36.66 21.53
CA ASP A 272 28.27 -36.51 22.53
C ASP A 272 27.28 -37.66 22.45
N LEU A 273 26.86 -38.03 21.24
CA LEU A 273 25.93 -39.14 21.10
C LEU A 273 26.56 -40.44 21.57
N VAL A 274 27.84 -40.67 21.26
CA VAL A 274 28.52 -41.87 21.71
C VAL A 274 28.54 -41.93 23.23
N ALA A 275 28.86 -40.81 23.88
CA ALA A 275 28.86 -40.77 25.33
C ALA A 275 27.47 -41.03 25.89
N MET A 276 26.44 -40.47 25.24
CA MET A 276 25.07 -40.67 25.71
C MET A 276 24.70 -42.15 25.67
N GLU A 277 25.05 -42.83 24.58
CA GLU A 277 24.72 -44.24 24.48
C GLU A 277 25.52 -45.09 25.46
N ALA A 278 26.79 -44.74 25.70
CA ALA A 278 27.56 -45.46 26.69
C ALA A 278 26.96 -45.30 28.09
N THR A 279 26.57 -44.07 28.43
CA THR A 279 25.97 -43.84 29.74
C THR A 279 24.62 -44.54 29.87
N GLU A 280 23.86 -44.63 28.77
CA GLU A 280 22.64 -45.44 28.81
C GLU A 280 22.98 -46.91 29.02
N LEU A 281 24.01 -47.42 28.36
CA LEU A 281 24.42 -48.80 28.55
C LEU A 281 24.72 -49.08 30.01
N HIS A 282 25.44 -48.17 30.67
CA HIS A 282 25.78 -48.39 32.07
C HIS A 282 24.60 -48.16 33.01
N TYR A 283 24.03 -46.95 33.00
CA TYR A 283 22.89 -46.60 33.83
C TYR A 283 21.63 -46.64 33.00
N PRO A 284 20.63 -47.47 33.33
CA PRO A 284 19.44 -47.55 32.47
C PRO A 284 18.69 -46.24 32.38
N ASP A 285 18.56 -45.74 31.15
CA ASP A 285 17.69 -44.62 30.84
C ASP A 285 18.05 -43.37 31.65
N TYR A 286 19.25 -42.84 31.40
CA TYR A 286 19.71 -41.62 32.04
C TYR A 286 18.91 -40.40 31.60
N ALA A 287 18.13 -40.54 30.53
CA ALA A 287 17.40 -39.41 29.97
C ALA A 287 16.45 -38.77 30.96
N ARG A 288 15.97 -39.53 31.96
CA ARG A 288 15.06 -38.96 32.95
C ARG A 288 15.64 -37.70 33.56
N ILE A 289 16.93 -37.73 33.89
CA ILE A 289 17.58 -36.65 34.61
C ILE A 289 18.47 -35.81 33.71
N HIS A 290 19.07 -36.41 32.69
CA HIS A 290 19.99 -35.69 31.81
C HIS A 290 19.84 -36.20 30.38
N SER A 291 19.50 -35.30 29.47
CA SER A 291 19.32 -35.63 28.07
C SER A 291 20.58 -35.39 27.23
N GLU A 292 21.65 -34.86 27.83
CA GLU A 292 22.87 -34.59 27.09
C GLU A 292 24.07 -34.77 28.02
N ILE A 293 25.21 -35.13 27.42
CA ILE A 293 26.45 -35.34 28.15
C ILE A 293 27.58 -34.68 27.39
N HIS A 294 28.07 -33.56 27.91
CA HIS A 294 29.08 -32.77 27.24
C HIS A 294 30.45 -33.44 27.35
N VAL A 295 31.33 -33.06 26.42
CA VAL A 295 32.69 -33.60 26.36
C VAL A 295 33.65 -32.44 26.60
N ARG A 296 34.67 -32.68 27.42
CA ARG A 296 35.70 -31.70 27.70
C ARG A 296 37.06 -32.31 27.34
N ILE A 297 37.66 -31.83 26.27
CA ILE A 297 38.97 -32.30 25.86
C ILE A 297 40.00 -31.75 26.83
N SER A 298 41.17 -32.40 26.90
CA SER A 298 42.20 -32.02 27.85
C SER A 298 43.57 -32.34 27.27
N ASP A 299 44.58 -31.69 27.84
CA ASP A 299 45.98 -31.94 27.48
C ASP A 299 46.22 -31.75 25.99
N PHE A 300 45.65 -30.70 25.44
CA PHE A 300 45.94 -30.34 24.06
C PHE A 300 47.42 -29.97 23.96
N PRO A 301 48.13 -30.44 22.93
CA PRO A 301 49.60 -30.30 22.96
C PRO A 301 50.08 -28.87 22.76
N THR A 302 49.52 -28.14 21.80
CA THR A 302 50.03 -26.82 21.45
C THR A 302 49.42 -25.76 22.35
N ILE A 303 50.25 -24.81 22.77
CA ILE A 303 49.85 -23.71 23.64
C ILE A 303 50.16 -22.40 22.94
N TYR A 304 49.21 -21.46 23.01
CA TYR A 304 49.35 -20.18 22.34
C TYR A 304 49.14 -19.05 23.33
N SER A 305 49.56 -17.86 22.93
CA SER A 305 49.25 -16.62 23.62
C SER A 305 48.28 -15.81 22.77
N LEU A 306 47.56 -14.90 23.43
CA LEU A 306 46.48 -14.19 22.75
C LEU A 306 46.97 -13.41 21.54
N ARG A 307 48.25 -13.08 21.47
CA ARG A 307 48.78 -12.28 20.38
C ARG A 307 49.22 -13.11 19.18
N GLU A 308 49.26 -14.43 19.29
CA GLU A 308 49.75 -15.27 18.21
C GLU A 308 48.63 -15.76 17.28
N LEU A 309 47.38 -15.54 17.63
CA LEU A 309 46.28 -15.98 16.77
C LEU A 309 46.24 -15.16 15.48
N ARG A 310 45.98 -15.84 14.37
CA ARG A 310 45.88 -15.20 13.06
C ARG A 310 44.72 -15.85 12.31
N GLU A 311 44.61 -15.54 11.03
CA GLU A 311 43.52 -16.05 10.21
C GLU A 311 43.65 -17.53 9.90
N SER A 312 44.86 -18.09 9.97
CA SER A 312 45.07 -19.50 9.68
C SER A 312 44.55 -20.42 10.79
N ASN A 313 44.23 -19.87 11.95
CA ASN A 313 43.73 -20.65 13.08
C ASN A 313 42.21 -20.62 13.18
N LEU A 314 41.53 -20.04 12.21
CA LEU A 314 40.09 -19.86 12.32
C LEU A 314 39.36 -21.18 12.17
N SER A 315 38.27 -21.33 12.91
CA SER A 315 37.47 -22.56 12.90
C SER A 315 38.35 -23.79 13.13
N SER A 316 39.10 -23.75 14.24
CA SER A 316 39.99 -24.84 14.60
C SER A 316 39.98 -24.98 16.12
N LEU A 317 40.80 -25.91 16.63
CA LEU A 317 40.90 -26.15 18.06
C LEU A 317 42.15 -25.47 18.59
N VAL A 318 41.98 -24.67 19.65
CA VAL A 318 43.07 -23.89 20.22
C VAL A 318 43.04 -24.04 21.73
N ARG A 319 44.21 -23.80 22.34
CA ARG A 319 44.37 -23.84 23.79
C ARG A 319 45.25 -22.66 24.18
N VAL A 320 44.69 -21.73 24.95
CA VAL A 320 45.36 -20.49 25.30
C VAL A 320 45.33 -20.32 26.82
N THR A 321 46.03 -19.30 27.29
CA THR A 321 46.11 -19.00 28.71
C THR A 321 46.13 -17.49 28.89
N GLY A 322 45.39 -17.02 29.89
CA GLY A 322 45.29 -15.59 30.12
C GLY A 322 44.80 -15.28 31.51
N VAL A 323 44.41 -14.03 31.70
CA VAL A 323 43.91 -13.53 32.97
C VAL A 323 42.48 -13.04 32.78
N VAL A 324 41.60 -13.41 33.70
CA VAL A 324 40.21 -12.96 33.65
C VAL A 324 40.17 -11.51 34.14
N THR A 325 39.51 -10.65 33.36
CA THR A 325 39.44 -9.23 33.67
C THR A 325 38.03 -8.74 33.98
N ARG A 326 37.01 -9.26 33.29
CA ARG A 326 35.65 -8.82 33.52
C ARG A 326 34.73 -10.00 33.23
N ARG A 327 33.55 -9.97 33.84
CA ARG A 327 32.62 -11.08 33.79
C ARG A 327 31.20 -10.56 33.78
N THR A 328 30.33 -11.22 33.01
CA THR A 328 28.94 -10.87 32.92
C THR A 328 28.10 -11.86 33.73
N GLY A 329 26.83 -11.54 33.91
CA GLY A 329 25.91 -12.42 34.60
C GLY A 329 25.51 -13.60 33.73
N VAL A 330 24.77 -14.51 34.35
CA VAL A 330 24.29 -15.71 33.66
C VAL A 330 22.95 -15.38 33.01
N PHE A 331 22.81 -15.77 31.73
CA PHE A 331 21.59 -15.51 30.99
C PHE A 331 21.04 -16.82 30.43
N PRO A 332 19.72 -16.91 30.23
CA PRO A 332 19.14 -18.12 29.63
C PRO A 332 19.12 -18.05 28.12
N GLN A 333 19.52 -19.15 27.46
CA GLN A 333 19.50 -19.25 26.01
C GLN A 333 18.66 -20.44 25.58
N LEU A 334 17.92 -20.27 24.49
CA LEU A 334 16.97 -21.29 24.06
C LEU A 334 17.70 -22.59 23.71
N LYS A 335 17.12 -23.71 24.12
CA LYS A 335 17.61 -25.03 23.75
C LYS A 335 16.58 -25.84 22.96
N TYR A 336 15.36 -25.97 23.48
CA TYR A 336 14.29 -26.73 22.83
C TYR A 336 13.08 -25.81 22.71
N VAL A 337 13.01 -25.05 21.63
CA VAL A 337 11.97 -24.03 21.48
C VAL A 337 10.69 -24.68 20.96
N LYS A 338 9.57 -24.06 21.30
CA LYS A 338 8.25 -24.48 20.81
C LYS A 338 7.48 -23.23 20.43
N PHE A 339 6.59 -23.35 19.44
CA PHE A 339 5.90 -22.21 18.86
C PHE A 339 4.39 -22.37 18.97
N ASN A 340 3.70 -21.24 18.92
CA ASN A 340 2.25 -21.18 18.98
C ASN A 340 1.72 -20.72 17.62
N CYS A 341 0.74 -21.42 17.09
CA CYS A 341 0.00 -20.93 15.94
C CYS A 341 -1.07 -19.94 16.40
N LEU A 342 -1.20 -18.83 15.69
CA LEU A 342 -2.14 -17.78 16.09
C LEU A 342 -3.51 -17.91 15.45
N LYS A 343 -3.67 -18.85 14.51
CA LYS A 343 -4.99 -19.15 13.94
C LYS A 343 -5.67 -20.27 14.71
N CYS A 344 -5.00 -21.43 14.79
CA CYS A 344 -5.35 -22.46 15.75
C CYS A 344 -4.34 -22.41 16.89
N GLY A 345 -4.78 -22.74 18.09
CA GLY A 345 -3.92 -22.68 19.26
C GLY A 345 -2.89 -23.79 19.33
N SER A 346 -2.55 -24.38 18.18
CA SER A 346 -1.62 -25.50 18.18
C SER A 346 -0.26 -25.09 18.72
N ILE A 347 0.33 -25.98 19.52
CA ILE A 347 1.68 -25.83 20.03
C ILE A 347 2.55 -26.80 19.24
N LEU A 348 3.40 -26.26 18.37
CA LEU A 348 4.24 -27.11 17.55
C LEU A 348 5.34 -27.75 18.39
N GLY A 349 5.87 -28.86 17.89
CA GLY A 349 6.77 -29.69 18.65
C GLY A 349 8.14 -29.06 18.85
N PRO A 350 8.98 -29.72 19.65
CA PRO A 350 10.32 -29.17 19.93
C PRO A 350 11.15 -29.06 18.66
N PHE A 351 11.95 -27.99 18.61
CA PHE A 351 12.92 -27.78 17.54
C PHE A 351 14.26 -27.38 18.15
N PHE A 352 15.31 -28.11 17.81
CA PHE A 352 16.60 -27.91 18.44
C PHE A 352 17.20 -26.57 18.04
N GLN A 353 17.87 -25.93 19.00
CA GLN A 353 18.59 -24.68 18.77
C GLN A 353 20.08 -25.01 18.67
N ASP A 354 20.69 -24.67 17.54
CA ASP A 354 22.04 -25.14 17.23
C ASP A 354 23.13 -24.20 17.74
N SER A 355 22.79 -23.13 18.45
CA SER A 355 23.76 -22.18 18.97
C SER A 355 24.51 -21.46 17.85
N ASN A 356 23.91 -21.39 16.67
CA ASN A 356 24.49 -20.66 15.53
C ASN A 356 23.64 -19.49 15.11
N GLU A 357 22.35 -19.70 14.87
CA GLU A 357 21.46 -18.63 14.47
C GLU A 357 20.05 -18.94 15.00
N GLU A 358 19.27 -17.89 15.18
CA GLU A 358 17.89 -18.07 15.62
C GLU A 358 17.11 -18.84 14.57
N ILE A 359 16.40 -19.87 15.01
CA ILE A 359 15.68 -20.75 14.10
C ILE A 359 14.24 -20.27 13.97
N ARG A 360 13.63 -20.58 12.84
CA ARG A 360 12.29 -20.11 12.52
C ARG A 360 11.50 -21.23 11.86
N ILE A 361 10.19 -21.24 12.10
CA ILE A 361 9.28 -22.20 11.52
C ILE A 361 8.25 -21.44 10.70
N SER A 362 7.72 -22.11 9.68
CA SER A 362 6.90 -21.44 8.68
C SER A 362 5.59 -22.14 8.35
N PHE A 363 5.36 -23.38 8.79
CA PHE A 363 4.19 -24.13 8.38
C PHE A 363 3.52 -24.78 9.58
N CYS A 364 2.21 -24.58 9.70
CA CYS A 364 1.42 -25.15 10.78
C CYS A 364 0.80 -26.46 10.32
N THR A 365 1.12 -27.55 11.03
CA THR A 365 0.66 -28.87 10.63
C THR A 365 -0.84 -29.03 10.68
N ASN A 366 -1.54 -28.20 11.46
CA ASN A 366 -2.98 -28.31 11.62
C ASN A 366 -3.74 -27.34 10.72
N CYS A 367 -3.36 -26.06 10.73
CA CYS A 367 -3.99 -25.08 9.86
C CYS A 367 -3.55 -25.21 8.41
N LYS A 368 -2.47 -25.93 8.15
CA LYS A 368 -1.83 -25.92 6.82
C LYS A 368 -1.45 -24.50 6.42
N SER A 369 -1.22 -23.65 7.41
CA SER A 369 -1.05 -22.22 7.24
C SER A 369 0.43 -21.83 7.37
N LYS A 370 0.69 -20.53 7.22
CA LYS A 370 2.05 -20.00 7.30
C LYS A 370 2.12 -18.66 8.04
N GLY A 371 1.03 -18.23 8.69
CA GLY A 371 0.95 -16.91 9.26
C GLY A 371 1.83 -16.74 10.48
N PRO A 372 1.44 -15.82 11.37
CA PRO A 372 2.33 -15.47 12.48
C PRO A 372 2.61 -16.65 13.41
N PHE A 373 3.82 -16.65 13.96
CA PHE A 373 4.23 -17.62 14.97
C PHE A 373 4.96 -16.89 16.09
N ARG A 374 4.77 -17.37 17.31
CA ARG A 374 5.42 -16.77 18.47
C ARG A 374 5.97 -17.88 19.36
N VAL A 375 7.18 -17.67 19.89
CA VAL A 375 7.79 -18.65 20.76
C VAL A 375 6.99 -18.73 22.07
N ASN A 376 6.99 -19.91 22.68
CA ASN A 376 6.27 -20.15 23.92
C ASN A 376 7.28 -20.19 25.06
N GLY A 377 7.32 -19.11 25.83
CA GLY A 377 8.29 -18.99 26.92
C GLY A 377 8.12 -20.05 27.99
N GLU A 378 6.88 -20.36 28.35
CA GLU A 378 6.62 -21.26 29.45
C GLU A 378 7.06 -22.69 29.16
N LYS A 379 6.92 -23.16 27.92
CA LYS A 379 7.17 -24.56 27.58
C LYS A 379 8.48 -24.76 26.84
N THR A 380 9.42 -23.83 26.95
CA THR A 380 10.73 -23.94 26.34
C THR A 380 11.76 -24.35 27.38
N VAL A 381 12.84 -24.97 26.92
CA VAL A 381 13.94 -25.41 27.78
C VAL A 381 15.17 -24.62 27.38
N TYR A 382 15.88 -24.08 28.37
CA TYR A 382 17.00 -23.18 28.16
C TYR A 382 18.27 -23.80 28.73
N ARG A 383 19.35 -23.01 28.67
CA ARG A 383 20.62 -23.38 29.28
C ARG A 383 21.34 -22.09 29.66
N ASN A 384 22.56 -22.24 30.16
CA ASN A 384 23.31 -21.13 30.73
C ASN A 384 24.23 -20.50 29.68
N TYR A 385 24.38 -19.18 29.76
CA TYR A 385 25.20 -18.42 28.82
C TYR A 385 25.93 -17.32 29.57
N GLN A 386 27.23 -17.19 29.30
CA GLN A 386 28.01 -16.15 29.96
C GLN A 386 29.14 -15.72 29.03
N ARG A 387 29.52 -14.44 29.14
CA ARG A 387 30.60 -13.87 28.36
C ARG A 387 31.72 -13.41 29.28
N VAL A 388 32.95 -13.75 28.93
CA VAL A 388 34.13 -13.41 29.70
C VAL A 388 35.13 -12.72 28.78
N THR A 389 36.01 -11.92 29.36
CA THR A 389 37.09 -11.28 28.61
C THR A 389 38.42 -11.73 29.18
N LEU A 390 39.30 -12.22 28.32
CA LEU A 390 40.62 -12.68 28.72
C LEU A 390 41.68 -11.70 28.24
N GLN A 391 42.52 -11.25 29.16
CA GLN A 391 43.63 -10.35 28.85
C GLN A 391 44.94 -11.09 29.06
N GLU A 392 45.92 -10.81 28.21
CA GLU A 392 47.22 -11.44 28.37
C GLU A 392 47.78 -11.14 29.76
N ALA A 393 48.45 -12.13 30.33
CA ALA A 393 49.09 -11.92 31.63
C ALA A 393 50.19 -10.89 31.49
N PRO A 394 50.21 -9.84 32.32
CA PRO A 394 51.22 -8.79 32.14
C PRO A 394 52.65 -9.30 32.19
N GLY A 395 52.92 -10.32 32.99
CA GLY A 395 54.30 -10.77 33.16
C GLY A 395 54.94 -11.23 31.87
N THR A 396 54.20 -11.93 31.03
CA THR A 396 54.77 -12.57 29.84
C THR A 396 54.97 -11.61 28.67
N VAL A 397 54.36 -10.44 28.70
CA VAL A 397 54.43 -9.51 27.56
C VAL A 397 55.89 -9.13 27.33
N PRO A 398 56.42 -9.27 26.11
CA PRO A 398 57.78 -8.83 25.87
C PRO A 398 57.90 -7.33 26.00
N PRO A 399 59.09 -6.82 26.32
CA PRO A 399 59.21 -5.39 26.62
C PRO A 399 58.77 -4.53 25.44
N GLY A 400 58.09 -3.42 25.77
CA GLY A 400 57.76 -2.40 24.80
C GLY A 400 56.42 -2.55 24.10
N ARG A 401 55.68 -3.63 24.36
CA ARG A 401 54.41 -3.87 23.70
C ARG A 401 53.27 -3.85 24.71
N LEU A 402 52.06 -4.07 24.20
CA LEU A 402 50.84 -4.01 24.98
C LEU A 402 50.21 -5.38 25.13
N PRO A 403 49.45 -5.62 26.21
CA PRO A 403 48.73 -6.90 26.33
C PRO A 403 47.45 -6.89 25.53
N ARG A 404 47.24 -7.95 24.76
CA ARG A 404 46.03 -8.10 23.96
C ARG A 404 44.93 -8.74 24.79
N HIS A 405 43.75 -8.85 24.19
CA HIS A 405 42.60 -9.41 24.88
C HIS A 405 41.65 -10.04 23.87
N ARG A 406 40.76 -10.89 24.38
CA ARG A 406 39.80 -11.61 23.55
C ARG A 406 38.53 -11.83 24.35
N GLU A 407 37.48 -12.24 23.65
CA GLU A 407 36.19 -12.58 24.25
C GLU A 407 36.02 -14.09 24.26
N VAL A 408 35.31 -14.59 25.27
CA VAL A 408 35.11 -16.03 25.45
C VAL A 408 33.65 -16.27 25.85
N ILE A 409 33.12 -17.39 25.38
CA ILE A 409 31.73 -17.77 25.61
C ILE A 409 31.73 -19.03 26.46
N LEU A 410 30.97 -19.01 27.55
CA LEU A 410 30.83 -20.15 28.44
C LEU A 410 29.36 -20.57 28.46
N LEU A 411 29.12 -21.88 28.37
CA LEU A 411 27.78 -22.43 28.24
C LEU A 411 27.57 -23.55 29.24
N ALA A 412 26.31 -23.70 29.67
CA ALA A 412 25.89 -24.81 30.52
C ALA A 412 26.55 -24.72 31.91
N ASP A 413 27.36 -25.71 32.26
CA ASP A 413 27.93 -25.81 33.60
C ASP A 413 29.29 -25.12 33.72
N LEU A 414 29.75 -24.46 32.66
CA LEU A 414 31.00 -23.73 32.68
C LEU A 414 30.86 -22.32 33.22
N VAL A 415 29.65 -21.91 33.60
CA VAL A 415 29.39 -20.55 34.07
C VAL A 415 29.79 -20.45 35.54
N ASP A 416 30.28 -19.27 35.92
CA ASP A 416 30.65 -18.96 37.30
C ASP A 416 31.65 -19.97 37.85
N VAL A 417 32.61 -20.38 37.02
CA VAL A 417 33.66 -21.28 37.47
C VAL A 417 34.94 -20.52 37.79
N SER A 418 35.16 -19.40 37.12
CA SER A 418 36.33 -18.55 37.36
C SER A 418 35.85 -17.12 37.61
N LYS A 419 36.37 -16.51 38.66
CA LYS A 419 36.03 -15.14 39.00
C LYS A 419 37.18 -14.20 38.69
N PRO A 420 36.92 -12.90 38.58
CA PRO A 420 37.97 -11.98 38.13
C PRO A 420 39.20 -12.05 39.02
N GLY A 421 40.38 -11.96 38.39
CA GLY A 421 41.63 -11.91 39.10
C GLY A 421 42.43 -13.19 39.13
N GLU A 422 41.97 -14.26 38.47
CA GLU A 422 42.67 -15.53 38.45
C GLU A 422 43.10 -15.85 37.02
N GLU A 423 44.22 -16.55 36.89
CA GLU A 423 44.76 -16.88 35.58
C GLU A 423 44.30 -18.27 35.17
N VAL A 424 43.80 -18.39 33.94
CA VAL A 424 43.12 -19.60 33.49
C VAL A 424 43.66 -20.04 32.13
N GLU A 425 43.54 -21.34 31.88
CA GLU A 425 43.79 -21.94 30.58
C GLU A 425 42.47 -22.40 30.00
N VAL A 426 42.24 -22.04 28.73
CA VAL A 426 40.99 -22.31 28.04
C VAL A 426 41.28 -23.10 26.78
N THR A 427 40.60 -24.22 26.61
CA THR A 427 40.61 -25.01 25.38
C THR A 427 39.28 -24.80 24.69
N GLY A 428 39.31 -24.30 23.46
CA GLY A 428 38.09 -23.97 22.77
C GLY A 428 38.30 -23.82 21.28
N ILE A 429 37.25 -23.34 20.63
CA ILE A 429 37.21 -23.19 19.17
C ILE A 429 37.29 -21.71 18.83
N TYR A 430 38.13 -21.37 17.86
CA TYR A 430 38.31 -19.98 17.42
C TYR A 430 37.50 -19.76 16.16
N LYS A 431 36.60 -18.78 16.20
CA LYS A 431 35.68 -18.54 15.08
C LYS A 431 35.34 -17.05 15.02
N ASN A 432 34.89 -16.63 13.84
CA ASN A 432 34.48 -15.25 13.65
C ASN A 432 33.15 -14.97 14.33
N ASN A 433 32.83 -13.69 14.42
CA ASN A 433 31.45 -13.26 14.66
C ASN A 433 30.76 -13.17 13.30
N TYR A 434 30.49 -14.36 12.75
CA TYR A 434 30.02 -14.45 11.37
C TYR A 434 28.81 -13.56 11.13
N ASP A 435 27.94 -13.43 12.12
CA ASP A 435 26.83 -12.50 12.00
C ASP A 435 27.33 -11.07 11.84
N GLY A 436 28.32 -10.68 12.64
CA GLY A 436 28.67 -9.28 12.66
C GLY A 436 27.42 -8.47 12.97
N ASN A 437 27.24 -7.39 12.22
CA ASN A 437 25.96 -6.70 12.16
C ASN A 437 25.39 -6.72 10.76
N LEU A 438 26.14 -6.21 9.77
CA LEU A 438 25.81 -6.32 8.36
C LEU A 438 26.93 -5.66 7.56
N ASN A 439 27.00 -5.93 6.26
CA ASN A 439 28.10 -5.42 5.45
C ASN A 439 27.73 -4.17 4.65
N ALA A 440 26.61 -3.54 4.96
CA ALA A 440 26.33 -2.21 4.41
C ALA A 440 27.16 -1.12 5.07
N LYS A 441 27.86 -1.44 6.16
CA LYS A 441 28.68 -0.47 6.86
C LYS A 441 29.79 0.05 5.95
N ASN A 442 30.11 1.33 6.08
CA ASN A 442 31.19 1.93 5.32
C ASN A 442 32.54 1.61 5.95
N GLY A 443 33.57 1.60 5.13
CA GLY A 443 34.92 1.27 5.55
C GLY A 443 35.34 -0.10 5.04
N PHE A 444 36.52 -0.52 5.51
CA PHE A 444 37.06 -1.80 5.08
C PHE A 444 36.19 -2.94 5.62
N PRO A 445 36.11 -4.07 4.91
CA PRO A 445 35.39 -5.24 5.44
C PRO A 445 36.23 -6.08 6.41
N VAL A 446 36.26 -5.62 7.65
CA VAL A 446 36.96 -6.34 8.73
C VAL A 446 35.94 -7.11 9.53
N PHE A 447 36.42 -8.17 10.20
CA PHE A 447 35.57 -9.04 11.00
C PHE A 447 36.19 -9.22 12.39
N ALA A 448 35.32 -9.34 13.39
CA ALA A 448 35.72 -9.62 14.75
C ALA A 448 35.70 -11.12 15.01
N THR A 449 36.43 -11.54 16.03
CA THR A 449 36.57 -12.95 16.36
C THR A 449 36.35 -13.16 17.84
N ILE A 450 35.94 -14.38 18.19
CA ILE A 450 35.73 -14.80 19.57
C ILE A 450 36.27 -16.22 19.71
N ILE A 451 36.26 -16.71 20.95
CA ILE A 451 36.64 -18.09 21.25
C ILE A 451 35.48 -18.74 21.98
N GLU A 452 35.02 -19.88 21.47
CA GLU A 452 33.98 -20.67 22.12
C GLU A 452 34.65 -21.66 23.05
N ALA A 453 34.37 -21.56 24.34
CA ALA A 453 35.08 -22.35 25.33
C ALA A 453 34.50 -23.76 25.42
N ASN A 454 35.41 -24.74 25.47
CA ASN A 454 35.05 -26.13 25.71
C ASN A 454 35.51 -26.63 27.06
N SER A 455 36.72 -26.27 27.49
CA SER A 455 37.23 -26.63 28.80
C SER A 455 37.96 -25.44 29.40
N ILE A 456 37.84 -25.27 30.71
CA ILE A 456 38.48 -24.17 31.43
C ILE A 456 39.11 -24.72 32.69
N LYS A 457 40.32 -24.27 33.00
CA LYS A 457 41.03 -24.73 34.18
C LYS A 457 41.83 -23.59 34.77
N ARG A 458 42.07 -23.64 36.08
CA ARG A 458 42.87 -22.64 36.76
C ARG A 458 44.35 -22.99 36.63
N ARG A 459 45.14 -22.06 36.11
CA ARG A 459 46.56 -22.32 35.89
C ARG A 459 47.24 -22.69 37.21
N VAL A 473 42.08 -23.69 50.41
CA VAL A 473 40.72 -24.03 50.84
C VAL A 473 40.71 -24.20 52.35
N PHE A 474 39.52 -24.08 52.96
CA PHE A 474 39.39 -24.11 54.41
C PHE A 474 38.56 -25.28 54.91
N SER A 475 37.95 -26.06 54.01
CA SER A 475 37.17 -27.21 54.45
C SER A 475 38.08 -28.29 55.03
N TRP A 476 37.49 -29.15 55.84
CA TRP A 476 38.22 -30.19 56.54
C TRP A 476 37.42 -31.49 56.46
N THR A 477 37.95 -32.52 57.13
CA THR A 477 37.32 -33.83 57.17
C THR A 477 37.64 -34.48 58.50
N GLU A 478 37.21 -35.73 58.67
CA GLU A 478 37.48 -36.44 59.91
C GLU A 478 38.97 -36.69 60.09
N GLU A 479 39.68 -37.02 59.01
CA GLU A 479 41.11 -37.24 59.09
C GLU A 479 41.83 -36.01 59.61
N GLU A 480 41.42 -34.83 59.14
CA GLU A 480 42.03 -33.60 59.63
C GLU A 480 41.55 -33.23 61.02
N GLU A 481 40.31 -33.56 61.37
CA GLU A 481 39.79 -33.22 62.70
C GLU A 481 40.52 -34.01 63.78
N ARG A 482 40.77 -35.29 63.54
CA ARG A 482 41.50 -36.08 64.52
C ARG A 482 42.90 -35.53 64.72
N GLU A 483 43.55 -35.11 63.63
CA GLU A 483 44.87 -34.51 63.75
C GLU A 483 44.81 -33.18 64.48
N PHE A 484 43.76 -32.39 64.25
CA PHE A 484 43.57 -31.16 65.01
C PHE A 484 43.52 -31.44 66.49
N ARG A 485 42.72 -32.43 66.89
CA ARG A 485 42.60 -32.75 68.31
C ARG A 485 43.93 -33.24 68.87
N LYS A 486 44.64 -34.08 68.11
CA LYS A 486 45.95 -34.56 68.55
C LYS A 486 46.91 -33.39 68.78
N ILE A 487 46.96 -32.46 67.83
CA ILE A 487 47.86 -31.31 67.96
C ILE A 487 47.46 -30.46 69.15
N SER A 488 46.16 -30.25 69.35
CA SER A 488 45.70 -29.45 70.48
C SER A 488 46.11 -30.08 71.80
N ARG A 489 46.02 -31.40 71.90
CA ARG A 489 46.34 -32.08 73.16
C ARG A 489 47.80 -31.88 73.56
N ASP A 490 48.66 -31.48 72.63
CA ASP A 490 50.06 -31.28 72.95
C ASP A 490 50.26 -30.01 73.77
N ARG A 491 51.30 -30.04 74.61
CA ARG A 491 51.65 -28.87 75.42
C ARG A 491 52.47 -27.89 74.60
N GLY A 492 52.41 -26.61 74.99
CA GLY A 492 53.15 -25.58 74.28
C GLY A 492 52.55 -25.21 72.94
N ILE A 493 51.28 -25.55 72.72
CA ILE A 493 50.66 -25.28 71.43
C ILE A 493 50.61 -23.80 71.14
N ILE A 494 50.48 -22.96 72.17
CA ILE A 494 50.36 -21.52 71.96
C ILE A 494 51.63 -20.98 71.31
N ASP A 495 52.79 -21.31 71.90
CA ASP A 495 54.06 -20.88 71.30
C ASP A 495 54.34 -21.61 69.99
N LYS A 496 53.92 -22.87 69.88
CA LYS A 496 54.02 -23.57 68.60
C LYS A 496 53.37 -22.75 67.50
N ILE A 497 52.14 -22.27 67.74
CA ILE A 497 51.43 -21.48 66.75
C ILE A 497 52.13 -20.14 66.53
N ILE A 498 52.47 -19.45 67.63
CA ILE A 498 53.03 -18.10 67.49
C ILE A 498 54.32 -18.14 66.67
N SER A 499 55.11 -19.21 66.83
CA SER A 499 56.33 -19.34 66.04
C SER A 499 56.06 -19.52 64.56
N SER A 500 54.81 -19.80 64.16
CA SER A 500 54.48 -20.11 62.78
C SER A 500 53.84 -18.94 62.05
N MET A 501 53.92 -17.72 62.58
CA MET A 501 53.33 -16.56 61.93
C MET A 501 54.39 -15.75 61.21
N ALA A 502 54.11 -15.37 59.97
CA ALA A 502 55.00 -14.54 59.17
C ALA A 502 56.43 -15.03 59.29
N PRO A 503 56.73 -16.24 58.81
CA PRO A 503 58.10 -16.77 58.97
C PRO A 503 59.15 -15.93 58.28
N SER A 504 58.78 -15.11 57.31
CA SER A 504 59.73 -14.30 56.55
C SER A 504 60.11 -13.00 57.25
N ILE A 505 59.83 -12.88 58.55
CA ILE A 505 60.20 -11.70 59.33
C ILE A 505 60.93 -12.17 60.58
N TYR A 506 61.96 -11.42 60.97
CA TYR A 506 62.82 -11.79 62.09
C TYR A 506 62.43 -10.99 63.32
N GLY A 507 62.08 -11.69 64.40
CA GLY A 507 61.77 -11.04 65.66
C GLY A 507 60.33 -10.57 65.74
N HIS A 508 60.12 -9.58 66.60
CA HIS A 508 58.81 -8.97 66.81
C HIS A 508 57.82 -9.99 67.38
N ARG A 509 58.25 -10.66 68.46
CA ARG A 509 57.41 -11.69 69.08
C ARG A 509 56.13 -11.08 69.63
N ASP A 510 56.21 -9.89 70.23
CA ASP A 510 55.00 -9.25 70.72
C ASP A 510 54.04 -8.95 69.57
N ILE A 511 54.57 -8.48 68.44
CA ILE A 511 53.73 -8.24 67.27
C ILE A 511 53.05 -9.52 66.85
N LYS A 512 53.81 -10.62 66.77
CA LYS A 512 53.25 -11.86 66.25
C LYS A 512 52.21 -12.43 67.19
N THR A 513 52.43 -12.36 68.50
CA THR A 513 51.43 -12.86 69.44
C THR A 513 50.17 -12.00 69.41
N ALA A 514 50.32 -10.68 69.28
CA ALA A 514 49.14 -9.83 69.15
C ALA A 514 48.37 -10.17 67.88
N VAL A 515 49.07 -10.43 66.77
CA VAL A 515 48.41 -10.82 65.54
C VAL A 515 47.67 -12.14 65.73
N ALA A 516 48.29 -13.09 66.43
CA ALA A 516 47.61 -14.36 66.71
C ALA A 516 46.33 -14.13 67.48
N CYS A 517 46.39 -13.32 68.54
CA CYS A 517 45.21 -13.07 69.35
C CYS A 517 44.10 -12.42 68.52
N SER A 518 44.45 -11.40 67.73
CA SER A 518 43.44 -10.71 66.93
C SER A 518 42.92 -11.56 65.79
N LEU A 519 43.73 -12.46 65.25
CA LEU A 519 43.32 -13.37 64.20
C LEU A 519 42.42 -14.48 64.72
N PHE A 520 42.55 -14.86 65.99
CA PHE A 520 41.64 -15.83 66.59
C PHE A 520 40.35 -15.19 67.08
N GLY A 521 40.44 -14.23 68.00
CA GLY A 521 39.26 -13.53 68.47
C GLY A 521 38.54 -14.29 69.57
N GLY A 522 37.78 -13.54 70.36
CA GLY A 522 37.03 -14.08 71.47
C GLY A 522 35.64 -14.54 71.07
N VAL A 523 34.72 -14.46 72.02
CA VAL A 523 33.33 -14.86 71.82
C VAL A 523 32.44 -13.68 72.18
N PRO A 524 31.55 -13.24 71.30
CA PRO A 524 30.64 -12.14 71.66
C PRO A 524 29.61 -12.58 72.68
N LYS A 525 29.03 -11.58 73.36
CA LYS A 525 28.04 -11.82 74.39
C LYS A 525 26.91 -10.81 74.25
N ASN A 526 25.73 -11.18 74.75
CA ASN A 526 24.57 -10.30 74.74
C ASN A 526 23.68 -10.71 75.90
N VAL A 527 23.51 -9.83 76.88
CA VAL A 527 22.75 -10.12 78.08
C VAL A 527 21.30 -9.75 77.82
N ASN A 528 20.41 -10.75 77.85
CA ASN A 528 18.98 -10.54 77.65
C ASN A 528 18.67 -9.81 76.36
N GLY A 529 19.58 -9.85 75.40
CA GLY A 529 19.39 -9.12 74.16
C GLY A 529 19.30 -7.62 74.34
N LYS A 530 19.86 -7.08 75.43
CA LYS A 530 19.80 -5.65 75.68
C LYS A 530 21.14 -5.09 76.15
N HIS A 531 22.23 -5.83 76.03
CA HIS A 531 23.55 -5.33 76.42
C HIS A 531 24.59 -6.10 75.60
N SER A 532 25.11 -5.45 74.56
CA SER A 532 26.00 -6.11 73.62
C SER A 532 27.45 -5.92 74.05
N ILE A 533 28.25 -6.98 73.90
CA ILE A 533 29.69 -6.94 74.14
C ILE A 533 30.37 -7.54 72.93
N ARG A 534 31.24 -6.76 72.28
CA ARG A 534 31.94 -7.25 71.09
C ARG A 534 32.99 -8.28 71.48
N GLY A 535 33.42 -9.05 70.48
CA GLY A 535 34.37 -10.11 70.71
C GLY A 535 35.60 -10.03 69.81
N ASP A 536 35.60 -9.07 68.89
CA ASP A 536 36.72 -8.88 67.97
C ASP A 536 37.80 -8.06 68.67
N ILE A 537 39.05 -8.45 68.44
CA ILE A 537 40.20 -7.83 69.10
C ILE A 537 40.89 -6.90 68.10
N ASN A 538 41.12 -5.66 68.51
CA ASN A 538 41.74 -4.65 67.67
C ASN A 538 43.19 -4.43 68.07
N VAL A 539 44.05 -4.27 67.06
CA VAL A 539 45.47 -4.01 67.27
C VAL A 539 45.87 -2.81 66.43
N LEU A 540 46.80 -2.02 66.95
CA LEU A 540 47.37 -0.89 66.26
C LEU A 540 48.88 -1.04 66.25
N LEU A 541 49.50 -0.79 65.09
CA LEU A 541 50.94 -0.81 64.95
C LEU A 541 51.41 0.63 64.73
N LEU A 542 52.42 1.05 65.51
CA LEU A 542 52.98 2.39 65.41
C LEU A 542 54.50 2.24 65.46
N GLY A 543 55.16 2.37 64.30
CA GLY A 543 56.57 2.06 64.22
C GLY A 543 57.27 3.00 63.26
N ASP A 544 58.60 3.01 63.38
CA ASP A 544 59.45 3.81 62.52
C ASP A 544 59.53 3.19 61.14
N PRO A 545 59.92 3.96 60.12
CA PRO A 545 60.00 3.42 58.77
C PRO A 545 60.96 2.25 58.69
N GLY A 546 60.63 1.28 57.85
CA GLY A 546 61.46 0.11 57.67
C GLY A 546 61.35 -0.88 58.80
N THR A 547 60.14 -1.37 59.07
CA THR A 547 59.89 -2.29 60.16
C THR A 547 58.98 -3.45 59.78
N ALA A 548 58.61 -3.58 58.50
CA ALA A 548 57.88 -4.73 57.97
C ALA A 548 56.41 -4.75 58.39
N LYS A 549 55.85 -3.59 58.76
CA LYS A 549 54.43 -3.55 59.09
C LYS A 549 53.58 -3.94 57.89
N SER A 550 53.95 -3.44 56.71
CA SER A 550 53.25 -3.83 55.49
C SER A 550 53.39 -5.32 55.22
N GLN A 551 54.55 -5.89 55.49
CA GLN A 551 54.71 -7.34 55.32
C GLN A 551 53.78 -8.10 56.25
N ILE A 552 53.66 -7.65 57.50
CA ILE A 552 52.74 -8.30 58.44
C ILE A 552 51.32 -8.23 57.92
N LEU A 553 50.90 -7.05 57.46
CA LEU A 553 49.53 -6.91 56.96
C LEU A 553 49.29 -7.80 55.74
N LYS A 554 50.27 -7.88 54.84
CA LYS A 554 50.12 -8.75 53.67
C LYS A 554 50.00 -10.21 54.09
N TYR A 555 50.81 -10.64 55.07
CA TYR A 555 50.69 -12.01 55.55
C TYR A 555 49.31 -12.26 56.14
N VAL A 556 48.79 -11.31 56.92
CA VAL A 556 47.46 -11.47 57.47
C VAL A 556 46.43 -11.61 56.36
N GLU A 557 46.54 -10.78 55.32
CA GLU A 557 45.62 -10.89 54.19
C GLU A 557 45.70 -12.28 53.55
N LYS A 558 46.91 -12.77 53.33
CA LYS A 558 47.08 -14.05 52.66
C LYS A 558 46.60 -15.22 53.51
N THR A 559 46.67 -15.10 54.83
CA THR A 559 46.32 -16.21 55.72
C THR A 559 44.86 -16.23 56.15
N ALA A 560 44.25 -15.07 56.40
CA ALA A 560 42.91 -15.05 56.97
C ALA A 560 41.88 -15.53 55.95
N HIS A 561 40.75 -15.99 56.48
CA HIS A 561 39.68 -16.50 55.62
C HIS A 561 38.99 -15.38 54.87
N ARG A 562 38.65 -14.29 55.56
CA ARG A 562 37.94 -13.16 54.94
C ARG A 562 38.66 -11.88 55.38
N ALA A 563 39.67 -11.49 54.62
CA ALA A 563 40.43 -10.29 54.87
C ALA A 563 40.23 -9.31 53.72
N VAL A 564 40.00 -8.04 54.06
CA VAL A 564 39.77 -7.00 53.08
C VAL A 564 40.78 -5.88 53.30
N PHE A 565 41.49 -5.51 52.24
CA PHE A 565 42.55 -4.50 52.30
C PHE A 565 42.00 -3.13 51.93
N ALA A 566 42.59 -2.10 52.54
CA ALA A 566 42.26 -0.72 52.19
C ALA A 566 43.38 0.18 52.69
N THR A 567 43.35 1.44 52.26
CA THR A 567 44.37 2.40 52.66
C THR A 567 43.80 3.79 52.54
N GLY A 568 44.29 4.69 53.40
CA GLY A 568 43.91 6.07 53.36
C GLY A 568 44.63 6.89 52.30
N GLN A 569 45.59 6.28 51.61
CA GLN A 569 46.31 6.94 50.54
C GLN A 569 46.89 5.87 49.63
N GLY A 570 46.74 6.06 48.32
CA GLY A 570 47.19 5.11 47.34
C GLY A 570 46.03 4.47 46.60
N ALA A 571 46.38 3.54 45.72
CA ALA A 571 45.37 2.84 44.93
C ALA A 571 44.87 1.61 45.68
N SER A 572 43.55 1.51 45.81
CA SER A 572 42.92 0.39 46.48
C SER A 572 41.68 -0.02 45.71
N ALA A 573 41.39 -1.33 45.73
CA ALA A 573 40.22 -1.85 45.05
C ALA A 573 38.91 -1.43 45.69
N VAL A 574 38.94 -0.88 46.90
CA VAL A 574 37.73 -0.46 47.59
C VAL A 574 38.07 0.73 48.48
N GLY A 575 37.07 1.55 48.75
CA GLY A 575 37.20 2.67 49.65
C GLY A 575 36.83 2.30 51.07
N LEU A 576 36.37 3.30 51.83
CA LEU A 576 35.95 3.09 53.20
C LEU A 576 34.56 3.60 53.51
N THR A 577 33.85 4.18 52.55
CA THR A 577 32.52 4.72 52.75
C THR A 577 31.52 4.07 51.82
N ALA A 578 30.33 3.80 52.33
CA ALA A 578 29.25 3.24 51.54
C ALA A 578 28.68 4.31 50.62
N SER A 579 28.23 3.89 49.44
CA SER A 579 27.78 4.84 48.43
C SER A 579 26.87 4.16 47.43
N VAL A 580 26.07 4.98 46.76
CA VAL A 580 25.22 4.56 45.64
C VAL A 580 25.88 5.03 44.35
N ARG A 581 26.23 4.09 43.50
CA ARG A 581 27.08 4.38 42.35
C ARG A 581 26.57 3.65 41.12
N LYS A 582 26.84 4.22 39.95
CA LYS A 582 26.47 3.60 38.70
C LYS A 582 27.31 2.35 38.43
N ASP A 583 26.75 1.45 37.63
CA ASP A 583 27.48 0.27 37.18
C ASP A 583 28.01 0.53 35.78
N PRO A 584 29.33 0.55 35.56
CA PRO A 584 29.83 0.97 34.24
C PRO A 584 29.35 0.12 33.09
N ILE A 585 29.01 -1.15 33.31
CA ILE A 585 28.65 -2.06 32.23
C ILE A 585 27.15 -2.27 32.14
N THR A 586 26.47 -2.48 33.28
CA THR A 586 25.04 -2.72 33.27
C THR A 586 24.21 -1.44 33.35
N LYS A 587 24.84 -0.30 33.61
CA LYS A 587 24.15 0.99 33.67
C LYS A 587 23.02 0.94 34.70
N GLU A 588 23.29 0.36 35.86
CA GLU A 588 22.30 0.24 36.92
C GLU A 588 22.87 0.80 38.22
N TRP A 589 22.03 1.52 38.95
CA TRP A 589 22.42 1.99 40.28
C TRP A 589 22.66 0.81 41.21
N THR A 590 23.72 0.91 42.02
CA THR A 590 24.06 -0.14 42.96
C THR A 590 24.47 0.48 44.28
N LEU A 591 24.15 -0.21 45.37
CA LEU A 591 24.54 0.20 46.72
C LEU A 591 25.74 -0.65 47.13
N GLU A 592 26.87 0.01 47.38
CA GLU A 592 28.10 -0.67 47.72
C GLU A 592 28.61 -0.14 49.05
N GLY A 593 28.83 -1.06 50.00
CA GLY A 593 29.42 -0.68 51.27
C GLY A 593 30.92 -0.65 51.22
N GLY A 594 31.51 -0.04 52.24
CA GLY A 594 32.96 0.06 52.33
C GLY A 594 33.59 -1.28 52.68
N ALA A 595 34.92 -1.26 52.75
CA ALA A 595 35.63 -2.46 53.17
C ALA A 595 35.16 -2.95 54.52
N LEU A 596 34.78 -2.04 55.41
CA LEU A 596 34.29 -2.43 56.73
C LEU A 596 33.07 -3.33 56.60
N VAL A 597 32.07 -2.89 55.83
CA VAL A 597 30.88 -3.71 55.60
C VAL A 597 31.25 -5.00 54.89
N LEU A 598 32.09 -4.90 53.85
CA LEU A 598 32.41 -6.07 53.05
C LEU A 598 33.12 -7.15 53.87
N ALA A 599 33.85 -6.75 54.91
CA ALA A 599 34.60 -7.69 55.74
C ALA A 599 33.86 -8.08 57.01
N ASP A 600 32.53 -8.08 56.98
CA ASP A 600 31.76 -8.49 58.15
C ASP A 600 32.11 -9.91 58.54
N LYS A 601 32.28 -10.15 59.84
CA LYS A 601 32.71 -11.45 60.34
C LYS A 601 34.06 -11.84 59.73
N GLY A 602 34.93 -10.85 59.59
CA GLY A 602 36.26 -11.06 59.02
C GLY A 602 37.24 -10.07 59.60
N VAL A 603 38.24 -9.71 58.81
CA VAL A 603 39.28 -8.78 59.23
C VAL A 603 39.45 -7.70 58.16
N CYS A 604 39.55 -6.45 58.60
CA CYS A 604 39.83 -5.33 57.73
C CYS A 604 41.23 -4.82 58.01
N LEU A 605 42.06 -4.76 56.99
CA LEU A 605 43.41 -4.24 57.10
C LEU A 605 43.47 -2.86 56.47
N ILE A 606 44.00 -1.89 57.22
CA ILE A 606 44.12 -0.51 56.76
C ILE A 606 45.59 -0.14 56.77
N ASP A 607 46.11 0.31 55.63
CA ASP A 607 47.49 0.72 55.51
C ASP A 607 47.58 2.24 55.55
N GLU A 608 48.66 2.74 56.15
CA GLU A 608 48.87 4.17 56.31
C GLU A 608 47.68 4.82 57.00
N PHE A 609 47.44 4.39 58.24
CA PHE A 609 46.24 4.75 58.98
C PHE A 609 46.15 6.24 59.29
N ASP A 610 47.27 6.95 59.35
CA ASP A 610 47.26 8.34 59.78
C ASP A 610 47.15 9.34 58.63
N LYS A 611 47.16 8.89 57.38
CA LYS A 611 46.97 9.77 56.22
C LYS A 611 45.52 9.84 55.79
N MET A 612 44.59 9.61 56.71
CA MET A 612 43.18 9.49 56.37
C MET A 612 42.48 10.84 56.48
N ASN A 613 41.43 11.00 55.68
CA ASN A 613 40.69 12.25 55.60
C ASN A 613 39.44 12.17 56.49
N ASP A 614 38.64 13.24 56.45
CA ASP A 614 37.53 13.39 57.39
C ASP A 614 36.49 12.29 57.21
N GLN A 615 36.08 12.04 55.97
CA GLN A 615 35.04 11.04 55.73
C GLN A 615 35.49 9.66 56.18
N ASP A 616 36.72 9.29 55.82
CA ASP A 616 37.22 7.98 56.20
C ASP A 616 37.34 7.85 57.71
N ARG A 617 37.81 8.90 58.38
CA ARG A 617 37.92 8.86 59.83
C ARG A 617 36.54 8.70 60.47
N THR A 618 35.55 9.42 59.96
CA THR A 618 34.19 9.30 60.50
C THR A 618 33.67 7.88 60.31
N SER A 619 33.90 7.29 59.13
CA SER A 619 33.44 5.93 58.88
C SER A 619 34.10 4.94 59.83
N ILE A 620 35.42 5.07 60.03
CA ILE A 620 36.10 4.20 60.99
C ILE A 620 35.52 4.35 62.38
N HIS A 621 35.30 5.60 62.80
CA HIS A 621 34.77 5.82 64.16
C HIS A 621 33.41 5.15 64.31
N GLU A 622 32.53 5.36 63.33
CA GLU A 622 31.20 4.76 63.41
C GLU A 622 31.28 3.23 63.47
N ALA A 623 32.05 2.64 62.56
CA ALA A 623 32.14 1.18 62.51
C ALA A 623 32.70 0.61 63.81
N MET A 624 33.75 1.24 64.34
CA MET A 624 34.36 0.72 65.57
C MET A 624 33.44 0.89 66.76
N GLU A 625 32.73 2.02 66.85
CA GLU A 625 31.91 2.28 68.02
C GLU A 625 30.61 1.48 68.02
N GLN A 626 29.99 1.30 66.86
CA GLN A 626 28.66 0.70 66.78
C GLN A 626 28.60 -0.57 65.95
N GLN A 627 29.66 -0.90 65.21
CA GLN A 627 29.72 -2.10 64.38
C GLN A 627 28.55 -2.14 63.39
N SER A 628 28.07 -0.96 63.02
CA SER A 628 27.03 -0.84 62.01
C SER A 628 27.15 0.51 61.33
N ILE A 629 27.00 0.51 60.00
CA ILE A 629 27.14 1.70 59.18
C ILE A 629 25.76 2.12 58.70
N SER A 630 25.39 3.37 58.99
CA SER A 630 24.15 3.91 58.48
C SER A 630 24.37 4.49 57.09
N ILE A 631 23.26 4.71 56.38
CA ILE A 631 23.33 5.37 55.08
C ILE A 631 21.96 5.94 54.74
N SER A 632 21.97 7.14 54.16
CA SER A 632 20.76 7.82 53.67
C SER A 632 21.15 8.53 52.38
N LYS A 633 20.98 7.85 51.25
CA LYS A 633 21.36 8.40 49.95
C LYS A 633 20.44 7.88 48.87
N ALA A 634 20.17 8.72 47.87
CA ALA A 634 19.39 8.34 46.70
C ALA A 634 18.05 7.71 47.09
N GLY A 635 17.43 8.26 48.13
CA GLY A 635 16.17 7.73 48.59
C GLY A 635 16.27 6.45 49.40
N ILE A 636 17.48 5.96 49.66
CA ILE A 636 17.71 4.74 50.40
C ILE A 636 18.11 5.11 51.81
N VAL A 637 17.38 4.61 52.80
CA VAL A 637 17.68 4.80 54.21
C VAL A 637 17.80 3.43 54.85
N THR A 638 18.98 3.12 55.39
CA THR A 638 19.16 1.79 55.96
C THR A 638 20.45 1.75 56.79
N THR A 639 20.70 0.58 57.36
CA THR A 639 21.87 0.29 58.17
C THR A 639 22.42 -1.08 57.79
N LEU A 640 23.73 -1.22 57.85
CA LEU A 640 24.41 -2.45 57.48
C LEU A 640 25.33 -2.91 58.61
N GLN A 641 25.44 -4.22 58.77
CA GLN A 641 26.32 -4.78 59.79
C GLN A 641 27.78 -4.63 59.38
N ALA A 642 28.64 -4.32 60.35
CA ALA A 642 30.06 -4.12 60.11
C ALA A 642 30.89 -4.74 61.23
N ARG A 643 30.51 -5.95 61.64
CA ARG A 643 31.20 -6.66 62.71
C ARG A 643 32.48 -7.24 62.12
N CYS A 644 33.60 -6.57 62.38
CA CYS A 644 34.88 -6.95 61.80
C CYS A 644 36.01 -6.56 62.75
N SER A 645 37.13 -7.25 62.61
CA SER A 645 38.34 -6.96 63.36
C SER A 645 39.25 -6.07 62.53
N ILE A 646 39.80 -5.03 63.18
CA ILE A 646 40.59 -4.01 62.51
C ILE A 646 42.06 -4.18 62.88
N ILE A 647 42.92 -4.15 61.87
CA ILE A 647 44.37 -4.09 62.04
C ILE A 647 44.86 -2.89 61.25
N ALA A 648 45.63 -2.01 61.90
CA ALA A 648 46.02 -0.75 61.30
C ALA A 648 47.52 -0.53 61.46
N ALA A 649 48.08 0.27 60.56
CA ALA A 649 49.47 0.68 60.61
C ALA A 649 49.55 2.19 60.41
N ALA A 650 50.49 2.82 61.09
CA ALA A 650 50.63 4.27 61.04
C ALA A 650 52.09 4.63 61.26
N ASN A 651 52.38 5.93 61.22
CA ASN A 651 53.71 6.46 61.46
C ASN A 651 53.63 7.63 62.40
N PRO A 652 54.65 7.84 63.23
CA PRO A 652 54.61 8.94 64.19
C PRO A 652 54.78 10.29 63.51
N ASN A 653 54.36 11.33 64.22
CA ASN A 653 54.54 12.69 63.73
C ASN A 653 56.03 12.96 63.53
N GLY A 654 56.37 13.49 62.36
CA GLY A 654 57.76 13.74 62.02
C GLY A 654 58.52 12.55 61.50
N GLY A 655 57.90 11.38 61.45
CA GLY A 655 58.55 10.18 60.95
C GLY A 655 59.42 9.45 61.95
N ARG A 656 59.58 9.98 63.15
CA ARG A 656 60.40 9.35 64.18
C ARG A 656 59.68 9.47 65.53
N TYR A 657 59.69 8.37 66.28
CA TYR A 657 59.03 8.34 67.58
C TYR A 657 59.81 9.19 68.58
N ASN A 658 59.09 9.98 69.36
CA ASN A 658 59.67 10.80 70.42
C ASN A 658 59.37 10.12 71.75
N SER A 659 60.34 9.36 72.26
CA SER A 659 60.14 8.62 73.50
C SER A 659 59.96 9.52 74.71
N THR A 660 60.26 10.82 74.59
CA THR A 660 60.14 11.74 75.71
C THR A 660 58.72 12.20 75.95
N LEU A 661 57.78 11.87 75.07
CA LEU A 661 56.41 12.33 75.16
C LEU A 661 55.45 11.15 75.21
N PRO A 662 54.25 11.33 75.75
CA PRO A 662 53.27 10.24 75.74
C PRO A 662 52.84 9.89 74.33
N LEU A 663 52.42 8.64 74.15
CA LEU A 663 52.03 8.17 72.83
C LEU A 663 50.95 9.05 72.21
N ALA A 664 50.07 9.62 73.04
CA ALA A 664 48.99 10.46 72.51
C ALA A 664 49.51 11.63 71.69
N GLN A 665 50.71 12.14 72.00
CA GLN A 665 51.28 13.27 71.29
C GLN A 665 52.30 12.86 70.25
N ASN A 666 52.52 11.56 70.05
CA ASN A 666 53.39 11.07 68.98
C ASN A 666 52.64 10.80 67.69
N VAL A 667 51.30 10.84 67.71
CA VAL A 667 50.49 10.54 66.53
C VAL A 667 49.39 11.58 66.42
N SER A 668 48.87 11.72 65.20
CA SER A 668 47.84 12.72 64.92
C SER A 668 46.43 12.24 65.25
N LEU A 669 46.25 10.96 65.56
CA LEU A 669 44.93 10.45 65.93
C LEU A 669 44.47 11.09 67.23
N THR A 670 43.23 10.80 67.61
CA THR A 670 42.61 11.43 68.76
C THR A 670 42.04 10.35 69.68
N GLU A 671 41.88 10.71 70.95
CA GLU A 671 41.52 9.73 71.97
C GLU A 671 40.31 8.87 71.63
N PRO A 672 39.21 9.41 71.11
CA PRO A 672 38.05 8.54 70.83
C PRO A 672 38.38 7.38 69.92
N ILE A 673 39.28 7.58 68.95
CA ILE A 673 39.66 6.49 68.07
C ILE A 673 40.77 5.65 68.70
N LEU A 674 41.71 6.29 69.39
CA LEU A 674 42.81 5.55 69.99
C LEU A 674 42.34 4.57 71.06
N SER A 675 41.38 4.96 71.89
CA SER A 675 40.94 4.14 73.01
C SER A 675 40.23 2.86 72.58
N ARG A 676 39.65 2.83 71.38
CA ARG A 676 38.91 1.67 70.92
C ARG A 676 39.80 0.51 70.49
N PHE A 677 41.10 0.60 70.75
CA PHE A 677 42.03 -0.47 70.42
C PHE A 677 42.35 -1.28 71.66
N ASP A 678 42.56 -2.57 71.46
CA ASP A 678 42.86 -3.48 72.56
C ASP A 678 44.37 -3.68 72.74
N ILE A 679 45.12 -3.74 71.65
CA ILE A 679 46.57 -3.88 71.70
C ILE A 679 47.18 -2.70 70.96
N LEU A 680 48.12 -2.01 71.60
CA LEU A 680 48.90 -0.97 70.96
C LEU A 680 50.36 -1.40 70.96
N CYS A 681 50.92 -1.61 69.77
CA CYS A 681 52.31 -2.03 69.62
C CYS A 681 53.13 -0.87 69.11
N VAL A 682 54.22 -0.57 69.80
CA VAL A 682 55.14 0.50 69.43
C VAL A 682 56.45 -0.15 69.02
N VAL A 683 56.92 0.19 67.82
CA VAL A 683 58.16 -0.35 67.27
C VAL A 683 59.16 0.79 67.17
N ARG A 684 60.27 0.67 67.88
CA ARG A 684 61.32 1.67 67.89
C ARG A 684 62.58 1.10 67.24
N ASP A 685 63.15 1.87 66.32
CA ASP A 685 64.35 1.44 65.60
C ASP A 685 65.63 1.83 66.36
N LEU A 686 65.70 1.43 67.63
CA LEU A 686 66.91 1.67 68.41
C LEU A 686 68.07 0.89 67.81
N VAL A 687 69.25 1.51 67.80
CA VAL A 687 70.43 0.93 67.17
C VAL A 687 71.09 -0.03 68.16
N ASP A 688 71.27 -1.28 67.73
CA ASP A 688 71.98 -2.29 68.52
C ASP A 688 72.79 -3.17 67.57
N GLU A 689 74.03 -3.43 67.97
CA GLU A 689 74.95 -4.12 67.07
C GLU A 689 74.51 -5.55 66.79
N GLU A 690 74.15 -6.29 67.83
CA GLU A 690 73.77 -7.69 67.64
C GLU A 690 72.50 -7.80 66.81
N ALA A 691 71.49 -6.98 67.11
CA ALA A 691 70.27 -7.00 66.33
C ALA A 691 70.53 -6.64 64.88
N ASP A 692 71.38 -5.63 64.65
CA ASP A 692 71.72 -5.25 63.29
C ASP A 692 72.38 -6.40 62.56
N GLU A 693 73.30 -7.10 63.22
CA GLU A 693 73.97 -8.24 62.58
C GLU A 693 72.98 -9.33 62.23
N ARG A 694 72.10 -9.70 63.17
CA ARG A 694 71.13 -10.76 62.88
C ARG A 694 70.24 -10.37 61.71
N LEU A 695 69.71 -9.14 61.73
CA LEU A 695 68.81 -8.72 60.66
C LEU A 695 69.55 -8.68 59.32
N ALA A 696 70.79 -8.18 59.32
CA ALA A 696 71.54 -8.08 58.08
C ALA A 696 71.84 -9.46 57.50
N THR A 697 72.25 -10.41 58.33
CA THR A 697 72.48 -11.75 57.81
C THR A 697 71.18 -12.36 57.30
N PHE A 698 70.08 -12.14 58.01
CA PHE A 698 68.78 -12.61 57.54
C PHE A 698 68.50 -12.09 56.13
N VAL A 699 68.62 -10.77 55.94
CA VAL A 699 68.22 -10.17 54.67
C VAL A 699 69.15 -10.60 53.55
N VAL A 700 70.45 -10.60 53.80
CA VAL A 700 71.40 -10.94 52.75
C VAL A 700 71.25 -12.42 52.37
N ASP A 701 71.01 -13.28 53.36
CA ASP A 701 70.77 -14.68 53.05
C ASP A 701 69.51 -14.85 52.21
N SER A 702 68.45 -14.10 52.55
CA SER A 702 67.23 -14.19 51.74
C SER A 702 67.50 -13.76 50.30
N HIS A 703 68.24 -12.66 50.11
CA HIS A 703 68.54 -12.20 48.76
C HIS A 703 69.36 -13.23 47.99
N VAL A 704 70.42 -13.75 48.60
CA VAL A 704 71.26 -14.70 47.88
C VAL A 704 70.50 -15.97 47.56
N ARG A 705 69.58 -16.38 48.43
CA ARG A 705 68.76 -17.55 48.12
C ARG A 705 67.79 -17.27 46.98
N SER A 706 67.18 -16.08 46.97
CA SER A 706 66.19 -15.73 45.95
C SER A 706 66.83 -15.33 44.62
N HIS A 707 68.17 -15.20 44.58
CA HIS A 707 68.87 -15.01 43.28
C HIS A 707 68.60 -16.20 42.37
N PRO A 708 68.13 -15.99 41.13
CA PRO A 708 67.98 -17.11 40.20
C PRO A 708 69.32 -17.73 39.82
N GLU A 709 69.30 -18.73 38.96
CA GLU A 709 70.50 -19.51 38.65
C GLU A 709 71.11 -20.06 39.94
N SER A 756 59.64 -26.61 63.62
CA SER A 756 58.79 -26.25 64.73
C SER A 756 57.41 -25.76 64.28
N PRO A 757 57.37 -24.68 63.51
CA PRO A 757 56.07 -24.09 63.18
C PRO A 757 55.19 -25.05 62.39
N ILE A 758 53.88 -24.95 62.62
CA ILE A 758 52.94 -25.82 61.92
C ILE A 758 52.90 -25.42 60.45
N PRO A 759 52.71 -26.34 59.51
CA PRO A 759 52.54 -25.94 58.11
C PRO A 759 51.33 -25.05 57.93
N GLN A 760 51.46 -24.06 57.04
CA GLN A 760 50.39 -23.09 56.84
C GLN A 760 49.14 -23.76 56.27
N GLU A 761 49.32 -24.75 55.39
CA GLU A 761 48.17 -25.42 54.80
C GLU A 761 47.27 -26.00 55.89
N LEU A 762 47.86 -26.65 56.89
CA LEU A 762 47.08 -27.12 58.03
C LEU A 762 46.65 -25.97 58.93
N LEU A 763 47.45 -24.89 58.98
CA LEU A 763 47.14 -23.80 59.90
C LEU A 763 45.83 -23.11 59.54
N MET A 764 45.62 -22.82 58.26
CA MET A 764 44.37 -22.17 57.86
C MET A 764 43.16 -23.00 58.27
N LYS A 765 43.22 -24.31 58.00
CA LYS A 765 42.12 -25.18 58.38
C LYS A 765 41.94 -25.20 59.89
N TYR A 766 43.05 -25.18 60.64
CA TYR A 766 42.96 -25.15 62.09
C TYR A 766 42.24 -23.91 62.57
N ILE A 767 42.60 -22.75 62.02
CA ILE A 767 41.94 -21.50 62.40
C ILE A 767 40.46 -21.59 62.10
N HIS A 768 40.11 -22.03 60.88
CA HIS A 768 38.70 -22.07 60.50
C HIS A 768 37.91 -22.99 61.41
N TYR A 769 38.45 -24.19 61.67
CA TYR A 769 37.75 -25.16 62.50
C TYR A 769 37.57 -24.65 63.91
N ALA A 770 38.62 -24.05 64.49
CA ALA A 770 38.50 -23.52 65.85
C ALA A 770 37.45 -22.42 65.91
N ARG A 771 37.56 -21.42 65.03
CA ARG A 771 36.58 -20.34 65.01
C ARG A 771 35.16 -20.87 64.83
N THR A 772 35.00 -21.96 64.08
CA THR A 772 33.67 -22.49 63.85
C THR A 772 33.13 -23.26 65.05
N LYS A 773 33.98 -23.99 65.77
CA LYS A 773 33.49 -25.01 66.70
C LYS A 773 33.81 -24.76 68.17
N ILE A 774 34.56 -23.71 68.51
CA ILE A 774 35.02 -23.53 69.89
C ILE A 774 34.37 -22.29 70.48
N TYR A 775 33.89 -22.42 71.73
CA TYR A 775 33.31 -21.31 72.48
C TYR A 775 33.65 -21.51 73.95
N PRO A 776 34.89 -21.18 74.35
CA PRO A 776 35.28 -21.42 75.74
C PRO A 776 34.37 -20.67 76.72
N LYS A 777 34.50 -21.04 77.99
CA LYS A 777 33.65 -20.51 79.05
C LYS A 777 34.49 -20.23 80.29
N LEU A 778 33.93 -19.41 81.18
CA LEU A 778 34.63 -18.93 82.37
C LEU A 778 34.20 -19.70 83.61
N HIS A 779 35.10 -19.73 84.59
CA HIS A 779 34.80 -20.26 85.92
C HIS A 779 34.85 -19.13 86.93
N GLN A 780 34.00 -19.21 87.96
CA GLN A 780 33.86 -18.15 88.94
C GLN A 780 34.91 -18.21 90.05
N MET A 781 35.86 -19.14 89.98
CA MET A 781 36.86 -19.26 91.03
C MET A 781 38.09 -18.39 90.81
N ASP A 782 38.14 -17.64 89.71
CA ASP A 782 39.23 -16.70 89.45
C ASP A 782 38.83 -15.24 89.68
N MET A 783 37.61 -15.00 90.16
CA MET A 783 37.16 -13.64 90.38
C MET A 783 38.07 -12.92 91.36
N ASP A 784 38.49 -13.61 92.42
CA ASP A 784 39.36 -12.98 93.41
C ASP A 784 40.67 -12.53 92.78
N LYS A 785 41.28 -13.39 91.98
CA LYS A 785 42.54 -13.02 91.33
C LYS A 785 42.34 -11.82 90.41
N VAL A 786 41.30 -11.87 89.58
CA VAL A 786 41.09 -10.78 88.63
C VAL A 786 40.85 -9.47 89.38
N SER A 787 40.02 -9.51 90.42
CA SER A 787 39.71 -8.29 91.16
C SER A 787 40.95 -7.73 91.85
N ARG A 788 41.76 -8.60 92.47
CA ARG A 788 42.97 -8.12 93.12
C ARG A 788 43.91 -7.48 92.12
N VAL A 789 44.10 -8.11 90.97
CA VAL A 789 44.98 -7.55 89.96
C VAL A 789 44.47 -6.20 89.49
N TYR A 790 43.17 -6.10 89.23
CA TYR A 790 42.61 -4.84 88.73
C TYR A 790 42.77 -3.73 89.77
N ALA A 791 42.49 -4.04 91.03
CA ALA A 791 42.66 -3.03 92.07
C ALA A 791 44.10 -2.58 92.17
N ASP A 792 45.05 -3.52 92.11
CA ASP A 792 46.45 -3.15 92.16
C ASP A 792 46.83 -2.24 91.01
N LEU A 793 46.40 -2.58 89.80
CA LEU A 793 46.74 -1.76 88.64
C LEU A 793 46.15 -0.36 88.78
N ARG A 794 44.89 -0.27 89.21
CA ARG A 794 44.28 1.04 89.41
C ARG A 794 45.09 1.86 90.41
N ARG A 795 45.45 1.24 91.53
CA ARG A 795 46.17 1.98 92.57
C ARG A 795 47.50 2.49 92.05
N GLU A 796 48.29 1.62 91.41
CA GLU A 796 49.59 2.05 90.93
C GLU A 796 49.47 3.12 89.85
N SER A 797 48.51 2.96 88.94
CA SER A 797 48.35 3.94 87.87
C SER A 797 48.00 5.30 88.44
N ILE A 798 47.01 5.37 89.34
CA ILE A 798 46.63 6.66 89.91
C ILE A 798 47.77 7.24 90.74
N SER A 799 48.53 6.38 91.44
CA SER A 799 49.65 6.87 92.22
C SER A 799 50.71 7.52 91.33
N THR A 800 51.02 6.89 90.20
CA THR A 800 52.06 7.40 89.32
C THR A 800 51.56 8.47 88.35
N GLY A 801 50.25 8.72 88.31
CA GLY A 801 49.73 9.77 87.45
C GLY A 801 49.89 9.50 85.97
N SER A 802 49.66 8.27 85.54
CA SER A 802 49.72 7.91 84.14
C SER A 802 48.33 8.06 83.52
N PHE A 803 48.14 7.53 82.30
CA PHE A 803 46.81 7.49 81.73
C PHE A 803 45.91 6.63 82.62
N PRO A 804 44.64 7.00 82.76
CA PRO A 804 43.76 6.26 83.67
C PRO A 804 43.60 4.81 83.24
N ILE A 805 43.55 3.92 84.23
CA ILE A 805 43.21 2.52 83.99
C ILE A 805 41.72 2.37 84.17
N THR A 806 41.06 1.78 83.18
CA THR A 806 39.61 1.70 83.15
C THR A 806 39.18 0.27 82.80
N VAL A 807 37.96 -0.07 83.23
CA VAL A 807 37.43 -1.42 83.06
C VAL A 807 37.54 -1.91 81.62
N ARG A 808 37.73 -1.02 80.65
CA ARG A 808 37.99 -1.47 79.29
C ARG A 808 39.19 -2.40 79.25
N HIS A 809 40.20 -2.14 80.07
CA HIS A 809 41.36 -3.02 80.12
C HIS A 809 40.99 -4.39 80.65
N LEU A 810 40.14 -4.45 81.67
CA LEU A 810 39.67 -5.74 82.17
C LEU A 810 38.88 -6.49 81.11
N GLU A 811 38.04 -5.77 80.37
CA GLU A 811 37.29 -6.41 79.29
C GLU A 811 38.24 -6.98 78.24
N SER A 812 39.28 -6.23 77.87
CA SER A 812 40.27 -6.73 76.94
C SER A 812 40.99 -7.95 77.51
N ILE A 813 41.28 -7.93 78.81
CA ILE A 813 41.90 -9.09 79.46
C ILE A 813 41.03 -10.33 79.26
N LEU A 814 39.74 -10.20 79.54
CA LEU A 814 38.84 -11.34 79.39
C LEU A 814 38.77 -11.79 77.94
N ARG A 815 38.70 -10.86 76.99
CA ARG A 815 38.65 -11.23 75.59
C ARG A 815 39.90 -12.01 75.18
N ILE A 816 41.07 -11.53 75.59
CA ILE A 816 42.32 -12.19 75.22
C ILE A 816 42.41 -13.56 75.89
N ALA A 817 41.92 -13.67 77.12
CA ALA A 817 41.89 -14.98 77.77
C ALA A 817 40.99 -15.94 76.99
N GLU A 818 39.85 -15.45 76.52
CA GLU A 818 38.97 -16.28 75.68
C GLU A 818 39.70 -16.73 74.42
N SER A 819 40.42 -15.81 73.77
CA SER A 819 41.16 -16.18 72.56
C SER A 819 42.21 -17.23 72.86
N PHE A 820 42.94 -17.08 73.96
CA PHE A 820 43.99 -18.03 74.31
C PHE A 820 43.39 -19.40 74.63
N ALA A 821 42.26 -19.43 75.33
CA ALA A 821 41.58 -20.70 75.56
C ALA A 821 41.17 -21.34 74.24
N LYS A 822 40.63 -20.52 73.32
CA LYS A 822 40.26 -21.03 72.00
C LYS A 822 41.47 -21.62 71.27
N MET A 823 42.65 -21.03 71.48
CA MET A 823 43.86 -21.54 70.84
C MET A 823 44.08 -23.02 71.12
N ARG A 824 43.72 -23.50 72.30
CA ARG A 824 43.98 -24.88 72.71
C ARG A 824 42.83 -25.82 72.36
N LEU A 825 41.80 -25.35 71.67
CA LEU A 825 40.62 -26.17 71.34
C LEU A 825 39.88 -26.61 72.59
N SER A 826 40.16 -25.98 73.73
CA SER A 826 39.54 -26.33 75.00
C SER A 826 38.14 -25.74 75.09
N GLU A 827 37.55 -25.86 76.28
CA GLU A 827 36.21 -25.35 76.53
C GLU A 827 36.15 -24.41 77.74
N PHE A 828 37.23 -24.27 78.49
CA PHE A 828 37.25 -23.47 79.70
C PHE A 828 38.50 -22.60 79.74
N VAL A 829 38.41 -21.50 80.47
CA VAL A 829 39.50 -20.55 80.61
C VAL A 829 40.34 -20.97 81.81
N SER A 830 41.66 -21.03 81.61
CA SER A 830 42.56 -21.49 82.65
C SER A 830 43.39 -20.34 83.23
N SER A 831 43.93 -20.59 84.42
CA SER A 831 44.79 -19.61 85.06
C SER A 831 45.99 -19.25 84.19
N TYR A 832 46.50 -20.22 83.42
CA TYR A 832 47.61 -19.92 82.53
C TYR A 832 47.21 -18.90 81.47
N ASP A 833 46.03 -19.09 80.87
CA ASP A 833 45.55 -18.13 79.86
C ASP A 833 45.33 -16.77 80.50
N LEU A 834 44.76 -16.74 81.69
CA LEU A 834 44.58 -15.46 82.39
C LEU A 834 45.93 -14.78 82.59
N ASP A 835 46.95 -15.54 82.99
CA ASP A 835 48.29 -14.98 83.18
C ASP A 835 48.83 -14.41 81.87
N ARG A 836 48.68 -15.15 80.77
CA ARG A 836 49.19 -14.66 79.49
C ARG A 836 48.50 -13.36 79.10
N ALA A 837 47.18 -13.29 79.24
CA ALA A 837 46.46 -12.07 78.91
C ALA A 837 46.92 -10.92 79.79
N ILE A 838 47.12 -11.18 81.08
CA ILE A 838 47.60 -10.15 81.99
C ILE A 838 48.95 -9.63 81.51
N LYS A 839 49.86 -10.54 81.17
CA LYS A 839 51.18 -10.12 80.70
C LYS A 839 51.06 -9.24 79.47
N VAL A 840 50.26 -9.68 78.48
CA VAL A 840 50.17 -8.93 77.24
C VAL A 840 49.63 -7.52 77.50
N VAL A 841 48.52 -7.43 78.23
CA VAL A 841 47.90 -6.12 78.42
C VAL A 841 48.79 -5.21 79.25
N VAL A 842 49.40 -5.74 80.32
CA VAL A 842 50.27 -4.92 81.15
C VAL A 842 51.45 -4.41 80.36
N ASP A 843 52.07 -5.28 79.56
CA ASP A 843 53.18 -4.85 78.72
C ASP A 843 52.75 -3.76 77.76
N SER A 844 51.60 -3.94 77.11
CA SER A 844 51.11 -2.93 76.18
C SER A 844 50.93 -1.59 76.87
N PHE A 845 50.28 -1.59 78.03
CA PHE A 845 50.02 -0.32 78.72
C PHE A 845 51.32 0.33 79.17
N VAL A 846 52.24 -0.44 79.74
CA VAL A 846 53.45 0.16 80.27
C VAL A 846 54.30 0.74 79.15
N ASP A 847 54.42 0.01 78.03
CA ASP A 847 55.31 0.45 76.96
C ASP A 847 54.89 1.79 76.35
N ALA A 848 53.62 2.18 76.48
CA ALA A 848 53.09 3.35 75.80
C ALA A 848 53.13 4.60 76.67
N GLN A 849 54.09 4.71 77.58
CA GLN A 849 54.23 5.87 78.45
C GLN A 849 55.58 6.55 78.22
N LYS A 850 55.72 7.73 78.81
CA LYS A 850 56.99 8.45 78.74
C LYS A 850 58.05 7.71 79.56
N VAL A 851 59.29 8.19 79.47
CA VAL A 851 60.42 7.41 79.97
C VAL A 851 60.35 7.25 81.49
N SER A 852 60.14 8.36 82.20
CA SER A 852 60.16 8.31 83.66
C SER A 852 59.03 7.42 84.19
N VAL A 853 57.81 7.62 83.67
CA VAL A 853 56.68 6.83 84.11
C VAL A 853 56.89 5.36 83.76
N ARG A 854 57.44 5.10 82.57
CA ARG A 854 57.74 3.72 82.18
C ARG A 854 58.66 3.06 83.19
N ARG A 855 59.77 3.73 83.51
CA ARG A 855 60.74 3.15 84.44
C ARG A 855 60.13 2.96 85.82
N GLN A 856 59.31 3.92 86.26
CA GLN A 856 58.67 3.79 87.57
C GLN A 856 57.73 2.59 87.61
N LEU A 857 56.87 2.45 86.60
CA LEU A 857 55.92 1.34 86.59
C LEU A 857 56.59 0.00 86.37
N ARG A 858 57.77 -0.01 85.75
CA ARG A 858 58.47 -1.28 85.55
C ARG A 858 58.75 -1.97 86.88
N ARG A 859 59.21 -1.21 87.88
CA ARG A 859 59.46 -1.79 89.19
C ARG A 859 58.17 -2.28 89.84
N SER A 860 57.11 -1.48 89.76
CA SER A 860 55.86 -1.87 90.41
C SER A 860 55.29 -3.16 89.82
N PHE A 861 55.32 -3.29 88.49
CA PHE A 861 54.76 -4.45 87.81
C PHE A 861 55.84 -5.44 87.39
N ALA A 862 56.90 -5.59 88.19
CA ALA A 862 57.95 -6.55 87.88
C ALA A 862 57.50 -7.99 87.98
N ILE A 863 56.35 -8.26 88.60
CA ILE A 863 55.88 -9.64 88.76
C ILE A 863 55.61 -10.28 87.41
N TYR A 864 55.10 -9.50 86.46
CA TYR A 864 54.59 -10.06 85.21
C TYR A 864 55.60 -9.92 84.08
N ALA B 51 -26.90 13.47 17.34
CA ALA B 51 -28.33 13.75 17.41
C ALA B 51 -28.75 13.98 18.86
N PRO B 52 -29.92 14.60 19.06
CA PRO B 52 -30.37 14.86 20.43
C PRO B 52 -30.54 13.57 21.22
N ASP B 53 -30.29 13.65 22.52
CA ASP B 53 -30.34 12.51 23.42
C ASP B 53 -31.28 12.79 24.59
N ALA B 54 -32.15 11.83 24.88
CA ALA B 54 -33.14 12.02 25.94
C ALA B 54 -32.48 12.19 27.30
N VAL B 55 -31.46 11.39 27.61
CA VAL B 55 -30.77 11.52 28.89
C VAL B 55 -30.09 12.89 28.98
N PHE B 56 -29.47 13.32 27.88
CA PHE B 56 -28.84 14.63 27.87
C PHE B 56 -29.85 15.74 28.14
N GLY B 57 -31.01 15.67 27.49
CA GLY B 57 -32.03 16.67 27.73
C GLY B 57 -32.54 16.65 29.16
N ASP B 58 -32.76 15.46 29.72
CA ASP B 58 -33.23 15.35 31.09
C ASP B 58 -32.22 15.95 32.05
N ARG B 59 -30.94 15.65 31.87
CA ARG B 59 -29.91 16.20 32.75
C ARG B 59 -29.82 17.71 32.60
N VAL B 60 -29.96 18.21 31.38
CA VAL B 60 -29.95 19.66 31.17
C VAL B 60 -31.09 20.31 31.94
N ARG B 61 -32.29 19.74 31.83
CA ARG B 61 -33.44 20.35 32.51
C ARG B 61 -33.28 20.26 34.02
N ARG B 62 -32.72 19.17 34.52
CA ARG B 62 -32.50 19.06 35.96
C ARG B 62 -31.52 20.11 36.46
N PHE B 63 -30.40 20.30 35.75
CA PHE B 63 -29.47 21.35 36.17
C PHE B 63 -30.11 22.72 36.04
N GLN B 64 -30.98 22.90 35.05
CA GLN B 64 -31.72 24.16 34.95
C GLN B 64 -32.58 24.39 36.19
N GLU B 65 -33.24 23.34 36.67
CA GLU B 65 -34.02 23.47 37.90
C GLU B 65 -33.13 23.81 39.08
N PHE B 66 -31.94 23.21 39.14
CA PHE B 66 -31.00 23.54 40.21
C PHE B 66 -30.64 25.02 40.18
N LEU B 67 -30.29 25.53 39.00
CA LEU B 67 -29.95 26.94 38.88
C LEU B 67 -31.15 27.84 39.18
N ASP B 68 -32.36 27.36 38.90
CA ASP B 68 -33.54 28.14 39.24
C ASP B 68 -33.74 28.22 40.75
N THR B 69 -33.57 27.11 41.45
CA THR B 69 -33.78 27.12 42.89
C THR B 69 -32.70 27.93 43.60
N PHE B 70 -31.48 27.91 43.09
CA PHE B 70 -30.40 28.73 43.66
C PHE B 70 -30.15 29.94 42.78
N THR B 71 -30.29 31.13 43.37
CA THR B 71 -30.37 32.37 42.61
C THR B 71 -29.07 33.17 42.61
N SER B 72 -28.08 32.78 43.43
CA SER B 72 -26.84 33.56 43.48
C SER B 72 -26.10 33.52 42.14
N TYR B 73 -26.03 32.35 41.52
CA TYR B 73 -25.24 32.22 40.29
C TYR B 73 -25.86 33.02 39.15
N ARG B 74 -27.19 33.09 39.11
CA ARG B 74 -27.86 33.90 38.10
C ARG B 74 -27.39 35.36 38.17
N ASP B 75 -27.46 35.95 39.36
CA ASP B 75 -27.05 37.34 39.50
C ASP B 75 -25.55 37.51 39.30
N SER B 76 -24.75 36.50 39.64
CA SER B 76 -23.33 36.57 39.37
C SER B 76 -23.07 36.66 37.87
N VAL B 77 -23.76 35.83 37.08
CA VAL B 77 -23.60 35.89 35.63
C VAL B 77 -24.07 37.24 35.10
N ARG B 78 -25.20 37.73 35.61
CA ARG B 78 -25.67 39.05 35.18
C ARG B 78 -24.63 40.12 35.49
N SER B 79 -24.00 40.03 36.65
CA SER B 79 -22.97 41.01 37.01
C SER B 79 -21.78 40.94 36.06
N ILE B 80 -21.34 39.72 35.72
CA ILE B 80 -20.24 39.59 34.77
C ILE B 80 -20.59 40.27 33.46
N GLN B 81 -21.79 40.01 32.94
CA GLN B 81 -22.18 40.60 31.67
C GLN B 81 -22.30 42.11 31.79
N VAL B 82 -22.84 42.60 32.90
CA VAL B 82 -22.97 44.04 33.12
C VAL B 82 -21.60 44.70 33.06
N TYR B 83 -20.63 44.11 33.77
CA TYR B 83 -19.29 44.71 33.80
C TYR B 83 -18.65 44.67 32.42
N ASN B 84 -18.77 43.55 31.72
CA ASN B 84 -18.16 43.45 30.40
C ASN B 84 -18.78 44.44 29.42
N SER B 85 -20.08 44.68 29.54
CA SER B 85 -20.74 45.66 28.68
C SER B 85 -20.30 47.08 29.04
N ASN B 86 -20.29 47.40 30.33
CA ASN B 86 -19.99 48.77 30.75
C ASN B 86 -18.55 49.14 30.43
N ASN B 87 -17.62 48.23 30.64
CA ASN B 87 -16.20 48.54 30.52
C ASN B 87 -15.70 48.41 29.07
N ALA B 88 -16.60 48.49 28.09
CA ALA B 88 -16.20 48.45 26.69
C ALA B 88 -17.37 48.85 25.79
N ASN B 125 -10.61 46.26 29.29
CA ASN B 125 -10.56 45.04 30.10
C ASN B 125 -11.87 44.27 29.99
N ILE B 126 -11.78 42.95 29.98
CA ILE B 126 -12.93 42.07 29.82
C ILE B 126 -12.79 40.91 30.80
N LEU B 127 -13.90 40.49 31.39
CA LEU B 127 -13.90 39.36 32.31
C LEU B 127 -14.26 38.07 31.57
N PRO B 128 -13.73 36.93 32.03
CA PRO B 128 -14.06 35.66 31.37
C PRO B 128 -15.42 35.13 31.79
N HIS B 129 -15.87 34.11 31.07
CA HIS B 129 -17.20 33.53 31.25
C HIS B 129 -17.08 32.25 32.07
N ARG B 130 -16.97 32.40 33.38
CA ARG B 130 -16.78 31.25 34.26
C ARG B 130 -17.40 31.56 35.61
N ILE B 131 -18.02 30.54 36.21
CA ILE B 131 -18.69 30.68 37.50
C ILE B 131 -18.32 29.49 38.38
N ILE B 132 -18.42 29.68 39.69
CA ILE B 132 -18.08 28.67 40.69
C ILE B 132 -19.37 28.18 41.32
N ILE B 133 -19.46 26.86 41.51
CA ILE B 133 -20.64 26.20 42.07
C ILE B 133 -20.22 25.47 43.34
N SER B 134 -21.18 25.27 44.23
CA SER B 134 -20.94 24.66 45.54
C SER B 134 -21.42 23.21 45.52
N LEU B 135 -20.46 22.29 45.65
CA LEU B 135 -20.81 20.88 45.74
C LEU B 135 -21.68 20.58 46.95
N ASP B 136 -21.53 21.34 48.04
CA ASP B 136 -22.40 21.15 49.19
C ASP B 136 -23.85 21.47 48.84
N ASP B 137 -24.08 22.59 48.14
CA ASP B 137 -25.43 22.91 47.71
C ASP B 137 -25.95 21.86 46.74
N LEU B 138 -25.09 21.37 45.84
CA LEU B 138 -25.53 20.33 44.92
C LEU B 138 -25.96 19.08 45.68
N ARG B 139 -25.18 18.68 46.68
CA ARG B 139 -25.53 17.51 47.48
C ARG B 139 -26.86 17.74 48.21
N GLU B 140 -27.05 18.93 48.77
CA GLU B 140 -28.29 19.21 49.49
C GLU B 140 -29.48 19.17 48.54
N PHE B 141 -29.29 19.61 47.30
CA PHE B 141 -30.39 19.66 46.34
C PHE B 141 -30.71 18.27 45.79
N ASP B 142 -29.76 17.66 45.09
CA ASP B 142 -29.99 16.36 44.43
C ASP B 142 -28.76 15.49 44.69
N ARG B 143 -28.91 14.51 45.57
CA ARG B 143 -27.79 13.64 45.89
C ARG B 143 -27.37 12.79 44.70
N SER B 144 -28.33 12.28 43.92
CA SER B 144 -27.98 11.45 42.78
C SER B 144 -27.17 12.24 41.76
N PHE B 145 -27.60 13.46 41.45
CA PHE B 145 -26.84 14.31 40.54
C PHE B 145 -25.47 14.65 41.11
N TRP B 146 -25.40 14.90 42.42
CA TRP B 146 -24.13 15.17 43.08
C TRP B 146 -23.15 14.02 42.88
N SER B 147 -23.59 12.80 43.19
CA SER B 147 -22.73 11.63 42.99
C SER B 147 -22.41 11.44 41.52
N GLY B 148 -23.35 11.78 40.63
CA GLY B 148 -23.06 11.66 39.21
C GLY B 148 -21.92 12.54 38.77
N ILE B 149 -21.95 13.81 39.21
CA ILE B 149 -20.84 14.70 38.88
C ILE B 149 -19.55 14.20 39.51
N LEU B 150 -19.61 13.75 40.77
CA LEU B 150 -18.39 13.35 41.46
C LEU B 150 -17.74 12.14 40.81
N VAL B 151 -18.53 11.15 40.40
CA VAL B 151 -17.99 9.87 39.98
C VAL B 151 -17.88 9.74 38.45
N GLU B 152 -18.81 10.31 37.69
CA GLU B 152 -18.79 10.25 36.24
C GLU B 152 -19.00 11.66 35.68
N PRO B 153 -17.98 12.53 35.79
CA PRO B 153 -18.12 13.88 35.25
C PRO B 153 -18.36 13.92 33.75
N ALA B 154 -17.77 12.97 33.00
CA ALA B 154 -17.85 13.02 31.55
C ALA B 154 -19.28 13.02 31.04
N TYR B 155 -20.23 12.47 31.80
CA TYR B 155 -21.62 12.43 31.39
C TYR B 155 -22.47 13.53 32.02
N PHE B 156 -22.00 14.16 33.09
CA PHE B 156 -22.82 15.08 33.86
C PHE B 156 -22.40 16.54 33.75
N ILE B 157 -21.15 16.83 33.41
CA ILE B 157 -20.69 18.22 33.35
C ILE B 157 -21.18 18.90 32.08
N PRO B 158 -20.98 18.33 30.89
CA PRO B 158 -21.35 19.05 29.66
C PRO B 158 -22.81 19.47 29.67
N PRO B 159 -23.72 18.64 30.18
CA PRO B 159 -25.11 19.10 30.33
C PRO B 159 -25.22 20.36 31.19
N ALA B 160 -24.49 20.41 32.30
CA ALA B 160 -24.54 21.59 33.17
C ALA B 160 -23.98 22.81 32.45
N GLU B 161 -22.88 22.63 31.71
CA GLU B 161 -22.31 23.75 30.97
C GLU B 161 -23.30 24.26 29.94
N LYS B 162 -23.99 23.35 29.24
CA LYS B 162 -24.99 23.78 28.27
C LYS B 162 -26.12 24.53 28.95
N ALA B 163 -26.56 24.05 30.13
CA ALA B 163 -27.63 24.73 30.84
C ALA B 163 -27.20 26.14 31.24
N LEU B 164 -25.97 26.29 31.73
CA LEU B 164 -25.48 27.63 32.09
C LEU B 164 -25.41 28.53 30.87
N THR B 165 -24.93 28.00 29.75
CA THR B 165 -24.87 28.80 28.53
C THR B 165 -26.26 29.25 28.11
N ASP B 166 -27.24 28.35 28.18
CA ASP B 166 -28.61 28.70 27.82
C ASP B 166 -29.15 29.78 28.74
N LEU B 167 -28.92 29.66 30.04
CA LEU B 167 -29.41 30.66 30.97
C LEU B 167 -28.80 32.02 30.66
N ALA B 168 -27.49 32.06 30.43
CA ALA B 168 -26.84 33.33 30.14
C ALA B 168 -27.39 33.94 28.86
N ASP B 169 -27.50 33.15 27.79
CA ASP B 169 -27.97 33.67 26.51
C ASP B 169 -29.43 34.08 26.59
N SER B 170 -30.20 33.48 27.50
CA SER B 170 -31.58 33.92 27.68
C SER B 170 -31.67 35.20 28.48
N MET B 171 -30.82 35.38 29.49
CA MET B 171 -30.95 36.50 30.41
C MET B 171 -30.22 37.74 29.93
N ASP B 172 -29.30 37.62 28.98
CA ASP B 172 -28.67 38.80 28.43
C ASP B 172 -29.67 39.61 27.62
N ASP B 173 -29.40 40.91 27.48
CA ASP B 173 -30.28 41.79 26.71
C ASP B 173 -30.21 41.45 25.22
N HIS B 186 -19.12 33.39 23.61
CA HIS B 186 -18.47 32.13 23.95
C HIS B 186 -19.36 31.27 24.85
N PRO B 187 -19.02 29.99 24.99
CA PRO B 187 -19.64 29.18 26.04
C PRO B 187 -19.12 29.58 27.40
N TRP B 188 -19.91 29.27 28.42
CA TRP B 188 -19.54 29.54 29.80
C TRP B 188 -19.02 28.27 30.46
N LYS B 189 -18.27 28.45 31.55
CA LYS B 189 -17.57 27.33 32.18
C LYS B 189 -17.81 27.33 33.68
N LEU B 190 -17.55 26.16 34.28
CA LEU B 190 -17.82 25.92 35.69
C LEU B 190 -16.54 25.57 36.44
N SER B 191 -16.53 25.94 37.72
CA SER B 191 -15.50 25.56 38.66
C SER B 191 -16.17 25.07 39.93
N PHE B 192 -15.45 24.25 40.70
CA PHE B 192 -16.04 23.57 41.84
C PHE B 192 -15.28 23.87 43.11
N LYS B 193 -16.03 24.19 44.17
CA LYS B 193 -15.49 24.35 45.52
C LYS B 193 -16.34 23.52 46.47
N GLY B 194 -15.92 23.47 47.72
CA GLY B 194 -16.63 22.70 48.73
C GLY B 194 -15.83 21.53 49.24
N SER B 195 -16.50 20.54 49.82
CA SER B 195 -15.85 19.36 50.39
C SER B 195 -15.93 18.22 49.38
N PHE B 196 -14.77 17.71 48.99
CA PHE B 196 -14.68 16.61 48.03
C PHE B 196 -14.63 15.26 48.70
N GLY B 197 -14.65 15.20 50.03
CA GLY B 197 -14.64 13.92 50.70
C GLY B 197 -13.44 13.10 50.32
N ALA B 198 -13.67 11.85 49.93
CA ALA B 198 -12.59 10.94 49.57
C ALA B 198 -11.93 11.28 48.25
N HIS B 199 -12.36 12.35 47.58
CA HIS B 199 -11.76 12.74 46.31
C HIS B 199 -10.75 13.87 46.45
N ALA B 200 -10.38 14.22 47.68
CA ALA B 200 -9.27 15.13 47.94
C ALA B 200 -8.04 14.28 48.26
N LEU B 201 -7.04 14.34 47.37
CA LEU B 201 -5.90 13.43 47.43
C LEU B 201 -4.61 14.23 47.28
N SER B 202 -3.51 13.50 47.16
CA SER B 202 -2.19 14.05 46.88
C SER B 202 -1.52 13.17 45.84
N PRO B 203 -0.50 13.68 45.15
CA PRO B 203 0.10 12.90 44.06
C PRO B 203 0.60 11.52 44.51
N ARG B 204 0.91 11.33 45.79
CA ARG B 204 1.32 10.02 46.25
C ARG B 204 0.14 9.06 46.35
N THR B 205 -1.00 9.55 46.83
CA THR B 205 -2.18 8.72 47.05
C THR B 205 -3.17 8.80 45.89
N LEU B 206 -2.69 9.04 44.67
CA LEU B 206 -3.52 9.09 43.48
C LEU B 206 -3.24 7.86 42.65
N THR B 207 -4.22 6.97 42.54
CA THR B 207 -4.04 5.65 41.94
C THR B 207 -5.03 5.47 40.79
N ALA B 208 -4.89 4.35 40.08
CA ALA B 208 -5.69 4.08 38.89
C ALA B 208 -7.18 4.01 39.19
N GLN B 209 -7.58 3.65 40.40
CA GLN B 209 -9.00 3.52 40.72
C GLN B 209 -9.74 4.85 40.65
N HIS B 210 -9.02 5.98 40.60
CA HIS B 210 -9.63 7.30 40.50
C HIS B 210 -9.78 7.78 39.06
N LEU B 211 -9.36 6.99 38.09
CA LEU B 211 -9.39 7.42 36.70
C LEU B 211 -10.80 7.79 36.29
N ASN B 212 -10.91 8.87 35.50
CA ASN B 212 -12.18 9.36 34.98
C ASN B 212 -13.05 9.99 36.07
N LYS B 213 -12.49 10.31 37.22
CA LYS B 213 -13.22 10.89 38.34
C LYS B 213 -12.65 12.25 38.69
N LEU B 214 -13.53 13.13 39.14
CA LEU B 214 -13.13 14.48 39.54
C LEU B 214 -12.35 14.43 40.84
N VAL B 215 -11.14 15.01 40.83
CA VAL B 215 -10.23 14.94 41.96
C VAL B 215 -9.78 16.34 42.34
N SER B 216 -9.31 16.48 43.57
CA SER B 216 -8.69 17.71 44.05
C SER B 216 -7.35 17.37 44.68
N VAL B 217 -6.27 17.86 44.08
CA VAL B 217 -4.92 17.54 44.50
C VAL B 217 -4.28 18.78 45.10
N GLU B 218 -3.35 18.57 46.02
CA GLU B 218 -2.56 19.63 46.62
C GLU B 218 -1.08 19.32 46.41
N GLY B 219 -0.28 20.36 46.23
CA GLY B 219 1.14 20.14 46.03
C GLY B 219 1.88 21.44 45.81
N ILE B 220 3.09 21.30 45.27
CA ILE B 220 3.98 22.43 45.00
C ILE B 220 4.31 22.41 43.52
N VAL B 221 4.11 23.55 42.86
CA VAL B 221 4.44 23.67 41.44
C VAL B 221 5.94 23.58 41.27
N THR B 222 6.39 22.67 40.39
CA THR B 222 7.81 22.44 40.18
C THR B 222 8.35 23.06 38.90
N LYS B 223 7.55 23.13 37.85
CA LYS B 223 8.01 23.72 36.60
C LYS B 223 6.81 24.03 35.71
N THR B 224 6.74 25.26 35.24
CA THR B 224 5.71 25.70 34.30
C THR B 224 6.28 25.68 32.89
N SER B 225 5.38 25.73 31.91
CA SER B 225 5.75 25.68 30.51
C SER B 225 5.42 27.01 29.83
N LEU B 226 5.97 27.19 28.63
CA LEU B 226 5.82 28.43 27.89
C LEU B 226 4.44 28.52 27.30
N VAL B 227 3.80 29.68 27.45
CA VAL B 227 2.43 29.89 26.97
C VAL B 227 2.49 30.03 25.44
N ARG B 228 1.93 29.04 24.75
CA ARG B 228 1.91 29.03 23.30
C ARG B 228 0.48 29.17 22.78
N PRO B 229 0.26 29.84 21.66
CA PRO B 229 -1.07 29.86 21.06
C PRO B 229 -1.37 28.58 20.31
N LYS B 230 -2.65 28.23 20.28
CA LYS B 230 -3.13 27.04 19.57
C LYS B 230 -4.11 27.49 18.49
N LEU B 231 -4.01 26.88 17.32
CA LEU B 231 -4.83 27.28 16.18
C LEU B 231 -6.17 26.56 16.23
N ILE B 232 -7.25 27.33 16.11
CA ILE B 232 -8.60 26.81 16.16
C ILE B 232 -9.29 26.93 14.79
N ARG B 233 -9.41 28.15 14.28
CA ARG B 233 -10.08 28.39 13.01
C ARG B 233 -9.13 29.16 12.09
N SER B 234 -9.00 28.69 10.86
CA SER B 234 -8.18 29.33 9.85
C SER B 234 -9.07 29.97 8.79
N VAL B 235 -8.65 31.14 8.32
CA VAL B 235 -9.39 31.92 7.33
C VAL B 235 -8.47 32.20 6.16
N HIS B 236 -9.01 32.11 4.95
CA HIS B 236 -8.23 32.27 3.72
C HIS B 236 -9.02 33.14 2.75
N TYR B 237 -8.28 33.75 1.82
CA TYR B 237 -8.84 34.62 0.80
C TYR B 237 -8.41 34.12 -0.57
N ALA B 238 -9.35 34.13 -1.52
CA ALA B 238 -9.09 33.68 -2.89
C ALA B 238 -8.97 34.90 -3.79
N ALA B 239 -7.82 35.02 -4.46
CA ALA B 239 -7.58 36.18 -5.32
C ALA B 239 -8.40 36.13 -6.60
N LYS B 240 -8.48 34.96 -7.25
CA LYS B 240 -9.18 34.84 -8.51
C LYS B 240 -10.67 35.10 -8.41
N THR B 241 -11.26 34.92 -7.22
CA THR B 241 -12.71 34.99 -7.06
C THR B 241 -13.16 36.02 -6.03
N GLY B 242 -12.27 36.50 -5.17
CA GLY B 242 -12.67 37.47 -4.18
C GLY B 242 -13.62 36.94 -3.12
N ARG B 243 -13.37 35.75 -2.59
CA ARG B 243 -14.18 35.16 -1.54
C ARG B 243 -13.30 34.63 -0.43
N PHE B 244 -13.88 34.59 0.77
CA PHE B 244 -13.18 34.13 1.96
C PHE B 244 -13.68 32.76 2.37
N HIS B 245 -12.74 31.83 2.55
CA HIS B 245 -13.01 30.48 3.00
C HIS B 245 -12.51 30.34 4.43
N TYR B 246 -12.89 29.25 5.09
CA TYR B 246 -12.41 29.01 6.45
C TYR B 246 -12.47 27.52 6.74
N ARG B 247 -11.81 27.14 7.83
CA ARG B 247 -11.78 25.76 8.29
C ARG B 247 -11.61 25.76 9.81
N ASP B 248 -12.00 24.66 10.44
CA ASP B 248 -11.92 24.51 11.89
C ASP B 248 -11.13 23.25 12.25
N TYR B 249 -10.53 23.27 13.43
CA TYR B 249 -9.69 22.19 13.89
C TYR B 249 -10.03 21.85 15.33
N THR B 250 -9.72 20.61 15.72
CA THR B 250 -9.94 20.14 17.09
C THR B 250 -8.94 19.02 17.38
N ASP B 251 -8.81 18.71 18.67
CA ASP B 251 -7.92 17.64 19.11
C ASP B 251 -8.59 16.86 20.23
N ALA B 252 -7.83 15.94 20.83
CA ALA B 252 -8.38 15.01 21.81
C ALA B 252 -8.64 15.64 23.17
N THR B 253 -7.92 16.72 23.52
CA THR B 253 -7.96 17.26 24.87
C THR B 253 -8.97 18.39 25.05
N THR B 254 -9.78 18.69 24.03
CA THR B 254 -10.71 19.81 24.10
C THR B 254 -12.06 19.45 24.68
N THR B 255 -12.33 18.17 24.93
CA THR B 255 -13.61 17.76 25.49
C THR B 255 -13.43 16.47 26.28
N LEU B 256 -14.35 16.23 27.20
CA LEU B 256 -14.27 15.07 28.08
C LEU B 256 -14.61 13.77 27.36
N THR B 257 -15.63 13.80 26.50
CA THR B 257 -16.11 12.59 25.85
C THR B 257 -15.27 12.26 24.62
N THR B 258 -15.02 10.98 24.41
CA THR B 258 -14.27 10.54 23.23
C THR B 258 -15.08 10.78 21.97
N ARG B 259 -14.39 11.07 20.87
CA ARG B 259 -15.01 11.31 19.58
C ARG B 259 -14.16 10.70 18.48
N ILE B 260 -14.79 10.49 17.33
CA ILE B 260 -14.10 9.91 16.18
C ILE B 260 -13.15 10.95 15.60
N PRO B 261 -11.86 10.65 15.44
CA PRO B 261 -10.93 11.65 14.91
C PRO B 261 -11.33 12.12 13.52
N THR B 262 -11.14 13.41 13.27
CA THR B 262 -11.40 14.03 11.97
C THR B 262 -10.21 14.91 11.61
N PRO B 263 -9.08 14.30 11.26
CA PRO B 263 -7.85 15.09 10.99
C PRO B 263 -7.89 15.85 9.66
N ALA B 264 -8.56 17.00 9.68
CA ALA B 264 -8.60 17.86 8.52
C ALA B 264 -7.22 18.44 8.24
N ILE B 265 -6.95 18.71 6.97
CA ILE B 265 -5.65 19.18 6.54
C ILE B 265 -5.70 20.69 6.35
N TYR B 266 -4.53 21.32 6.37
CA TYR B 266 -4.43 22.76 6.18
C TYR B 266 -4.66 23.10 4.71
N PRO B 267 -5.61 23.97 4.38
CA PRO B 267 -5.94 24.20 2.96
C PRO B 267 -5.01 25.23 2.34
N THR B 268 -4.39 24.86 1.22
CA THR B 268 -3.57 25.78 0.44
C THR B 268 -4.17 26.12 -0.91
N GLU B 269 -5.17 25.38 -1.37
CA GLU B 269 -5.80 25.59 -2.66
C GLU B 269 -7.30 25.74 -2.49
N ASP B 270 -7.95 26.27 -3.52
CA ASP B 270 -9.39 26.31 -3.59
C ASP B 270 -9.92 24.98 -4.10
N THR B 271 -11.25 24.82 -4.04
CA THR B 271 -11.87 23.63 -4.60
C THR B 271 -11.65 23.53 -6.10
N GLU B 272 -11.52 24.66 -6.79
CA GLU B 272 -11.35 24.69 -8.23
C GLU B 272 -9.90 24.69 -8.67
N GLY B 273 -8.96 24.87 -7.75
CA GLY B 273 -7.54 24.93 -8.08
C GLY B 273 -6.90 26.29 -7.88
N ASN B 274 -7.67 27.31 -7.51
CA ASN B 274 -7.10 28.62 -7.27
C ASN B 274 -6.18 28.60 -6.05
N LYS B 275 -5.24 29.54 -6.03
CA LYS B 275 -4.36 29.68 -4.88
C LYS B 275 -5.07 30.45 -3.77
N LEU B 276 -4.57 30.29 -2.55
CA LEU B 276 -5.18 30.89 -1.37
C LEU B 276 -4.15 31.66 -0.58
N THR B 277 -4.62 32.70 0.10
CA THR B 277 -3.79 33.56 0.93
C THR B 277 -4.35 33.56 2.35
N THR B 278 -3.47 33.36 3.33
CA THR B 278 -3.90 33.23 4.72
C THR B 278 -4.16 34.61 5.32
N GLU B 279 -5.10 34.67 6.26
CA GLU B 279 -5.46 35.89 6.97
C GLU B 279 -5.13 35.68 8.45
N TYR B 280 -3.89 36.01 8.82
CA TYR B 280 -3.48 35.86 10.21
C TYR B 280 -4.32 36.73 11.13
N GLY B 281 -4.74 37.91 10.67
CA GLY B 281 -5.53 38.79 11.49
C GLY B 281 -6.95 38.34 11.72
N TYR B 282 -7.47 37.47 10.86
CA TYR B 282 -8.83 36.98 10.96
C TYR B 282 -8.91 35.53 11.44
N SER B 283 -7.77 34.83 11.51
CA SER B 283 -7.77 33.51 12.13
C SER B 283 -8.03 33.64 13.62
N THR B 284 -8.07 32.50 14.31
CA THR B 284 -8.35 32.47 15.74
C THR B 284 -7.32 31.57 16.42
N PHE B 285 -6.76 32.06 17.54
CA PHE B 285 -5.79 31.31 18.31
C PHE B 285 -6.17 31.35 19.79
N ILE B 286 -5.81 30.29 20.51
CA ILE B 286 -6.11 30.14 21.92
C ILE B 286 -4.84 29.72 22.64
N ASP B 287 -4.67 30.22 23.87
CA ASP B 287 -3.48 29.91 24.64
C ASP B 287 -3.52 28.47 25.16
N HIS B 288 -2.39 28.03 25.72
CA HIS B 288 -2.25 26.65 26.18
C HIS B 288 -0.99 26.54 27.01
N GLN B 289 -1.07 25.83 28.14
CA GLN B 289 0.08 25.67 29.02
C GLN B 289 0.01 24.30 29.68
N ARG B 290 1.18 23.82 30.11
CA ARG B 290 1.30 22.57 30.85
C ARG B 290 2.21 22.79 32.05
N ILE B 291 1.80 22.28 33.20
CA ILE B 291 2.56 22.42 34.44
C ILE B 291 2.70 21.06 35.10
N THR B 292 3.55 21.00 36.12
CA THR B 292 3.78 19.79 36.90
C THR B 292 3.62 20.11 38.37
N VAL B 293 2.94 19.23 39.10
CA VAL B 293 2.69 19.41 40.53
C VAL B 293 3.31 18.25 41.27
N GLN B 294 3.91 18.55 42.42
CA GLN B 294 4.63 17.57 43.22
C GLN B 294 4.14 17.63 44.66
N GLU B 295 4.41 16.56 45.40
CA GLU B 295 4.04 16.48 46.80
C GLU B 295 4.79 17.55 47.60
N MET B 296 4.11 18.12 48.59
CA MET B 296 4.73 19.15 49.40
C MET B 296 5.94 18.58 50.13
N PRO B 297 6.93 19.42 50.44
CA PRO B 297 8.10 18.90 51.15
C PRO B 297 7.85 18.71 52.64
N GLU B 298 6.88 19.41 53.20
CA GLU B 298 6.54 19.29 54.62
C GLU B 298 5.54 18.17 54.89
N MET B 299 5.13 17.44 53.87
CA MET B 299 4.21 16.31 54.06
C MET B 299 4.70 15.01 53.45
N ALA B 300 5.69 15.04 52.56
CA ALA B 300 6.20 13.80 52.00
C ALA B 300 7.11 13.09 53.01
N PRO B 301 7.18 11.77 52.95
CA PRO B 301 8.08 11.04 53.86
C PRO B 301 9.52 11.44 53.62
N ALA B 302 10.28 11.51 54.71
CA ALA B 302 11.69 11.88 54.63
C ALA B 302 12.52 10.72 54.09
N GLY B 303 13.48 11.05 53.24
CA GLY B 303 14.36 10.04 52.67
C GLY B 303 13.77 9.26 51.52
N GLN B 304 12.60 9.63 51.01
CA GLN B 304 11.95 8.94 49.92
C GLN B 304 11.77 9.89 48.74
N LEU B 305 11.92 9.36 47.53
CA LEU B 305 11.78 10.17 46.35
C LEU B 305 10.33 10.65 46.22
N PRO B 306 10.10 11.82 45.61
CA PRO B 306 8.74 12.36 45.55
C PRO B 306 7.96 11.87 44.34
N ARG B 307 6.66 12.16 44.30
CA ARG B 307 5.79 11.81 43.19
C ARG B 307 5.24 13.09 42.58
N SER B 308 4.86 13.01 41.30
CA SER B 308 4.43 14.20 40.58
C SER B 308 3.35 13.82 39.57
N ILE B 309 2.62 14.84 39.13
CA ILE B 309 1.52 14.66 38.18
C ILE B 309 1.45 15.89 37.28
N ASP B 310 1.14 15.67 36.01
CA ASP B 310 1.05 16.74 35.04
C ASP B 310 -0.33 17.36 35.05
N VAL B 311 -0.42 18.59 34.55
CA VAL B 311 -1.68 19.32 34.45
C VAL B 311 -1.66 20.15 33.18
N ILE B 312 -2.82 20.23 32.52
CA ILE B 312 -3.00 20.98 31.28
C ILE B 312 -3.97 22.11 31.56
N LEU B 313 -3.60 23.32 31.13
CA LEU B 313 -4.44 24.50 31.32
C LEU B 313 -4.63 25.19 29.98
N ASP B 314 -5.81 25.78 29.80
CA ASP B 314 -6.18 26.37 28.52
C ASP B 314 -6.89 27.70 28.74
N ASP B 315 -6.74 28.59 27.76
CA ASP B 315 -7.47 29.85 27.73
C ASP B 315 -7.12 30.75 28.91
N ASP B 316 -8.06 31.02 29.81
CA ASP B 316 -7.90 32.04 30.83
C ASP B 316 -7.30 31.51 32.12
N LEU B 317 -6.97 30.23 32.20
CA LEU B 317 -6.28 29.65 33.34
C LEU B 317 -4.81 29.38 33.02
N VAL B 318 -4.18 30.28 32.27
CA VAL B 318 -2.91 29.96 31.63
C VAL B 318 -1.69 30.51 32.37
N ASP B 319 -1.85 31.57 33.17
CA ASP B 319 -0.71 32.22 33.82
C ASP B 319 -1.05 32.58 35.26
N LYS B 320 -1.63 31.64 35.99
CA LYS B 320 -2.10 31.90 37.34
C LYS B 320 -1.11 31.50 38.44
N THR B 321 0.07 30.97 38.07
CA THR B 321 1.00 30.51 39.09
C THR B 321 2.42 30.54 38.54
N LYS B 322 3.38 30.39 39.44
CA LYS B 322 4.81 30.39 39.15
C LYS B 322 5.47 29.23 39.87
N PRO B 323 6.65 28.82 39.43
CA PRO B 323 7.32 27.68 40.08
C PRO B 323 7.62 27.98 41.55
N GLY B 324 7.63 26.92 42.35
CA GLY B 324 7.87 27.05 43.77
C GLY B 324 6.66 27.42 44.59
N ASP B 325 5.47 27.40 44.00
CA ASP B 325 4.26 27.83 44.68
C ASP B 325 3.48 26.63 45.23
N ARG B 326 2.70 26.89 46.27
CA ARG B 326 1.79 25.90 46.82
C ARG B 326 0.44 26.05 46.13
N VAL B 327 -0.04 24.97 45.53
CA VAL B 327 -1.23 25.03 44.68
C VAL B 327 -2.16 23.86 45.00
N ASN B 328 -3.46 24.17 44.98
CA ASN B 328 -4.52 23.16 45.02
C ASN B 328 -5.25 23.23 43.69
N VAL B 329 -5.29 22.10 42.97
CA VAL B 329 -5.87 22.03 41.65
C VAL B 329 -7.00 21.02 41.66
N VAL B 330 -8.18 21.45 41.19
CA VAL B 330 -9.34 20.59 41.05
C VAL B 330 -9.56 20.35 39.57
N GLY B 331 -9.59 19.07 39.19
CA GLY B 331 -9.69 18.73 37.79
C GLY B 331 -10.22 17.34 37.58
N VAL B 332 -10.09 16.87 36.35
CA VAL B 332 -10.58 15.54 35.95
C VAL B 332 -9.36 14.69 35.61
N PHE B 333 -9.16 13.62 36.37
CA PHE B 333 -8.07 12.69 36.11
C PHE B 333 -8.46 11.81 34.94
N LYS B 334 -7.67 11.85 33.87
CA LYS B 334 -8.06 11.24 32.60
C LYS B 334 -6.89 10.48 32.01
N SER B 335 -7.21 9.56 31.10
CA SER B 335 -6.23 8.79 30.35
C SER B 335 -6.44 9.02 28.86
N LEU B 336 -5.35 8.98 28.11
CA LEU B 336 -5.38 9.33 26.69
C LEU B 336 -4.63 8.29 25.88
N GLY B 337 -4.98 8.20 24.60
CA GLY B 337 -4.25 7.33 23.69
C GLY B 337 -4.49 5.86 23.98
N ALA B 338 -3.65 5.02 23.37
CA ALA B 338 -3.67 3.58 23.58
C ALA B 338 -2.32 3.15 24.11
N GLY B 339 -2.34 2.40 25.21
CA GLY B 339 -1.12 2.01 25.87
C GLY B 339 -0.36 0.93 25.12
N GLY B 340 0.00 1.23 23.87
CA GLY B 340 0.68 0.27 23.04
C GLY B 340 -0.19 -0.88 22.57
N MET B 341 -1.50 -0.80 22.78
CA MET B 341 -2.37 -1.88 22.34
C MET B 341 -2.47 -1.94 20.82
N ASN B 342 -2.67 -0.80 20.17
CA ASN B 342 -2.80 -0.78 18.73
C ASN B 342 -1.48 -1.20 18.08
N GLN B 343 -1.59 -1.79 16.89
CA GLN B 343 -0.43 -2.34 16.20
C GLN B 343 0.25 -3.39 17.08
N SER B 344 1.35 -3.96 16.59
CA SER B 344 2.10 -4.93 17.39
C SER B 344 2.60 -4.28 18.67
N ASN B 345 3.48 -3.29 18.54
CA ASN B 345 4.02 -2.56 19.68
C ASN B 345 4.47 -3.54 20.78
N SER B 346 5.49 -4.32 20.42
CA SER B 346 5.92 -5.42 21.27
C SER B 346 6.24 -4.97 22.69
N ASN B 347 6.70 -3.73 22.85
CA ASN B 347 7.00 -3.23 24.19
C ASN B 347 5.77 -3.28 25.07
N THR B 348 5.94 -3.84 26.27
CA THR B 348 4.87 -3.93 27.25
C THR B 348 5.14 -3.11 28.50
N LEU B 349 6.30 -2.47 28.61
CA LEU B 349 6.64 -1.74 29.82
C LEU B 349 5.75 -0.52 30.01
N ILE B 350 5.51 0.24 28.94
CA ILE B 350 4.77 1.47 29.06
C ILE B 350 3.28 1.18 29.24
N GLY B 351 2.61 2.04 29.99
CA GLY B 351 1.18 1.95 30.20
C GLY B 351 0.43 3.05 29.48
N PHE B 352 -0.68 3.50 30.06
CA PHE B 352 -1.48 4.56 29.47
C PHE B 352 -1.02 5.92 29.99
N LYS B 353 -0.90 6.88 29.09
CA LYS B 353 -0.60 8.25 29.49
C LYS B 353 -1.77 8.84 30.24
N THR B 354 -1.48 9.55 31.33
CA THR B 354 -2.51 10.12 32.18
C THR B 354 -2.12 11.55 32.54
N LEU B 355 -3.13 12.35 32.85
CA LEU B 355 -2.94 13.74 33.24
C LEU B 355 -4.29 14.28 33.67
N ILE B 356 -4.30 15.53 34.13
CA ILE B 356 -5.50 16.16 34.68
C ILE B 356 -5.86 17.34 33.79
N LEU B 357 -7.08 17.31 33.25
CA LEU B 357 -7.62 18.45 32.51
C LEU B 357 -8.13 19.44 33.55
N GLY B 358 -7.20 20.16 34.16
CA GLY B 358 -7.56 21.02 35.27
C GLY B 358 -8.61 22.04 34.90
N ASN B 359 -9.51 22.31 35.85
CA ASN B 359 -10.52 23.33 35.67
C ASN B 359 -10.64 24.29 36.84
N THR B 360 -9.85 24.12 37.91
CA THR B 360 -9.77 25.13 38.95
C THR B 360 -8.39 25.09 39.60
N VAL B 361 -7.80 26.26 39.79
CA VAL B 361 -6.47 26.40 40.36
C VAL B 361 -6.54 27.43 41.47
N TYR B 362 -5.99 27.09 42.65
CA TYR B 362 -5.99 27.98 43.80
C TYR B 362 -4.59 28.05 44.38
N PRO B 363 -3.98 29.23 44.49
CA PRO B 363 -2.72 29.33 45.25
C PRO B 363 -3.00 29.40 46.75
N LEU B 364 -2.15 28.71 47.51
CA LEU B 364 -2.29 28.62 48.96
C LEU B 364 -1.11 29.28 49.64
N HIS B 365 -1.38 29.94 50.77
CA HIS B 365 -0.33 30.58 51.55
C HIS B 365 0.26 29.59 52.55
N ALA B 366 1.56 29.73 52.80
CA ALA B 366 2.24 28.92 53.80
C ALA B 366 3.43 29.69 54.33
N ARG B 367 3.94 29.25 55.47
CA ARG B 367 5.09 29.91 56.08
C ARG B 367 6.32 29.78 55.17
N SER B 368 7.10 30.85 55.09
CA SER B 368 8.32 30.87 54.28
C SER B 368 8.02 30.45 52.84
N THR B 369 6.98 31.02 52.26
CA THR B 369 6.59 30.74 50.89
C THR B 369 6.31 32.05 50.17
N GLY B 370 6.42 32.03 48.85
CA GLY B 370 6.36 33.23 48.04
C GLY B 370 4.99 33.81 47.82
N VAL B 371 3.93 33.19 48.35
CA VAL B 371 2.58 33.67 48.15
C VAL B 371 2.18 34.55 49.33
N ALA B 372 1.63 35.72 49.03
CA ALA B 372 1.16 36.64 50.04
C ALA B 372 -0.23 36.24 50.51
N ALA B 373 -0.45 36.32 51.82
CA ALA B 373 -1.74 36.03 52.40
C ALA B 373 -2.64 37.26 52.30
N ARG B 374 -3.89 37.04 51.91
CA ARG B 374 -4.86 38.12 51.83
C ARG B 374 -6.19 37.63 52.42
N GLN B 375 -6.95 38.57 52.99
CA GLN B 375 -8.24 38.28 53.58
C GLN B 375 -9.31 39.16 52.94
N MET B 376 -10.55 38.69 53.03
CA MET B 376 -11.69 39.44 52.51
C MET B 376 -12.30 40.25 53.64
N LEU B 377 -12.41 41.56 53.43
CA LEU B 377 -12.85 42.49 54.45
C LEU B 377 -14.36 42.71 54.31
N THR B 378 -15.09 42.47 55.40
CA THR B 378 -16.53 42.72 55.41
C THR B 378 -16.81 44.10 55.99
N ASP B 379 -18.04 44.57 55.77
CA ASP B 379 -18.44 45.87 56.32
C ASP B 379 -18.34 45.87 57.83
N PHE B 380 -18.61 44.74 58.48
CA PHE B 380 -18.42 44.65 59.93
C PHE B 380 -16.95 44.88 60.30
N ASP B 381 -16.05 44.25 59.55
CA ASP B 381 -14.62 44.46 59.80
C ASP B 381 -14.24 45.92 59.63
N ILE B 382 -14.72 46.54 58.56
CA ILE B 382 -14.37 47.93 58.29
C ILE B 382 -14.91 48.85 59.38
N ARG B 383 -16.15 48.62 59.81
CA ARG B 383 -16.72 49.43 60.88
C ARG B 383 -15.92 49.28 62.16
N ASN B 384 -15.55 48.05 62.51
CA ASN B 384 -14.77 47.85 63.74
C ASN B 384 -13.42 48.54 63.66
N ILE B 385 -12.73 48.40 62.52
CA ILE B 385 -11.42 49.02 62.38
C ILE B 385 -11.54 50.54 62.46
N ASN B 386 -12.52 51.11 61.76
CA ASN B 386 -12.68 52.56 61.77
C ASN B 386 -13.07 53.08 63.15
N LYS B 387 -13.90 52.34 63.90
CA LYS B 387 -14.19 52.73 65.27
C LYS B 387 -12.93 52.70 66.12
N LEU B 388 -12.18 51.59 66.06
CA LEU B 388 -10.95 51.47 66.85
C LEU B 388 -9.97 52.58 66.51
N SER B 389 -9.98 53.07 65.27
CA SER B 389 -9.05 54.13 64.87
C SER B 389 -9.15 55.36 65.75
N LYS B 390 -10.32 55.65 66.31
CA LYS B 390 -10.56 56.93 66.97
C LYS B 390 -10.09 56.97 68.41
N LYS B 391 -9.68 55.85 69.00
CA LYS B 391 -9.21 55.83 70.37
C LYS B 391 -7.76 56.28 70.45
N LYS B 392 -7.42 56.98 71.52
CA LYS B 392 -6.11 57.62 71.63
C LYS B 392 -4.99 56.62 71.89
N ASP B 393 -5.22 55.61 72.73
CA ASP B 393 -4.20 54.63 73.06
C ASP B 393 -4.16 53.47 72.06
N ILE B 394 -4.60 53.72 70.84
CA ILE B 394 -4.63 52.66 69.83
C ILE B 394 -3.24 52.08 69.61
N PHE B 395 -2.23 52.95 69.54
CA PHE B 395 -0.87 52.45 69.34
C PHE B 395 -0.45 51.57 70.51
N ASP B 396 -0.78 51.99 71.74
CA ASP B 396 -0.39 51.21 72.91
C ASP B 396 -1.06 49.84 72.90
N ILE B 397 -2.37 49.80 72.66
CA ILE B 397 -3.08 48.52 72.69
C ILE B 397 -2.57 47.60 71.58
N LEU B 398 -2.39 48.16 70.38
CA LEU B 398 -1.86 47.35 69.29
C LEU B 398 -0.48 46.80 69.62
N SER B 399 0.41 47.64 70.16
CA SER B 399 1.75 47.18 70.49
C SER B 399 1.71 46.08 71.53
N GLN B 400 0.90 46.25 72.57
CA GLN B 400 0.80 45.22 73.59
C GLN B 400 0.17 43.94 73.06
N SER B 401 -0.64 44.03 72.00
CA SER B 401 -1.30 42.83 71.49
C SER B 401 -0.30 41.81 70.95
N LEU B 402 0.85 42.25 70.43
CA LEU B 402 1.80 41.32 69.85
C LEU B 402 2.42 40.45 70.94
N ALA B 403 2.60 39.16 70.62
CA ALA B 403 3.31 38.19 71.44
C ALA B 403 3.07 38.44 72.93
N PRO B 404 1.83 38.35 73.39
CA PRO B 404 1.57 38.58 74.83
C PRO B 404 2.21 37.55 75.73
N SER B 405 2.66 36.41 75.20
CA SER B 405 3.31 35.40 76.00
C SER B 405 4.67 35.84 76.52
N ILE B 406 5.32 36.81 75.88
CA ILE B 406 6.62 37.30 76.29
C ILE B 406 6.43 38.48 77.22
N TYR B 407 7.41 38.72 78.08
CA TYR B 407 7.33 39.73 79.12
C TYR B 407 8.13 40.96 78.71
N GLY B 408 7.51 42.13 78.84
CA GLY B 408 8.19 43.38 78.56
C GLY B 408 8.51 43.58 77.08
N HIS B 409 9.67 44.17 76.80
CA HIS B 409 10.10 44.44 75.43
C HIS B 409 9.08 45.31 74.70
N ASP B 410 8.47 46.25 75.44
CA ASP B 410 7.41 47.07 74.87
C ASP B 410 7.93 47.88 73.69
N HIS B 411 9.11 48.49 73.83
CA HIS B 411 9.66 49.30 72.74
C HIS B 411 9.95 48.44 71.52
N ILE B 412 10.45 47.22 71.73
CA ILE B 412 10.73 46.34 70.61
C ILE B 412 9.43 45.95 69.91
N LYS B 413 8.37 45.70 70.69
CA LYS B 413 7.07 45.42 70.08
C LYS B 413 6.59 46.60 69.24
N LYS B 414 6.75 47.81 69.77
CA LYS B 414 6.39 49.01 69.01
C LYS B 414 7.17 49.07 67.71
N ALA B 415 8.48 48.79 67.77
CA ALA B 415 9.30 48.83 66.57
C ALA B 415 8.85 47.79 65.55
N ILE B 416 8.51 46.59 66.01
CA ILE B 416 8.04 45.56 65.09
C ILE B 416 6.73 45.98 64.43
N LEU B 417 5.83 46.58 65.20
CA LEU B 417 4.59 47.06 64.61
C LEU B 417 4.85 48.14 63.57
N LEU B 418 5.78 49.06 63.87
CA LEU B 418 6.12 50.09 62.91
C LEU B 418 6.70 49.49 61.64
N MET B 419 7.56 48.47 61.78
CA MET B 419 8.10 47.79 60.61
C MET B 419 6.99 47.14 59.80
N LEU B 420 6.04 46.48 60.47
CA LEU B 420 4.95 45.83 59.75
C LEU B 420 4.14 46.83 58.96
N MET B 421 3.82 47.97 59.56
CA MET B 421 3.01 48.97 58.86
C MET B 421 3.79 49.59 57.70
N GLY B 422 5.02 50.02 57.96
CA GLY B 422 5.87 50.55 56.92
C GLY B 422 5.60 52.01 56.62
N GLY B 423 6.50 52.60 55.86
CA GLY B 423 6.42 53.99 55.43
C GLY B 423 5.93 54.14 54.01
N VAL B 424 6.54 55.08 53.29
CA VAL B 424 6.20 55.35 51.90
C VAL B 424 7.49 55.59 51.12
N GLU B 425 7.55 55.07 49.90
CA GLU B 425 8.69 55.24 49.03
C GLU B 425 8.37 56.25 47.93
N LYS B 426 9.38 57.01 47.53
CA LYS B 426 9.22 58.12 46.61
C LYS B 426 10.01 57.87 45.34
N ASN B 427 9.42 58.19 44.19
CA ASN B 427 10.10 58.17 42.90
C ASN B 427 9.94 59.53 42.25
N LEU B 428 11.04 60.09 41.76
CA LEU B 428 11.03 61.40 41.12
C LEU B 428 10.97 61.26 39.61
N GLU B 429 10.50 62.32 38.95
CA GLU B 429 10.44 62.31 37.50
C GLU B 429 11.81 62.02 36.89
N ASN B 430 12.88 62.48 37.54
CA ASN B 430 14.22 62.17 37.08
C ASN B 430 14.44 60.68 36.94
N GLY B 431 13.83 59.89 37.81
CA GLY B 431 14.07 58.46 37.88
C GLY B 431 14.79 58.00 39.13
N SER B 432 14.98 58.88 40.10
CA SER B 432 15.63 58.50 41.35
C SER B 432 14.62 57.82 42.27
N HIS B 433 15.15 56.96 43.15
CA HIS B 433 14.35 56.17 44.07
C HIS B 433 14.79 56.44 45.49
N LEU B 434 13.81 56.62 46.37
CA LEU B 434 14.06 56.88 47.79
C LEU B 434 13.40 55.78 48.61
N ARG B 435 14.19 55.16 49.49
CA ARG B 435 13.72 54.00 50.25
C ARG B 435 12.59 54.39 51.20
N GLY B 436 11.77 53.40 51.55
CA GLY B 436 10.66 53.61 52.44
C GLY B 436 10.46 52.48 53.44
N ASP B 437 11.41 51.56 53.49
CA ASP B 437 11.33 50.42 54.40
C ASP B 437 12.11 50.72 55.68
N ILE B 438 11.99 49.79 56.64
CA ILE B 438 12.65 49.91 57.94
C ILE B 438 13.37 48.60 58.22
N ASN B 439 14.43 48.67 59.02
CA ASN B 439 15.23 47.51 59.37
C ASN B 439 15.53 47.51 60.87
N ILE B 440 15.56 46.31 61.45
CA ILE B 440 15.72 46.17 62.90
C ILE B 440 16.81 45.15 63.18
N LEU B 441 17.68 45.49 64.15
CA LEU B 441 18.71 44.59 64.63
C LEU B 441 18.61 44.53 66.15
N MET B 442 18.66 43.31 66.69
CA MET B 442 18.63 43.09 68.13
C MET B 442 19.91 42.38 68.53
N VAL B 443 20.59 42.91 69.55
CA VAL B 443 21.73 42.26 70.18
C VAL B 443 21.39 42.11 71.66
N GLY B 444 21.59 40.90 72.19
CA GLY B 444 21.15 40.68 73.55
C GLY B 444 21.77 39.47 74.20
N ASP B 445 21.43 39.30 75.46
CA ASP B 445 21.86 38.15 76.23
C ASP B 445 21.20 36.88 75.69
N PRO B 446 21.82 35.72 75.90
CA PRO B 446 21.43 34.52 75.15
C PRO B 446 20.14 33.85 75.61
N SER B 447 19.33 34.48 76.46
CA SER B 447 18.07 33.89 76.90
C SER B 447 16.97 34.95 76.94
N THR B 448 16.88 35.77 75.90
CA THR B 448 15.99 36.92 75.90
C THR B 448 14.88 36.83 74.85
N ALA B 449 14.52 35.62 74.42
CA ALA B 449 13.37 35.40 73.55
C ALA B 449 13.53 36.06 72.18
N LYS B 450 14.78 36.33 71.78
CA LYS B 450 15.03 36.86 70.45
C LYS B 450 14.41 35.97 69.38
N SER B 451 14.72 34.68 69.43
CA SER B 451 14.17 33.74 68.47
C SER B 451 12.65 33.65 68.57
N GLN B 452 12.11 33.79 69.78
CA GLN B 452 10.66 33.73 69.93
C GLN B 452 9.98 34.89 69.20
N LEU B 453 10.48 36.11 69.41
CA LEU B 453 9.93 37.24 68.67
C LEU B 453 10.11 37.07 67.18
N LEU B 454 11.28 36.57 66.76
CA LEU B 454 11.56 36.43 65.34
C LEU B 454 10.58 35.46 64.69
N ARG B 455 10.34 34.32 65.35
CA ARG B 455 9.39 33.35 64.84
C ARG B 455 7.96 33.89 64.89
N PHE B 456 7.62 34.69 65.89
CA PHE B 456 6.31 35.32 65.91
C PHE B 456 6.11 36.20 64.68
N VAL B 457 7.13 37.00 64.34
CA VAL B 457 7.03 37.83 63.15
C VAL B 457 6.88 36.96 61.92
N LEU B 458 7.67 35.88 61.83
CA LEU B 458 7.51 34.96 60.70
C LEU B 458 6.09 34.45 60.60
N ASN B 459 5.48 34.08 61.72
CA ASN B 459 4.13 33.50 61.72
C ASN B 459 3.05 34.52 61.42
N THR B 460 3.22 35.78 61.80
CA THR B 460 2.18 36.78 61.64
C THR B 460 2.26 37.58 60.35
N ALA B 461 3.46 37.86 59.84
CA ALA B 461 3.59 38.69 58.65
C ALA B 461 2.93 38.02 57.46
N SER B 462 2.35 38.84 56.58
CA SER B 462 1.67 38.29 55.40
C SER B 462 2.65 37.59 54.47
N LEU B 463 3.84 38.15 54.29
CA LEU B 463 4.84 37.53 53.42
C LEU B 463 6.20 37.69 54.09
N ALA B 464 6.68 36.60 54.72
CA ALA B 464 7.95 36.61 55.40
C ALA B 464 8.72 35.35 55.05
N ILE B 465 10.04 35.48 54.99
CA ILE B 465 10.93 34.36 54.71
C ILE B 465 11.99 34.31 55.80
N ALA B 466 12.24 33.11 56.31
CA ALA B 466 13.13 32.90 57.45
C ALA B 466 14.44 32.30 56.97
N THR B 467 15.54 32.72 57.61
CA THR B 467 16.87 32.26 57.27
C THR B 467 17.76 32.30 58.51
N THR B 468 18.78 31.45 58.50
CA THR B 468 19.76 31.40 59.58
C THR B 468 21.10 31.89 59.07
N GLY B 469 22.03 32.10 60.00
CA GLY B 469 23.33 32.63 59.66
C GLY B 469 24.01 31.91 58.51
N ARG B 470 24.40 30.66 58.73
CA ARG B 470 25.09 29.88 57.73
C ARG B 470 24.17 28.96 56.93
N GLY B 471 22.87 28.95 57.23
CA GLY B 471 21.98 28.05 56.54
C GLY B 471 21.94 28.30 55.04
N SER B 472 21.84 29.56 54.64
CA SER B 472 21.85 29.96 53.23
C SER B 472 23.05 30.84 52.99
N SER B 473 23.80 30.54 51.93
CA SER B 473 25.03 31.27 51.64
C SER B 473 25.16 31.41 50.13
N GLY B 474 25.86 32.46 49.72
CA GLY B 474 26.14 32.65 48.31
C GLY B 474 24.86 32.91 47.51
N VAL B 475 24.68 32.13 46.45
CA VAL B 475 23.58 32.34 45.51
C VAL B 475 22.22 32.27 46.18
N GLY B 476 22.08 31.49 47.25
CA GLY B 476 20.77 31.28 47.85
C GLY B 476 20.08 32.54 48.30
N LEU B 477 20.84 33.61 48.54
CA LEU B 477 20.27 34.87 49.01
C LEU B 477 19.99 35.84 47.87
N THR B 478 20.91 35.93 46.90
CA THR B 478 20.81 36.92 45.83
C THR B 478 20.16 36.39 44.56
N ALA B 479 19.76 35.12 44.54
CA ALA B 479 19.11 34.53 43.38
C ALA B 479 20.03 34.44 42.16
N ALA B 480 21.34 34.55 42.38
CA ALA B 480 22.31 34.61 41.28
C ALA B 480 22.52 33.27 40.59
N VAL B 481 21.73 32.26 40.92
CA VAL B 481 21.81 30.97 40.25
C VAL B 481 21.28 31.10 38.83
N THR B 482 21.82 30.30 37.92
CA THR B 482 21.41 30.28 36.53
C THR B 482 21.08 28.86 36.12
N THR B 483 19.92 28.69 35.48
CA THR B 483 19.50 27.38 34.99
C THR B 483 18.97 27.49 33.58
N ASP B 484 18.62 26.36 32.96
CA ASP B 484 18.14 26.36 31.59
C ASP B 484 17.21 25.17 31.38
N ARG B 485 16.28 25.33 30.45
CA ARG B 485 15.39 24.26 30.03
C ARG B 485 15.97 23.59 28.78
N GLU B 486 15.18 22.73 28.16
CA GLU B 486 15.58 22.09 26.91
C GLU B 486 15.32 22.97 25.70
N THR B 487 14.73 24.15 25.88
CA THR B 487 14.67 25.13 24.80
C THR B 487 16.03 25.75 24.51
N GLY B 488 17.00 25.57 25.40
CA GLY B 488 18.36 26.03 25.19
C GLY B 488 18.70 27.33 25.88
N GLU B 489 17.70 28.12 26.26
CA GLU B 489 17.95 29.41 26.90
C GLU B 489 18.28 29.22 28.38
N ARG B 490 19.13 30.12 28.88
CA ARG B 490 19.43 30.20 30.30
C ARG B 490 18.71 31.40 30.91
N ARG B 491 18.21 31.22 32.12
CA ARG B 491 17.59 32.32 32.84
C ARG B 491 17.80 32.08 34.34
N LEU B 492 17.19 32.94 35.15
CA LEU B 492 17.41 32.97 36.59
C LEU B 492 16.19 32.41 37.31
N GLU B 493 16.45 31.85 38.49
CA GLU B 493 15.39 31.39 39.38
C GLU B 493 15.59 32.03 40.74
N ALA B 494 14.51 32.61 41.26
CA ALA B 494 14.59 33.56 42.35
C ALA B 494 15.11 32.92 43.63
N GLY B 495 15.69 33.75 44.49
CA GLY B 495 16.22 33.33 45.76
C GLY B 495 15.45 33.91 46.94
N ALA B 496 16.08 33.87 48.11
CA ALA B 496 15.39 34.29 49.33
C ALA B 496 14.89 35.72 49.22
N MET B 497 15.82 36.68 49.10
CA MET B 497 15.42 38.08 49.10
C MET B 497 14.58 38.44 47.89
N VAL B 498 14.84 37.83 46.74
CA VAL B 498 14.02 38.09 45.56
C VAL B 498 12.57 37.67 45.80
N LEU B 499 12.36 36.47 46.36
CA LEU B 499 11.03 36.06 46.75
C LEU B 499 10.44 37.01 47.79
N ALA B 500 11.28 37.56 48.66
CA ALA B 500 10.83 38.41 49.75
C ALA B 500 10.39 39.79 49.28
N ASP B 501 10.28 40.01 47.98
CA ASP B 501 9.93 41.33 47.46
C ASP B 501 8.64 41.82 48.09
N ARG B 502 8.65 43.07 48.56
CA ARG B 502 7.53 43.71 49.23
C ARG B 502 7.15 43.01 50.53
N GLY B 503 8.09 42.29 51.15
CA GLY B 503 7.81 41.52 52.34
C GLY B 503 8.90 41.69 53.38
N VAL B 504 9.06 40.63 54.19
CA VAL B 504 9.94 40.66 55.35
C VAL B 504 10.91 39.48 55.27
N VAL B 505 12.14 39.75 55.70
CA VAL B 505 13.17 38.73 55.81
C VAL B 505 13.64 38.67 57.25
N CYS B 506 13.51 37.50 57.86
CA CYS B 506 13.98 37.22 59.21
C CYS B 506 15.32 36.51 59.12
N ILE B 507 16.34 37.06 59.76
CA ILE B 507 17.67 36.47 59.79
C ILE B 507 18.04 36.17 61.23
N ASP B 508 18.34 34.91 61.51
CA ASP B 508 18.68 34.47 62.85
C ASP B 508 20.15 34.05 62.87
N GLU B 509 20.84 34.36 63.97
CA GLU B 509 22.28 34.16 64.06
C GLU B 509 22.99 35.01 63.01
N PHE B 510 22.67 36.30 63.00
CA PHE B 510 23.15 37.19 61.93
C PHE B 510 24.66 37.29 61.90
N ASP B 511 25.30 37.34 63.08
CA ASP B 511 26.73 37.63 63.14
C ASP B 511 27.60 36.49 62.60
N LYS B 512 27.00 35.37 62.20
CA LYS B 512 27.77 34.26 61.64
C LYS B 512 27.96 34.37 60.13
N MET B 513 27.41 35.39 59.49
CA MET B 513 27.54 35.53 58.05
C MET B 513 28.98 35.91 57.70
N THR B 514 29.24 36.09 56.41
CA THR B 514 30.58 36.35 55.90
C THR B 514 30.59 37.62 55.05
N ASP B 515 31.79 38.07 54.74
CA ASP B 515 31.94 39.30 53.97
C ASP B 515 31.32 39.16 52.59
N VAL B 516 31.49 38.00 51.96
CA VAL B 516 31.08 37.82 50.57
C VAL B 516 29.59 38.09 50.40
N ASP B 517 28.78 37.74 51.40
CA ASP B 517 27.34 37.98 51.29
C ASP B 517 26.87 39.21 52.05
N ARG B 518 27.64 39.70 53.04
CA ARG B 518 27.30 40.99 53.63
C ARG B 518 27.45 42.12 52.60
N VAL B 519 28.48 42.05 51.76
CA VAL B 519 28.59 43.03 50.68
C VAL B 519 27.36 42.95 49.77
N ALA B 520 26.87 41.74 49.53
CA ALA B 520 25.68 41.57 48.69
C ALA B 520 24.46 42.20 49.35
N ILE B 521 24.27 41.93 50.65
CA ILE B 521 23.09 42.43 51.35
C ILE B 521 23.13 43.94 51.51
N HIS B 522 24.31 44.56 51.45
CA HIS B 522 24.38 46.02 51.48
C HIS B 522 23.48 46.62 50.40
N GLU B 523 23.64 46.14 49.16
CA GLU B 523 22.85 46.65 48.05
C GLU B 523 21.36 46.43 48.29
N VAL B 524 21.00 45.27 48.83
CA VAL B 524 19.59 44.99 49.07
C VAL B 524 19.01 45.95 50.10
N MET B 525 19.73 46.20 51.18
CA MET B 525 19.20 47.12 52.18
C MET B 525 19.09 48.55 51.66
N GLU B 526 20.03 49.01 50.84
CA GLU B 526 20.05 50.43 50.49
C GLU B 526 19.42 50.71 49.13
N GLN B 527 19.91 50.10 48.07
CA GLN B 527 19.33 50.30 46.75
C GLN B 527 18.07 49.48 46.54
N GLN B 528 17.81 48.48 47.39
CA GLN B 528 16.64 47.62 47.25
C GLN B 528 16.60 46.99 45.86
N THR B 529 17.76 46.54 45.39
CA THR B 529 17.88 45.97 44.06
C THR B 529 19.03 44.97 44.04
N VAL B 530 18.99 44.07 43.08
CA VAL B 530 20.01 43.03 42.91
C VAL B 530 20.48 43.07 41.46
N THR B 531 21.80 43.06 41.27
CA THR B 531 22.40 43.09 39.95
C THR B 531 23.18 41.80 39.73
N ILE B 532 22.96 41.16 38.59
CA ILE B 532 23.63 39.91 38.23
C ILE B 532 24.30 40.11 36.87
N ALA B 533 25.54 39.65 36.76
CA ALA B 533 26.29 39.72 35.50
C ALA B 533 27.09 38.43 35.38
N LYS B 534 26.50 37.44 34.71
CA LYS B 534 27.15 36.15 34.45
C LYS B 534 27.25 35.95 32.95
N ALA B 535 27.67 34.75 32.55
CA ALA B 535 27.86 34.45 31.13
C ALA B 535 26.51 34.50 30.43
N GLY B 536 26.30 35.54 29.63
CA GLY B 536 25.08 35.69 28.88
C GLY B 536 23.91 36.26 29.64
N ILE B 537 24.11 36.66 30.90
CA ILE B 537 23.04 37.24 31.71
C ILE B 537 23.51 38.57 32.26
N HIS B 538 22.71 39.62 32.04
CA HIS B 538 22.98 40.94 32.61
C HIS B 538 21.62 41.57 32.86
N THR B 539 21.13 41.48 34.10
CA THR B 539 19.79 41.95 34.42
C THR B 539 19.82 42.58 35.81
N THR B 540 18.65 43.06 36.24
CA THR B 540 18.50 43.78 37.49
C THR B 540 17.13 43.47 38.07
N LEU B 541 17.09 42.91 39.27
CA LEU B 541 15.87 42.41 39.88
C LEU B 541 15.50 43.27 41.08
N ASN B 542 14.21 43.61 41.18
CA ASN B 542 13.70 44.37 42.31
C ASN B 542 13.64 43.50 43.55
N ALA B 543 14.12 44.02 44.67
CA ALA B 543 14.18 43.29 45.93
C ALA B 543 13.76 44.17 47.10
N ARG B 544 12.66 44.89 46.94
CA ARG B 544 12.19 45.80 47.98
C ARG B 544 11.64 45.03 49.16
N CYS B 545 12.48 44.78 50.17
CA CYS B 545 12.08 44.01 51.35
C CYS B 545 12.64 44.67 52.60
N SER B 546 12.00 44.39 53.73
CA SER B 546 12.49 44.81 55.04
C SER B 546 13.19 43.66 55.73
N VAL B 547 14.03 43.98 56.71
CA VAL B 547 14.91 43.00 57.34
C VAL B 547 14.85 43.14 58.86
N ILE B 548 14.72 42.01 59.54
CA ILE B 548 14.85 41.94 61.00
C ILE B 548 15.87 40.86 61.32
N ALA B 549 16.82 41.19 62.19
CA ALA B 549 17.94 40.29 62.48
C ALA B 549 18.29 40.34 63.96
N ALA B 550 18.91 39.25 64.43
CA ALA B 550 19.37 39.12 65.80
C ALA B 550 20.77 38.56 65.82
N ALA B 551 21.58 39.00 66.78
CA ALA B 551 22.97 38.58 66.89
C ALA B 551 23.38 38.55 68.35
N ASN B 552 24.47 37.83 68.63
CA ASN B 552 24.96 37.66 69.99
C ASN B 552 26.21 38.51 70.23
N PRO B 553 26.44 38.98 71.45
CA PRO B 553 27.65 39.73 71.75
C PRO B 553 28.88 38.83 71.64
N VAL B 554 30.04 39.49 71.49
CA VAL B 554 31.28 38.76 71.28
C VAL B 554 31.63 37.90 72.48
N PHE B 555 31.47 38.45 73.69
CA PHE B 555 31.89 37.78 74.92
C PHE B 555 30.76 36.99 75.58
N GLY B 556 29.83 36.46 74.80
CA GLY B 556 28.74 35.70 75.34
C GLY B 556 27.67 36.58 75.96
N GLN B 557 28.05 37.34 76.97
CA GLN B 557 27.14 38.28 77.63
C GLN B 557 27.60 39.71 77.37
N TYR B 558 26.63 40.60 77.18
CA TYR B 558 26.93 42.01 77.03
C TYR B 558 27.65 42.52 78.27
N ASP B 559 28.74 43.26 78.05
CA ASP B 559 29.56 43.80 79.13
C ASP B 559 29.44 45.32 79.15
N VAL B 560 29.13 45.87 80.33
CA VAL B 560 29.00 47.32 80.48
C VAL B 560 30.34 48.00 80.70
N ASN B 561 31.40 47.25 81.00
CA ASN B 561 32.71 47.83 81.24
C ASN B 561 33.45 48.18 79.96
N ARG B 562 32.93 47.80 78.81
CA ARG B 562 33.55 48.08 77.52
C ARG B 562 32.59 48.88 76.65
N ASP B 563 33.16 49.63 75.72
CA ASP B 563 32.36 50.45 74.82
C ASP B 563 31.60 49.57 73.85
N PRO B 564 30.52 50.07 73.24
CA PRO B 564 29.67 49.23 72.39
C PRO B 564 30.41 48.59 71.23
N HIS B 565 31.46 49.23 70.72
CA HIS B 565 32.17 48.67 69.57
C HIS B 565 32.77 47.31 69.90
N GLN B 566 33.45 47.21 71.05
CA GLN B 566 34.10 45.96 71.42
C GLN B 566 33.08 44.84 71.69
N ASN B 567 31.86 45.19 72.10
CA ASN B 567 30.83 44.20 72.34
C ASN B 567 30.07 43.79 71.08
N ILE B 568 29.95 44.68 70.11
CA ILE B 568 29.20 44.38 68.89
C ILE B 568 30.11 43.81 67.81
N ALA B 569 31.13 44.56 67.40
CA ALA B 569 32.12 44.09 66.43
C ALA B 569 31.47 43.75 65.09
N LEU B 570 30.87 44.77 64.47
CA LEU B 570 30.38 44.68 63.11
C LEU B 570 30.74 45.97 62.38
N PRO B 571 30.95 45.91 61.06
CA PRO B 571 31.41 47.10 60.34
C PRO B 571 30.45 48.28 60.48
N ASP B 572 31.03 49.46 60.68
CA ASP B 572 30.22 50.66 60.88
C ASP B 572 29.34 50.93 59.66
N SER B 573 29.86 50.68 58.46
CA SER B 573 29.04 50.82 57.27
C SER B 573 27.80 49.94 57.35
N LEU B 574 27.96 48.69 57.78
CA LEU B 574 26.81 47.81 57.91
C LEU B 574 25.84 48.32 58.97
N LEU B 575 26.36 48.73 60.13
CA LEU B 575 25.47 49.24 61.17
C LEU B 575 24.68 50.45 60.68
N SER B 576 25.29 51.30 59.84
CA SER B 576 24.60 52.51 59.41
C SER B 576 23.34 52.18 58.62
N ARG B 577 23.29 51.01 57.99
CA ARG B 577 22.14 50.64 57.16
C ARG B 577 20.93 50.20 57.95
N PHE B 578 21.12 49.69 59.16
CA PHE B 578 20.00 49.26 60.00
C PHE B 578 19.35 50.48 60.62
N ASP B 579 18.05 50.65 60.39
CA ASP B 579 17.35 51.82 60.91
C ASP B 579 17.36 51.82 62.43
N LEU B 580 17.10 50.68 63.06
CA LEU B 580 17.03 50.60 64.51
C LEU B 580 17.91 49.47 65.02
N LEU B 581 18.62 49.75 66.13
CA LEU B 581 19.43 48.76 66.82
C LEU B 581 19.05 48.78 68.30
N PHE B 582 18.89 47.59 68.88
CA PHE B 582 18.52 47.45 70.27
C PHE B 582 19.52 46.57 71.00
N VAL B 583 19.76 46.89 72.27
CA VAL B 583 20.63 46.11 73.15
C VAL B 583 19.81 45.70 74.36
N VAL B 584 19.76 44.40 74.63
CA VAL B 584 18.93 43.85 75.69
C VAL B 584 19.75 42.92 76.57
N THR B 585 19.73 43.16 77.88
CA THR B 585 20.45 42.37 78.85
C THR B 585 19.51 41.95 79.97
N ASP B 586 19.82 40.82 80.60
CA ASP B 586 19.05 40.29 81.72
C ASP B 586 19.86 40.49 82.99
N ASP B 587 19.42 41.43 83.83
CA ASP B 587 20.06 41.72 85.11
C ASP B 587 19.21 41.13 86.23
N ILE B 588 19.86 40.34 87.10
CA ILE B 588 19.13 39.64 88.13
C ILE B 588 18.54 40.63 89.12
N ASN B 589 17.28 40.42 89.49
CA ASN B 589 16.57 41.29 90.42
C ASN B 589 15.43 40.48 91.02
N GLU B 590 15.31 40.53 92.35
CA GLU B 590 14.35 39.66 93.03
C GLU B 590 12.93 39.89 92.52
N ILE B 591 12.51 41.15 92.44
CA ILE B 591 11.12 41.44 92.08
C ILE B 591 10.85 41.09 90.63
N ARG B 592 11.79 41.44 89.73
CA ARG B 592 11.60 41.12 88.32
C ARG B 592 11.55 39.61 88.10
N ASP B 593 12.44 38.87 88.77
CA ASP B 593 12.42 37.42 88.66
C ASP B 593 11.11 36.85 89.18
N ARG B 594 10.63 37.36 90.31
CA ARG B 594 9.35 36.91 90.84
C ARG B 594 8.26 37.11 89.78
N SER B 595 8.15 38.33 89.26
CA SER B 595 7.06 38.66 88.34
C SER B 595 7.12 37.83 87.07
N ILE B 596 8.31 37.70 86.48
CA ILE B 596 8.43 36.86 85.30
C ILE B 596 8.07 35.42 85.64
N SER B 597 8.36 34.98 86.87
CA SER B 597 7.97 33.63 87.28
C SER B 597 6.46 33.45 87.24
N GLU B 598 5.72 34.38 87.88
CA GLU B 598 4.27 34.23 87.84
C GLU B 598 3.74 34.31 86.42
N HIS B 599 4.31 35.18 85.59
CA HIS B 599 3.83 35.29 84.21
C HIS B 599 4.04 33.98 83.45
N VAL B 600 5.22 33.38 83.60
CA VAL B 600 5.53 32.14 82.88
C VAL B 600 4.64 31.01 83.39
N LEU B 601 4.42 30.92 84.69
CA LEU B 601 3.53 29.89 85.22
C LEU B 601 2.10 30.10 84.75
N ARG B 602 1.65 31.36 84.68
CA ARG B 602 0.34 31.62 84.11
C ARG B 602 0.25 31.10 82.69
N THR B 603 1.29 31.32 81.89
CA THR B 603 1.26 30.87 80.50
C THR B 603 1.23 29.35 80.40
N HIS B 604 2.02 28.65 81.22
CA HIS B 604 2.09 27.20 81.08
C HIS B 604 0.85 26.45 81.58
N ARG B 605 -0.25 27.13 81.90
CA ARG B 605 -1.46 26.42 82.31
C ARG B 605 -2.65 26.82 81.43
N VAL B 686 -6.78 42.22 71.52
CA VAL B 686 -7.09 42.10 70.10
C VAL B 686 -6.47 40.82 69.55
N THR B 687 -7.25 40.07 68.76
CA THR B 687 -6.81 38.79 68.27
C THR B 687 -5.95 38.94 67.02
N ILE B 688 -5.16 37.90 66.75
CA ILE B 688 -4.21 37.94 65.64
C ILE B 688 -4.92 38.11 64.30
N PRO B 689 -6.00 37.39 63.98
CA PRO B 689 -6.66 37.60 62.68
C PRO B 689 -7.13 39.03 62.49
N PHE B 690 -7.73 39.63 63.51
CA PHE B 690 -8.17 41.02 63.36
C PHE B 690 -6.98 41.95 63.22
N LEU B 691 -5.88 41.67 63.93
CA LEU B 691 -4.68 42.47 63.75
C LEU B 691 -4.19 42.39 62.31
N ARG B 692 -4.22 41.21 61.72
CA ARG B 692 -3.79 41.04 60.33
C ARG B 692 -4.70 41.82 59.38
N LYS B 693 -6.01 41.74 59.60
CA LYS B 693 -6.93 42.53 58.77
C LYS B 693 -6.64 44.01 58.90
N TYR B 694 -6.41 44.47 60.14
CA TYR B 694 -6.09 45.87 60.38
C TYR B 694 -4.87 46.31 59.59
N VAL B 695 -3.78 45.54 59.69
CA VAL B 695 -2.56 45.93 59.01
C VAL B 695 -2.76 45.91 57.51
N GLN B 696 -3.50 44.92 56.99
CA GLN B 696 -3.75 44.87 55.56
C GLN B 696 -4.47 46.13 55.08
N TYR B 697 -5.57 46.49 55.76
CA TYR B 697 -6.31 47.68 55.35
C TYR B 697 -5.43 48.92 55.44
N ALA B 698 -4.71 49.08 56.55
CA ALA B 698 -3.89 50.27 56.74
C ALA B 698 -2.82 50.39 55.65
N LYS B 699 -2.16 49.27 55.33
CA LYS B 699 -1.11 49.30 54.33
C LYS B 699 -1.66 49.49 52.92
N GLU B 700 -2.89 49.08 52.66
CA GLU B 700 -3.43 49.18 51.31
C GLU B 700 -4.12 50.51 51.03
N ARG B 701 -4.66 51.18 52.06
CA ARG B 701 -5.53 52.32 51.80
C ARG B 701 -4.91 53.68 52.06
N VAL B 702 -4.12 53.85 53.11
CA VAL B 702 -3.70 55.18 53.57
C VAL B 702 -2.30 55.48 53.05
N ILE B 703 -2.10 56.71 52.57
CA ILE B 703 -0.81 57.20 52.13
C ILE B 703 -0.66 58.64 52.61
N PRO B 704 -0.02 58.88 53.76
CA PRO B 704 0.04 60.25 54.28
C PRO B 704 1.11 61.09 53.59
N GLN B 705 1.09 62.39 53.91
CA GLN B 705 2.06 63.35 53.42
C GLN B 705 2.75 64.05 54.59
N LEU B 706 3.83 64.76 54.28
CA LEU B 706 4.59 65.46 55.29
C LEU B 706 3.96 66.81 55.61
N THR B 707 4.27 67.33 56.80
CA THR B 707 3.70 68.57 57.30
C THR B 707 4.79 69.43 57.92
N GLN B 708 4.66 70.75 57.77
CA GLN B 708 5.71 71.67 58.20
C GLN B 708 6.06 71.48 59.68
N GLU B 709 5.07 71.16 60.49
CA GLU B 709 5.33 70.92 61.91
C GLU B 709 6.33 69.79 62.10
N ALA B 710 6.06 68.64 61.46
CA ALA B 710 7.00 67.53 61.53
C ALA B 710 8.34 67.89 60.91
N ILE B 711 8.33 68.69 59.84
CA ILE B 711 9.59 69.11 59.22
C ILE B 711 10.46 69.81 60.26
N ASN B 712 9.88 70.80 60.95
CA ASN B 712 10.64 71.55 61.95
C ASN B 712 11.09 70.65 63.10
N VAL B 713 10.20 69.79 63.60
CA VAL B 713 10.55 68.95 64.74
C VAL B 713 11.72 68.04 64.38
N ILE B 714 11.65 67.40 63.20
CA ILE B 714 12.69 66.48 62.79
C ILE B 714 14.00 67.23 62.54
N VAL B 715 13.91 68.43 61.95
CA VAL B 715 15.13 69.23 61.75
C VAL B 715 15.81 69.48 63.09
N LYS B 716 15.04 69.93 64.09
CA LYS B 716 15.61 70.21 65.40
C LYS B 716 16.23 68.97 66.01
N ASN B 717 15.51 67.85 65.97
CA ASN B 717 16.01 66.63 66.60
C ASN B 717 17.29 66.14 65.93
N TYR B 718 17.32 66.15 64.59
CA TYR B 718 18.52 65.70 63.88
C TYR B 718 19.69 66.61 64.18
N THR B 719 19.46 67.93 64.21
CA THR B 719 20.54 68.85 64.55
C THR B 719 21.11 68.54 65.92
N ASP B 720 20.22 68.36 66.91
CA ASP B 720 20.70 68.10 68.27
C ASP B 720 21.48 66.80 68.33
N LEU B 721 20.97 65.74 67.70
CA LEU B 721 21.66 64.46 67.76
C LEU B 721 23.02 64.55 67.08
N ARG B 722 23.11 65.23 65.94
CA ARG B 722 24.39 65.33 65.25
C ARG B 722 25.37 66.23 66.01
N ASN B 723 24.86 67.17 66.81
CA ASN B 723 25.75 68.11 67.50
C ASN B 723 25.75 67.90 69.01
N ASP B 724 25.43 66.68 69.46
CA ASP B 724 25.57 66.31 70.86
C ASP B 724 26.84 65.48 71.04
N ASP B 725 27.31 65.44 72.28
CA ASP B 725 28.58 64.78 72.62
C ASP B 725 28.40 63.39 73.21
N ASN B 726 27.17 62.97 73.52
CA ASN B 726 26.95 61.69 74.17
C ASN B 726 27.46 60.55 73.28
N THR B 727 27.99 59.52 73.92
CA THR B 727 28.43 58.33 73.19
C THR B 727 27.21 57.47 72.86
N LYS B 728 27.03 57.18 71.57
CA LYS B 728 25.88 56.43 71.10
C LYS B 728 26.30 55.01 70.71
N LYS B 729 25.29 54.15 70.57
CA LYS B 729 25.52 52.77 70.17
C LYS B 729 25.73 52.63 68.67
N SER B 730 25.41 53.66 67.89
CA SER B 730 25.52 53.60 66.44
C SER B 730 25.95 54.97 65.94
N PRO B 731 26.55 55.05 64.75
CA PRO B 731 26.94 56.36 64.20
C PRO B 731 25.72 57.17 63.77
N ILE B 732 25.97 58.36 63.21
CA ILE B 732 24.91 59.24 62.74
C ILE B 732 25.24 59.69 61.33
N THR B 733 24.26 59.61 60.44
CA THR B 733 24.40 60.06 59.05
C THR B 733 23.07 60.67 58.61
N ALA B 734 22.93 60.92 57.31
CA ALA B 734 21.64 61.32 56.77
C ALA B 734 20.64 60.17 56.79
N ARG B 735 21.13 58.94 56.89
CA ARG B 735 20.23 57.80 57.05
C ARG B 735 19.39 57.95 58.31
N THR B 736 19.94 58.57 59.35
CA THR B 736 19.15 58.81 60.56
C THR B 736 18.00 59.77 60.29
N LEU B 737 18.26 60.83 59.53
CA LEU B 737 17.18 61.76 59.18
C LEU B 737 16.10 61.05 58.37
N GLU B 738 16.51 60.28 57.37
CA GLU B 738 15.54 59.51 56.60
C GLU B 738 14.77 58.55 57.50
N THR B 739 15.44 57.99 58.50
CA THR B 739 14.78 57.10 59.45
C THR B 739 13.73 57.84 60.26
N LEU B 740 14.05 59.05 60.72
CA LEU B 740 13.04 59.87 61.39
C LEU B 740 11.82 60.05 60.49
N ILE B 741 12.07 60.38 59.22
CA ILE B 741 10.95 60.56 58.30
C ILE B 741 10.12 59.29 58.21
N ARG B 742 10.78 58.14 58.06
CA ARG B 742 10.06 56.89 57.88
C ARG B 742 9.22 56.53 59.11
N LEU B 743 9.80 56.68 60.30
CA LEU B 743 9.03 56.38 61.51
C LEU B 743 7.84 57.32 61.66
N ALA B 744 8.03 58.61 61.39
CA ALA B 744 6.89 59.53 61.48
C ALA B 744 5.79 59.11 60.51
N THR B 745 6.15 58.79 59.27
CA THR B 745 5.16 58.38 58.29
C THR B 745 4.45 57.10 58.71
N ALA B 746 5.19 56.13 59.23
CA ALA B 746 4.59 54.87 59.65
C ALA B 746 3.64 55.06 60.82
N HIS B 747 3.99 55.92 61.77
CA HIS B 747 3.07 56.19 62.88
C HIS B 747 1.80 56.87 62.37
N ALA B 748 1.95 57.80 61.43
CA ALA B 748 0.76 58.39 60.82
C ALA B 748 -0.09 57.33 60.13
N LYS B 749 0.56 56.38 59.45
CA LYS B 749 -0.16 55.27 58.83
C LYS B 749 -0.96 54.50 59.87
N VAL B 750 -0.33 54.21 61.03
CA VAL B 750 -1.04 53.55 62.11
C VAL B 750 -2.26 54.37 62.51
N ARG B 751 -2.09 55.68 62.62
CA ARG B 751 -3.21 56.55 62.97
C ARG B 751 -4.27 56.61 61.89
N LEU B 752 -3.97 56.17 60.66
CA LEU B 752 -4.88 56.28 59.52
C LEU B 752 -5.23 57.72 59.19
N SER B 753 -4.37 58.67 59.56
CA SER B 753 -4.53 60.05 59.13
C SER B 753 -3.82 60.26 57.80
N LYS B 754 -4.31 61.22 57.03
CA LYS B 754 -3.76 61.49 55.71
C LYS B 754 -2.53 62.39 55.76
N THR B 755 -2.11 62.83 56.94
CA THR B 755 -0.92 63.67 57.08
C THR B 755 -0.23 63.33 58.39
N VAL B 756 1.10 63.43 58.38
CA VAL B 756 1.90 63.22 59.58
C VAL B 756 1.72 64.43 60.48
N ASN B 757 1.94 64.25 61.77
CA ASN B 757 1.68 65.29 62.75
C ASN B 757 2.81 65.38 63.77
N LYS B 758 2.76 66.48 64.55
CA LYS B 758 3.76 66.72 65.57
C LYS B 758 3.85 65.58 66.57
N VAL B 759 2.70 64.98 66.91
CA VAL B 759 2.71 63.87 67.84
C VAL B 759 3.47 62.68 67.27
N ASP B 760 3.24 62.36 65.99
CA ASP B 760 3.96 61.27 65.37
C ASP B 760 5.45 61.55 65.31
N ALA B 761 5.82 62.79 64.97
CA ALA B 761 7.24 63.14 64.95
C ALA B 761 7.87 62.96 66.31
N LYS B 762 7.18 63.42 67.36
CA LYS B 762 7.71 63.28 68.71
C LYS B 762 7.84 61.82 69.12
N VAL B 763 6.86 60.99 68.74
CA VAL B 763 6.95 59.56 69.07
C VAL B 763 8.16 58.94 68.39
N ALA B 764 8.37 59.25 67.11
CA ALA B 764 9.52 58.71 66.40
C ALA B 764 10.82 59.15 67.06
N ALA B 765 10.92 60.44 67.39
CA ALA B 765 12.13 60.95 68.02
C ALA B 765 12.37 60.28 69.36
N ASN B 766 11.32 60.12 70.16
CA ASN B 766 11.45 59.48 71.47
C ASN B 766 11.93 58.04 71.31
N LEU B 767 11.36 57.31 70.35
CA LEU B 767 11.76 55.92 70.18
C LEU B 767 13.22 55.82 69.76
N LEU B 768 13.64 56.67 68.82
CA LEU B 768 15.03 56.62 68.39
C LEU B 768 15.98 57.00 69.52
N ARG B 769 15.61 58.01 70.30
CA ARG B 769 16.44 58.40 71.44
C ARG B 769 16.56 57.27 72.44
N PHE B 770 15.46 56.58 72.73
CA PHE B 770 15.53 55.44 73.64
C PHE B 770 16.43 54.35 73.08
N ALA B 771 16.31 54.08 71.77
CA ALA B 771 17.14 53.03 71.18
C ALA B 771 18.62 53.37 71.25
N LEU B 772 18.96 54.64 71.01
CA LEU B 772 20.37 55.04 71.03
C LEU B 772 20.92 55.18 72.44
N LEU B 773 20.07 55.50 73.41
CA LEU B 773 20.52 55.79 74.77
C LEU B 773 19.77 54.97 75.79
N ARG C 155 47.48 42.78 -33.79
CA ARG C 155 48.56 42.24 -34.59
C ARG C 155 49.39 41.24 -33.78
N SER C 156 48.88 40.02 -33.65
CA SER C 156 49.56 38.97 -32.92
C SER C 156 48.75 37.69 -33.07
N GLY C 157 49.32 36.58 -32.61
CA GLY C 157 48.64 35.31 -32.64
C GLY C 157 47.74 35.13 -31.44
N VAL C 158 46.76 34.23 -31.54
CA VAL C 158 45.79 34.06 -30.46
C VAL C 158 45.32 32.62 -30.46
N ASN C 159 45.11 32.07 -29.26
CA ASN C 159 44.47 30.78 -29.07
C ASN C 159 43.51 30.88 -27.90
N THR C 160 42.27 30.46 -28.12
CA THR C 160 41.24 30.58 -27.10
C THR C 160 41.45 29.56 -25.99
N LEU C 161 41.03 29.93 -24.79
CA LEU C 161 41.09 29.05 -23.63
C LEU C 161 39.73 28.44 -23.35
N ASP C 162 39.74 27.34 -22.58
CA ASP C 162 38.50 26.64 -22.28
C ASP C 162 37.53 27.52 -21.51
N THR C 163 38.04 28.28 -20.54
CA THR C 163 37.17 29.17 -19.79
C THR C 163 36.58 30.26 -20.68
N SER C 164 37.39 30.79 -21.62
CA SER C 164 36.87 31.77 -22.56
C SER C 164 35.76 31.18 -23.41
N SER C 165 35.96 29.96 -23.91
CA SER C 165 34.92 29.30 -24.70
C SER C 165 33.66 29.09 -23.86
N SER C 166 33.81 28.69 -22.60
CA SER C 166 32.65 28.51 -21.73
C SER C 166 31.91 29.83 -21.55
N SER C 167 32.63 30.92 -21.33
CA SER C 167 32.03 32.24 -21.19
C SER C 167 31.65 32.86 -22.54
N ALA C 168 31.80 32.11 -23.62
CA ALA C 168 31.47 32.63 -24.95
C ALA C 168 30.05 33.16 -25.04
N PRO C 169 29.01 32.48 -24.55
CA PRO C 169 27.63 32.85 -24.90
C PRO C 169 27.38 34.34 -24.72
N PRO C 170 27.16 35.09 -25.80
CA PRO C 170 26.99 36.54 -25.68
C PRO C 170 25.55 36.98 -25.45
N SER C 171 25.34 38.29 -25.43
CA SER C 171 24.01 38.88 -25.45
C SER C 171 24.06 40.15 -26.29
N GLU C 172 22.88 40.66 -26.62
CA GLU C 172 22.74 41.84 -27.46
C GLU C 172 22.65 43.09 -26.57
N ALA C 173 22.28 44.23 -27.15
CA ALA C 173 22.05 45.51 -26.48
C ALA C 173 23.35 46.26 -26.23
N SER C 174 24.50 45.74 -26.67
CA SER C 174 25.77 46.44 -26.60
C SER C 174 26.24 46.68 -28.02
N GLU C 175 26.53 47.94 -28.35
CA GLU C 175 26.89 48.25 -29.73
C GLU C 175 28.10 47.45 -30.22
N PRO C 176 29.00 46.96 -29.38
CA PRO C 176 30.01 46.01 -29.86
C PRO C 176 29.48 44.61 -30.08
N LEU C 177 28.26 44.33 -29.63
CA LEU C 177 27.79 42.97 -29.43
C LEU C 177 28.69 42.29 -28.40
N ARG C 178 28.42 41.03 -28.09
CA ARG C 178 29.26 40.25 -27.18
C ARG C 178 29.37 40.94 -25.82
N ILE C 179 28.22 41.11 -25.17
CA ILE C 179 28.15 41.59 -23.79
C ILE C 179 27.55 40.48 -22.95
N ILE C 180 28.31 39.99 -21.98
CA ILE C 180 27.90 38.79 -21.24
C ILE C 180 26.65 39.09 -20.43
N TRP C 181 25.66 38.21 -20.53
CA TRP C 181 24.39 38.42 -19.85
C TRP C 181 24.60 38.57 -18.35
N GLY C 182 23.92 39.55 -17.76
CA GLY C 182 24.04 39.85 -16.34
C GLY C 182 25.13 40.85 -16.02
N THR C 183 26.18 40.87 -16.83
CA THR C 183 27.30 41.78 -16.65
C THR C 183 27.21 42.93 -17.65
N ASN C 184 28.24 43.78 -17.66
CA ASN C 184 28.43 44.77 -18.70
C ASN C 184 29.79 44.61 -19.37
N VAL C 185 30.51 43.54 -19.05
CA VAL C 185 31.83 43.31 -19.64
C VAL C 185 31.68 43.02 -21.12
N SER C 186 32.61 43.55 -21.91
CA SER C 186 32.73 43.23 -23.33
C SER C 186 34.13 42.70 -23.58
N ILE C 187 34.22 41.49 -24.13
CA ILE C 187 35.49 40.80 -24.22
C ILE C 187 36.48 41.56 -25.10
N GLN C 188 36.02 42.03 -26.26
CA GLN C 188 36.93 42.69 -27.20
C GLN C 188 37.53 43.95 -26.60
N GLU C 189 36.68 44.82 -26.04
CA GLU C 189 37.20 46.05 -25.46
C GLU C 189 38.08 45.78 -24.26
N CYS C 190 37.70 44.83 -23.40
CA CYS C 190 38.54 44.54 -22.24
C CYS C 190 39.91 44.05 -22.67
N THR C 191 39.97 43.11 -23.63
CA THR C 191 41.27 42.60 -24.06
C THR C 191 42.09 43.69 -24.75
N THR C 192 41.44 44.53 -25.57
CA THR C 192 42.17 45.58 -26.25
C THR C 192 42.75 46.58 -25.24
N ASN C 193 41.95 47.01 -24.28
CA ASN C 193 42.44 47.94 -23.27
C ASN C 193 43.57 47.32 -22.45
N PHE C 194 43.43 46.05 -22.10
CA PHE C 194 44.49 45.38 -21.34
C PHE C 194 45.78 45.31 -22.14
N ARG C 195 45.69 44.99 -23.43
CA ARG C 195 46.89 44.93 -24.26
C ARG C 195 47.55 46.30 -24.35
N ASN C 196 46.76 47.35 -24.58
CA ASN C 196 47.32 48.69 -24.68
C ASN C 196 48.00 49.09 -23.37
N PHE C 197 47.34 48.85 -22.25
CA PHE C 197 47.93 49.19 -20.96
C PHE C 197 49.22 48.41 -20.71
N LEU C 198 49.21 47.12 -21.03
CA LEU C 198 50.40 46.29 -20.84
C LEU C 198 51.57 46.83 -21.66
N MET C 199 51.31 47.16 -22.92
CA MET C 199 52.38 47.60 -23.81
C MET C 199 52.81 49.05 -23.58
N SER C 200 52.00 49.85 -22.90
CA SER C 200 52.37 51.25 -22.67
C SER C 200 51.98 51.63 -21.25
N PHE C 201 52.96 51.67 -20.35
CA PHE C 201 52.75 52.17 -19.00
C PHE C 201 54.09 52.36 -18.33
N LYS C 202 54.28 53.53 -17.73
CA LYS C 202 55.48 53.85 -16.98
C LYS C 202 55.07 54.36 -15.60
N TYR C 203 55.95 54.14 -14.62
CA TYR C 203 55.57 54.30 -13.22
C TYR C 203 55.13 55.71 -12.88
N LYS C 204 55.47 56.71 -13.69
CA LYS C 204 55.06 58.08 -13.44
C LYS C 204 53.59 58.18 -13.04
N THR C 220 64.30 55.75 -13.98
CA THR C 220 63.64 54.45 -13.90
C THR C 220 62.14 54.58 -14.10
N ASP C 221 61.61 55.78 -13.85
CA ASP C 221 60.19 56.04 -14.05
C ASP C 221 59.83 56.26 -15.51
N GLU C 222 60.82 56.26 -16.41
CA GLU C 222 60.56 56.47 -17.83
C GLU C 222 60.52 55.18 -18.63
N GLU C 223 61.16 54.12 -18.16
CA GLU C 223 61.23 52.88 -18.91
C GLU C 223 59.88 52.17 -18.91
N LEU C 224 59.72 51.26 -19.87
CA LEU C 224 58.50 50.47 -20.00
C LEU C 224 58.41 49.50 -18.83
N TYR C 225 57.47 49.76 -17.92
CA TYR C 225 57.47 49.05 -16.64
C TYR C 225 57.17 47.56 -16.83
N TYR C 226 56.11 47.23 -17.56
CA TYR C 226 55.65 45.85 -17.63
C TYR C 226 56.35 45.03 -18.70
N ILE C 227 56.89 45.68 -19.74
CA ILE C 227 57.60 44.95 -20.78
C ILE C 227 58.77 44.19 -20.17
N LYS C 228 59.56 44.88 -19.35
CA LYS C 228 60.65 44.18 -18.66
C LYS C 228 60.10 43.05 -17.81
N GLN C 229 59.14 43.32 -16.94
CA GLN C 229 58.64 42.29 -16.04
C GLN C 229 58.27 41.03 -16.82
N LEU C 230 57.60 41.19 -17.96
CA LEU C 230 57.31 40.06 -18.81
C LEU C 230 58.59 39.41 -19.32
N ASN C 231 59.61 40.23 -19.64
CA ASN C 231 60.86 39.68 -20.16
C ASN C 231 61.55 38.79 -19.12
N GLU C 232 61.71 39.30 -17.89
CA GLU C 232 62.28 38.46 -16.83
C GLU C 232 61.39 37.26 -16.55
N MET C 233 60.07 37.42 -16.63
CA MET C 233 59.20 36.27 -16.43
C MET C 233 59.52 35.16 -17.42
N ARG C 234 59.58 35.49 -18.70
CA ARG C 234 59.94 34.49 -19.70
C ARG C 234 61.33 33.94 -19.45
N GLU C 235 62.29 34.79 -19.11
CA GLU C 235 63.66 34.34 -18.94
C GLU C 235 63.77 33.32 -17.81
N LEU C 236 63.08 33.58 -16.70
CA LEU C 236 63.22 32.73 -15.52
C LEU C 236 62.27 31.53 -15.56
N GLY C 237 61.16 31.63 -16.27
CA GLY C 237 60.18 30.57 -16.30
C GLY C 237 59.01 30.74 -15.36
N THR C 238 58.86 31.91 -14.74
CA THR C 238 57.75 32.14 -13.83
C THR C 238 56.44 32.22 -14.61
N SER C 239 55.34 31.87 -13.93
CA SER C 239 54.02 31.81 -14.54
C SER C 239 52.98 32.67 -13.84
N ASN C 240 53.39 33.53 -12.91
CA ASN C 240 52.46 34.31 -12.11
C ASN C 240 52.87 35.78 -12.14
N LEU C 241 51.91 36.64 -12.50
CA LEU C 241 52.14 38.08 -12.58
C LEU C 241 51.35 38.77 -11.48
N ASN C 242 52.05 39.47 -10.60
CA ASN C 242 51.41 40.19 -9.51
C ASN C 242 51.07 41.59 -9.97
N LEU C 243 49.78 41.91 -10.03
CA LEU C 243 49.29 43.15 -10.61
C LEU C 243 48.75 44.05 -9.50
N ASP C 244 49.35 45.23 -9.37
CA ASP C 244 48.86 46.23 -8.43
C ASP C 244 47.62 46.89 -9.01
N ALA C 245 46.46 46.59 -8.44
CA ALA C 245 45.21 47.09 -8.99
C ALA C 245 45.15 48.61 -8.99
N ARG C 246 45.97 49.28 -8.18
CA ARG C 246 45.98 50.74 -8.18
C ARG C 246 46.50 51.31 -9.48
N ASN C 247 47.47 50.64 -10.12
CA ASN C 247 48.05 51.16 -11.36
C ASN C 247 47.02 51.47 -12.42
N LEU C 248 45.96 50.66 -12.52
CA LEU C 248 44.99 50.85 -13.60
C LEU C 248 44.31 52.20 -13.51
N LEU C 249 44.27 52.81 -12.32
CA LEU C 249 43.65 54.13 -12.19
C LEU C 249 44.51 55.24 -12.76
N ALA C 250 45.80 54.99 -12.99
CA ALA C 250 46.67 56.00 -13.58
C ALA C 250 46.38 56.16 -15.07
N TYR C 251 46.51 55.07 -15.83
CA TYR C 251 46.24 55.11 -17.26
C TYR C 251 44.80 55.52 -17.51
N LYS C 252 44.59 56.26 -18.60
CA LYS C 252 43.26 56.80 -18.88
C LYS C 252 42.31 55.72 -19.35
N GLN C 253 42.80 54.75 -20.13
CA GLN C 253 41.91 53.74 -20.71
C GLN C 253 41.26 52.89 -19.62
N THR C 254 42.04 52.41 -18.67
CA THR C 254 41.59 51.42 -17.70
C THR C 254 40.78 52.03 -16.56
N GLU C 255 40.41 53.32 -16.64
CA GLU C 255 39.64 53.94 -15.58
C GLU C 255 38.32 53.20 -15.34
N ASP C 256 37.82 52.51 -16.36
CA ASP C 256 36.61 51.71 -16.21
C ASP C 256 36.93 50.24 -15.98
N LEU C 257 38.01 49.75 -16.59
CA LEU C 257 38.44 48.38 -16.33
C LEU C 257 38.71 48.14 -14.86
N TYR C 258 39.09 49.19 -14.12
CA TYR C 258 39.27 49.04 -12.69
C TYR C 258 37.97 48.60 -12.01
N HIS C 259 36.88 49.32 -12.26
CA HIS C 259 35.59 48.95 -11.68
C HIS C 259 35.11 47.62 -12.22
N GLN C 260 35.35 47.34 -13.50
CA GLN C 260 34.94 46.05 -14.05
C GLN C 260 35.65 44.90 -13.35
N LEU C 261 36.96 45.05 -13.10
CA LEU C 261 37.70 44.02 -12.37
C LEU C 261 37.16 43.88 -10.96
N LEU C 262 36.87 44.99 -10.28
CA LEU C 262 36.35 44.89 -8.93
C LEU C 262 35.00 44.19 -8.88
N ASN C 263 34.12 44.46 -9.85
CA ASN C 263 32.75 43.96 -9.77
C ASN C 263 32.58 42.56 -10.36
N TYR C 264 33.32 42.21 -11.40
CA TYR C 264 33.15 40.93 -12.09
C TYR C 264 34.50 40.22 -12.21
N PRO C 265 35.11 39.87 -11.10
CA PRO C 265 36.45 39.24 -11.15
C PRO C 265 36.48 37.94 -11.94
N GLN C 266 35.41 37.14 -11.88
CA GLN C 266 35.48 35.79 -12.40
C GLN C 266 35.84 35.76 -13.90
N GLU C 267 35.10 36.52 -14.71
CA GLU C 267 35.38 36.55 -16.14
C GLU C 267 36.63 37.36 -16.44
N VAL C 268 36.81 38.46 -15.73
CA VAL C 268 37.89 39.38 -16.04
C VAL C 268 39.24 38.71 -15.85
N ILE C 269 39.38 37.88 -14.81
CA ILE C 269 40.68 37.27 -14.56
C ILE C 269 41.07 36.35 -15.72
N SER C 270 40.13 35.55 -16.21
CA SER C 270 40.42 34.70 -17.36
C SER C 270 40.75 35.54 -18.59
N ILE C 271 40.02 36.64 -18.79
CA ILE C 271 40.31 37.50 -19.94
C ILE C 271 41.75 38.01 -19.87
N MET C 272 42.15 38.53 -18.70
CA MET C 272 43.51 39.03 -18.55
C MET C 272 44.54 37.92 -18.74
N ASP C 273 44.24 36.71 -18.25
CA ASP C 273 45.19 35.62 -18.38
C ASP C 273 45.42 35.28 -19.85
N GLN C 274 44.35 35.16 -20.62
CA GLN C 274 44.48 34.89 -22.05
C GLN C 274 45.24 36.02 -22.73
N THR C 275 44.91 37.27 -22.39
CA THR C 275 45.60 38.40 -22.99
C THR C 275 47.10 38.35 -22.69
N ILE C 276 47.46 37.98 -21.45
CA ILE C 276 48.86 37.93 -21.08
C ILE C 276 49.58 36.84 -21.87
N LYS C 277 48.97 35.67 -22.02
CA LYS C 277 49.62 34.62 -22.79
C LYS C 277 49.84 35.06 -24.23
N ASP C 278 48.82 35.67 -24.84
CA ASP C 278 48.97 36.13 -26.21
C ASP C 278 50.04 37.21 -26.30
N CYS C 279 50.11 38.09 -25.31
CA CYS C 279 51.14 39.13 -25.28
C CYS C 279 52.53 38.50 -25.22
N MET C 280 52.70 37.48 -24.40
CA MET C 280 54.00 36.81 -24.32
C MET C 280 54.37 36.21 -25.66
N VAL C 281 53.42 35.54 -26.31
CA VAL C 281 53.72 34.93 -27.60
C VAL C 281 54.10 35.99 -28.62
N SER C 282 53.35 37.09 -28.68
CA SER C 282 53.68 38.16 -29.61
C SER C 282 55.06 38.74 -29.31
N LEU C 283 55.37 38.96 -28.03
CA LEU C 283 56.67 39.52 -27.68
C LEU C 283 57.80 38.61 -28.13
N ILE C 284 57.67 37.30 -27.90
CA ILE C 284 58.75 36.40 -28.28
C ILE C 284 58.89 36.31 -29.80
N VAL C 285 57.76 36.33 -30.52
CA VAL C 285 57.82 36.06 -31.96
C VAL C 285 58.22 37.30 -32.75
N ASP C 286 57.67 38.48 -32.42
CA ASP C 286 57.91 39.67 -33.23
C ASP C 286 59.36 40.12 -33.23
N ASN C 287 60.19 39.61 -32.32
CA ASN C 287 61.58 40.01 -32.25
C ASN C 287 62.56 38.91 -32.66
N ASN C 288 62.07 37.72 -32.99
CA ASN C 288 62.91 36.64 -33.52
C ASN C 288 64.07 36.32 -32.58
N LEU C 289 63.75 36.17 -31.29
CA LEU C 289 64.78 35.85 -30.31
C LEU C 289 65.24 34.40 -30.47
N ASP C 290 64.31 33.46 -30.33
CA ASP C 290 64.62 32.04 -30.47
C ASP C 290 63.37 31.30 -30.89
N TYR C 291 63.55 30.12 -31.47
CA TYR C 291 62.47 29.35 -32.06
C TYR C 291 61.83 28.37 -31.08
N ASP C 292 62.28 28.34 -29.82
CA ASP C 292 61.71 27.43 -28.83
C ASP C 292 60.56 28.12 -28.11
N LEU C 293 59.39 28.05 -28.74
CA LEU C 293 58.18 28.68 -28.22
C LEU C 293 57.10 27.67 -27.84
N ASP C 294 57.33 26.38 -28.08
CA ASP C 294 56.30 25.38 -27.79
C ASP C 294 56.04 25.32 -26.29
N GLU C 295 57.09 25.39 -25.48
CA GLU C 295 56.91 25.29 -24.02
C GLU C 295 56.01 26.41 -23.51
N ILE C 296 56.28 27.65 -23.91
CA ILE C 296 55.47 28.77 -23.45
C ILE C 296 54.07 28.68 -24.05
N GLU C 297 53.97 28.26 -25.32
CA GLU C 297 52.65 28.11 -25.94
C GLU C 297 51.80 27.08 -25.23
N THR C 298 52.41 26.05 -24.64
CA THR C 298 51.66 25.00 -23.96
C THR C 298 51.42 25.29 -22.48
N LYS C 299 52.31 26.03 -21.82
CA LYS C 299 52.18 26.24 -20.39
C LYS C 299 51.06 27.24 -20.08
N PHE C 300 50.72 27.35 -18.80
CA PHE C 300 49.68 28.24 -18.33
C PHE C 300 50.30 29.50 -17.74
N TYR C 301 49.45 30.51 -17.55
CA TYR C 301 49.84 31.76 -16.91
C TYR C 301 48.74 32.17 -15.95
N LYS C 302 49.04 33.11 -15.06
CA LYS C 302 48.03 33.57 -14.12
C LYS C 302 48.39 34.98 -13.66
N VAL C 303 47.36 35.74 -13.29
CA VAL C 303 47.51 37.11 -12.81
C VAL C 303 46.84 37.22 -11.44
N ARG C 304 47.52 37.86 -10.51
CA ARG C 304 47.04 37.99 -9.12
C ARG C 304 46.94 39.47 -8.74
N PRO C 305 45.73 40.03 -8.62
CA PRO C 305 45.61 41.38 -8.05
C PRO C 305 45.96 41.37 -6.58
N TYR C 306 46.56 42.47 -6.09
CA TYR C 306 46.98 42.50 -4.70
C TYR C 306 46.81 43.85 -4.00
N ASN C 307 46.21 44.86 -4.65
CA ASN C 307 46.10 46.18 -4.03
C ASN C 307 44.68 46.72 -4.22
N VAL C 308 43.68 45.88 -3.94
CA VAL C 308 42.30 46.33 -4.03
C VAL C 308 42.09 47.50 -3.06
N GLY C 309 41.08 48.32 -3.36
CA GLY C 309 40.79 49.47 -2.55
C GLY C 309 40.52 49.12 -1.11
N SER C 310 40.42 50.13 -0.25
CA SER C 310 40.22 49.90 1.17
C SER C 310 38.83 49.33 1.44
N CYS C 311 38.76 48.40 2.38
CA CYS C 311 37.51 47.80 2.83
C CYS C 311 37.20 48.27 4.24
N LYS C 312 36.00 47.95 4.71
CA LYS C 312 35.49 48.43 5.98
C LYS C 312 35.31 47.32 7.01
N GLY C 313 35.93 46.17 6.79
CA GLY C 313 35.79 45.07 7.72
C GLY C 313 34.75 44.06 7.24
N MET C 314 34.95 42.81 7.64
CA MET C 314 34.06 41.74 7.14
C MET C 314 32.64 41.93 7.63
N ARG C 315 32.46 42.55 8.80
CA ARG C 315 31.12 42.71 9.35
C ARG C 315 30.23 43.61 8.50
N GLU C 316 30.80 44.54 7.74
CA GLU C 316 30.04 45.61 7.12
C GLU C 316 29.62 45.32 5.68
N LEU C 317 29.97 44.14 5.16
CA LEU C 317 29.53 43.79 3.83
C LEU C 317 28.07 43.33 3.87
N ASN C 318 27.37 43.56 2.76
CA ASN C 318 25.96 43.23 2.67
C ASN C 318 25.78 42.03 1.74
N PRO C 319 24.58 41.45 1.69
CA PRO C 319 24.37 40.31 0.78
C PRO C 319 24.66 40.66 -0.67
N ASN C 320 24.45 41.91 -1.06
CA ASN C 320 24.68 42.33 -2.44
C ASN C 320 26.16 42.36 -2.81
N ASP C 321 27.07 42.23 -1.85
CA ASP C 321 28.49 42.27 -2.11
C ASP C 321 29.08 40.91 -2.43
N ILE C 322 28.23 39.89 -2.63
CA ILE C 322 28.73 38.56 -2.95
C ILE C 322 29.43 38.59 -4.30
N ASP C 323 30.41 37.71 -4.48
CA ASP C 323 31.18 37.63 -5.71
C ASP C 323 31.76 38.99 -6.10
N LYS C 324 32.34 39.66 -5.11
CA LYS C 324 33.15 40.84 -5.31
C LYS C 324 34.55 40.57 -4.77
N LEU C 325 35.46 41.51 -5.04
CA LEU C 325 36.86 41.36 -4.70
C LEU C 325 37.16 42.27 -3.50
N ILE C 326 37.79 41.72 -2.47
CA ILE C 326 38.02 42.42 -1.21
C ILE C 326 39.36 42.01 -0.64
N ASN C 327 39.79 42.71 0.40
CA ASN C 327 41.04 42.43 1.09
C ASN C 327 40.81 42.43 2.60
N LEU C 328 41.60 41.61 3.29
CA LEU C 328 41.50 41.46 4.74
C LEU C 328 42.89 41.42 5.35
N LYS C 329 42.95 41.72 6.64
CA LYS C 329 44.17 41.58 7.44
C LYS C 329 43.82 40.83 8.72
N GLY C 330 44.71 39.94 9.15
CA GLY C 330 44.42 39.16 10.33
C GLY C 330 45.61 38.32 10.76
N LEU C 331 45.32 37.40 11.67
CA LEU C 331 46.31 36.51 12.27
C LEU C 331 45.87 35.07 12.04
N VAL C 332 46.80 34.24 11.58
CA VAL C 332 46.48 32.84 11.29
C VAL C 332 46.44 32.05 12.59
N LEU C 333 45.46 31.16 12.71
CA LEU C 333 45.29 30.32 13.89
C LEU C 333 45.41 28.84 13.58
N ARG C 334 44.68 28.35 12.57
CA ARG C 334 44.68 26.93 12.25
C ARG C 334 44.63 26.73 10.75
N SER C 335 45.08 25.56 10.31
CA SER C 335 45.05 25.19 8.91
C SER C 335 44.77 23.71 8.80
N THR C 336 43.69 23.35 8.13
CA THR C 336 43.35 21.94 7.98
C THR C 336 44.35 21.27 7.03
N PRO C 337 44.59 19.96 7.18
CA PRO C 337 45.49 19.28 6.26
C PRO C 337 44.98 19.31 4.83
N VAL C 338 45.84 18.90 3.91
CA VAL C 338 45.49 18.93 2.49
C VAL C 338 44.32 18.01 2.23
N ILE C 339 43.33 18.52 1.51
CA ILE C 339 42.12 17.79 1.17
C ILE C 339 42.16 17.48 -0.32
N PRO C 340 42.10 16.21 -0.74
CA PRO C 340 42.05 15.92 -2.18
C PRO C 340 40.71 16.33 -2.76
N ASP C 341 40.75 16.95 -3.94
CA ASP C 341 39.56 17.43 -4.63
C ASP C 341 39.56 16.85 -6.03
N MET C 342 38.48 16.15 -6.39
CA MET C 342 38.43 15.45 -7.66
C MET C 342 38.23 16.41 -8.82
N LYS C 343 38.85 16.11 -9.95
CA LYS C 343 38.66 16.86 -11.19
C LYS C 343 38.27 15.98 -12.36
N VAL C 344 38.82 14.77 -12.47
CA VAL C 344 38.51 13.85 -13.54
C VAL C 344 38.20 12.48 -12.93
N ALA C 345 36.98 12.00 -13.15
CA ALA C 345 36.54 10.70 -12.65
C ALA C 345 36.82 9.63 -13.69
N PHE C 346 37.06 8.41 -13.22
CA PHE C 346 37.50 7.29 -14.04
C PHE C 346 36.55 6.13 -13.86
N PHE C 347 35.75 5.84 -14.89
CA PHE C 347 34.77 4.77 -14.85
C PHE C 347 35.28 3.55 -15.63
N LYS C 348 34.81 2.37 -15.24
CA LYS C 348 35.12 1.12 -15.92
C LYS C 348 33.84 0.36 -16.19
N CYS C 349 33.81 -0.36 -17.30
CA CYS C 349 32.71 -1.27 -17.61
C CYS C 349 33.06 -2.65 -17.09
N ASN C 350 32.22 -3.18 -16.21
CA ASN C 350 32.48 -4.44 -15.52
C ASN C 350 32.19 -5.66 -16.38
N VAL C 351 31.98 -5.48 -17.69
CA VAL C 351 31.76 -6.61 -18.59
C VAL C 351 32.67 -6.59 -19.81
N CYS C 352 33.31 -5.47 -20.14
CA CYS C 352 34.22 -5.43 -21.28
C CYS C 352 35.54 -4.74 -20.95
N ASP C 353 35.75 -4.30 -19.72
CA ASP C 353 36.97 -3.63 -19.25
C ASP C 353 37.20 -2.29 -19.94
N HIS C 354 36.22 -1.76 -20.68
CA HIS C 354 36.39 -0.48 -21.33
C HIS C 354 36.32 0.65 -20.31
N THR C 355 37.28 1.56 -20.36
CA THR C 355 37.42 2.61 -19.36
C THR C 355 37.14 3.98 -19.97
N MET C 356 36.49 4.83 -19.21
CA MET C 356 36.14 6.18 -19.62
C MET C 356 36.60 7.19 -18.58
N ALA C 357 36.77 8.43 -19.03
CA ALA C 357 37.13 9.54 -18.17
C ALA C 357 36.09 10.64 -18.33
N VAL C 358 35.68 11.26 -17.22
CA VAL C 358 34.68 12.31 -17.23
C VAL C 358 35.22 13.50 -16.46
N GLU C 359 35.03 14.69 -17.01
CA GLU C 359 35.52 15.92 -16.40
C GLU C 359 34.42 16.61 -15.61
N ILE C 360 34.75 17.01 -14.39
CA ILE C 360 33.76 17.68 -13.54
C ILE C 360 33.27 18.95 -14.22
N ASP C 361 32.00 19.27 -14.00
CA ASP C 361 31.38 20.46 -14.58
C ASP C 361 30.63 21.16 -13.45
N ARG C 362 31.17 22.27 -12.97
CA ARG C 362 30.54 23.07 -11.92
C ARG C 362 30.18 22.22 -10.70
N GLY C 363 31.03 21.24 -10.41
CA GLY C 363 30.85 20.42 -9.22
C GLY C 363 29.93 19.24 -9.37
N VAL C 364 29.58 18.84 -10.59
CA VAL C 364 28.71 17.71 -10.83
C VAL C 364 29.36 16.78 -11.84
N ILE C 365 29.33 15.49 -11.55
CA ILE C 365 29.88 14.46 -12.42
C ILE C 365 28.72 13.69 -13.03
N GLN C 366 28.69 13.60 -14.35
CA GLN C 366 27.62 12.93 -15.09
C GLN C 366 28.03 11.48 -15.31
N GLU C 367 27.55 10.60 -14.45
CA GLU C 367 27.88 9.18 -14.57
C GLU C 367 27.26 8.61 -15.84
N PRO C 368 27.99 7.80 -16.60
CA PRO C 368 27.40 7.21 -17.81
C PRO C 368 26.31 6.21 -17.46
N ALA C 369 25.33 6.09 -18.35
CA ALA C 369 24.23 5.14 -18.18
C ALA C 369 24.37 3.91 -19.06
N ARG C 370 25.33 3.90 -20.00
CA ARG C 370 25.48 2.80 -20.92
C ARG C 370 26.91 2.79 -21.44
N CYS C 371 27.49 1.59 -21.53
CA CYS C 371 28.77 1.45 -22.21
C CYS C 371 28.65 1.95 -23.64
N GLU C 372 29.60 2.77 -24.07
CA GLU C 372 29.52 3.41 -25.37
C GLU C 372 30.01 2.51 -26.49
N ARG C 373 30.60 1.36 -26.19
CA ARG C 373 31.00 0.42 -27.22
C ARG C 373 29.76 -0.07 -27.96
N ILE C 374 29.92 -0.29 -29.26
CA ILE C 374 28.83 -0.86 -30.04
C ILE C 374 28.62 -2.32 -29.67
N ASP C 375 29.70 -3.07 -29.50
CA ASP C 375 29.58 -4.47 -29.11
C ASP C 375 28.99 -4.59 -27.71
N CYS C 376 29.45 -3.77 -26.77
CA CYS C 376 28.97 -3.78 -25.40
C CYS C 376 28.08 -2.57 -25.17
N ASN C 377 26.81 -2.81 -24.89
CA ASN C 377 25.83 -1.75 -24.68
C ASN C 377 25.00 -2.02 -23.44
N GLU C 378 25.57 -2.72 -22.48
CA GLU C 378 24.82 -3.08 -21.28
C GLU C 378 24.46 -1.83 -20.49
N PRO C 379 23.23 -1.73 -19.98
CA PRO C 379 22.86 -0.55 -19.19
C PRO C 379 23.32 -0.70 -17.74
N ASN C 380 23.75 0.42 -17.16
CA ASN C 380 24.20 0.49 -15.79
C ASN C 380 25.26 -0.58 -15.51
N SER C 381 26.36 -0.49 -16.25
CA SER C 381 27.52 -1.35 -16.06
C SER C 381 28.78 -0.57 -15.73
N MET C 382 28.67 0.73 -15.45
CA MET C 382 29.82 1.58 -15.20
C MET C 382 30.07 1.70 -13.70
N SER C 383 31.30 1.40 -13.29
CA SER C 383 31.71 1.51 -11.90
C SER C 383 32.85 2.52 -11.80
N LEU C 384 33.02 3.09 -10.61
CA LEU C 384 33.99 4.15 -10.39
C LEU C 384 35.20 3.58 -9.64
N ILE C 385 36.39 3.82 -10.18
CA ILE C 385 37.65 3.41 -9.57
C ILE C 385 38.27 4.64 -8.92
N HIS C 386 38.34 4.64 -7.59
CA HIS C 386 38.68 5.85 -6.87
C HIS C 386 40.12 6.26 -7.10
N ASN C 387 41.05 5.31 -7.01
CA ASN C 387 42.48 5.61 -7.11
C ASN C 387 42.89 6.08 -8.50
N ARG C 388 42.08 5.84 -9.53
CA ARG C 388 42.45 6.18 -10.89
C ARG C 388 42.02 7.58 -11.30
N CYS C 389 41.34 8.32 -10.42
CA CYS C 389 40.93 9.67 -10.74
C CYS C 389 42.10 10.64 -10.59
N SER C 390 41.88 11.88 -11.03
CA SER C 390 42.86 12.95 -10.89
C SER C 390 42.31 14.00 -9.93
N PHE C 391 43.10 14.34 -8.92
CA PHE C 391 42.67 15.21 -7.84
C PHE C 391 43.50 16.49 -7.82
N ALA C 392 42.94 17.52 -7.19
CA ALA C 392 43.59 18.80 -6.99
C ALA C 392 43.94 18.98 -5.52
N ASP C 393 44.44 20.17 -5.19
CA ASP C 393 44.81 20.50 -3.83
C ASP C 393 43.89 21.59 -3.29
N LYS C 394 43.48 21.44 -2.04
CA LYS C 394 42.59 22.40 -1.39
C LYS C 394 42.94 22.45 0.08
N GLN C 395 42.84 23.64 0.66
CA GLN C 395 43.10 23.79 2.09
C GLN C 395 42.23 24.90 2.64
N VAL C 396 41.91 24.78 3.93
CA VAL C 396 41.08 25.72 4.66
C VAL C 396 41.90 26.32 5.79
N ILE C 397 41.85 27.65 5.91
CA ILE C 397 42.62 28.41 6.89
C ILE C 397 41.65 29.17 7.78
N LYS C 398 41.96 29.22 9.07
CA LYS C 398 41.17 29.93 10.06
C LYS C 398 41.93 31.20 10.45
N LEU C 399 41.29 32.35 10.25
CA LEU C 399 41.97 33.63 10.34
C LEU C 399 41.29 34.51 11.38
N GLN C 400 42.10 35.19 12.19
CA GLN C 400 41.60 36.12 13.21
C GLN C 400 41.80 37.54 12.68
N GLU C 401 40.76 38.11 12.10
CA GLU C 401 40.90 39.39 11.41
C GLU C 401 41.12 40.53 12.41
N THR C 402 41.77 41.59 11.93
CA THR C 402 42.07 42.77 12.73
C THR C 402 41.69 44.02 11.93
N PRO C 403 40.41 44.33 11.85
CA PRO C 403 39.99 45.48 11.04
C PRO C 403 40.54 46.79 11.58
N ASP C 404 40.72 47.75 10.67
CA ASP C 404 41.23 49.05 11.06
C ASP C 404 40.21 49.85 11.87
N PHE C 405 38.96 49.84 11.44
CA PHE C 405 37.88 50.56 12.11
C PHE C 405 36.98 49.56 12.82
N VAL C 406 36.69 49.81 14.08
CA VAL C 406 35.89 48.92 14.92
C VAL C 406 34.69 49.70 15.44
N PRO C 407 33.45 49.27 15.16
CA PRO C 407 32.30 49.98 15.72
C PRO C 407 32.17 49.75 17.22
N ASP C 408 31.13 50.32 17.83
CA ASP C 408 30.97 50.29 19.27
C ASP C 408 30.63 48.87 19.72
N GLY C 409 31.31 48.39 20.75
CA GLY C 409 30.98 47.13 21.36
C GLY C 409 31.11 45.93 20.47
N GLN C 410 32.07 45.92 19.54
CA GLN C 410 32.19 44.84 18.58
C GLN C 410 33.41 43.98 18.92
N THR C 411 33.19 42.66 18.96
CA THR C 411 34.24 41.70 19.30
C THR C 411 34.63 40.90 18.07
N PRO C 412 35.79 40.24 18.11
CA PRO C 412 36.23 39.49 16.93
C PRO C 412 35.48 38.19 16.72
N HIS C 413 35.78 37.56 15.59
CA HIS C 413 35.59 36.14 15.41
C HIS C 413 36.69 35.68 14.46
N SER C 414 36.54 34.49 13.91
CA SER C 414 37.49 33.97 12.95
C SER C 414 36.77 33.58 11.66
N ILE C 415 37.48 33.79 10.55
CA ILE C 415 36.94 33.63 9.21
C ILE C 415 37.58 32.41 8.58
N SER C 416 36.88 31.84 7.60
CA SER C 416 37.36 30.70 6.85
C SER C 416 37.82 31.15 5.46
N LEU C 417 39.05 30.76 5.11
CA LEU C 417 39.63 31.06 3.81
C LEU C 417 39.91 29.74 3.09
N CYS C 418 39.71 29.74 1.78
CA CYS C 418 39.97 28.58 0.94
C CYS C 418 41.13 28.91 0.01
N VAL C 419 42.17 28.08 0.04
CA VAL C 419 43.34 28.22 -0.81
C VAL C 419 43.48 26.98 -1.67
N TYR C 420 43.79 27.18 -2.94
CA TYR C 420 43.82 26.10 -3.91
C TYR C 420 45.17 26.06 -4.63
N ASP C 421 45.53 24.87 -5.09
CA ASP C 421 46.66 24.66 -6.00
C ASP C 421 47.95 25.09 -5.33
N GLU C 422 48.67 26.09 -5.85
CA GLU C 422 50.04 26.35 -5.41
C GLU C 422 50.10 27.02 -4.04
N LEU C 423 49.03 27.68 -3.61
CA LEU C 423 49.08 28.45 -2.38
C LEU C 423 48.95 27.59 -1.13
N VAL C 424 48.67 26.29 -1.26
CA VAL C 424 48.56 25.43 -0.09
C VAL C 424 49.90 25.39 0.64
N ASP C 425 49.83 25.36 1.96
CA ASP C 425 51.00 25.25 2.83
C ASP C 425 51.89 26.49 2.77
N SER C 426 51.35 27.62 2.34
CA SER C 426 52.10 28.86 2.25
C SER C 426 51.98 29.72 3.50
N CYS C 427 51.20 29.30 4.49
CA CYS C 427 51.00 30.07 5.71
C CYS C 427 51.15 29.16 6.92
N ARG C 428 51.66 29.74 8.01
CA ARG C 428 51.83 29.05 9.28
C ARG C 428 51.15 29.84 10.38
N ALA C 429 50.59 29.13 11.35
CA ALA C 429 49.87 29.80 12.43
C ALA C 429 50.78 30.80 13.14
N GLY C 430 50.22 31.97 13.45
CA GLY C 430 50.97 33.05 14.06
C GLY C 430 51.42 34.12 13.09
N ASP C 431 51.42 33.83 11.79
CA ASP C 431 51.84 34.81 10.80
C ASP C 431 50.81 35.92 10.68
N ARG C 432 51.30 37.14 10.45
CA ARG C 432 50.44 38.29 10.16
C ARG C 432 50.50 38.53 8.66
N ILE C 433 49.33 38.49 8.01
CA ILE C 433 49.25 38.49 6.55
C ILE C 433 48.18 39.47 6.10
N GLU C 434 48.20 39.78 4.81
CA GLU C 434 47.14 40.55 4.18
C GLU C 434 46.70 39.81 2.92
N VAL C 435 45.42 39.48 2.85
CA VAL C 435 44.91 38.61 1.80
C VAL C 435 43.98 39.42 0.90
N THR C 436 43.95 39.04 -0.37
CA THR C 436 42.99 39.55 -1.34
C THR C 436 42.26 38.36 -1.94
N GLY C 437 40.93 38.43 -1.93
CA GLY C 437 40.13 37.30 -2.32
C GLY C 437 38.74 37.70 -2.75
N THR C 438 37.95 36.69 -3.10
CA THR C 438 36.58 36.88 -3.55
C THR C 438 35.60 36.49 -2.45
N PHE C 439 34.57 37.30 -2.29
CA PHE C 439 33.55 37.09 -1.26
C PHE C 439 32.51 36.11 -1.82
N ARG C 440 32.23 35.05 -1.08
CA ARG C 440 31.40 33.96 -1.55
C ARG C 440 30.22 33.71 -0.61
N SER C 441 29.41 32.73 -0.99
CA SER C 441 28.29 32.26 -0.18
C SER C 441 27.92 30.87 -0.65
N ILE C 442 27.23 30.12 0.21
CA ILE C 442 26.89 28.74 -0.10
C ILE C 442 25.90 28.20 0.94
N PRO C 443 24.98 27.32 0.55
CA PRO C 443 24.12 26.66 1.54
C PRO C 443 24.72 25.34 2.02
N ILE C 444 24.30 24.94 3.21
CA ILE C 444 24.86 23.78 3.90
C ILE C 444 23.75 22.78 4.18
N ARG C 445 24.07 21.50 3.96
CA ARG C 445 23.10 20.43 4.19
C ARG C 445 22.74 20.36 5.67
N ALA C 446 21.45 20.15 5.94
CA ALA C 446 21.01 20.06 7.33
C ALA C 446 21.60 18.85 8.03
N ASN C 447 21.60 17.69 7.38
CA ASN C 447 22.18 16.49 7.95
C ASN C 447 22.65 15.58 6.83
N SER C 448 23.59 14.69 7.17
CA SER C 448 24.18 13.82 6.16
C SER C 448 23.15 12.86 5.56
N ARG C 449 22.19 12.40 6.37
CA ARG C 449 21.25 11.38 5.88
C ARG C 449 20.38 11.93 4.76
N GLN C 450 19.76 13.08 4.98
CA GLN C 450 18.86 13.69 4.02
C GLN C 450 19.67 14.45 2.96
N ARG C 451 18.95 15.19 2.12
CA ARG C 451 19.55 16.12 1.18
C ARG C 451 18.78 17.43 1.17
N VAL C 452 18.38 17.87 2.35
CA VAL C 452 17.71 19.14 2.56
C VAL C 452 18.75 20.18 2.91
N LEU C 453 18.48 21.44 2.56
CA LEU C 453 19.40 22.54 2.77
C LEU C 453 18.76 23.59 3.67
N LYS C 454 19.60 24.41 4.28
CA LYS C 454 19.17 25.46 5.18
C LYS C 454 19.10 26.79 4.44
N SER C 455 18.03 27.55 4.71
CA SER C 455 17.83 28.81 4.00
C SER C 455 18.94 29.80 4.28
N LEU C 456 19.49 29.82 5.48
CA LEU C 456 20.50 30.79 5.87
C LEU C 456 21.86 30.31 5.39
N TYR C 457 22.55 31.12 4.59
CA TYR C 457 23.75 30.70 3.90
C TYR C 457 25.00 30.89 4.76
N LYS C 458 26.07 30.22 4.35
CA LYS C 458 27.37 30.27 5.01
C LYS C 458 28.36 31.03 4.14
N THR C 459 29.09 31.96 4.75
CA THR C 459 30.02 32.81 4.03
C THR C 459 31.45 32.42 4.34
N TYR C 460 32.33 32.66 3.38
CA TYR C 460 33.76 32.37 3.50
C TYR C 460 34.49 33.24 2.47
N VAL C 461 35.79 33.00 2.31
CA VAL C 461 36.58 33.76 1.35
C VAL C 461 37.40 32.80 0.50
N ASP C 462 37.63 33.17 -0.75
CA ASP C 462 38.53 32.45 -1.65
C ASP C 462 39.78 33.30 -1.86
N VAL C 463 40.94 32.75 -1.53
CA VAL C 463 42.19 33.49 -1.60
C VAL C 463 42.68 33.53 -3.04
N VAL C 464 42.99 34.74 -3.52
CA VAL C 464 43.65 34.90 -4.81
C VAL C 464 45.03 35.51 -4.68
N HIS C 465 45.32 36.29 -3.64
CA HIS C 465 46.68 36.77 -3.42
C HIS C 465 46.92 36.89 -1.91
N VAL C 466 48.18 36.67 -1.51
CA VAL C 466 48.59 36.75 -0.13
C VAL C 466 49.88 37.56 -0.05
N LYS C 467 49.91 38.55 0.84
CA LYS C 467 51.08 39.38 1.08
C LYS C 467 51.56 39.14 2.51
N LYS C 468 52.82 38.74 2.64
CA LYS C 468 53.41 38.38 3.92
C LYS C 468 54.50 39.34 4.37
N VAL C 469 54.63 40.50 3.75
CA VAL C 469 55.70 41.45 4.05
C VAL C 469 55.10 42.83 4.22
N SER C 470 55.78 43.66 5.01
CA SER C 470 55.38 45.04 5.21
C SER C 470 56.62 45.85 5.57
N ASP C 471 56.53 47.16 5.35
CA ASP C 471 57.62 48.08 5.65
C ASP C 471 57.54 48.64 7.08
N LYS C 472 56.50 48.29 7.83
CA LYS C 472 56.33 48.77 9.20
C LYS C 472 56.88 47.81 10.24
N ARG C 473 57.48 46.70 9.81
CA ARG C 473 57.96 45.69 10.75
C ARG C 473 59.07 44.88 10.11
N LEU C 474 59.84 44.22 10.95
CA LEU C 474 61.00 43.46 10.50
C LEU C 474 60.56 42.21 9.75
N ASP C 475 61.51 41.62 9.03
CA ASP C 475 61.27 40.38 8.32
C ASP C 475 61.44 39.19 9.25
N VAL C 476 60.77 38.08 8.89
CA VAL C 476 60.88 36.87 9.70
C VAL C 476 62.32 36.41 9.72
N ASP C 477 62.76 35.92 10.88
CA ASP C 477 64.10 35.39 11.02
C ASP C 477 64.24 34.13 10.16
N THR C 478 65.05 34.21 9.11
CA THR C 478 65.16 33.10 8.17
C THR C 478 65.70 31.84 8.81
N SER C 479 66.36 31.94 9.96
CA SER C 479 66.90 30.76 10.62
C SER C 479 65.83 29.77 11.03
N THR C 480 64.58 30.22 11.19
CA THR C 480 63.50 29.37 11.67
C THR C 480 62.65 28.77 10.55
N ILE C 481 62.87 29.18 9.30
CA ILE C 481 62.02 28.72 8.20
C ILE C 481 62.88 28.16 7.07
N GLU C 482 64.03 27.57 7.43
CA GLU C 482 64.96 27.09 6.41
C GLU C 482 64.29 26.13 5.45
N GLN C 483 63.64 25.09 5.98
CA GLN C 483 63.05 24.07 5.12
C GLN C 483 61.89 24.64 4.29
N GLU C 484 61.12 25.56 4.86
CA GLU C 484 59.98 26.11 4.15
C GLU C 484 60.41 26.79 2.86
N LEU C 485 61.62 27.36 2.83
CA LEU C 485 62.10 28.01 1.62
C LEU C 485 62.35 27.00 0.51
N MET C 486 63.00 25.88 0.82
CA MET C 486 63.19 24.85 -0.19
C MET C 486 61.86 24.26 -0.63
N GLN C 487 60.91 24.11 0.30
CA GLN C 487 59.60 23.62 -0.10
C GLN C 487 58.89 24.61 -1.02
N ASN C 488 59.02 25.90 -0.75
CA ASN C 488 58.44 26.91 -1.65
C ASN C 488 59.06 26.81 -3.04
N LYS C 489 60.39 26.68 -3.10
CA LYS C 489 61.04 26.54 -4.40
C LYS C 489 60.54 25.30 -5.13
N VAL C 490 60.38 24.18 -4.41
CA VAL C 490 59.89 22.95 -5.04
C VAL C 490 58.48 23.14 -5.56
N ASP C 491 57.60 23.73 -4.74
CA ASP C 491 56.20 23.93 -5.09
C ASP C 491 56.00 24.99 -6.15
N HIS C 492 57.03 25.81 -6.43
CA HIS C 492 56.96 26.83 -7.49
C HIS C 492 55.97 27.94 -7.15
N ASN C 493 55.49 27.98 -5.91
CA ASN C 493 54.69 29.09 -5.43
C ASN C 493 55.59 30.32 -5.32
N GLU C 494 55.07 31.47 -5.75
CA GLU C 494 55.88 32.67 -5.92
C GLU C 494 55.76 33.63 -4.76
N VAL C 495 55.16 33.22 -3.65
CA VAL C 495 55.07 34.07 -2.47
C VAL C 495 56.46 34.30 -1.92
N GLU C 496 56.76 35.54 -1.56
CA GLU C 496 58.07 35.92 -1.06
C GLU C 496 58.00 36.13 0.46
N GLU C 497 59.00 35.61 1.17
CA GLU C 497 59.02 35.73 2.63
C GLU C 497 59.69 37.03 3.07
N VAL C 498 60.75 37.44 2.36
CA VAL C 498 61.54 38.59 2.74
C VAL C 498 61.45 39.64 1.64
N ARG C 499 61.58 40.91 2.04
CA ARG C 499 61.51 42.01 1.10
C ARG C 499 62.75 42.04 0.21
N GLN C 500 62.61 42.69 -0.93
CA GLN C 500 63.70 42.81 -1.89
C GLN C 500 64.49 44.09 -1.62
N ILE C 501 65.78 44.05 -1.92
CA ILE C 501 66.70 45.14 -1.63
C ILE C 501 67.31 45.62 -2.94
N THR C 502 67.32 46.94 -3.13
CA THR C 502 67.88 47.53 -4.34
C THR C 502 69.32 47.96 -4.11
N ASP C 503 70.05 48.16 -5.21
CA ASP C 503 71.44 48.59 -5.12
C ASP C 503 71.56 49.94 -4.44
N GLN C 504 70.66 50.87 -4.77
CA GLN C 504 70.69 52.18 -4.12
C GLN C 504 70.48 52.04 -2.62
N ASP C 505 69.53 51.20 -2.22
CA ASP C 505 69.28 51.00 -0.79
C ASP C 505 70.49 50.39 -0.10
N LEU C 506 71.13 49.41 -0.74
CA LEU C 506 72.31 48.80 -0.13
C LEU C 506 73.44 49.82 0.01
N ALA C 507 73.63 50.66 -1.01
CA ALA C 507 74.65 51.70 -0.92
C ALA C 507 74.33 52.68 0.21
N LYS C 508 73.06 53.05 0.35
CA LYS C 508 72.67 53.93 1.45
C LYS C 508 72.92 53.27 2.79
N ILE C 509 72.66 51.96 2.89
CA ILE C 509 72.92 51.23 4.12
C ILE C 509 74.41 51.31 4.46
N ARG C 510 75.25 51.05 3.47
CA ARG C 510 76.70 51.13 3.71
C ARG C 510 77.12 52.52 4.15
N GLU C 511 76.59 53.55 3.48
CA GLU C 511 76.96 54.92 3.84
C GLU C 511 76.52 55.25 5.25
N VAL C 512 75.30 54.84 5.63
CA VAL C 512 74.82 55.11 6.98
C VAL C 512 75.67 54.39 8.01
N ALA C 513 76.03 53.12 7.75
CA ALA C 513 76.91 52.41 8.66
C ALA C 513 78.29 53.05 8.74
N ALA C 514 78.71 53.75 7.68
CA ALA C 514 80.05 54.33 7.66
C ALA C 514 80.26 55.43 8.68
N ARG C 515 79.22 56.13 9.11
CA ARG C 515 79.42 57.26 10.00
C ARG C 515 79.78 56.78 11.40
N GLU C 516 80.06 57.74 12.28
CA GLU C 516 80.63 57.46 13.60
C GLU C 516 79.61 57.59 14.73
N ASP C 517 78.44 58.17 14.46
CA ASP C 517 77.40 58.31 15.47
C ASP C 517 76.27 57.29 15.28
N LEU C 518 76.59 56.15 14.67
CA LEU C 518 75.56 55.18 14.32
C LEU C 518 74.82 54.68 15.56
N TYR C 519 75.55 54.36 16.62
CA TYR C 519 74.93 53.73 17.79
C TYR C 519 73.92 54.67 18.43
N SER C 520 74.34 55.90 18.74
CA SER C 520 73.43 56.86 19.34
C SER C 520 72.31 57.22 18.37
N LEU C 521 72.62 57.29 17.08
CA LEU C 521 71.59 57.63 16.09
C LEU C 521 70.47 56.60 16.11
N LEU C 522 70.82 55.31 16.04
CA LEU C 522 69.80 54.27 16.08
C LEU C 522 69.05 54.28 17.40
N ALA C 523 69.77 54.41 18.52
CA ALA C 523 69.12 54.44 19.81
C ALA C 523 68.06 55.54 19.86
N ARG C 524 68.43 56.74 19.41
CA ARG C 524 67.45 57.83 19.33
C ARG C 524 66.34 57.52 18.34
N SER C 525 66.65 56.79 17.28
CA SER C 525 65.65 56.49 16.26
C SER C 525 64.53 55.64 16.83
N ILE C 526 64.87 54.63 17.64
CA ILE C 526 63.83 53.77 18.20
C ILE C 526 62.89 54.61 19.05
N ALA C 527 61.59 54.51 18.76
CA ALA C 527 60.55 55.14 19.56
C ALA C 527 60.85 56.62 19.77
N PRO C 528 60.72 57.44 18.72
CA PRO C 528 61.05 58.87 18.88
C PRO C 528 60.18 59.60 19.88
N SER C 529 58.99 59.08 20.19
CA SER C 529 58.04 59.81 21.02
C SER C 529 58.29 59.64 22.52
N ILE C 530 59.25 58.81 22.93
CA ILE C 530 59.59 58.63 24.33
C ILE C 530 60.93 59.31 24.58
N TYR C 531 61.00 60.07 25.66
CA TYR C 531 62.13 60.95 25.92
C TYR C 531 63.24 60.21 26.66
N GLU C 532 64.49 60.61 26.40
CA GLU C 532 65.67 60.19 27.16
C GLU C 532 65.70 58.66 27.21
N LEU C 533 66.01 58.05 28.36
CA LEU C 533 66.09 56.59 28.50
C LEU C 533 67.03 56.00 27.44
N GLU C 534 68.23 56.57 27.37
CA GLU C 534 69.19 56.13 26.37
C GLU C 534 69.57 54.67 26.56
N ASP C 535 69.87 54.26 27.80
CA ASP C 535 70.27 52.88 28.03
C ASP C 535 69.12 51.93 27.78
N VAL C 536 67.90 52.31 28.14
CA VAL C 536 66.74 51.47 27.87
C VAL C 536 66.59 51.25 26.37
N LYS C 537 66.63 52.35 25.60
CA LYS C 537 66.50 52.23 24.16
C LYS C 537 67.63 51.39 23.57
N LYS C 538 68.84 51.55 24.10
CA LYS C 538 69.98 50.77 23.61
C LYS C 538 69.77 49.28 23.88
N GLY C 539 69.28 48.94 25.06
CA GLY C 539 68.99 47.54 25.35
C GLY C 539 67.91 46.98 24.43
N ILE C 540 66.87 47.78 24.15
CA ILE C 540 65.84 47.33 23.22
C ILE C 540 66.43 47.09 21.84
N LEU C 541 67.30 48.00 21.39
CA LEU C 541 67.94 47.83 20.09
C LEU C 541 68.76 46.55 20.04
N LEU C 542 69.54 46.30 21.08
CA LEU C 542 70.37 45.10 21.10
C LEU C 542 69.50 43.84 21.12
N GLN C 543 68.40 43.87 21.87
CA GLN C 543 67.47 42.74 21.85
C GLN C 543 66.94 42.50 20.44
N LEU C 544 66.51 43.57 19.76
CA LEU C 544 65.99 43.40 18.42
C LEU C 544 67.04 42.82 17.48
N PHE C 545 68.28 43.30 17.57
CA PHE C 545 69.35 42.75 16.75
C PHE C 545 69.57 41.28 17.05
N GLY C 546 69.59 40.92 18.33
CA GLY C 546 69.73 39.53 18.72
C GLY C 546 71.15 39.02 18.56
N GLY C 547 71.44 37.93 19.27
CA GLY C 547 72.74 37.31 19.21
C GLY C 547 72.86 36.35 18.04
N THR C 548 73.96 35.61 18.04
CA THR C 548 74.24 34.62 17.00
C THR C 548 73.74 33.26 17.46
N ASN C 549 73.27 32.47 16.51
CA ASN C 549 72.67 31.16 16.78
C ASN C 549 73.65 30.06 16.38
N LYS C 550 74.22 29.39 17.36
CA LYS C 550 75.12 28.27 17.10
C LYS C 550 74.32 27.00 16.83
N THR C 551 74.90 26.10 16.05
CA THR C 551 74.29 24.81 15.72
C THR C 551 75.39 23.76 15.71
N PHE C 552 75.38 22.88 16.70
CA PHE C 552 76.47 21.93 16.85
C PHE C 552 76.24 20.70 15.99
N THR C 553 77.13 20.47 15.02
CA THR C 553 77.10 19.22 14.28
C THR C 553 77.18 18.07 15.27
N LYS C 554 76.33 17.07 15.06
CA LYS C 554 76.13 15.94 15.97
C LYS C 554 75.25 16.30 17.17
N GLY C 555 74.38 17.30 17.06
CA GLY C 555 73.43 17.56 18.14
C GLY C 555 73.91 18.64 19.08
N GLY C 556 73.00 19.55 19.45
CA GLY C 556 73.34 20.65 20.33
C GLY C 556 72.92 21.98 19.74
N ARG C 557 72.25 22.81 20.53
CA ARG C 557 71.70 24.08 20.06
C ARG C 557 72.01 25.18 21.06
N TYR C 558 72.32 26.36 20.54
CA TYR C 558 72.49 27.57 21.33
C TYR C 558 71.94 28.73 20.54
N ARG C 559 71.16 29.59 21.18
CA ARG C 559 70.43 30.64 20.49
C ARG C 559 70.78 32.00 21.09
N GLY C 560 70.68 33.03 20.24
CA GLY C 560 71.06 34.37 20.63
C GLY C 560 69.92 35.19 21.17
N ASP C 561 68.82 34.56 21.55
CA ASP C 561 67.69 35.28 22.11
C ASP C 561 68.09 35.92 23.43
N ILE C 562 67.54 37.12 23.68
CA ILE C 562 67.89 37.91 24.85
C ILE C 562 66.60 38.24 25.60
N ASN C 563 66.62 38.06 26.92
CA ASN C 563 65.47 38.32 27.78
C ASN C 563 65.74 39.56 28.62
N ILE C 564 64.72 40.38 28.79
CA ILE C 564 64.85 41.65 29.50
C ILE C 564 63.64 41.85 30.40
N LEU C 565 63.87 42.42 31.58
CA LEU C 565 62.83 42.77 32.54
C LEU C 565 62.99 44.23 32.93
N LEU C 566 61.87 44.88 33.24
CA LEU C 566 61.84 46.29 33.62
C LEU C 566 61.23 46.43 35.00
N CYS C 567 61.99 46.96 35.95
CA CYS C 567 61.48 47.39 37.24
C CYS C 567 61.60 48.91 37.34
N GLY C 568 60.73 49.52 38.13
CA GLY C 568 60.83 50.94 38.37
C GLY C 568 59.52 51.51 38.87
N ASP C 569 59.49 52.83 38.96
CA ASP C 569 58.32 53.52 39.46
C ASP C 569 57.12 53.26 38.54
N PRO C 570 55.92 53.14 39.11
CA PRO C 570 54.77 52.73 38.29
C PRO C 570 54.40 53.71 37.19
N SER C 571 54.74 54.99 37.34
CA SER C 571 54.24 56.04 36.44
C SER C 571 55.20 56.39 35.31
N THR C 572 56.34 55.71 35.20
CA THR C 572 57.26 55.99 34.11
C THR C 572 56.72 55.41 32.82
N SER C 573 57.51 55.52 31.75
CA SER C 573 57.13 54.99 30.44
C SER C 573 57.79 53.63 30.21
N LYS C 574 57.42 52.68 31.08
CA LYS C 574 57.83 51.29 30.91
C LYS C 574 56.77 50.43 30.26
N SER C 575 55.60 50.98 29.95
CA SER C 575 54.56 50.26 29.23
C SER C 575 54.51 50.63 27.75
N GLN C 576 54.69 51.91 27.42
CA GLN C 576 54.72 52.31 26.02
C GLN C 576 55.77 51.54 25.24
N ILE C 577 56.85 51.14 25.92
CA ILE C 577 57.91 50.39 25.24
C ILE C 577 57.36 49.08 24.70
N LEU C 578 56.57 48.38 25.51
CA LEU C 578 56.06 47.07 25.09
C LEU C 578 55.20 47.18 23.84
N GLN C 579 54.34 48.20 23.77
CA GLN C 579 53.48 48.36 22.61
C GLN C 579 54.29 48.56 21.34
N TYR C 580 55.33 49.40 21.41
CA TYR C 580 56.14 49.68 20.24
C TYR C 580 56.85 48.43 19.76
N VAL C 581 57.45 47.67 20.69
CA VAL C 581 58.14 46.44 20.29
C VAL C 581 57.15 45.45 19.72
N HIS C 582 55.95 45.35 20.30
CA HIS C 582 54.95 44.43 19.78
C HIS C 582 54.56 44.80 18.36
N LYS C 583 54.38 46.09 18.09
CA LYS C 583 53.97 46.52 16.75
C LYS C 583 55.11 46.49 15.74
N ILE C 584 56.37 46.51 16.20
CA ILE C 584 57.48 46.50 15.26
C ILE C 584 57.97 45.09 14.98
N THR C 585 57.79 44.15 15.91
CA THR C 585 58.28 42.79 15.71
C THR C 585 57.38 42.03 14.75
N PRO C 586 57.91 41.00 14.08
CA PRO C 586 57.06 40.23 13.15
C PRO C 586 56.07 39.33 13.86
N ARG C 587 56.49 38.64 14.91
CA ARG C 587 55.61 37.73 15.64
C ARG C 587 55.73 38.00 17.13
N GLY C 588 54.62 37.86 17.83
CA GLY C 588 54.61 38.08 19.26
C GLY C 588 53.20 38.16 19.80
N VAL C 589 53.12 38.17 21.13
CA VAL C 589 51.85 38.30 21.83
C VAL C 589 52.08 39.15 23.07
N TYR C 590 51.10 40.00 23.37
CA TYR C 590 51.14 40.87 24.54
C TYR C 590 50.16 40.31 25.57
N THR C 591 50.68 39.84 26.70
CA THR C 591 49.86 39.19 27.71
C THR C 591 50.12 39.83 29.07
N SER C 592 49.11 39.75 29.93
CA SER C 592 49.22 40.17 31.32
C SER C 592 49.50 38.96 32.20
N GLY C 593 49.80 39.23 33.46
CA GLY C 593 50.19 38.17 34.38
C GLY C 593 49.04 37.40 34.95
N LYS C 594 48.04 38.11 35.49
CA LYS C 594 46.92 37.46 36.15
C LYS C 594 45.84 36.99 35.16
N GLY C 595 45.91 37.41 33.91
CA GLY C 595 44.93 37.01 32.92
C GLY C 595 45.44 35.91 32.01
N SER C 596 46.14 34.93 32.57
CA SER C 596 46.72 33.84 31.81
C SER C 596 46.54 32.53 32.57
N SER C 597 47.02 31.45 31.97
CA SER C 597 46.96 30.13 32.58
C SER C 597 47.99 29.23 31.94
N ALA C 598 48.35 28.16 32.65
CA ALA C 598 49.38 27.26 32.17
C ALA C 598 48.98 26.60 30.86
N VAL C 599 47.74 26.12 30.78
CA VAL C 599 47.28 25.48 29.55
C VAL C 599 47.13 26.53 28.44
N GLY C 600 46.57 27.69 28.79
CA GLY C 600 46.36 28.74 27.80
C GLY C 600 47.65 29.28 27.22
N LEU C 601 48.76 29.18 27.94
CA LEU C 601 50.04 29.61 27.41
C LEU C 601 50.74 28.56 26.58
N THR C 602 50.29 27.31 26.62
CA THR C 602 51.00 26.21 25.98
C THR C 602 50.21 25.58 24.84
N ALA C 603 49.02 25.05 25.12
CA ALA C 603 48.25 24.35 24.09
C ALA C 603 46.93 23.90 24.71
N TYR C 604 46.04 23.40 23.85
CA TYR C 604 44.78 22.85 24.31
C TYR C 604 44.10 22.12 23.15
N ILE C 605 43.01 21.42 23.49
CA ILE C 605 42.20 20.69 22.53
C ILE C 605 40.83 21.35 22.47
N THR C 606 40.29 21.49 21.26
CA THR C 606 39.00 22.13 21.08
C THR C 606 38.23 21.42 19.98
N ARG C 607 36.90 21.50 20.08
CA ARG C 607 36.01 20.88 19.11
C ARG C 607 35.74 21.85 17.97
N ASP C 608 36.14 21.46 16.76
CA ASP C 608 35.88 22.28 15.60
C ASP C 608 34.38 22.35 15.33
N VAL C 609 33.85 23.58 15.21
CA VAL C 609 32.41 23.75 15.06
C VAL C 609 31.91 23.25 13.71
N ASP C 610 32.78 23.15 12.71
CA ASP C 610 32.36 22.72 11.37
C ASP C 610 32.46 21.20 11.21
N THR C 611 33.67 20.66 11.38
CA THR C 611 33.89 19.23 11.22
C THR C 611 33.38 18.43 12.40
N LYS C 612 33.05 19.07 13.52
CA LYS C 612 32.55 18.40 14.72
C LYS C 612 33.56 17.39 15.26
N GLN C 613 34.85 17.65 15.12
CA GLN C 613 35.90 16.80 15.64
C GLN C 613 36.78 17.59 16.61
N LEU C 614 37.72 16.89 17.22
CA LEU C 614 38.64 17.49 18.19
C LEU C 614 39.99 17.73 17.54
N VAL C 615 40.50 18.95 17.70
CA VAL C 615 41.76 19.36 17.10
C VAL C 615 42.55 20.19 18.11
N LEU C 616 43.87 20.14 17.98
CA LEU C 616 44.77 20.88 18.85
C LEU C 616 44.88 22.33 18.39
N GLU C 617 45.11 23.22 19.34
CA GLU C 617 45.30 24.63 19.05
C GLU C 617 46.48 25.15 19.87
N SER C 618 47.14 26.17 19.34
CA SER C 618 48.41 26.64 19.88
C SER C 618 48.20 27.74 20.91
N GLY C 619 49.19 27.85 21.80
CA GLY C 619 49.18 28.87 22.83
C GLY C 619 50.05 30.07 22.48
N ALA C 620 50.12 31.00 23.42
CA ALA C 620 50.85 32.24 23.19
C ALA C 620 52.33 31.98 22.92
N LEU C 621 52.96 31.15 23.75
CA LEU C 621 54.40 30.94 23.62
C LEU C 621 54.76 30.27 22.31
N VAL C 622 53.98 29.27 21.88
CA VAL C 622 54.27 28.62 20.62
C VAL C 622 53.96 29.53 19.45
N LEU C 623 52.86 30.30 19.54
CA LEU C 623 52.55 31.26 18.50
C LEU C 623 53.64 32.31 18.35
N SER C 624 54.35 32.62 19.43
CA SER C 624 55.39 33.64 19.41
C SER C 624 56.75 33.11 18.94
N ASP C 625 56.82 31.87 18.47
CA ASP C 625 58.09 31.32 18.03
C ASP C 625 58.74 32.21 16.99
N GLY C 626 60.03 32.49 17.18
CA GLY C 626 60.75 33.35 16.27
C GLY C 626 60.51 34.83 16.47
N GLY C 627 59.86 35.23 17.55
CA GLY C 627 59.54 36.63 17.77
C GLY C 627 59.76 37.07 19.21
N VAL C 628 58.89 37.97 19.68
CA VAL C 628 59.02 38.58 21.00
C VAL C 628 57.70 38.43 21.74
N CYS C 629 57.78 38.01 23.00
CA CYS C 629 56.60 37.88 23.86
C CYS C 629 56.68 38.94 24.95
N CYS C 630 55.64 39.76 25.06
CA CYS C 630 55.58 40.85 26.02
C CYS C 630 54.71 40.43 27.19
N ILE C 631 55.23 40.57 28.40
CA ILE C 631 54.53 40.19 29.62
C ILE C 631 54.43 41.42 30.51
N ASP C 632 53.21 41.77 30.89
CA ASP C 632 52.94 42.93 31.73
C ASP C 632 52.53 42.45 33.13
N GLU C 633 53.03 43.15 34.14
CA GLU C 633 52.75 42.83 35.54
C GLU C 633 53.22 41.41 35.85
N PHE C 634 54.51 41.16 35.56
CA PHE C 634 55.07 39.82 35.73
C PHE C 634 55.00 39.34 37.17
N ASP C 635 54.88 40.24 38.14
CA ASP C 635 54.88 39.86 39.54
C ASP C 635 53.54 39.33 40.03
N LYS C 636 52.45 39.64 39.35
CA LYS C 636 51.14 39.12 39.71
C LYS C 636 50.92 37.69 39.23
N MET C 637 51.84 37.15 38.44
CA MET C 637 51.69 35.82 37.89
C MET C 637 51.75 34.78 39.00
N SER C 638 50.84 33.81 38.94
CA SER C 638 50.83 32.74 39.91
C SER C 638 52.06 31.84 39.73
N ASP C 639 52.42 31.13 40.80
CA ASP C 639 53.59 30.26 40.73
C ASP C 639 53.39 29.14 39.72
N SER C 640 52.19 28.56 39.67
CA SER C 640 51.93 27.50 38.71
C SER C 640 52.13 27.99 37.29
N THR C 641 51.56 29.15 36.97
CA THR C 641 51.71 29.71 35.63
C THR C 641 53.18 30.03 35.35
N ARG C 642 53.88 30.59 36.33
CA ARG C 642 55.28 30.95 36.15
C ARG C 642 56.16 29.73 35.94
N SER C 643 55.73 28.56 36.44
CA SER C 643 56.57 27.37 36.37
C SER C 643 57.04 27.08 34.96
N VAL C 644 56.16 27.20 33.97
CA VAL C 644 56.50 26.81 32.60
C VAL C 644 57.64 27.63 32.00
N LEU C 645 57.78 28.90 32.39
CA LEU C 645 58.76 29.76 31.76
C LEU C 645 60.19 29.26 31.93
N HIS C 646 60.45 28.39 32.91
CA HIS C 646 61.82 27.94 33.14
C HIS C 646 62.38 27.25 31.91
N GLU C 647 61.68 26.25 31.39
CA GLU C 647 62.19 25.52 30.23
C GLU C 647 62.29 26.43 29.01
N VAL C 648 61.28 27.28 28.81
CA VAL C 648 61.30 28.20 27.67
C VAL C 648 62.54 29.07 27.70
N MET C 649 62.80 29.70 28.84
CA MET C 649 63.97 30.56 28.98
C MET C 649 65.27 29.79 28.97
N GLU C 650 65.27 28.50 29.29
CA GLU C 650 66.51 27.77 29.48
C GLU C 650 66.80 26.75 28.37
N GLN C 651 65.81 26.40 27.55
CA GLN C 651 66.04 25.55 26.39
C GLN C 651 65.26 25.94 25.15
N GLN C 652 64.39 26.95 25.22
CA GLN C 652 63.59 27.37 24.08
C GLN C 652 62.73 26.23 23.54
N THR C 653 62.22 25.38 24.44
CA THR C 653 61.35 24.29 24.04
C THR C 653 60.30 24.08 25.13
N ILE C 654 59.23 23.38 24.75
CA ILE C 654 58.19 22.99 25.69
C ILE C 654 57.80 21.55 25.42
N SER C 655 57.80 20.73 26.47
CA SER C 655 57.44 19.32 26.37
C SER C 655 56.01 19.13 26.85
N ILE C 656 55.24 18.33 26.12
CA ILE C 656 53.83 18.12 26.42
C ILE C 656 53.58 16.64 26.62
N ALA C 657 52.88 16.30 27.70
CA ALA C 657 52.40 14.94 27.96
C ALA C 657 50.93 15.06 28.34
N LYS C 658 50.07 15.09 27.33
CA LYS C 658 48.63 15.18 27.52
C LYS C 658 47.96 14.13 26.65
N ALA C 659 46.68 13.89 26.92
CA ALA C 659 45.94 12.84 26.22
C ALA C 659 45.97 13.06 24.72
N GLY C 660 46.66 12.16 24.00
CA GLY C 660 46.71 12.19 22.56
C GLY C 660 47.96 12.80 21.97
N ILE C 661 48.73 13.56 22.76
CA ILE C 661 49.92 14.23 22.27
C ILE C 661 51.06 14.03 23.25
N ILE C 662 52.21 13.60 22.73
CA ILE C 662 53.45 13.52 23.49
C ILE C 662 54.56 13.99 22.56
N THR C 663 55.06 15.20 22.76
CA THR C 663 56.06 15.76 21.86
C THR C 663 56.65 17.02 22.47
N THR C 664 57.72 17.49 21.86
CA THR C 664 58.39 18.73 22.24
C THR C 664 58.25 19.74 21.11
N LEU C 665 57.93 20.98 21.48
CA LEU C 665 57.69 22.07 20.54
C LEU C 665 58.75 23.15 20.71
N ASN C 666 59.09 23.80 19.61
CA ASN C 666 60.06 24.88 19.61
C ASN C 666 59.41 26.17 20.09
N ALA C 667 60.18 26.97 20.84
CA ALA C 667 59.70 28.23 21.39
C ALA C 667 60.75 29.31 21.25
N ARG C 668 61.32 29.45 20.06
CA ARG C 668 62.43 30.37 19.85
C ARG C 668 61.93 31.81 19.91
N SER C 669 61.65 32.29 21.12
CA SER C 669 61.10 33.62 21.33
C SER C 669 61.87 34.33 22.44
N SER C 670 61.97 35.65 22.30
CA SER C 670 62.56 36.48 23.33
C SER C 670 61.47 36.94 24.30
N ILE C 671 61.89 37.28 25.51
CA ILE C 671 60.98 37.65 26.59
C ILE C 671 61.24 39.10 26.97
N LEU C 672 60.18 39.90 27.00
CA LEU C 672 60.27 41.28 27.50
C LEU C 672 59.18 41.43 28.56
N ALA C 673 59.61 41.55 29.82
CA ALA C 673 58.70 41.53 30.94
C ALA C 673 58.78 42.83 31.72
N SER C 674 57.67 43.18 32.38
CA SER C 674 57.63 44.35 33.24
C SER C 674 57.08 43.95 34.60
N ALA C 675 57.49 44.69 35.62
CA ALA C 675 57.05 44.42 36.99
C ALA C 675 57.06 45.72 37.79
N ASN C 676 56.27 45.73 38.87
CA ASN C 676 56.19 46.89 39.74
C ASN C 676 56.72 46.56 41.13
N PRO C 677 57.22 47.55 41.87
CA PRO C 677 57.73 47.29 43.21
C PRO C 677 56.61 47.12 44.22
N ILE C 678 56.94 46.43 45.30
CA ILE C 678 55.99 46.24 46.39
C ILE C 678 55.61 47.59 46.97
N GLY C 679 54.34 47.78 47.26
CA GLY C 679 53.86 49.02 47.86
C GLY C 679 53.72 50.11 46.81
N SER C 680 54.24 51.30 47.12
CA SER C 680 54.06 52.49 46.30
C SER C 680 55.26 52.78 45.42
N ARG C 681 56.44 52.95 46.01
CA ARG C 681 57.61 53.41 45.28
C ARG C 681 58.82 52.58 45.68
N TYR C 682 59.74 52.42 44.74
CA TYR C 682 60.99 51.73 45.02
C TYR C 682 61.76 52.48 46.10
N ASN C 683 61.85 51.89 47.29
CA ASN C 683 62.51 52.53 48.41
C ASN C 683 64.02 52.33 48.28
N PRO C 684 64.81 53.39 48.16
CA PRO C 684 66.27 53.23 48.06
C PRO C 684 66.94 52.82 49.36
N ASN C 685 66.19 52.74 50.46
CA ASN C 685 66.75 52.36 51.75
C ASN C 685 66.69 50.85 51.98
N LEU C 686 66.23 50.08 51.00
CA LEU C 686 66.13 48.64 51.09
C LEU C 686 66.77 48.01 49.87
N PRO C 687 67.26 46.78 49.98
CA PRO C 687 67.85 46.12 48.80
C PRO C 687 66.79 45.79 47.77
N VAL C 688 67.26 45.55 46.55
CA VAL C 688 66.35 45.28 45.43
C VAL C 688 65.51 44.05 45.71
N THR C 689 66.06 43.10 46.47
CA THR C 689 65.32 41.87 46.76
C THR C 689 64.10 42.13 47.63
N GLU C 690 64.16 43.13 48.52
CA GLU C 690 63.01 43.49 49.34
C GLU C 690 62.10 44.50 48.64
N ASN C 691 62.49 45.00 47.47
CA ASN C 691 61.63 45.88 46.68
C ASN C 691 60.93 45.17 45.55
N ILE C 692 61.46 44.03 45.09
CA ILE C 692 60.86 43.25 44.01
C ILE C 692 60.26 41.99 44.60
N ASP C 693 59.02 41.68 44.20
CA ASP C 693 58.29 40.55 44.76
C ASP C 693 58.49 39.31 43.87
N LEU C 694 59.77 38.96 43.69
CA LEU C 694 60.15 37.77 42.95
C LEU C 694 61.26 37.06 43.71
N PRO C 695 61.30 35.74 43.67
CA PRO C 695 62.38 35.00 44.35
C PRO C 695 63.73 35.46 43.83
N PRO C 696 64.71 35.67 44.71
CA PRO C 696 66.01 36.18 44.26
C PRO C 696 66.62 35.29 43.19
N PRO C 697 66.54 33.97 43.32
CA PRO C 697 67.12 33.12 42.28
C PRO C 697 66.55 33.37 40.89
N LEU C 698 65.26 33.66 40.79
CA LEU C 698 64.64 33.83 39.48
C LEU C 698 65.18 35.05 38.76
N LEU C 699 65.47 36.13 39.49
CA LEU C 699 65.95 37.36 38.85
C LEU C 699 67.31 37.18 38.19
N SER C 700 68.02 36.09 38.49
CA SER C 700 69.35 35.86 37.92
C SER C 700 69.30 35.27 36.52
N ARG C 701 68.12 34.87 36.04
CA ARG C 701 68.00 34.26 34.71
C ARG C 701 67.99 35.29 33.59
N PHE C 702 67.51 36.50 33.85
CA PHE C 702 67.41 37.53 32.83
C PHE C 702 68.77 38.09 32.49
N ASP C 703 68.96 38.40 31.20
CA ASP C 703 70.24 38.95 30.74
C ASP C 703 70.45 40.36 31.26
N LEU C 704 69.39 41.17 31.30
CA LEU C 704 69.47 42.53 31.81
C LEU C 704 68.34 42.78 32.78
N VAL C 705 68.60 43.61 33.78
CA VAL C 705 67.59 44.08 34.72
C VAL C 705 67.68 45.60 34.76
N TYR C 706 66.56 46.27 34.53
CA TYR C 706 66.52 47.72 34.44
C TYR C 706 65.78 48.29 35.63
N LEU C 707 66.44 49.18 36.37
CA LEU C 707 65.85 49.88 37.50
C LEU C 707 65.49 51.28 37.03
N VAL C 708 64.21 51.50 36.76
CA VAL C 708 63.71 52.79 36.28
C VAL C 708 63.33 53.59 37.52
N LEU C 709 64.18 54.52 37.92
CA LEU C 709 63.96 55.35 39.10
C LEU C 709 63.56 56.75 38.67
N ASP C 710 62.72 57.39 39.48
CA ASP C 710 62.21 58.73 39.19
C ASP C 710 62.77 59.69 40.24
N LYS C 711 63.61 60.62 39.80
CA LYS C 711 64.18 61.63 40.67
C LYS C 711 63.65 63.01 40.29
N VAL C 712 63.41 63.83 41.30
CA VAL C 712 62.85 65.17 41.10
C VAL C 712 63.99 66.12 40.79
N ASP C 713 64.00 66.64 39.56
CA ASP C 713 65.02 67.59 39.14
C ASP C 713 64.37 68.61 38.21
N GLU C 714 64.58 69.90 38.49
CA GLU C 714 63.89 70.94 37.75
C GLU C 714 64.25 70.93 36.28
N LYS C 715 65.54 70.73 35.96
CA LYS C 715 65.96 70.75 34.57
C LYS C 715 65.28 69.64 33.77
N ASN C 716 65.35 68.41 34.29
CA ASN C 716 64.73 67.29 33.60
C ASN C 716 63.21 67.47 33.51
N ASP C 717 62.59 68.00 34.57
CA ASP C 717 61.16 68.25 34.53
C ASP C 717 60.81 69.23 33.42
N ARG C 718 61.56 70.33 33.31
CA ARG C 718 61.31 71.30 32.26
C ARG C 718 61.45 70.66 30.89
N GLU C 719 62.53 69.90 30.69
CA GLU C 719 62.75 69.26 29.40
C GLU C 719 61.60 68.34 29.03
N LEU C 720 61.21 67.46 29.96
CA LEU C 720 60.14 66.51 29.67
C LEU C 720 58.81 67.22 29.43
N ALA C 721 58.51 68.25 30.23
CA ALA C 721 57.25 68.97 30.06
C ALA C 721 57.20 69.65 28.70
N LYS C 722 58.29 70.29 28.28
CA LYS C 722 58.31 70.89 26.96
C LYS C 722 58.14 69.84 25.87
N HIS C 723 58.84 68.71 26.01
CA HIS C 723 58.72 67.66 25.01
C HIS C 723 57.29 67.18 24.87
N LEU C 724 56.61 66.99 26.01
CA LEU C 724 55.22 66.51 25.95
C LEU C 724 54.29 67.57 25.40
N THR C 725 54.40 68.82 25.87
CA THR C 725 53.50 69.86 25.44
C THR C 725 53.68 70.25 23.97
N ASN C 726 54.85 69.97 23.39
CA ASN C 726 55.04 70.26 21.97
C ASN C 726 54.14 69.41 21.09
N LEU C 727 53.75 68.21 21.55
CA LEU C 727 52.98 67.29 20.72
C LEU C 727 51.58 67.79 20.41
N TYR C 728 51.06 68.78 21.15
CA TYR C 728 49.71 69.27 20.97
C TYR C 728 49.66 70.58 20.20
N LEU C 729 50.78 71.00 19.61
CA LEU C 729 50.81 72.28 18.91
C LEU C 729 49.91 72.27 17.68
N GLU C 730 49.89 71.16 16.95
CA GLU C 730 49.08 71.04 15.74
C GLU C 730 48.36 69.69 15.76
N ASP C 731 47.27 69.62 15.00
CA ASP C 731 46.38 68.47 15.05
C ASP C 731 47.04 67.17 14.57
N LYS C 732 48.17 67.26 13.89
CA LYS C 732 48.85 66.07 13.36
C LYS C 732 50.31 66.07 13.78
N PRO C 733 50.92 64.89 13.90
CA PRO C 733 52.33 64.84 14.31
C PRO C 733 53.27 65.36 13.23
N GLU C 734 54.32 66.03 13.68
CA GLU C 734 55.36 66.51 12.78
C GLU C 734 56.76 66.27 13.32
N HIS C 735 56.91 65.71 14.51
CA HIS C 735 58.22 65.43 15.08
C HIS C 735 59.06 64.57 14.15
N ASP C 740 67.00 64.76 13.82
CA ASP C 740 67.86 63.80 13.11
C ASP C 740 67.51 62.37 13.50
N VAL C 741 66.42 61.86 12.93
CA VAL C 741 65.94 60.51 13.21
C VAL C 741 65.69 59.80 11.89
N LEU C 742 66.15 58.56 11.79
CA LEU C 742 65.89 57.78 10.60
C LEU C 742 64.40 57.47 10.48
N PRO C 743 63.89 57.32 9.27
CA PRO C 743 62.50 56.87 9.11
C PRO C 743 62.36 55.40 9.47
N VAL C 744 61.14 55.03 9.87
CA VAL C 744 60.89 53.67 10.34
C VAL C 744 61.18 52.66 9.23
N GLU C 745 60.83 53.00 7.99
CA GLU C 745 61.06 52.08 6.88
C GLU C 745 62.55 51.77 6.73
N PHE C 746 63.38 52.82 6.69
CA PHE C 746 64.82 52.61 6.56
C PHE C 746 65.39 51.88 7.77
N LEU C 747 64.90 52.22 8.96
CA LEU C 747 65.37 51.54 10.17
C LEU C 747 65.11 50.05 10.09
N THR C 748 63.88 49.67 9.73
CA THR C 748 63.55 48.26 9.61
C THR C 748 64.37 47.59 8.53
N MET C 749 64.56 48.26 7.40
CA MET C 749 65.37 47.67 6.32
C MET C 749 66.78 47.40 6.80
N TYR C 750 67.39 48.37 7.47
CA TYR C 750 68.75 48.20 7.97
C TYR C 750 68.82 47.05 8.97
N ILE C 751 67.88 47.00 9.92
CA ILE C 751 67.93 45.97 10.94
C ILE C 751 67.77 44.59 10.30
N SER C 752 66.83 44.46 9.36
CA SER C 752 66.63 43.16 8.72
C SER C 752 67.86 42.73 7.94
N TYR C 753 68.46 43.65 7.18
CA TYR C 753 69.66 43.30 6.42
C TYR C 753 70.77 42.87 7.36
N ALA C 754 70.99 43.62 8.44
CA ALA C 754 72.06 43.27 9.38
C ALA C 754 71.80 41.90 10.00
N LYS C 755 70.55 41.63 10.39
CA LYS C 755 70.23 40.34 11.00
C LYS C 755 70.50 39.21 10.02
N GLU C 756 70.10 39.37 8.76
CA GLU C 756 70.15 38.25 7.83
C GLU C 756 71.55 38.00 7.27
N HIS C 757 72.34 39.05 7.02
CA HIS C 757 73.53 38.91 6.20
C HIS C 757 74.84 38.81 6.99
N ILE C 758 74.84 39.09 8.29
CA ILE C 758 76.07 39.12 9.08
C ILE C 758 75.98 38.09 10.19
N HIS C 759 77.14 37.56 10.59
CA HIS C 759 77.22 36.50 11.61
C HIS C 759 78.56 36.64 12.33
N PRO C 760 78.62 37.43 13.41
CA PRO C 760 79.90 37.65 14.06
C PRO C 760 80.43 36.43 14.78
N ILE C 761 81.74 36.45 15.04
CA ILE C 761 82.42 35.42 15.81
C ILE C 761 83.35 36.10 16.80
N ILE C 762 83.72 35.38 17.85
CA ILE C 762 84.55 35.91 18.92
C ILE C 762 86.01 35.55 18.68
N THR C 763 86.90 36.26 19.37
CA THR C 763 88.34 36.11 19.22
C THR C 763 89.00 35.96 20.59
N GLU C 764 90.28 35.60 20.57
CA GLU C 764 91.01 35.36 21.81
C GLU C 764 91.14 36.64 22.63
N ALA C 765 91.35 37.77 21.96
CA ALA C 765 91.43 39.04 22.67
C ALA C 765 90.15 39.32 23.44
N ALA C 766 89.01 38.93 22.88
CA ALA C 766 87.75 39.06 23.60
C ALA C 766 87.60 38.00 24.67
N LYS C 767 88.11 36.79 24.43
CA LYS C 767 87.99 35.71 25.41
C LYS C 767 88.70 36.07 26.70
N THR C 768 89.92 36.61 26.60
CA THR C 768 90.65 36.97 27.81
C THR C 768 89.89 37.99 28.64
N GLU C 769 89.39 39.04 27.97
CA GLU C 769 88.63 40.07 28.67
C GLU C 769 87.36 39.49 29.28
N LEU C 770 86.69 38.58 28.56
CA LEU C 770 85.46 37.99 29.09
C LEU C 770 85.75 37.22 30.37
N VAL C 771 86.79 36.38 30.35
CA VAL C 771 87.13 35.60 31.54
C VAL C 771 87.49 36.52 32.70
N ARG C 772 88.30 37.54 32.43
CA ARG C 772 88.69 38.47 33.49
C ARG C 772 87.48 39.16 34.10
N ALA C 773 86.58 39.64 33.23
CA ALA C 773 85.40 40.36 33.72
C ALA C 773 84.50 39.43 34.53
N TYR C 774 84.30 38.20 34.07
CA TYR C 774 83.44 37.28 34.82
C TYR C 774 84.03 36.97 36.18
N VAL C 775 85.34 36.73 36.24
CA VAL C 775 85.98 36.44 37.52
C VAL C 775 85.85 37.65 38.45
N GLY C 776 86.06 38.85 37.92
CA GLY C 776 85.91 40.04 38.74
C GLY C 776 84.49 40.18 39.27
N MET C 777 83.50 39.93 38.42
CA MET C 777 82.11 40.01 38.85
C MET C 777 81.82 39.00 39.95
N ARG C 778 82.32 37.78 39.80
CA ARG C 778 82.11 36.76 40.82
C ARG C 778 82.75 37.19 42.14
N LYS C 779 83.97 37.72 42.08
CA LYS C 779 84.66 38.07 43.31
C LYS C 779 84.00 39.24 44.02
N MET C 780 83.70 40.31 43.28
CA MET C 780 83.15 41.51 43.91
C MET C 780 81.84 41.17 44.61
N GLY C 781 81.67 41.71 45.82
CA GLY C 781 80.50 41.43 46.62
C GLY C 781 80.49 40.06 47.29
N ASP C 782 81.50 39.24 47.04
CA ASP C 782 81.58 37.90 47.63
C ASP C 782 80.27 37.14 47.43
N SER C 786 74.46 39.72 54.99
CA SER C 786 75.54 38.92 54.40
C SER C 786 75.12 38.27 53.09
N ASP C 787 73.81 38.16 52.88
CA ASP C 787 73.29 37.49 51.69
C ASP C 787 71.87 37.98 51.43
N GLU C 788 71.32 37.56 50.29
CA GLU C 788 70.09 38.10 49.71
C GLU C 788 70.06 39.62 49.76
N LYS C 789 71.22 40.26 49.56
CA LYS C 789 71.30 41.71 49.42
C LYS C 789 71.50 42.15 47.97
N ARG C 790 72.06 41.30 47.13
CA ARG C 790 72.27 41.61 45.73
C ARG C 790 72.01 40.37 44.90
N ILE C 791 71.79 40.58 43.60
CA ILE C 791 71.60 39.47 42.68
C ILE C 791 72.96 38.82 42.43
N THR C 792 73.17 37.64 42.99
CA THR C 792 74.45 36.98 42.88
C THR C 792 74.76 36.63 41.43
N ALA C 793 76.01 36.80 41.03
CA ALA C 793 76.41 36.49 39.66
C ALA C 793 76.39 34.99 39.42
N THR C 794 76.25 34.62 38.15
CA THR C 794 76.16 33.22 37.76
C THR C 794 76.66 33.08 36.32
N THR C 795 76.65 31.86 35.82
CA THR C 795 77.04 31.63 34.42
C THR C 795 76.10 32.32 33.45
N ARG C 796 74.86 32.59 33.90
CA ARG C 796 73.93 33.31 33.05
C ARG C 796 74.48 34.67 32.66
N GLN C 797 75.20 35.34 33.56
CA GLN C 797 75.75 36.65 33.23
C GLN C 797 76.91 36.54 32.25
N LEU C 798 77.72 35.49 32.35
CA LEU C 798 78.76 35.27 31.35
C LEU C 798 78.13 35.06 29.98
N GLU C 799 77.11 34.23 29.91
CA GLU C 799 76.43 34.01 28.63
C GLU C 799 75.79 35.30 28.14
N SER C 800 75.26 36.11 29.05
CA SER C 800 74.65 37.38 28.67
C SER C 800 75.68 38.32 28.07
N MET C 801 76.87 38.39 28.66
CA MET C 801 77.92 39.22 28.07
C MET C 801 78.30 38.69 26.69
N ILE C 802 78.38 37.37 26.54
CA ILE C 802 78.67 36.81 25.22
C ILE C 802 77.63 37.28 24.21
N ARG C 803 76.35 37.13 24.55
CA ARG C 803 75.28 37.47 23.61
C ARG C 803 75.27 38.96 23.30
N LEU C 804 75.46 39.81 24.30
CA LEU C 804 75.42 41.25 24.07
C LEU C 804 76.60 41.69 23.21
N ALA C 805 77.80 41.15 23.47
CA ALA C 805 78.94 41.48 22.63
C ALA C 805 78.69 41.03 21.19
N GLU C 806 78.15 39.83 21.01
CA GLU C 806 77.87 39.35 19.66
C GLU C 806 76.85 40.25 18.97
N ALA C 807 75.83 40.69 19.68
CA ALA C 807 74.82 41.56 19.09
C ALA C 807 75.41 42.91 18.70
N HIS C 808 76.24 43.48 19.57
CA HIS C 808 76.87 44.76 19.25
C HIS C 808 77.76 44.62 18.03
N ALA C 809 78.53 43.54 17.95
CA ALA C 809 79.36 43.31 16.77
C ALA C 809 78.53 43.12 15.52
N LYS C 810 77.42 42.38 15.63
CA LYS C 810 76.56 42.14 14.47
C LYS C 810 75.98 43.45 13.97
N MET C 811 75.61 44.35 14.87
CA MET C 811 75.31 45.71 14.45
C MET C 811 76.53 46.29 13.76
N LYS C 812 76.33 47.40 13.04
CA LYS C 812 77.38 48.11 12.32
C LYS C 812 78.15 47.21 11.36
N LEU C 813 77.58 46.06 10.99
CA LEU C 813 78.10 45.22 9.91
C LEU C 813 79.55 44.80 10.15
N LYS C 814 79.83 44.20 11.30
CA LYS C 814 81.11 43.59 11.60
C LYS C 814 80.94 42.09 11.72
N ASN C 815 82.03 41.36 11.44
CA ASN C 815 82.01 39.90 11.47
C ASN C 815 82.93 39.32 12.54
N VAL C 816 83.59 40.15 13.34
CA VAL C 816 84.44 39.69 14.43
C VAL C 816 84.18 40.55 15.65
N VAL C 817 83.89 39.90 16.78
CA VAL C 817 83.66 40.58 18.05
C VAL C 817 85.02 40.96 18.63
N GLU C 818 85.07 42.07 19.36
CA GLU C 818 86.35 42.62 19.79
C GLU C 818 86.23 43.26 21.17
N LEU C 819 87.37 43.78 21.62
CA LEU C 819 87.52 44.28 22.99
C LEU C 819 86.56 45.45 23.24
N GLU C 820 86.38 46.33 22.26
CA GLU C 820 85.43 47.42 22.43
C GLU C 820 84.02 46.87 22.64
N ASP C 821 83.66 45.83 21.89
CA ASP C 821 82.34 45.22 22.04
C ASP C 821 82.17 44.67 23.45
N VAL C 822 83.18 43.94 23.95
CA VAL C 822 83.07 43.34 25.27
C VAL C 822 82.98 44.43 26.34
N GLN C 823 83.79 45.48 26.21
CA GLN C 823 83.74 46.57 27.18
C GLN C 823 82.37 47.24 27.17
N GLU C 824 81.80 47.47 26.00
CA GLU C 824 80.49 48.07 25.92
C GLU C 824 79.44 47.18 26.57
N ALA C 825 79.54 45.87 26.33
CA ALA C 825 78.58 44.94 26.93
C ALA C 825 78.64 45.01 28.45
N VAL C 826 79.86 44.98 29.01
CA VAL C 826 79.99 45.03 30.47
C VAL C 826 79.50 46.37 31.00
N ARG C 827 79.84 47.46 30.31
CA ARG C 827 79.38 48.77 30.73
C ARG C 827 77.86 48.81 30.81
N LEU C 828 77.20 48.30 29.75
CA LEU C 828 75.73 48.34 29.73
C LEU C 828 75.13 47.45 30.81
N ILE C 829 75.70 46.26 31.02
CA ILE C 829 75.12 45.36 32.01
C ILE C 829 75.25 45.96 33.41
N ARG C 830 76.39 46.60 33.69
CA ARG C 830 76.53 47.26 34.98
C ARG C 830 75.59 48.46 35.09
N SER C 831 75.48 49.26 34.03
CA SER C 831 74.69 50.47 34.10
C SER C 831 73.21 50.17 34.29
N ALA C 832 72.72 49.08 33.68
CA ALA C 832 71.31 48.73 33.80
C ALA C 832 70.91 48.61 35.26
N ILE C 833 71.65 47.82 36.03
CA ILE C 833 71.41 47.70 37.47
C ILE C 833 72.01 48.86 38.25
N LYS C 834 72.72 49.77 37.58
CA LYS C 834 73.34 50.94 38.21
C LYS C 834 74.06 50.56 39.50
N ASP C 835 75.06 49.68 39.35
CA ASP C 835 75.91 49.33 40.47
C ASP C 835 76.79 50.48 40.92
N TYR C 836 76.98 51.50 40.09
CA TYR C 836 77.85 52.60 40.45
C TYR C 836 77.32 53.37 41.65
N ALA C 837 76.01 53.57 41.71
CA ALA C 837 75.37 54.33 42.79
C ALA C 837 74.91 53.43 43.93
N THR C 838 75.33 52.17 43.96
CA THR C 838 74.91 51.23 44.98
C THR C 838 76.01 51.02 46.01
N ASP C 839 75.61 50.93 47.27
CA ASP C 839 76.55 50.60 48.33
C ASP C 839 76.82 49.10 48.30
N PRO C 840 78.07 48.66 48.11
CA PRO C 840 78.32 47.21 47.97
C PRO C 840 78.24 46.45 49.27
N LYS C 841 77.82 47.10 50.35
CA LYS C 841 77.79 46.46 51.66
C LYS C 841 76.37 46.28 52.16
N THR C 842 75.53 47.31 52.01
CA THR C 842 74.15 47.24 52.45
C THR C 842 73.16 47.16 51.30
N GLY C 843 73.62 47.26 50.06
CA GLY C 843 72.72 47.15 48.93
C GLY C 843 71.72 48.28 48.79
N LYS C 844 72.06 49.47 49.28
CA LYS C 844 71.19 50.63 49.17
C LYS C 844 71.66 51.54 48.03
N ILE C 845 70.81 52.51 47.69
CA ILE C 845 71.02 53.39 46.56
C ILE C 845 71.08 54.83 47.06
N ASP C 846 72.06 55.58 46.57
CA ASP C 846 72.22 56.98 46.91
C ASP C 846 71.64 57.83 45.79
N MET C 847 70.63 58.64 46.11
CA MET C 847 69.92 59.39 45.07
C MET C 847 70.74 60.54 44.50
N ASN C 848 71.76 61.01 45.22
CA ASN C 848 72.56 62.12 44.72
C ASN C 848 73.63 61.67 43.73
N LEU C 849 73.84 60.37 43.58
CA LEU C 849 74.80 59.85 42.60
C LEU C 849 74.16 59.45 41.29
N VAL C 850 72.90 59.01 41.30
CA VAL C 850 72.22 58.60 40.09
C VAL C 850 72.01 59.82 39.20
N GLN C 851 72.17 59.63 37.90
CA GLN C 851 72.07 60.71 36.92
C GLN C 851 70.87 60.49 36.02
N THR C 852 70.08 61.53 35.82
CA THR C 852 68.91 61.47 34.96
C THR C 852 69.33 61.22 33.51
N SER D 2 -34.92 -7.23 8.46
CA SER D 2 -34.47 -6.62 9.70
C SER D 2 -34.83 -7.48 10.90
N PHE D 3 -33.86 -8.26 11.37
CA PHE D 3 -34.02 -9.17 12.49
C PHE D 3 -32.92 -8.94 13.52
N ASP D 4 -33.08 -9.58 14.67
CA ASP D 4 -32.13 -9.47 15.77
C ASP D 4 -31.18 -10.66 15.73
N ARG D 5 -30.32 -10.77 16.74
CA ARG D 5 -29.28 -11.80 16.74
C ARG D 5 -29.81 -13.07 17.40
N PRO D 6 -29.48 -14.25 16.88
CA PRO D 6 -29.84 -15.49 17.58
C PRO D 6 -29.00 -15.68 18.83
N GLU D 7 -29.52 -16.49 19.74
CA GLU D 7 -28.89 -16.76 21.03
C GLU D 7 -28.39 -18.20 21.09
N ILE D 8 -27.67 -18.51 22.15
CA ILE D 8 -27.20 -19.87 22.42
C ILE D 8 -27.17 -20.05 23.94
N TYR D 9 -27.48 -21.27 24.38
CA TYR D 9 -27.53 -21.58 25.80
C TYR D 9 -27.56 -23.10 25.96
N SER D 10 -27.49 -23.55 27.22
CA SER D 10 -27.34 -24.97 27.50
C SER D 10 -27.99 -25.31 28.83
N ALA D 11 -27.93 -26.59 29.19
CA ALA D 11 -28.44 -27.09 30.45
C ALA D 11 -27.96 -28.51 30.63
N PRO D 12 -27.67 -28.96 31.85
CA PRO D 12 -27.17 -30.33 32.04
C PRO D 12 -28.30 -31.33 32.17
N VAL D 13 -28.12 -32.50 31.57
CA VAL D 13 -29.13 -33.55 31.62
C VAL D 13 -28.51 -34.86 32.09
N LEU D 14 -27.42 -35.29 31.45
CA LEU D 14 -26.83 -36.59 31.67
C LEU D 14 -25.48 -36.46 32.36
N GLN D 15 -24.87 -37.61 32.64
CA GLN D 15 -23.53 -37.68 33.22
C GLN D 15 -22.57 -38.10 32.13
N GLY D 16 -21.54 -37.28 31.90
CA GLY D 16 -20.54 -37.56 30.88
C GLY D 16 -19.64 -38.70 31.29
N GLU D 17 -18.42 -38.70 30.74
CA GLU D 17 -17.45 -39.72 31.11
C GLU D 17 -16.99 -39.52 32.55
N SER D 18 -16.40 -40.57 33.10
CA SER D 18 -15.90 -40.49 34.46
C SER D 18 -14.83 -39.39 34.54
N PRO D 19 -15.00 -38.41 35.44
CA PRO D 19 -14.04 -37.29 35.46
C PRO D 19 -12.63 -37.78 35.78
N ASN D 20 -11.67 -37.24 35.04
CA ASN D 20 -10.27 -37.48 35.33
C ASN D 20 -9.81 -36.54 36.45
N ASP D 21 -8.71 -36.91 37.10
CA ASP D 21 -8.24 -36.12 38.22
C ASP D 21 -7.59 -34.80 37.77
N ASP D 22 -6.79 -34.85 36.70
CA ASP D 22 -6.06 -33.67 36.24
C ASP D 22 -6.84 -32.93 35.16
N ASP D 23 -7.97 -32.35 35.56
CA ASP D 23 -8.76 -31.49 34.70
C ASP D 23 -9.22 -30.28 35.49
N ASN D 24 -9.43 -29.17 34.77
CA ASN D 24 -9.59 -27.88 35.43
C ASN D 24 -10.77 -27.87 36.38
N THR D 25 -11.89 -28.49 36.01
CA THR D 25 -13.06 -28.48 36.87
C THR D 25 -12.79 -29.21 38.18
N GLU D 26 -12.13 -30.36 38.11
CA GLU D 26 -11.81 -31.08 39.34
C GLU D 26 -10.81 -30.31 40.18
N ILE D 27 -9.84 -29.66 39.54
CA ILE D 27 -8.89 -28.83 40.28
C ILE D 27 -9.63 -27.74 41.05
N ILE D 28 -10.57 -27.08 40.37
CA ILE D 28 -11.34 -26.01 41.00
C ILE D 28 -12.15 -26.57 42.16
N LYS D 29 -12.78 -27.72 41.97
CA LYS D 29 -13.58 -28.33 43.04
C LYS D 29 -12.71 -28.64 44.25
N SER D 30 -11.53 -29.23 44.02
CA SER D 30 -10.64 -29.55 45.13
C SER D 30 -10.19 -28.31 45.85
N PHE D 31 -9.85 -27.25 45.11
CA PHE D 31 -9.44 -26.01 45.75
C PHE D 31 -10.57 -25.41 46.58
N LYS D 32 -11.80 -25.45 46.06
CA LYS D 32 -12.94 -24.95 46.81
C LYS D 32 -13.14 -25.75 48.09
N ASN D 33 -13.01 -27.07 48.02
CA ASN D 33 -13.11 -27.89 49.22
C ASN D 33 -12.04 -27.50 50.23
N PHE D 34 -10.80 -27.33 49.76
CA PHE D 34 -9.73 -26.93 50.67
C PHE D 34 -10.04 -25.61 51.33
N ILE D 35 -10.56 -24.64 50.58
CA ILE D 35 -10.88 -23.34 51.16
C ILE D 35 -11.96 -23.47 52.22
N LEU D 36 -13.00 -24.24 51.93
CA LEU D 36 -14.17 -24.28 52.79
C LEU D 36 -14.09 -25.29 53.93
N GLU D 37 -13.06 -26.14 53.96
CA GLU D 37 -13.02 -27.22 54.94
C GLU D 37 -11.77 -27.24 55.81
N PHE D 38 -10.63 -26.78 55.30
CA PHE D 38 -9.37 -26.96 56.02
C PHE D 38 -9.46 -26.36 57.42
N ARG D 39 -8.99 -27.13 58.40
CA ARG D 39 -9.07 -26.76 59.81
C ARG D 39 -7.69 -26.69 60.44
N LEU D 40 -7.47 -25.65 61.24
CA LEU D 40 -6.26 -25.53 62.05
C LEU D 40 -6.67 -25.02 63.41
N ASP D 41 -6.28 -25.74 64.47
CA ASP D 41 -6.68 -25.41 65.83
C ASP D 41 -8.20 -25.36 65.96
N SER D 42 -8.90 -26.18 65.17
CA SER D 42 -10.35 -26.23 65.20
C SER D 42 -10.97 -24.91 64.74
N GLN D 43 -10.45 -24.38 63.63
CA GLN D 43 -10.92 -23.11 63.09
C GLN D 43 -10.97 -23.18 61.57
N PHE D 44 -11.92 -22.46 60.98
CA PHE D 44 -12.01 -22.29 59.54
C PHE D 44 -11.30 -20.98 59.18
N ILE D 45 -9.98 -21.04 59.23
CA ILE D 45 -9.18 -19.81 59.14
C ILE D 45 -9.44 -19.10 57.82
N TYR D 46 -9.41 -19.84 56.72
CA TYR D 46 -9.50 -19.21 55.41
C TYR D 46 -10.90 -18.68 55.15
N ARG D 47 -11.94 -19.45 55.52
CA ARG D 47 -13.30 -18.95 55.38
C ARG D 47 -13.50 -17.68 56.19
N ASP D 48 -13.02 -17.67 57.44
CA ASP D 48 -13.22 -16.51 58.29
C ASP D 48 -12.50 -15.29 57.73
N GLN D 49 -11.24 -15.45 57.33
CA GLN D 49 -10.50 -14.30 56.82
C GLN D 49 -11.06 -13.83 55.48
N LEU D 50 -11.57 -14.74 54.65
CA LEU D 50 -12.21 -14.33 53.41
C LEU D 50 -13.46 -13.51 53.70
N ARG D 51 -14.26 -13.95 54.67
CA ARG D 51 -15.44 -13.18 55.04
C ARG D 51 -15.05 -11.78 55.54
N ASN D 52 -14.03 -11.71 56.39
CA ASN D 52 -13.59 -10.42 56.90
C ASN D 52 -13.05 -9.54 55.78
N ASN D 53 -12.28 -10.11 54.85
CA ASN D 53 -11.74 -9.34 53.74
C ASN D 53 -12.85 -8.78 52.88
N ILE D 54 -13.88 -9.58 52.60
CA ILE D 54 -15.02 -9.09 51.83
C ILE D 54 -15.70 -7.95 52.58
N LEU D 55 -15.88 -8.11 53.91
CA LEU D 55 -16.45 -7.03 54.70
C LEU D 55 -15.61 -5.75 54.60
N VAL D 56 -14.29 -5.91 54.50
CA VAL D 56 -13.39 -4.74 54.48
C VAL D 56 -13.17 -4.20 53.07
N LYS D 57 -13.65 -4.89 52.03
CA LYS D 57 -13.51 -4.44 50.65
C LYS D 57 -12.07 -4.58 50.15
N ASN D 58 -11.39 -5.65 50.57
CA ASN D 58 -10.08 -6.01 50.07
C ASN D 58 -10.20 -7.36 49.37
N TYR D 59 -10.21 -7.35 48.04
CA TYR D 59 -10.52 -8.54 47.26
C TYR D 59 -9.26 -9.38 47.04
N SER D 60 -8.72 -9.88 48.14
CA SER D 60 -7.54 -10.73 48.07
C SER D 60 -7.62 -11.76 49.18
N LEU D 61 -6.90 -12.86 48.97
CA LEU D 61 -6.79 -13.93 49.95
C LEU D 61 -5.33 -14.32 50.10
N THR D 62 -4.87 -14.37 51.35
CA THR D 62 -3.50 -14.73 51.69
C THR D 62 -3.47 -16.18 52.16
N VAL D 63 -2.61 -16.98 51.56
CA VAL D 63 -2.56 -18.42 51.81
C VAL D 63 -1.13 -18.83 52.11
N ASN D 64 -0.97 -19.85 52.94
CA ASN D 64 0.34 -20.39 53.30
C ASN D 64 0.50 -21.76 52.68
N MET D 65 1.69 -22.02 52.11
CA MET D 65 1.90 -23.23 51.32
C MET D 65 2.05 -24.46 52.20
N GLU D 66 2.50 -24.30 53.45
CA GLU D 66 2.60 -25.44 54.35
C GLU D 66 1.22 -26.07 54.60
N HIS D 67 0.21 -25.23 54.79
CA HIS D 67 -1.14 -25.76 54.99
C HIS D 67 -1.59 -26.57 53.77
N LEU D 68 -1.33 -26.06 52.56
CA LEU D 68 -1.75 -26.77 51.37
C LEU D 68 -1.02 -28.09 51.20
N ILE D 69 0.31 -28.10 51.44
CA ILE D 69 1.03 -29.36 51.31
C ILE D 69 0.55 -30.36 52.35
N GLY D 70 0.20 -29.88 53.55
CA GLY D 70 -0.36 -30.78 54.55
C GLY D 70 -1.69 -31.36 54.12
N TYR D 71 -2.59 -30.52 53.60
CA TYR D 71 -3.91 -30.98 53.22
C TYR D 71 -3.86 -31.94 52.04
N ASN D 72 -3.17 -31.56 50.97
CA ASN D 72 -3.12 -32.37 49.76
C ASN D 72 -1.80 -32.12 49.06
N GLU D 73 -1.21 -33.17 48.51
CA GLU D 73 0.12 -33.07 47.91
C GLU D 73 0.09 -32.93 46.38
N ASP D 74 -0.85 -33.60 45.72
CA ASP D 74 -0.86 -33.60 44.25
C ASP D 74 -1.00 -32.19 43.71
N ILE D 75 -2.02 -31.45 44.17
CA ILE D 75 -2.21 -30.09 43.66
C ILE D 75 -1.06 -29.20 44.09
N TYR D 76 -0.45 -29.48 45.25
CA TYR D 76 0.72 -28.71 45.65
C TYR D 76 1.85 -28.86 44.65
N LYS D 77 2.14 -30.11 44.26
CA LYS D 77 3.19 -30.33 43.26
C LYS D 77 2.81 -29.69 41.93
N LYS D 78 1.55 -29.82 41.53
CA LYS D 78 1.12 -29.22 40.26
C LYS D 78 1.30 -27.71 40.28
N LEU D 79 0.94 -27.06 41.39
CA LEU D 79 1.13 -25.62 41.50
C LEU D 79 2.61 -25.26 41.47
N SER D 80 3.44 -26.04 42.17
CA SER D 80 4.87 -25.74 42.20
C SER D 80 5.51 -25.91 40.84
N ASP D 81 4.94 -26.78 39.99
CA ASP D 81 5.55 -27.07 38.70
C ASP D 81 5.00 -26.21 37.57
N GLU D 82 3.70 -25.88 37.59
CA GLU D 82 3.06 -25.12 36.52
C GLU D 82 2.27 -23.96 37.11
N PRO D 83 2.96 -23.02 37.76
CA PRO D 83 2.23 -21.92 38.40
C PRO D 83 1.37 -21.10 37.45
N SER D 84 1.86 -20.87 36.23
CA SER D 84 1.11 -20.01 35.30
C SER D 84 -0.23 -20.62 34.94
N ASP D 85 -0.37 -21.94 35.05
CA ASP D 85 -1.61 -22.61 34.68
C ASP D 85 -2.56 -22.80 35.85
N ILE D 86 -2.03 -23.00 37.05
CA ILE D 86 -2.88 -23.32 38.20
C ILE D 86 -3.45 -22.08 38.86
N ILE D 87 -2.69 -20.98 38.93
CA ILE D 87 -3.14 -19.82 39.68
C ILE D 87 -4.51 -19.34 39.24
N PRO D 88 -4.81 -19.19 37.94
CA PRO D 88 -6.15 -18.71 37.56
C PRO D 88 -7.27 -19.60 38.07
N LEU D 89 -7.06 -20.92 38.12
CA LEU D 89 -8.10 -21.80 38.63
C LEU D 89 -8.41 -21.51 40.09
N PHE D 90 -7.36 -21.35 40.91
CA PHE D 90 -7.58 -21.06 42.31
C PHE D 90 -8.22 -19.68 42.48
N GLU D 91 -7.83 -18.74 41.63
CA GLU D 91 -8.42 -17.40 41.67
C GLU D 91 -9.93 -17.46 41.40
N THR D 92 -10.33 -18.20 40.36
CA THR D 92 -11.76 -18.29 40.05
C THR D 92 -12.51 -19.06 41.14
N ALA D 93 -11.87 -20.05 41.76
CA ALA D 93 -12.52 -20.71 42.89
C ALA D 93 -12.79 -19.74 44.03
N ILE D 94 -11.78 -18.91 44.36
CA ILE D 94 -11.97 -17.89 45.38
C ILE D 94 -13.12 -16.98 45.00
N THR D 95 -13.17 -16.57 43.73
CA THR D 95 -14.25 -15.68 43.29
C THR D 95 -15.60 -16.34 43.46
N GLN D 96 -15.72 -17.62 43.08
CA GLN D 96 -16.99 -18.31 43.23
C GLN D 96 -17.44 -18.34 44.68
N VAL D 97 -16.54 -18.68 45.59
CA VAL D 97 -16.93 -18.73 47.01
C VAL D 97 -17.33 -17.34 47.50
N ALA D 98 -16.56 -16.32 47.11
CA ALA D 98 -16.86 -14.96 47.54
C ALA D 98 -18.22 -14.50 47.05
N LYS D 99 -18.64 -14.95 45.87
CA LYS D 99 -19.97 -14.59 45.38
C LYS D 99 -21.05 -15.03 46.38
N ARG D 100 -21.01 -16.30 46.79
CA ARG D 100 -21.99 -16.79 47.75
C ARG D 100 -21.90 -16.03 49.05
N ILE D 101 -20.69 -15.85 49.57
CA ILE D 101 -20.56 -15.18 50.87
C ILE D 101 -21.15 -13.79 50.80
N SER D 102 -20.81 -13.03 49.76
CA SER D 102 -21.29 -11.66 49.64
C SER D 102 -22.80 -11.61 49.48
N ILE D 103 -23.37 -12.48 48.63
CA ILE D 103 -24.81 -12.40 48.40
C ILE D 103 -25.57 -12.75 49.67
N LEU D 104 -25.11 -13.77 50.40
CA LEU D 104 -25.76 -14.10 51.66
C LEU D 104 -25.66 -12.96 52.66
N SER D 105 -24.46 -12.38 52.81
CA SER D 105 -24.27 -11.32 53.78
C SER D 105 -25.14 -10.10 53.44
N ARG D 106 -25.27 -9.79 52.15
CA ARG D 106 -26.04 -8.62 51.75
C ARG D 106 -27.44 -8.66 52.33
N ALA D 107 -28.15 -9.77 52.12
CA ALA D 107 -29.49 -9.89 52.68
C ALA D 107 -29.43 -10.02 54.20
N GLN D 108 -28.48 -10.76 54.73
CA GLN D 108 -28.36 -10.91 56.17
C GLN D 108 -27.99 -9.59 56.83
N SER D 131 -20.87 -7.28 41.34
CA SER D 131 -19.90 -6.60 40.49
C SER D 131 -18.48 -6.83 40.99
N LEU D 132 -18.29 -7.91 41.75
CA LEU D 132 -16.98 -8.19 42.30
C LEU D 132 -15.99 -8.51 41.19
N PRO D 133 -14.76 -8.02 41.28
CA PRO D 133 -13.74 -8.40 40.30
C PRO D 133 -13.13 -9.75 40.67
N THR D 134 -12.13 -10.15 39.88
CA THR D 134 -11.40 -11.38 40.19
C THR D 134 -10.54 -11.17 41.42
N PHE D 135 -10.70 -12.07 42.41
CA PHE D 135 -9.95 -11.96 43.64
C PHE D 135 -8.47 -12.26 43.39
N GLN D 136 -7.62 -11.62 44.17
CA GLN D 136 -6.17 -11.78 44.03
C GLN D 136 -5.63 -12.77 45.06
N LEU D 137 -4.93 -13.78 44.57
CA LEU D 137 -4.26 -14.76 45.43
C LEU D 137 -2.90 -14.23 45.83
N ILE D 138 -2.57 -14.35 47.11
CA ILE D 138 -1.26 -13.98 47.63
C ILE D 138 -0.72 -15.18 48.39
N LEU D 139 0.54 -15.52 48.12
CA LEU D 139 1.18 -16.70 48.69
C LEU D 139 2.24 -16.29 49.69
N ASN D 140 2.30 -17.00 50.81
CA ASN D 140 3.36 -16.87 51.79
C ASN D 140 4.01 -18.23 51.99
N SER D 141 5.26 -18.21 52.43
CA SER D 141 6.00 -19.45 52.63
C SER D 141 7.14 -19.21 53.59
N ASN D 142 7.71 -20.31 54.08
CA ASN D 142 8.86 -20.24 54.99
C ASN D 142 9.93 -21.27 54.64
N ALA D 143 9.79 -21.99 53.54
CA ALA D 143 10.78 -22.97 53.15
C ALA D 143 12.13 -22.29 52.91
N ASN D 144 13.16 -23.11 52.72
CA ASN D 144 14.50 -22.58 52.51
C ASN D 144 14.54 -21.68 51.27
N GLN D 145 15.35 -20.64 51.34
CA GLN D 145 15.50 -19.73 50.22
C GLN D 145 16.63 -20.21 49.32
N ILE D 146 16.84 -19.47 48.22
CA ILE D 146 17.94 -19.74 47.31
C ILE D 146 18.77 -18.45 47.19
N PRO D 147 20.09 -18.50 47.36
CA PRO D 147 20.88 -17.29 47.13
C PRO D 147 20.70 -16.79 45.71
N LEU D 148 20.66 -15.47 45.57
CA LEU D 148 20.37 -14.87 44.28
C LEU D 148 21.39 -15.28 43.22
N ARG D 149 22.57 -15.73 43.64
CA ARG D 149 23.61 -16.13 42.71
C ARG D 149 23.47 -17.56 42.21
N ASP D 150 22.50 -18.32 42.70
CA ASP D 150 22.32 -19.70 42.29
C ASP D 150 21.12 -19.91 41.35
N LEU D 151 20.39 -18.86 41.01
CA LEU D 151 19.35 -18.98 40.01
C LEU D 151 19.97 -19.29 38.65
N ASP D 152 19.33 -20.20 37.92
CA ASP D 152 19.86 -20.65 36.64
C ASP D 152 18.69 -21.15 35.79
N SER D 153 19.02 -21.85 34.70
CA SER D 153 18.00 -22.27 33.75
C SER D 153 16.97 -23.18 34.38
N GLU D 154 17.40 -24.11 35.24
CA GLU D 154 16.49 -25.12 35.76
C GLU D 154 15.29 -24.52 36.50
N HIS D 155 15.41 -23.30 36.99
CA HIS D 155 14.32 -22.67 37.75
C HIS D 155 13.35 -21.89 36.87
N VAL D 156 13.56 -21.86 35.55
CA VAL D 156 12.70 -21.07 34.68
C VAL D 156 11.28 -21.61 34.74
N SER D 157 10.33 -20.71 35.03
CA SER D 157 8.89 -20.98 35.07
C SER D 157 8.47 -21.72 36.34
N LYS D 158 9.37 -21.98 37.26
CA LYS D 158 9.02 -22.58 38.54
C LYS D 158 8.71 -21.47 39.55
N ILE D 159 8.51 -21.88 40.80
CA ILE D 159 8.30 -20.95 41.90
C ILE D 159 9.54 -20.96 42.78
N VAL D 160 10.04 -19.77 43.12
CA VAL D 160 11.27 -19.64 43.89
C VAL D 160 11.04 -18.67 45.04
N ARG D 161 11.85 -18.85 46.08
CA ARG D 161 11.89 -17.99 47.25
C ARG D 161 13.27 -17.37 47.36
N LEU D 162 13.32 -16.06 47.56
CA LEU D 162 14.55 -15.30 47.54
C LEU D 162 14.59 -14.35 48.72
N SER D 163 15.79 -13.89 49.06
CA SER D 163 15.97 -12.89 50.11
C SER D 163 16.90 -11.81 49.59
N GLY D 164 16.58 -10.56 49.92
CA GLY D 164 17.39 -9.46 49.43
C GLY D 164 17.01 -8.15 50.08
N ILE D 165 17.47 -7.06 49.46
CA ILE D 165 17.23 -5.71 49.93
C ILE D 165 16.73 -4.87 48.77
N ILE D 166 15.64 -4.13 48.99
CA ILE D 166 15.06 -3.29 47.96
C ILE D 166 15.88 -2.00 47.86
N ILE D 167 16.20 -1.60 46.63
CA ILE D 167 17.03 -0.43 46.38
C ILE D 167 16.34 0.62 45.52
N SER D 168 15.24 0.29 44.86
CA SER D 168 14.58 1.26 43.99
C SER D 168 13.19 0.75 43.63
N THR D 169 12.20 1.64 43.70
CA THR D 169 10.84 1.35 43.29
C THR D 169 10.37 2.43 42.34
N SER D 170 9.83 2.02 41.20
CA SER D 170 9.40 2.93 40.17
C SER D 170 8.07 3.58 40.57
N VAL D 171 7.51 4.38 39.69
CA VAL D 171 6.24 5.02 39.93
C VAL D 171 5.13 4.11 39.42
N LEU D 172 3.93 4.29 39.98
CA LEU D 172 2.80 3.47 39.58
C LEU D 172 2.45 3.72 38.12
N SER D 173 2.22 2.63 37.39
CA SER D 173 1.76 2.68 36.01
C SER D 173 0.27 2.40 35.96
N SER D 174 -0.26 2.37 34.74
CA SER D 174 -1.68 2.09 34.52
C SER D 174 -1.80 1.04 33.42
N ARG D 175 -2.64 0.05 33.65
CA ARG D 175 -2.94 -0.99 32.67
C ARG D 175 -4.44 -1.23 32.64
N ALA D 176 -4.92 -1.77 31.53
CA ALA D 176 -6.35 -1.95 31.33
C ALA D 176 -6.76 -3.37 31.69
N THR D 177 -7.94 -3.48 32.31
CA THR D 177 -8.53 -4.77 32.62
C THR D 177 -9.85 -5.01 31.89
N TYR D 178 -10.55 -3.95 31.49
CA TYR D 178 -11.79 -4.07 30.73
C TYR D 178 -11.89 -2.88 29.80
N LEU D 179 -11.90 -3.15 28.50
CA LEU D 179 -11.89 -2.12 27.47
C LEU D 179 -13.17 -2.19 26.65
N SER D 180 -13.70 -1.02 26.31
CA SER D 180 -14.80 -0.90 25.36
C SER D 180 -14.26 -0.21 24.11
N ILE D 181 -14.48 -0.83 22.95
CA ILE D 181 -13.88 -0.36 21.71
C ILE D 181 -14.96 -0.22 20.65
N MET D 182 -14.68 0.66 19.68
CA MET D 182 -15.60 0.95 18.59
C MET D 182 -14.81 1.08 17.30
N CYS D 183 -15.41 0.62 16.21
CA CYS D 183 -14.82 0.79 14.89
C CYS D 183 -15.18 2.17 14.36
N ARG D 184 -14.16 2.94 13.99
CA ARG D 184 -14.36 4.34 13.64
C ARG D 184 -15.10 4.54 12.33
N ASN D 185 -15.25 3.50 11.51
CA ASN D 185 -15.89 3.64 10.21
C ASN D 185 -17.36 3.22 10.23
N CYS D 186 -17.64 1.98 10.62
CA CYS D 186 -19.00 1.47 10.63
C CYS D 186 -19.63 1.51 12.01
N ARG D 187 -18.93 2.01 13.01
CA ARG D 187 -19.48 2.15 14.37
C ARG D 187 -19.91 0.83 14.97
N HIS D 188 -19.18 -0.25 14.66
CA HIS D 188 -19.42 -1.53 15.30
C HIS D 188 -18.68 -1.57 16.63
N THR D 189 -19.41 -1.84 17.71
CA THR D 189 -18.87 -1.76 19.06
C THR D 189 -18.63 -3.16 19.62
N THR D 190 -17.73 -3.25 20.60
CA THR D 190 -17.48 -4.51 21.28
C THR D 190 -16.65 -4.23 22.52
N SER D 191 -16.26 -5.31 23.22
CA SER D 191 -15.59 -5.20 24.50
C SER D 191 -14.50 -6.27 24.59
N ILE D 192 -13.53 -6.01 25.48
CA ILE D 192 -12.41 -6.91 25.71
C ILE D 192 -12.17 -6.96 27.22
N THR D 193 -11.78 -8.14 27.71
CA THR D 193 -11.54 -8.35 29.13
C THR D 193 -10.18 -9.04 29.32
N ILE D 194 -9.43 -8.57 30.30
CA ILE D 194 -8.10 -9.09 30.60
C ILE D 194 -8.06 -9.50 32.06
N ASN D 195 -7.49 -10.69 32.33
CA ASN D 195 -7.34 -11.18 33.69
C ASN D 195 -6.50 -12.46 33.71
N THR D 204 0.19 -10.93 25.61
CA THR D 204 0.11 -9.54 25.18
C THR D 204 -1.17 -9.27 24.41
N VAL D 205 -2.23 -8.92 25.15
CA VAL D 205 -3.51 -8.62 24.50
C VAL D 205 -3.36 -7.40 23.61
N SER D 206 -3.94 -7.48 22.42
CA SER D 206 -3.90 -6.39 21.46
C SER D 206 -5.29 -6.20 20.86
N LEU D 207 -5.57 -4.97 20.43
CA LEU D 207 -6.84 -4.68 19.80
C LEU D 207 -6.95 -5.44 18.47
N PRO D 208 -8.17 -5.75 18.03
CA PRO D 208 -8.31 -6.50 16.77
C PRO D 208 -7.67 -5.75 15.61
N ARG D 209 -7.06 -6.51 14.70
CA ARG D 209 -6.39 -5.89 13.57
C ARG D 209 -7.40 -5.42 12.51
N SER D 210 -8.52 -6.12 12.38
CA SER D 210 -9.52 -5.80 11.37
C SER D 210 -10.91 -5.84 11.99
N CYS D 211 -11.83 -5.13 11.36
CA CYS D 211 -13.20 -5.08 11.85
C CYS D 211 -13.79 -6.48 11.94
N LEU D 212 -14.49 -6.74 13.04
CA LEU D 212 -15.06 -8.05 13.32
C LEU D 212 -16.50 -8.18 12.83
N SER D 213 -17.11 -7.08 12.40
CA SER D 213 -18.51 -7.10 12.00
C SER D 213 -18.77 -8.01 10.80
N THR D 214 -17.75 -8.33 10.02
CA THR D 214 -17.91 -9.22 8.87
C THR D 214 -18.01 -10.67 9.33
N ILE D 215 -17.00 -11.15 10.04
CA ILE D 215 -17.03 -12.54 10.52
C ILE D 215 -18.20 -12.75 11.47
N GLU D 216 -18.52 -11.75 12.27
CA GLU D 216 -19.67 -11.84 13.18
C GLU D 216 -20.92 -11.48 12.38
N SER D 217 -21.62 -12.50 11.87
CA SER D 217 -22.87 -12.31 11.15
C SER D 217 -23.99 -12.22 12.17
N GLU D 218 -24.11 -11.03 12.78
CA GLU D 218 -25.07 -10.85 13.86
C GLU D 218 -26.50 -11.07 13.38
N SER D 219 -26.90 -10.40 12.30
CA SER D 219 -28.28 -10.43 11.84
C SER D 219 -28.30 -10.51 10.32
N SER D 220 -29.48 -10.86 9.80
CA SER D 220 -29.66 -10.90 8.35
C SER D 220 -29.50 -9.51 7.75
N MET D 221 -30.07 -8.49 8.40
CA MET D 221 -29.92 -7.13 7.90
C MET D 221 -28.50 -6.62 8.00
N ALA D 222 -27.69 -7.19 8.90
CA ALA D 222 -26.29 -6.83 8.96
C ALA D 222 -25.57 -7.15 7.66
N ASN D 223 -25.96 -8.24 6.99
CA ASN D 223 -25.34 -8.57 5.71
C ASN D 223 -25.60 -7.47 4.68
N GLU D 224 -26.84 -6.96 4.63
CA GLU D 224 -27.11 -5.83 3.75
C GLU D 224 -26.33 -4.60 4.16
N SER D 225 -26.32 -4.28 5.46
CA SER D 225 -25.61 -3.10 5.92
C SER D 225 -24.13 -3.17 5.60
N ASN D 226 -23.57 -4.38 5.50
CA ASN D 226 -22.17 -4.57 5.17
C ASN D 226 -21.87 -4.34 3.69
N ILE D 227 -22.84 -3.88 2.91
CA ILE D 227 -22.62 -3.58 1.50
C ILE D 227 -23.52 -2.41 1.12
N GLY D 228 -23.02 -1.56 0.24
CA GLY D 228 -23.79 -0.42 -0.21
C GLY D 228 -23.01 0.36 -1.25
N ASP D 229 -23.70 1.34 -1.83
CA ASP D 229 -23.11 2.20 -2.86
C ASP D 229 -22.51 1.36 -3.99
N GLU D 230 -23.35 0.53 -4.58
CA GLU D 230 -23.00 -0.24 -5.78
C GLU D 230 -21.97 -1.32 -5.47
N SER D 231 -20.91 -1.41 -6.28
CA SER D 231 -19.99 -2.53 -6.22
C SER D 231 -18.86 -2.35 -5.23
N THR D 232 -18.72 -1.17 -4.63
CA THR D 232 -17.63 -0.93 -3.70
C THR D 232 -17.76 -1.84 -2.48
N LYS D 233 -16.77 -2.72 -2.31
CA LYS D 233 -16.72 -3.58 -1.14
C LYS D 233 -16.44 -2.75 0.11
N LYS D 234 -16.92 -3.25 1.24
CA LYS D 234 -16.73 -2.58 2.52
C LYS D 234 -15.43 -3.06 3.14
N ASN D 235 -14.52 -2.11 3.41
CA ASN D 235 -13.23 -2.41 4.03
C ASN D 235 -12.91 -1.29 4.99
N CYS D 236 -12.94 -1.57 6.29
CA CYS D 236 -12.72 -0.55 7.31
C CYS D 236 -11.28 -0.10 7.38
N GLY D 237 -10.35 -0.87 6.83
CA GLY D 237 -8.95 -0.52 6.87
C GLY D 237 -8.22 -1.24 7.99
N PRO D 238 -6.92 -1.04 8.10
CA PRO D 238 -6.15 -1.70 9.17
C PRO D 238 -6.23 -0.92 10.47
N ASP D 239 -6.43 -1.65 11.56
CA ASP D 239 -6.53 -1.06 12.89
C ASP D 239 -7.62 0.00 12.92
N PRO D 240 -8.88 -0.38 12.70
CA PRO D 240 -9.97 0.61 12.69
C PRO D 240 -10.58 0.91 14.05
N TYR D 241 -10.09 0.29 15.12
CA TYR D 241 -10.73 0.38 16.41
C TYR D 241 -10.13 1.49 17.26
N ILE D 242 -10.99 2.13 18.06
CA ILE D 242 -10.59 3.14 19.03
C ILE D 242 -11.22 2.78 20.36
N ILE D 243 -10.55 3.18 21.43
CA ILE D 243 -10.95 2.87 22.80
C ILE D 243 -11.82 4.00 23.31
N ILE D 244 -12.84 3.67 24.08
CA ILE D 244 -13.71 4.66 24.73
C ILE D 244 -13.32 4.66 26.21
N HIS D 245 -12.67 5.74 26.64
CA HIS D 245 -12.08 5.76 27.98
C HIS D 245 -13.13 5.97 29.06
N GLU D 246 -14.28 6.58 28.71
CA GLU D 246 -15.29 6.86 29.73
C GLU D 246 -15.86 5.58 30.33
N SER D 247 -15.68 4.44 29.67
CA SER D 247 -16.28 3.18 30.10
C SER D 247 -15.27 2.05 30.13
N SER D 248 -14.11 2.28 30.72
CA SER D 248 -13.07 1.27 30.87
C SER D 248 -12.54 1.29 32.30
N LYS D 249 -11.88 0.20 32.67
CA LYS D 249 -11.37 0.01 34.02
C LYS D 249 -9.88 -0.31 33.96
N PHE D 250 -9.11 0.26 34.89
CA PHE D 250 -7.67 0.11 34.90
C PHE D 250 -7.20 -0.32 36.28
N ILE D 251 -5.95 -0.76 36.36
CA ILE D 251 -5.34 -1.26 37.58
C ILE D 251 -3.98 -0.58 37.76
N ASP D 252 -3.26 -1.01 38.80
CA ASP D 252 -1.96 -0.45 39.14
C ASP D 252 -0.87 -1.50 38.94
N GLN D 253 0.26 -1.05 38.42
CA GLN D 253 1.41 -1.92 38.19
C GLN D 253 2.66 -1.18 38.66
N GLN D 254 3.67 -1.94 39.06
CA GLN D 254 4.88 -1.34 39.62
C GLN D 254 6.06 -2.27 39.42
N PHE D 255 7.24 -1.66 39.35
CA PHE D 255 8.50 -2.36 39.17
C PHE D 255 9.37 -2.17 40.40
N LEU D 256 10.19 -3.17 40.69
CA LEU D 256 11.09 -3.14 41.84
C LEU D 256 12.42 -3.75 41.43
N LYS D 257 13.45 -3.43 42.21
CA LYS D 257 14.79 -3.99 42.02
C LYS D 257 15.23 -4.60 43.34
N LEU D 258 15.83 -5.79 43.27
CA LEU D 258 16.29 -6.51 44.45
C LEU D 258 17.73 -6.95 44.23
N GLN D 259 18.56 -6.73 45.24
CA GLN D 259 20.00 -6.93 45.15
C GLN D 259 20.47 -7.77 46.33
N GLU D 260 21.54 -8.52 46.10
CA GLU D 260 22.07 -9.38 47.15
C GLU D 260 22.56 -8.53 48.31
N ILE D 261 22.57 -9.13 49.49
CA ILE D 261 23.05 -8.40 50.68
C ILE D 261 24.51 -8.03 50.45
N PRO D 262 24.88 -6.75 50.60
CA PRO D 262 26.26 -6.35 50.27
C PRO D 262 27.33 -7.05 51.10
N GLU D 263 26.98 -7.61 52.26
CA GLU D 263 27.98 -8.21 53.13
C GLU D 263 28.67 -9.40 52.45
N LEU D 264 27.91 -10.23 51.75
CA LEU D 264 28.41 -11.50 51.25
C LEU D 264 28.94 -11.42 49.82
N VAL D 265 29.00 -10.22 49.24
CA VAL D 265 29.46 -10.12 47.84
C VAL D 265 30.91 -10.60 47.76
N PRO D 266 31.29 -11.33 46.72
CA PRO D 266 32.71 -11.66 46.54
C PRO D 266 33.55 -10.40 46.34
N VAL D 267 34.79 -10.46 46.83
CA VAL D 267 35.67 -9.30 46.76
C VAL D 267 36.06 -9.02 45.32
N GLY D 268 36.10 -7.74 44.96
CA GLY D 268 36.55 -7.34 43.64
C GLY D 268 35.49 -7.38 42.55
N GLU D 269 34.23 -7.62 42.89
CA GLU D 269 33.17 -7.72 41.90
C GLU D 269 31.96 -6.94 42.41
N MET D 270 31.34 -6.18 41.51
CA MET D 270 30.12 -5.49 41.88
C MET D 270 28.99 -6.49 42.04
N PRO D 271 28.02 -6.20 42.91
CA PRO D 271 26.98 -7.20 43.19
C PRO D 271 26.02 -7.39 42.03
N ARG D 272 25.20 -8.44 42.14
CA ARG D 272 24.18 -8.75 41.15
C ARG D 272 22.82 -8.26 41.65
N ASN D 273 22.00 -7.78 40.71
CA ASN D 273 20.66 -7.30 41.03
C ASN D 273 19.68 -7.84 40.00
N LEU D 274 18.40 -7.67 40.28
CA LEU D 274 17.37 -8.33 39.50
C LEU D 274 16.10 -7.51 39.54
N THR D 275 15.26 -7.67 38.50
CA THR D 275 14.06 -6.87 38.32
C THR D 275 12.82 -7.69 38.65
N MET D 276 11.83 -7.02 39.25
CA MET D 276 10.62 -7.68 39.72
C MET D 276 9.43 -6.83 39.31
N THR D 277 8.31 -7.49 39.05
CA THR D 277 7.07 -6.80 38.69
C THR D 277 5.95 -7.22 39.61
N CYS D 278 5.22 -6.24 40.15
CA CYS D 278 4.08 -6.51 41.01
C CYS D 278 2.92 -5.64 40.56
N ASP D 279 1.72 -5.96 41.04
CA ASP D 279 0.52 -5.27 40.58
C ASP D 279 -0.58 -5.38 41.61
N ARG D 280 -1.60 -4.54 41.43
CA ARG D 280 -2.79 -4.52 42.28
C ARG D 280 -2.44 -4.32 43.75
N TYR D 281 -2.70 -5.32 44.59
CA TYR D 281 -2.61 -5.12 46.04
C TYR D 281 -1.21 -5.30 46.58
N LEU D 282 -0.22 -5.63 45.74
CA LEU D 282 1.16 -5.73 46.15
C LEU D 282 1.96 -4.48 45.81
N THR D 283 1.29 -3.36 45.62
CA THR D 283 1.94 -2.10 45.31
C THR D 283 1.94 -1.19 46.54
N ASN D 284 3.03 -0.45 46.72
CA ASN D 284 3.18 0.45 47.86
C ASN D 284 3.21 -0.32 49.18
N LYS D 285 3.96 -1.42 49.20
CA LYS D 285 4.09 -2.24 50.40
C LYS D 285 5.43 -2.09 51.08
N VAL D 286 6.49 -1.74 50.34
CA VAL D 286 7.83 -1.60 50.89
C VAL D 286 8.43 -0.29 50.39
N ILE D 287 9.58 0.04 50.96
CA ILE D 287 10.36 1.21 50.54
C ILE D 287 11.81 0.78 50.42
N PRO D 288 12.63 1.45 49.61
CA PRO D 288 14.01 1.00 49.41
C PRO D 288 14.77 0.98 50.72
N GLY D 289 15.68 0.01 50.84
CA GLY D 289 16.44 -0.21 52.05
C GLY D 289 15.91 -1.28 52.96
N THR D 290 14.71 -1.79 52.70
CA THR D 290 14.12 -2.86 53.50
C THR D 290 14.69 -4.20 53.07
N ARG D 291 14.92 -5.07 54.06
CA ARG D 291 15.37 -6.43 53.81
C ARG D 291 14.16 -7.35 53.81
N VAL D 292 13.92 -8.01 52.67
CA VAL D 292 12.67 -8.71 52.44
C VAL D 292 12.92 -10.12 51.90
N THR D 293 11.89 -10.95 52.02
CA THR D 293 11.83 -12.25 51.38
C THR D 293 10.72 -12.23 50.34
N ILE D 294 10.97 -12.84 49.19
CA ILE D 294 10.10 -12.75 48.03
C ILE D 294 9.76 -14.15 47.56
N VAL D 295 8.49 -14.37 47.23
CA VAL D 295 8.03 -15.61 46.61
C VAL D 295 7.49 -15.26 45.24
N GLY D 296 8.04 -15.88 44.20
CA GLY D 296 7.67 -15.48 42.87
C GLY D 296 7.98 -16.53 41.83
N ILE D 297 7.84 -16.14 40.57
CA ILE D 297 8.03 -17.02 39.43
C ILE D 297 9.23 -16.53 38.64
N TYR D 298 10.09 -17.46 38.22
CA TYR D 298 11.26 -17.13 37.41
C TYR D 298 10.86 -17.18 35.94
N SER D 299 10.84 -16.01 35.30
CA SER D 299 10.40 -15.91 33.90
C SER D 299 11.42 -15.16 33.06
N ILE D 300 11.07 -14.85 31.81
CA ILE D 300 11.98 -14.20 30.88
C ILE D 300 11.18 -13.25 29.97
N TYR D 301 11.91 -12.46 29.19
CA TYR D 301 11.32 -11.66 28.13
C TYR D 301 12.44 -11.21 27.20
N ASN D 302 12.04 -10.74 26.02
CA ASN D 302 12.98 -10.34 24.98
C ASN D 302 13.10 -8.82 24.93
N SER D 303 14.34 -8.34 25.00
CA SER D 303 14.61 -6.90 24.93
C SER D 303 15.65 -6.60 23.85
N GLY D 320 24.24 -11.44 21.94
CA GLY D 320 24.13 -12.87 21.71
C GLY D 320 23.17 -13.20 20.59
N VAL D 321 22.82 -14.48 20.47
CA VAL D 321 21.94 -14.96 19.40
C VAL D 321 20.52 -15.19 19.90
N ALA D 322 20.38 -15.86 21.04
CA ALA D 322 19.07 -16.22 21.60
C ALA D 322 19.04 -15.93 23.09
N ILE D 323 19.50 -14.76 23.48
CA ILE D 323 19.56 -14.37 24.88
C ILE D 323 18.22 -13.79 25.29
N ARG D 324 17.92 -13.88 26.58
CA ARG D 324 16.70 -13.32 27.16
C ARG D 324 17.03 -12.73 28.52
N THR D 325 16.20 -11.77 28.94
CA THR D 325 16.45 -11.06 30.19
C THR D 325 15.54 -11.62 31.28
N PRO D 326 16.07 -12.31 32.28
CA PRO D 326 15.20 -12.83 33.34
C PRO D 326 14.68 -11.73 34.26
N TYR D 327 13.58 -12.06 34.93
CA TYR D 327 12.94 -11.17 35.90
C TYR D 327 11.98 -12.04 36.72
N ILE D 328 11.31 -11.43 37.69
CA ILE D 328 10.42 -12.15 38.59
C ILE D 328 9.04 -11.51 38.59
N LYS D 329 8.02 -12.36 38.69
CA LYS D 329 6.65 -11.93 38.95
C LYS D 329 6.37 -12.11 40.43
N ILE D 330 6.07 -11.02 41.13
CA ILE D 330 5.86 -11.08 42.57
C ILE D 330 4.58 -11.87 42.87
N LEU D 331 4.71 -12.85 43.75
CA LEU D 331 3.55 -13.52 44.33
C LEU D 331 3.36 -13.23 45.81
N GLY D 332 4.45 -13.02 46.55
CA GLY D 332 4.33 -12.70 47.96
C GLY D 332 5.55 -11.97 48.46
N ILE D 333 5.33 -11.04 49.39
CA ILE D 333 6.39 -10.26 50.02
C ILE D 333 6.31 -10.47 51.52
N GLN D 334 7.47 -10.59 52.17
CA GLN D 334 7.54 -10.69 53.62
C GLN D 334 8.64 -9.77 54.11
N SER D 335 8.26 -8.76 54.89
CA SER D 335 9.21 -7.80 55.44
C SER D 335 9.71 -8.29 56.79
N ASP D 336 10.88 -7.77 57.19
CA ASP D 336 11.46 -8.07 58.49
C ASP D 336 11.34 -6.90 59.47
N VAL D 337 10.61 -5.85 59.10
CA VAL D 337 10.36 -4.70 59.97
C VAL D 337 11.63 -3.88 60.11
N GLU D 338 11.70 -2.76 59.38
CA GLU D 338 12.88 -1.90 59.38
C GLU D 338 12.49 -0.44 59.55
N THR D 339 13.42 0.33 60.10
CA THR D 339 13.36 1.79 60.16
C THR D 339 11.95 2.30 60.48
N SER D 340 11.48 1.93 61.67
CA SER D 340 10.23 2.49 62.18
C SER D 340 10.37 4.00 62.30
N SER D 341 9.37 4.73 61.81
CA SER D 341 9.40 6.18 61.82
C SER D 341 8.00 6.70 62.13
N ILE D 342 7.85 8.03 62.07
CA ILE D 342 6.57 8.64 62.41
C ILE D 342 5.51 8.38 61.36
N TRP D 343 5.90 7.94 60.16
CA TRP D 343 4.95 7.70 59.08
C TRP D 343 4.46 6.26 59.03
N ASN D 344 4.95 5.37 59.91
CA ASN D 344 4.53 3.98 59.92
C ASN D 344 4.29 3.51 61.34
N SER D 345 3.81 4.41 62.20
CA SER D 345 3.51 4.06 63.58
C SER D 345 2.11 3.48 63.69
N VAL D 346 1.81 2.93 64.87
CA VAL D 346 0.51 2.32 65.16
C VAL D 346 -0.11 3.07 66.33
N THR D 347 -1.35 3.52 66.15
CA THR D 347 -2.06 4.27 67.17
C THR D 347 -3.29 3.53 67.69
N MET D 348 -3.31 2.20 67.61
CA MET D 348 -4.40 1.39 68.11
C MET D 348 -3.85 0.32 69.05
N PHE D 349 -4.54 0.12 70.17
CA PHE D 349 -4.10 -0.80 71.21
C PHE D 349 -5.18 -1.85 71.46
N THR D 350 -4.75 -3.06 71.77
CA THR D 350 -5.68 -4.12 72.11
C THR D 350 -6.26 -3.90 73.51
N GLU D 351 -7.45 -4.43 73.73
CA GLU D 351 -8.11 -4.26 75.03
C GLU D 351 -7.29 -4.92 76.14
N GLU D 352 -6.74 -6.11 75.87
CA GLU D 352 -5.92 -6.77 76.88
C GLU D 352 -4.68 -5.94 77.20
N GLU D 353 -4.04 -5.36 76.17
CA GLU D 353 -2.89 -4.50 76.41
C GLU D 353 -3.28 -3.29 77.25
N GLU D 354 -4.43 -2.68 76.93
CA GLU D 354 -4.86 -1.51 77.69
C GLU D 354 -5.11 -1.87 79.15
N GLU D 355 -5.79 -2.99 79.39
CA GLU D 355 -6.05 -3.40 80.77
C GLU D 355 -4.73 -3.70 81.50
N GLU D 356 -3.81 -4.38 80.84
CA GLU D 356 -2.52 -4.68 81.46
C GLU D 356 -1.78 -3.40 81.81
N PHE D 357 -1.78 -2.42 80.91
CA PHE D 357 -1.08 -1.18 81.18
C PHE D 357 -1.74 -0.40 82.30
N LEU D 358 -3.08 -0.42 82.37
CA LEU D 358 -3.75 0.23 83.50
C LEU D 358 -3.38 -0.43 84.82
N GLN D 359 -3.35 -1.76 84.85
CA GLN D 359 -2.96 -2.46 86.07
C GLN D 359 -1.52 -2.13 86.46
N LEU D 360 -0.62 -2.10 85.47
CA LEU D 360 0.76 -1.75 85.76
C LEU D 360 0.86 -0.31 86.27
N SER D 361 0.10 0.61 85.68
CA SER D 361 0.13 1.99 86.11
C SER D 361 -0.32 2.13 87.56
N ARG D 362 -1.36 1.38 87.95
CA ARG D 362 -1.84 1.48 89.32
C ARG D 362 -0.82 1.01 90.35
N ASN D 363 0.23 0.32 89.92
CA ASN D 363 1.25 -0.17 90.84
C ASN D 363 1.91 1.01 91.56
N PRO D 364 2.11 0.94 92.89
CA PRO D 364 2.79 2.04 93.59
C PRO D 364 4.29 2.08 93.40
N LYS D 365 4.93 0.95 93.06
CA LYS D 365 6.38 0.88 92.90
C LYS D 365 6.81 1.02 91.45
N LEU D 366 5.96 1.62 90.61
CA LEU D 366 6.24 1.67 89.17
C LEU D 366 7.51 2.45 88.87
N TYR D 367 7.70 3.58 89.55
CA TYR D 367 8.88 4.41 89.30
C TYR D 367 10.16 3.64 89.58
N GLU D 368 10.23 2.99 90.74
CA GLU D 368 11.41 2.22 91.09
C GLU D 368 11.60 1.05 90.13
N ILE D 369 10.51 0.40 89.75
CA ILE D 369 10.60 -0.73 88.83
C ILE D 369 11.19 -0.27 87.51
N LEU D 370 10.71 0.85 86.97
CA LEU D 370 11.26 1.37 85.72
C LEU D 370 12.73 1.73 85.87
N THR D 371 13.09 2.41 86.96
CA THR D 371 14.48 2.78 87.16
C THR D 371 15.37 1.55 87.17
N ASN D 372 14.96 0.50 87.88
CA ASN D 372 15.70 -0.75 87.85
C ASN D 372 15.71 -1.37 86.46
N SER D 373 14.64 -1.18 85.68
CA SER D 373 14.57 -1.77 84.36
C SER D 373 15.57 -1.14 83.39
N ILE D 374 15.80 0.15 83.49
CA ILE D 374 16.71 0.82 82.55
C ILE D 374 18.13 0.31 82.80
N ALA D 375 18.67 -0.43 81.83
CA ALA D 375 20.06 -0.86 81.84
C ALA D 375 20.42 -1.53 83.16
N PRO D 376 19.91 -2.74 83.43
CA PRO D 376 20.28 -3.44 84.65
C PRO D 376 21.72 -3.94 84.67
N SER D 377 22.40 -3.95 83.53
CA SER D 377 23.74 -4.51 83.42
C SER D 377 24.84 -3.53 83.80
N ILE D 378 24.50 -2.31 84.19
CA ILE D 378 25.46 -1.33 84.65
C ILE D 378 25.26 -1.12 86.14
N PHE D 379 26.31 -0.64 86.80
CA PHE D 379 26.34 -0.53 88.25
C PHE D 379 26.24 0.95 88.65
N GLY D 380 25.26 1.27 89.49
CA GLY D 380 25.10 2.62 89.97
C GLY D 380 24.43 3.54 88.97
N ASN D 381 24.63 4.84 89.19
CA ASN D 381 24.12 5.89 88.31
C ASN D 381 22.59 5.96 88.36
N GLU D 382 22.05 5.84 89.58
CA GLU D 382 20.60 5.87 89.75
C GLU D 382 20.02 7.21 89.30
N ASP D 383 20.70 8.31 89.62
CA ASP D 383 20.21 9.62 89.19
C ASP D 383 20.21 9.72 87.66
N ILE D 384 21.26 9.21 87.02
CA ILE D 384 21.32 9.22 85.57
C ILE D 384 20.16 8.43 84.99
N LYS D 385 19.89 7.24 85.56
CA LYS D 385 18.80 6.42 85.06
C LYS D 385 17.46 7.13 85.23
N LYS D 386 17.25 7.78 86.37
CA LYS D 386 16.01 8.52 86.59
C LYS D 386 15.85 9.65 85.58
N ALA D 387 16.95 10.35 85.29
CA ALA D 387 16.91 11.39 84.26
C ALA D 387 16.54 10.79 82.92
N ILE D 388 17.04 9.60 82.60
CA ILE D 388 16.70 8.97 81.33
C ILE D 388 15.22 8.59 81.30
N VAL D 389 14.68 8.13 82.43
CA VAL D 389 13.24 7.84 82.49
C VAL D 389 12.46 9.12 82.17
N CYS D 390 12.83 10.22 82.81
CA CYS D 390 12.13 11.48 82.56
C CYS D 390 12.25 11.89 81.10
N LEU D 391 13.44 11.72 80.52
CA LEU D 391 13.65 12.07 79.12
C LEU D 391 12.73 11.25 78.21
N LEU D 392 12.74 9.94 78.38
CA LEU D 392 11.91 9.09 77.54
C LEU D 392 10.43 9.45 77.68
N MET D 393 9.98 9.70 78.91
CA MET D 393 8.59 10.10 79.10
C MET D 393 8.29 11.40 78.36
N GLY D 394 9.14 12.40 78.50
CA GLY D 394 8.94 13.68 77.86
C GLY D 394 7.82 14.48 78.49
N GLY D 395 7.88 15.79 78.28
CA GLY D 395 6.92 16.72 78.86
C GLY D 395 5.67 16.86 78.03
N SER D 396 4.95 17.97 78.26
CA SER D 396 3.70 18.27 77.59
C SER D 396 3.84 19.58 76.84
N LYS D 397 3.49 19.57 75.55
CA LYS D 397 3.58 20.76 74.72
C LYS D 397 2.31 21.57 74.79
N LYS D 398 2.45 22.89 74.62
CA LYS D 398 1.33 23.83 74.68
C LYS D 398 1.35 24.68 73.42
N ILE D 399 0.17 24.93 72.87
CA ILE D 399 -0.01 25.85 71.75
C ILE D 399 -0.83 27.03 72.24
N LEU D 400 -0.34 28.23 72.01
CA LEU D 400 -0.96 29.44 72.53
C LEU D 400 -1.79 30.12 71.45
N PRO D 401 -2.74 30.97 71.84
CA PRO D 401 -3.60 31.60 70.82
C PRO D 401 -2.83 32.44 69.83
N ASP D 402 -1.71 33.04 70.22
CA ASP D 402 -0.92 33.86 69.33
C ASP D 402 0.02 33.05 68.45
N GLY D 403 0.11 31.73 68.65
CA GLY D 403 0.94 30.87 67.85
C GLY D 403 2.23 30.43 68.51
N MET D 404 2.65 31.11 69.58
CA MET D 404 3.86 30.72 70.28
C MET D 404 3.76 29.28 70.75
N ARG D 405 4.82 28.51 70.49
CA ARG D 405 4.89 27.09 70.85
C ARG D 405 5.83 26.94 72.04
N LEU D 406 5.31 26.35 73.12
CA LEU D 406 6.12 26.03 74.28
C LEU D 406 6.46 24.54 74.22
N ARG D 407 7.70 24.23 73.85
CA ARG D 407 8.07 22.85 73.61
C ARG D 407 7.92 22.02 74.88
N GLY D 408 7.94 20.70 74.71
CA GLY D 408 7.74 19.79 75.81
C GLY D 408 8.75 18.67 75.89
N ASP D 409 9.92 18.88 75.29
CA ASP D 409 10.98 17.88 75.33
C ASP D 409 12.06 18.27 76.34
N ILE D 410 12.97 17.34 76.60
CA ILE D 410 13.98 17.49 77.65
C ILE D 410 15.35 17.21 77.04
N ASN D 411 16.32 18.04 77.38
CA ASN D 411 17.67 17.94 76.84
C ASN D 411 18.66 17.64 77.96
N VAL D 412 19.53 16.67 77.72
CA VAL D 412 20.46 16.21 78.75
C VAL D 412 21.87 16.10 78.17
N LEU D 413 22.85 16.52 78.98
CA LEU D 413 24.26 16.52 78.62
C LEU D 413 25.05 15.74 79.65
N LEU D 414 25.94 14.87 79.17
CA LEU D 414 26.73 13.99 80.03
C LEU D 414 28.21 14.33 79.88
N LEU D 415 28.71 15.27 80.67
CA LEU D 415 30.14 15.51 80.79
C LEU D 415 30.70 14.48 81.75
N GLY D 416 31.84 13.90 81.41
CA GLY D 416 32.36 12.84 82.25
C GLY D 416 33.78 12.47 81.87
N ASP D 417 34.44 11.81 82.82
CA ASP D 417 35.75 11.26 82.56
C ASP D 417 35.65 10.08 81.59
N PRO D 418 36.74 9.73 80.92
CA PRO D 418 36.68 8.63 79.95
C PRO D 418 36.28 7.32 80.61
N GLY D 419 35.54 6.51 79.86
CA GLY D 419 35.22 5.16 80.30
C GLY D 419 34.38 5.08 81.55
N THR D 420 33.33 5.90 81.65
CA THR D 420 32.39 5.83 82.76
C THR D 420 31.06 5.21 82.35
N ALA D 421 31.04 4.43 81.27
CA ALA D 421 29.82 3.81 80.77
C ALA D 421 28.77 4.84 80.36
N LYS D 422 29.21 6.00 79.87
CA LYS D 422 28.30 7.03 79.41
C LYS D 422 27.94 6.89 77.93
N SER D 423 28.47 5.87 77.25
CA SER D 423 28.06 5.57 75.88
C SER D 423 27.10 4.39 75.82
N GLN D 424 27.24 3.43 76.75
CA GLN D 424 26.30 2.34 76.82
C GLN D 424 24.90 2.84 77.13
N LEU D 425 24.79 3.89 77.95
CA LEU D 425 23.47 4.49 78.20
C LEU D 425 22.88 5.06 76.92
N LEU D 426 23.70 5.75 76.12
CA LEU D 426 23.24 6.22 74.82
C LEU D 426 22.72 5.07 73.97
N LYS D 427 23.50 4.01 73.87
CA LYS D 427 23.12 2.89 73.00
C LYS D 427 21.84 2.23 73.50
N PHE D 428 21.71 2.04 74.81
CA PHE D 428 20.52 1.40 75.34
C PHE D 428 19.28 2.29 75.15
N VAL D 429 19.41 3.59 75.35
CA VAL D 429 18.30 4.49 75.09
C VAL D 429 17.88 4.40 73.64
N GLU D 430 18.84 4.40 72.73
CA GLU D 430 18.53 4.21 71.31
C GLU D 430 17.76 2.92 71.09
N LYS D 431 18.23 1.82 71.69
CA LYS D 431 17.63 0.52 71.45
C LYS D 431 16.22 0.42 72.04
N VAL D 432 15.93 1.16 73.12
CA VAL D 432 14.65 1.01 73.80
C VAL D 432 13.60 2.01 73.33
N SER D 433 14.00 3.21 72.90
CA SER D 433 12.98 4.18 72.52
C SER D 433 12.32 3.76 71.21
N PRO D 434 11.02 4.00 71.05
CA PRO D 434 10.36 3.60 69.80
C PRO D 434 10.96 4.23 68.56
N ILE D 435 11.32 5.51 68.63
CA ILE D 435 11.92 6.24 67.52
C ILE D 435 13.21 6.86 68.01
N ALA D 436 14.34 6.35 67.55
CA ALA D 436 15.63 6.81 68.04
C ALA D 436 16.64 6.76 66.91
N VAL D 437 17.55 7.74 66.91
CA VAL D 437 18.69 7.74 66.00
C VAL D 437 19.94 8.06 66.80
N TYR D 438 20.92 7.16 66.72
CA TYR D 438 22.19 7.33 67.40
C TYR D 438 23.22 7.77 66.37
N THR D 439 23.88 8.89 66.64
CA THR D 439 24.87 9.41 65.71
C THR D 439 25.90 10.21 66.48
N SER D 440 27.03 10.48 65.83
CA SER D 440 28.10 11.28 66.39
C SER D 440 28.18 12.60 65.65
N GLY D 441 28.84 13.58 66.27
CA GLY D 441 29.12 14.82 65.57
C GLY D 441 29.81 14.53 64.25
N LYS D 442 29.47 15.33 63.24
CA LYS D 442 29.88 15.15 61.85
C LYS D 442 29.03 14.06 61.18
N GLY D 443 27.89 13.70 61.75
CA GLY D 443 27.04 12.71 61.15
C GLY D 443 27.64 11.32 61.18
N SER D 444 27.08 10.45 60.36
CA SER D 444 27.53 9.07 60.21
C SER D 444 28.04 8.86 58.79
N SER D 445 28.59 7.68 58.56
CA SER D 445 29.14 7.35 57.24
C SER D 445 28.06 7.49 56.18
N ALA D 446 28.27 8.43 55.24
CA ALA D 446 27.32 8.68 54.16
C ALA D 446 25.91 8.95 54.69
N ALA D 447 25.81 9.75 55.74
CA ALA D 447 24.51 10.13 56.30
C ALA D 447 24.69 11.43 57.08
N GLY D 448 24.08 12.51 56.58
CA GLY D 448 24.21 13.79 57.22
C GLY D 448 23.52 13.85 58.56
N LEU D 449 23.93 14.84 59.37
CA LEU D 449 23.36 15.04 60.69
C LEU D 449 22.14 15.96 60.70
N THR D 450 21.94 16.72 59.62
CA THR D 450 20.84 17.69 59.57
C THR D 450 20.23 17.66 58.18
N ALA D 451 18.99 18.15 58.10
CA ALA D 451 18.25 18.17 56.85
C ALA D 451 19.14 18.62 55.69
N SER D 452 19.10 17.87 54.61
CA SER D 452 19.91 18.16 53.43
C SER D 452 19.02 18.07 52.20
N VAL D 453 19.30 18.92 51.21
CA VAL D 453 18.47 19.07 50.02
C VAL D 453 19.32 18.88 48.78
N GLN D 454 18.82 18.09 47.84
CA GLN D 454 19.49 17.87 46.56
C GLN D 454 18.45 17.64 45.47
N ARG D 455 18.92 17.66 44.23
CA ARG D 455 18.05 17.50 43.08
C ARG D 455 17.77 16.02 42.84
N ASP D 456 16.59 15.73 42.32
CA ASP D 456 16.21 14.34 42.06
C ASP D 456 17.16 13.75 41.02
N PRO D 457 17.69 12.54 41.24
CA PRO D 457 18.55 11.94 40.21
C PRO D 457 17.90 11.88 38.84
N MET D 458 16.58 11.64 38.79
CA MET D 458 15.87 11.52 37.53
C MET D 458 15.27 12.85 37.09
N THR D 459 14.39 13.43 37.90
CA THR D 459 13.63 14.62 37.50
C THR D 459 14.35 15.93 37.78
N ARG D 460 15.50 15.91 38.45
CA ARG D 460 16.26 17.12 38.73
C ARG D 460 15.49 18.07 39.65
N GLU D 461 14.68 17.52 40.55
CA GLU D 461 13.84 18.30 41.44
C GLU D 461 14.27 18.11 42.89
N PHE D 462 13.82 19.04 43.75
CA PHE D 462 14.26 19.09 45.13
C PHE D 462 13.50 18.08 45.98
N TYR D 463 14.21 17.49 46.93
CA TYR D 463 13.60 16.57 47.89
C TYR D 463 14.59 16.34 49.03
N LEU D 464 14.03 16.08 50.22
CA LEU D 464 14.84 15.83 51.41
C LEU D 464 15.59 14.52 51.23
N GLU D 465 16.92 14.59 51.16
CA GLU D 465 17.71 13.38 51.01
C GLU D 465 17.77 12.57 52.30
N GLY D 466 17.75 13.25 53.44
CA GLY D 466 17.86 12.55 54.72
C GLY D 466 18.07 13.53 55.86
N GLY D 467 18.97 13.15 56.76
CA GLY D 467 19.25 13.96 57.93
C GLY D 467 18.60 13.39 59.17
N ALA D 468 19.41 13.08 60.18
CA ALA D 468 18.88 12.47 61.39
C ALA D 468 17.88 13.39 62.08
N MET D 469 18.15 14.69 62.10
CA MET D 469 17.30 15.62 62.82
C MET D 469 15.86 15.58 62.34
N VAL D 470 15.64 15.19 61.07
CA VAL D 470 14.28 15.10 60.56
C VAL D 470 13.82 13.64 60.47
N LEU D 471 14.74 12.69 60.28
CA LEU D 471 14.35 11.28 60.29
C LEU D 471 13.80 10.88 61.65
N ALA D 472 14.42 11.35 62.73
CA ALA D 472 14.02 11.00 64.08
C ALA D 472 12.91 11.88 64.63
N ASP D 473 12.14 12.53 63.77
CA ASP D 473 11.08 13.42 64.25
C ASP D 473 10.14 12.68 65.17
N GLY D 474 9.79 13.32 66.28
CA GLY D 474 8.95 12.70 67.28
C GLY D 474 9.64 11.70 68.16
N GLY D 475 10.97 11.65 68.18
CA GLY D 475 11.72 10.65 68.91
C GLY D 475 12.92 11.27 69.63
N VAL D 476 13.98 10.47 69.70
CA VAL D 476 15.17 10.82 70.48
C VAL D 476 16.40 10.72 69.59
N VAL D 477 17.27 11.72 69.71
CA VAL D 477 18.55 11.76 69.02
C VAL D 477 19.65 11.62 70.07
N CYS D 478 20.49 10.61 69.89
CA CYS D 478 21.60 10.31 70.78
C CYS D 478 22.88 10.80 70.11
N ILE D 479 23.34 11.98 70.49
CA ILE D 479 24.49 12.63 69.88
C ILE D 479 25.71 12.33 70.72
N ASP D 480 26.71 11.70 70.11
CA ASP D 480 27.96 11.38 70.78
C ASP D 480 29.06 12.30 70.25
N GLU D 481 30.04 12.59 71.11
CA GLU D 481 31.11 13.53 70.77
C GLU D 481 30.53 14.86 70.32
N PHE D 482 29.70 15.44 71.18
CA PHE D 482 28.99 16.67 70.85
C PHE D 482 29.93 17.84 70.62
N ASP D 483 31.19 17.72 71.04
CA ASP D 483 32.14 18.83 70.99
C ASP D 483 32.91 18.91 69.67
N LYS D 484 32.60 18.04 68.70
CA LYS D 484 33.26 18.06 67.39
C LYS D 484 32.18 18.08 66.31
N MET D 485 31.93 19.25 65.74
CA MET D 485 30.97 19.37 64.64
C MET D 485 31.01 20.79 64.10
N ARG D 486 30.56 20.93 62.86
CA ARG D 486 30.73 22.17 62.11
C ARG D 486 29.76 23.24 62.60
N ASP D 487 30.03 24.48 62.16
CA ASP D 487 29.26 25.63 62.65
C ASP D 487 27.84 25.64 62.07
N GLU D 488 27.69 25.25 60.81
CA GLU D 488 26.35 25.17 60.24
C GLU D 488 25.50 24.16 60.99
N ASP D 489 26.09 22.99 61.32
CA ASP D 489 25.38 22.02 62.12
C ASP D 489 25.07 22.57 63.51
N ARG D 490 26.02 23.31 64.10
CA ARG D 490 25.77 23.91 65.40
C ARG D 490 24.56 24.83 65.35
N VAL D 491 24.49 25.70 64.34
CA VAL D 491 23.38 26.64 64.24
C VAL D 491 22.07 25.91 64.02
N ALA D 492 22.07 24.93 63.12
CA ALA D 492 20.83 24.20 62.84
C ALA D 492 20.34 23.48 64.09
N ILE D 493 21.25 22.83 64.81
CA ILE D 493 20.87 22.13 66.04
C ILE D 493 20.36 23.12 67.07
N HIS D 494 20.99 24.30 67.16
CA HIS D 494 20.55 25.29 68.12
C HIS D 494 19.12 25.72 67.84
N GLU D 495 18.78 25.93 66.57
CA GLU D 495 17.40 26.27 66.24
C GLU D 495 16.46 25.10 66.54
N ALA D 496 16.91 23.87 66.23
CA ALA D 496 16.04 22.72 66.40
C ALA D 496 15.70 22.46 67.86
N MET D 497 16.70 22.55 68.74
CA MET D 497 16.48 22.18 70.15
C MET D 497 15.44 23.05 70.82
N GLU D 498 15.17 24.25 70.29
CA GLU D 498 14.23 25.17 70.92
C GLU D 498 12.96 25.38 70.09
N GLN D 499 13.09 25.77 68.83
CA GLN D 499 11.91 25.99 68.00
C GLN D 499 11.37 24.70 67.39
N GLN D 500 12.14 23.61 67.45
CA GLN D 500 11.69 22.31 66.95
C GLN D 500 11.31 22.41 65.46
N THR D 501 11.99 23.27 64.73
CA THR D 501 11.82 23.38 63.29
C THR D 501 13.14 23.76 62.67
N ILE D 502 13.34 23.34 61.43
CA ILE D 502 14.54 23.66 60.66
C ILE D 502 14.11 24.45 59.44
N SER D 503 14.63 25.66 59.30
CA SER D 503 14.28 26.53 58.19
C SER D 503 15.27 26.34 57.05
N ILE D 504 14.75 26.10 55.85
CA ILE D 504 15.55 25.86 54.66
C ILE D 504 15.32 27.01 53.70
N ALA D 505 16.41 27.52 53.13
CA ALA D 505 16.36 28.62 52.16
C ALA D 505 17.47 28.39 51.15
N LYS D 506 17.10 28.10 49.90
CA LYS D 506 18.06 27.87 48.84
C LYS D 506 17.53 28.54 47.57
N ALA D 507 18.22 28.29 46.46
CA ALA D 507 17.92 28.98 45.21
C ALA D 507 16.57 28.61 44.62
N GLY D 508 16.01 27.45 44.98
CA GLY D 508 14.76 27.02 44.38
C GLY D 508 13.83 26.31 45.35
N ILE D 509 14.03 26.50 46.65
CA ILE D 509 13.20 25.83 47.64
C ILE D 509 13.28 26.61 48.94
N THR D 510 12.12 26.84 49.56
CA THR D 510 12.04 27.54 50.84
C THR D 510 10.90 26.94 51.64
N THR D 511 11.21 26.41 52.82
CA THR D 511 10.21 25.77 53.65
C THR D 511 10.72 25.66 55.08
N VAL D 512 9.80 25.39 55.99
CA VAL D 512 10.10 25.16 57.39
C VAL D 512 9.62 23.75 57.74
N LEU D 513 10.53 22.93 58.25
CA LEU D 513 10.25 21.53 58.53
C LEU D 513 9.86 21.34 59.99
N ASN D 514 9.56 20.09 60.34
CA ASN D 514 9.17 19.71 61.70
C ASN D 514 10.18 18.71 62.23
N SER D 515 10.75 19.01 63.40
CA SER D 515 11.82 18.19 63.98
C SER D 515 11.62 18.02 65.49
N ARG D 516 10.41 17.65 65.89
CA ARG D 516 10.12 17.44 67.31
C ARG D 516 10.98 16.29 67.80
N THR D 517 11.99 16.60 68.60
CA THR D 517 12.98 15.60 68.99
C THR D 517 13.55 15.95 70.37
N SER D 518 14.06 14.94 71.05
CA SER D 518 14.70 15.09 72.35
C SER D 518 16.17 14.73 72.25
N VAL D 519 17.03 15.56 72.84
CA VAL D 519 18.48 15.49 72.64
C VAL D 519 19.16 14.92 73.87
N LEU D 520 19.90 13.82 73.68
CA LEU D 520 20.75 13.25 74.71
C LEU D 520 22.18 13.27 74.18
N ALA D 521 23.02 14.10 74.77
CA ALA D 521 24.36 14.36 74.26
C ALA D 521 25.42 13.98 75.27
N ALA D 522 26.56 13.51 74.77
CA ALA D 522 27.69 13.10 75.61
C ALA D 522 28.97 13.69 75.06
N ALA D 523 29.77 14.29 75.93
CA ALA D 523 31.02 14.93 75.54
C ALA D 523 32.10 14.60 76.55
N ASN D 524 33.38 14.73 76.10
CA ASN D 524 34.52 14.48 76.96
C ASN D 524 35.30 15.76 77.23
N PRO D 525 35.88 15.92 78.42
CA PRO D 525 36.68 17.12 78.69
C PRO D 525 37.98 17.12 77.90
N ILE D 526 38.52 18.33 77.71
CA ILE D 526 39.84 18.46 77.11
C ILE D 526 40.90 18.00 78.10
N TYR D 527 42.10 17.74 77.59
CA TYR D 527 43.27 17.27 78.34
C TYR D 527 43.15 15.81 78.72
N GLY D 528 42.03 15.14 78.43
CA GLY D 528 41.87 13.73 78.71
C GLY D 528 41.33 13.43 80.10
N ARG D 529 41.18 14.43 80.96
CA ARG D 529 40.62 14.21 82.30
C ARG D 529 40.09 15.54 82.80
N TYR D 530 38.98 15.48 83.52
CA TYR D 530 38.45 16.67 84.16
C TYR D 530 39.38 17.11 85.29
N ASP D 531 39.62 18.41 85.37
CA ASP D 531 40.53 18.99 86.36
C ASP D 531 39.71 19.83 87.35
N ASP D 532 39.90 19.55 88.64
CA ASP D 532 39.17 20.28 89.67
C ASP D 532 39.67 21.70 89.86
N LEU D 533 40.85 22.04 89.37
CA LEU D 533 41.42 23.36 89.55
C LEU D 533 40.99 24.34 88.47
N LYS D 534 40.18 23.91 87.50
CA LYS D 534 39.69 24.77 86.45
C LYS D 534 38.18 24.66 86.34
N SER D 535 37.55 25.72 85.86
CA SER D 535 36.10 25.76 85.77
C SER D 535 35.60 24.77 84.72
N PRO D 536 34.37 24.28 84.86
CA PRO D 536 33.81 23.44 83.78
C PRO D 536 33.76 24.16 82.45
N GLY D 537 33.59 25.48 82.46
CA GLY D 537 33.67 26.23 81.21
C GLY D 537 35.00 26.04 80.52
N ASP D 538 36.09 26.03 81.30
CA ASP D 538 37.41 25.77 80.73
C ASP D 538 37.62 24.30 80.42
N ASN D 539 36.90 23.40 81.10
CA ASN D 539 37.02 21.99 80.80
C ASN D 539 36.35 21.62 79.47
N ILE D 540 35.26 22.31 79.13
CA ILE D 540 34.57 22.07 77.86
C ILE D 540 35.39 22.68 76.72
N ASP D 541 35.05 22.33 75.49
CA ASP D 541 35.80 22.72 74.30
C ASP D 541 34.91 23.40 73.28
N PHE D 542 34.10 24.36 73.75
CA PHE D 542 33.26 25.14 72.84
C PHE D 542 32.73 26.34 73.62
N GLN D 543 31.86 27.11 72.96
CA GLN D 543 31.25 28.26 73.61
C GLN D 543 30.52 27.80 74.87
N THR D 544 30.81 28.47 75.99
CA THR D 544 30.16 28.11 77.24
C THR D 544 28.68 28.45 77.23
N THR D 545 28.24 29.36 76.35
CA THR D 545 26.82 29.66 76.25
C THR D 545 26.00 28.45 75.81
N ILE D 546 26.63 27.50 75.12
CA ILE D 546 25.91 26.30 74.70
C ILE D 546 25.34 25.57 75.91
N LEU D 547 26.07 25.56 77.02
CA LEU D 547 25.58 24.89 78.22
C LEU D 547 24.28 25.48 78.73
N SER D 548 23.94 26.71 78.33
CA SER D 548 22.68 27.30 78.74
C SER D 548 21.48 26.62 78.08
N ARG D 549 21.70 25.81 77.05
CA ARG D 549 20.59 25.25 76.30
C ARG D 549 20.05 23.98 76.95
N PHE D 550 20.92 23.12 77.45
CA PHE D 550 20.49 21.83 77.99
C PHE D 550 19.68 22.02 79.26
N ASP D 551 18.79 21.05 79.50
CA ASP D 551 17.99 21.06 80.72
C ASP D 551 18.72 20.42 81.90
N MET D 552 19.51 19.38 81.66
CA MET D 552 20.31 18.77 82.72
C MET D 552 21.75 18.60 82.28
N ILE D 553 22.66 18.79 83.22
CA ILE D 553 24.09 18.55 83.02
C ILE D 553 24.56 17.60 84.11
N PHE D 554 25.20 16.50 83.71
CA PHE D 554 25.75 15.53 84.64
C PHE D 554 27.26 15.48 84.45
N ILE D 555 28.01 15.92 85.46
CA ILE D 555 29.46 15.88 85.45
C ILE D 555 29.88 14.69 86.30
N VAL D 556 30.34 13.63 85.63
CA VAL D 556 30.71 12.38 86.30
C VAL D 556 32.23 12.28 86.33
N LYS D 557 32.77 12.14 87.55
CA LYS D 557 34.20 12.04 87.78
C LYS D 557 34.55 10.59 88.14
N ASP D 558 35.74 10.17 87.74
CA ASP D 558 36.22 8.82 88.02
C ASP D 558 37.14 8.86 89.23
N ASP D 559 36.53 8.91 90.41
CA ASP D 559 37.30 8.85 91.65
C ASP D 559 37.84 7.44 91.86
N HIS D 560 38.92 7.35 92.63
CA HIS D 560 39.57 6.08 92.91
C HIS D 560 39.24 5.65 94.34
N ASN D 561 38.82 4.40 94.49
CA ASN D 561 38.38 3.88 95.78
C ASN D 561 38.39 2.36 95.73
N GLU D 562 39.04 1.74 96.71
CA GLU D 562 39.32 0.31 96.65
C GLU D 562 38.02 -0.50 96.61
N GLU D 563 37.10 -0.23 97.54
CA GLU D 563 35.90 -1.06 97.62
C GLU D 563 34.98 -0.85 96.42
N ARG D 564 34.88 0.40 95.94
CA ARG D 564 34.10 0.64 94.73
C ARG D 564 34.69 -0.11 93.54
N ASP D 565 36.01 -0.07 93.39
CA ASP D 565 36.66 -0.79 92.31
C ASP D 565 36.38 -2.29 92.42
N ILE D 566 36.49 -2.84 93.63
CA ILE D 566 36.27 -4.26 93.82
C ILE D 566 34.84 -4.63 93.46
N SER D 567 33.88 -3.82 93.91
CA SER D 567 32.48 -4.11 93.62
C SER D 567 32.19 -4.08 92.13
N ILE D 568 32.68 -3.04 91.44
CA ILE D 568 32.44 -2.95 90.00
C ILE D 568 33.11 -4.11 89.28
N ALA D 569 34.32 -4.48 89.70
CA ALA D 569 34.98 -5.62 89.09
C ALA D 569 34.17 -6.89 89.28
N ASN D 570 33.68 -7.13 90.49
CA ASN D 570 32.87 -8.32 90.73
C ASN D 570 31.65 -8.33 89.82
N HIS D 571 31.00 -7.17 89.70
CA HIS D 571 29.84 -7.08 88.81
C HIS D 571 30.21 -7.46 87.38
N VAL D 572 31.33 -6.93 86.88
CA VAL D 572 31.70 -7.14 85.49
C VAL D 572 32.07 -8.60 85.23
N ILE D 573 32.88 -9.19 86.10
CA ILE D 573 33.22 -10.60 85.91
C ILE D 573 31.98 -11.49 86.05
N ASN D 574 31.04 -11.13 86.93
CA ASN D 574 29.80 -11.88 86.98
C ASN D 574 29.07 -11.81 85.65
N ILE D 575 28.95 -10.60 85.08
CA ILE D 575 28.28 -10.45 83.80
C ILE D 575 28.95 -11.32 82.75
N HIS D 576 30.28 -11.26 82.67
CA HIS D 576 30.99 -12.06 81.67
C HIS D 576 30.80 -13.55 81.90
N THR D 577 30.85 -13.99 83.16
CA THR D 577 30.61 -15.39 83.46
C THR D 577 29.20 -15.80 83.03
N GLY D 578 28.29 -14.84 82.96
CA GLY D 578 26.92 -15.12 82.55
C GLY D 578 25.99 -15.45 83.70
N ASN D 579 26.50 -15.54 84.93
CA ASN D 579 25.62 -15.75 86.07
C ASN D 579 24.60 -14.63 86.18
N ALA D 580 25.03 -13.39 85.94
CA ALA D 580 24.10 -12.26 85.94
C ALA D 580 23.06 -12.38 84.83
N ASN D 581 23.34 -13.14 83.77
CA ASN D 581 22.35 -13.34 82.72
C ASN D 581 21.10 -13.99 83.29
N ALA D 582 21.26 -14.90 84.25
CA ALA D 582 20.12 -15.52 84.91
C ALA D 582 19.71 -14.73 86.15
N MET D 583 20.60 -14.65 87.15
CA MET D 583 20.24 -13.95 88.37
C MET D 583 19.84 -12.52 88.04
N GLN D 584 19.20 -11.86 89.01
CA GLN D 584 18.60 -10.57 88.76
C GLN D 584 17.62 -10.70 87.59
N ASN D 585 18.09 -10.48 86.37
CA ASN D 585 17.19 -10.32 85.23
C ASN D 585 16.06 -11.35 85.23
N GLN D 586 16.39 -12.65 85.13
CA GLN D 586 15.38 -13.67 84.90
C GLN D 586 14.46 -13.88 86.10
N GLN D 587 14.79 -13.34 87.27
CA GLN D 587 13.92 -13.42 88.43
C GLN D 587 13.13 -12.15 88.67
N GLU D 588 13.80 -11.00 88.65
CA GLU D 588 13.14 -9.70 88.73
C GLU D 588 12.16 -9.48 87.59
N GLU D 589 12.29 -10.19 86.47
CA GLU D 589 11.23 -10.13 85.49
C GLU D 589 9.91 -10.64 86.06
N ASN D 590 9.95 -11.38 87.16
CA ASN D 590 8.75 -11.87 87.83
C ASN D 590 8.30 -10.86 88.89
N GLY D 591 7.95 -9.66 88.41
CA GLY D 591 7.33 -8.66 89.27
C GLY D 591 8.08 -7.36 89.41
N SER D 592 9.40 -7.41 89.56
CA SER D 592 10.22 -6.23 89.84
C SER D 592 11.14 -5.87 88.68
N GLU D 593 10.67 -6.06 87.44
CA GLU D 593 11.42 -5.62 86.28
C GLU D 593 10.54 -5.79 85.05
N ILE D 594 10.77 -4.95 84.05
CA ILE D 594 9.92 -4.86 82.87
C ILE D 594 10.70 -5.30 81.65
N SER D 595 10.03 -6.07 80.78
CA SER D 595 10.62 -6.43 79.50
C SER D 595 10.81 -5.19 78.64
N ILE D 596 11.82 -5.24 77.76
CA ILE D 596 12.14 -4.08 76.94
C ILE D 596 10.99 -3.74 76.00
N GLU D 597 10.42 -4.76 75.34
CA GLU D 597 9.31 -4.50 74.43
C GLU D 597 8.09 -3.97 75.17
N LYS D 598 7.80 -4.53 76.34
CA LYS D 598 6.67 -4.05 77.12
C LYS D 598 6.87 -2.60 77.54
N MET D 599 8.10 -2.25 77.95
CA MET D 599 8.38 -0.86 78.30
C MET D 599 8.22 0.04 77.10
N LYS D 600 8.68 -0.40 75.93
CA LYS D 600 8.51 0.40 74.71
C LYS D 600 7.04 0.68 74.45
N ARG D 601 6.21 -0.37 74.51
CA ARG D 601 4.78 -0.20 74.30
C ARG D 601 4.18 0.72 75.35
N TYR D 602 4.62 0.60 76.60
CA TYR D 602 4.10 1.45 77.66
C TYR D 602 4.45 2.91 77.42
N ILE D 603 5.68 3.19 76.98
CA ILE D 603 6.07 4.56 76.65
C ILE D 603 5.17 5.10 75.55
N THR D 604 4.96 4.31 74.50
CA THR D 604 4.10 4.78 73.41
C THR D 604 2.69 5.05 73.93
N TYR D 605 2.16 4.16 74.75
CA TYR D 605 0.81 4.32 75.28
C TYR D 605 0.70 5.61 76.11
N CYS D 606 1.65 5.82 77.02
CA CYS D 606 1.60 7.02 77.85
C CYS D 606 1.69 8.28 77.01
N ARG D 607 2.63 8.30 76.05
CA ARG D 607 2.74 9.45 75.16
C ARG D 607 1.42 9.74 74.48
N LEU D 608 0.79 8.72 73.89
CA LEU D 608 -0.44 8.95 73.14
C LEU D 608 -1.60 9.34 74.04
N LYS D 609 -1.58 8.90 75.30
CA LYS D 609 -2.75 9.08 76.14
C LYS D 609 -2.67 10.32 77.04
N CYS D 610 -1.66 10.42 77.89
CA CYS D 610 -1.69 11.36 79.00
C CYS D 610 -1.00 12.67 78.63
N ALA D 611 -1.39 13.74 79.34
CA ALA D 611 -0.79 15.06 79.17
C ALA D 611 -1.07 15.88 80.43
N PRO D 612 -0.23 15.73 81.46
CA PRO D 612 -0.53 16.36 82.76
C PRO D 612 -0.53 17.87 82.68
N ARG D 613 -0.91 18.48 83.80
CA ARG D 613 -0.87 19.92 83.98
C ARG D 613 -0.72 20.22 85.47
N LEU D 614 0.05 21.25 85.78
CA LEU D 614 0.45 21.51 87.16
C LEU D 614 -0.74 21.95 88.02
N SER D 615 -0.45 22.22 89.30
CA SER D 615 -1.39 22.73 90.28
C SER D 615 -0.86 24.00 90.93
N PRO D 616 -1.73 24.88 91.42
CA PRO D 616 -1.25 26.16 91.96
C PRO D 616 -0.22 26.03 93.08
N GLN D 617 -0.36 25.01 93.94
CA GLN D 617 0.62 24.83 95.01
C GLN D 617 2.00 24.57 94.43
N ALA D 618 2.08 23.66 93.46
CA ALA D 618 3.33 23.40 92.78
C ALA D 618 3.86 24.65 92.10
N ALA D 619 2.98 25.44 91.49
CA ALA D 619 3.40 26.66 90.83
C ALA D 619 4.07 27.61 91.82
N GLU D 620 3.43 27.87 92.95
CA GLU D 620 3.98 28.79 93.93
C GLU D 620 5.30 28.27 94.48
N LYS D 621 5.37 26.98 94.79
CA LYS D 621 6.61 26.42 95.32
C LYS D 621 7.74 26.57 94.31
N LEU D 622 7.46 26.27 93.04
CA LEU D 622 8.47 26.40 92.00
C LEU D 622 8.95 27.84 91.88
N SER D 623 8.00 28.79 91.91
CA SER D 623 8.38 30.20 91.79
C SER D 623 9.30 30.61 92.93
N SER D 624 8.95 30.22 94.16
CA SER D 624 9.79 30.58 95.30
C SER D 624 11.19 29.97 95.16
N ASN D 625 11.26 28.71 94.76
CA ASN D 625 12.57 28.07 94.61
C ASN D 625 13.41 28.79 93.56
N PHE D 626 12.80 29.10 92.42
CA PHE D 626 13.54 29.76 91.35
C PHE D 626 14.06 31.13 91.80
N VAL D 627 13.21 31.89 92.49
CA VAL D 627 13.63 33.21 92.96
C VAL D 627 14.80 33.08 93.93
N THR D 628 14.73 32.12 94.86
CA THR D 628 15.82 31.94 95.80
C THR D 628 17.12 31.60 95.09
N ILE D 629 17.05 30.70 94.10
CA ILE D 629 18.26 30.31 93.39
C ILE D 629 18.89 31.52 92.71
N ARG D 630 18.08 32.30 91.99
CA ARG D 630 18.66 33.45 91.30
C ARG D 630 19.17 34.51 92.26
N LYS D 631 18.51 34.69 93.41
CA LYS D 631 19.01 35.64 94.40
C LYS D 631 20.39 35.21 94.89
N GLN D 632 20.56 33.92 95.20
CA GLN D 632 21.87 33.44 95.65
C GLN D 632 22.92 33.67 94.58
N LEU D 633 22.59 33.35 93.32
CA LEU D 633 23.57 33.53 92.25
C LEU D 633 23.95 35.00 92.10
N LEU D 634 22.97 35.91 92.18
CA LEU D 634 23.28 37.33 92.06
C LEU D 634 24.16 37.79 93.20
N ILE D 635 23.88 37.32 94.42
CA ILE D 635 24.72 37.69 95.56
C ILE D 635 26.16 37.28 95.31
N ASN D 636 26.36 36.02 94.89
CA ASN D 636 27.72 35.54 94.66
C ASN D 636 28.40 36.33 93.55
N GLU D 637 27.67 36.61 92.47
CA GLU D 637 28.27 37.36 91.36
C GLU D 637 28.68 38.77 91.79
N LEU D 638 27.78 39.49 92.46
CA LEU D 638 28.11 40.83 92.91
C LEU D 638 29.29 40.80 93.87
N GLU D 639 29.39 39.76 94.71
CA GLU D 639 30.56 39.62 95.55
C GLU D 639 31.83 39.42 94.75
N SER D 640 31.79 38.60 93.71
CA SER D 640 32.94 38.31 92.87
C SER D 640 33.08 39.37 91.78
N THR D 641 34.16 39.29 91.02
CA THR D 641 34.44 40.21 89.92
C THR D 641 34.35 39.55 88.55
N GLU D 642 33.83 38.33 88.47
CA GLU D 642 33.74 37.59 87.22
C GLU D 642 32.35 36.99 87.08
N ARG D 643 32.04 36.53 85.87
CA ARG D 643 30.77 35.89 85.56
C ARG D 643 30.92 34.38 85.63
N SER D 644 29.84 33.71 86.04
CA SER D 644 29.87 32.27 86.20
C SER D 644 29.80 31.56 84.85
N SER D 645 30.25 30.32 84.84
CA SER D 645 30.25 29.50 83.64
C SER D 645 28.98 28.68 83.47
N ILE D 646 28.10 28.66 84.47
CA ILE D 646 26.85 27.89 84.39
C ILE D 646 25.71 28.82 84.75
N PRO D 647 25.27 29.68 83.83
CA PRO D 647 24.23 30.66 84.17
C PRO D 647 22.88 29.99 84.43
N ILE D 648 22.03 30.73 85.14
CA ILE D 648 20.66 30.33 85.43
C ILE D 648 19.73 31.28 84.68
N THR D 649 18.81 30.71 83.92
CA THR D 649 17.95 31.50 83.04
C THR D 649 16.52 30.97 83.15
N ILE D 650 15.65 31.43 82.26
CA ILE D 650 14.28 30.96 82.24
C ILE D 650 14.19 29.57 81.63
N ARG D 651 15.21 29.19 80.85
CA ARG D 651 15.27 27.83 80.34
C ARG D 651 15.25 26.81 81.47
N GLN D 652 15.96 27.10 82.56
CA GLN D 652 15.99 26.17 83.68
C GLN D 652 14.63 26.08 84.37
N LEU D 653 13.94 27.21 84.50
CA LEU D 653 12.58 27.19 85.04
C LEU D 653 11.68 26.30 84.20
N GLU D 654 11.72 26.49 82.88
CA GLU D 654 10.90 25.65 82.01
C GLU D 654 11.33 24.20 82.07
N ALA D 655 12.62 23.93 82.28
CA ALA D 655 13.09 22.56 82.43
C ALA D 655 12.50 21.92 83.68
N ILE D 656 12.47 22.66 84.78
CA ILE D 656 11.87 22.13 86.00
C ILE D 656 10.40 21.83 85.78
N ILE D 657 9.70 22.75 85.10
CA ILE D 657 8.28 22.53 84.80
C ILE D 657 8.12 21.25 83.98
N ARG D 658 8.93 21.09 82.95
CA ARG D 658 8.83 19.92 82.09
C ARG D 658 9.11 18.64 82.89
N ILE D 659 10.07 18.69 83.80
CA ILE D 659 10.43 17.49 84.57
C ILE D 659 9.29 17.10 85.50
N THR D 660 8.69 18.08 86.18
CA THR D 660 7.58 17.74 87.05
C THR D 660 6.42 17.16 86.26
N GLU D 661 6.11 17.75 85.10
CA GLU D 661 5.06 17.17 84.27
C GLU D 661 5.42 15.77 83.80
N SER D 662 6.69 15.54 83.46
CA SER D 662 7.12 14.22 83.03
C SER D 662 6.92 13.19 84.14
N LEU D 663 7.31 13.54 85.36
CA LEU D 663 7.10 12.62 86.48
C LEU D 663 5.62 12.35 86.68
N ALA D 664 4.79 13.39 86.59
CA ALA D 664 3.35 13.19 86.76
C ALA D 664 2.79 12.26 85.69
N LYS D 665 3.30 12.36 84.46
CA LYS D 665 2.66 11.67 83.34
C LYS D 665 2.71 10.15 83.51
N LEU D 666 3.85 9.60 83.92
CA LEU D 666 4.00 8.15 83.90
C LEU D 666 3.04 7.46 84.86
N GLU D 667 2.45 8.20 85.79
CA GLU D 667 1.37 7.67 86.61
C GLU D 667 0.00 7.83 85.95
N LEU D 668 -0.05 8.43 84.77
CA LEU D 668 -1.27 8.70 84.01
C LEU D 668 -2.18 9.71 84.71
N SER D 669 -1.73 10.30 85.80
CA SER D 669 -2.54 11.28 86.52
C SER D 669 -2.68 12.55 85.68
N PRO D 670 -3.89 13.05 85.43
CA PRO D 670 -4.02 14.29 84.65
C PRO D 670 -3.65 15.55 85.42
N ILE D 671 -3.09 15.42 86.62
CA ILE D 671 -2.63 16.57 87.39
C ILE D 671 -1.40 16.18 88.18
N ALA D 672 -0.58 17.17 88.51
CA ALA D 672 0.66 16.97 89.24
C ALA D 672 0.60 17.72 90.56
N GLN D 673 0.89 17.02 91.65
CA GLN D 673 0.88 17.59 92.99
C GLN D 673 2.30 17.86 93.46
N GLU D 674 2.42 18.56 94.59
CA GLU D 674 3.73 18.95 95.10
C GLU D 674 4.61 17.74 95.39
N ARG D 675 4.03 16.56 95.56
CA ARG D 675 4.85 15.36 95.70
C ARG D 675 5.72 15.14 94.46
N HIS D 676 5.23 15.55 93.29
CA HIS D 676 6.04 15.48 92.08
C HIS D 676 7.11 16.58 92.08
N VAL D 677 6.73 17.78 92.51
CA VAL D 677 7.67 18.90 92.52
C VAL D 677 8.84 18.59 93.44
N ASP D 678 8.59 17.92 94.56
CA ASP D 678 9.67 17.56 95.47
C ASP D 678 10.74 16.75 94.75
N GLU D 679 10.32 15.68 94.07
CA GLU D 679 11.27 14.84 93.34
C GLU D 679 11.93 15.63 92.21
N ALA D 680 11.16 16.48 91.53
CA ALA D 680 11.73 17.26 90.43
C ALA D 680 12.85 18.16 90.93
N ILE D 681 12.61 18.85 92.05
CA ILE D 681 13.63 19.74 92.60
C ILE D 681 14.82 18.95 93.10
N ARG D 682 14.58 17.79 93.71
CA ARG D 682 15.71 16.96 94.14
C ARG D 682 16.58 16.58 92.96
N LEU D 683 15.96 16.13 91.87
CA LEU D 683 16.72 15.74 90.68
C LEU D 683 17.46 16.93 90.09
N PHE D 684 16.79 18.08 90.02
CA PHE D 684 17.44 19.28 89.49
C PHE D 684 18.66 19.64 90.31
N GLN D 685 18.52 19.64 91.64
CA GLN D 685 19.64 19.96 92.52
C GLN D 685 20.78 18.96 92.33
N ALA D 686 20.44 17.67 92.19
CA ALA D 686 21.47 16.65 92.01
C ALA D 686 22.22 16.85 90.70
N SER D 687 21.51 17.21 89.64
CA SER D 687 22.12 17.21 88.30
C SER D 687 22.71 18.57 87.92
N THR D 688 21.85 19.59 87.82
CA THR D 688 22.30 20.87 87.26
C THR D 688 23.15 21.66 88.25
N MET D 689 22.78 21.64 89.53
CA MET D 689 23.45 22.48 90.52
C MET D 689 24.76 21.89 91.00
N ASP D 690 25.34 20.95 90.26
CA ASP D 690 26.75 20.63 90.44
C ASP D 690 27.65 21.75 89.94
N ALA D 691 27.06 22.87 89.52
CA ALA D 691 27.81 24.10 89.30
C ALA D 691 28.49 24.60 90.57
N ALA D 692 28.26 23.95 91.71
CA ALA D 692 29.02 24.27 92.91
C ALA D 692 30.52 24.10 92.69
N SER D 693 30.90 23.31 91.70
CA SER D 693 32.30 23.21 91.29
C SER D 693 32.78 24.45 90.55
N GLN D 694 31.93 25.47 90.42
CA GLN D 694 32.30 26.69 89.71
C GLN D 694 32.80 27.72 90.73
N ASP D 695 33.79 28.52 90.33
CA ASP D 695 34.49 29.33 91.32
C ASP D 695 33.60 30.42 91.91
N PRO D 696 33.16 31.44 91.15
CA PRO D 696 32.17 32.37 91.70
C PRO D 696 30.84 31.75 92.16
N ILE D 697 30.60 30.45 91.97
CA ILE D 697 29.47 29.85 92.67
C ILE D 697 29.83 29.57 94.13
N GLY D 698 31.09 29.28 94.42
CA GLY D 698 31.50 29.01 95.78
C GLY D 698 31.18 30.14 96.73
N GLY D 699 30.53 29.81 97.85
CA GLY D 699 30.15 30.81 98.82
C GLY D 699 28.89 30.43 99.58
N VAL E 100 32.22 -12.37 -26.07
CA VAL E 100 32.61 -10.96 -26.00
C VAL E 100 34.05 -10.84 -25.54
N LYS E 101 34.90 -10.30 -26.41
CA LYS E 101 36.31 -10.18 -26.10
C LYS E 101 36.56 -9.03 -25.13
N LYS E 102 37.53 -9.22 -24.24
CA LYS E 102 37.87 -8.22 -23.24
C LYS E 102 38.94 -7.27 -23.78
N VAL E 103 38.76 -5.98 -23.51
CA VAL E 103 39.78 -5.00 -23.85
C VAL E 103 41.05 -5.31 -23.07
N ASP E 104 42.19 -4.88 -23.61
CA ASP E 104 43.49 -5.16 -23.03
C ASP E 104 44.33 -3.90 -23.02
N ASP E 105 45.25 -3.83 -22.06
CA ASP E 105 46.17 -2.70 -21.90
C ASP E 105 47.54 -3.15 -22.42
N VAL E 106 47.84 -2.80 -23.66
CA VAL E 106 49.11 -3.19 -24.27
C VAL E 106 50.27 -2.71 -23.43
N THR E 107 50.15 -1.51 -22.84
CA THR E 107 51.17 -1.04 -21.92
C THR E 107 51.30 -1.95 -20.71
N GLY E 108 50.17 -2.43 -20.20
CA GLY E 108 50.22 -3.36 -19.07
C GLY E 108 50.97 -4.64 -19.41
N GLU E 109 50.65 -5.22 -20.57
CA GLU E 109 51.36 -6.43 -20.98
C GLU E 109 52.84 -6.16 -21.22
N LYS E 110 53.18 -5.00 -21.80
CA LYS E 110 54.58 -4.67 -22.04
C LYS E 110 55.34 -4.56 -20.73
N VAL E 111 54.75 -3.89 -19.73
CA VAL E 111 55.43 -3.79 -18.45
C VAL E 111 55.52 -5.16 -17.79
N ARG E 112 54.50 -6.00 -17.98
CA ARG E 112 54.54 -7.35 -17.40
C ARG E 112 55.72 -8.14 -17.97
N GLU E 113 55.86 -8.15 -19.29
CA GLU E 113 56.94 -8.92 -19.90
C GLU E 113 58.31 -8.33 -19.54
N ALA E 114 58.40 -7.00 -19.48
CA ALA E 114 59.66 -6.38 -19.08
C ALA E 114 60.04 -6.77 -17.65
N PHE E 115 59.05 -6.78 -16.75
CA PHE E 115 59.31 -7.18 -15.37
C PHE E 115 59.75 -8.63 -15.28
N GLU E 116 59.10 -9.51 -16.05
CA GLU E 116 59.52 -10.91 -16.07
C GLU E 116 60.94 -11.05 -16.57
N GLN E 117 61.29 -10.33 -17.63
CA GLN E 117 62.65 -10.38 -18.16
C GLN E 117 63.65 -9.88 -17.14
N PHE E 118 63.32 -8.80 -16.43
CA PHE E 118 64.21 -8.29 -15.39
C PHE E 118 64.45 -9.36 -14.33
N LEU E 119 63.36 -9.93 -13.79
CA LEU E 119 63.52 -11.00 -12.81
C LEU E 119 64.42 -12.10 -13.34
N GLU E 120 64.17 -12.55 -14.56
CA GLU E 120 64.91 -13.69 -15.11
C GLU E 120 66.40 -13.38 -15.29
N ASP E 121 66.73 -12.18 -15.78
CA ASP E 121 68.08 -11.92 -16.27
C ASP E 121 68.93 -11.01 -15.37
N PHE E 122 68.39 -10.53 -14.26
CA PHE E 122 69.20 -9.72 -13.35
C PHE E 122 70.23 -10.60 -12.66
N SER E 123 71.46 -10.09 -12.54
CA SER E 123 72.54 -10.80 -11.89
C SER E 123 73.12 -9.98 -10.75
N GLY E 130 85.34 -12.66 -7.61
CA GLY E 130 84.36 -12.15 -8.55
C GLY E 130 83.35 -13.21 -8.97
N GLU E 131 82.72 -13.84 -7.98
CA GLU E 131 81.73 -14.88 -8.24
C GLU E 131 80.38 -14.23 -8.50
N VAL E 132 79.93 -14.28 -9.76
CA VAL E 132 78.66 -13.66 -10.12
C VAL E 132 77.51 -14.50 -9.57
N GLU E 133 76.34 -13.86 -9.48
CA GLU E 133 75.16 -14.54 -8.97
C GLU E 133 73.92 -13.80 -9.46
N LYS E 134 72.79 -14.49 -9.41
CA LYS E 134 71.48 -13.90 -9.67
C LYS E 134 70.65 -14.00 -8.40
N VAL E 135 70.36 -12.86 -7.78
CA VAL E 135 69.82 -12.85 -6.43
C VAL E 135 68.38 -13.35 -6.42
N TYR E 136 67.59 -13.00 -7.43
CA TYR E 136 66.14 -13.24 -7.35
C TYR E 136 65.78 -14.70 -7.51
N ARG E 137 66.43 -15.42 -8.43
CA ARG E 137 66.17 -16.85 -8.53
C ARG E 137 66.59 -17.58 -7.26
N ALA E 138 67.72 -17.18 -6.68
CA ALA E 138 68.14 -17.75 -5.41
C ALA E 138 67.11 -17.49 -4.33
N GLN E 139 66.54 -16.28 -4.30
CA GLN E 139 65.52 -15.97 -3.31
C GLN E 139 64.24 -16.78 -3.54
N ILE E 140 63.90 -17.03 -4.81
CA ILE E 140 62.74 -17.88 -5.09
C ILE E 140 62.98 -19.29 -4.58
N GLU E 141 64.17 -19.83 -4.81
CA GLU E 141 64.51 -21.14 -4.25
C GLU E 141 64.42 -21.11 -2.73
N PHE E 142 64.91 -20.03 -2.12
CA PHE E 142 64.84 -19.90 -0.66
C PHE E 142 63.40 -19.89 -0.15
N MET E 143 62.52 -19.16 -0.85
CA MET E 143 61.11 -19.14 -0.45
C MET E 143 60.50 -20.53 -0.62
N LYS E 144 60.89 -21.26 -1.66
CA LYS E 144 60.42 -22.64 -1.78
C LYS E 144 60.86 -23.47 -0.59
N ILE E 145 62.11 -23.30 -0.15
CA ILE E 145 62.61 -24.07 0.99
C ILE E 145 61.83 -23.72 2.24
N TYR E 146 61.62 -22.43 2.50
CA TYR E 146 61.14 -21.97 3.80
C TYR E 146 59.66 -21.61 3.85
N ASP E 147 58.90 -21.88 2.78
CA ASP E 147 57.45 -21.69 2.78
C ASP E 147 57.07 -20.28 3.22
N LEU E 148 57.49 -19.30 2.42
CA LEU E 148 57.21 -17.89 2.68
C LEU E 148 56.18 -17.37 1.69
N ASN E 149 55.91 -16.06 1.77
CA ASN E 149 54.88 -15.43 0.95
C ASN E 149 55.32 -14.13 0.30
N THR E 150 56.48 -13.57 0.65
CA THR E 150 56.87 -12.24 0.22
C THR E 150 58.23 -12.29 -0.47
N ILE E 151 58.41 -11.39 -1.42
CA ILE E 151 59.68 -11.21 -2.12
C ILE E 151 60.17 -9.80 -1.86
N TYR E 152 61.48 -9.63 -1.82
CA TYR E 152 62.13 -8.34 -1.56
C TYR E 152 62.90 -7.94 -2.81
N ILE E 153 62.61 -6.75 -3.34
CA ILE E 153 63.20 -6.26 -4.58
C ILE E 153 63.81 -4.89 -4.32
N ASP E 154 65.05 -4.71 -4.78
CA ASP E 154 65.77 -3.47 -4.56
C ASP E 154 65.45 -2.47 -5.67
N TYR E 155 65.14 -1.23 -5.27
CA TYR E 155 64.72 -0.23 -6.24
C TYR E 155 65.83 0.10 -7.22
N GLN E 156 67.08 0.21 -6.75
CA GLN E 156 68.18 0.50 -7.67
C GLN E 156 68.37 -0.65 -8.65
N HIS E 157 68.27 -1.89 -8.15
CA HIS E 157 68.39 -3.05 -9.03
C HIS E 157 67.33 -3.01 -10.13
N LEU E 158 66.10 -2.64 -9.76
CA LEU E 158 65.09 -2.42 -10.79
C LEU E 158 65.46 -1.23 -11.68
N SER E 159 66.12 -0.22 -11.12
CA SER E 159 66.30 1.04 -11.82
C SER E 159 67.28 0.93 -12.98
N MET E 160 68.47 0.35 -12.74
CA MET E 160 69.51 0.43 -13.77
C MET E 160 69.21 -0.53 -14.92
N ARG E 161 68.05 -0.33 -15.55
CA ARG E 161 67.64 -1.15 -16.68
C ARG E 161 66.71 -0.34 -17.57
N GLU E 162 66.79 -0.61 -18.88
CA GLU E 162 65.90 -0.03 -19.88
C GLU E 162 65.85 1.50 -19.80
N ASN E 163 66.97 2.13 -19.45
CA ASN E 163 67.07 3.59 -19.40
C ASN E 163 66.14 4.18 -18.34
N GLY E 164 65.72 3.37 -17.37
CA GLY E 164 64.85 3.84 -16.30
C GLY E 164 63.39 3.90 -16.66
N ALA E 165 63.00 3.51 -17.89
CA ALA E 165 61.60 3.59 -18.28
C ALA E 165 60.75 2.69 -17.42
N LEU E 166 61.23 1.47 -17.12
CA LEU E 166 60.47 0.56 -16.26
C LEU E 166 60.29 1.16 -14.87
N ALA E 167 61.36 1.70 -14.29
CA ALA E 167 61.28 2.28 -12.97
C ALA E 167 60.28 3.42 -12.94
N MET E 168 60.34 4.31 -13.94
CA MET E 168 59.40 5.42 -14.00
C MET E 168 57.97 4.89 -14.12
N ALA E 169 57.72 3.99 -15.06
CA ALA E 169 56.37 3.49 -15.26
C ALA E 169 55.81 2.94 -13.97
N ILE E 170 56.59 2.10 -13.28
CA ILE E 170 56.11 1.51 -12.03
C ILE E 170 55.88 2.59 -10.98
N SER E 171 56.82 3.54 -10.85
CA SER E 171 56.74 4.52 -9.78
C SER E 171 55.53 5.42 -9.93
N GLU E 172 55.35 6.02 -11.11
CA GLU E 172 54.22 6.91 -11.28
C GLU E 172 52.89 6.19 -11.51
N GLN E 173 52.91 4.92 -11.91
CA GLN E 173 51.67 4.17 -12.12
C GLN E 173 51.76 2.79 -11.49
N TYR E 174 52.18 2.75 -10.22
CA TYR E 174 52.24 1.49 -9.49
C TYR E 174 50.86 0.86 -9.36
N TYR E 175 49.85 1.67 -9.06
CA TYR E 175 48.50 1.14 -8.85
C TYR E 175 48.00 0.44 -10.10
N ARG E 176 48.21 1.04 -11.28
CA ARG E 176 47.72 0.44 -12.51
C ARG E 176 48.35 -0.91 -12.77
N PHE E 177 49.67 -1.01 -12.57
CA PHE E 177 50.43 -2.16 -13.03
C PHE E 177 50.60 -3.25 -11.99
N LEU E 178 50.22 -3.01 -10.72
CA LEU E 178 50.46 -4.02 -9.70
C LEU E 178 49.89 -5.38 -10.08
N PRO E 179 48.66 -5.51 -10.57
CA PRO E 179 48.18 -6.85 -10.97
C PRO E 179 49.03 -7.48 -12.05
N PHE E 180 49.57 -6.70 -12.99
CA PHE E 180 50.44 -7.25 -14.01
C PHE E 180 51.73 -7.78 -13.40
N LEU E 181 52.28 -7.07 -12.42
CA LEU E 181 53.43 -7.59 -11.69
C LEU E 181 53.09 -8.90 -11.00
N GLN E 182 51.90 -8.98 -10.39
CA GLN E 182 51.47 -10.22 -9.77
C GLN E 182 51.45 -11.35 -10.77
N LYS E 183 50.87 -11.10 -11.95
CA LYS E 183 50.76 -12.13 -12.98
C LYS E 183 52.13 -12.60 -13.43
N GLY E 184 53.04 -11.65 -13.67
CA GLY E 184 54.39 -12.02 -14.09
C GLY E 184 55.12 -12.84 -13.05
N LEU E 185 55.00 -12.43 -11.78
CA LEU E 185 55.63 -13.20 -10.71
C LEU E 185 55.06 -14.60 -10.65
N ARG E 186 53.73 -14.73 -10.79
CA ARG E 186 53.12 -16.05 -10.75
C ARG E 186 53.63 -16.92 -11.90
N ARG E 187 53.74 -16.35 -13.09
CA ARG E 187 54.23 -17.14 -14.23
C ARG E 187 55.66 -17.59 -14.00
N VAL E 188 56.52 -16.70 -13.51
CA VAL E 188 57.91 -17.06 -13.27
C VAL E 188 58.00 -18.14 -12.21
N VAL E 189 57.22 -18.01 -11.14
CA VAL E 189 57.22 -19.00 -10.07
C VAL E 189 56.76 -20.35 -10.62
N ARG E 190 55.72 -20.34 -11.45
CA ARG E 190 55.25 -21.59 -12.04
C ARG E 190 56.35 -22.24 -12.88
N LYS E 191 57.06 -21.43 -13.69
CA LYS E 191 58.08 -22.01 -14.55
C LYS E 191 59.22 -22.60 -13.74
N TYR E 192 59.73 -21.86 -12.76
CA TYR E 192 60.96 -22.22 -12.05
C TYR E 192 60.69 -22.85 -10.69
N ALA E 193 59.47 -23.29 -10.42
CA ALA E 193 59.14 -23.95 -9.16
C ALA E 193 57.73 -24.50 -9.24
N PRO E 194 57.39 -25.54 -8.47
CA PRO E 194 56.04 -26.09 -8.47
C PRO E 194 55.07 -25.26 -7.63
N GLU E 260 46.49 -21.11 -4.63
CA GLU E 260 45.94 -20.74 -3.33
C GLU E 260 46.85 -19.76 -2.61
N ARG E 261 48.15 -19.91 -2.81
CA ARG E 261 49.13 -19.06 -2.16
C ARG E 261 48.90 -17.60 -2.55
N VAL E 262 48.99 -16.72 -1.55
CA VAL E 262 48.91 -15.27 -1.77
C VAL E 262 50.33 -14.71 -1.67
N PHE E 263 50.75 -13.99 -2.69
CA PHE E 263 52.12 -13.49 -2.79
C PHE E 263 52.15 -11.98 -2.58
N GLN E 264 53.27 -11.49 -2.07
CA GLN E 264 53.49 -10.07 -1.89
C GLN E 264 54.86 -9.68 -2.42
N ILE E 265 54.95 -8.46 -2.96
CA ILE E 265 56.21 -7.87 -3.39
C ILE E 265 56.49 -6.68 -2.49
N SER E 266 57.78 -6.49 -2.17
CA SER E 266 58.19 -5.43 -1.25
C SER E 266 59.40 -4.71 -1.84
N PHE E 267 59.19 -3.45 -2.22
CA PHE E 267 60.27 -2.58 -2.64
C PHE E 267 60.85 -1.84 -1.44
N PHE E 268 62.05 -1.32 -1.59
CA PHE E 268 62.66 -0.53 -0.54
C PHE E 268 63.92 0.13 -1.09
N ASN E 269 64.54 0.95 -0.25
CA ASN E 269 65.76 1.69 -0.61
C ASN E 269 65.47 2.68 -1.73
N LEU E 270 64.40 3.46 -1.56
CA LEU E 270 64.09 4.50 -2.53
C LEU E 270 65.13 5.61 -2.46
N PRO E 271 65.33 6.36 -3.54
CA PRO E 271 66.35 7.42 -3.53
C PRO E 271 66.10 8.51 -2.50
N THR E 272 64.83 8.85 -2.22
CA THR E 272 64.52 10.00 -1.38
C THR E 272 63.36 9.66 -0.46
N VAL E 273 63.18 10.51 0.56
CA VAL E 273 62.11 10.38 1.52
C VAL E 273 61.39 11.72 1.62
N HIS E 274 60.07 11.66 1.78
CA HIS E 274 59.24 12.84 1.95
C HIS E 274 58.87 13.03 3.41
N ARG E 275 58.26 14.18 3.71
CA ARG E 275 57.76 14.46 5.04
C ARG E 275 56.25 14.38 5.06
N ILE E 276 55.71 14.12 6.27
CA ILE E 276 54.27 14.06 6.43
C ILE E 276 53.61 15.39 6.12
N ARG E 277 54.38 16.49 6.22
CA ARG E 277 53.86 17.82 5.92
C ARG E 277 53.86 18.12 4.44
N ASP E 278 54.46 17.25 3.61
CA ASP E 278 54.73 17.55 2.21
C ASP E 278 53.99 16.61 1.25
N ILE E 279 52.97 15.91 1.73
CA ILE E 279 52.18 15.05 0.86
C ILE E 279 51.20 15.90 0.07
N ARG E 280 51.01 15.56 -1.21
CA ARG E 280 50.14 16.31 -2.09
C ARG E 280 49.24 15.34 -2.85
N SER E 281 48.06 15.83 -3.22
CA SER E 281 47.07 15.02 -3.91
C SER E 281 47.48 14.66 -5.33
N GLU E 282 48.60 15.19 -5.83
CA GLU E 282 49.05 14.86 -7.18
C GLU E 282 49.66 13.47 -7.25
N LYS E 283 50.16 12.94 -6.12
CA LYS E 283 50.84 11.65 -6.09
C LYS E 283 49.90 10.50 -5.77
N ILE E 284 48.59 10.73 -5.74
CA ILE E 284 47.64 9.67 -5.41
C ILE E 284 47.85 8.49 -6.33
N GLY E 285 47.88 7.29 -5.75
CA GLY E 285 48.05 6.07 -6.50
C GLY E 285 49.49 5.72 -6.85
N SER E 286 50.46 6.53 -6.44
CA SER E 286 51.86 6.29 -6.73
C SER E 286 52.57 5.74 -5.50
N LEU E 287 53.77 5.22 -5.72
CA LEU E 287 54.57 4.60 -4.69
C LEU E 287 55.62 5.58 -4.20
N LEU E 288 55.78 5.68 -2.89
CA LEU E 288 56.75 6.60 -2.31
C LEU E 288 57.16 6.06 -0.93
N SER E 289 57.92 6.88 -0.20
CA SER E 289 58.44 6.51 1.11
C SER E 289 58.32 7.69 2.06
N ILE E 290 57.92 7.40 3.30
CA ILE E 290 57.73 8.42 4.32
C ILE E 290 58.34 7.92 5.64
N SER E 291 58.40 8.82 6.61
CA SER E 291 58.93 8.52 7.93
C SER E 291 58.11 9.23 8.99
N GLY E 292 58.11 8.66 10.20
CA GLY E 292 57.35 9.25 11.29
C GLY E 292 57.50 8.43 12.55
N THR E 293 56.80 8.88 13.58
CA THR E 293 56.79 8.23 14.89
C THR E 293 55.44 7.56 15.10
N VAL E 294 55.47 6.29 15.48
CA VAL E 294 54.24 5.53 15.69
C VAL E 294 53.63 5.93 17.04
N THR E 295 52.32 6.12 17.05
CA THR E 295 51.60 6.51 18.27
C THR E 295 50.67 5.44 18.80
N ARG E 296 50.05 4.64 17.93
CA ARG E 296 49.03 3.70 18.35
C ARG E 296 49.01 2.53 17.39
N THR E 297 48.53 1.39 17.87
CA THR E 297 48.34 0.21 17.04
C THR E 297 47.06 -0.50 17.47
N SER E 298 46.43 -1.18 16.52
CA SER E 298 45.22 -1.93 16.77
C SER E 298 45.51 -3.42 16.67
N GLU E 299 44.56 -4.23 17.15
CA GLU E 299 44.72 -5.68 17.13
C GLU E 299 44.58 -6.21 15.71
N VAL E 300 45.30 -7.28 15.42
CA VAL E 300 45.29 -7.89 14.09
C VAL E 300 43.96 -8.62 13.90
N ARG E 301 43.30 -8.36 12.77
CA ARG E 301 41.99 -8.90 12.48
C ARG E 301 41.95 -9.44 11.06
N PRO E 302 41.14 -10.46 10.80
CA PRO E 302 41.03 -10.98 9.44
C PRO E 302 40.28 -10.02 8.53
N GLU E 303 40.60 -10.08 7.25
CA GLU E 303 40.04 -9.18 6.24
C GLU E 303 39.39 -9.99 5.13
N LEU E 304 38.21 -9.56 4.70
CA LEU E 304 37.55 -10.22 3.57
C LEU E 304 38.33 -9.93 2.29
N TYR E 305 38.79 -10.99 1.64
CA TYR E 305 39.69 -10.85 0.49
C TYR E 305 39.06 -11.29 -0.81
N LYS E 306 38.57 -12.53 -0.90
CA LYS E 306 37.91 -13.04 -2.09
C LYS E 306 36.66 -13.79 -1.63
N ALA E 307 35.52 -13.12 -1.69
CA ALA E 307 34.28 -13.65 -1.16
C ALA E 307 33.66 -14.67 -2.11
N SER E 308 32.68 -15.41 -1.60
CA SER E 308 31.89 -16.35 -2.37
C SER E 308 30.42 -16.09 -2.07
N PHE E 309 29.60 -16.15 -3.12
CA PHE E 309 28.18 -15.83 -2.99
C PHE E 309 27.35 -16.92 -3.65
N THR E 310 26.10 -16.99 -3.20
CA THR E 310 25.08 -17.86 -3.77
C THR E 310 23.96 -16.99 -4.30
N CYS E 311 23.54 -17.25 -5.53
CA CYS E 311 22.41 -16.54 -6.12
C CYS E 311 21.13 -16.93 -5.40
N ASP E 312 20.12 -16.08 -5.50
CA ASP E 312 18.85 -16.31 -4.81
C ASP E 312 17.80 -16.95 -5.70
N MET E 313 17.48 -16.33 -6.84
CA MET E 313 16.47 -16.91 -7.72
C MET E 313 16.88 -18.29 -8.21
N CYS E 314 18.18 -18.51 -8.42
CA CYS E 314 18.71 -19.85 -8.62
C CYS E 314 19.83 -20.05 -7.61
N ARG E 315 20.13 -21.32 -7.32
CA ARG E 315 21.12 -21.66 -6.32
C ARG E 315 22.53 -21.77 -6.89
N ALA E 316 22.83 -21.04 -7.96
CA ALA E 316 24.16 -21.03 -8.52
C ALA E 316 25.15 -20.43 -7.52
N ILE E 317 26.41 -20.84 -7.65
CA ILE E 317 27.47 -20.45 -6.73
C ILE E 317 28.55 -19.74 -7.51
N VAL E 318 28.92 -18.54 -7.05
CA VAL E 318 30.02 -17.76 -7.62
C VAL E 318 31.10 -17.64 -6.56
N ASP E 319 32.36 -17.78 -6.99
CA ASP E 319 33.48 -17.79 -6.07
C ASP E 319 34.55 -16.82 -6.54
N ASN E 320 35.39 -16.40 -5.59
CA ASN E 320 36.57 -15.57 -5.88
C ASN E 320 36.16 -14.18 -6.38
N VAL E 321 35.24 -13.54 -5.66
CA VAL E 321 34.81 -12.19 -5.97
C VAL E 321 35.75 -11.21 -5.26
N GLU E 322 36.39 -10.35 -6.02
CA GLU E 322 37.32 -9.36 -5.47
C GLU E 322 36.54 -8.23 -4.79
N GLN E 323 37.18 -7.61 -3.81
CA GLN E 323 36.58 -6.53 -3.03
C GLN E 323 37.15 -5.16 -3.37
N SER E 324 38.48 -5.04 -3.38
CA SER E 324 39.15 -3.80 -3.74
C SER E 324 38.74 -2.66 -2.80
N PHE E 325 39.07 -2.84 -1.52
CA PHE E 325 38.92 -1.84 -0.47
C PHE E 325 37.47 -1.60 -0.05
N LYS E 326 36.51 -2.35 -0.59
CA LYS E 326 35.13 -2.21 -0.18
C LYS E 326 34.36 -3.49 -0.44
N TYR E 327 33.28 -3.66 0.31
CA TYR E 327 32.40 -4.81 0.21
C TYR E 327 31.79 -4.81 -1.19
N THR E 328 32.12 -5.83 -1.98
CA THR E 328 31.74 -5.90 -3.38
C THR E 328 30.95 -7.18 -3.63
N GLU E 329 29.88 -7.04 -4.41
CA GLU E 329 28.97 -8.13 -4.71
C GLU E 329 29.04 -8.48 -6.19
N PRO E 330 28.70 -9.72 -6.55
CA PRO E 330 28.69 -10.07 -7.98
C PRO E 330 27.70 -9.20 -8.74
N THR E 331 28.09 -8.85 -9.97
CA THR E 331 27.32 -7.91 -10.78
C THR E 331 26.35 -8.60 -11.74
N PHE E 332 26.38 -9.93 -11.82
CA PHE E 332 25.45 -10.64 -12.70
C PHE E 332 25.60 -12.13 -12.46
N CYS E 333 24.50 -12.86 -12.65
CA CYS E 333 24.53 -14.30 -12.48
C CYS E 333 25.28 -14.95 -13.64
N PRO E 334 26.23 -15.83 -13.36
CA PRO E 334 27.08 -16.36 -14.45
C PRO E 334 26.34 -17.25 -15.43
N ASN E 335 25.22 -17.85 -15.03
CA ASN E 335 24.49 -18.77 -15.90
C ASN E 335 23.33 -18.04 -16.55
N PRO E 336 23.21 -18.06 -17.89
CA PRO E 336 22.03 -17.46 -18.52
C PRO E 336 20.73 -18.14 -18.13
N SER E 337 20.79 -19.36 -17.59
CA SER E 337 19.59 -20.00 -17.06
C SER E 337 18.90 -19.16 -15.99
N CYS E 338 19.65 -18.30 -15.31
CA CYS E 338 19.11 -17.33 -14.37
C CYS E 338 19.53 -15.93 -14.80
N GLU E 339 18.69 -14.96 -14.48
CA GLU E 339 18.91 -13.57 -14.87
C GLU E 339 19.11 -12.68 -13.64
N ASN E 340 19.68 -13.23 -12.59
CA ASN E 340 19.79 -12.52 -11.32
C ASN E 340 20.83 -11.41 -11.39
N ARG E 341 20.60 -10.37 -10.61
CA ARG E 341 21.53 -9.25 -10.48
C ARG E 341 21.19 -8.50 -9.20
N ALA E 342 22.19 -8.35 -8.33
CA ALA E 342 22.12 -7.62 -7.05
C ALA E 342 21.44 -8.42 -5.95
N PHE E 343 20.96 -9.65 -6.21
CA PHE E 343 20.32 -10.48 -5.20
C PHE E 343 21.26 -11.64 -4.90
N TRP E 344 21.94 -11.59 -3.77
CA TRP E 344 22.99 -12.57 -3.46
C TRP E 344 23.05 -12.80 -1.96
N THR E 345 23.64 -13.93 -1.58
CA THR E 345 23.90 -14.26 -0.19
C THR E 345 25.37 -14.62 -0.04
N LEU E 346 25.97 -14.22 1.07
CA LEU E 346 27.40 -14.39 1.31
C LEU E 346 27.64 -15.72 2.03
N ASN E 347 28.58 -16.50 1.53
CA ASN E 347 28.96 -17.77 2.15
C ASN E 347 30.30 -17.56 2.86
N VAL E 348 30.23 -17.22 4.15
CA VAL E 348 31.42 -16.96 4.93
C VAL E 348 32.25 -18.21 5.20
N THR E 349 31.70 -19.39 4.92
CA THR E 349 32.38 -20.64 5.24
C THR E 349 33.43 -21.05 4.22
N ARG E 350 33.30 -20.60 2.98
CA ARG E 350 34.19 -21.02 1.90
C ARG E 350 34.87 -19.81 1.26
N SER E 351 35.37 -18.90 2.10
CA SER E 351 36.04 -17.70 1.64
C SER E 351 37.41 -17.62 2.31
N ARG E 352 38.27 -16.77 1.75
CA ARG E 352 39.60 -16.55 2.27
C ARG E 352 39.70 -15.20 2.96
N PHE E 353 40.68 -15.07 3.85
CA PHE E 353 40.87 -13.84 4.60
C PHE E 353 42.36 -13.52 4.71
N LEU E 354 42.64 -12.25 5.01
CA LEU E 354 44.00 -11.77 5.24
C LEU E 354 44.05 -10.98 6.53
N ASP E 355 45.20 -11.04 7.18
CA ASP E 355 45.40 -10.30 8.41
C ASP E 355 45.48 -8.80 8.13
N TRP E 356 44.77 -8.01 8.93
CA TRP E 356 44.64 -6.57 8.71
C TRP E 356 44.88 -5.83 10.01
N GLN E 357 45.71 -4.79 9.96
CA GLN E 357 46.03 -3.99 11.13
C GLN E 357 46.05 -2.52 10.76
N LYS E 358 45.68 -1.67 11.71
CA LYS E 358 45.73 -0.22 11.54
C LYS E 358 46.73 0.38 12.52
N VAL E 359 47.45 1.40 12.07
CA VAL E 359 48.45 2.09 12.86
C VAL E 359 48.25 3.59 12.66
N ARG E 360 48.65 4.37 13.65
CA ARG E 360 48.57 5.83 13.61
C ARG E 360 49.97 6.39 13.83
N ILE E 361 50.47 7.15 12.87
CA ILE E 361 51.82 7.69 12.94
C ILE E 361 51.74 9.20 13.06
N GLN E 362 52.77 9.77 13.68
CA GLN E 362 52.82 11.18 14.02
C GLN E 362 54.07 11.81 13.41
N GLU E 363 53.95 13.10 13.09
CA GLU E 363 55.06 13.82 12.48
C GLU E 363 56.24 13.89 13.44
N ASN E 364 57.44 13.81 12.89
CA ASN E 364 58.65 13.79 13.70
C ASN E 364 58.78 15.09 14.50
N ALA E 365 59.51 15.01 15.61
CA ALA E 365 59.62 16.15 16.51
C ALA E 365 60.36 17.31 15.87
N ASN E 366 61.41 17.02 15.10
CA ASN E 366 62.22 18.08 14.52
C ASN E 366 61.68 18.60 13.20
N GLU E 367 60.61 18.01 12.67
CA GLU E 367 60.07 18.40 11.38
C GLU E 367 58.90 19.38 11.46
N ILE E 368 58.42 19.69 12.67
CA ILE E 368 57.26 20.57 12.80
C ILE E 368 57.66 21.98 12.37
N PRO E 369 56.95 22.61 11.42
CA PRO E 369 57.27 24.00 11.08
C PRO E 369 56.97 24.95 12.23
N THR E 370 57.45 26.19 12.12
CA THR E 370 57.34 27.14 13.22
C THR E 370 55.88 27.37 13.60
N GLY E 371 55.61 27.37 14.90
CA GLY E 371 54.29 27.73 15.40
C GLY E 371 53.16 26.86 14.91
N SER E 372 53.37 25.55 14.80
CA SER E 372 52.36 24.65 14.30
C SER E 372 52.43 23.33 15.08
N MET E 373 51.30 22.60 15.07
CA MET E 373 51.21 21.32 15.75
C MET E 373 51.49 20.16 14.81
N PRO E 374 51.91 19.02 15.36
CA PRO E 374 52.25 17.88 14.51
C PRO E 374 51.03 17.31 13.79
N ARG E 375 51.30 16.69 12.65
CA ARG E 375 50.27 16.03 11.86
C ARG E 375 50.25 14.54 12.18
N THR E 376 49.14 13.89 11.82
CA THR E 376 48.98 12.47 12.05
C THR E 376 48.47 11.82 10.77
N LEU E 377 48.79 10.54 10.61
CA LEU E 377 48.43 9.83 9.39
C LEU E 377 48.14 8.37 9.72
N ASP E 378 47.09 7.84 9.12
CA ASP E 378 46.73 6.44 9.29
C ASP E 378 47.54 5.59 8.33
N VAL E 379 47.85 4.37 8.75
CA VAL E 379 48.61 3.41 7.95
C VAL E 379 47.95 2.04 8.10
N ILE E 380 47.82 1.33 6.98
CA ILE E 380 47.16 0.03 6.96
C ILE E 380 48.22 -1.01 6.63
N LEU E 381 48.28 -2.07 7.44
CA LEU E 381 49.22 -3.16 7.24
C LEU E 381 48.45 -4.44 6.95
N ARG E 382 48.96 -5.20 5.99
CA ARG E 382 48.30 -6.41 5.49
C ARG E 382 49.24 -7.59 5.60
N GLY E 383 48.65 -8.78 5.72
CA GLY E 383 49.42 -10.00 5.62
C GLY E 383 50.53 -10.07 6.64
N ASP E 384 51.74 -10.37 6.15
CA ASP E 384 52.87 -10.70 7.00
C ASP E 384 53.58 -9.48 7.57
N SER E 385 53.17 -8.27 7.21
CA SER E 385 53.77 -7.06 7.74
C SER E 385 53.18 -6.63 9.07
N VAL E 386 52.06 -7.24 9.49
CA VAL E 386 51.40 -6.83 10.71
C VAL E 386 52.32 -7.05 11.90
N GLU E 387 52.09 -6.27 12.96
CA GLU E 387 52.82 -6.40 14.22
C GLU E 387 54.33 -6.29 14.01
N ARG E 388 54.76 -5.40 13.11
CA ARG E 388 56.16 -5.03 12.99
C ARG E 388 56.45 -3.67 13.61
N ALA E 389 55.48 -2.76 13.60
CA ALA E 389 55.63 -1.49 14.29
C ALA E 389 55.44 -1.67 15.79
N LYS E 390 55.88 -0.68 16.55
CA LYS E 390 55.73 -0.70 17.99
C LYS E 390 55.61 0.73 18.50
N PRO E 391 54.65 1.01 19.37
CA PRO E 391 54.42 2.41 19.78
C PRO E 391 55.66 3.01 20.42
N GLY E 392 55.91 4.29 20.11
CA GLY E 392 57.03 5.01 20.66
C GLY E 392 58.32 4.89 19.88
N ASP E 393 58.27 4.41 18.65
CA ASP E 393 59.47 4.21 17.83
C ASP E 393 59.40 5.05 16.56
N ARG E 394 60.52 5.13 15.87
CA ARG E 394 60.62 5.81 14.58
C ARG E 394 60.83 4.77 13.49
N CYS E 395 59.98 4.80 12.48
CA CYS E 395 60.02 3.83 11.40
C CYS E 395 59.89 4.52 10.06
N LYS E 396 60.50 3.93 9.04
CA LYS E 396 60.39 4.38 7.65
C LYS E 396 59.49 3.40 6.91
N PHE E 397 58.44 3.94 6.28
CA PHE E 397 57.50 3.16 5.50
C PHE E 397 57.72 3.41 4.02
N THR E 398 57.47 2.38 3.21
CA THR E 398 57.46 2.48 1.77
C THR E 398 56.19 1.83 1.27
N GLY E 399 55.43 2.56 0.45
CA GLY E 399 54.16 2.06 -0.03
C GLY E 399 53.40 3.05 -0.88
N VAL E 400 52.13 2.76 -1.13
CA VAL E 400 51.31 3.55 -2.04
C VAL E 400 50.50 4.56 -1.23
N GLU E 401 50.16 5.67 -1.88
CA GLU E 401 49.27 6.67 -1.32
C GLU E 401 47.90 6.48 -1.95
N ILE E 402 46.85 6.41 -1.11
CA ILE E 402 45.51 6.10 -1.55
C ILE E 402 44.54 7.11 -0.94
N VAL E 403 43.26 6.95 -1.30
CA VAL E 403 42.20 7.80 -0.79
C VAL E 403 41.07 6.91 -0.29
N VAL E 404 40.36 7.41 0.72
CA VAL E 404 39.24 6.69 1.31
C VAL E 404 38.10 7.67 1.57
N PRO E 405 36.87 7.16 1.64
CA PRO E 405 35.73 8.06 1.88
C PRO E 405 35.84 8.77 3.22
N ASP E 406 35.37 10.01 3.23
CA ASP E 406 35.42 10.86 4.42
C ASP E 406 34.10 11.62 4.51
N VAL E 407 33.19 11.13 5.36
CA VAL E 407 31.89 11.77 5.52
C VAL E 407 31.96 13.04 6.35
N THR E 408 33.05 13.27 7.07
CA THR E 408 33.15 14.40 7.98
C THR E 408 33.26 15.74 7.25
N GLN E 409 33.68 15.76 6.00
CA GLN E 409 33.97 17.01 5.31
C GLN E 409 32.73 17.85 5.06
N LEU E 410 31.53 17.30 5.23
CA LEU E 410 30.33 18.12 5.13
C LEU E 410 30.38 19.26 6.12
N GLY E 411 29.95 20.44 5.69
CA GLY E 411 30.00 21.64 6.48
C GLY E 411 31.19 22.53 6.21
N LEU E 412 32.25 21.99 5.59
CA LEU E 412 33.39 22.81 5.22
C LEU E 412 33.00 23.76 4.08
N PRO E 413 33.67 24.90 3.99
CA PRO E 413 33.39 25.82 2.89
C PRO E 413 33.90 25.28 1.57
N GLY E 414 33.31 25.78 0.48
CA GLY E 414 33.65 25.36 -0.86
C GLY E 414 32.58 24.47 -1.46
N VAL E 415 32.85 24.03 -2.68
CA VAL E 415 31.94 23.18 -3.43
C VAL E 415 32.48 21.76 -3.40
N LYS E 416 31.64 20.82 -2.99
CA LYS E 416 32.05 19.43 -2.82
C LYS E 416 31.51 18.59 -3.96
N PRO E 417 32.34 17.80 -4.64
CA PRO E 417 31.88 17.11 -5.85
C PRO E 417 30.74 16.15 -5.56
N SER E 418 29.79 16.11 -6.51
CA SER E 418 28.66 15.19 -6.46
C SER E 418 28.57 14.44 -7.77
N SER E 419 27.94 13.27 -7.73
CA SER E 419 27.79 12.41 -8.89
C SER E 419 26.33 12.09 -9.10
N THR E 420 25.90 12.11 -10.36
CA THR E 420 24.54 11.79 -10.74
C THR E 420 24.56 11.04 -12.07
N LEU E 421 23.49 10.29 -12.30
CA LEU E 421 23.40 9.46 -13.50
C LEU E 421 22.91 10.29 -14.67
N ASP E 422 23.47 10.01 -15.85
CA ASP E 422 23.15 10.77 -17.05
C ASP E 422 21.84 10.25 -17.64
N THR E 423 20.84 11.13 -17.74
CA THR E 423 19.51 10.75 -18.18
C THR E 423 19.32 10.93 -19.68
N ARG E 424 20.35 11.35 -20.40
CA ARG E 424 20.25 11.49 -21.85
C ARG E 424 20.45 10.14 -22.52
N GLY E 425 19.66 9.87 -23.55
CA GLY E 425 19.73 8.61 -24.26
C GLY E 425 18.97 7.47 -23.62
N ILE E 426 17.95 7.76 -22.81
CA ILE E 426 17.14 6.75 -22.14
C ILE E 426 15.68 7.01 -22.50
N SER E 427 14.99 5.95 -22.93
CA SER E 427 13.59 6.09 -23.32
C SER E 427 12.70 6.20 -22.09
N LYS E 428 11.80 7.18 -22.10
CA LYS E 428 10.90 7.45 -20.99
C LYS E 428 9.46 7.30 -21.45
N THR E 429 8.54 7.66 -20.55
CA THR E 429 7.11 7.61 -20.86
C THR E 429 6.32 8.45 -19.86
N LEU E 443 17.74 10.75 -6.45
CA LEU E 443 17.69 9.91 -7.63
C LEU E 443 19.02 9.20 -7.84
N GLY E 444 19.58 8.65 -6.77
CA GLY E 444 20.85 7.96 -6.82
C GLY E 444 22.07 8.85 -6.77
N VAL E 445 21.89 10.14 -6.48
CA VAL E 445 23.03 11.05 -6.44
C VAL E 445 23.90 10.77 -5.22
N ARG E 446 25.21 10.89 -5.42
CA ARG E 446 26.19 10.55 -4.39
C ARG E 446 27.15 11.71 -4.18
N ASP E 447 27.89 11.64 -3.08
CA ASP E 447 28.91 12.64 -2.75
C ASP E 447 30.30 12.06 -2.97
N LEU E 448 31.28 12.94 -3.18
CA LEU E 448 32.63 12.50 -3.52
C LEU E 448 33.68 13.11 -2.60
N THR E 449 33.45 13.06 -1.29
CA THR E 449 34.41 13.55 -0.32
C THR E 449 35.33 12.42 0.13
N TYR E 450 36.60 12.74 0.35
CA TYR E 450 37.60 11.73 0.69
C TYR E 450 38.68 12.33 1.58
N LYS E 451 39.50 11.44 2.15
CA LYS E 451 40.69 11.82 2.89
C LYS E 451 41.82 10.89 2.51
N ILE E 452 43.05 11.39 2.62
CA ILE E 452 44.24 10.66 2.17
C ILE E 452 44.65 9.66 3.24
N SER E 453 45.02 8.45 2.81
CA SER E 453 45.53 7.43 3.69
C SER E 453 46.83 6.87 3.12
N PHE E 454 47.34 5.79 3.70
CA PHE E 454 48.60 5.19 3.25
C PHE E 454 48.59 3.71 3.58
N LEU E 455 48.64 2.87 2.55
CA LEU E 455 48.71 1.43 2.69
C LEU E 455 50.15 1.01 2.46
N ALA E 456 50.88 0.78 3.54
CA ALA E 456 52.31 0.50 3.47
C ALA E 456 52.55 -0.93 3.00
N CYS E 457 53.67 -1.11 2.28
CA CYS E 457 54.10 -2.44 1.86
C CYS E 457 55.40 -2.88 2.49
N HIS E 458 56.24 -1.94 2.94
CA HIS E 458 57.45 -2.27 3.69
C HIS E 458 57.61 -1.28 4.83
N VAL E 459 58.05 -1.76 5.98
CA VAL E 459 58.28 -0.93 7.15
C VAL E 459 59.56 -1.38 7.83
N ILE E 460 60.44 -0.43 8.14
CA ILE E 460 61.71 -0.73 8.80
C ILE E 460 61.96 0.29 9.90
N SER E 461 62.31 -0.19 11.08
CA SER E 461 62.64 0.69 12.19
C SER E 461 63.97 1.40 11.92
N ILE E 462 64.05 2.65 12.36
CA ILE E 462 65.23 3.48 12.19
C ILE E 462 65.67 4.00 13.55
N GLY E 463 66.96 3.90 13.83
CA GLY E 463 67.50 4.37 15.09
C GLY E 463 67.30 5.87 15.27
N SER E 509 77.00 -9.83 15.26
CA SER E 509 77.37 -8.46 14.95
C SER E 509 78.28 -8.41 13.73
N SER E 510 79.51 -7.89 13.90
CA SER E 510 80.45 -7.74 12.80
C SER E 510 81.85 -7.57 13.41
N ASP E 511 82.79 -7.09 12.60
CA ASP E 511 84.18 -6.95 13.03
C ASP E 511 84.30 -6.30 14.41
N GLU E 512 83.29 -5.52 14.82
CA GLU E 512 83.37 -4.76 16.06
C GLU E 512 83.55 -5.63 17.31
N ILE E 513 83.46 -6.95 17.24
CA ILE E 513 83.84 -7.76 18.40
C ILE E 513 85.31 -7.54 18.73
N ASN E 514 86.14 -7.33 17.72
CA ASN E 514 87.55 -7.01 17.98
C ASN E 514 87.66 -5.75 18.84
N GLU E 515 86.95 -4.70 18.45
CA GLU E 515 87.00 -3.44 19.19
C GLU E 515 86.43 -3.62 20.60
N LEU E 516 85.33 -4.36 20.72
CA LEU E 516 84.73 -4.57 22.03
C LEU E 516 85.69 -5.30 22.96
N LYS E 517 86.34 -6.36 22.46
CA LYS E 517 87.32 -7.08 23.26
C LYS E 517 88.48 -6.18 23.64
N GLU E 518 88.97 -5.38 22.68
CA GLU E 518 90.09 -4.49 22.95
C GLU E 518 89.75 -3.51 24.05
N MET E 519 88.55 -2.92 24.00
CA MET E 519 88.21 -1.89 24.97
C MET E 519 87.86 -2.49 26.32
N VAL E 520 87.25 -3.68 26.36
CA VAL E 520 86.99 -4.32 27.65
C VAL E 520 88.28 -4.75 28.31
N LYS E 521 89.30 -5.12 27.52
CA LYS E 521 90.59 -5.47 28.11
C LYS E 521 91.33 -4.26 28.69
N ASP E 522 90.73 -3.07 28.69
CA ASP E 522 91.35 -1.92 29.33
C ASP E 522 91.34 -2.10 30.85
N GLU E 523 92.11 -1.26 31.54
CA GLU E 523 92.21 -1.30 32.99
C GLU E 523 91.35 -0.23 33.67
N HIS E 524 91.41 1.00 33.19
CA HIS E 524 90.63 2.10 33.74
C HIS E 524 89.37 2.38 32.91
N ILE E 525 88.76 1.33 32.39
CA ILE E 525 87.54 1.48 31.60
C ILE E 525 86.47 2.18 32.43
N TYR E 526 86.40 1.87 33.72
CA TYR E 526 85.42 2.54 34.58
C TYR E 526 85.65 4.04 34.60
N ASP E 527 86.91 4.46 34.76
CA ASP E 527 87.20 5.89 34.77
C ASP E 527 86.86 6.54 33.43
N LYS E 528 87.20 5.89 32.32
CA LYS E 528 86.89 6.47 31.02
C LYS E 528 85.39 6.59 30.82
N LEU E 529 84.63 5.57 31.23
CA LEU E 529 83.17 5.65 31.14
C LEU E 529 82.63 6.80 31.97
N VAL E 530 83.12 6.94 33.20
CA VAL E 530 82.67 8.04 34.05
C VAL E 530 82.96 9.38 33.38
N ARG E 531 84.12 9.50 32.76
CA ARG E 531 84.50 10.76 32.13
C ARG E 531 83.71 11.04 30.85
N SER E 532 83.32 10.00 30.12
CA SER E 532 82.72 10.21 28.79
C SER E 532 81.26 10.66 28.85
N ILE E 533 80.58 10.49 29.97
CA ILE E 533 79.16 10.81 30.07
C ILE E 533 79.00 12.31 30.28
N ALA E 534 77.98 12.88 29.63
CA ALA E 534 77.68 14.30 29.72
C ALA E 534 78.94 15.14 29.57
N PRO E 535 79.67 15.01 28.46
CA PRO E 535 80.93 15.75 28.31
C PRO E 535 80.74 17.25 28.29
N ALA E 536 79.54 17.75 28.05
CA ALA E 536 79.30 19.18 27.90
C ALA E 536 79.09 19.90 29.23
N VAL E 537 79.08 19.18 30.35
CA VAL E 537 78.91 19.79 31.67
C VAL E 537 80.19 19.62 32.45
N PHE E 538 80.42 20.53 33.40
CA PHE E 538 81.69 20.61 34.12
C PHE E 538 81.51 20.03 35.53
N GLY E 539 82.30 19.00 35.84
CA GLY E 539 82.30 18.46 37.19
C GLY E 539 81.12 17.52 37.44
N HIS E 540 80.77 17.38 38.72
CA HIS E 540 79.66 16.55 39.17
C HIS E 540 79.92 15.07 38.86
N GLU E 541 81.06 14.60 39.35
CA GLU E 541 81.44 13.20 39.15
C GLU E 541 80.43 12.26 39.79
N ALA E 542 79.89 12.61 40.95
CA ALA E 542 78.89 11.76 41.59
C ALA E 542 77.64 11.63 40.73
N VAL E 543 77.17 12.75 40.18
CA VAL E 543 75.97 12.71 39.34
C VAL E 543 76.24 11.88 38.09
N LYS E 544 77.43 12.02 37.51
CA LYS E 544 77.77 11.19 36.36
C LYS E 544 77.79 9.71 36.73
N LYS E 545 78.40 9.39 37.88
CA LYS E 545 78.47 8.01 38.34
C LYS E 545 77.11 7.45 38.74
N GLY E 546 76.13 8.32 38.96
CA GLY E 546 74.77 7.87 39.20
C GLY E 546 74.02 7.60 37.91
N ILE E 547 74.13 8.55 36.97
CA ILE E 547 73.51 8.35 35.65
C ILE E 547 74.02 7.06 35.04
N LEU E 548 75.33 6.83 35.11
CA LEU E 548 75.85 5.48 34.99
C LEU E 548 75.52 4.74 36.27
N LEU E 549 75.25 3.45 36.18
CA LEU E 549 74.64 2.61 37.20
C LEU E 549 73.14 2.86 37.30
N GLN E 550 72.60 3.90 36.67
CA GLN E 550 71.18 3.91 36.34
C GLN E 550 70.93 3.43 34.92
N MET E 551 71.84 3.73 33.99
CA MET E 551 71.77 3.09 32.68
C MET E 551 71.90 1.57 32.81
N LEU E 552 72.83 1.12 33.64
CA LEU E 552 72.97 -0.30 33.96
C LEU E 552 72.23 -0.58 35.26
N GLY E 553 71.43 -1.65 35.27
CA GLY E 553 70.59 -1.98 36.41
C GLY E 553 71.01 -3.29 37.07
N GLY E 554 70.39 -3.55 38.21
CA GLY E 554 70.63 -4.79 38.94
C GLY E 554 69.92 -5.96 38.30
N VAL E 555 69.57 -6.97 39.11
CA VAL E 555 68.86 -8.15 38.65
C VAL E 555 67.59 -8.31 39.46
N HIS E 556 66.50 -8.62 38.79
CA HIS E 556 65.22 -8.85 39.44
C HIS E 556 65.19 -10.28 39.98
N LYS E 557 64.64 -10.44 41.17
CA LYS E 557 64.62 -11.75 41.83
C LYS E 557 63.20 -12.10 42.25
N SER E 558 62.94 -13.40 42.37
CA SER E 558 61.66 -13.90 42.83
C SER E 558 61.89 -14.88 43.98
N THR E 559 61.17 -14.69 45.07
CA THR E 559 61.26 -15.55 46.23
C THR E 559 60.23 -16.68 46.11
N VAL E 560 60.51 -17.78 46.83
CA VAL E 560 59.64 -18.95 46.74
C VAL E 560 58.21 -18.60 47.15
N GLU E 561 58.05 -17.74 48.15
CA GLU E 561 56.72 -17.30 48.54
C GLU E 561 56.07 -16.40 47.51
N GLY E 562 56.80 -15.99 46.47
CA GLY E 562 56.27 -15.11 45.45
C GLY E 562 56.64 -13.66 45.60
N ILE E 563 57.34 -13.30 46.67
CA ILE E 563 57.78 -11.92 46.86
C ILE E 563 58.75 -11.56 45.75
N LYS E 564 58.58 -10.38 45.16
CA LYS E 564 59.44 -9.90 44.08
C LYS E 564 60.43 -8.89 44.63
N LEU E 565 61.69 -9.04 44.25
CA LEU E 565 62.76 -8.16 44.66
C LEU E 565 63.25 -7.37 43.45
N ARG E 566 63.24 -6.04 43.56
CA ARG E 566 63.49 -5.17 42.43
C ARG E 566 64.95 -5.21 42.00
N GLY E 567 65.21 -4.63 40.84
CA GLY E 567 66.57 -4.48 40.33
C GLY E 567 66.83 -3.10 39.77
N ASP E 568 65.79 -2.26 39.73
CA ASP E 568 65.91 -0.92 39.17
C ASP E 568 66.39 0.07 40.22
N ILE E 569 66.91 1.19 39.75
CA ILE E 569 67.45 2.25 40.59
C ILE E 569 66.83 3.57 40.16
N ASN E 570 66.51 4.41 41.14
CA ASN E 570 65.91 5.72 40.89
C ASN E 570 66.80 6.80 41.47
N ILE E 571 66.75 7.99 40.87
CA ILE E 571 67.62 9.09 41.26
C ILE E 571 66.84 10.38 41.33
N CYS E 572 67.13 11.20 42.34
CA CYS E 572 66.59 12.55 42.44
C CYS E 572 67.74 13.53 42.58
N VAL E 573 67.75 14.56 41.74
CA VAL E 573 68.76 15.61 41.76
C VAL E 573 68.09 16.87 42.27
N VAL E 574 68.58 17.39 43.39
CA VAL E 574 68.01 18.52 44.08
C VAL E 574 68.88 19.75 43.84
N GLY E 575 68.26 20.85 43.46
CA GLY E 575 68.99 22.09 43.27
C GLY E 575 68.03 23.20 42.89
N ASP E 576 68.47 24.42 43.16
CA ASP E 576 67.70 25.61 42.80
C ASP E 576 67.87 25.89 41.31
N PRO E 577 67.00 26.73 40.75
CA PRO E 577 66.97 26.88 39.29
C PRO E 577 68.29 27.29 38.68
N SER E 578 69.13 28.03 39.39
CA SER E 578 70.37 28.55 38.84
C SER E 578 71.40 27.47 38.55
N THR E 579 71.18 26.24 39.02
CA THR E 579 72.17 25.18 38.86
C THR E 579 72.03 24.53 37.48
N SER E 580 72.76 23.45 37.26
CA SER E 580 72.91 22.82 35.96
C SER E 580 72.31 21.42 35.93
N LYS E 581 71.14 21.25 36.56
CA LYS E 581 70.56 19.91 36.64
C LYS E 581 69.90 19.47 35.33
N SER E 582 69.36 20.41 34.55
CA SER E 582 68.52 20.03 33.41
C SER E 582 69.32 19.38 32.28
N GLN E 583 70.59 19.78 32.09
CA GLN E 583 71.34 19.20 30.97
C GLN E 583 71.65 17.74 31.20
N PHE E 584 71.71 17.27 32.46
CA PHE E 584 71.76 15.83 32.69
C PHE E 584 70.54 15.14 32.11
N LEU E 585 69.35 15.69 32.37
CA LEU E 585 68.13 15.09 31.82
C LEU E 585 68.18 15.09 30.30
N LYS E 586 68.62 16.20 29.70
CA LYS E 586 68.68 16.26 28.24
C LYS E 586 69.69 15.26 27.68
N TYR E 587 70.85 15.12 28.33
CA TYR E 587 71.81 14.14 27.84
C TYR E 587 71.23 12.74 27.91
N VAL E 588 70.55 12.40 29.01
CA VAL E 588 69.99 11.07 29.15
C VAL E 588 68.93 10.82 28.09
N VAL E 589 68.04 11.80 27.87
CA VAL E 589 66.98 11.58 26.90
C VAL E 589 67.55 11.49 25.48
N GLY E 590 68.60 12.26 25.19
CA GLY E 590 69.19 12.23 23.86
C GLY E 590 70.05 11.02 23.60
N PHE E 591 70.58 10.38 24.64
CA PHE E 591 71.49 9.26 24.48
C PHE E 591 70.82 7.91 24.68
N ALA E 592 70.01 7.75 25.72
CA ALA E 592 69.50 6.43 26.07
C ALA E 592 68.61 5.89 24.97
N PRO E 593 68.52 4.57 24.81
CA PRO E 593 67.71 3.99 23.74
C PRO E 593 66.23 4.33 23.86
N ARG E 594 65.64 4.01 25.02
CA ARG E 594 64.22 4.21 25.27
C ARG E 594 64.09 5.13 26.49
N SER E 595 63.75 6.39 26.24
CA SER E 595 63.57 7.37 27.30
C SER E 595 62.58 8.43 26.85
N VAL E 596 61.82 8.94 27.81
CA VAL E 596 60.83 9.99 27.58
C VAL E 596 61.03 11.09 28.61
N TYR E 597 61.05 12.33 28.13
CA TYR E 597 61.24 13.51 28.97
C TYR E 597 59.92 14.25 29.12
N THR E 598 59.58 14.60 30.36
CA THR E 598 58.36 15.32 30.63
C THR E 598 58.60 16.35 31.73
N SER E 599 57.77 17.38 31.75
CA SER E 599 57.80 18.42 32.77
C SER E 599 56.59 18.28 33.68
N GLY E 600 56.72 18.85 34.89
CA GLY E 600 55.71 18.63 35.90
C GLY E 600 54.36 19.22 35.54
N LYS E 601 54.35 20.50 35.14
CA LYS E 601 53.09 21.20 34.94
C LYS E 601 52.52 21.06 33.53
N ALA E 602 53.32 20.64 32.56
CA ALA E 602 52.84 20.40 31.21
C ALA E 602 52.41 18.95 31.00
N SER E 603 52.10 18.24 32.08
CA SER E 603 51.70 16.84 32.03
C SER E 603 50.30 16.69 32.63
N SER E 604 49.81 15.45 32.64
CA SER E 604 48.49 15.15 33.19
C SER E 604 48.44 13.67 33.54
N ALA E 605 47.41 13.30 34.29
CA ALA E 605 47.24 11.91 34.67
C ALA E 605 47.10 11.02 33.45
N ALA E 606 46.29 11.43 32.48
CA ALA E 606 46.16 10.67 31.24
C ALA E 606 47.45 10.71 30.44
N GLY E 607 48.14 11.85 30.43
CA GLY E 607 49.43 11.90 29.75
C GLY E 607 50.41 10.87 30.27
N LEU E 608 50.47 10.73 31.59
CA LEU E 608 51.19 9.61 32.19
C LEU E 608 50.29 8.37 32.17
N THR E 609 50.86 7.24 32.56
CA THR E 609 50.11 5.99 32.60
C THR E 609 49.63 5.61 31.20
N ALA E 610 48.32 5.70 30.95
CA ALA E 610 47.77 5.35 29.66
C ALA E 610 46.32 5.80 29.62
N ALA E 611 45.74 5.77 28.42
CA ALA E 611 44.34 6.13 28.21
C ALA E 611 43.68 5.04 27.38
N VAL E 612 42.36 5.07 27.32
CA VAL E 612 41.59 4.07 26.58
C VAL E 612 40.83 4.79 25.46
N VAL E 613 41.07 4.36 24.23
CA VAL E 613 40.32 4.85 23.08
C VAL E 613 39.33 3.76 22.69
N ARG E 614 38.07 3.93 23.09
CA ARG E 614 37.03 2.97 22.78
C ARG E 614 36.45 3.15 21.39
N ASP E 615 36.72 4.28 20.74
CA ASP E 615 36.14 4.59 19.44
C ASP E 615 36.98 4.04 18.30
N GLU E 616 37.30 2.75 18.36
CA GLU E 616 37.91 2.07 17.21
C GLU E 616 36.84 1.93 16.15
N GLU E 617 37.03 2.61 15.02
CA GLU E 617 35.94 2.80 14.06
C GLU E 617 35.42 1.48 13.50
N GLY E 618 36.20 0.40 13.59
CA GLY E 618 35.80 -0.87 13.01
C GLY E 618 35.38 -1.93 14.00
N GLY E 619 35.61 -1.71 15.30
CA GLY E 619 35.32 -2.73 16.27
C GLY E 619 35.62 -2.37 17.71
N ASP E 620 36.27 -3.27 18.43
CA ASP E 620 36.45 -3.17 19.86
C ASP E 620 37.49 -2.09 20.20
N TYR E 621 37.60 -1.81 21.50
CA TYR E 621 38.40 -0.70 21.99
C TYR E 621 39.88 -0.97 21.78
N THR E 622 40.69 0.01 22.19
CA THR E 622 42.14 -0.12 22.20
C THR E 622 42.67 0.80 23.29
N ILE E 623 43.92 0.61 23.68
CA ILE E 623 44.56 1.41 24.72
C ILE E 623 45.74 2.16 24.13
N GLU E 624 45.82 3.45 24.43
CA GLU E 624 46.89 4.32 23.98
C GLU E 624 47.87 4.53 25.12
N ALA E 625 49.15 4.27 24.87
CA ALA E 625 50.15 4.29 25.91
C ALA E 625 50.42 5.71 26.40
N GLY E 626 50.95 5.82 27.61
CA GLY E 626 51.32 7.08 28.20
C GLY E 626 52.82 7.20 28.40
N ALA E 627 53.21 8.25 29.11
CA ALA E 627 54.63 8.52 29.33
C ALA E 627 55.30 7.37 30.09
N LEU E 628 54.68 6.92 31.19
CA LEU E 628 55.25 5.83 31.95
C LEU E 628 55.33 4.56 31.12
N MET E 629 54.27 4.25 30.37
CA MET E 629 54.28 3.03 29.57
C MET E 629 55.39 3.08 28.53
N LEU E 630 55.57 4.22 27.87
CA LEU E 630 56.74 4.39 27.03
C LEU E 630 58.00 4.35 27.89
N ALA E 631 59.12 3.98 27.28
CA ALA E 631 60.38 3.80 27.97
C ALA E 631 60.33 2.64 28.96
N ASP E 632 59.42 1.69 28.76
CA ASP E 632 59.39 0.49 29.60
C ASP E 632 60.73 -0.23 29.51
N ASN E 633 61.21 -0.71 30.65
CA ASN E 633 62.54 -1.29 30.75
C ASN E 633 63.60 -0.25 30.40
N GLY E 634 63.32 1.01 30.73
CA GLY E 634 64.23 2.10 30.44
C GLY E 634 64.21 3.17 31.51
N ILE E 635 64.42 4.43 31.11
CA ILE E 635 64.53 5.56 32.02
C ILE E 635 63.50 6.61 31.63
N CYS E 636 62.84 7.18 32.62
CA CYS E 636 61.90 8.29 32.43
C CYS E 636 62.46 9.53 33.11
N CYS E 637 62.56 10.62 32.36
CA CYS E 637 63.09 11.88 32.87
C CYS E 637 61.93 12.80 33.22
N ILE E 638 61.89 13.25 34.48
CA ILE E 638 60.80 14.10 34.97
C ILE E 638 61.45 15.35 35.56
N ASP E 639 61.18 16.49 34.94
CA ASP E 639 61.64 17.78 35.44
C ASP E 639 60.52 18.48 36.20
N GLU E 640 60.89 19.46 37.01
CA GLU E 640 59.93 20.17 37.86
C GLU E 640 59.14 19.18 38.70
N PHE E 641 59.84 18.21 39.27
CA PHE E 641 59.17 17.10 39.94
C PHE E 641 58.31 17.56 41.11
N ASP E 642 58.59 18.74 41.65
CA ASP E 642 57.84 19.23 42.80
C ASP E 642 56.46 19.76 42.44
N LYS E 643 56.15 19.88 41.14
CA LYS E 643 54.87 20.44 40.72
C LYS E 643 53.83 19.37 40.38
N MET E 644 54.16 18.09 40.49
CA MET E 644 53.19 17.05 40.21
C MET E 644 52.07 17.09 41.24
N ASP E 645 50.86 16.74 40.81
CA ASP E 645 49.70 16.79 41.68
C ASP E 645 49.61 15.49 42.49
N ILE E 646 48.63 15.43 43.40
CA ILE E 646 48.54 14.26 44.27
C ILE E 646 48.17 13.02 43.47
N SER E 647 47.30 13.17 42.47
CA SER E 647 46.86 12.02 41.70
C SER E 647 48.02 11.36 40.96
N ASP E 648 48.79 12.14 40.20
CA ASP E 648 49.90 11.54 39.46
C ASP E 648 51.05 11.16 40.39
N GLN E 649 51.19 11.86 41.52
CA GLN E 649 52.16 11.40 42.53
C GLN E 649 51.80 9.99 43.01
N VAL E 650 50.52 9.75 43.28
CA VAL E 650 50.08 8.41 43.68
C VAL E 650 50.28 7.42 42.55
N ALA E 651 50.06 7.86 41.31
CA ALA E 651 50.27 6.97 40.17
C ALA E 651 51.72 6.50 40.10
N ILE E 652 52.66 7.44 40.25
CA ILE E 652 54.07 7.08 40.26
C ILE E 652 54.40 6.23 41.47
N HIS E 653 53.77 6.53 42.61
CA HIS E 653 53.93 5.70 43.80
C HIS E 653 53.59 4.24 43.49
N GLU E 654 52.42 4.01 42.89
CA GLU E 654 52.02 2.65 42.55
C GLU E 654 52.97 2.03 41.54
N ALA E 655 53.42 2.82 40.56
CA ALA E 655 54.36 2.30 39.58
C ALA E 655 55.63 1.79 40.24
N MET E 656 56.13 2.51 41.25
CA MET E 656 57.31 2.04 41.97
C MET E 656 57.00 0.90 42.93
N GLU E 657 55.82 0.89 43.55
CA GLU E 657 55.42 -0.23 44.40
C GLU E 657 55.45 -1.52 43.61
N GLN E 658 54.58 -1.63 42.62
CA GLN E 658 54.57 -2.78 41.72
C GLN E 658 54.81 -2.27 40.31
N GLN E 659 55.42 -3.11 39.48
CA GLN E 659 55.80 -2.66 38.15
C GLN E 659 54.60 -2.73 37.22
N THR E 660 53.46 -2.18 37.67
CA THR E 660 52.20 -2.33 36.96
C THR E 660 51.43 -1.03 37.01
N ILE E 661 50.51 -0.88 36.06
CA ILE E 661 49.58 0.24 36.00
C ILE E 661 48.19 -0.32 35.78
N SER E 662 47.23 0.11 36.59
CA SER E 662 45.86 -0.37 36.54
C SER E 662 44.97 0.69 35.90
N ILE E 663 44.17 0.27 34.93
CA ILE E 663 43.25 1.15 34.21
C ILE E 663 41.83 0.64 34.47
N ALA E 664 40.96 1.52 34.96
CA ALA E 664 39.54 1.23 35.09
C ALA E 664 38.77 2.49 34.68
N LYS E 665 38.49 2.61 33.38
CA LYS E 665 37.67 3.69 32.86
C LYS E 665 36.69 3.12 31.85
N ALA E 666 35.56 3.80 31.69
CA ALA E 666 34.55 3.43 30.69
C ALA E 666 34.19 1.95 30.80
N GLY E 667 34.15 1.45 32.03
CA GLY E 667 33.84 0.05 32.26
C GLY E 667 34.88 -0.93 31.74
N ILE E 668 36.05 -0.45 31.33
CA ILE E 668 37.12 -1.31 30.83
C ILE E 668 38.19 -1.41 31.90
N HIS E 669 38.58 -2.63 32.22
CA HIS E 669 39.62 -2.90 33.19
C HIS E 669 40.84 -3.48 32.49
N ALA E 670 42.03 -3.12 32.97
CA ALA E 670 43.25 -3.59 32.34
C ALA E 670 44.43 -3.38 33.27
N THR E 671 45.48 -4.16 33.03
CA THR E 671 46.75 -4.06 33.74
C THR E 671 47.88 -4.04 32.73
N LEU E 672 48.84 -3.13 32.93
CA LEU E 672 49.94 -2.93 32.01
C LEU E 672 51.26 -2.96 32.76
N ASN E 673 52.32 -3.32 32.05
CA ASN E 673 53.67 -3.32 32.60
C ASN E 673 54.24 -1.90 32.61
N ALA E 674 54.94 -1.57 33.70
CA ALA E 674 55.59 -0.27 33.82
C ALA E 674 56.95 -0.41 34.48
N ARG E 675 57.71 -1.43 34.07
CA ARG E 675 59.04 -1.69 34.64
C ARG E 675 59.98 -0.61 34.11
N THR E 676 60.20 0.42 34.91
CA THR E 676 61.00 1.57 34.51
C THR E 676 61.86 2.05 35.66
N SER E 677 62.78 2.95 35.35
CA SER E 677 63.55 3.69 36.33
C SER E 677 63.27 5.17 36.15
N ILE E 678 63.45 5.95 37.21
CA ILE E 678 63.03 7.35 37.24
C ILE E 678 64.23 8.23 37.54
N LEU E 679 64.40 9.27 36.72
CA LEU E 679 65.38 10.32 36.95
C LEU E 679 64.60 11.62 37.13
N ALA E 680 64.59 12.15 38.35
CA ALA E 680 63.76 13.30 38.69
C ALA E 680 64.64 14.48 39.06
N ALA E 681 64.18 15.67 38.67
CA ALA E 681 64.84 16.92 39.03
C ALA E 681 63.90 17.70 39.94
N ALA E 682 64.42 18.17 41.08
CA ALA E 682 63.62 18.82 42.10
C ALA E 682 64.29 20.11 42.56
N ASN E 683 63.45 21.05 42.99
CA ASN E 683 63.87 22.35 43.49
C ASN E 683 63.57 22.46 44.99
N PRO E 684 64.38 23.20 45.74
CA PRO E 684 64.04 23.43 47.15
C PRO E 684 62.70 24.14 47.28
N VAL E 685 61.99 23.85 48.38
CA VAL E 685 60.65 24.38 48.56
C VAL E 685 60.67 25.90 48.58
N GLY E 686 61.64 26.49 49.30
CA GLY E 686 61.73 27.92 49.44
C GLY E 686 62.52 28.63 48.36
N GLY E 687 62.82 27.95 47.25
CA GLY E 687 63.63 28.55 46.20
C GLY E 687 65.11 28.26 46.38
N ARG E 688 65.60 28.46 47.60
CA ARG E 688 66.99 28.18 47.93
C ARG E 688 67.05 27.07 48.98
N TYR E 689 68.03 26.18 48.82
CA TYR E 689 68.18 25.03 49.70
C TYR E 689 68.71 25.50 51.04
N ASN E 690 67.83 25.66 52.01
CA ASN E 690 68.23 26.06 53.36
C ASN E 690 69.06 24.93 53.97
N ARG E 691 70.36 25.19 54.14
CA ARG E 691 71.25 24.16 54.66
C ARG E 691 71.05 23.89 56.15
N LYS E 692 70.32 24.76 56.86
CA LYS E 692 70.09 24.55 58.28
C LYS E 692 69.05 23.45 58.53
N LEU E 693 68.10 23.26 57.62
CA LEU E 693 67.10 22.24 57.76
C LEU E 693 67.60 20.90 57.22
N SER E 694 66.78 19.87 57.38
CA SER E 694 67.08 18.57 56.82
C SER E 694 66.48 18.46 55.42
N LEU E 695 66.82 17.37 54.72
CA LEU E 695 66.26 17.16 53.39
C LEU E 695 64.75 17.12 53.46
N ARG E 696 64.19 16.60 54.55
CA ARG E 696 62.75 16.64 54.74
C ARG E 696 62.25 18.08 54.82
N GLY E 697 62.94 18.93 55.59
CA GLY E 697 62.53 20.32 55.68
C GLY E 697 62.66 21.06 54.38
N ASN E 698 63.52 20.59 53.47
CA ASN E 698 63.72 21.24 52.19
C ASN E 698 62.75 20.79 51.11
N LEU E 699 62.47 19.49 51.01
CA LEU E 699 61.67 18.97 49.92
C LEU E 699 60.17 19.10 50.22
N ASN E 700 59.37 18.78 49.20
CA ASN E 700 57.92 18.84 49.28
C ASN E 700 57.26 17.50 48.97
N MET E 701 58.05 16.49 48.61
CA MET E 701 57.50 15.20 48.20
C MET E 701 56.79 14.52 49.36
N THR E 702 56.18 13.38 49.08
CA THR E 702 55.47 12.59 50.07
C THR E 702 56.32 11.40 50.50
N ALA E 703 56.22 11.05 51.78
CA ALA E 703 57.08 10.01 52.34
C ALA E 703 57.00 8.70 51.58
N PRO E 704 55.84 8.20 51.17
CA PRO E 704 55.81 6.90 50.48
C PRO E 704 56.70 6.87 49.26
N ILE E 705 56.53 7.81 48.33
CA ILE E 705 57.39 7.86 47.16
C ILE E 705 58.84 8.15 47.54
N MET E 706 59.05 9.09 48.47
CA MET E 706 60.41 9.50 48.79
C MET E 706 61.23 8.35 49.35
N SER E 707 60.59 7.41 50.04
CA SER E 707 61.32 6.35 50.72
C SER E 707 61.98 5.36 49.77
N ARG E 708 61.79 5.51 48.45
CA ARG E 708 62.33 4.58 47.47
C ARG E 708 63.36 5.22 46.55
N PHE E 709 63.52 6.54 46.62
CA PHE E 709 64.59 7.21 45.87
C PHE E 709 65.91 6.88 46.55
N ASP E 710 66.57 5.83 46.08
CA ASP E 710 67.78 5.34 46.73
C ASP E 710 68.96 6.32 46.63
N LEU E 711 68.86 7.35 45.79
CA LEU E 711 69.95 8.31 45.66
C LEU E 711 69.39 9.72 45.53
N PHE E 712 69.80 10.58 46.45
CA PHE E 712 69.47 12.00 46.44
C PHE E 712 70.79 12.76 46.29
N PHE E 713 70.96 13.47 45.18
CA PHE E 713 72.16 14.26 44.93
C PHE E 713 71.80 15.73 45.00
N VAL E 714 72.23 16.41 46.04
CA VAL E 714 71.98 17.83 46.23
C VAL E 714 73.18 18.60 45.71
N ILE E 715 72.95 19.53 44.80
CA ILE E 715 74.02 20.32 44.19
C ILE E 715 73.96 21.74 44.74
N LEU E 716 75.09 22.20 45.28
CA LEU E 716 75.20 23.52 45.89
C LEU E 716 76.34 24.28 45.23
N ASP E 717 76.34 25.60 45.43
CA ASP E 717 77.29 26.50 44.79
C ASP E 717 78.39 26.86 45.79
N ASP E 718 79.63 26.68 45.37
CA ASP E 718 80.80 27.06 46.16
C ASP E 718 81.64 28.05 45.36
N CYS E 719 81.96 29.18 45.97
CA CYS E 719 82.68 30.25 45.30
C CYS E 719 84.18 30.03 45.46
N ASN E 720 84.90 29.96 44.33
CA ASN E 720 86.34 29.78 44.35
C ASN E 720 86.90 30.31 43.04
N GLU E 721 88.00 31.07 43.14
CA GLU E 721 88.49 31.80 41.97
C GLU E 721 88.96 30.84 40.87
N LYS E 722 89.70 29.79 41.23
CA LYS E 722 90.20 28.89 40.20
C LYS E 722 89.07 28.13 39.54
N ILE E 723 88.08 27.69 40.32
CA ILE E 723 86.93 27.01 39.75
C ILE E 723 86.19 27.93 38.78
N ASP E 724 85.99 29.20 39.19
CA ASP E 724 85.31 30.13 38.32
C ASP E 724 86.09 30.36 37.03
N THR E 725 87.42 30.50 37.13
CA THR E 725 88.23 30.70 35.94
C THR E 725 88.12 29.52 34.99
N GLU E 726 88.22 28.30 35.54
CA GLU E 726 88.13 27.11 34.69
C GLU E 726 86.77 27.02 34.02
N LEU E 727 85.70 27.29 34.77
CA LEU E 727 84.36 27.20 34.21
C LEU E 727 84.16 28.23 33.10
N ALA E 728 84.59 29.46 33.32
CA ALA E 728 84.47 30.49 32.30
C ALA E 728 85.28 30.12 31.06
N SER E 729 86.49 29.62 31.26
CA SER E 729 87.31 29.20 30.12
C SER E 729 86.61 28.12 29.33
N HIS E 730 86.03 27.13 30.02
CA HIS E 730 85.34 26.06 29.33
C HIS E 730 84.15 26.57 28.53
N ILE E 731 83.35 27.45 29.13
CA ILE E 731 82.17 27.97 28.44
C ILE E 731 82.59 28.75 27.20
N VAL E 732 83.59 29.62 27.32
CA VAL E 732 84.03 30.41 26.18
C VAL E 732 84.65 29.50 25.12
N ASP E 733 85.35 28.45 25.55
CA ASP E 733 85.89 27.49 24.59
C ASP E 733 84.77 26.83 23.80
N LEU E 734 83.70 26.43 24.48
CA LEU E 734 82.57 25.85 23.78
C LEU E 734 81.94 26.82 22.79
N HIS E 735 81.74 28.08 23.19
CA HIS E 735 81.12 29.05 22.29
C HIS E 735 82.02 29.43 21.13
N MET E 736 83.34 29.39 21.31
CA MET E 736 84.26 29.81 20.25
C MET E 736 84.56 28.66 19.29
N LYS E 737 84.88 27.49 19.82
CA LYS E 737 85.32 26.35 19.03
C LYS E 737 84.19 25.45 18.59
N ARG E 738 83.04 25.50 19.27
CA ARG E 738 81.87 24.70 18.90
C ARG E 738 82.23 23.23 19.08
N ASP E 739 82.02 22.36 18.10
CA ASP E 739 82.17 20.93 18.29
C ASP E 739 83.60 20.52 18.62
N GLU E 740 84.59 21.37 18.29
CA GLU E 740 85.98 20.95 18.41
C GLU E 740 86.35 20.64 19.86
N ALA E 741 85.90 21.49 20.79
CA ALA E 741 86.36 21.41 22.18
C ALA E 741 85.42 20.50 22.99
N ILE E 742 85.44 19.22 22.62
CA ILE E 742 84.66 18.21 23.35
C ILE E 742 85.58 17.05 23.73
N GLU E 743 86.30 16.50 22.74
CA GLU E 743 87.31 15.46 22.92
C GLU E 743 86.98 14.47 24.03
N PRO E 744 85.93 13.67 23.89
CA PRO E 744 85.64 12.62 24.87
C PRO E 744 86.40 11.35 24.53
N PRO E 745 86.75 10.53 25.53
CA PRO E 745 87.49 9.29 25.23
C PRO E 745 86.73 8.33 24.32
N PHE E 746 85.41 8.26 24.46
CA PHE E 746 84.60 7.31 23.71
C PHE E 746 83.44 8.03 23.04
N SER E 747 82.91 7.41 21.99
CA SER E 747 81.80 7.98 21.24
C SER E 747 80.49 7.31 21.63
N ALA E 748 79.38 7.96 21.27
CA ALA E 748 78.07 7.53 21.74
C ALA E 748 77.73 6.12 21.26
N GLU E 749 78.06 5.80 20.01
CA GLU E 749 77.80 4.45 19.51
C GLU E 749 78.60 3.42 20.29
N GLN E 750 79.85 3.73 20.61
CA GLN E 750 80.65 2.83 21.43
C GLN E 750 80.03 2.63 22.80
N LEU E 751 79.57 3.71 23.42
CA LEU E 751 78.93 3.59 24.73
C LEU E 751 77.68 2.72 24.63
N ARG E 752 76.86 2.92 23.61
CA ARG E 752 75.65 2.13 23.48
C ARG E 752 75.98 0.65 23.29
N ARG E 753 76.96 0.35 22.43
CA ARG E 753 77.34 -1.03 22.21
C ARG E 753 77.82 -1.67 23.52
N TYR E 754 78.69 -0.96 24.25
CA TYR E 754 79.23 -1.52 25.48
C TYR E 754 78.15 -1.72 26.52
N ILE E 755 77.23 -0.77 26.65
CA ILE E 755 76.15 -0.90 27.63
C ILE E 755 75.25 -2.07 27.27
N LYS E 756 74.92 -2.23 25.98
CA LYS E 756 74.11 -3.36 25.57
C LYS E 756 74.81 -4.67 25.91
N TYR E 757 76.12 -4.75 25.67
CA TYR E 757 76.85 -5.96 26.00
C TYR E 757 76.83 -6.22 27.51
N ALA E 758 77.06 -5.17 28.31
CA ALA E 758 77.21 -5.34 29.75
C ALA E 758 75.88 -5.62 30.45
N ARG E 759 74.76 -5.20 29.88
CA ARG E 759 73.46 -5.39 30.51
C ARG E 759 73.03 -6.86 30.59
N THR E 760 73.83 -7.84 30.20
CA THR E 760 73.39 -9.24 30.13
C THR E 760 74.38 -10.17 30.81
N PHE E 761 74.78 -9.85 32.04
CA PHE E 761 75.74 -10.67 32.79
C PHE E 761 75.15 -11.30 34.03
N LYS E 762 74.33 -10.57 34.79
CA LYS E 762 73.70 -11.10 35.99
C LYS E 762 74.75 -11.59 36.98
N PRO E 763 75.48 -10.69 37.62
CA PRO E 763 76.51 -11.11 38.57
C PRO E 763 75.91 -11.83 39.77
N ILE E 764 76.80 -12.34 40.63
CA ILE E 764 76.41 -13.11 41.80
C ILE E 764 77.33 -12.74 42.96
N LEU E 765 76.76 -12.76 44.17
CA LEU E 765 77.50 -12.42 45.37
C LEU E 765 78.51 -13.51 45.70
N THR E 766 79.35 -13.23 46.70
CA THR E 766 80.41 -14.13 47.12
C THR E 766 80.36 -14.32 48.63
N LYS E 767 80.77 -15.51 49.06
CA LYS E 767 80.76 -15.83 50.49
C LYS E 767 81.65 -14.87 51.27
N GLU E 768 82.86 -14.63 50.79
CA GLU E 768 83.73 -13.64 51.41
C GLU E 768 83.08 -12.27 51.46
N ALA E 769 82.30 -11.92 50.44
CA ALA E 769 81.69 -10.61 50.34
C ALA E 769 80.52 -10.41 51.29
N ARG E 770 79.80 -11.48 51.62
CA ARG E 770 78.61 -11.33 52.47
C ARG E 770 78.99 -10.74 53.83
N SER E 771 79.99 -11.33 54.49
CA SER E 771 80.41 -10.85 55.80
C SER E 771 80.96 -9.43 55.72
N TYR E 772 81.73 -9.13 54.68
CA TYR E 772 82.27 -7.79 54.53
C TYR E 772 81.15 -6.76 54.41
N LEU E 773 80.11 -7.09 53.63
CA LEU E 773 79.00 -6.17 53.47
C LEU E 773 78.20 -6.02 54.77
N VAL E 774 78.07 -7.12 55.52
CA VAL E 774 77.41 -7.02 56.82
C VAL E 774 78.18 -6.07 57.73
N GLU E 775 79.51 -6.19 57.76
CA GLU E 775 80.32 -5.29 58.57
C GLU E 775 80.18 -3.86 58.09
N LYS E 776 80.13 -3.66 56.78
CA LYS E 776 79.97 -2.32 56.23
C LYS E 776 78.64 -1.70 56.67
N TYR E 777 77.57 -2.48 56.62
CA TYR E 777 76.27 -1.95 57.07
C TYR E 777 76.29 -1.64 58.55
N LYS E 778 76.91 -2.50 59.36
CA LYS E 778 77.03 -2.20 60.79
C LYS E 778 77.78 -0.88 60.98
N GLU E 779 78.88 -0.69 60.25
CA GLU E 779 79.65 0.55 60.37
C GLU E 779 78.79 1.75 59.98
N LEU E 780 78.05 1.63 58.87
CA LEU E 780 77.22 2.75 58.43
C LEU E 780 76.18 3.10 59.48
N ARG E 781 75.50 2.10 60.05
CA ARG E 781 74.51 2.38 61.09
C ARG E 781 75.15 3.03 62.30
N LYS E 782 76.32 2.53 62.71
CA LYS E 782 77.00 3.10 63.86
C LYS E 782 77.34 4.56 63.63
N ASP E 783 77.88 4.88 62.44
CA ASP E 783 78.22 6.26 62.13
C ASP E 783 76.96 7.13 62.10
N ASP E 784 75.88 6.62 61.52
CA ASP E 784 74.64 7.40 61.46
C ASP E 784 74.12 7.71 62.86
N ALA E 785 74.20 6.73 63.76
CA ALA E 785 73.73 6.92 65.13
C ALA E 785 74.32 8.19 65.74
N SER E 791 72.21 13.81 60.74
CA SER E 791 72.51 14.05 59.34
C SER E 791 71.23 14.36 58.57
N SER E 792 71.29 14.25 57.24
CA SER E 792 70.13 14.56 56.42
C SER E 792 68.97 13.63 56.74
N TYR E 793 69.25 12.33 56.88
CA TYR E 793 68.20 11.38 57.21
C TYR E 793 68.81 10.11 57.78
N ARG E 794 68.05 9.42 58.61
CA ARG E 794 68.53 8.21 59.26
C ARG E 794 68.70 7.08 58.25
N ILE E 795 69.39 6.02 58.67
CA ILE E 795 69.68 4.87 57.82
C ILE E 795 68.80 3.70 58.26
N THR E 796 68.36 2.90 57.30
CA THR E 796 67.53 1.74 57.58
C THR E 796 67.93 0.62 56.62
N VAL E 797 67.17 -0.48 56.66
CA VAL E 797 67.49 -1.65 55.84
C VAL E 797 67.27 -1.34 54.36
N ARG E 798 66.47 -0.32 54.06
CA ARG E 798 66.32 0.12 52.68
C ARG E 798 67.67 0.53 52.11
N GLN E 799 68.51 1.15 52.95
CA GLN E 799 69.87 1.49 52.51
C GLN E 799 70.70 0.24 52.27
N LEU E 800 70.51 -0.81 53.07
CA LEU E 800 71.21 -2.06 52.81
C LEU E 800 70.83 -2.63 51.45
N GLU E 801 69.52 -2.64 51.15
CA GLU E 801 69.08 -3.15 49.86
C GLU E 801 69.61 -2.30 48.72
N SER E 802 69.62 -0.97 48.90
CA SER E 802 70.19 -0.09 47.90
C SER E 802 71.68 -0.40 47.70
N MET E 803 72.39 -0.69 48.78
CA MET E 803 73.81 -1.02 48.68
C MET E 803 73.99 -2.30 47.87
N ILE E 804 73.16 -3.31 48.12
CA ILE E 804 73.21 -4.53 47.32
C ILE E 804 73.03 -4.20 45.84
N ARG E 805 72.00 -3.40 45.54
CA ARG E 805 71.70 -3.08 44.15
C ARG E 805 72.86 -2.35 43.49
N LEU E 806 73.41 -1.35 44.20
CA LEU E 806 74.52 -0.57 43.64
C LEU E 806 75.75 -1.43 43.43
N SER E 807 76.06 -2.32 44.38
CA SER E 807 77.23 -3.18 44.21
C SER E 807 77.08 -4.08 43.01
N GLU E 808 75.88 -4.67 42.84
CA GLU E 808 75.67 -5.53 41.69
C GLU E 808 75.75 -4.73 40.39
N ALA E 809 75.24 -3.50 40.40
CA ALA E 809 75.34 -2.65 39.22
C ALA E 809 76.80 -2.34 38.88
N ILE E 810 77.61 -2.06 39.90
CA ILE E 810 79.03 -1.78 39.67
C ILE E 810 79.72 -3.00 39.08
N ALA E 811 79.43 -4.19 39.62
CA ALA E 811 80.02 -5.40 39.07
C ALA E 811 79.62 -5.59 37.62
N ARG E 812 78.34 -5.36 37.30
CA ARG E 812 77.89 -5.45 35.92
C ARG E 812 78.64 -4.46 35.04
N ALA E 813 78.81 -3.22 35.52
CA ALA E 813 79.52 -2.21 34.74
C ALA E 813 80.95 -2.64 34.46
N ASN E 814 81.63 -3.18 35.47
CA ASN E 814 82.98 -3.70 35.29
C ASN E 814 83.00 -4.99 34.48
N CYS E 815 81.84 -5.58 34.20
CA CYS E 815 81.74 -6.76 33.34
C CYS E 815 82.44 -7.97 33.96
N VAL E 816 82.05 -8.27 35.20
CA VAL E 816 82.49 -9.47 35.89
C VAL E 816 81.25 -10.12 36.48
N ASP E 817 81.26 -11.45 36.53
CA ASP E 817 80.10 -12.21 36.98
C ASP E 817 80.05 -12.40 38.49
N GLU E 818 81.02 -11.85 39.23
CA GLU E 818 81.06 -11.99 40.67
C GLU E 818 81.39 -10.66 41.32
N ILE E 819 80.64 -10.31 42.36
CA ILE E 819 80.91 -9.09 43.13
C ILE E 819 82.07 -9.35 44.07
N THR E 820 82.83 -8.30 44.37
CA THR E 820 84.02 -8.41 45.21
C THR E 820 84.04 -7.32 46.27
N PRO E 821 84.83 -7.50 47.33
CA PRO E 821 84.88 -6.47 48.39
C PRO E 821 85.30 -5.10 47.87
N SER E 822 86.15 -5.04 46.83
CA SER E 822 86.51 -3.75 46.28
C SER E 822 85.30 -3.01 45.72
N PHE E 823 84.48 -3.71 44.93
CA PHE E 823 83.26 -3.10 44.41
C PHE E 823 82.29 -2.75 45.53
N ILE E 824 82.22 -3.60 46.56
CA ILE E 824 81.35 -3.28 47.69
C ILE E 824 81.80 -2.01 48.37
N ALA E 825 83.11 -1.86 48.57
CA ALA E 825 83.64 -0.63 49.16
C ALA E 825 83.37 0.57 48.29
N GLU E 826 83.51 0.43 46.97
CA GLU E 826 83.20 1.52 46.06
C GLU E 826 81.74 1.95 46.21
N ALA E 827 80.83 0.98 46.20
CA ALA E 827 79.41 1.30 46.35
C ALA E 827 79.12 1.97 47.69
N TYR E 828 79.73 1.45 48.77
CA TYR E 828 79.52 2.05 50.07
C TYR E 828 80.02 3.48 50.12
N ASP E 829 81.20 3.74 49.55
CA ASP E 829 81.73 5.09 49.52
C ASP E 829 80.84 6.02 48.73
N LEU E 830 80.35 5.55 47.58
CA LEU E 830 79.45 6.37 46.78
C LEU E 830 78.20 6.72 47.57
N LEU E 831 77.57 5.72 48.19
CA LEU E 831 76.35 5.98 48.95
C LEU E 831 76.62 6.93 50.11
N ARG E 832 77.73 6.72 50.82
CA ARG E 832 78.04 7.54 51.98
C ARG E 832 78.29 9.00 51.60
N GLN E 833 79.04 9.23 50.51
CA GLN E 833 79.38 10.60 50.14
C GLN E 833 78.14 11.41 49.77
N SER E 834 77.09 10.77 49.25
CA SER E 834 75.91 11.50 48.81
C SER E 834 75.14 12.13 49.96
N ILE E 835 75.43 11.75 51.21
CA ILE E 835 74.73 12.28 52.36
C ILE E 835 75.51 13.48 52.88
N ILE E 836 74.81 14.57 53.18
CA ILE E 836 75.43 15.81 53.63
C ILE E 836 75.16 15.99 55.12
N ARG E 837 75.82 16.99 55.69
CA ARG E 837 75.69 17.31 57.11
C ARG E 837 74.88 18.60 57.28
N VAL E 838 74.04 18.61 58.31
CA VAL E 838 73.23 19.78 58.64
C VAL E 838 74.04 20.69 59.54
N ASP E 839 74.00 21.99 59.25
CA ASP E 839 74.78 22.97 60.00
C ASP E 839 73.93 23.56 61.12
N VAL E 840 74.54 23.73 62.28
CA VAL E 840 73.86 24.26 63.47
C VAL E 840 74.68 25.41 64.01
N ASP E 841 74.01 26.30 64.74
CA ASP E 841 74.66 27.48 65.29
C ASP E 841 75.50 27.11 66.52
N ASP E 842 76.36 28.04 66.91
CA ASP E 842 77.24 27.85 68.06
C ASP E 842 78.13 26.62 67.86
N ALA F 3 -20.58 22.25 1.47
CA ALA F 3 -19.42 21.67 0.78
C ALA F 3 -18.17 21.83 1.63
N ALA F 4 -17.15 21.03 1.34
CA ALA F 4 -15.88 21.16 2.01
C ALA F 4 -15.28 22.53 1.71
N LEU F 5 -14.64 23.13 2.72
CA LEU F 5 -14.08 24.46 2.56
C LEU F 5 -15.19 25.46 2.23
N PRO F 6 -16.10 25.72 3.16
CA PRO F 6 -17.17 26.69 2.90
C PRO F 6 -16.62 28.09 2.72
N SER F 7 -17.52 29.03 2.47
CA SER F 7 -17.18 30.43 2.27
C SER F 7 -17.88 31.30 3.29
N ILE F 8 -17.28 32.46 3.56
CA ILE F 8 -17.79 33.40 4.55
C ILE F 8 -17.72 34.81 3.97
N GLN F 9 -18.49 35.71 4.57
CA GLN F 9 -18.58 37.09 4.11
C GLN F 9 -17.92 38.00 5.13
N LEU F 10 -17.15 38.97 4.65
CA LEU F 10 -16.44 39.91 5.50
C LEU F 10 -16.62 41.33 4.97
N PRO F 11 -16.46 42.35 5.83
CA PRO F 11 -16.54 43.75 5.40
C PRO F 11 -15.22 44.33 4.93
N VAL F 12 -14.62 43.71 3.91
CA VAL F 12 -13.34 44.13 3.36
C VAL F 12 -13.45 44.10 1.84
N ASP F 13 -13.04 45.19 1.19
CA ASP F 13 -13.13 45.30 -0.26
C ASP F 13 -11.77 45.72 -0.80
N TYR F 14 -11.00 44.74 -1.28
CA TYR F 14 -9.62 45.00 -1.65
C TYR F 14 -9.49 45.87 -2.89
N ASN F 15 -10.39 45.77 -3.86
CA ASN F 15 -10.32 46.66 -5.01
C ASN F 15 -10.54 48.11 -4.58
N ASN F 16 -11.52 48.35 -3.71
CA ASN F 16 -11.73 49.70 -3.19
C ASN F 16 -10.48 50.20 -2.47
N LEU F 17 -9.91 49.34 -1.63
CA LEU F 17 -8.70 49.75 -0.90
C LEU F 17 -7.56 50.05 -1.87
N PHE F 18 -7.42 49.25 -2.93
CA PHE F 18 -6.35 49.49 -3.90
C PHE F 18 -6.53 50.82 -4.61
N ASN F 19 -7.77 51.13 -5.01
CA ASN F 19 -8.02 52.42 -5.64
C ASN F 19 -7.70 53.56 -4.69
N GLU F 20 -8.09 53.42 -3.42
CA GLU F 20 -7.76 54.44 -2.43
C GLU F 20 -6.24 54.58 -2.27
N ILE F 21 -5.53 53.46 -2.30
CA ILE F 21 -4.07 53.49 -2.18
C ILE F 21 -3.46 54.28 -3.34
N THR F 22 -3.93 54.02 -4.56
CA THR F 22 -3.39 54.75 -5.71
C THR F 22 -3.69 56.24 -5.58
N ASP F 23 -4.92 56.57 -5.19
CA ASP F 23 -5.27 57.98 -5.00
C ASP F 23 -4.35 58.63 -3.99
N PHE F 24 -4.13 57.98 -2.83
CA PHE F 24 -3.19 58.51 -1.85
C PHE F 24 -1.81 58.70 -2.45
N LEU F 25 -1.25 57.67 -3.08
CA LEU F 25 0.12 57.75 -3.55
C LEU F 25 0.30 58.88 -4.55
N VAL F 26 -0.73 59.19 -5.34
CA VAL F 26 -0.59 60.23 -6.36
C VAL F 26 -1.09 61.60 -5.90
N THR F 27 -1.74 61.69 -4.75
CA THR F 27 -2.43 62.92 -4.36
C THR F 27 -1.86 63.63 -3.15
N PHE F 28 -1.25 62.91 -2.21
CA PHE F 28 -0.96 63.50 -0.91
C PHE F 28 0.00 64.69 -1.03
N LYS F 29 -0.22 65.69 -0.19
CA LYS F 29 0.64 66.85 -0.08
C LYS F 29 0.87 67.17 1.39
N GLN F 30 2.13 67.34 1.78
CA GLN F 30 2.49 67.65 3.15
C GLN F 30 2.50 69.16 3.36
N ASP F 31 2.01 69.59 4.51
CA ASP F 31 1.92 71.00 4.84
C ASP F 31 3.28 71.57 5.23
N LYS F 59 6.08 72.42 -4.24
CA LYS F 59 6.67 71.09 -4.35
C LYS F 59 5.63 70.08 -4.82
N GLY F 60 6.09 69.05 -5.53
CA GLY F 60 5.20 68.02 -6.03
C GLY F 60 4.85 67.03 -4.94
N PRO F 61 4.12 65.98 -5.31
CA PRO F 61 3.73 64.98 -4.30
C PRO F 61 4.94 64.37 -3.64
N LYS F 62 4.85 64.24 -2.30
CA LYS F 62 5.98 63.74 -1.52
C LYS F 62 6.41 62.37 -2.01
N TYR F 63 5.46 61.43 -2.12
CA TYR F 63 5.80 60.08 -2.51
C TYR F 63 6.24 59.99 -3.96
N MET F 64 5.72 60.86 -4.83
CA MET F 64 6.20 60.86 -6.21
C MET F 64 7.65 61.33 -6.28
N ALA F 65 8.01 62.33 -5.49
CA ALA F 65 9.43 62.73 -5.43
C ALA F 65 10.29 61.61 -4.89
N MET F 66 9.83 60.94 -3.83
CA MET F 66 10.56 59.79 -3.31
C MET F 66 10.76 58.74 -4.39
N LEU F 67 9.70 58.46 -5.16
CA LEU F 67 9.80 57.47 -6.22
C LEU F 67 10.75 57.91 -7.33
N GLN F 68 10.78 59.21 -7.62
CA GLN F 68 11.74 59.72 -8.60
C GLN F 68 13.16 59.46 -8.12
N LYS F 69 13.44 59.73 -6.84
CA LYS F 69 14.76 59.42 -6.30
C LYS F 69 15.06 57.93 -6.40
N VAL F 70 14.08 57.08 -6.07
CA VAL F 70 14.28 55.65 -6.13
C VAL F 70 14.64 55.23 -7.55
N ALA F 71 13.91 55.76 -8.54
CA ALA F 71 14.22 55.46 -9.93
C ALA F 71 15.62 55.92 -10.29
N ASN F 72 16.01 57.11 -9.85
CA ASN F 72 17.35 57.62 -10.09
C ASN F 72 18.42 56.89 -9.29
N ARG F 73 18.02 55.95 -8.44
CA ARG F 73 18.96 55.11 -7.70
C ARG F 73 19.70 55.90 -6.62
N GLU F 74 18.97 56.75 -5.91
CA GLU F 74 19.51 57.46 -4.77
C GLU F 74 18.81 57.09 -3.47
N LEU F 75 18.09 55.97 -3.44
CA LEU F 75 17.36 55.54 -2.26
C LEU F 75 17.08 54.05 -2.38
N ASN F 76 16.86 53.39 -1.24
CA ASN F 76 16.62 51.96 -1.21
C ASN F 76 15.42 51.54 -0.38
N SER F 77 14.93 52.42 0.50
CA SER F 77 13.84 52.08 1.39
C SER F 77 12.77 53.16 1.32
N VAL F 78 11.51 52.72 1.36
CA VAL F 78 10.35 53.60 1.38
C VAL F 78 9.66 53.41 2.72
N ILE F 79 9.29 54.51 3.35
CA ILE F 79 8.66 54.50 4.68
C ILE F 79 7.27 55.10 4.53
N ILE F 80 6.26 54.34 4.92
CA ILE F 80 4.87 54.80 4.88
C ILE F 80 4.47 55.21 6.29
N ASP F 81 4.07 56.47 6.45
CA ASP F 81 3.66 57.00 7.74
C ASP F 81 2.14 57.03 7.81
N LEU F 82 1.58 56.33 8.80
CA LEU F 82 0.14 56.27 8.93
C LEU F 82 -0.47 57.62 9.31
N ASP F 83 0.34 58.55 9.83
CA ASP F 83 -0.18 59.89 10.08
C ASP F 83 -0.60 60.56 8.79
N ASP F 84 0.17 60.37 7.71
CA ASP F 84 -0.22 60.90 6.42
C ASP F 84 -1.54 60.30 5.96
N ILE F 85 -1.72 58.99 6.16
CA ILE F 85 -2.96 58.34 5.75
C ILE F 85 -4.13 58.92 6.53
N LEU F 86 -3.97 59.10 7.84
CA LEU F 86 -5.05 59.68 8.64
C LEU F 86 -5.36 61.09 8.19
N GLN F 87 -4.33 61.90 7.90
CA GLN F 87 -4.57 63.26 7.43
C GLN F 87 -5.32 63.25 6.11
N TYR F 88 -4.93 62.36 5.20
CA TYR F 88 -5.60 62.26 3.90
C TYR F 88 -7.06 61.88 4.07
N GLN F 89 -7.32 60.89 4.93
CA GLN F 89 -8.71 60.46 5.15
C GLN F 89 -9.54 61.58 5.75
N ASN F 90 -9.00 62.28 6.76
CA ASN F 90 -9.75 63.36 7.39
C ASN F 90 -9.98 64.50 6.41
N GLU F 91 -8.97 64.80 5.58
CA GLU F 91 -9.14 65.83 4.56
C GLU F 91 -10.25 65.47 3.60
N LYS F 92 -10.29 64.21 3.15
CA LYS F 92 -11.37 63.79 2.27
C LYS F 92 -12.72 63.89 2.94
N PHE F 93 -12.82 63.45 4.20
CA PHE F 93 -14.10 63.47 4.89
C PHE F 93 -14.60 64.90 5.09
N LEU F 94 -13.73 65.79 5.55
CA LEU F 94 -14.17 67.13 5.93
C LEU F 94 -14.79 67.89 4.76
N GLN F 95 -14.42 67.55 3.53
CA GLN F 95 -14.98 68.20 2.35
C GLN F 95 -16.09 67.38 1.70
N GLY F 96 -16.53 66.30 2.34
CA GLY F 96 -17.75 65.62 1.95
C GLY F 96 -17.59 64.25 1.32
N THR F 97 -16.61 64.08 0.45
CA THR F 97 -16.50 62.83 -0.30
C THR F 97 -16.15 61.68 0.63
N GLN F 98 -16.59 60.48 0.25
CA GLN F 98 -16.46 59.30 1.09
C GLN F 98 -15.03 58.78 1.11
N ALA F 99 -14.72 58.04 2.17
CA ALA F 99 -13.40 57.43 2.33
C ALA F 99 -13.55 56.17 3.17
N ASP F 100 -12.52 55.32 3.11
CA ASP F 100 -12.49 54.07 3.87
C ASP F 100 -11.47 54.16 4.99
N ASP F 101 -11.56 53.22 5.93
CA ASP F 101 -10.71 53.22 7.12
C ASP F 101 -9.45 52.43 6.81
N LEU F 102 -8.65 52.97 5.91
CA LEU F 102 -7.40 52.31 5.53
C LEU F 102 -6.50 52.12 6.73
N VAL F 103 -6.48 53.07 7.66
CA VAL F 103 -5.61 52.95 8.83
C VAL F 103 -6.01 51.74 9.68
N SER F 104 -7.32 51.57 9.92
CA SER F 104 -7.76 50.42 10.69
C SER F 104 -7.47 49.13 9.95
N ALA F 105 -7.72 49.10 8.64
CA ALA F 105 -7.48 47.88 7.88
C ALA F 105 -6.01 47.48 7.95
N ILE F 106 -5.10 48.43 7.73
CA ILE F 106 -3.68 48.13 7.79
C ILE F 106 -3.29 47.70 9.20
N GLN F 107 -3.80 48.40 10.23
CA GLN F 107 -3.44 48.05 11.59
C GLN F 107 -3.86 46.63 11.94
N GLN F 108 -5.01 46.19 11.40
CA GLN F 108 -5.52 44.87 11.77
C GLN F 108 -4.93 43.75 10.92
N ASN F 109 -4.61 44.00 9.66
CA ASN F 109 -4.13 42.95 8.76
C ASN F 109 -2.93 43.45 7.97
N ALA F 110 -1.94 44.01 8.68
CA ALA F 110 -0.81 44.64 8.02
C ALA F 110 -0.15 43.74 6.99
N ASN F 111 0.01 42.44 7.31
CA ASN F 111 0.85 41.58 6.49
C ASN F 111 0.37 41.48 5.04
N HIS F 112 -0.89 41.80 4.76
CA HIS F 112 -1.42 41.66 3.41
C HIS F 112 -1.30 42.93 2.60
N PHE F 113 -1.17 44.09 3.25
CA PHE F 113 -1.14 45.35 2.54
C PHE F 113 0.23 45.67 1.95
N THR F 114 1.28 44.96 2.37
CA THR F 114 2.60 45.20 1.80
C THR F 114 2.60 44.95 0.31
N GLU F 115 1.99 43.84 -0.13
CA GLU F 115 1.93 43.55 -1.55
C GLU F 115 1.08 44.56 -2.30
N LEU F 116 -0.04 44.99 -1.72
CA LEU F 116 -0.86 46.01 -2.36
C LEU F 116 -0.06 47.29 -2.59
N PHE F 117 0.65 47.74 -1.56
CA PHE F 117 1.45 48.95 -1.70
C PHE F 117 2.56 48.76 -2.74
N CYS F 118 3.21 47.60 -2.73
CA CYS F 118 4.27 47.35 -3.69
C CYS F 118 3.74 47.42 -5.12
N ARG F 119 2.59 46.79 -5.37
CA ARG F 119 2.03 46.81 -6.72
C ARG F 119 1.59 48.21 -7.10
N ALA F 120 0.96 48.94 -6.18
CA ALA F 120 0.55 50.31 -6.48
C ALA F 120 1.75 51.17 -6.86
N ILE F 121 2.86 51.01 -6.15
CA ILE F 121 4.06 51.78 -6.47
C ILE F 121 4.63 51.36 -7.82
N ASP F 122 4.76 50.05 -8.05
CA ASP F 122 5.28 49.57 -9.32
C ASP F 122 4.44 50.06 -10.49
N ASN F 123 3.14 50.31 -10.28
CA ASN F 123 2.31 50.84 -11.35
C ASN F 123 2.60 52.30 -11.66
N ASN F 124 3.41 52.97 -10.85
CA ASN F 124 3.60 54.42 -10.98
C ASN F 124 5.07 54.85 -10.93
N MET F 125 6.01 53.92 -10.80
CA MET F 125 7.41 54.32 -10.73
C MET F 125 7.79 55.12 -11.98
N PRO F 126 8.29 56.34 -11.84
CA PRO F 126 8.69 57.10 -13.03
C PRO F 126 9.95 56.55 -13.67
N LEU F 127 10.31 57.14 -14.82
CA LEU F 127 11.46 56.69 -15.56
C LEU F 127 12.75 57.25 -14.96
N PRO F 128 13.89 56.63 -15.26
CA PRO F 128 15.17 57.15 -14.76
C PRO F 128 15.65 58.33 -15.61
N THR F 129 15.95 59.44 -14.95
CA THR F 129 16.47 60.62 -15.62
C THR F 129 17.99 60.61 -15.73
N LYS F 130 18.66 59.65 -15.11
CA LYS F 130 20.11 59.55 -15.12
C LYS F 130 20.51 58.16 -15.60
N GLU F 131 21.40 58.13 -16.60
CA GLU F 131 21.72 56.89 -17.29
C GLU F 131 22.51 55.95 -16.40
N ILE F 132 22.73 54.74 -16.89
CA ILE F 132 23.50 53.73 -16.17
C ILE F 132 24.95 53.82 -16.63
N ASP F 133 25.85 53.96 -15.68
CA ASP F 133 27.28 54.09 -15.99
C ASP F 133 28.08 52.99 -15.31
N TYR F 134 29.39 52.99 -15.49
CA TYR F 134 30.25 51.97 -14.92
C TYR F 134 30.38 52.08 -13.41
N LYS F 135 29.89 53.17 -12.81
CA LYS F 135 29.93 53.37 -11.36
C LYS F 135 28.59 53.04 -10.72
N ASP F 136 27.86 52.07 -11.27
CA ASP F 136 26.55 51.70 -10.75
C ASP F 136 26.58 50.25 -10.24
N ASP F 137 25.58 49.93 -9.43
CA ASP F 137 25.54 48.64 -8.76
C ASP F 137 25.18 47.53 -9.74
N VAL F 138 25.76 46.35 -9.48
CA VAL F 138 25.51 45.19 -10.31
C VAL F 138 24.03 44.79 -10.26
N LEU F 139 23.41 44.98 -9.10
CA LEU F 139 21.98 44.71 -9.00
C LEU F 139 21.19 45.59 -9.96
N ASP F 140 21.51 46.89 -10.01
CA ASP F 140 20.84 47.78 -10.93
C ASP F 140 21.10 47.38 -12.37
N VAL F 141 22.34 46.99 -12.68
CA VAL F 141 22.65 46.54 -14.04
C VAL F 141 21.76 45.38 -14.43
N ILE F 142 21.67 44.38 -13.56
CA ILE F 142 20.88 43.18 -13.87
C ILE F 142 19.41 43.53 -14.03
N LEU F 143 18.88 44.38 -13.16
CA LEU F 143 17.48 44.76 -13.25
C LEU F 143 17.18 45.47 -14.56
N ASN F 144 18.07 46.40 -14.95
CA ASN F 144 17.88 47.08 -16.22
C ASN F 144 17.91 46.09 -17.38
N GLN F 145 18.84 45.15 -17.35
CA GLN F 145 18.90 44.14 -18.40
C GLN F 145 17.59 43.35 -18.47
N ARG F 146 17.05 42.98 -17.32
CA ARG F 146 15.81 42.21 -17.30
C ARG F 146 14.65 43.02 -17.89
N ARG F 147 14.56 44.30 -17.53
CA ARG F 147 13.50 45.14 -18.08
C ARG F 147 13.60 45.23 -19.59
N LEU F 148 14.82 45.45 -20.11
CA LEU F 148 14.99 45.54 -21.55
C LEU F 148 14.62 44.23 -22.23
N ARG F 149 14.99 43.10 -21.64
CA ARG F 149 14.64 41.80 -22.21
C ARG F 149 13.13 41.62 -22.25
N ASN F 150 12.43 42.04 -21.19
CA ASN F 150 10.97 41.97 -21.18
C ASN F 150 10.40 42.74 -22.36
N GLU F 151 10.83 44.00 -22.52
CA GLU F 151 10.31 44.81 -23.62
C GLU F 151 10.60 44.16 -24.96
N ARG F 152 11.81 43.62 -25.13
CA ARG F 152 12.16 43.00 -26.41
C ARG F 152 11.26 41.81 -26.71
N MET F 153 11.01 40.96 -25.71
CA MET F 153 10.15 39.81 -25.95
C MET F 153 8.75 40.24 -26.34
N LEU F 154 8.20 41.24 -25.64
CA LEU F 154 6.85 41.68 -25.96
C LEU F 154 6.77 42.21 -27.39
N SER F 155 7.74 43.06 -27.77
CA SER F 155 7.72 43.63 -29.12
C SER F 155 7.89 42.55 -30.18
N ASP F 156 8.79 41.59 -29.94
CA ASP F 156 8.98 40.51 -30.89
C ASP F 156 7.70 39.72 -31.08
N ARG F 157 7.02 39.37 -29.98
CA ARG F 157 5.80 38.58 -30.11
C ARG F 157 4.72 39.35 -30.86
N THR F 158 4.54 40.64 -30.53
CA THR F 158 3.49 41.38 -31.22
C THR F 158 3.79 41.50 -32.71
N ASN F 159 5.05 41.74 -33.07
CA ASN F 159 5.40 41.78 -34.48
C ASN F 159 5.11 40.45 -35.16
N GLU F 160 5.50 39.34 -34.53
CA GLU F 160 5.31 38.04 -35.14
C GLU F 160 3.83 37.75 -35.34
N ILE F 161 3.00 38.01 -34.33
CA ILE F 161 1.57 37.71 -34.45
C ILE F 161 0.94 38.59 -35.52
N ARG F 162 1.29 39.88 -35.56
CA ARG F 162 0.74 40.74 -36.60
C ARG F 162 1.14 40.27 -37.99
N SER F 163 2.34 39.71 -38.12
CA SER F 163 2.79 39.24 -39.42
C SER F 163 1.92 38.12 -39.98
N GLU F 164 1.26 37.34 -39.12
CA GLU F 164 0.51 36.18 -39.60
C GLU F 164 -0.76 36.59 -40.33
N ASN F 165 -1.26 37.80 -40.07
CA ASN F 165 -2.44 38.32 -40.76
C ASN F 165 -3.64 37.38 -40.58
N LEU F 166 -3.85 36.94 -39.34
CA LEU F 166 -4.97 36.08 -39.02
C LEU F 166 -6.28 36.86 -39.07
N ASN F 178 -6.42 47.06 -31.47
CA ASN F 178 -5.11 46.63 -31.00
C ASN F 178 -5.19 46.09 -29.57
N ASP F 179 -6.30 46.40 -28.90
CA ASP F 179 -6.51 45.88 -27.54
C ASP F 179 -6.42 44.36 -27.52
N ALA F 180 -7.11 43.70 -28.46
CA ALA F 180 -7.06 42.25 -28.51
C ALA F 180 -5.66 41.76 -28.81
N LEU F 181 -4.94 42.46 -29.69
CA LEU F 181 -3.57 42.04 -30.01
C LEU F 181 -2.68 42.08 -28.77
N ARG F 182 -2.75 43.18 -28.01
CA ARG F 182 -1.95 43.26 -26.79
C ARG F 182 -2.40 42.22 -25.77
N GLU F 183 -3.70 41.95 -25.71
CA GLU F 183 -4.19 40.93 -24.78
C GLU F 183 -3.63 39.55 -25.14
N VAL F 184 -3.63 39.20 -26.42
CA VAL F 184 -3.18 37.87 -26.82
C VAL F 184 -1.67 37.74 -26.60
N VAL F 185 -0.90 38.78 -26.91
CA VAL F 185 0.54 38.70 -26.67
C VAL F 185 0.82 38.60 -25.17
N GLU F 186 0.11 39.40 -24.36
CA GLU F 186 0.24 39.29 -22.92
C GLU F 186 -0.04 37.88 -22.44
N ASP F 187 -1.09 37.25 -22.98
CA ASP F 187 -1.40 35.87 -22.62
C ASP F 187 -0.29 34.90 -23.03
N GLU F 188 0.26 35.05 -24.23
CA GLU F 188 1.11 34.02 -24.82
C GLU F 188 2.60 34.24 -24.58
N THR F 189 3.01 35.31 -23.91
CA THR F 189 4.42 35.53 -23.62
C THR F 189 4.69 35.44 -22.12
N GLU F 190 5.85 34.90 -21.77
CA GLU F 190 6.35 34.88 -20.41
C GLU F 190 7.12 36.16 -20.12
N LEU F 191 7.16 36.54 -18.85
CA LEU F 191 7.87 37.73 -18.41
C LEU F 191 8.57 37.44 -17.10
N PHE F 192 9.40 38.40 -16.66
CA PHE F 192 9.98 38.34 -15.33
C PHE F 192 9.02 38.99 -14.35
N PRO F 193 8.57 38.28 -13.31
CA PRO F 193 7.53 38.85 -12.44
C PRO F 193 8.01 40.12 -11.76
N PRO F 194 7.10 40.96 -11.27
CA PRO F 194 7.53 42.26 -10.72
C PRO F 194 8.51 42.13 -9.57
N ASN F 195 8.38 41.11 -8.73
CA ASN F 195 9.26 40.98 -7.58
C ASN F 195 10.72 40.78 -7.99
N LEU F 196 10.98 40.20 -9.16
CA LEU F 196 12.33 40.02 -9.65
C LEU F 196 12.87 41.26 -10.35
N THR F 197 12.06 42.32 -10.47
CA THR F 197 12.51 43.58 -11.03
C THR F 197 12.46 44.72 -10.03
N ARG F 198 11.81 44.53 -8.89
CA ARG F 198 11.85 45.54 -7.84
C ARG F 198 13.26 45.69 -7.29
N ARG F 199 13.57 46.91 -6.83
CA ARG F 199 14.88 47.20 -6.25
C ARG F 199 14.81 47.83 -4.87
N TYR F 200 13.62 48.08 -4.34
CA TYR F 200 13.46 48.82 -3.10
C TYR F 200 12.76 47.95 -2.06
N PHE F 201 12.87 48.38 -0.81
CA PHE F 201 12.17 47.78 0.31
C PHE F 201 11.10 48.74 0.82
N LEU F 202 10.06 48.19 1.42
CA LEU F 202 8.95 48.99 1.94
C LEU F 202 8.74 48.69 3.41
N TYR F 203 8.52 49.73 4.21
CA TYR F 203 8.27 49.58 5.63
C TYR F 203 7.18 50.54 6.06
N PHE F 204 6.52 50.19 7.16
CA PHE F 204 5.50 51.02 7.78
C PHE F 204 6.00 51.56 9.10
N LYS F 205 5.38 52.64 9.57
CA LYS F 205 5.67 53.17 10.89
C LYS F 205 4.35 53.53 11.57
N PRO F 206 4.30 53.48 12.89
CA PRO F 206 3.02 53.51 13.60
C PRO F 206 2.44 54.92 13.69
N LEU F 207 1.25 55.00 14.29
CA LEU F 207 0.54 56.26 14.47
C LEU F 207 1.11 56.98 15.69
N SER F 208 1.30 58.29 15.56
CA SER F 208 1.77 59.09 16.68
C SER F 208 0.61 59.41 17.63
N GLN F 209 0.90 59.31 18.93
CA GLN F 209 -0.09 59.68 19.93
C GLN F 209 -0.55 61.12 19.73
N ASN F 210 0.34 62.01 19.33
CA ASN F 210 -0.04 63.39 19.10
C ASN F 210 -1.09 63.50 18.01
N CYS F 211 -0.84 62.86 16.86
CA CYS F 211 -1.79 62.92 15.76
C CYS F 211 -3.12 62.28 16.14
N ALA F 212 -3.06 61.13 16.80
CA ALA F 212 -4.30 60.46 17.20
C ALA F 212 -5.11 61.32 18.15
N ARG F 213 -4.45 61.94 19.13
CA ARG F 213 -5.16 62.80 20.07
C ARG F 213 -5.73 64.03 19.38
N ARG F 214 -5.00 64.60 18.42
CA ARG F 214 -5.50 65.79 17.75
C ARG F 214 -6.68 65.47 16.85
N TYR F 215 -6.68 64.30 16.21
CA TYR F 215 -7.80 63.88 15.37
C TYR F 215 -8.88 63.13 16.13
N ARG F 216 -8.73 62.97 17.46
CA ARG F 216 -9.75 62.32 18.28
C ARG F 216 -9.88 60.83 17.93
N LYS F 217 -8.74 60.16 17.81
CA LYS F 217 -8.69 58.72 17.55
C LYS F 217 -7.83 58.05 18.61
N LYS F 218 -7.82 56.72 18.58
CA LYS F 218 -7.02 55.91 19.48
C LYS F 218 -5.96 55.19 18.65
N ALA F 219 -4.69 55.42 18.98
CA ALA F 219 -3.57 54.84 18.25
C ALA F 219 -3.17 53.54 18.93
N ILE F 220 -3.70 52.42 18.43
CA ILE F 220 -3.34 51.13 18.98
C ILE F 220 -1.90 50.77 18.63
N SER F 221 -1.48 51.11 17.40
CA SER F 221 -0.19 50.66 16.89
C SER F 221 1.00 51.22 17.66
N SER F 222 0.83 52.34 18.38
CA SER F 222 1.94 52.98 19.09
C SER F 222 1.72 53.03 20.59
N LYS F 223 1.01 52.07 21.15
CA LYS F 223 0.90 51.96 22.60
C LYS F 223 1.92 50.92 23.09
N PRO F 224 2.95 51.33 23.83
CA PRO F 224 3.99 50.37 24.20
C PRO F 224 3.45 49.25 25.08
N LEU F 225 4.03 48.07 24.91
CA LEU F 225 3.61 46.88 25.64
C LEU F 225 4.84 46.06 26.00
N SER F 226 4.70 45.27 27.06
CA SER F 226 5.74 44.34 27.49
C SER F 226 5.48 42.96 26.92
N VAL F 227 6.53 42.14 26.88
CA VAL F 227 6.40 40.80 26.32
C VAL F 227 5.36 40.00 27.10
N ARG F 228 5.15 40.33 28.36
CA ARG F 228 4.15 39.63 29.16
C ARG F 228 2.76 39.83 28.61
N GLN F 229 2.43 41.06 28.20
CA GLN F 229 1.08 41.38 27.76
C GLN F 229 0.77 40.92 26.35
N ILE F 230 1.77 40.52 25.57
CA ILE F 230 1.57 40.12 24.18
C ILE F 230 1.07 38.68 24.19
N LYS F 231 -0.22 38.50 23.95
CA LYS F 231 -0.87 37.19 23.96
C LYS F 231 -1.24 36.79 22.54
N GLY F 232 -1.94 35.66 22.41
CA GLY F 232 -2.33 35.15 21.11
C GLY F 232 -3.35 36.00 20.38
N ASP F 233 -4.12 36.82 21.10
CA ASP F 233 -5.11 37.66 20.46
C ASP F 233 -4.48 38.71 19.56
N PHE F 234 -3.18 38.98 19.72
CA PHE F 234 -2.51 40.04 18.99
C PHE F 234 -1.79 39.54 17.74
N LEU F 235 -1.90 38.26 17.42
CA LEU F 235 -1.22 37.74 16.24
C LEU F 235 -1.78 38.37 14.97
N GLY F 236 -0.90 38.68 14.03
CA GLY F 236 -1.29 39.26 12.77
C GLY F 236 -1.52 40.75 12.77
N GLN F 237 -1.21 41.44 13.86
CA GLN F 237 -1.43 42.88 13.97
C GLN F 237 -0.10 43.62 13.89
N LEU F 238 -0.20 44.95 13.90
CA LEU F 238 0.95 45.85 13.96
C LEU F 238 0.98 46.44 15.36
N ILE F 239 2.06 46.18 16.09
CA ILE F 239 2.16 46.51 17.51
C ILE F 239 3.53 47.08 17.82
N THR F 240 3.59 47.85 18.90
CA THR F 240 4.81 48.47 19.37
C THR F 240 5.19 47.88 20.73
N VAL F 241 6.45 47.47 20.85
CA VAL F 241 6.97 46.84 22.06
C VAL F 241 8.07 47.73 22.63
N ARG F 242 8.14 47.80 23.96
CA ARG F 242 9.18 48.54 24.66
C ARG F 242 10.03 47.55 25.44
N GLY F 243 11.34 47.58 25.23
CA GLY F 243 12.18 46.62 25.92
C GLY F 243 13.64 46.96 25.82
N ILE F 244 14.47 46.09 26.38
CA ILE F 244 15.91 46.23 26.36
C ILE F 244 16.50 45.03 25.64
N ILE F 245 17.34 45.29 24.63
CA ILE F 245 17.91 44.22 23.84
C ILE F 245 18.96 43.49 24.67
N THR F 246 19.14 42.20 24.40
CA THR F 246 20.14 41.40 25.09
C THR F 246 21.09 40.68 24.15
N ARG F 247 20.64 40.33 22.94
CA ARG F 247 21.50 39.66 21.97
C ARG F 247 21.04 40.01 20.57
N VAL F 248 22.00 40.10 19.65
CA VAL F 248 21.74 40.31 18.24
C VAL F 248 22.65 39.38 17.45
N SER F 249 22.12 38.73 16.43
CA SER F 249 22.88 37.83 15.59
C SER F 249 23.57 38.59 14.47
N ASP F 250 24.60 37.98 13.89
CA ASP F 250 25.30 38.59 12.79
C ASP F 250 24.41 38.71 11.56
N VAL F 251 24.83 39.55 10.61
CA VAL F 251 24.10 39.68 9.36
C VAL F 251 24.54 38.56 8.42
N LYS F 252 23.56 37.85 7.88
CA LYS F 252 23.83 36.75 6.96
C LYS F 252 22.79 36.77 5.85
N PRO F 253 23.11 36.18 4.70
CA PRO F 253 22.15 36.20 3.58
C PRO F 253 21.02 35.20 3.79
N ALA F 254 19.79 35.68 3.69
CA ALA F 254 18.60 34.85 3.71
C ALA F 254 18.05 34.77 2.29
N VAL F 255 17.89 33.56 1.78
CA VAL F 255 17.49 33.35 0.40
C VAL F 255 15.97 33.36 0.31
N GLU F 256 15.43 34.05 -0.70
CA GLU F 256 14.00 34.14 -0.93
C GLU F 256 13.57 33.45 -2.21
N VAL F 257 14.31 33.66 -3.30
CA VAL F 257 14.06 32.99 -4.57
C VAL F 257 15.37 32.49 -5.12
N ILE F 258 15.48 31.18 -5.30
CA ILE F 258 16.65 30.57 -5.92
C ILE F 258 16.44 30.57 -7.42
N ALA F 259 17.53 30.68 -8.16
CA ALA F 259 17.50 30.72 -9.62
C ALA F 259 18.41 29.64 -10.19
N TYR F 260 17.93 28.95 -11.21
CA TYR F 260 18.70 27.96 -11.93
C TYR F 260 18.66 28.29 -13.42
N THR F 261 19.64 27.76 -14.14
CA THR F 261 19.75 27.96 -15.58
C THR F 261 19.77 26.61 -16.28
N CYS F 262 18.97 26.49 -17.34
CA CYS F 262 18.95 25.28 -18.16
C CYS F 262 19.71 25.55 -19.45
N ASP F 263 20.83 24.86 -19.63
CA ASP F 263 21.61 25.02 -20.87
C ASP F 263 20.90 24.41 -22.07
N GLN F 264 20.02 23.42 -21.85
CA GLN F 264 19.34 22.78 -22.97
C GLN F 264 18.37 23.74 -23.64
N CYS F 265 17.52 24.40 -22.86
CA CYS F 265 16.52 25.31 -23.40
C CYS F 265 16.84 26.78 -23.17
N GLY F 266 17.93 27.10 -22.49
CA GLY F 266 18.29 28.48 -22.25
C GLY F 266 17.35 29.24 -21.35
N TYR F 267 16.53 28.55 -20.56
CA TYR F 267 15.60 29.21 -19.66
C TYR F 267 16.22 29.40 -18.28
N GLU F 268 15.59 30.29 -17.51
CA GLU F 268 15.90 30.49 -16.10
C GLU F 268 14.69 30.11 -15.28
N VAL F 269 14.90 29.27 -14.27
CA VAL F 269 13.84 28.74 -13.44
C VAL F 269 13.98 29.31 -12.03
N PHE F 270 12.89 29.81 -11.48
CA PHE F 270 12.89 30.46 -10.18
C PHE F 270 12.05 29.66 -9.21
N GLN F 271 12.63 29.35 -8.05
CA GLN F 271 11.97 28.57 -7.00
C GLN F 271 11.87 29.43 -5.76
N GLU F 272 10.64 29.64 -5.28
CA GLU F 272 10.44 30.40 -4.05
C GLU F 272 10.83 29.56 -2.84
N VAL F 273 11.14 30.25 -1.74
CA VAL F 273 11.45 29.60 -0.47
C VAL F 273 10.99 30.51 0.65
N ASN F 274 10.15 29.97 1.54
CA ASN F 274 9.66 30.72 2.69
C ASN F 274 9.64 29.85 3.95
N SER F 275 10.52 28.84 4.00
CA SER F 275 10.61 27.93 5.12
C SER F 275 12.05 27.92 5.64
N ARG F 276 12.23 27.35 6.83
CA ARG F 276 13.56 27.24 7.40
C ARG F 276 14.47 26.35 6.58
N THR F 277 13.91 25.51 5.72
CA THR F 277 14.70 24.65 4.84
C THR F 277 13.93 24.45 3.54
N PHE F 278 14.67 24.04 2.51
CA PHE F 278 14.08 23.83 1.19
C PHE F 278 14.76 22.63 0.55
N THR F 279 14.34 22.33 -0.69
CA THR F 279 14.89 21.21 -1.44
C THR F 279 15.29 21.68 -2.83
N PRO F 280 16.51 21.40 -3.29
CA PRO F 280 16.91 21.85 -4.63
C PRO F 280 16.24 21.03 -5.73
N LEU F 281 15.88 21.72 -6.80
CA LEU F 281 15.31 21.06 -7.95
C LEU F 281 16.38 20.25 -8.68
N SER F 282 15.93 19.32 -9.52
CA SER F 282 16.83 18.42 -10.24
C SER F 282 16.73 18.55 -11.74
N GLU F 283 15.52 18.56 -12.30
CA GLU F 283 15.33 18.55 -13.74
C GLU F 283 14.54 19.78 -14.16
N CYS F 284 14.73 20.19 -15.41
CA CYS F 284 14.11 21.41 -15.91
C CYS F 284 12.59 21.30 -15.87
N THR F 285 11.93 22.45 -15.70
CA THR F 285 10.49 22.53 -15.70
C THR F 285 9.98 23.62 -16.64
N SER F 286 10.86 24.27 -17.39
CA SER F 286 10.42 25.20 -18.42
C SER F 286 9.52 24.46 -19.41
N GLU F 287 8.69 25.23 -20.12
CA GLU F 287 7.71 24.61 -21.00
C GLU F 287 8.39 23.77 -22.09
N GLU F 288 9.49 24.27 -22.65
CA GLU F 288 10.14 23.56 -23.74
C GLU F 288 10.68 22.21 -23.29
N CYS F 289 11.45 22.20 -22.19
CA CYS F 289 12.01 20.94 -21.70
C CYS F 289 10.93 20.01 -21.20
N SER F 290 9.90 20.57 -20.55
CA SER F 290 8.80 19.74 -20.07
C SER F 290 8.10 19.04 -21.23
N GLN F 291 7.90 19.76 -22.33
CA GLN F 291 7.18 19.22 -23.48
C GLN F 291 8.04 18.32 -24.35
N ASN F 292 9.36 18.51 -24.34
CA ASN F 292 10.25 17.64 -25.08
C ASN F 292 10.37 16.28 -24.38
N GLN F 293 11.19 15.40 -24.96
CA GLN F 293 11.41 14.07 -24.40
C GLN F 293 12.69 13.97 -23.60
N THR F 294 13.70 14.78 -23.90
CA THR F 294 14.98 14.79 -23.18
C THR F 294 15.09 16.11 -22.44
N LYS F 295 15.10 16.04 -21.11
CA LYS F 295 15.10 17.22 -20.27
C LYS F 295 16.51 17.51 -19.75
N GLY F 296 16.81 18.79 -19.60
CA GLY F 296 18.11 19.23 -19.16
C GLY F 296 18.24 19.25 -17.65
N GLN F 297 19.48 19.34 -17.19
CA GLN F 297 19.78 19.36 -15.76
C GLN F 297 20.03 20.79 -15.29
N LEU F 298 19.33 21.19 -14.23
CA LEU F 298 19.45 22.54 -13.71
C LEU F 298 20.76 22.71 -12.94
N PHE F 299 21.24 23.95 -12.89
CA PHE F 299 22.39 24.34 -12.10
C PHE F 299 22.05 25.60 -11.33
N MET F 300 22.75 25.83 -10.23
CA MET F 300 22.47 26.99 -9.39
C MET F 300 23.37 28.16 -9.77
N SER F 301 22.77 29.35 -9.84
CA SER F 301 23.50 30.57 -10.14
C SER F 301 23.25 31.55 -9.00
N THR F 302 24.29 31.83 -8.22
CA THR F 302 24.13 32.67 -7.04
C THR F 302 23.73 34.09 -7.39
N ARG F 303 24.34 34.66 -8.44
CA ARG F 303 24.15 36.08 -8.71
C ARG F 303 22.71 36.41 -9.09
N ALA F 304 22.03 35.50 -9.78
CA ALA F 304 20.65 35.74 -10.20
C ALA F 304 19.65 35.53 -9.08
N SER F 305 20.05 34.90 -7.97
CA SER F 305 19.12 34.61 -6.89
C SER F 305 18.63 35.89 -6.23
N LYS F 306 17.64 35.72 -5.36
CA LYS F 306 17.07 36.82 -4.59
C LYS F 306 17.40 36.60 -3.12
N PHE F 307 18.22 37.50 -2.57
CA PHE F 307 18.70 37.37 -1.19
C PHE F 307 18.15 38.50 -0.33
N SER F 308 18.26 38.31 0.98
CA SER F 308 17.82 39.30 1.96
C SER F 308 18.82 39.34 3.10
N ALA F 309 19.07 40.54 3.61
CA ALA F 309 19.91 40.73 4.79
C ALA F 309 19.07 40.46 6.03
N PHE F 310 19.54 39.56 6.89
CA PHE F 310 18.71 38.97 7.93
C PHE F 310 19.43 39.00 9.27
N GLN F 311 18.73 39.48 10.30
CA GLN F 311 19.22 39.43 11.67
C GLN F 311 18.09 39.01 12.60
N GLU F 312 18.44 38.45 13.74
CA GLU F 312 17.47 38.14 14.79
C GLU F 312 18.00 38.66 16.12
N CYS F 313 17.11 39.24 16.91
CA CYS F 313 17.46 39.87 18.17
C CYS F 313 16.54 39.35 19.27
N LYS F 314 17.03 39.40 20.50
CA LYS F 314 16.23 39.03 21.67
C LYS F 314 15.97 40.28 22.51
N ILE F 315 14.70 40.49 22.85
CA ILE F 315 14.28 41.64 23.63
C ILE F 315 13.76 41.14 24.97
N GLN F 316 14.10 41.84 26.05
CA GLN F 316 13.80 41.43 27.41
C GLN F 316 13.01 42.53 28.12
N GLU F 317 12.35 42.13 29.20
CA GLU F 317 11.48 43.05 29.94
C GLU F 317 12.30 44.04 30.76
N LEU F 318 11.74 45.24 30.93
CA LEU F 318 12.30 46.21 31.85
C LEU F 318 11.91 45.87 33.28
N SER F 319 12.70 46.39 34.22
CA SER F 319 12.45 46.09 35.63
C SER F 319 11.10 46.62 36.09
N GLN F 320 10.74 47.83 35.67
CA GLN F 320 9.53 48.47 36.19
C GLN F 320 8.25 47.83 35.65
N GLN F 321 8.34 46.94 34.68
CA GLN F 321 7.15 46.29 34.13
C GLN F 321 6.86 44.94 34.78
N VAL F 322 7.87 44.25 35.27
CA VAL F 322 7.70 42.90 35.82
C VAL F 322 6.78 42.97 37.04
N PRO F 323 5.86 42.03 37.22
CA PRO F 323 5.04 42.02 38.43
C PRO F 323 5.85 41.61 39.65
N VAL F 324 5.29 41.88 40.82
CA VAL F 324 6.01 41.63 42.06
C VAL F 324 6.36 40.15 42.15
N GLY F 325 7.63 39.86 42.45
CA GLY F 325 8.04 38.49 42.71
C GLY F 325 8.14 37.59 41.50
N HIS F 326 8.30 38.16 40.30
CA HIS F 326 8.40 37.37 39.08
C HIS F 326 9.74 37.64 38.39
N ILE F 327 10.02 36.82 37.38
CA ILE F 327 11.26 36.94 36.61
C ILE F 327 10.91 37.52 35.24
N PRO F 328 11.73 38.42 34.68
CA PRO F 328 11.44 38.95 33.36
C PRO F 328 11.52 37.88 32.28
N ARG F 329 10.73 38.08 31.23
CA ARG F 329 10.65 37.17 30.10
C ARG F 329 11.28 37.82 28.86
N SER F 330 11.31 37.08 27.76
CA SER F 330 11.99 37.50 26.55
C SER F 330 11.07 37.34 25.34
N LEU F 331 11.57 37.79 24.19
CA LEU F 331 10.83 37.70 22.93
C LEU F 331 11.81 37.82 21.78
N ASN F 332 11.40 37.29 20.62
CA ASN F 332 12.24 37.22 19.45
C ASN F 332 11.80 38.22 18.39
N ILE F 333 12.76 38.94 17.83
CA ILE F 333 12.52 39.93 16.79
C ILE F 333 13.35 39.55 15.57
N HIS F 334 12.78 39.72 14.38
CA HIS F 334 13.49 39.53 13.13
C HIS F 334 13.61 40.86 12.41
N VAL F 335 14.77 41.09 11.80
CA VAL F 335 15.05 42.33 11.07
C VAL F 335 15.51 41.93 9.67
N ASN F 336 14.88 42.51 8.66
CA ASN F 336 15.14 42.13 7.27
C ASN F 336 15.32 43.38 6.42
N GLY F 337 16.29 43.33 5.52
CA GLY F 337 16.46 44.37 4.52
C GLY F 337 17.46 45.42 4.98
N THR F 338 17.11 46.68 4.76
CA THR F 338 17.99 47.81 5.09
C THR F 338 17.89 48.23 6.54
N LEU F 339 17.05 47.57 7.33
CA LEU F 339 16.89 47.90 8.74
C LEU F 339 17.88 47.18 9.63
N VAL F 340 18.81 46.41 9.07
CA VAL F 340 19.77 45.67 9.87
C VAL F 340 20.78 46.63 10.49
N ARG F 341 21.51 46.12 11.49
CA ARG F 341 22.56 46.85 12.17
C ARG F 341 22.04 48.07 12.93
N SER F 342 20.72 48.17 13.13
CA SER F 342 20.13 49.27 13.86
C SER F 342 19.91 48.96 15.33
N LEU F 343 20.31 47.78 15.80
CA LEU F 343 20.11 47.37 17.17
C LEU F 343 21.40 46.77 17.71
N SER F 344 21.78 47.19 18.92
CA SER F 344 22.97 46.68 19.58
C SER F 344 22.62 46.25 21.00
N PRO F 345 23.36 45.30 21.57
CA PRO F 345 23.05 44.84 22.92
C PRO F 345 23.07 45.99 23.92
N GLY F 346 22.16 45.91 24.89
CA GLY F 346 22.06 46.92 25.92
C GLY F 346 21.20 48.11 25.58
N ASP F 347 20.62 48.15 24.39
CA ASP F 347 19.81 49.28 23.96
C ASP F 347 18.41 49.19 24.56
N ILE F 348 17.91 50.32 25.04
CA ILE F 348 16.54 50.44 25.51
C ILE F 348 15.73 51.08 24.40
N VAL F 349 14.86 50.30 23.76
CA VAL F 349 14.28 50.66 22.48
C VAL F 349 12.78 50.42 22.49
N ASP F 350 12.11 51.06 21.52
CA ASP F 350 10.73 50.78 21.15
C ASP F 350 10.75 50.26 19.71
N VAL F 351 10.31 49.04 19.53
CA VAL F 351 10.32 48.40 18.21
C VAL F 351 8.88 48.26 17.74
N THR F 352 8.60 48.75 16.54
CA THR F 352 7.32 48.55 15.87
C THR F 352 7.45 47.32 14.97
N GLY F 353 6.41 46.50 14.96
CA GLY F 353 6.52 45.28 14.19
C GLY F 353 5.20 44.58 14.00
N ILE F 354 5.21 43.66 13.05
CA ILE F 354 4.06 42.82 12.73
C ILE F 354 4.22 41.52 13.49
N PHE F 355 3.15 41.11 14.18
CA PHE F 355 3.21 39.91 15.02
C PHE F 355 2.70 38.71 14.21
N LEU F 356 3.51 37.66 14.12
CA LEU F 356 3.19 36.53 13.27
C LEU F 356 3.54 35.22 13.95
N PRO F 357 2.89 34.13 13.55
CA PRO F 357 3.19 32.81 14.12
C PRO F 357 4.24 32.07 13.30
N ALA F 358 4.73 30.99 13.89
CA ALA F 358 5.73 30.12 13.26
C ALA F 358 5.48 28.70 13.72
N PRO F 359 5.98 27.71 12.99
CA PRO F 359 5.72 26.31 13.36
C PRO F 359 6.27 25.96 14.74
N TYR F 360 5.74 24.87 15.28
CA TYR F 360 6.10 24.41 16.62
C TYR F 360 7.46 23.75 16.60
N THR F 361 8.18 23.84 17.74
CA THR F 361 9.54 23.35 17.83
C THR F 361 9.85 22.61 19.12
N GLY F 362 8.89 22.39 20.00
CA GLY F 362 9.13 21.70 21.24
C GLY F 362 9.13 20.19 21.07
N PHE F 363 9.18 19.49 22.19
CA PHE F 363 9.14 18.03 22.17
C PHE F 363 7.84 17.55 21.55
N LYS F 364 7.92 16.45 20.79
CA LYS F 364 6.73 15.92 20.14
C LYS F 364 5.71 15.45 21.18
N ALA F 365 6.17 14.74 22.21
CA ALA F 365 5.26 14.16 23.19
C ALA F 365 4.39 15.19 23.91
N LEU F 366 4.83 16.44 23.97
CA LEU F 366 4.09 17.49 24.66
C LEU F 366 3.26 18.34 23.71
N LYS F 367 3.02 17.85 22.49
CA LYS F 367 2.26 18.58 21.48
C LYS F 367 0.80 18.15 21.56
N ALA F 368 -0.09 19.13 21.75
CA ALA F 368 -1.52 18.88 21.88
C ALA F 368 -2.25 19.83 20.92
N GLY F 369 -2.44 19.38 19.69
CA GLY F 369 -3.13 20.18 18.69
C GLY F 369 -2.17 20.92 17.78
N LEU F 370 -2.58 22.09 17.28
CA LEU F 370 -1.75 22.90 16.41
C LEU F 370 -1.14 24.03 17.23
N LEU F 371 -0.06 23.69 17.94
CA LEU F 371 0.70 24.70 18.67
C LEU F 371 1.65 25.43 17.74
N THR F 372 1.95 26.68 18.07
CA THR F 372 2.72 27.54 17.20
C THR F 372 3.76 28.31 18.02
N GLU F 373 4.81 28.73 17.33
CA GLU F 373 5.84 29.60 17.89
C GLU F 373 5.69 30.99 17.29
N THR F 374 5.86 32.01 18.13
CA THR F 374 5.62 33.39 17.74
C THR F 374 6.92 34.16 17.62
N TYR F 375 6.87 35.24 16.85
CA TYR F 375 7.99 36.15 16.70
C TYR F 375 7.46 37.49 16.22
N LEU F 376 8.32 38.50 16.23
CA LEU F 376 7.97 39.84 15.76
C LEU F 376 8.78 40.13 14.52
N GLU F 377 8.18 40.88 13.58
CA GLU F 377 8.87 41.31 12.37
C GLU F 377 9.03 42.82 12.42
N ALA F 378 10.27 43.30 12.38
CA ALA F 378 10.55 44.71 12.66
C ALA F 378 10.22 45.59 11.46
N GLN F 379 9.75 46.80 11.75
CA GLN F 379 9.48 47.81 10.73
C GLN F 379 10.00 49.19 11.09
N PHE F 380 10.32 49.45 12.36
CA PHE F 380 10.73 50.78 12.79
C PHE F 380 11.33 50.67 14.19
N VAL F 381 12.43 51.36 14.42
CA VAL F 381 13.15 51.32 15.68
C VAL F 381 13.29 52.73 16.24
N ARG F 382 12.94 52.91 17.50
CA ARG F 382 13.08 54.19 18.18
C ARG F 382 13.95 54.00 19.41
N GLN F 383 14.98 54.83 19.54
CA GLN F 383 15.92 54.75 20.65
C GLN F 383 15.51 55.72 21.76
N HIS F 384 15.70 55.27 23.00
CA HIS F 384 15.40 56.12 24.15
C HIS F 384 16.52 57.10 24.45
N LYS F 385 17.72 56.89 23.90
CA LYS F 385 18.84 57.79 24.13
C LYS F 385 19.70 57.78 22.87
N LYS F 386 19.78 58.92 22.20
CA LYS F 386 20.45 58.99 20.91
C LYS F 386 21.96 58.95 21.08
N LYS F 387 22.61 58.10 20.27
CA LYS F 387 24.06 58.01 20.30
C LYS F 387 24.69 59.32 19.82
N PHE F 388 25.89 59.60 20.32
CA PHE F 388 26.59 60.81 19.92
C PHE F 388 27.09 60.71 18.48
N ALA F 389 27.48 59.51 18.05
CA ALA F 389 28.04 59.35 16.71
C ALA F 389 27.06 59.82 15.64
N SER F 390 25.76 59.61 15.85
CA SER F 390 24.75 59.94 14.85
C SER F 390 24.35 61.41 14.88
N PHE F 391 25.13 62.28 15.49
CA PHE F 391 24.78 63.69 15.58
C PHE F 391 24.76 64.32 14.19
N SER F 392 23.91 65.32 14.03
CA SER F 392 23.80 66.04 12.76
C SER F 392 23.16 67.39 13.02
N LEU F 393 23.86 68.46 12.62
CA LEU F 393 23.35 69.81 12.84
C LEU F 393 22.14 70.06 11.95
N THR F 394 21.25 70.94 12.43
CA THR F 394 20.01 71.23 11.74
C THR F 394 19.31 72.36 12.49
N SER F 395 18.38 73.02 11.80
CA SER F 395 17.66 74.15 12.39
C SER F 395 17.04 73.78 13.73
N ASP F 396 16.41 72.60 13.79
CA ASP F 396 15.73 72.20 15.02
C ASP F 396 16.70 72.11 16.19
N VAL F 397 17.84 71.45 15.99
CA VAL F 397 18.86 71.41 17.05
C VAL F 397 19.53 72.76 17.18
N GLU F 398 19.67 73.48 16.07
CA GLU F 398 20.40 74.75 16.09
C GLU F 398 19.73 75.76 17.01
N GLU F 399 18.40 75.90 16.92
CA GLU F 399 17.73 76.92 17.72
C GLU F 399 17.78 76.57 19.20
N ARG F 400 17.60 75.30 19.55
CA ARG F 400 17.72 74.90 20.95
C ARG F 400 19.12 75.19 21.49
N VAL F 401 20.15 74.78 20.75
CA VAL F 401 21.52 74.97 21.23
C VAL F 401 21.82 76.46 21.35
N MET F 402 21.42 77.24 20.33
CA MET F 402 21.68 78.67 20.35
C MET F 402 21.00 79.32 21.54
N GLU F 403 19.77 78.91 21.85
CA GLU F 403 19.11 79.42 23.03
C GLU F 403 19.90 79.08 24.28
N LEU F 404 20.41 77.84 24.36
CA LEU F 404 21.15 77.43 25.55
C LEU F 404 22.38 78.30 25.75
N ILE F 405 23.19 78.47 24.71
CA ILE F 405 24.36 79.34 24.84
C ILE F 405 23.95 80.78 25.15
N THR F 406 22.92 81.28 24.47
CA THR F 406 22.46 82.64 24.73
C THR F 406 22.13 82.83 26.20
N SER F 407 21.58 81.79 26.84
CA SER F 407 21.30 81.88 28.26
C SER F 407 22.55 82.17 29.07
N GLY F 408 23.69 81.63 28.64
CA GLY F 408 24.97 81.91 29.27
C GLY F 408 25.22 81.04 30.50
N ASP F 409 26.44 81.17 31.02
CA ASP F 409 26.87 80.42 32.20
C ASP F 409 26.71 78.92 31.99
N VAL F 410 27.12 78.45 30.81
CA VAL F 410 26.87 77.06 30.44
C VAL F 410 27.56 76.11 31.41
N TYR F 411 28.80 76.41 31.78
CA TYR F 411 29.56 75.50 32.63
C TYR F 411 28.81 75.19 33.92
N ASN F 412 28.58 76.21 34.75
CA ASN F 412 27.92 76.00 36.02
C ASN F 412 26.47 75.55 35.84
N ARG F 413 25.78 76.07 34.81
CA ARG F 413 24.39 75.68 34.61
C ARG F 413 24.26 74.18 34.35
N LEU F 414 25.15 73.63 33.52
CA LEU F 414 25.14 72.19 33.29
C LEU F 414 25.62 71.43 34.53
N ALA F 415 26.65 71.95 35.21
CA ALA F 415 27.18 71.22 36.36
C ALA F 415 26.13 71.07 37.45
N LYS F 416 25.35 72.13 37.71
CA LYS F 416 24.33 72.09 38.75
C LYS F 416 23.15 71.20 38.38
N SER F 417 23.06 70.73 37.14
CA SER F 417 21.90 69.98 36.68
C SER F 417 22.09 68.47 36.74
N ILE F 418 23.20 67.99 37.32
CA ILE F 418 23.43 66.55 37.45
C ILE F 418 22.94 66.12 38.82
N ALA F 419 21.82 65.40 38.85
CA ALA F 419 21.23 64.94 40.10
C ALA F 419 20.93 66.14 40.98
N PRO F 420 20.01 67.01 40.58
CA PRO F 420 19.73 68.23 41.36
C PRO F 420 19.08 67.97 42.71
N GLU F 421 18.77 66.73 43.05
CA GLU F 421 18.18 66.42 44.34
C GLU F 421 19.21 66.19 45.43
N ILE F 422 20.50 66.19 45.10
CA ILE F 422 21.57 66.00 46.08
C ILE F 422 22.13 67.38 46.41
N TYR F 423 22.15 67.72 47.70
CA TYR F 423 22.61 69.03 48.13
C TYR F 423 24.13 69.11 48.12
N GLY F 424 24.65 70.31 47.89
CA GLY F 424 26.07 70.54 47.91
C GLY F 424 26.77 69.79 46.81
N ASN F 425 28.06 69.52 47.03
CA ASN F 425 28.84 68.68 46.12
C ASN F 425 28.86 69.27 44.71
N LEU F 426 29.45 70.47 44.60
CA LEU F 426 29.50 71.18 43.33
C LEU F 426 30.74 70.80 42.51
N ASP F 427 31.90 70.72 43.15
CA ASP F 427 33.12 70.40 42.42
C ASP F 427 33.11 68.98 41.87
N VAL F 428 32.58 68.02 42.64
CA VAL F 428 32.46 66.67 42.13
C VAL F 428 31.54 66.65 40.91
N LYS F 429 30.46 67.44 40.96
CA LYS F 429 29.56 67.49 39.81
C LYS F 429 30.25 68.09 38.59
N LYS F 430 31.05 69.14 38.80
CA LYS F 430 31.81 69.70 37.69
C LYS F 430 32.77 68.67 37.11
N ALA F 431 33.47 67.93 37.97
CA ALA F 431 34.38 66.89 37.50
C ALA F 431 33.64 65.83 36.72
N LEU F 432 32.44 65.45 37.18
CA LEU F 432 31.65 64.46 36.46
C LEU F 432 31.23 64.97 35.09
N LEU F 433 30.83 66.23 35.01
CA LEU F 433 30.48 66.81 33.71
C LEU F 433 31.68 66.80 32.77
N LEU F 434 32.86 67.13 33.29
CA LEU F 434 34.05 67.10 32.45
C LEU F 434 34.38 65.68 32.02
N LEU F 435 34.15 64.70 32.91
CA LEU F 435 34.29 63.31 32.52
C LEU F 435 33.36 62.96 31.38
N LEU F 436 32.11 63.41 31.47
CA LEU F 436 31.15 63.14 30.40
C LEU F 436 31.61 63.73 29.08
N VAL F 437 32.10 64.98 29.11
CA VAL F 437 32.52 65.63 27.88
C VAL F 437 33.75 64.94 27.30
N GLY F 438 34.74 64.64 28.13
CA GLY F 438 35.95 63.98 27.68
C GLY F 438 36.98 64.96 27.14
N GLY F 439 38.17 64.43 26.90
CA GLY F 439 39.28 65.19 26.38
C GLY F 439 39.39 65.09 24.88
N VAL F 440 40.61 65.28 24.37
CA VAL F 440 40.89 65.19 22.95
C VAL F 440 41.86 64.04 22.72
N ASP F 441 41.45 63.07 21.90
CA ASP F 441 42.34 61.99 21.50
C ASP F 441 43.40 62.53 20.55
N LYS F 442 44.59 61.96 20.63
CA LYS F 442 45.71 62.38 19.80
C LYS F 442 46.41 61.17 19.22
N ARG F 443 46.71 61.23 17.92
CA ARG F 443 47.48 60.20 17.23
C ARG F 443 48.86 60.77 16.95
N VAL F 444 49.87 60.32 17.70
CA VAL F 444 51.19 60.91 17.65
C VAL F 444 52.03 60.42 16.48
N GLY F 445 51.59 59.40 15.76
CA GLY F 445 52.33 58.85 14.65
C GLY F 445 53.16 57.65 15.07
N ASP F 446 53.68 56.96 14.06
CA ASP F 446 54.49 55.76 14.25
C ASP F 446 53.72 54.66 14.97
N GLY F 447 52.38 54.72 14.91
CA GLY F 447 51.54 53.72 15.55
C GLY F 447 51.27 53.96 17.02
N MET F 448 51.98 54.89 17.65
CA MET F 448 51.75 55.15 19.07
C MET F 448 50.44 55.91 19.27
N LYS F 449 49.94 55.85 20.50
CA LYS F 449 48.60 56.29 20.81
C LYS F 449 48.55 56.75 22.25
N ILE F 450 47.78 57.82 22.50
CA ILE F 450 47.56 58.32 23.86
C ILE F 450 46.06 58.59 24.03
N ARG F 451 45.54 58.24 25.19
CA ARG F 451 44.10 58.28 25.42
C ARG F 451 43.60 59.72 25.44
N GLY F 452 42.28 59.86 25.40
CA GLY F 452 41.61 61.14 25.52
C GLY F 452 40.47 61.10 26.50
N ASP F 453 40.36 60.01 27.26
CA ASP F 453 39.30 59.82 28.22
C ASP F 453 39.81 60.03 29.64
N ILE F 454 38.90 60.44 30.52
CA ILE F 454 39.24 60.81 31.89
C ILE F 454 38.71 59.72 32.82
N ASN F 455 39.41 59.52 33.94
CA ASN F 455 39.04 58.53 34.94
C ASN F 455 38.84 59.20 36.29
N VAL F 456 37.77 58.83 36.98
CA VAL F 456 37.40 59.48 38.24
C VAL F 456 37.14 58.44 39.31
N CYS F 457 37.71 58.66 40.48
CA CYS F 457 37.44 57.84 41.67
C CYS F 457 36.93 58.74 42.77
N LEU F 458 35.88 58.30 43.45
CA LEU F 458 35.37 58.94 44.65
C LEU F 458 35.62 58.00 45.82
N MET F 459 36.21 58.51 46.89
CA MET F 459 36.48 57.71 48.07
C MET F 459 35.99 58.50 49.27
N GLY F 460 35.12 57.90 50.08
CA GLY F 460 34.51 58.71 51.12
C GLY F 460 33.85 57.92 52.22
N ASP F 461 33.44 58.67 53.23
CA ASP F 461 32.75 58.11 54.39
C ASP F 461 31.38 57.58 54.01
N PRO F 462 30.87 56.61 54.75
CA PRO F 462 29.55 56.05 54.43
C PRO F 462 28.46 57.10 54.53
N GLY F 463 27.47 56.98 53.66
CA GLY F 463 26.29 57.83 53.72
C GLY F 463 26.50 59.23 53.17
N VAL F 464 27.01 59.34 51.95
CA VAL F 464 27.17 60.63 51.28
C VAL F 464 26.67 60.61 49.85
N ALA F 465 25.86 59.61 49.48
CA ALA F 465 25.16 59.58 48.20
C ALA F 465 26.08 59.24 47.03
N LYS F 466 27.20 58.56 47.30
CA LYS F 466 28.07 58.14 46.21
C LYS F 466 27.32 57.25 45.23
N SER F 467 26.54 56.30 45.74
CA SER F 467 25.76 55.43 44.87
C SER F 467 24.73 56.22 44.09
N GLN F 468 24.13 57.24 44.71
CA GLN F 468 23.17 58.07 43.99
C GLN F 468 23.83 58.77 42.82
N LEU F 469 25.03 59.33 43.03
CA LEU F 469 25.72 59.99 41.93
C LEU F 469 26.12 59.00 40.84
N LEU F 470 26.55 57.80 41.24
CA LEU F 470 26.91 56.78 40.26
C LEU F 470 25.70 56.42 39.39
N LYS F 471 24.55 56.21 40.02
CA LYS F 471 23.32 55.95 39.28
C LYS F 471 22.99 57.12 38.35
N ALA F 472 23.08 58.34 38.84
CA ALA F 472 22.73 59.49 38.01
C ALA F 472 23.59 59.55 36.77
N ILE F 473 24.91 59.37 36.93
CA ILE F 473 25.80 59.44 35.76
C ILE F 473 25.53 58.29 34.81
N CYS F 474 25.36 57.08 35.34
CA CYS F 474 25.10 55.94 34.47
C CYS F 474 23.81 56.13 33.68
N LYS F 475 22.82 56.79 34.28
CA LYS F 475 21.58 57.05 33.56
C LYS F 475 21.74 58.15 32.52
N ILE F 476 22.45 59.24 32.87
CA ILE F 476 22.63 60.32 31.91
C ILE F 476 23.41 59.85 30.70
N SER F 477 24.40 58.98 30.89
CA SER F 477 25.22 58.55 29.77
C SER F 477 24.36 57.79 28.76
N PRO F 478 24.65 57.90 27.46
CA PRO F 478 23.88 57.13 26.47
C PRO F 478 24.29 55.68 26.38
N ARG F 479 25.47 55.32 26.87
CA ARG F 479 25.97 53.95 26.85
C ARG F 479 26.57 53.58 28.19
N GLY F 480 25.98 54.10 29.26
CA GLY F 480 26.48 53.86 30.60
C GLY F 480 26.12 52.47 31.12
N VAL F 481 27.05 51.89 31.88
CA VAL F 481 26.84 50.59 32.49
C VAL F 481 27.19 50.70 33.97
N TYR F 482 26.57 49.84 34.78
CA TYR F 482 26.68 49.90 36.24
C TYR F 482 27.02 48.52 36.78
N THR F 483 27.80 48.48 37.85
CA THR F 483 28.23 47.22 38.46
C THR F 483 28.61 47.47 39.92
N THR F 484 28.50 46.41 40.73
CA THR F 484 28.77 46.51 42.16
C THR F 484 29.54 45.27 42.62
N GLY F 485 30.81 45.47 42.98
CA GLY F 485 31.52 44.49 43.77
C GLY F 485 31.45 43.08 43.22
N LYS F 486 31.20 42.13 44.12
CA LYS F 486 31.22 40.72 43.77
C LYS F 486 30.03 40.29 42.91
N GLY F 487 29.04 41.16 42.74
CA GLY F 487 27.91 40.81 41.90
C GLY F 487 28.33 40.43 40.49
N SER F 488 29.30 41.15 39.93
CA SER F 488 29.84 40.87 38.60
C SER F 488 31.31 40.47 38.78
N SER F 489 31.67 39.29 38.31
CA SER F 489 33.03 38.80 38.45
C SER F 489 33.35 37.85 37.31
N GLY F 490 34.64 37.67 37.07
CA GLY F 490 35.07 36.74 36.03
C GLY F 490 34.50 37.14 34.68
N VAL F 491 33.90 36.18 33.99
CA VAL F 491 33.32 36.43 32.67
C VAL F 491 32.21 37.47 32.71
N GLY F 492 31.73 37.83 33.90
CA GLY F 492 30.85 38.99 33.98
C GLY F 492 31.52 40.23 33.42
N LEU F 493 32.80 40.41 33.74
CA LEU F 493 33.67 41.30 33.00
C LEU F 493 34.32 40.53 31.85
N THR F 494 34.93 41.26 30.93
CA THR F 494 35.65 40.64 29.80
C THR F 494 34.60 39.94 28.94
N ALA F 495 34.83 38.70 28.50
CA ALA F 495 33.90 38.02 27.62
C ALA F 495 34.04 36.52 27.82
N ALA F 496 33.04 35.79 27.32
CA ALA F 496 32.99 34.33 27.43
C ALA F 496 32.66 33.73 26.07
N VAL F 497 33.13 32.51 25.85
CA VAL F 497 32.99 31.82 24.58
C VAL F 497 31.72 30.99 24.60
N MET F 498 30.89 31.13 23.58
CA MET F 498 29.67 30.34 23.47
C MET F 498 29.40 30.04 22.00
N LYS F 499 28.29 29.34 21.77
CA LYS F 499 27.85 28.98 20.43
C LYS F 499 26.56 29.71 20.10
N ASP F 500 26.49 30.32 18.93
CA ASP F 500 25.29 31.03 18.53
C ASP F 500 24.19 30.03 18.17
N PRO F 501 22.96 30.22 18.65
CA PRO F 501 21.87 29.34 18.20
C PRO F 501 21.51 29.55 16.72
N VAL F 502 21.30 30.82 16.35
CA VAL F 502 20.80 31.12 15.01
C VAL F 502 21.74 30.54 13.95
N THR F 503 22.96 31.05 13.91
CA THR F 503 24.00 30.48 13.06
C THR F 503 24.76 29.42 13.85
N ASP F 504 25.65 28.72 13.15
CA ASP F 504 26.39 27.60 13.74
C ASP F 504 27.86 27.93 13.94
N GLU F 505 28.17 29.15 14.38
CA GLU F 505 29.54 29.59 14.61
C GLU F 505 29.70 30.04 16.05
N MET F 506 30.90 29.84 16.59
CA MET F 506 31.24 30.27 17.93
C MET F 506 31.35 31.79 17.97
N ILE F 507 31.09 32.35 19.15
CA ILE F 507 31.12 33.79 19.36
C ILE F 507 31.61 34.09 20.77
N LEU F 508 31.99 35.34 21.01
CA LEU F 508 32.35 35.84 22.31
C LEU F 508 31.29 36.83 22.77
N GLU F 509 30.73 36.60 23.95
CA GLU F 509 29.79 37.52 24.57
C GLU F 509 30.53 38.40 25.56
N GLY F 510 30.44 39.71 25.38
CA GLY F 510 31.19 40.63 26.20
C GLY F 510 30.53 40.86 27.56
N GLY F 511 31.35 41.31 28.51
CA GLY F 511 30.89 41.64 29.83
C GLY F 511 30.50 43.10 29.94
N ALA F 512 30.53 43.61 31.18
CA ALA F 512 30.17 45.01 31.39
C ALA F 512 31.14 45.94 30.66
N LEU F 513 32.43 45.64 30.71
CA LEU F 513 33.43 46.51 30.08
C LEU F 513 33.20 46.63 28.58
N VAL F 514 33.04 45.50 27.89
CA VAL F 514 32.79 45.55 26.45
C VAL F 514 31.42 46.14 26.14
N LEU F 515 30.42 45.87 26.98
CA LEU F 515 29.09 46.43 26.76
C LEU F 515 29.08 47.93 26.93
N ALA F 516 29.99 48.49 27.72
CA ALA F 516 30.07 49.91 27.96
C ALA F 516 31.08 50.61 27.06
N ASP F 517 31.50 49.96 25.97
CA ASP F 517 32.51 50.55 25.10
C ASP F 517 32.03 51.90 24.57
N ASN F 518 32.96 52.86 24.49
CA ASN F 518 32.63 54.23 24.12
C ASN F 518 31.59 54.81 25.06
N GLY F 519 31.71 54.47 26.34
CA GLY F 519 30.79 54.96 27.36
C GLY F 519 31.42 54.96 28.73
N ILE F 520 30.59 55.11 29.76
CA ILE F 520 31.06 55.22 31.14
C ILE F 520 30.68 53.93 31.88
N CYS F 521 31.65 53.36 32.59
CA CYS F 521 31.42 52.20 33.44
C CYS F 521 31.50 52.65 34.89
N CYS F 522 30.43 52.39 35.64
CA CYS F 522 30.31 52.77 37.03
C CYS F 522 30.54 51.53 37.90
N ILE F 523 31.48 51.64 38.84
CA ILE F 523 31.85 50.52 39.70
C ILE F 523 31.69 50.96 41.15
N ASP F 524 30.65 50.45 41.81
CA ASP F 524 30.44 50.66 43.23
C ASP F 524 31.19 49.60 44.03
N GLU F 525 31.51 49.93 45.28
CA GLU F 525 32.26 49.04 46.16
C GLU F 525 33.54 48.58 45.46
N PHE F 526 34.30 49.56 44.96
CA PHE F 526 35.50 49.26 44.18
C PHE F 526 36.53 48.49 45.01
N ASP F 527 36.73 48.88 46.27
CA ASP F 527 37.78 48.28 47.09
C ASP F 527 37.55 46.81 47.38
N LYS F 528 36.32 46.31 47.22
CA LYS F 528 36.00 44.95 47.61
C LYS F 528 36.18 43.95 46.48
N MET F 529 36.69 44.40 45.33
CA MET F 529 36.77 43.54 44.16
C MET F 529 37.91 42.53 44.29
N ASP F 530 37.89 41.52 43.43
CA ASP F 530 38.89 40.47 43.45
C ASP F 530 40.12 40.90 42.65
N GLU F 531 41.21 40.13 42.82
CA GLU F 531 42.48 40.48 42.19
C GLU F 531 42.38 40.47 40.66
N SER F 532 41.71 39.45 40.11
CA SER F 532 41.61 39.37 38.65
C SER F 532 40.85 40.57 38.08
N ASP F 533 39.73 40.92 38.69
CA ASP F 533 38.97 42.07 38.22
C ASP F 533 39.76 43.36 38.40
N ARG F 534 40.50 43.49 39.51
CA ARG F 534 41.32 44.68 39.70
C ARG F 534 42.38 44.77 38.61
N THR F 535 42.99 43.64 38.25
CA THR F 535 43.97 43.65 37.18
C THR F 535 43.34 44.02 35.84
N ALA F 536 42.13 43.51 35.57
CA ALA F 536 41.45 43.86 34.34
C ALA F 536 41.19 45.36 34.26
N ILE F 537 40.68 45.95 35.34
CA ILE F 537 40.46 47.40 35.37
C ILE F 537 41.79 48.12 35.24
N HIS F 538 42.83 47.59 35.89
CA HIS F 538 44.17 48.15 35.82
C HIS F 538 44.60 48.31 34.37
N GLU F 539 44.52 47.22 33.61
CA GLU F 539 44.95 47.25 32.21
C GLU F 539 44.03 48.12 31.36
N VAL F 540 42.73 48.10 31.65
CA VAL F 540 41.79 48.89 30.84
C VAL F 540 42.06 50.37 31.00
N MET F 541 42.25 50.83 32.24
CA MET F 541 42.64 52.21 32.45
C MET F 541 44.00 52.49 31.84
N GLU F 542 44.89 51.49 31.80
CA GLU F 542 46.19 51.68 31.17
C GLU F 542 46.03 52.03 29.68
N GLN F 543 45.47 51.10 28.89
CA GLN F 543 45.57 51.24 27.45
C GLN F 543 44.32 50.83 26.67
N GLN F 544 43.14 50.82 27.29
CA GLN F 544 41.88 50.66 26.56
C GLN F 544 41.80 49.33 25.82
N THR F 545 42.60 48.35 26.25
CA THR F 545 42.51 47.02 25.66
C THR F 545 42.63 45.98 26.76
N ILE F 546 42.05 44.81 26.51
CA ILE F 546 42.03 43.72 27.47
C ILE F 546 42.60 42.48 26.78
N SER F 547 43.68 41.93 27.33
CA SER F 547 44.32 40.76 26.74
C SER F 547 43.90 39.51 27.51
N ILE F 548 43.46 38.49 26.78
CA ILE F 548 43.04 37.23 27.37
C ILE F 548 43.81 36.10 26.70
N SER F 549 44.37 35.20 27.51
CA SER F 549 45.07 34.01 27.03
C SER F 549 44.69 32.85 27.95
N LYS F 550 43.61 32.16 27.60
CA LYS F 550 43.12 31.04 28.39
C LYS F 550 42.78 29.90 27.43
N ALA F 551 42.44 28.74 28.00
CA ALA F 551 42.12 27.57 27.19
C ALA F 551 41.03 27.90 26.19
N GLY F 552 41.34 27.74 24.91
CA GLY F 552 40.37 27.98 23.86
C GLY F 552 40.22 29.43 23.44
N ILE F 553 41.08 30.32 23.89
CA ILE F 553 40.97 31.74 23.56
C ILE F 553 42.32 32.41 23.75
N ASN F 554 42.74 33.17 22.74
CA ASN F 554 43.96 33.99 22.80
C ASN F 554 43.67 35.23 21.96
N THR F 555 43.32 36.33 22.61
CA THR F 555 42.86 37.49 21.86
C THR F 555 42.97 38.75 22.71
N THR F 556 42.57 39.86 22.10
CA THR F 556 42.56 41.17 22.73
C THR F 556 41.27 41.90 22.36
N LEU F 557 40.61 42.44 23.36
CA LEU F 557 39.34 43.15 23.19
C LEU F 557 39.56 44.65 23.36
N ASN F 558 38.73 45.42 22.65
CA ASN F 558 38.78 46.88 22.69
C ASN F 558 37.80 47.36 23.77
N ALA F 559 38.25 48.28 24.61
CA ALA F 559 37.50 48.75 25.77
C ALA F 559 37.56 50.26 25.89
N ARG F 560 37.23 50.97 24.81
CA ARG F 560 37.35 52.43 24.79
C ARG F 560 36.27 52.99 25.70
N THR F 561 36.50 52.88 27.00
CA THR F 561 35.52 53.26 28.02
C THR F 561 36.19 54.05 29.13
N SER F 562 35.39 54.87 29.80
CA SER F 562 35.83 55.64 30.95
C SER F 562 35.38 54.95 32.23
N ILE F 563 36.09 55.21 33.33
CA ILE F 563 35.87 54.53 34.60
C ILE F 563 35.47 55.56 35.65
N LEU F 564 34.35 55.29 36.33
CA LEU F 564 33.92 56.05 37.50
C LEU F 564 33.76 55.06 38.64
N ALA F 565 34.60 55.20 39.67
CA ALA F 565 34.67 54.22 40.74
C ALA F 565 34.31 54.86 42.07
N ALA F 566 33.78 54.04 42.99
CA ALA F 566 33.46 54.48 44.34
C ALA F 566 34.14 53.55 45.34
N ALA F 567 34.56 54.12 46.47
CA ALA F 567 35.28 53.35 47.47
C ALA F 567 35.08 53.95 48.86
N ASN F 568 35.29 53.11 49.87
CA ASN F 568 35.19 53.46 51.28
C ASN F 568 36.53 53.22 51.97
N PRO F 569 36.79 53.93 53.07
CA PRO F 569 38.04 53.70 53.81
C PRO F 569 38.10 52.29 54.38
N LEU F 570 39.32 51.88 54.74
CA LEU F 570 39.54 50.51 55.20
C LEU F 570 38.77 50.20 56.48
N TYR F 571 38.80 51.10 57.46
CA TYR F 571 38.15 50.88 58.75
C TYR F 571 36.79 51.56 58.83
N GLY F 572 36.09 51.66 57.71
CA GLY F 572 34.83 52.37 57.69
C GLY F 572 35.04 53.86 57.59
N ARG F 573 34.86 54.57 58.69
CA ARG F 573 35.14 56.00 58.71
C ARG F 573 36.63 56.25 58.58
N TYR F 574 36.97 57.42 58.03
CA TYR F 574 38.37 57.79 57.91
C TYR F 574 38.98 58.05 59.28
N ASN F 575 40.25 57.69 59.43
CA ASN F 575 40.97 57.83 60.69
C ASN F 575 42.08 58.86 60.53
N PRO F 576 41.89 60.11 60.93
CA PRO F 576 42.92 61.13 60.71
C PRO F 576 44.25 60.83 61.38
N ARG F 577 44.27 60.00 62.41
CA ARG F 577 45.51 59.63 63.08
C ARG F 577 46.29 58.58 62.32
N LEU F 578 45.85 58.21 61.12
CA LEU F 578 46.56 57.27 60.26
C LEU F 578 46.78 57.90 58.89
N SER F 579 47.82 57.43 58.22
CA SER F 579 48.19 58.02 56.93
C SER F 579 47.15 57.68 55.87
N PRO F 580 47.00 58.53 54.85
CA PRO F 580 46.00 58.26 53.81
C PRO F 580 46.21 56.92 53.12
N LEU F 581 47.46 56.53 52.87
CA LEU F 581 47.71 55.25 52.21
C LEU F 581 47.39 54.05 53.10
N ASP F 582 47.48 54.20 54.40
CA ASP F 582 47.06 53.14 55.32
C ASP F 582 45.56 53.20 55.62
N ASN F 583 44.88 54.28 55.22
CA ASN F 583 43.45 54.37 55.36
C ASN F 583 42.68 53.63 54.27
N ILE F 584 43.36 53.15 53.22
CA ILE F 584 42.71 52.51 52.09
C ILE F 584 43.44 51.23 51.74
N ASN F 585 42.69 50.31 51.11
CA ASN F 585 43.20 49.00 50.75
C ASN F 585 43.82 48.93 49.35
N LEU F 586 43.39 49.79 48.44
CA LEU F 586 43.83 49.70 47.06
C LEU F 586 45.30 50.15 46.92
N PRO F 587 46.01 49.62 45.93
CA PRO F 587 47.42 50.01 45.75
C PRO F 587 47.58 51.47 45.33
N ALA F 588 48.71 52.05 45.74
CA ALA F 588 48.98 53.44 45.44
C ALA F 588 49.11 53.68 43.94
N ALA F 589 49.68 52.73 43.19
CA ALA F 589 49.80 52.91 41.74
C ALA F 589 48.41 52.98 41.10
N LEU F 590 47.51 52.08 41.51
CA LEU F 590 46.15 52.12 41.00
C LEU F 590 45.47 53.44 41.34
N LEU F 591 45.67 53.92 42.57
CA LEU F 591 45.12 55.22 42.94
C LEU F 591 45.69 56.32 42.05
N SER F 592 47.00 56.25 41.78
CA SER F 592 47.65 57.27 40.98
C SER F 592 47.13 57.31 39.56
N ARG F 593 46.81 56.16 38.97
CA ARG F 593 46.39 56.18 37.58
C ARG F 593 45.07 56.93 37.35
N PHE F 594 44.31 57.24 38.39
CA PHE F 594 43.08 58.00 38.22
C PHE F 594 43.39 59.46 37.95
N ASP F 595 42.73 60.02 36.95
CA ASP F 595 42.92 61.43 36.62
C ASP F 595 42.41 62.33 37.74
N ILE F 596 41.25 61.99 38.32
CA ILE F 596 40.72 62.74 39.45
C ILE F 596 40.37 61.77 40.57
N LEU F 597 40.74 62.14 41.79
CA LEU F 597 40.56 61.30 42.97
C LEU F 597 39.98 62.20 44.06
N PHE F 598 38.67 62.14 44.25
CA PHE F 598 38.01 62.95 45.26
C PHE F 598 37.94 62.22 46.60
N LEU F 599 38.15 62.96 47.67
CA LEU F 599 38.03 62.48 49.04
C LEU F 599 36.85 63.20 49.69
N MET F 600 35.90 62.42 50.21
CA MET F 600 34.69 62.98 50.81
C MET F 600 34.60 62.50 52.25
N LEU F 601 34.65 63.43 53.19
CA LEU F 601 34.55 63.13 54.60
C LEU F 601 33.29 63.76 55.18
N ASP F 602 32.91 63.30 56.36
CA ASP F 602 31.70 63.77 57.05
C ASP F 602 32.12 64.33 58.40
N ILE F 603 32.42 65.63 58.42
CA ILE F 603 32.75 66.35 59.65
C ILE F 603 31.48 67.07 60.11
N PRO F 604 30.92 66.73 61.27
CA PRO F 604 29.67 67.36 61.68
C PRO F 604 29.80 68.88 61.76
N SER F 605 28.74 69.57 61.35
CA SER F 605 28.70 71.03 61.41
C SER F 605 27.25 71.47 61.55
N ARG F 606 26.96 72.11 62.69
CA ARG F 606 25.58 72.46 63.03
C ARG F 606 24.96 73.41 62.02
N ASP F 607 25.77 74.13 61.26
CA ASP F 607 25.24 75.09 60.29
C ASP F 607 24.82 74.39 59.00
N ASP F 608 25.77 73.75 58.32
CA ASP F 608 25.46 73.09 57.05
C ASP F 608 24.53 71.90 57.23
N ASP F 609 24.53 71.27 58.41
CA ASP F 609 23.58 70.18 58.63
C ASP F 609 22.15 70.68 58.53
N GLU F 610 21.89 71.91 59.00
CA GLU F 610 20.56 72.48 58.85
C GLU F 610 20.17 72.62 57.39
N LYS F 611 21.08 73.12 56.55
CA LYS F 611 20.78 73.28 55.14
C LYS F 611 20.52 71.92 54.49
N LEU F 612 21.34 70.93 54.80
CA LEU F 612 21.15 69.60 54.23
C LEU F 612 19.80 69.02 54.65
N ALA F 613 19.44 69.17 55.93
CA ALA F 613 18.16 68.65 56.40
C ALA F 613 17.00 69.34 55.71
N GLU F 614 17.06 70.67 55.58
CA GLU F 614 16.00 71.38 54.88
C GLU F 614 15.88 70.89 53.45
N HIS F 615 17.01 70.75 52.76
CA HIS F 615 16.97 70.28 51.38
C HIS F 615 16.31 68.92 51.27
N VAL F 616 16.79 67.95 52.05
CA VAL F 616 16.29 66.58 51.93
C VAL F 616 14.81 66.51 52.30
N THR F 617 14.43 67.16 53.40
CA THR F 617 13.03 67.09 53.82
C THR F 617 12.11 67.80 52.83
N TYR F 618 12.56 68.89 52.22
CA TYR F 618 11.77 69.53 51.18
C TYR F 618 11.63 68.61 49.98
N VAL F 619 12.71 67.93 49.60
CA VAL F 619 12.64 67.00 48.48
C VAL F 619 11.63 65.90 48.76
N HIS F 620 11.61 65.37 49.98
CA HIS F 620 10.60 64.36 50.31
C HIS F 620 9.19 64.94 50.32
N MET F 621 8.99 66.14 50.86
CA MET F 621 7.64 66.66 50.99
C MET F 621 7.06 67.00 49.62
N HIS F 622 7.87 67.57 48.73
CA HIS F 622 7.54 67.68 47.32
C HIS F 622 8.18 66.53 46.56
N ASN F 623 8.21 66.64 45.23
CA ASN F 623 9.02 65.78 44.38
C ASN F 623 9.99 66.58 43.53
N LYS F 624 10.41 67.76 44.01
CA LYS F 624 11.26 68.66 43.26
C LYS F 624 12.33 69.24 44.16
N GLN F 625 13.39 69.75 43.54
CA GLN F 625 14.42 70.48 44.26
C GLN F 625 13.86 71.79 44.78
N PRO F 626 14.48 72.37 45.80
CA PRO F 626 13.87 73.53 46.47
C PRO F 626 14.17 74.87 45.80
N ASP F 627 15.30 74.99 45.11
CA ASP F 627 15.68 76.27 44.56
C ASP F 627 14.68 76.71 43.48
N LEU F 628 14.44 78.01 43.41
CA LEU F 628 13.56 78.59 42.41
C LEU F 628 14.29 79.47 41.40
N ASP F 629 15.38 80.12 41.80
CA ASP F 629 16.12 80.99 40.90
C ASP F 629 16.90 80.22 39.83
N PHE F 630 16.98 78.90 39.95
CA PHE F 630 17.70 78.07 38.99
C PHE F 630 16.75 77.05 38.40
N THR F 631 16.87 76.83 37.09
CA THR F 631 16.04 75.86 36.37
C THR F 631 16.93 74.79 35.78
N PRO F 632 16.76 73.51 36.11
CA PRO F 632 17.61 72.48 35.53
C PRO F 632 17.30 72.24 34.06
N VAL F 633 18.30 71.73 33.36
CA VAL F 633 18.17 71.40 31.94
C VAL F 633 18.01 69.89 31.81
N GLU F 634 17.04 69.48 31.00
CA GLU F 634 16.66 68.08 30.95
C GLU F 634 17.74 67.23 30.29
N PRO F 635 17.73 65.92 30.54
CA PRO F 635 18.78 65.07 29.98
C PRO F 635 18.85 65.10 28.46
N SER F 636 17.70 65.27 27.79
CA SER F 636 17.73 65.34 26.33
C SER F 636 18.56 66.52 25.86
N LYS F 637 18.33 67.70 26.43
CA LYS F 637 19.11 68.88 26.05
C LYS F 637 20.57 68.71 26.45
N MET F 638 20.82 68.12 27.63
CA MET F 638 22.20 67.89 28.04
C MET F 638 22.93 67.02 27.03
N ARG F 639 22.29 65.91 26.61
CA ARG F 639 22.89 65.05 25.61
C ARG F 639 23.10 65.78 24.29
N GLU F 640 22.12 66.60 23.89
CA GLU F 640 22.26 67.36 22.66
C GLU F 640 23.51 68.24 22.69
N TYR F 641 23.64 69.03 23.76
CA TYR F 641 24.78 69.94 23.84
C TYR F 641 26.10 69.18 23.93
N ILE F 642 26.13 68.09 24.69
CA ILE F 642 27.37 67.33 24.81
C ILE F 642 27.76 66.72 23.47
N ALA F 643 26.77 66.20 22.73
CA ALA F 643 27.06 65.65 21.41
C ALA F 643 27.59 66.73 20.48
N TYR F 644 26.98 67.91 20.51
CA TYR F 644 27.48 69.00 19.66
C TYR F 644 28.91 69.37 20.03
N ALA F 645 29.19 69.47 21.33
CA ALA F 645 30.53 69.84 21.77
C ALA F 645 31.57 68.80 21.37
N LYS F 646 31.21 67.52 21.44
CA LYS F 646 32.17 66.46 21.14
C LYS F 646 32.72 66.54 19.72
N THR F 647 32.18 67.41 18.87
CA THR F 647 32.68 67.53 17.50
C THR F 647 33.87 68.48 17.39
N LYS F 648 34.23 69.18 18.46
CA LYS F 648 35.34 70.12 18.43
C LYS F 648 36.65 69.41 18.72
N ARG F 649 37.75 70.10 18.42
CA ARG F 649 39.10 69.60 18.69
C ARG F 649 40.04 70.78 18.88
N PRO F 650 39.98 71.44 20.03
CA PRO F 650 40.86 72.59 20.27
C PRO F 650 42.33 72.19 20.25
N VAL F 651 43.19 73.21 20.21
CA VAL F 651 44.62 73.01 20.05
C VAL F 651 45.36 73.85 21.08
N MET F 652 46.61 73.45 21.35
CA MET F 652 47.45 74.12 22.33
C MET F 652 48.26 75.24 21.67
N SER F 653 48.56 76.27 22.45
CA SER F 653 49.38 77.38 21.99
C SER F 653 50.64 77.51 22.86
N GLU F 654 51.57 78.35 22.42
CA GLU F 654 52.87 78.47 23.08
C GLU F 654 52.78 79.15 24.44
N ALA F 655 51.95 80.19 24.59
CA ALA F 655 51.82 80.84 25.89
C ALA F 655 51.25 79.88 26.92
N VAL F 656 50.19 79.15 26.55
CA VAL F 656 49.61 78.19 27.48
C VAL F 656 50.61 77.07 27.76
N ASN F 657 51.40 76.67 26.76
CA ASN F 657 52.42 75.66 27.01
C ASN F 657 53.42 76.15 28.04
N ASP F 658 53.86 77.41 27.93
CA ASP F 658 54.78 77.96 28.92
C ASP F 658 54.14 77.97 30.31
N TYR F 659 52.88 78.39 30.39
CA TYR F 659 52.20 78.42 31.67
C TYR F 659 52.12 77.02 32.28
N VAL F 660 51.80 76.02 31.45
CA VAL F 660 51.66 74.66 31.93
C VAL F 660 53.01 74.12 32.42
N VAL F 661 54.08 74.38 31.67
CA VAL F 661 55.37 73.86 32.11
C VAL F 661 55.78 74.49 33.45
N GLN F 662 55.56 75.80 33.60
CA GLN F 662 55.88 76.44 34.87
C GLN F 662 55.07 75.83 36.01
N ALA F 663 53.76 75.68 35.78
CA ALA F 663 52.90 75.13 36.83
C ALA F 663 53.31 73.71 37.20
N TYR F 664 53.63 72.89 36.19
CA TYR F 664 54.03 71.51 36.46
C TYR F 664 55.32 71.47 37.25
N ILE F 665 56.30 72.31 36.89
CA ILE F 665 57.55 72.33 37.63
C ILE F 665 57.29 72.69 39.09
N ARG F 666 56.50 73.73 39.32
CA ARG F 666 56.21 74.15 40.69
C ARG F 666 55.53 73.04 41.46
N LEU F 667 54.51 72.42 40.87
CA LEU F 667 53.74 71.40 41.57
C LEU F 667 54.59 70.18 41.88
N ARG F 668 55.41 69.75 40.91
CA ARG F 668 56.26 68.59 41.12
C ARG F 668 57.30 68.87 42.20
N GLN F 669 57.86 70.08 42.21
CA GLN F 669 58.80 70.43 43.28
C GLN F 669 58.11 70.41 44.63
N ASP F 670 56.88 70.91 44.69
CA ASP F 670 56.17 70.99 45.96
C ASP F 670 55.85 69.59 46.51
N SER F 671 55.30 68.71 45.65
CA SER F 671 54.72 67.47 46.16
C SER F 671 55.74 66.61 46.91
N LYS F 672 57.03 66.74 46.58
CA LYS F 672 58.02 65.84 47.14
C LYS F 672 58.08 65.94 48.66
N ARG F 673 58.11 67.16 49.20
CA ARG F 673 58.20 67.31 50.65
C ARG F 673 56.96 66.73 51.32
N GLU F 674 55.79 66.95 50.74
CA GLU F 674 54.56 66.41 51.31
C GLU F 674 54.61 64.89 51.36
N MET F 675 55.06 64.26 50.27
CA MET F 675 55.12 62.81 50.25
C MET F 675 56.14 62.28 51.24
N ASP F 676 57.19 63.06 51.53
CA ASP F 676 58.19 62.62 52.49
C ASP F 676 57.61 62.44 53.88
N SER F 677 56.72 63.34 54.30
CA SER F 677 56.09 63.27 55.61
C SER F 677 55.02 62.20 55.71
N LYS F 678 54.91 61.31 54.72
CA LYS F 678 53.89 60.26 54.72
C LYS F 678 52.50 60.86 54.85
N PHE F 679 52.24 61.94 54.12
CA PHE F 679 50.98 62.65 54.17
C PHE F 679 50.50 63.00 52.77
N SER F 680 50.58 62.04 51.85
CA SER F 680 50.12 62.25 50.48
C SER F 680 49.71 60.92 49.88
N PHE F 681 48.67 60.95 49.05
CA PHE F 681 48.24 59.74 48.35
C PHE F 681 49.22 59.32 47.27
N GLY F 682 50.07 60.24 46.80
CA GLY F 682 51.04 59.90 45.78
C GLY F 682 51.84 61.08 45.30
N GLN F 683 53.08 60.84 44.88
CA GLN F 683 53.92 61.88 44.32
C GLN F 683 53.43 62.28 42.95
N ALA F 684 53.59 63.56 42.62
CA ALA F 684 53.19 64.05 41.30
C ALA F 684 54.04 63.40 40.22
N THR F 685 53.41 63.08 39.09
CA THR F 685 54.07 62.38 38.00
C THR F 685 53.57 62.89 36.65
N PRO F 686 54.19 62.49 35.54
CA PRO F 686 53.73 62.99 34.23
C PRO F 686 52.27 62.71 33.95
N ARG F 687 51.70 61.66 34.56
CA ARG F 687 50.26 61.44 34.42
C ARG F 687 49.47 62.63 34.93
N THR F 688 49.98 63.32 35.96
CA THR F 688 49.32 64.52 36.44
C THR F 688 49.30 65.61 35.37
N LEU F 689 50.42 65.82 34.70
CA LEU F 689 50.48 66.81 33.64
C LEU F 689 49.52 66.43 32.51
N LEU F 690 49.48 65.15 32.15
CA LEU F 690 48.58 64.72 31.10
C LEU F 690 47.13 64.94 31.51
N GLY F 691 46.80 64.68 32.77
CA GLY F 691 45.45 64.95 33.25
C GLY F 691 45.11 66.43 33.18
N ILE F 692 46.05 67.29 33.54
CA ILE F 692 45.81 68.73 33.46
C ILE F 692 45.53 69.12 32.01
N ILE F 693 46.33 68.61 31.07
CA ILE F 693 46.13 68.91 29.67
C ILE F 693 44.75 68.45 29.22
N ARG F 694 44.36 67.24 29.58
CA ARG F 694 43.06 66.72 29.17
C ARG F 694 41.93 67.55 29.74
N LEU F 695 42.03 67.94 31.01
CA LEU F 695 40.99 68.75 31.61
C LEU F 695 40.87 70.12 30.94
N SER F 696 42.01 70.73 30.61
CA SER F 696 41.95 72.00 29.90
C SER F 696 41.29 71.83 28.54
N GLN F 697 41.63 70.75 27.83
CA GLN F 697 41.00 70.49 26.54
C GLN F 697 39.49 70.32 26.69
N ALA F 698 39.07 69.59 27.73
CA ALA F 698 37.63 69.39 27.94
C ALA F 698 36.93 70.71 28.22
N LEU F 699 37.54 71.56 29.03
CA LEU F 699 36.95 72.86 29.30
C LEU F 699 36.84 73.69 28.03
N ALA F 700 37.87 73.66 27.18
CA ALA F 700 37.80 74.38 25.91
C ALA F 700 36.67 73.84 25.04
N LYS F 701 36.57 72.51 24.93
CA LYS F 701 35.50 71.92 24.14
C LYS F 701 34.14 72.36 24.65
N LEU F 702 33.96 72.38 25.97
CA LEU F 702 32.70 72.84 26.53
C LEU F 702 32.45 74.31 26.17
N ARG F 703 33.49 75.14 26.22
CA ARG F 703 33.36 76.51 25.77
C ARG F 703 33.06 76.61 24.28
N LEU F 704 33.27 75.53 23.53
CA LEU F 704 33.02 75.51 22.09
C LEU F 704 33.93 76.50 21.37
N ALA F 705 35.23 76.28 21.52
CA ALA F 705 36.25 77.09 20.89
C ALA F 705 37.30 76.20 20.25
N ASP F 706 38.04 76.77 19.30
CA ASP F 706 39.08 76.04 18.60
C ASP F 706 40.44 76.15 19.28
N MET F 707 40.57 76.98 20.32
CA MET F 707 41.85 77.17 21.00
C MET F 707 41.60 77.28 22.50
N VAL F 708 42.60 76.87 23.27
CA VAL F 708 42.54 76.93 24.72
C VAL F 708 42.99 78.31 25.19
N ASP F 709 42.72 78.61 26.46
CA ASP F 709 43.12 79.86 27.08
C ASP F 709 43.69 79.57 28.46
N ILE F 710 44.33 80.58 29.04
CA ILE F 710 44.95 80.41 30.35
C ILE F 710 43.90 80.14 31.41
N ASP F 711 42.70 80.69 31.27
CA ASP F 711 41.67 80.47 32.28
C ASP F 711 41.30 79.00 32.39
N ASP F 712 41.30 78.26 31.28
CA ASP F 712 40.99 76.84 31.35
C ASP F 712 42.01 76.08 32.19
N VAL F 713 43.30 76.36 32.00
CA VAL F 713 44.32 75.72 32.81
C VAL F 713 44.20 76.16 34.26
N GLU F 714 43.85 77.42 34.48
CA GLU F 714 43.62 77.90 35.84
C GLU F 714 42.54 77.09 36.52
N GLU F 715 41.42 76.86 35.82
CA GLU F 715 40.33 76.10 36.40
C GLU F 715 40.71 74.65 36.63
N ALA F 716 41.48 74.06 35.71
CA ALA F 716 41.92 72.68 35.88
C ALA F 716 42.77 72.55 37.15
N LEU F 717 43.73 73.46 37.33
CA LEU F 717 44.54 73.42 38.54
C LEU F 717 43.69 73.69 39.78
N ARG F 718 42.71 74.59 39.65
CA ARG F 718 41.79 74.86 40.75
C ARG F 718 41.12 73.57 41.21
N LEU F 719 40.58 72.81 40.26
CA LEU F 719 39.92 71.55 40.59
C LEU F 719 40.88 70.55 41.19
N VAL F 720 42.06 70.37 40.59
CA VAL F 720 43.02 69.42 41.10
C VAL F 720 43.46 69.78 42.51
N ARG F 721 43.51 71.07 42.83
CA ARG F 721 43.84 71.50 44.18
C ARG F 721 42.71 71.19 45.14
N VAL F 722 41.47 71.47 44.74
CA VAL F 722 40.32 71.23 45.61
C VAL F 722 40.21 69.75 45.93
N SER F 723 40.66 68.90 45.02
CA SER F 723 40.38 67.48 45.14
C SER F 723 40.82 66.90 46.48
N LYS F 724 41.78 67.54 47.17
CA LYS F 724 42.29 67.03 48.44
C LYS F 724 42.17 68.04 49.57
N GLU F 725 41.24 68.98 49.50
CA GLU F 725 41.11 69.97 50.57
C GLU F 725 40.63 69.36 51.88
N SER F 726 39.97 68.19 51.83
CA SER F 726 39.44 67.58 53.04
C SER F 726 40.52 67.08 53.99
N LEU F 727 41.73 66.87 53.49
CA LEU F 727 42.83 66.37 54.31
C LEU F 727 43.49 67.45 55.15
N TYR F 728 43.04 68.71 55.04
CA TYR F 728 43.67 69.83 55.71
C TYR F 728 42.70 70.59 56.60
N GLN F 729 41.78 69.89 57.26
CA GLN F 729 40.82 70.53 58.16
C GLN F 729 41.28 70.43 59.61
N LEU G 183 35.43 -31.91 -30.18
CA LEU G 183 34.73 -33.13 -30.55
C LEU G 183 34.59 -33.24 -32.06
N GLU G 184 34.54 -34.47 -32.57
CA GLU G 184 34.42 -34.70 -34.02
C GLU G 184 33.74 -36.05 -34.21
N SER G 185 32.45 -36.02 -34.51
CA SER G 185 31.67 -37.24 -34.80
C SER G 185 31.80 -38.27 -33.69
N LEU G 186 32.14 -37.82 -32.48
CA LEU G 186 32.15 -38.67 -31.30
C LEU G 186 30.85 -38.59 -30.52
N SER G 187 29.87 -37.82 -31.02
CA SER G 187 28.58 -37.71 -30.33
C SER G 187 27.92 -39.06 -30.13
N ASN G 188 28.39 -40.10 -30.81
CA ASN G 188 27.86 -41.44 -30.58
C ASN G 188 27.96 -41.82 -29.11
N VAL G 189 28.96 -41.28 -28.40
CA VAL G 189 29.04 -41.51 -26.96
C VAL G 189 27.99 -40.66 -26.26
N LYS G 190 27.19 -41.31 -25.41
CA LYS G 190 26.11 -40.65 -24.70
C LYS G 190 26.52 -40.41 -23.25
N ALA G 191 26.33 -39.18 -22.78
CA ALA G 191 26.63 -38.83 -21.40
C ALA G 191 25.44 -39.06 -20.48
N ASN G 192 24.25 -38.70 -20.94
CA ASN G 192 23.02 -38.87 -20.17
C ASN G 192 21.85 -38.90 -21.14
N SER G 193 20.63 -38.72 -20.62
CA SER G 193 19.46 -38.64 -21.49
C SER G 193 19.72 -37.66 -22.62
N TYR G 194 19.02 -37.86 -23.74
CA TYR G 194 19.32 -37.13 -24.96
C TYR G 194 19.15 -35.63 -24.78
N SER G 195 18.10 -35.22 -24.06
CA SER G 195 17.89 -33.79 -23.85
C SER G 195 19.06 -33.18 -23.08
N GLU G 196 19.54 -33.87 -22.05
CA GLU G 196 20.70 -33.37 -21.30
C GLU G 196 21.95 -33.34 -22.18
N TRP G 197 22.14 -34.38 -22.99
CA TRP G 197 23.33 -34.45 -23.82
C TRP G 197 23.36 -33.30 -24.82
N ILE G 198 22.26 -33.09 -25.55
CA ILE G 198 22.26 -32.13 -26.65
C ILE G 198 22.50 -30.70 -26.17
N THR G 199 22.16 -30.39 -24.92
CA THR G 199 22.21 -29.02 -24.43
C THR G 199 23.55 -28.64 -23.83
N GLN G 200 24.54 -29.52 -23.84
CA GLN G 200 25.86 -29.14 -23.38
C GLN G 200 26.52 -28.19 -24.38
N PRO G 201 27.27 -27.19 -23.92
CA PRO G 201 27.78 -26.19 -24.86
C PRO G 201 28.77 -26.73 -25.87
N ASN G 202 29.74 -27.56 -25.44
CA ASN G 202 30.75 -28.04 -26.37
C ASN G 202 30.13 -28.85 -27.49
N VAL G 203 29.25 -29.80 -27.15
CA VAL G 203 28.57 -30.56 -28.18
C VAL G 203 27.66 -29.65 -29.01
N SER G 204 27.15 -28.57 -28.40
CA SER G 204 26.37 -27.62 -29.17
C SER G 204 27.20 -27.00 -30.29
N ARG G 205 28.42 -26.55 -29.97
CA ARG G 205 29.30 -26.02 -31.01
C ARG G 205 29.64 -27.10 -32.03
N THR G 206 29.89 -28.33 -31.54
CA THR G 206 30.21 -29.42 -32.44
C THR G 206 29.12 -29.62 -33.49
N ILE G 207 27.88 -29.75 -33.04
CA ILE G 207 26.78 -29.99 -33.96
C ILE G 207 26.51 -28.76 -34.82
N ALA G 208 26.72 -27.56 -34.28
CA ALA G 208 26.54 -26.35 -35.09
C ALA G 208 27.51 -26.36 -36.27
N ARG G 209 28.79 -26.65 -35.99
CA ARG G 209 29.77 -26.70 -37.07
C ARG G 209 29.47 -27.84 -38.03
N GLU G 210 29.01 -28.98 -37.52
CA GLU G 210 28.66 -30.09 -38.39
C GLU G 210 27.51 -29.71 -39.33
N LEU G 211 26.50 -29.02 -38.79
CA LEU G 211 25.40 -28.53 -39.62
C LEU G 211 25.90 -27.54 -40.65
N LYS G 212 26.85 -26.68 -40.26
CA LYS G 212 27.45 -25.76 -41.22
C LYS G 212 28.09 -26.51 -42.37
N SER G 213 28.86 -27.55 -42.05
CA SER G 213 29.49 -28.34 -43.09
C SER G 213 28.45 -29.00 -43.98
N PHE G 214 27.38 -29.53 -43.40
CA PHE G 214 26.32 -30.11 -44.21
C PHE G 214 25.77 -29.08 -45.20
N LEU G 215 25.45 -27.89 -44.70
CA LEU G 215 24.83 -26.88 -45.54
C LEU G 215 25.77 -26.46 -46.67
N LEU G 216 27.06 -26.30 -46.37
CA LEU G 216 27.97 -25.70 -47.33
C LEU G 216 28.68 -26.73 -48.22
N GLU G 217 28.53 -28.03 -47.95
CA GLU G 217 29.23 -29.04 -48.72
C GLU G 217 28.34 -30.11 -49.36
N TYR G 218 27.04 -30.14 -49.06
CA TYR G 218 26.19 -31.16 -49.67
C TYR G 218 26.00 -30.87 -51.16
N THR G 219 25.84 -31.93 -51.94
CA THR G 219 25.53 -31.82 -53.35
C THR G 219 25.19 -33.20 -53.88
N ASP G 220 24.27 -33.24 -54.85
CA ASP G 220 23.84 -34.49 -55.46
C ASP G 220 24.84 -34.89 -56.55
N GLU G 221 24.49 -35.91 -57.33
CA GLU G 221 25.39 -36.39 -58.37
C GLU G 221 25.59 -35.32 -59.44
N THR G 222 24.54 -34.55 -59.76
CA THR G 222 24.64 -33.55 -60.81
C THR G 222 25.71 -32.51 -60.53
N GLY G 223 26.09 -32.32 -59.27
CA GLY G 223 27.09 -31.34 -58.91
C GLY G 223 26.56 -29.93 -58.74
N ARG G 224 25.25 -29.74 -58.74
CA ARG G 224 24.66 -28.42 -58.57
C ARG G 224 24.34 -28.18 -57.09
N SER G 225 24.57 -26.94 -56.66
CA SER G 225 24.39 -26.56 -55.27
C SER G 225 22.90 -26.48 -54.97
N VAL G 226 22.33 -27.58 -54.45
CA VAL G 226 20.92 -27.58 -54.11
C VAL G 226 20.61 -26.51 -53.07
N TYR G 227 21.33 -26.53 -51.95
CA TYR G 227 21.04 -25.59 -50.88
C TYR G 227 21.55 -24.19 -51.21
N GLY G 228 22.63 -24.08 -51.98
CA GLY G 228 23.06 -22.78 -52.43
C GLY G 228 22.01 -22.10 -53.31
N ALA G 229 21.45 -22.86 -54.25
CA ALA G 229 20.38 -22.31 -55.08
C ALA G 229 19.15 -21.99 -54.24
N ARG G 230 18.84 -22.85 -53.27
CA ARG G 230 17.73 -22.55 -52.36
C ARG G 230 17.93 -21.23 -51.66
N ILE G 231 19.14 -21.00 -51.14
CA ILE G 231 19.44 -19.75 -50.45
C ILE G 231 19.37 -18.57 -51.42
N ARG G 232 19.85 -18.76 -52.64
CA ARG G 232 19.81 -17.69 -53.63
C ARG G 232 18.38 -17.26 -53.91
N THR G 233 17.51 -18.24 -54.19
CA THR G 233 16.12 -17.92 -54.48
C THR G 233 15.44 -17.31 -53.26
N LEU G 234 15.71 -17.85 -52.07
CA LEU G 234 15.16 -17.26 -50.85
C LEU G 234 15.53 -15.80 -50.75
N GLY G 235 16.82 -15.48 -50.90
CA GLY G 235 17.26 -14.11 -50.75
C GLY G 235 16.65 -13.19 -51.79
N GLU G 236 16.65 -13.61 -53.05
CA GLU G 236 16.11 -12.74 -54.10
C GLU G 236 14.61 -12.51 -53.90
N MET G 237 13.88 -13.56 -53.51
CA MET G 237 12.45 -13.44 -53.29
C MET G 237 12.12 -12.75 -51.97
N ASN G 238 13.09 -12.60 -51.07
CA ASN G 238 12.86 -11.99 -49.76
C ASN G 238 11.96 -12.89 -48.91
N SER G 239 12.25 -14.19 -48.92
CA SER G 239 11.47 -15.17 -48.18
C SER G 239 12.05 -15.35 -46.78
N GLU G 240 11.52 -16.31 -46.03
CA GLU G 240 11.84 -16.42 -44.61
C GLU G 240 12.05 -17.86 -44.11
N SER G 241 12.11 -18.86 -44.99
CA SER G 241 12.21 -20.23 -44.53
C SER G 241 12.96 -21.08 -45.54
N LEU G 242 13.66 -22.09 -45.04
CA LEU G 242 14.36 -23.07 -45.85
C LEU G 242 13.68 -24.42 -45.71
N GLU G 243 13.31 -25.02 -46.84
CA GLU G 243 12.90 -26.41 -46.85
C GLU G 243 14.14 -27.30 -46.91
N VAL G 244 14.11 -28.39 -46.15
CA VAL G 244 15.25 -29.28 -46.04
C VAL G 244 14.76 -30.71 -46.25
N ASN G 245 15.61 -31.55 -46.81
CA ASN G 245 15.25 -32.92 -47.14
C ASN G 245 15.82 -33.89 -46.11
N TYR G 246 14.93 -34.59 -45.42
CA TYR G 246 15.37 -35.56 -44.42
C TYR G 246 16.20 -36.66 -45.06
N ARG G 247 15.92 -37.02 -46.31
CA ARG G 247 16.72 -38.04 -46.98
C ARG G 247 18.17 -37.59 -47.11
N HIS G 248 18.39 -36.38 -47.62
CA HIS G 248 19.75 -35.86 -47.74
C HIS G 248 20.42 -35.79 -46.38
N LEU G 249 19.71 -35.25 -45.39
CA LEU G 249 20.31 -35.08 -44.07
C LEU G 249 20.71 -36.44 -43.49
N ALA G 250 19.82 -37.44 -43.61
CA ALA G 250 20.11 -38.75 -43.04
C ALA G 250 21.26 -39.44 -43.76
N GLU G 251 21.25 -39.40 -45.10
CA GLU G 251 22.31 -40.07 -45.84
C GLU G 251 23.66 -39.43 -45.54
N SER G 252 23.70 -38.11 -45.40
CA SER G 252 24.97 -37.45 -45.12
C SER G 252 25.42 -37.70 -43.69
N LYS G 253 24.58 -37.38 -42.72
CA LYS G 253 24.97 -37.29 -41.31
C LYS G 253 23.94 -37.99 -40.43
N ALA G 254 23.64 -39.24 -40.76
CA ALA G 254 22.57 -40.03 -40.13
C ALA G 254 22.42 -39.77 -38.63
N ILE G 255 23.53 -39.67 -37.90
CA ILE G 255 23.45 -39.45 -36.47
C ILE G 255 22.62 -38.20 -36.17
N LEU G 256 22.85 -37.13 -36.93
CA LEU G 256 22.05 -35.92 -36.75
C LEU G 256 20.59 -36.20 -37.01
N ALA G 257 20.28 -37.01 -38.03
CA ALA G 257 18.89 -37.33 -38.32
C ALA G 257 18.23 -38.07 -37.17
N LEU G 258 18.95 -39.04 -36.57
CA LEU G 258 18.39 -39.78 -35.45
C LEU G 258 18.16 -38.86 -34.26
N PHE G 259 19.13 -38.01 -33.95
CA PHE G 259 18.96 -37.07 -32.85
C PHE G 259 17.81 -36.10 -33.13
N LEU G 260 17.60 -35.76 -34.40
CA LEU G 260 16.50 -34.90 -34.77
C LEU G 260 15.16 -35.58 -34.53
N ALA G 261 15.05 -36.84 -34.96
CA ALA G 261 13.85 -37.60 -34.68
C ALA G 261 13.59 -37.70 -33.19
N LYS G 262 14.64 -37.80 -32.39
CA LYS G 262 14.45 -37.97 -30.94
C LYS G 262 14.07 -36.66 -30.26
N CYS G 263 14.91 -35.63 -30.37
CA CYS G 263 14.72 -34.35 -29.69
C CYS G 263 14.81 -33.23 -30.70
N PRO G 264 13.75 -33.03 -31.50
CA PRO G 264 13.81 -31.97 -32.52
C PRO G 264 13.82 -30.57 -31.95
N GLU G 265 13.43 -30.39 -30.68
CA GLU G 265 13.21 -29.04 -30.16
C GLU G 265 14.45 -28.18 -30.25
N GLU G 266 15.60 -28.71 -29.79
CA GLU G 266 16.80 -27.87 -29.67
C GLU G 266 17.44 -27.61 -31.02
N MET G 267 17.54 -28.63 -31.86
CA MET G 267 18.27 -28.45 -33.11
C MET G 267 17.48 -27.61 -34.11
N LEU G 268 16.18 -27.42 -33.90
CA LEU G 268 15.48 -26.40 -34.68
C LEU G 268 16.08 -25.03 -34.43
N LYS G 269 16.32 -24.68 -33.17
CA LYS G 269 16.98 -23.41 -32.86
C LYS G 269 18.39 -23.39 -33.43
N ILE G 270 19.13 -24.47 -33.24
CA ILE G 270 20.52 -24.52 -33.72
C ILE G 270 20.56 -24.27 -35.22
N PHE G 271 19.75 -25.01 -35.97
CA PHE G 271 19.71 -24.89 -37.42
C PHE G 271 19.14 -23.54 -37.86
N ASP G 272 18.26 -22.94 -37.04
CA ASP G 272 17.80 -21.58 -37.33
C ASP G 272 18.96 -20.61 -37.33
N LEU G 273 19.81 -20.68 -36.29
CA LEU G 273 20.98 -19.80 -36.26
C LEU G 273 21.93 -20.10 -37.40
N VAL G 274 22.11 -21.39 -37.72
CA VAL G 274 22.96 -21.77 -38.85
C VAL G 274 22.46 -21.11 -40.13
N ALA G 275 21.16 -21.24 -40.42
CA ALA G 275 20.61 -20.66 -41.63
C ALA G 275 20.73 -19.14 -41.61
N MET G 276 20.51 -18.52 -40.45
CA MET G 276 20.66 -17.07 -40.35
C MET G 276 22.06 -16.64 -40.76
N GLU G 277 23.09 -17.28 -40.21
CA GLU G 277 24.44 -16.81 -40.50
C GLU G 277 24.80 -17.10 -41.94
N ALA G 278 24.33 -18.23 -42.49
CA ALA G 278 24.61 -18.53 -43.89
C ALA G 278 23.97 -17.51 -44.82
N THR G 279 22.71 -17.14 -44.54
CA THR G 279 22.05 -16.13 -45.35
C THR G 279 22.71 -14.77 -45.20
N GLU G 280 23.24 -14.48 -44.01
CA GLU G 280 24.04 -13.26 -43.85
C GLU G 280 25.30 -13.32 -44.71
N LEU G 281 25.96 -14.47 -44.73
CA LEU G 281 27.16 -14.62 -45.55
C LEU G 281 26.86 -14.36 -47.02
N HIS G 282 25.76 -14.92 -47.53
CA HIS G 282 25.42 -14.69 -48.92
C HIS G 282 24.93 -13.28 -49.17
N TYR G 283 23.81 -12.90 -48.56
CA TYR G 283 23.26 -11.54 -48.66
C TYR G 283 23.71 -10.72 -47.46
N PRO G 284 24.31 -9.55 -47.65
CA PRO G 284 24.63 -8.71 -46.49
C PRO G 284 23.38 -8.14 -45.84
N ASP G 285 23.52 -7.81 -44.55
CA ASP G 285 22.50 -7.08 -43.79
C ASP G 285 21.07 -7.52 -44.11
N TYR G 286 20.89 -8.84 -44.22
CA TYR G 286 19.54 -9.37 -44.35
C TYR G 286 18.73 -9.13 -43.07
N ALA G 287 19.41 -8.97 -41.93
CA ALA G 287 18.71 -8.68 -40.69
C ALA G 287 17.92 -7.39 -40.77
N ARG G 288 18.29 -6.49 -41.69
CA ARG G 288 17.53 -5.24 -41.85
C ARG G 288 16.08 -5.52 -42.16
N ILE G 289 15.81 -6.58 -42.91
CA ILE G 289 14.46 -6.90 -43.35
C ILE G 289 13.89 -8.10 -42.60
N HIS G 290 14.73 -9.05 -42.19
CA HIS G 290 14.26 -10.25 -41.51
C HIS G 290 15.34 -10.71 -40.53
N SER G 291 14.98 -10.79 -39.25
CA SER G 291 15.90 -11.19 -38.20
C SER G 291 15.90 -12.69 -37.95
N GLU G 292 15.11 -13.47 -38.69
CA GLU G 292 15.00 -14.90 -38.43
C GLU G 292 14.61 -15.62 -39.71
N ILE G 293 15.19 -16.81 -39.90
CA ILE G 293 14.83 -17.69 -40.99
C ILE G 293 14.51 -19.06 -40.41
N HIS G 294 13.32 -19.57 -40.73
CA HIS G 294 12.81 -20.81 -40.17
C HIS G 294 13.24 -22.00 -41.01
N VAL G 295 13.05 -23.19 -40.46
CA VAL G 295 13.42 -24.44 -41.11
C VAL G 295 12.16 -25.29 -41.22
N ARG G 296 11.94 -25.88 -42.39
CA ARG G 296 10.82 -26.78 -42.64
C ARG G 296 11.38 -28.11 -43.12
N ILE G 297 11.26 -29.13 -42.30
CA ILE G 297 11.74 -30.46 -42.66
C ILE G 297 10.77 -31.07 -43.66
N SER G 298 11.23 -32.06 -44.41
CA SER G 298 10.42 -32.72 -45.41
C SER G 298 10.88 -34.15 -45.60
N ASP G 299 10.03 -34.95 -46.25
CA ASP G 299 10.36 -36.34 -46.60
C ASP G 299 10.67 -37.17 -45.37
N PHE G 300 9.89 -36.98 -44.31
CA PHE G 300 10.01 -37.83 -43.13
C PHE G 300 9.61 -39.26 -43.51
N PRO G 301 10.33 -40.28 -43.06
CA PRO G 301 10.07 -41.63 -43.60
C PRO G 301 8.76 -42.25 -43.10
N THR G 302 8.46 -42.12 -41.81
CA THR G 302 7.32 -42.82 -41.22
C THR G 302 6.07 -41.96 -41.31
N ILE G 303 4.95 -42.62 -41.62
CA ILE G 303 3.64 -41.99 -41.72
C ILE G 303 2.74 -42.61 -40.67
N TYR G 304 1.94 -41.76 -40.01
CA TYR G 304 1.04 -42.20 -38.94
C TYR G 304 -0.36 -41.70 -39.20
N SER G 305 -1.33 -42.40 -38.63
CA SER G 305 -2.71 -41.96 -38.57
C SER G 305 -3.03 -41.45 -37.17
N LEU G 306 -4.01 -40.54 -37.10
CA LEU G 306 -4.28 -39.85 -35.84
C LEU G 306 -4.63 -40.82 -34.71
N ARG G 307 -5.08 -42.03 -35.04
CA ARG G 307 -5.48 -43.00 -34.03
C ARG G 307 -4.33 -43.86 -33.54
N GLU G 308 -3.14 -43.75 -34.14
CA GLU G 308 -2.02 -44.60 -33.77
C GLU G 308 -1.10 -43.96 -32.73
N LEU G 309 -1.27 -42.66 -32.45
CA LEU G 309 -0.40 -41.99 -31.49
C LEU G 309 -0.62 -42.55 -30.09
N ARG G 310 0.48 -42.72 -29.36
CA ARG G 310 0.43 -43.19 -27.98
C ARG G 310 1.37 -42.33 -27.16
N GLU G 311 1.57 -42.70 -25.89
CA GLU G 311 2.39 -41.92 -24.98
C GLU G 311 3.88 -42.00 -25.31
N SER G 312 4.32 -43.03 -26.02
CA SER G 312 5.72 -43.16 -26.38
C SER G 312 6.15 -42.19 -27.48
N ASN G 313 5.20 -41.48 -28.09
CA ASN G 313 5.49 -40.55 -29.17
C ASN G 313 5.50 -39.10 -28.70
N LEU G 314 5.44 -38.85 -27.40
CA LEU G 314 5.40 -37.50 -26.89
C LEU G 314 6.74 -36.79 -27.07
N SER G 315 6.70 -35.49 -27.30
CA SER G 315 7.90 -34.66 -27.42
C SER G 315 8.86 -35.24 -28.45
N SER G 316 8.31 -35.61 -29.61
CA SER G 316 9.10 -36.16 -30.70
C SER G 316 8.59 -35.57 -32.01
N LEU G 317 9.24 -35.93 -33.11
CA LEU G 317 8.86 -35.48 -34.43
C LEU G 317 7.94 -36.52 -35.07
N VAL G 318 6.81 -36.06 -35.60
CA VAL G 318 5.81 -36.92 -36.20
C VAL G 318 5.35 -36.31 -37.52
N ARG G 319 4.84 -37.18 -38.39
CA ARG G 319 4.29 -36.77 -39.68
C ARG G 319 2.96 -37.49 -39.87
N VAL G 320 1.86 -36.75 -39.79
CA VAL G 320 0.54 -37.32 -39.87
C VAL G 320 -0.18 -36.72 -41.08
N THR G 321 -1.38 -37.24 -41.35
CA THR G 321 -2.15 -36.84 -42.51
C THR G 321 -3.63 -36.91 -42.15
N GLY G 322 -4.37 -35.89 -42.57
CA GLY G 322 -5.77 -35.81 -42.20
C GLY G 322 -6.52 -34.80 -43.04
N VAL G 323 -7.68 -34.41 -42.54
CA VAL G 323 -8.56 -33.47 -43.21
C VAL G 323 -8.84 -32.30 -42.28
N VAL G 324 -8.80 -31.09 -42.83
CA VAL G 324 -9.11 -29.89 -42.07
C VAL G 324 -10.62 -29.80 -41.88
N THR G 325 -11.04 -29.48 -40.66
CA THR G 325 -12.45 -29.42 -40.31
C THR G 325 -12.90 -28.05 -39.81
N ARG G 326 -12.03 -27.33 -39.11
CA ARG G 326 -12.36 -26.01 -38.61
C ARG G 326 -11.10 -25.17 -38.60
N ARG G 327 -11.28 -23.85 -38.64
CA ARG G 327 -10.16 -22.94 -38.71
C ARG G 327 -10.53 -21.65 -37.97
N THR G 328 -9.59 -21.14 -37.18
CA THR G 328 -9.78 -19.90 -36.45
C THR G 328 -9.11 -18.76 -37.21
N GLY G 329 -9.26 -17.55 -36.68
CA GLY G 329 -8.62 -16.40 -37.26
C GLY G 329 -7.14 -16.36 -36.95
N VAL G 330 -6.51 -15.27 -37.39
CA VAL G 330 -5.10 -15.04 -37.14
C VAL G 330 -4.97 -14.09 -35.96
N PHE G 331 -4.20 -14.48 -34.95
CA PHE G 331 -4.01 -13.67 -33.76
C PHE G 331 -2.53 -13.31 -33.58
N PRO G 332 -2.23 -12.14 -33.03
CA PRO G 332 -0.83 -11.80 -32.76
C PRO G 332 -0.33 -12.40 -31.46
N GLN G 333 0.90 -12.90 -31.49
CA GLN G 333 1.55 -13.49 -30.33
C GLN G 333 2.88 -12.80 -30.09
N LEU G 334 3.22 -12.62 -28.81
CA LEU G 334 4.40 -11.84 -28.45
C LEU G 334 5.67 -12.53 -28.93
N LYS G 335 6.60 -11.73 -29.47
CA LYS G 335 7.93 -12.20 -29.83
C LYS G 335 9.03 -11.49 -29.07
N TYR G 336 9.04 -10.16 -29.08
CA TYR G 336 10.06 -9.34 -28.39
C TYR G 336 9.31 -8.35 -27.51
N VAL G 337 9.20 -8.66 -26.23
CA VAL G 337 8.39 -7.89 -25.30
C VAL G 337 9.24 -6.80 -24.65
N LYS G 338 8.61 -5.66 -24.37
CA LYS G 338 9.23 -4.58 -23.61
C LYS G 338 8.32 -4.24 -22.44
N PHE G 339 8.92 -3.79 -21.35
CA PHE G 339 8.19 -3.53 -20.11
C PHE G 339 8.39 -2.07 -19.69
N ASN G 340 7.36 -1.53 -19.04
CA ASN G 340 7.38 -0.17 -18.51
C ASN G 340 7.62 -0.24 -17.02
N CYS G 341 8.56 0.54 -16.52
CA CYS G 341 8.67 0.74 -15.07
C CYS G 341 7.76 1.88 -14.67
N LEU G 342 6.96 1.67 -13.64
CA LEU G 342 5.95 2.65 -13.23
C LEU G 342 6.44 3.63 -12.18
N LYS G 343 7.67 3.47 -11.68
CA LYS G 343 8.27 4.48 -10.80
C LYS G 343 9.13 5.43 -11.60
N CYS G 344 10.13 4.91 -12.30
CA CYS G 344 10.80 5.62 -13.37
C CYS G 344 10.24 5.12 -14.69
N GLY G 345 10.07 6.03 -15.64
CA GLY G 345 9.41 5.67 -16.88
C GLY G 345 10.29 4.89 -17.84
N SER G 346 11.22 4.10 -17.31
CA SER G 346 12.15 3.39 -18.15
C SER G 346 11.46 2.27 -18.93
N ILE G 347 11.99 2.02 -20.12
CA ILE G 347 11.50 0.97 -21.02
C ILE G 347 12.57 -0.11 -21.05
N LEU G 348 12.29 -1.24 -20.42
CA LEU G 348 13.26 -2.32 -20.37
C LEU G 348 13.40 -2.97 -21.74
N GLY G 349 14.59 -3.49 -22.01
CA GLY G 349 14.95 -3.94 -23.34
C GLY G 349 14.25 -5.21 -23.76
N PRO G 350 14.54 -5.67 -24.99
CA PRO G 350 13.87 -6.86 -25.50
C PRO G 350 14.12 -8.08 -24.64
N PHE G 351 13.08 -8.89 -24.48
CA PHE G 351 13.17 -10.19 -23.83
C PHE G 351 12.44 -11.22 -24.67
N PHE G 352 13.16 -12.26 -25.09
CA PHE G 352 12.59 -13.21 -26.03
C PHE G 352 11.46 -14.01 -25.40
N GLN G 353 10.44 -14.30 -26.19
CA GLN G 353 9.33 -15.16 -25.79
C GLN G 353 9.53 -16.53 -26.41
N ASP G 354 9.66 -17.56 -25.57
CA ASP G 354 10.04 -18.89 -26.02
C ASP G 354 8.87 -19.70 -26.57
N SER G 355 7.66 -19.15 -26.55
CA SER G 355 6.46 -19.85 -27.03
C SER G 355 6.13 -21.06 -26.15
N ASN G 356 6.61 -21.07 -24.91
CA ASN G 356 6.35 -22.16 -23.98
C ASN G 356 5.59 -21.69 -22.75
N GLU G 357 6.04 -20.60 -22.12
CA GLU G 357 5.25 -19.92 -21.10
C GLU G 357 5.50 -18.42 -21.22
N GLU G 358 4.58 -17.65 -20.66
CA GLU G 358 4.74 -16.20 -20.63
C GLU G 358 5.95 -15.82 -19.79
N ILE G 359 6.61 -14.73 -20.17
CA ILE G 359 7.84 -14.29 -19.52
C ILE G 359 7.50 -13.13 -18.60
N ARG G 360 8.31 -12.99 -17.54
CA ARG G 360 8.14 -11.91 -16.58
C ARG G 360 9.51 -11.40 -16.15
N ILE G 361 9.52 -10.18 -15.60
CA ILE G 361 10.73 -9.56 -15.07
C ILE G 361 10.44 -9.09 -13.65
N SER G 362 11.53 -8.90 -12.89
CA SER G 362 11.39 -8.56 -11.47
C SER G 362 12.35 -7.49 -10.99
N PHE G 363 13.20 -6.91 -11.83
CA PHE G 363 14.21 -5.95 -11.39
C PHE G 363 14.33 -4.82 -12.40
N CYS G 364 14.30 -3.58 -11.90
CA CYS G 364 14.46 -2.39 -12.72
C CYS G 364 15.91 -1.91 -12.63
N THR G 365 16.57 -1.78 -13.78
CA THR G 365 17.98 -1.42 -13.80
C THR G 365 18.23 -0.03 -13.23
N ASN G 366 17.28 0.88 -13.37
CA ASN G 366 17.49 2.27 -12.93
C ASN G 366 16.96 2.51 -11.52
N CYS G 367 15.74 2.07 -11.24
CA CYS G 367 15.22 2.18 -9.87
C CYS G 367 15.87 1.18 -8.93
N LYS G 368 16.51 0.14 -9.45
CA LYS G 368 17.04 -0.94 -8.62
C LYS G 368 15.90 -1.59 -7.83
N SER G 369 14.70 -1.51 -8.38
CA SER G 369 13.47 -1.89 -7.70
C SER G 369 12.94 -3.23 -8.21
N LYS G 370 11.77 -3.60 -7.69
CA LYS G 370 11.10 -4.84 -8.07
C LYS G 370 9.60 -4.62 -8.23
N GLY G 371 9.15 -3.37 -8.27
CA GLY G 371 7.75 -3.05 -8.21
C GLY G 371 6.97 -3.47 -9.43
N PRO G 372 5.83 -2.84 -9.68
CA PRO G 372 4.95 -3.27 -10.77
C PRO G 372 5.61 -3.08 -12.13
N PHE G 373 5.13 -3.88 -13.09
CA PHE G 373 5.55 -3.79 -14.47
C PHE G 373 4.35 -4.04 -15.37
N ARG G 374 4.40 -3.50 -16.57
CA ARG G 374 3.35 -3.71 -17.56
C ARG G 374 3.97 -3.79 -18.95
N VAL G 375 3.48 -4.72 -19.76
CA VAL G 375 3.98 -4.86 -21.12
C VAL G 375 3.60 -3.62 -21.91
N ASN G 376 4.46 -3.24 -22.86
CA ASN G 376 4.24 -2.09 -23.72
C ASN G 376 3.72 -2.56 -25.06
N GLY G 377 2.46 -2.24 -25.36
CA GLY G 377 1.85 -2.71 -26.59
C GLY G 377 2.50 -2.09 -27.82
N GLU G 378 2.84 -0.81 -27.76
CA GLU G 378 3.32 -0.09 -28.93
C GLU G 378 4.74 -0.52 -29.33
N LYS G 379 5.58 -0.90 -28.38
CA LYS G 379 6.98 -1.19 -28.66
C LYS G 379 7.27 -2.69 -28.67
N THR G 380 6.25 -3.51 -28.89
CA THR G 380 6.40 -4.95 -28.94
C THR G 380 6.30 -5.46 -30.37
N VAL G 381 6.95 -6.58 -30.63
CA VAL G 381 6.95 -7.22 -31.95
C VAL G 381 6.28 -8.58 -31.81
N TYR G 382 5.29 -8.83 -32.66
CA TYR G 382 4.46 -10.02 -32.58
C TYR G 382 4.70 -10.91 -33.80
N ARG G 383 4.02 -12.06 -33.79
CA ARG G 383 3.99 -12.96 -34.93
C ARG G 383 2.59 -13.55 -35.03
N ASN G 384 2.39 -14.41 -36.02
CA ASN G 384 1.07 -14.92 -36.34
C ASN G 384 0.79 -16.24 -35.62
N TYR G 385 -0.46 -16.42 -35.23
CA TYR G 385 -0.91 -17.58 -34.49
C TYR G 385 -2.23 -18.08 -35.06
N GLN G 386 -2.34 -19.38 -35.28
CA GLN G 386 -3.61 -19.94 -35.73
C GLN G 386 -3.76 -21.35 -35.20
N ARG G 387 -5.01 -21.76 -34.98
CA ARG G 387 -5.35 -23.08 -34.49
C ARG G 387 -6.25 -23.78 -35.49
N VAL G 388 -5.93 -25.03 -35.79
CA VAL G 388 -6.66 -25.81 -36.80
C VAL G 388 -7.06 -27.13 -36.16
N THR G 389 -8.13 -27.73 -36.67
CA THR G 389 -8.64 -29.02 -36.20
C THR G 389 -8.54 -30.03 -37.32
N LEU G 390 -7.78 -31.10 -37.09
CA LEU G 390 -7.65 -32.18 -38.08
C LEU G 390 -8.50 -33.36 -37.65
N GLN G 391 -9.13 -33.99 -38.64
CA GLN G 391 -9.92 -35.19 -38.42
C GLN G 391 -9.48 -36.25 -39.43
N GLU G 392 -9.49 -37.51 -39.01
CA GLU G 392 -9.09 -38.57 -39.92
C GLU G 392 -9.96 -38.57 -41.16
N ALA G 393 -9.34 -38.83 -42.30
CA ALA G 393 -10.08 -38.90 -43.55
C ALA G 393 -11.08 -40.06 -43.47
N PRO G 394 -12.35 -39.83 -43.80
CA PRO G 394 -13.33 -40.92 -43.66
C PRO G 394 -13.02 -42.14 -44.51
N GLY G 395 -12.26 -41.99 -45.59
CA GLY G 395 -12.01 -43.12 -46.46
C GLY G 395 -11.24 -44.23 -45.78
N THR G 396 -10.28 -43.88 -44.93
CA THR G 396 -9.30 -44.84 -44.44
C THR G 396 -9.69 -45.54 -43.15
N VAL G 397 -10.65 -45.00 -42.40
CA VAL G 397 -10.99 -45.59 -41.09
C VAL G 397 -11.50 -47.01 -41.31
N PRO G 398 -11.02 -48.00 -40.57
CA PRO G 398 -11.51 -49.36 -40.77
C PRO G 398 -12.96 -49.47 -40.38
N PRO G 399 -13.68 -50.46 -40.91
CA PRO G 399 -15.12 -50.56 -40.60
C PRO G 399 -15.36 -50.70 -39.11
N GLY G 400 -16.42 -50.04 -38.64
CA GLY G 400 -16.86 -50.16 -37.27
C GLY G 400 -16.19 -49.23 -36.28
N ARG G 401 -15.43 -48.24 -36.74
CA ARG G 401 -14.79 -47.27 -35.86
C ARG G 401 -15.11 -45.86 -36.34
N LEU G 402 -14.78 -44.89 -35.50
CA LEU G 402 -15.07 -43.49 -35.77
C LEU G 402 -13.78 -42.75 -36.11
N PRO G 403 -13.86 -41.64 -36.83
CA PRO G 403 -12.65 -40.86 -37.11
C PRO G 403 -12.24 -40.02 -35.91
N ARG G 404 -10.96 -40.16 -35.53
CA ARG G 404 -10.42 -39.38 -34.44
C ARG G 404 -10.04 -37.99 -34.94
N HIS G 405 -9.65 -37.12 -34.01
CA HIS G 405 -9.31 -35.74 -34.35
C HIS G 405 -8.24 -35.24 -33.40
N ARG G 406 -7.57 -34.17 -33.82
CA ARG G 406 -6.49 -33.55 -33.05
C ARG G 406 -6.47 -32.06 -33.34
N GLU G 407 -5.75 -31.33 -32.49
CA GLU G 407 -5.53 -29.90 -32.65
C GLU G 407 -4.15 -29.66 -33.22
N VAL G 408 -4.01 -28.60 -34.02
CA VAL G 408 -2.74 -28.24 -34.65
C VAL G 408 -2.53 -26.75 -34.49
N ILE G 409 -1.27 -26.35 -34.36
CA ILE G 409 -0.88 -24.98 -34.13
C ILE G 409 -0.01 -24.53 -35.30
N LEU G 410 -0.34 -23.38 -35.89
CA LEU G 410 0.42 -22.80 -36.99
C LEU G 410 0.94 -21.44 -36.56
N LEU G 411 2.19 -21.16 -36.88
CA LEU G 411 2.86 -19.94 -36.45
C LEU G 411 3.53 -19.25 -37.62
N ALA G 412 3.57 -17.92 -37.57
CA ALA G 412 4.29 -17.11 -38.55
C ALA G 412 3.65 -17.21 -39.92
N ASP G 413 4.36 -17.78 -40.90
CA ASP G 413 3.94 -17.78 -42.29
C ASP G 413 3.14 -19.03 -42.67
N LEU G 414 2.83 -19.89 -41.71
CA LEU G 414 2.03 -21.08 -41.96
C LEU G 414 0.54 -20.83 -41.83
N VAL G 415 0.14 -19.60 -41.52
CA VAL G 415 -1.26 -19.27 -41.29
C VAL G 415 -1.96 -19.07 -42.62
N ASP G 416 -3.23 -19.46 -42.68
CA ASP G 416 -4.08 -19.26 -43.85
C ASP G 416 -3.46 -19.89 -45.11
N VAL G 417 -2.87 -21.08 -44.96
CA VAL G 417 -2.32 -21.82 -46.09
C VAL G 417 -3.28 -22.89 -46.57
N SER G 418 -4.12 -23.41 -45.67
CA SER G 418 -5.10 -24.44 -46.01
C SER G 418 -6.45 -24.03 -45.43
N LYS G 419 -7.51 -24.31 -46.17
CA LYS G 419 -8.87 -23.98 -45.79
C LYS G 419 -9.68 -25.25 -45.58
N PRO G 420 -10.86 -25.14 -44.96
CA PRO G 420 -11.64 -26.34 -44.65
C PRO G 420 -11.96 -27.15 -45.90
N GLY G 421 -11.96 -28.47 -45.74
CA GLY G 421 -12.31 -29.37 -46.81
C GLY G 421 -11.14 -29.90 -47.63
N GLU G 422 -9.93 -29.42 -47.38
CA GLU G 422 -8.74 -29.86 -48.10
C GLU G 422 -7.97 -30.87 -47.26
N GLU G 423 -7.40 -31.88 -47.92
CA GLU G 423 -6.77 -32.98 -47.22
C GLU G 423 -5.25 -32.81 -47.25
N VAL G 424 -4.63 -32.82 -46.07
CA VAL G 424 -3.27 -32.33 -45.92
C VAL G 424 -2.42 -33.32 -45.14
N GLU G 425 -1.11 -33.12 -45.23
CA GLU G 425 -0.11 -33.82 -44.44
C GLU G 425 0.68 -32.78 -43.65
N VAL G 426 0.90 -33.04 -42.37
CA VAL G 426 1.56 -32.11 -41.47
C VAL G 426 2.68 -32.83 -40.74
N THR G 427 3.87 -32.24 -40.76
CA THR G 427 5.00 -32.70 -39.97
C THR G 427 5.21 -31.71 -38.84
N GLY G 428 5.20 -32.21 -37.61
CA GLY G 428 5.29 -31.34 -36.46
C GLY G 428 5.75 -32.09 -35.23
N ILE G 429 5.70 -31.39 -34.10
CA ILE G 429 6.17 -31.91 -32.82
C ILE G 429 4.95 -32.25 -31.97
N TYR G 430 4.92 -33.46 -31.43
CA TYR G 430 3.82 -33.92 -30.59
C TYR G 430 4.20 -33.70 -29.13
N LYS G 431 3.36 -32.96 -28.42
CA LYS G 431 3.65 -32.63 -27.02
C LYS G 431 2.35 -32.47 -26.25
N ASN G 432 2.46 -32.60 -24.94
CA ASN G 432 1.31 -32.44 -24.06
C ASN G 432 0.93 -30.96 -23.94
N ASN G 433 -0.26 -30.73 -23.40
CA ASN G 433 -0.64 -29.41 -22.90
C ASN G 433 -0.19 -29.31 -21.44
N TYR G 434 1.14 -29.27 -21.27
CA TYR G 434 1.71 -29.33 -19.93
C TYR G 434 1.10 -28.29 -19.01
N ASP G 435 0.77 -27.11 -19.54
CA ASP G 435 0.04 -26.14 -18.75
C ASP G 435 -1.30 -26.70 -18.29
N GLY G 436 -2.03 -27.35 -19.20
CA GLY G 436 -3.37 -27.78 -18.87
C GLY G 436 -4.15 -26.61 -18.31
N ASN G 437 -4.82 -26.86 -17.18
CA ASN G 437 -5.36 -25.78 -16.36
C ASN G 437 -4.72 -25.80 -14.98
N LEU G 438 -4.82 -26.93 -14.26
CA LEU G 438 -4.16 -27.13 -12.98
C LEU G 438 -4.47 -28.56 -12.52
N ASN G 439 -3.69 -29.09 -11.59
CA ASN G 439 -3.87 -30.45 -11.12
C ASN G 439 -4.66 -30.55 -9.82
N ALA G 440 -5.19 -29.42 -9.33
CA ALA G 440 -6.15 -29.48 -8.23
C ALA G 440 -7.49 -30.04 -8.68
N LYS G 441 -7.71 -30.18 -9.99
CA LYS G 441 -8.96 -30.74 -10.49
C LYS G 441 -9.18 -32.15 -9.96
N ASN G 442 -10.42 -32.45 -9.62
CA ASN G 442 -10.76 -33.78 -9.13
C ASN G 442 -10.80 -34.78 -10.28
N GLY G 443 -10.69 -36.05 -9.95
CA GLY G 443 -10.70 -37.12 -10.92
C GLY G 443 -9.30 -37.58 -11.28
N PHE G 444 -9.25 -38.46 -12.28
CA PHE G 444 -7.98 -39.03 -12.69
C PHE G 444 -7.07 -37.94 -13.28
N PRO G 445 -5.75 -38.05 -13.12
CA PRO G 445 -4.85 -37.09 -13.74
C PRO G 445 -4.58 -37.38 -15.21
N VAL G 446 -5.48 -36.95 -16.09
CA VAL G 446 -5.32 -37.11 -17.53
C VAL G 446 -4.88 -35.80 -18.14
N PHE G 447 -3.99 -35.89 -19.13
CA PHE G 447 -3.45 -34.74 -19.81
C PHE G 447 -3.86 -34.75 -21.27
N ALA G 448 -4.16 -33.57 -21.80
CA ALA G 448 -4.46 -33.39 -23.21
C ALA G 448 -3.17 -33.28 -24.02
N THR G 449 -3.30 -33.36 -25.34
CA THR G 449 -2.16 -33.27 -26.23
C THR G 449 -2.53 -32.45 -27.46
N ILE G 450 -1.51 -31.92 -28.11
CA ILE G 450 -1.65 -31.13 -29.33
C ILE G 450 -0.49 -31.48 -30.26
N ILE G 451 -0.50 -30.86 -31.43
CA ILE G 451 0.60 -30.96 -32.39
C ILE G 451 1.00 -29.55 -32.78
N GLU G 452 2.30 -29.25 -32.68
CA GLU G 452 2.85 -27.98 -33.13
C GLU G 452 3.39 -28.20 -34.53
N ALA G 453 2.86 -27.45 -35.49
CA ALA G 453 3.15 -27.71 -36.90
C ALA G 453 4.48 -27.09 -37.30
N ASN G 454 5.27 -27.85 -38.06
CA ASN G 454 6.49 -27.37 -38.68
C ASN G 454 6.36 -27.22 -40.19
N SER G 455 5.81 -28.23 -40.87
CA SER G 455 5.58 -28.14 -42.31
C SER G 455 4.19 -28.68 -42.63
N ILE G 456 3.54 -28.05 -43.60
CA ILE G 456 2.19 -28.40 -44.01
C ILE G 456 2.17 -28.48 -45.53
N LYS G 457 1.49 -29.50 -46.07
CA LYS G 457 1.45 -29.68 -47.51
C LYS G 457 0.16 -30.38 -47.91
N ARG G 458 -0.54 -29.83 -48.89
CA ARG G 458 -1.72 -30.48 -49.44
C ARG G 458 -1.31 -31.82 -50.07
N ARG G 459 -2.10 -32.86 -49.82
CA ARG G 459 -1.78 -34.18 -50.33
C ARG G 459 -1.90 -34.21 -51.86
N VAL G 473 -5.85 -24.30 -61.22
CA VAL G 473 -5.62 -22.86 -61.11
C VAL G 473 -5.99 -22.19 -62.44
N PHE G 474 -6.32 -20.91 -62.39
CA PHE G 474 -6.81 -20.17 -63.54
C PHE G 474 -5.83 -19.13 -64.05
N SER G 475 -4.74 -18.86 -63.33
CA SER G 475 -3.76 -17.91 -63.82
C SER G 475 -3.06 -18.45 -65.06
N TRP G 476 -2.61 -17.52 -65.91
CA TRP G 476 -2.00 -17.88 -67.19
C TRP G 476 -0.72 -17.07 -67.35
N THR G 477 -0.01 -17.34 -68.45
CA THR G 477 1.23 -16.63 -68.76
C THR G 477 1.29 -16.45 -70.27
N GLU G 478 2.34 -15.79 -70.75
CA GLU G 478 2.47 -15.53 -72.19
C GLU G 478 2.62 -16.83 -72.97
N GLU G 479 3.33 -17.81 -72.40
CA GLU G 479 3.55 -19.08 -73.09
C GLU G 479 2.23 -19.71 -73.50
N GLU G 480 1.24 -19.66 -72.61
CA GLU G 480 -0.05 -20.24 -72.94
C GLU G 480 -1.01 -19.22 -73.51
N GLU G 481 -0.70 -17.94 -73.42
CA GLU G 481 -1.53 -16.93 -74.09
C GLU G 481 -1.35 -17.02 -75.60
N ARG G 482 -0.11 -17.15 -76.07
CA ARG G 482 0.11 -17.40 -77.48
C ARG G 482 -0.57 -18.71 -77.90
N GLU G 483 -0.58 -19.71 -77.02
CA GLU G 483 -1.30 -20.95 -77.30
C GLU G 483 -2.79 -20.70 -77.45
N PHE G 484 -3.37 -19.89 -76.56
CA PHE G 484 -4.77 -19.54 -76.66
C PHE G 484 -5.06 -18.90 -78.01
N ARG G 485 -4.22 -17.95 -78.42
CA ARG G 485 -4.44 -17.29 -79.70
C ARG G 485 -4.31 -18.26 -80.85
N LYS G 486 -3.33 -19.15 -80.80
CA LYS G 486 -3.14 -20.12 -81.87
C LYS G 486 -4.36 -21.04 -82.00
N ILE G 487 -4.88 -21.52 -80.87
CA ILE G 487 -6.06 -22.38 -80.91
C ILE G 487 -7.27 -21.60 -81.41
N SER G 488 -7.41 -20.35 -80.97
CA SER G 488 -8.54 -19.54 -81.41
C SER G 488 -8.51 -19.32 -82.91
N ARG G 489 -7.33 -19.12 -83.49
CA ARG G 489 -7.23 -18.88 -84.92
C ARG G 489 -7.74 -20.04 -85.76
N ASP G 490 -7.86 -21.23 -85.17
CA ASP G 490 -8.33 -22.39 -85.89
C ASP G 490 -9.82 -22.29 -86.21
N ARG G 491 -10.22 -22.92 -87.31
CA ARG G 491 -11.62 -22.99 -87.67
C ARG G 491 -12.30 -24.16 -86.95
N GLY G 492 -13.61 -24.04 -86.78
CA GLY G 492 -14.37 -25.06 -86.07
C GLY G 492 -14.14 -25.06 -84.58
N ILE G 493 -13.67 -23.93 -84.03
CA ILE G 493 -13.39 -23.87 -82.60
C ILE G 493 -14.66 -24.05 -81.79
N ILE G 494 -15.81 -23.65 -82.33
CA ILE G 494 -17.06 -23.79 -81.58
C ILE G 494 -17.37 -25.25 -81.34
N ASP G 495 -17.35 -26.06 -82.39
CA ASP G 495 -17.56 -27.50 -82.23
C ASP G 495 -16.43 -28.13 -81.42
N LYS G 496 -15.20 -27.65 -81.62
CA LYS G 496 -14.08 -28.16 -80.83
C LYS G 496 -14.35 -28.03 -79.35
N ILE G 497 -14.80 -26.85 -78.92
CA ILE G 497 -15.12 -26.63 -77.51
C ILE G 497 -16.32 -27.48 -77.09
N ILE G 498 -17.39 -27.47 -77.89
CA ILE G 498 -18.61 -28.14 -77.49
C ILE G 498 -18.37 -29.64 -77.26
N SER G 499 -17.56 -30.25 -78.13
CA SER G 499 -17.31 -31.68 -78.00
C SER G 499 -16.59 -32.04 -76.71
N SER G 500 -15.99 -31.08 -76.01
CA SER G 500 -15.16 -31.36 -74.85
C SER G 500 -15.87 -31.18 -73.52
N MET G 501 -17.18 -30.95 -73.51
CA MET G 501 -17.92 -30.75 -72.28
C MET G 501 -18.53 -32.05 -71.80
N ALA G 502 -18.42 -32.30 -70.50
CA ALA G 502 -18.97 -33.50 -69.86
C ALA G 502 -18.61 -34.74 -70.67
N PRO G 503 -17.33 -35.10 -70.72
CA PRO G 503 -16.93 -36.27 -71.54
C PRO G 503 -17.57 -37.58 -71.09
N SER G 504 -18.06 -37.65 -69.86
CA SER G 504 -18.58 -38.90 -69.31
C SER G 504 -20.06 -39.09 -69.59
N ILE G 505 -20.65 -38.31 -70.50
CA ILE G 505 -22.06 -38.44 -70.84
C ILE G 505 -22.17 -38.54 -72.36
N TYR G 506 -23.11 -39.37 -72.82
CA TYR G 506 -23.26 -39.67 -74.24
C TYR G 506 -24.43 -38.89 -74.81
N GLY G 507 -24.17 -38.15 -75.89
CA GLY G 507 -25.22 -37.42 -76.58
C GLY G 507 -25.61 -36.14 -75.87
N HIS G 508 -26.82 -35.68 -76.16
CA HIS G 508 -27.38 -34.47 -75.57
C HIS G 508 -26.56 -33.24 -76.01
N ARG G 509 -26.33 -33.15 -77.32
CA ARG G 509 -25.54 -32.05 -77.86
C ARG G 509 -26.22 -30.71 -77.60
N ASP G 510 -27.56 -30.68 -77.65
CA ASP G 510 -28.25 -29.44 -77.33
C ASP G 510 -27.97 -29.01 -75.88
N ILE G 511 -28.01 -29.96 -74.96
CA ILE G 511 -27.68 -29.67 -73.57
C ILE G 511 -26.26 -29.12 -73.48
N LYS G 512 -25.31 -29.77 -74.14
CA LYS G 512 -23.91 -29.37 -74.00
C LYS G 512 -23.67 -27.98 -74.59
N THR G 513 -24.27 -27.69 -75.75
CA THR G 513 -24.08 -26.37 -76.34
C THR G 513 -24.74 -25.29 -75.50
N ALA G 514 -25.92 -25.57 -74.91
CA ALA G 514 -26.53 -24.61 -74.01
C ALA G 514 -25.64 -24.34 -72.81
N VAL G 515 -25.06 -25.40 -72.25
CA VAL G 515 -24.15 -25.23 -71.12
C VAL G 515 -22.96 -24.38 -71.53
N ALA G 516 -22.42 -24.62 -72.72
CA ALA G 516 -21.30 -23.82 -73.21
C ALA G 516 -21.68 -22.35 -73.30
N CYS G 517 -22.82 -22.05 -73.91
CA CYS G 517 -23.22 -20.66 -74.09
C CYS G 517 -23.40 -19.98 -72.73
N SER G 518 -24.10 -20.63 -71.80
CA SER G 518 -24.32 -20.02 -70.49
C SER G 518 -23.04 -19.94 -69.67
N LEU G 519 -22.08 -20.82 -69.92
CA LEU G 519 -20.81 -20.80 -69.21
C LEU G 519 -19.88 -19.71 -69.71
N PHE G 520 -19.90 -19.40 -71.00
CA PHE G 520 -19.16 -18.23 -71.47
C PHE G 520 -19.87 -16.93 -71.11
N GLY G 521 -21.12 -16.76 -71.52
CA GLY G 521 -21.86 -15.56 -71.19
C GLY G 521 -21.55 -14.40 -72.11
N GLY G 522 -22.46 -13.43 -72.12
CA GLY G 522 -22.33 -12.25 -72.95
C GLY G 522 -21.62 -11.11 -72.25
N VAL G 523 -21.96 -9.90 -72.65
CA VAL G 523 -21.38 -8.67 -72.10
C VAL G 523 -22.52 -7.80 -71.59
N PRO G 524 -22.48 -7.34 -70.34
CA PRO G 524 -23.54 -6.46 -69.85
C PRO G 524 -23.49 -5.09 -70.50
N LYS G 525 -24.61 -4.38 -70.44
CA LYS G 525 -24.75 -3.07 -71.03
C LYS G 525 -25.51 -2.15 -70.08
N ASN G 526 -25.30 -0.85 -70.26
CA ASN G 526 -26.01 0.16 -69.47
C ASN G 526 -25.99 1.46 -70.25
N VAL G 527 -27.16 1.93 -70.67
CA VAL G 527 -27.27 3.13 -71.50
C VAL G 527 -27.41 4.33 -70.58
N ASN G 528 -26.45 5.24 -70.65
CA ASN G 528 -26.42 6.47 -69.87
C ASN G 528 -26.57 6.22 -68.38
N GLY G 529 -26.27 5.02 -67.91
CA GLY G 529 -26.44 4.71 -66.50
C GLY G 529 -27.88 4.79 -66.04
N LYS G 530 -28.84 4.61 -66.95
CA LYS G 530 -30.25 4.66 -66.59
C LYS G 530 -31.06 3.58 -67.27
N HIS G 531 -30.42 2.60 -67.90
CA HIS G 531 -31.14 1.51 -68.57
C HIS G 531 -30.19 0.31 -68.62
N SER G 532 -30.41 -0.65 -67.72
CA SER G 532 -29.51 -1.78 -67.58
C SER G 532 -30.01 -2.98 -68.38
N ILE G 533 -29.07 -3.71 -68.97
CA ILE G 533 -29.36 -4.96 -69.67
C ILE G 533 -28.40 -6.02 -69.15
N ARG G 534 -28.95 -7.12 -68.64
CA ARG G 534 -28.12 -8.16 -68.07
C ARG G 534 -27.36 -8.89 -69.18
N GLY G 535 -26.29 -9.56 -68.78
CA GLY G 535 -25.42 -10.24 -69.72
C GLY G 535 -25.25 -11.72 -69.42
N ASP G 536 -26.01 -12.23 -68.46
CA ASP G 536 -25.94 -13.64 -68.10
C ASP G 536 -27.07 -14.42 -68.76
N ILE G 537 -26.75 -15.63 -69.20
CA ILE G 537 -27.68 -16.49 -69.93
C ILE G 537 -28.21 -17.54 -68.98
N ASN G 538 -29.53 -17.67 -68.91
CA ASN G 538 -30.20 -18.58 -67.99
C ASN G 538 -30.73 -19.80 -68.73
N VAL G 539 -30.35 -20.98 -68.24
CA VAL G 539 -30.73 -22.24 -68.85
C VAL G 539 -31.51 -23.07 -67.83
N LEU G 540 -32.59 -23.68 -68.30
CA LEU G 540 -33.41 -24.58 -67.50
C LEU G 540 -33.38 -25.95 -68.14
N LEU G 541 -33.20 -26.99 -67.32
CA LEU G 541 -33.26 -28.37 -67.76
C LEU G 541 -34.55 -28.99 -67.24
N LEU G 542 -35.29 -29.68 -68.09
CA LEU G 542 -36.52 -30.35 -67.71
C LEU G 542 -36.51 -31.72 -68.37
N GLY G 543 -36.22 -32.76 -67.57
CA GLY G 543 -36.07 -34.09 -68.11
C GLY G 543 -36.66 -35.13 -67.18
N ASP G 544 -36.91 -36.31 -67.76
CA ASP G 544 -37.41 -37.45 -67.01
C ASP G 544 -36.29 -38.07 -66.17
N PRO G 545 -36.65 -38.87 -65.17
CA PRO G 545 -35.62 -39.44 -64.29
C PRO G 545 -34.63 -40.29 -65.08
N GLY G 546 -33.39 -40.31 -64.58
CA GLY G 546 -32.33 -41.08 -65.22
C GLY G 546 -31.83 -40.43 -66.49
N THR G 547 -31.30 -39.22 -66.40
CA THR G 547 -30.88 -38.48 -67.58
C THR G 547 -29.55 -37.75 -67.39
N ALA G 548 -28.92 -37.87 -66.21
CA ALA G 548 -27.58 -37.31 -65.97
C ALA G 548 -27.61 -35.79 -65.86
N LYS G 549 -28.78 -35.23 -65.55
CA LYS G 549 -28.87 -33.79 -65.31
C LYS G 549 -27.99 -33.38 -64.13
N SER G 550 -28.06 -34.15 -63.04
CA SER G 550 -27.19 -33.88 -61.90
C SER G 550 -25.72 -34.05 -62.29
N GLN G 551 -25.43 -34.97 -63.20
CA GLN G 551 -24.06 -35.12 -63.66
C GLN G 551 -23.59 -33.87 -64.40
N ILE G 552 -24.46 -33.29 -65.24
CA ILE G 552 -24.13 -32.04 -65.91
C ILE G 552 -23.86 -30.95 -64.87
N LEU G 553 -24.72 -30.86 -63.87
CA LEU G 553 -24.54 -29.84 -62.84
C LEU G 553 -23.22 -30.02 -62.11
N LYS G 554 -22.87 -31.26 -61.76
CA LYS G 554 -21.60 -31.52 -61.08
C LYS G 554 -20.42 -31.15 -61.96
N TYR G 555 -20.49 -31.49 -63.26
CA TYR G 555 -19.41 -31.12 -64.16
C TYR G 555 -19.25 -29.60 -64.22
N VAL G 556 -20.37 -28.88 -64.30
CA VAL G 556 -20.28 -27.41 -64.32
C VAL G 556 -19.66 -26.91 -63.03
N GLU G 557 -20.05 -27.48 -61.90
CA GLU G 557 -19.45 -27.09 -60.63
C GLU G 557 -17.94 -27.28 -60.66
N LYS G 558 -17.47 -28.43 -61.13
CA LYS G 558 -16.04 -28.70 -61.15
C LYS G 558 -15.29 -27.82 -62.14
N THR G 559 -15.94 -27.41 -63.22
CA THR G 559 -15.26 -26.67 -64.29
C THR G 559 -15.27 -25.17 -64.10
N ALA G 560 -16.35 -24.58 -63.60
CA ALA G 560 -16.46 -23.13 -63.56
C ALA G 560 -15.51 -22.54 -62.50
N HIS G 561 -15.22 -21.25 -62.68
CA HIS G 561 -14.34 -20.56 -61.74
C HIS G 561 -15.01 -20.36 -60.39
N ARG G 562 -16.24 -19.85 -60.40
CA ARG G 562 -16.98 -19.54 -59.16
C ARG G 562 -18.38 -20.14 -59.30
N ALA G 563 -18.50 -21.41 -58.94
CA ALA G 563 -19.77 -22.12 -58.98
C ALA G 563 -20.22 -22.44 -57.56
N VAL G 564 -21.48 -22.14 -57.27
CA VAL G 564 -22.04 -22.34 -55.93
C VAL G 564 -23.26 -23.24 -56.03
N PHE G 565 -23.29 -24.30 -55.24
CA PHE G 565 -24.30 -25.34 -55.34
C PHE G 565 -25.37 -25.14 -54.28
N ALA G 566 -26.60 -25.53 -54.61
CA ALA G 566 -27.70 -25.51 -53.66
C ALA G 566 -28.80 -26.42 -54.18
N THR G 567 -29.80 -26.66 -53.33
CA THR G 567 -30.90 -27.54 -53.72
C THR G 567 -32.15 -27.12 -52.95
N GLY G 568 -33.30 -27.47 -53.52
CA GLY G 568 -34.57 -27.27 -52.85
C GLY G 568 -34.95 -28.35 -51.87
N GLN G 569 -34.14 -29.41 -51.78
CA GLN G 569 -34.39 -30.50 -50.85
C GLN G 569 -33.09 -31.26 -50.64
N GLY G 570 -32.88 -31.75 -49.43
CA GLY G 570 -31.68 -32.49 -49.10
C GLY G 570 -30.67 -31.64 -48.35
N ALA G 571 -29.51 -32.25 -48.10
CA ALA G 571 -28.45 -31.57 -47.38
C ALA G 571 -27.63 -30.69 -48.31
N SER G 572 -27.47 -29.42 -47.92
CA SER G 572 -26.67 -28.49 -48.70
C SER G 572 -25.91 -27.59 -47.74
N ALA G 573 -24.66 -27.27 -48.11
CA ALA G 573 -23.81 -26.45 -47.26
C ALA G 573 -24.33 -25.02 -47.12
N VAL G 574 -25.28 -24.59 -47.94
CA VAL G 574 -25.79 -23.23 -47.90
C VAL G 574 -27.20 -23.23 -48.44
N GLY G 575 -28.00 -22.28 -47.94
CA GLY G 575 -29.37 -22.08 -48.39
C GLY G 575 -29.45 -21.11 -49.54
N LEU G 576 -30.61 -20.46 -49.67
CA LEU G 576 -30.84 -19.50 -50.74
C LEU G 576 -31.32 -18.15 -50.25
N THR G 577 -31.48 -17.95 -48.95
CA THR G 577 -32.01 -16.71 -48.40
C THR G 577 -30.99 -16.07 -47.47
N ALA G 578 -30.87 -14.74 -47.56
CA ALA G 578 -30.01 -13.98 -46.67
C ALA G 578 -30.58 -13.98 -45.27
N SER G 579 -29.69 -13.97 -44.28
CA SER G 579 -30.09 -14.12 -42.89
C SER G 579 -28.99 -13.59 -41.98
N VAL G 580 -29.32 -13.52 -40.69
CA VAL G 580 -28.39 -13.11 -39.65
C VAL G 580 -28.33 -14.24 -38.63
N ARG G 581 -27.14 -14.82 -38.46
CA ARG G 581 -26.97 -16.02 -37.64
C ARG G 581 -25.87 -15.81 -36.62
N LYS G 582 -26.00 -16.51 -35.49
CA LYS G 582 -24.93 -16.55 -34.51
C LYS G 582 -23.79 -17.43 -35.03
N ASP G 583 -22.57 -17.06 -34.64
CA ASP G 583 -21.40 -17.83 -35.04
C ASP G 583 -21.21 -19.00 -34.09
N PRO G 584 -21.07 -20.24 -34.60
CA PRO G 584 -20.95 -21.38 -33.67
C PRO G 584 -19.78 -21.26 -32.71
N ILE G 585 -18.66 -20.69 -33.14
CA ILE G 585 -17.44 -20.67 -32.34
C ILE G 585 -17.16 -19.28 -31.76
N THR G 586 -17.17 -18.26 -32.61
CA THR G 586 -16.84 -16.91 -32.13
C THR G 586 -17.97 -16.27 -31.34
N LYS G 587 -19.16 -16.85 -31.35
CA LYS G 587 -20.29 -16.36 -30.55
C LYS G 587 -20.60 -14.90 -30.89
N GLU G 588 -20.64 -14.60 -32.20
CA GLU G 588 -20.91 -13.25 -32.67
C GLU G 588 -21.90 -13.30 -33.83
N TRP G 589 -22.76 -12.29 -33.87
CA TRP G 589 -23.71 -12.16 -34.96
C TRP G 589 -22.99 -11.96 -36.28
N THR G 590 -23.51 -12.59 -37.33
CA THR G 590 -22.96 -12.46 -38.67
C THR G 590 -24.09 -12.36 -39.67
N LEU G 591 -23.83 -11.67 -40.78
CA LEU G 591 -24.79 -11.51 -41.87
C LEU G 591 -24.34 -12.35 -43.04
N GLU G 592 -25.11 -13.36 -43.39
CA GLU G 592 -24.77 -14.29 -44.47
C GLU G 592 -25.84 -14.24 -45.55
N GLY G 593 -25.41 -13.98 -46.78
CA GLY G 593 -26.30 -14.07 -47.91
C GLY G 593 -26.43 -15.50 -48.41
N GLY G 594 -27.40 -15.70 -49.29
CA GLY G 594 -27.63 -17.01 -49.87
C GLY G 594 -26.60 -17.34 -50.93
N ALA G 595 -26.77 -18.52 -51.53
CA ALA G 595 -25.91 -18.91 -52.64
C ALA G 595 -25.97 -17.89 -53.77
N LEU G 596 -27.12 -17.27 -53.99
CA LEU G 596 -27.24 -16.26 -55.04
C LEU G 596 -26.29 -15.10 -54.78
N VAL G 597 -26.30 -14.59 -53.56
CA VAL G 597 -25.38 -13.49 -53.22
C VAL G 597 -23.95 -13.95 -53.29
N LEU G 598 -23.66 -15.15 -52.75
CA LEU G 598 -22.27 -15.60 -52.67
C LEU G 598 -21.69 -15.87 -54.05
N ALA G 599 -22.54 -16.17 -55.04
CA ALA G 599 -22.08 -16.50 -56.39
C ALA G 599 -22.13 -15.29 -57.32
N ASP G 600 -21.90 -14.08 -56.81
CA ASP G 600 -21.91 -12.91 -57.67
C ASP G 600 -20.78 -13.01 -58.70
N LYS G 601 -21.08 -12.59 -59.93
CA LYS G 601 -20.13 -12.73 -61.04
C LYS G 601 -19.67 -14.18 -61.18
N GLY G 602 -20.61 -15.10 -61.04
CA GLY G 602 -20.33 -16.53 -61.13
C GLY G 602 -21.53 -17.29 -61.59
N VAL G 603 -21.64 -18.55 -61.19
CA VAL G 603 -22.73 -19.42 -61.59
C VAL G 603 -23.33 -20.06 -60.34
N CYS G 604 -24.66 -20.07 -60.26
CA CYS G 604 -25.38 -20.72 -59.18
C CYS G 604 -26.09 -21.95 -59.75
N LEU G 605 -25.81 -23.11 -59.18
CA LEU G 605 -26.45 -24.35 -59.58
C LEU G 605 -27.48 -24.74 -58.53
N ILE G 606 -28.69 -25.04 -58.99
CA ILE G 606 -29.79 -25.45 -58.12
C ILE G 606 -30.26 -26.82 -58.57
N ASP G 607 -30.30 -27.77 -57.64
CA ASP G 607 -30.77 -29.11 -57.93
C ASP G 607 -32.19 -29.29 -57.43
N GLU G 608 -33.01 -30.00 -58.20
CA GLU G 608 -34.41 -30.25 -57.85
C GLU G 608 -35.16 -28.93 -57.69
N PHE G 609 -35.24 -28.20 -58.80
CA PHE G 609 -35.79 -26.86 -58.82
C PHE G 609 -37.28 -26.80 -58.50
N ASP G 610 -38.02 -27.89 -58.71
CA ASP G 610 -39.48 -27.84 -58.63
C ASP G 610 -40.05 -28.11 -57.24
N LYS G 611 -39.22 -28.56 -56.29
CA LYS G 611 -39.69 -28.91 -54.95
C LYS G 611 -39.44 -27.80 -53.94
N MET G 612 -39.22 -26.58 -54.40
CA MET G 612 -38.83 -25.49 -53.52
C MET G 612 -40.04 -24.91 -52.79
N ASN G 613 -39.74 -24.15 -51.74
CA ASN G 613 -40.77 -23.55 -50.90
C ASN G 613 -40.92 -22.06 -51.20
N ASP G 614 -41.82 -21.42 -50.44
CA ASP G 614 -42.23 -20.06 -50.74
C ASP G 614 -41.07 -19.08 -50.62
N GLN G 615 -40.33 -19.15 -49.50
CA GLN G 615 -39.24 -18.20 -49.29
C GLN G 615 -38.19 -18.31 -50.39
N ASP G 616 -37.76 -19.53 -50.70
CA ASP G 616 -36.70 -19.72 -51.69
C ASP G 616 -37.17 -19.32 -53.08
N ARG G 617 -38.42 -19.64 -53.42
CA ARG G 617 -38.94 -19.20 -54.72
C ARG G 617 -38.95 -17.68 -54.80
N THR G 618 -39.37 -17.01 -53.72
CA THR G 618 -39.35 -15.55 -53.71
C THR G 618 -37.93 -15.03 -53.90
N SER G 619 -36.96 -15.67 -53.24
CA SER G 619 -35.58 -15.22 -53.35
C SER G 619 -35.07 -15.33 -54.78
N ILE G 620 -35.32 -16.46 -55.45
CA ILE G 620 -34.88 -16.59 -56.83
C ILE G 620 -35.59 -15.58 -57.72
N HIS G 621 -36.89 -15.38 -57.51
CA HIS G 621 -37.61 -14.42 -58.34
C HIS G 621 -36.97 -13.03 -58.21
N GLU G 622 -36.68 -12.62 -56.97
CA GLU G 622 -36.03 -11.34 -56.75
C GLU G 622 -34.68 -11.28 -57.45
N ALA G 623 -33.85 -12.31 -57.25
CA ALA G 623 -32.50 -12.27 -57.80
C ALA G 623 -32.53 -12.21 -59.32
N MET G 624 -33.40 -13.01 -59.95
CA MET G 624 -33.46 -13.04 -61.41
C MET G 624 -34.04 -11.75 -61.98
N GLU G 625 -35.04 -11.17 -61.31
CA GLU G 625 -35.66 -9.97 -61.85
C GLU G 625 -34.79 -8.74 -61.68
N GLN G 626 -34.11 -8.62 -60.54
CA GLN G 626 -33.39 -7.39 -60.22
C GLN G 626 -31.88 -7.58 -60.07
N GLN G 627 -31.42 -8.79 -59.78
CA GLN G 627 -30.00 -9.06 -59.56
C GLN G 627 -29.50 -8.37 -58.29
N SER G 628 -30.41 -8.13 -57.37
CA SER G 628 -30.02 -7.61 -56.05
C SER G 628 -31.01 -8.11 -55.02
N ILE G 629 -30.48 -8.54 -53.89
CA ILE G 629 -31.25 -9.10 -52.78
C ILE G 629 -31.35 -8.05 -51.68
N SER G 630 -32.57 -7.70 -51.30
CA SER G 630 -32.81 -6.78 -50.19
C SER G 630 -32.80 -7.56 -48.89
N ILE G 631 -32.60 -6.84 -47.79
CA ILE G 631 -32.65 -7.45 -46.47
C ILE G 631 -32.97 -6.38 -45.45
N SER G 632 -33.87 -6.71 -44.52
CA SER G 632 -34.26 -5.84 -43.41
C SER G 632 -34.47 -6.73 -42.19
N LYS G 633 -33.41 -6.91 -41.40
CA LYS G 633 -33.45 -7.79 -40.25
C LYS G 633 -32.50 -7.27 -39.18
N ALA G 634 -32.85 -7.53 -37.92
CA ALA G 634 -31.96 -7.26 -36.79
C ALA G 634 -31.34 -5.87 -36.87
N GLY G 635 -32.13 -4.90 -37.32
CA GLY G 635 -31.66 -3.54 -37.43
C GLY G 635 -30.82 -3.25 -38.65
N ILE G 636 -30.59 -4.24 -39.51
CA ILE G 636 -29.80 -4.07 -40.72
C ILE G 636 -30.75 -3.92 -41.89
N VAL G 637 -30.62 -2.82 -42.62
CA VAL G 637 -31.40 -2.56 -43.82
C VAL G 637 -30.42 -2.29 -44.95
N THR G 638 -30.43 -3.15 -45.97
CA THR G 638 -29.45 -2.99 -47.04
C THR G 638 -29.83 -3.84 -48.24
N THR G 639 -29.00 -3.76 -49.27
CA THR G 639 -29.15 -4.47 -50.53
C THR G 639 -27.81 -5.01 -50.97
N LEU G 640 -27.81 -6.19 -51.56
CA LEU G 640 -26.60 -6.89 -51.95
C LEU G 640 -26.67 -7.29 -53.42
N GLN G 641 -25.53 -7.20 -54.11
CA GLN G 641 -25.45 -7.57 -55.51
C GLN G 641 -25.54 -9.09 -55.66
N ALA G 642 -26.28 -9.54 -56.67
CA ALA G 642 -26.50 -10.96 -56.93
C ALA G 642 -26.44 -11.25 -58.42
N ARG G 643 -25.48 -10.64 -59.11
CA ARG G 643 -25.31 -10.84 -60.55
C ARG G 643 -24.67 -12.20 -60.77
N CYS G 644 -25.47 -13.17 -61.19
CA CYS G 644 -25.02 -14.55 -61.35
C CYS G 644 -25.84 -15.22 -62.45
N SER G 645 -25.26 -16.29 -63.01
CA SER G 645 -25.92 -17.12 -64.00
C SER G 645 -26.48 -18.37 -63.33
N ILE G 646 -27.74 -18.67 -63.63
CA ILE G 646 -28.47 -19.74 -62.95
C ILE G 646 -28.58 -20.93 -63.89
N ILE G 647 -28.32 -22.12 -63.36
CA ILE G 647 -28.56 -23.38 -64.05
C ILE G 647 -29.41 -24.24 -63.12
N ALA G 648 -30.54 -24.73 -63.62
CA ALA G 648 -31.51 -25.43 -62.80
C ALA G 648 -31.91 -26.75 -63.43
N ALA G 649 -32.38 -27.67 -62.59
CA ALA G 649 -32.90 -28.94 -63.03
C ALA G 649 -34.22 -29.20 -62.30
N ALA G 650 -35.11 -29.96 -62.95
CA ALA G 650 -36.42 -30.23 -62.39
C ALA G 650 -36.97 -31.49 -63.02
N ASN G 651 -38.16 -31.88 -62.56
CA ASN G 651 -38.90 -33.01 -63.10
C ASN G 651 -40.34 -32.61 -63.37
N PRO G 652 -40.99 -33.21 -64.36
CA PRO G 652 -42.38 -32.86 -64.65
C PRO G 652 -43.34 -33.46 -63.64
N ASN G 653 -44.57 -32.96 -63.66
CA ASN G 653 -45.60 -33.48 -62.77
C ASN G 653 -45.82 -34.96 -63.05
N GLY G 654 -45.81 -35.76 -61.99
CA GLY G 654 -45.98 -37.20 -62.10
C GLY G 654 -44.73 -37.95 -62.48
N GLY G 655 -43.61 -37.27 -62.69
CA GLY G 655 -42.37 -37.93 -63.05
C GLY G 655 -42.23 -38.30 -64.52
N ARG G 656 -43.24 -38.01 -65.33
CA ARG G 656 -43.22 -38.34 -66.75
C ARG G 656 -43.74 -37.15 -67.54
N TYR G 657 -43.06 -36.84 -68.65
CA TYR G 657 -43.44 -35.70 -69.47
C TYR G 657 -44.67 -36.01 -70.31
N ASN G 658 -45.58 -35.05 -70.39
CA ASN G 658 -46.80 -35.17 -71.17
C ASN G 658 -46.65 -34.27 -72.40
N SER G 659 -46.17 -34.86 -73.50
CA SER G 659 -45.93 -34.10 -74.72
C SER G 659 -47.21 -33.59 -75.36
N THR G 660 -48.38 -34.07 -74.92
CA THR G 660 -49.65 -33.63 -75.48
C THR G 660 -50.09 -32.27 -74.95
N LEU G 661 -49.42 -31.73 -73.93
CA LEU G 661 -49.78 -30.47 -73.32
C LEU G 661 -48.61 -29.49 -73.40
N PRO G 662 -48.89 -28.18 -73.36
CA PRO G 662 -47.79 -27.21 -73.37
C PRO G 662 -46.94 -27.31 -72.13
N LEU G 663 -45.69 -26.87 -72.27
CA LEU G 663 -44.74 -26.95 -71.16
C LEU G 663 -45.28 -26.26 -69.91
N ALA G 664 -46.04 -25.18 -70.09
CA ALA G 664 -46.56 -24.44 -68.93
C ALA G 664 -47.37 -25.31 -67.99
N GLN G 665 -48.06 -26.33 -68.51
CA GLN G 665 -48.90 -27.19 -67.70
C GLN G 665 -48.22 -28.50 -67.33
N ASN G 666 -46.98 -28.72 -67.76
CA ASN G 666 -46.23 -29.91 -67.38
C ASN G 666 -45.40 -29.71 -66.13
N VAL G 667 -45.34 -28.50 -65.57
CA VAL G 667 -44.54 -28.20 -64.40
C VAL G 667 -45.35 -27.34 -63.44
N SER G 668 -44.91 -27.34 -62.18
CA SER G 668 -45.55 -26.54 -61.16
C SER G 668 -45.10 -25.08 -61.17
N LEU G 669 -44.06 -24.75 -61.93
CA LEU G 669 -43.55 -23.39 -61.96
C LEU G 669 -44.57 -22.46 -62.63
N THR G 670 -44.44 -21.17 -62.34
CA THR G 670 -45.34 -20.16 -62.84
C THR G 670 -44.66 -19.32 -63.91
N GLU G 671 -45.49 -18.71 -64.76
CA GLU G 671 -44.96 -17.96 -65.90
C GLU G 671 -43.97 -16.87 -65.51
N PRO G 672 -44.17 -16.10 -64.45
CA PRO G 672 -43.17 -15.08 -64.10
C PRO G 672 -41.77 -15.64 -63.93
N ILE G 673 -41.64 -16.84 -63.36
CA ILE G 673 -40.31 -17.42 -63.16
C ILE G 673 -39.87 -18.18 -64.41
N LEU G 674 -40.82 -18.71 -65.17
CA LEU G 674 -40.47 -19.46 -66.39
C LEU G 674 -40.03 -18.54 -67.52
N SER G 675 -40.47 -17.29 -67.55
CA SER G 675 -40.13 -16.39 -68.63
C SER G 675 -38.77 -15.74 -68.47
N ARG G 676 -38.16 -15.84 -67.30
CA ARG G 676 -36.84 -15.26 -67.07
C ARG G 676 -35.71 -16.14 -67.59
N PHE G 677 -36.01 -17.36 -68.04
CA PHE G 677 -35.01 -18.20 -68.66
C PHE G 677 -34.96 -17.90 -70.15
N ASP G 678 -33.82 -18.23 -70.76
CA ASP G 678 -33.62 -18.02 -72.19
C ASP G 678 -33.21 -19.26 -72.95
N ILE G 679 -32.80 -20.33 -72.26
CA ILE G 679 -32.53 -21.62 -72.91
C ILE G 679 -33.28 -22.70 -72.15
N LEU G 680 -34.46 -23.06 -72.62
CA LEU G 680 -35.25 -24.13 -72.03
C LEU G 680 -34.97 -25.42 -72.78
N CYS G 681 -34.41 -26.41 -72.09
CA CYS G 681 -34.10 -27.71 -72.68
C CYS G 681 -35.07 -28.73 -72.11
N VAL G 682 -35.71 -29.47 -73.01
CA VAL G 682 -36.67 -30.51 -72.64
C VAL G 682 -36.10 -31.85 -73.11
N VAL G 683 -35.98 -32.79 -72.19
CA VAL G 683 -35.44 -34.12 -72.48
C VAL G 683 -36.55 -35.13 -72.26
N ARG G 684 -36.83 -35.92 -73.29
CA ARG G 684 -37.86 -36.94 -73.26
C ARG G 684 -37.21 -38.31 -73.33
N ASP G 685 -37.65 -39.23 -72.47
CA ASP G 685 -37.10 -40.58 -72.42
C ASP G 685 -37.83 -41.49 -73.42
N LEU G 686 -37.91 -41.05 -74.67
CA LEU G 686 -38.50 -41.88 -75.70
C LEU G 686 -37.63 -43.10 -75.95
N VAL G 687 -38.27 -44.25 -76.12
CA VAL G 687 -37.57 -45.52 -76.27
C VAL G 687 -37.18 -45.69 -77.73
N ASP G 688 -35.89 -45.92 -77.97
CA ASP G 688 -35.38 -46.20 -79.30
C ASP G 688 -34.25 -47.22 -79.21
N GLU G 689 -34.29 -48.19 -80.11
CA GLU G 689 -33.35 -49.31 -80.03
C GLU G 689 -31.91 -48.82 -80.11
N GLU G 690 -31.52 -48.26 -81.26
CA GLU G 690 -30.11 -47.90 -81.47
C GLU G 690 -29.57 -47.06 -80.32
N ALA G 691 -30.34 -46.07 -79.88
CA ALA G 691 -29.93 -45.27 -78.73
C ALA G 691 -29.73 -46.15 -77.51
N ASP G 692 -30.63 -47.12 -77.29
CA ASP G 692 -30.49 -48.00 -76.14
C ASP G 692 -29.19 -48.79 -76.21
N GLU G 693 -28.87 -49.37 -77.38
CA GLU G 693 -27.62 -50.11 -77.46
C GLU G 693 -26.42 -49.20 -77.20
N ARG G 694 -26.40 -48.00 -77.79
CA ARG G 694 -25.26 -47.12 -77.60
C ARG G 694 -25.08 -46.77 -76.13
N LEU G 695 -26.17 -46.39 -75.46
CA LEU G 695 -26.06 -46.00 -74.06
C LEU G 695 -25.65 -47.19 -73.19
N ALA G 696 -26.22 -48.37 -73.46
CA ALA G 696 -25.91 -49.54 -72.66
C ALA G 696 -24.45 -49.94 -72.81
N THR G 697 -23.94 -49.96 -74.04
CA THR G 697 -22.52 -50.28 -74.23
C THR G 697 -21.65 -49.23 -73.55
N PHE G 698 -22.02 -47.96 -73.65
CA PHE G 698 -21.28 -46.91 -72.95
C PHE G 698 -21.16 -47.23 -71.47
N VAL G 699 -22.31 -47.48 -70.82
CA VAL G 699 -22.32 -47.65 -69.37
C VAL G 699 -21.56 -48.91 -68.97
N VAL G 700 -21.82 -50.01 -69.66
CA VAL G 700 -21.18 -51.28 -69.27
C VAL G 700 -19.67 -51.20 -69.48
N ASP G 701 -19.23 -50.58 -70.59
CA ASP G 701 -17.81 -50.44 -70.83
C ASP G 701 -17.16 -49.56 -69.78
N SER G 702 -17.85 -48.49 -69.37
CA SER G 702 -17.34 -47.65 -68.30
C SER G 702 -17.16 -48.46 -67.02
N HIS G 703 -18.16 -49.27 -66.67
CA HIS G 703 -18.07 -50.07 -65.46
C HIS G 703 -16.89 -51.05 -65.53
N VAL G 704 -16.74 -51.73 -66.66
CA VAL G 704 -15.68 -52.73 -66.75
C VAL G 704 -14.32 -52.06 -66.71
N ARG G 705 -14.18 -50.87 -67.29
CA ARG G 705 -12.91 -50.15 -67.12
C ARG G 705 -12.69 -49.81 -65.65
N SER G 706 -13.73 -49.32 -64.97
CA SER G 706 -13.59 -48.88 -63.59
C SER G 706 -13.44 -50.03 -62.61
N HIS G 707 -13.59 -51.30 -63.05
CA HIS G 707 -13.31 -52.45 -62.17
C HIS G 707 -11.85 -52.42 -61.71
N PRO G 708 -11.59 -52.54 -60.39
CA PRO G 708 -10.20 -52.63 -59.93
C PRO G 708 -9.53 -53.91 -60.39
N GLU G 709 -8.31 -54.15 -59.97
CA GLU G 709 -7.58 -55.35 -60.36
C GLU G 709 -7.35 -55.37 -61.87
N SER G 756 -9.71 -34.97 -80.12
CA SER G 756 -10.48 -33.80 -80.53
C SER G 756 -10.64 -32.79 -79.39
N PRO G 757 -11.27 -33.19 -78.29
CA PRO G 757 -11.59 -32.22 -77.24
C PRO G 757 -10.33 -31.59 -76.64
N ILE G 758 -10.44 -30.31 -76.28
CA ILE G 758 -9.32 -29.62 -75.67
C ILE G 758 -9.05 -30.22 -74.30
N PRO G 759 -7.80 -30.27 -73.81
CA PRO G 759 -7.57 -30.71 -72.44
C PRO G 759 -8.29 -29.80 -71.44
N GLN G 760 -8.80 -30.40 -70.38
CA GLN G 760 -9.61 -29.66 -69.41
C GLN G 760 -8.78 -28.59 -68.71
N GLU G 761 -7.52 -28.92 -68.38
CA GLU G 761 -6.68 -27.97 -67.67
C GLU G 761 -6.49 -26.70 -68.49
N LEU G 762 -6.20 -26.84 -69.78
CA LEU G 762 -6.14 -25.66 -70.65
C LEU G 762 -7.50 -25.02 -70.83
N LEU G 763 -8.56 -25.82 -70.82
CA LEU G 763 -9.89 -25.29 -71.07
C LEU G 763 -10.31 -24.30 -70.00
N MET G 764 -10.06 -24.62 -68.73
CA MET G 764 -10.50 -23.70 -67.68
C MET G 764 -9.79 -22.35 -67.82
N LYS G 765 -8.48 -22.39 -68.09
CA LYS G 765 -7.74 -21.14 -68.30
C LYS G 765 -8.26 -20.41 -69.52
N TYR G 766 -8.64 -21.14 -70.57
CA TYR G 766 -9.22 -20.52 -71.75
C TYR G 766 -10.49 -19.74 -71.38
N ILE G 767 -11.37 -20.39 -70.60
CA ILE G 767 -12.60 -19.73 -70.16
C ILE G 767 -12.26 -18.46 -69.40
N HIS G 768 -11.36 -18.57 -68.42
CA HIS G 768 -11.06 -17.43 -67.57
C HIS G 768 -10.48 -16.28 -68.39
N TYR G 769 -9.52 -16.58 -69.26
CA TYR G 769 -8.88 -15.53 -70.05
C TYR G 769 -9.88 -14.86 -70.98
N ALA G 770 -10.73 -15.65 -71.65
CA ALA G 770 -11.71 -15.06 -72.54
C ALA G 770 -12.66 -14.15 -71.77
N ARG G 771 -13.24 -14.65 -70.67
CA ARG G 771 -14.15 -13.83 -69.89
C ARG G 771 -13.48 -12.56 -69.39
N THR G 772 -12.19 -12.63 -69.07
CA THR G 772 -11.50 -11.46 -68.55
C THR G 772 -11.16 -10.44 -69.64
N LYS G 773 -10.87 -10.89 -70.85
CA LYS G 773 -10.22 -10.04 -71.83
C LYS G 773 -11.02 -9.78 -73.11
N ILE G 774 -12.21 -10.35 -73.27
CA ILE G 774 -12.94 -10.24 -74.53
C ILE G 774 -14.26 -9.50 -74.29
N TYR G 775 -14.59 -8.57 -75.19
CA TYR G 775 -15.83 -7.81 -75.13
C TYR G 775 -16.28 -7.52 -76.56
N PRO G 776 -16.88 -8.50 -77.24
CA PRO G 776 -17.25 -8.29 -78.64
C PRO G 776 -18.28 -7.18 -78.81
N LYS G 777 -18.37 -6.67 -80.04
CA LYS G 777 -19.28 -5.59 -80.39
C LYS G 777 -20.14 -6.03 -81.59
N LEU G 778 -20.92 -5.08 -82.12
CA LEU G 778 -21.89 -5.35 -83.17
C LEU G 778 -21.60 -4.47 -84.38
N HIS G 779 -22.06 -4.94 -85.54
CA HIS G 779 -21.98 -4.19 -86.79
C HIS G 779 -23.38 -3.86 -87.29
N GLN G 780 -23.56 -2.60 -87.70
CA GLN G 780 -24.88 -2.09 -88.08
C GLN G 780 -25.37 -2.64 -89.43
N MET G 781 -24.65 -3.57 -90.05
CA MET G 781 -25.07 -4.10 -91.35
C MET G 781 -25.93 -5.36 -91.24
N ASP G 782 -26.20 -5.86 -90.03
CA ASP G 782 -27.02 -7.05 -89.84
C ASP G 782 -28.44 -6.72 -89.38
N MET G 783 -28.74 -5.43 -89.20
CA MET G 783 -30.06 -5.04 -88.69
C MET G 783 -31.17 -5.52 -89.63
N ASP G 784 -30.96 -5.44 -90.93
CA ASP G 784 -31.98 -5.87 -91.88
C ASP G 784 -32.30 -7.34 -91.68
N LYS G 785 -31.27 -8.18 -91.65
CA LYS G 785 -31.47 -9.61 -91.43
C LYS G 785 -32.21 -9.87 -90.13
N VAL G 786 -31.73 -9.28 -89.03
CA VAL G 786 -32.32 -9.57 -87.73
C VAL G 786 -33.78 -9.12 -87.69
N SER G 787 -34.07 -7.93 -88.20
CA SER G 787 -35.44 -7.43 -88.17
C SER G 787 -36.36 -8.28 -89.03
N ARG G 788 -35.90 -8.69 -90.22
CA ARG G 788 -36.72 -9.54 -91.06
C ARG G 788 -37.04 -10.85 -90.36
N VAL G 789 -36.02 -11.46 -89.74
CA VAL G 789 -36.25 -12.71 -89.03
C VAL G 789 -37.26 -12.51 -87.90
N TYR G 790 -37.10 -11.44 -87.12
CA TYR G 790 -38.01 -11.22 -86.00
C TYR G 790 -39.44 -11.02 -86.48
N ALA G 791 -39.62 -10.25 -87.55
CA ALA G 791 -40.96 -10.07 -88.09
C ALA G 791 -41.56 -11.38 -88.56
N ASP G 792 -40.76 -12.21 -89.22
CA ASP G 792 -41.27 -13.49 -89.70
C ASP G 792 -41.71 -14.37 -88.53
N LEU G 793 -40.88 -14.47 -87.50
CA LEU G 793 -41.26 -15.27 -86.34
C LEU G 793 -42.52 -14.74 -85.67
N ARG G 794 -42.62 -13.42 -85.50
CA ARG G 794 -43.84 -12.86 -84.92
C ARG G 794 -45.06 -13.26 -85.73
N ARG G 795 -44.98 -13.09 -87.06
CA ARG G 795 -46.13 -13.40 -87.91
C ARG G 795 -46.54 -14.86 -87.79
N GLU G 796 -45.57 -15.78 -87.91
CA GLU G 796 -45.90 -17.19 -87.86
C GLU G 796 -46.46 -17.58 -86.49
N SER G 797 -45.86 -17.07 -85.41
CA SER G 797 -46.34 -17.41 -84.08
C SER G 797 -47.76 -16.94 -83.87
N ILE G 798 -48.07 -15.69 -84.25
CA ILE G 798 -49.44 -15.21 -84.07
C ILE G 798 -50.39 -15.98 -84.95
N SER G 799 -49.96 -16.37 -86.16
CA SER G 799 -50.82 -17.14 -87.03
C SER G 799 -51.16 -18.50 -86.43
N THR G 800 -50.18 -19.17 -85.83
CA THR G 800 -50.39 -20.50 -85.28
C THR G 800 -50.94 -20.48 -83.85
N GLY G 801 -51.02 -19.31 -83.22
CA GLY G 801 -51.60 -19.24 -81.89
C GLY G 801 -50.81 -19.96 -80.82
N SER G 802 -49.49 -19.82 -80.84
CA SER G 802 -48.60 -20.44 -79.86
C SER G 802 -48.31 -19.45 -78.74
N PHE G 803 -47.34 -19.79 -77.88
CA PHE G 803 -46.86 -18.82 -76.92
C PHE G 803 -46.33 -17.60 -77.65
N PRO G 804 -46.64 -16.39 -77.18
CA PRO G 804 -46.24 -15.19 -77.93
C PRO G 804 -44.72 -15.09 -78.05
N ILE G 805 -44.28 -14.61 -79.21
CA ILE G 805 -42.87 -14.26 -79.42
C ILE G 805 -42.71 -12.79 -79.07
N THR G 806 -41.78 -12.50 -78.16
CA THR G 806 -41.58 -11.15 -77.66
C THR G 806 -40.10 -10.80 -77.71
N VAL G 807 -39.84 -9.49 -77.68
CA VAL G 807 -38.47 -8.99 -77.84
C VAL G 807 -37.50 -9.60 -76.85
N ARG G 808 -38.00 -10.25 -75.79
CA ARG G 808 -37.11 -11.01 -74.93
C ARG G 808 -36.32 -12.04 -75.74
N HIS G 809 -36.98 -12.67 -76.71
CA HIS G 809 -36.30 -13.64 -77.55
C HIS G 809 -35.23 -12.98 -78.40
N LEU G 810 -35.51 -11.79 -78.94
CA LEU G 810 -34.51 -11.06 -79.71
C LEU G 810 -33.30 -10.72 -78.85
N GLU G 811 -33.55 -10.26 -77.63
CA GLU G 811 -32.45 -9.96 -76.72
C GLU G 811 -31.63 -11.21 -76.42
N SER G 812 -32.31 -12.34 -76.24
CA SER G 812 -31.59 -13.59 -76.01
C SER G 812 -30.74 -13.97 -77.22
N ILE G 813 -31.28 -13.76 -78.42
CA ILE G 813 -30.50 -14.04 -79.63
C ILE G 813 -29.24 -13.21 -79.67
N LEU G 814 -29.37 -11.91 -79.38
CA LEU G 814 -28.20 -11.04 -79.40
C LEU G 814 -27.19 -11.46 -78.34
N ARG G 815 -27.67 -11.81 -77.14
CA ARG G 815 -26.76 -12.23 -76.08
C ARG G 815 -26.01 -13.50 -76.46
N ILE G 816 -26.72 -14.46 -77.06
CA ILE G 816 -26.10 -15.73 -77.43
C ILE G 816 -25.10 -15.52 -78.55
N ALA G 817 -25.41 -14.65 -79.51
CA ALA G 817 -24.45 -14.32 -80.55
C ALA G 817 -23.21 -13.66 -79.94
N GLU G 818 -23.41 -12.80 -78.95
CA GLU G 818 -22.29 -12.19 -78.25
C GLU G 818 -21.40 -13.27 -77.62
N SER G 819 -22.01 -14.23 -76.94
CA SER G 819 -21.24 -15.30 -76.32
C SER G 819 -20.49 -16.12 -77.37
N PHE G 820 -21.15 -16.43 -78.49
CA PHE G 820 -20.51 -17.20 -79.55
C PHE G 820 -19.29 -16.47 -80.10
N ALA G 821 -19.45 -15.17 -80.37
CA ALA G 821 -18.29 -14.39 -80.82
C ALA G 821 -17.19 -14.39 -79.78
N LYS G 822 -17.57 -14.29 -78.49
CA LYS G 822 -16.57 -14.31 -77.44
C LYS G 822 -15.76 -15.60 -77.46
N MET G 823 -16.40 -16.75 -77.67
CA MET G 823 -15.67 -18.01 -77.56
C MET G 823 -14.57 -18.11 -78.62
N ARG G 824 -14.69 -17.36 -79.71
CA ARG G 824 -13.67 -17.36 -80.75
C ARG G 824 -12.53 -16.40 -80.47
N LEU G 825 -12.59 -15.65 -79.36
CA LEU G 825 -11.61 -14.63 -79.02
C LEU G 825 -11.66 -13.43 -79.96
N SER G 826 -12.58 -13.42 -80.92
CA SER G 826 -12.70 -12.31 -81.85
C SER G 826 -13.26 -11.08 -81.13
N GLU G 827 -13.21 -9.96 -81.82
CA GLU G 827 -13.70 -8.69 -81.29
C GLU G 827 -15.02 -8.25 -81.90
N PHE G 828 -15.51 -8.96 -82.92
CA PHE G 828 -16.73 -8.58 -83.63
C PHE G 828 -17.62 -9.80 -83.79
N VAL G 829 -18.92 -9.53 -83.95
CA VAL G 829 -19.93 -10.57 -84.11
C VAL G 829 -20.12 -10.84 -85.59
N SER G 830 -20.17 -12.11 -85.96
CA SER G 830 -20.24 -12.51 -87.36
C SER G 830 -21.61 -13.10 -87.70
N SER G 831 -21.93 -13.06 -88.99
CA SER G 831 -23.18 -13.64 -89.48
C SER G 831 -23.29 -15.12 -89.11
N TYR G 832 -22.16 -15.83 -89.05
CA TYR G 832 -22.19 -17.21 -88.61
C TYR G 832 -22.69 -17.32 -87.18
N ASP G 833 -22.19 -16.45 -86.29
CA ASP G 833 -22.64 -16.46 -84.91
C ASP G 833 -24.12 -16.11 -84.83
N LEU G 834 -24.57 -15.13 -85.62
CA LEU G 834 -25.99 -14.81 -85.64
C LEU G 834 -26.81 -16.01 -86.07
N ASP G 835 -26.34 -16.74 -87.08
CA ASP G 835 -27.05 -17.93 -87.54
C ASP G 835 -27.14 -18.97 -86.42
N ARG G 836 -26.04 -19.22 -85.71
CA ARG G 836 -26.06 -20.21 -84.64
C ARG G 836 -27.03 -19.80 -83.54
N ALA G 837 -27.01 -18.52 -83.15
CA ALA G 837 -27.92 -18.06 -82.10
C ALA G 837 -29.37 -18.19 -82.54
N ILE G 838 -29.66 -17.84 -83.80
CA ILE G 838 -31.01 -18.02 -84.34
C ILE G 838 -31.41 -19.48 -84.24
N LYS G 839 -30.52 -20.37 -84.66
CA LYS G 839 -30.79 -21.80 -84.57
C LYS G 839 -31.17 -22.20 -83.15
N VAL G 840 -30.34 -21.82 -82.17
CA VAL G 840 -30.55 -22.28 -80.81
C VAL G 840 -31.89 -21.75 -80.27
N VAL G 841 -32.12 -20.45 -80.42
CA VAL G 841 -33.32 -19.86 -79.84
C VAL G 841 -34.58 -20.42 -80.50
N VAL G 842 -34.58 -20.51 -81.84
CA VAL G 842 -35.77 -20.98 -82.54
C VAL G 842 -36.05 -22.44 -82.17
N ASP G 843 -35.01 -23.27 -82.14
CA ASP G 843 -35.21 -24.67 -81.78
C ASP G 843 -35.76 -24.79 -80.37
N SER G 844 -35.20 -24.02 -79.43
CA SER G 844 -35.69 -24.08 -78.06
C SER G 844 -37.15 -23.68 -77.98
N PHE G 845 -37.54 -22.61 -78.67
CA PHE G 845 -38.93 -22.17 -78.62
C PHE G 845 -39.85 -23.23 -79.23
N VAL G 846 -39.50 -23.77 -80.38
CA VAL G 846 -40.41 -24.68 -81.06
C VAL G 846 -40.55 -25.98 -80.28
N ASP G 847 -39.46 -26.47 -79.68
CA ASP G 847 -39.50 -27.78 -79.03
C ASP G 847 -40.45 -27.80 -77.83
N ALA G 848 -40.85 -26.65 -77.30
CA ALA G 848 -41.63 -26.58 -76.07
C ALA G 848 -43.13 -26.49 -76.32
N GLN G 849 -43.58 -26.72 -77.54
CA GLN G 849 -44.99 -26.65 -77.89
C GLN G 849 -45.60 -28.04 -77.92
N LYS G 850 -46.93 -28.09 -77.90
CA LYS G 850 -47.65 -29.35 -78.01
C LYS G 850 -47.41 -29.95 -79.40
N VAL G 851 -47.96 -31.15 -79.60
CA VAL G 851 -47.57 -31.94 -80.78
C VAL G 851 -48.03 -31.26 -82.07
N SER G 852 -49.30 -30.86 -82.13
CA SER G 852 -49.82 -30.29 -83.37
C SER G 852 -49.12 -28.98 -83.72
N VAL G 853 -49.00 -28.08 -82.74
CA VAL G 853 -48.35 -26.80 -82.97
C VAL G 853 -46.89 -27.02 -83.36
N ARG G 854 -46.21 -27.93 -82.68
CA ARG G 854 -44.82 -28.21 -82.99
C ARG G 854 -44.66 -28.70 -84.42
N ARG G 855 -45.51 -29.64 -84.84
CA ARG G 855 -45.43 -30.15 -86.20
C ARG G 855 -45.71 -29.05 -87.21
N GLN G 856 -46.69 -28.19 -86.92
CA GLN G 856 -46.98 -27.09 -87.83
C GLN G 856 -45.78 -26.15 -87.96
N LEU G 857 -45.14 -25.82 -86.84
CA LEU G 857 -44.03 -24.87 -86.88
C LEU G 857 -42.76 -25.47 -87.48
N ARG G 858 -42.59 -26.79 -87.40
CA ARG G 858 -41.39 -27.40 -87.98
C ARG G 858 -41.29 -27.08 -89.48
N ARG G 859 -42.40 -27.26 -90.21
CA ARG G 859 -42.39 -26.95 -91.63
C ARG G 859 -42.14 -25.47 -91.88
N SER G 860 -42.80 -24.59 -91.10
CA SER G 860 -42.68 -23.17 -91.32
C SER G 860 -41.24 -22.70 -91.15
N PHE G 861 -40.56 -23.15 -90.10
CA PHE G 861 -39.19 -22.76 -89.82
C PHE G 861 -38.19 -23.81 -90.27
N ALA G 862 -38.47 -24.49 -91.37
CA ALA G 862 -37.55 -25.50 -91.90
C ALA G 862 -36.31 -24.88 -92.54
N ILE G 863 -36.26 -23.56 -92.72
CA ILE G 863 -35.05 -22.93 -93.22
C ILE G 863 -33.88 -23.22 -92.29
N TYR G 864 -34.17 -23.47 -91.01
CA TYR G 864 -33.13 -23.64 -90.01
C TYR G 864 -33.21 -25.03 -89.39
N ALA H 51 -21.12 23.37 7.73
CA ALA H 51 -21.27 24.71 8.29
C ALA H 51 -22.00 25.61 7.30
N PRO H 52 -22.53 26.74 7.77
CA PRO H 52 -23.26 27.65 6.88
C PRO H 52 -22.35 28.17 5.78
N ASP H 53 -22.94 28.41 4.61
CA ASP H 53 -22.21 28.88 3.43
C ASP H 53 -22.83 30.18 2.93
N ALA H 54 -21.98 31.16 2.64
CA ALA H 54 -22.46 32.48 2.26
C ALA H 54 -23.23 32.44 0.94
N VAL H 55 -22.70 31.74 -0.07
CA VAL H 55 -23.39 31.67 -1.35
C VAL H 55 -24.71 30.92 -1.21
N PHE H 56 -24.72 29.86 -0.40
CA PHE H 56 -25.95 29.12 -0.15
C PHE H 56 -27.00 30.05 0.45
N GLY H 57 -26.63 30.81 1.48
CA GLY H 57 -27.57 31.74 2.08
C GLY H 57 -28.04 32.81 1.10
N ASP H 58 -27.13 33.32 0.27
CA ASP H 58 -27.50 34.33 -0.70
C ASP H 58 -28.52 33.79 -1.69
N ARG H 59 -28.31 32.57 -2.18
CA ARG H 59 -29.26 31.96 -3.10
C ARG H 59 -30.60 31.72 -2.42
N VAL H 60 -30.58 31.31 -1.16
CA VAL H 60 -31.82 31.13 -0.42
C VAL H 60 -32.57 32.46 -0.36
N ARG H 61 -31.86 33.54 -0.05
CA ARG H 61 -32.50 34.84 0.03
C ARG H 61 -33.09 35.25 -1.31
N ARG H 62 -32.35 35.02 -2.40
CA ARG H 62 -32.84 35.41 -3.71
C ARG H 62 -34.10 34.64 -4.08
N PHE H 63 -34.12 33.33 -3.82
CA PHE H 63 -35.33 32.57 -4.15
C PHE H 63 -36.49 32.96 -3.24
N GLN H 64 -36.20 33.34 -2.00
CA GLN H 64 -37.24 33.89 -1.14
C GLN H 64 -37.83 35.15 -1.76
N GLU H 65 -36.98 36.01 -2.30
CA GLU H 65 -37.49 37.21 -2.97
C GLU H 65 -38.36 36.83 -4.17
N PHE H 66 -37.94 35.80 -4.91
CA PHE H 66 -38.75 35.34 -6.05
C PHE H 66 -40.14 34.91 -5.61
N LEU H 67 -40.20 34.06 -4.58
CA LEU H 67 -41.48 33.60 -4.08
C LEU H 67 -42.30 34.75 -3.50
N ASP H 68 -41.63 35.77 -2.98
CA ASP H 68 -42.37 36.94 -2.49
C ASP H 68 -42.98 37.73 -3.63
N THR H 69 -42.24 37.90 -4.72
CA THR H 69 -42.76 38.71 -5.83
C THR H 69 -43.86 37.97 -6.59
N PHE H 70 -43.82 36.64 -6.61
CA PHE H 70 -44.89 35.85 -7.22
C PHE H 70 -45.75 35.23 -6.13
N THR H 71 -47.07 35.40 -6.25
CA THR H 71 -48.00 35.15 -5.15
C THR H 71 -48.93 33.97 -5.40
N SER H 72 -48.69 33.16 -6.44
CA SER H 72 -49.52 31.99 -6.65
C SER H 72 -49.07 30.83 -5.77
N TYR H 73 -47.75 30.65 -5.63
CA TYR H 73 -47.24 29.48 -4.93
C TYR H 73 -47.52 29.54 -3.45
N ARG H 74 -47.48 30.74 -2.86
CA ARG H 74 -47.79 30.85 -1.44
C ARG H 74 -49.21 30.40 -1.16
N ASP H 75 -50.17 30.87 -1.96
CA ASP H 75 -51.56 30.46 -1.74
C ASP H 75 -51.76 28.99 -2.07
N SER H 76 -51.01 28.44 -3.03
CA SER H 76 -51.10 27.01 -3.29
C SER H 76 -50.65 26.19 -2.08
N VAL H 77 -49.53 26.58 -1.48
CA VAL H 77 -49.05 25.90 -0.28
C VAL H 77 -50.06 26.03 0.85
N ARG H 78 -50.62 27.23 1.02
CA ARG H 78 -51.64 27.43 2.04
C ARG H 78 -52.83 26.51 1.79
N SER H 79 -53.24 26.35 0.53
CA SER H 79 -54.36 25.49 0.22
C SER H 79 -54.05 24.04 0.56
N ILE H 80 -52.85 23.57 0.24
CA ILE H 80 -52.49 22.19 0.55
C ILE H 80 -52.55 21.96 2.05
N GLN H 81 -51.93 22.86 2.83
CA GLN H 81 -51.94 22.69 4.27
C GLN H 81 -53.35 22.76 4.84
N VAL H 82 -54.17 23.68 4.32
CA VAL H 82 -55.54 23.79 4.79
C VAL H 82 -56.30 22.50 4.53
N TYR H 83 -56.14 21.94 3.32
CA TYR H 83 -56.85 20.70 3.00
C TYR H 83 -56.43 19.59 3.94
N ASN H 84 -55.13 19.42 4.14
CA ASN H 84 -54.68 18.33 5.02
C ASN H 84 -55.19 18.52 6.45
N SER H 85 -55.09 19.74 6.99
CA SER H 85 -55.56 19.98 8.35
C SER H 85 -57.05 19.72 8.47
N ASN H 86 -57.84 20.21 7.51
CA ASN H 86 -59.29 20.02 7.57
C ASN H 86 -59.66 18.54 7.49
N ASN H 87 -59.02 17.79 6.59
CA ASN H 87 -59.37 16.40 6.39
C ASN H 87 -58.74 15.47 7.42
N ALA H 88 -57.83 15.96 8.25
CA ALA H 88 -57.29 15.16 9.34
C ALA H 88 -57.09 15.99 10.60
N ASN H 125 -57.15 10.94 4.14
CA ASN H 125 -56.37 11.27 2.95
C ASN H 125 -55.43 12.43 3.24
N ILE H 126 -54.27 12.44 2.58
CA ILE H 126 -53.25 13.46 2.77
C ILE H 126 -52.62 13.76 1.41
N LEU H 127 -52.27 15.03 1.20
CA LEU H 127 -51.59 15.42 -0.03
C LEU H 127 -50.09 15.54 0.19
N PRO H 128 -49.29 15.29 -0.84
CA PRO H 128 -47.84 15.42 -0.69
C PRO H 128 -47.40 16.88 -0.63
N HIS H 129 -46.21 17.08 -0.08
CA HIS H 129 -45.65 18.42 0.11
C HIS H 129 -44.80 18.77 -1.11
N ARG H 130 -45.48 19.20 -2.18
CA ARG H 130 -44.80 19.48 -3.43
C ARG H 130 -45.58 20.56 -4.16
N ILE H 131 -44.87 21.36 -4.95
CA ILE H 131 -45.50 22.36 -5.82
C ILE H 131 -44.74 22.43 -7.13
N ILE H 132 -45.27 23.23 -8.06
CA ILE H 132 -44.74 23.35 -9.42
C ILE H 132 -44.42 24.81 -9.68
N ILE H 133 -43.38 25.06 -10.47
CA ILE H 133 -42.88 26.40 -10.73
C ILE H 133 -42.81 26.60 -12.24
N SER H 134 -42.88 27.86 -12.66
CA SER H 134 -42.86 28.23 -14.07
C SER H 134 -41.47 28.74 -14.46
N LEU H 135 -40.77 27.96 -15.28
CA LEU H 135 -39.47 28.39 -15.78
C LEU H 135 -39.55 29.69 -16.56
N ASP H 136 -40.66 29.95 -17.25
CA ASP H 136 -40.81 31.22 -17.94
C ASP H 136 -40.85 32.38 -16.95
N ASP H 137 -41.58 32.23 -15.85
CA ASP H 137 -41.60 33.26 -14.82
C ASP H 137 -40.21 33.43 -14.22
N LEU H 138 -39.50 32.33 -13.98
CA LEU H 138 -38.15 32.45 -13.47
C LEU H 138 -37.25 33.22 -14.42
N ARG H 139 -37.35 32.92 -15.72
CA ARG H 139 -36.56 33.64 -16.71
C ARG H 139 -36.90 35.13 -16.70
N GLU H 140 -38.19 35.46 -16.67
CA GLU H 140 -38.58 36.86 -16.67
C GLU H 140 -38.08 37.58 -15.43
N PHE H 141 -38.06 36.88 -14.29
CA PHE H 141 -37.65 37.51 -13.04
C PHE H 141 -36.14 37.68 -12.96
N ASP H 142 -35.39 36.58 -13.03
CA ASP H 142 -33.93 36.62 -12.88
C ASP H 142 -33.33 35.66 -13.90
N ARG H 143 -32.73 36.21 -14.95
CA ARG H 143 -32.09 35.36 -15.95
C ARG H 143 -30.94 34.56 -15.36
N SER H 144 -30.18 35.17 -14.44
CA SER H 144 -29.03 34.47 -13.86
C SER H 144 -29.47 33.23 -13.11
N PHE H 145 -30.47 33.34 -12.24
CA PHE H 145 -30.96 32.19 -11.51
C PHE H 145 -31.59 31.16 -12.47
N TRP H 146 -32.27 31.65 -13.50
CA TRP H 146 -32.84 30.75 -14.50
C TRP H 146 -31.75 29.87 -15.13
N SER H 147 -30.69 30.49 -15.63
CA SER H 147 -29.59 29.73 -16.21
C SER H 147 -28.92 28.86 -15.15
N GLY H 148 -28.85 29.34 -13.91
CA GLY H 148 -28.24 28.54 -12.87
C GLY H 148 -28.99 27.24 -12.63
N ILE H 149 -30.31 27.31 -12.54
CA ILE H 149 -31.10 26.09 -12.37
C ILE H 149 -30.97 25.21 -13.61
N LEU H 150 -31.01 25.81 -14.80
CA LEU H 150 -31.01 25.00 -16.02
C LEU H 150 -29.69 24.26 -16.20
N VAL H 151 -28.56 24.90 -15.87
CA VAL H 151 -27.25 24.36 -16.21
C VAL H 151 -26.54 23.70 -15.03
N GLU H 152 -26.76 24.17 -13.80
CA GLU H 152 -26.14 23.62 -12.61
C GLU H 152 -27.20 23.44 -11.53
N PRO H 153 -28.11 22.48 -11.71
CA PRO H 153 -29.14 22.26 -10.69
C PRO H 153 -28.57 21.87 -9.34
N ALA H 154 -27.46 21.14 -9.30
CA ALA H 154 -26.92 20.63 -8.05
C ALA H 154 -26.61 21.74 -7.06
N TYR H 155 -26.35 22.96 -7.53
CA TYR H 155 -26.08 24.09 -6.66
C TYR H 155 -27.26 25.01 -6.46
N PHE H 156 -28.28 24.95 -7.33
CA PHE H 156 -29.36 25.93 -7.32
C PHE H 156 -30.69 25.38 -6.83
N ILE H 157 -30.93 24.08 -6.91
CA ILE H 157 -32.22 23.52 -6.50
C ILE H 157 -32.30 23.46 -4.97
N PRO H 158 -31.32 22.89 -4.28
CA PRO H 158 -31.46 22.72 -2.82
C PRO H 158 -31.72 24.05 -2.12
N PRO H 159 -31.08 25.14 -2.55
CA PRO H 159 -31.44 26.44 -1.97
C PRO H 159 -32.91 26.79 -2.13
N ALA H 160 -33.47 26.58 -3.33
CA ALA H 160 -34.88 26.87 -3.54
C ALA H 160 -35.76 25.98 -2.68
N GLU H 161 -35.41 24.70 -2.57
CA GLU H 161 -36.19 23.80 -1.72
C GLU H 161 -36.16 24.28 -0.27
N LYS H 162 -35.00 24.70 0.22
CA LYS H 162 -34.91 25.19 1.58
C LYS H 162 -35.75 26.45 1.76
N ALA H 163 -35.72 27.36 0.78
CA ALA H 163 -36.53 28.56 0.86
C ALA H 163 -38.01 28.23 0.92
N LEU H 164 -38.45 27.28 0.09
CA LEU H 164 -39.85 26.88 0.10
C LEU H 164 -40.24 26.27 1.44
N THR H 165 -39.37 25.40 1.98
CA THR H 165 -39.65 24.81 3.28
C THR H 165 -39.75 25.87 4.36
N ASP H 166 -38.84 26.84 4.35
CA ASP H 166 -38.87 27.91 5.33
C ASP H 166 -40.16 28.71 5.23
N LEU H 167 -40.57 29.04 4.00
CA LEU H 167 -41.81 29.80 3.83
C LEU H 167 -43.01 29.01 4.34
N ALA H 168 -43.06 27.72 4.03
CA ALA H 168 -44.18 26.91 4.51
C ALA H 168 -44.21 26.85 6.03
N ASP H 169 -43.07 26.58 6.66
CA ASP H 169 -43.01 26.51 8.11
C ASP H 169 -43.28 27.85 8.77
N SER H 170 -43.01 28.96 8.08
CA SER H 170 -43.37 30.27 8.61
C SER H 170 -44.87 30.53 8.49
N MET H 171 -45.48 30.15 7.37
CA MET H 171 -46.89 30.43 7.12
C MET H 171 -47.83 29.54 7.91
N ASP H 172 -47.43 28.30 8.22
CA ASP H 172 -48.33 27.41 8.92
C ASP H 172 -48.62 27.94 10.32
N ASP H 173 -49.80 27.61 10.83
CA ASP H 173 -50.21 28.05 12.16
C ASP H 173 -49.29 27.48 13.23
N HIS H 186 -42.65 17.27 6.97
CA HIS H 186 -41.59 16.84 6.06
C HIS H 186 -41.10 18.03 5.23
N PRO H 187 -39.95 17.86 4.56
CA PRO H 187 -39.51 18.89 3.61
C PRO H 187 -40.42 18.91 2.38
N TRP H 188 -40.48 20.08 1.76
CA TRP H 188 -41.27 20.28 0.56
C TRP H 188 -40.40 20.13 -0.68
N LYS H 189 -41.05 19.92 -1.82
CA LYS H 189 -40.34 19.61 -3.07
C LYS H 189 -40.90 20.42 -4.23
N LEU H 190 -40.08 20.50 -5.28
CA LEU H 190 -40.33 21.36 -6.43
C LEU H 190 -40.42 20.53 -7.69
N SER H 191 -41.26 21.00 -8.62
CA SER H 191 -41.37 20.43 -9.95
C SER H 191 -41.39 21.58 -10.96
N PHE H 192 -41.04 21.27 -12.21
CA PHE H 192 -40.81 22.29 -13.22
C PHE H 192 -41.74 22.10 -14.41
N LYS H 193 -42.31 23.21 -14.89
CA LYS H 193 -43.06 23.24 -16.13
C LYS H 193 -42.66 24.49 -16.90
N GLY H 194 -42.82 24.45 -18.22
CA GLY H 194 -42.44 25.56 -19.07
C GLY H 194 -41.65 25.10 -20.28
N SER H 195 -40.94 26.03 -20.92
CA SER H 195 -40.16 25.73 -22.11
C SER H 195 -38.71 25.48 -21.70
N PHE H 196 -38.19 24.30 -22.05
CA PHE H 196 -36.82 23.93 -21.73
C PHE H 196 -35.84 24.22 -22.86
N GLY H 197 -36.31 24.80 -23.96
CA GLY H 197 -35.40 25.12 -25.05
C GLY H 197 -34.67 23.88 -25.52
N ALA H 198 -33.34 24.00 -25.62
CA ALA H 198 -32.53 22.89 -26.10
C ALA H 198 -32.46 21.73 -25.11
N HIS H 199 -32.96 21.90 -23.89
CA HIS H 199 -32.90 20.85 -22.88
C HIS H 199 -34.12 19.94 -22.91
N ALA H 200 -34.91 19.99 -23.98
CA ALA H 200 -35.95 19.02 -24.24
C ALA H 200 -35.43 18.05 -25.29
N LEU H 201 -35.14 16.82 -24.87
CA LEU H 201 -34.45 15.85 -25.71
C LEU H 201 -35.26 14.57 -25.77
N SER H 202 -34.67 13.56 -26.39
CA SER H 202 -35.21 12.21 -26.47
C SER H 202 -34.09 11.22 -26.22
N PRO H 203 -34.42 9.98 -25.86
CA PRO H 203 -33.36 9.03 -25.48
C PRO H 203 -32.30 8.86 -26.54
N ARG H 204 -32.61 9.11 -27.81
CA ARG H 204 -31.61 8.99 -28.87
C ARG H 204 -30.65 10.17 -28.85
N THR H 205 -31.16 11.38 -28.58
CA THR H 205 -30.37 12.59 -28.63
C THR H 205 -29.91 13.05 -27.25
N LEU H 206 -29.69 12.11 -26.33
CA LEU H 206 -29.22 12.42 -24.99
C LEU H 206 -27.79 11.93 -24.85
N THR H 207 -26.84 12.86 -24.74
CA THR H 207 -25.42 12.56 -24.82
C THR H 207 -24.74 12.99 -23.53
N ALA H 208 -23.46 12.62 -23.40
CA ALA H 208 -22.69 12.92 -22.20
C ALA H 208 -22.54 14.40 -21.93
N GLN H 209 -22.64 15.26 -22.95
CA GLN H 209 -22.48 16.68 -22.75
C GLN H 209 -23.63 17.30 -21.94
N HIS H 210 -24.70 16.55 -21.72
CA HIS H 210 -25.83 17.02 -20.92
C HIS H 210 -25.77 16.54 -19.48
N LEU H 211 -24.70 15.86 -19.08
CA LEU H 211 -24.62 15.31 -17.74
C LEU H 211 -24.68 16.43 -16.70
N ASN H 212 -25.32 16.13 -15.57
CA ASN H 212 -25.48 17.04 -14.44
C ASN H 212 -26.39 18.21 -14.73
N LYS H 213 -27.10 18.19 -15.86
CA LYS H 213 -28.01 19.28 -16.22
C LYS H 213 -29.44 18.77 -16.27
N LEU H 214 -30.36 19.66 -15.91
CA LEU H 214 -31.78 19.31 -15.91
C LEU H 214 -32.28 19.13 -17.33
N VAL H 215 -32.93 17.99 -17.58
CA VAL H 215 -33.38 17.62 -18.91
C VAL H 215 -34.85 17.21 -18.85
N SER H 216 -35.50 17.27 -20.02
CA SER H 216 -36.87 16.79 -20.17
C SER H 216 -36.91 15.82 -21.34
N VAL H 217 -37.26 14.56 -21.06
CA VAL H 217 -37.24 13.50 -22.05
C VAL H 217 -38.69 13.04 -22.30
N GLU H 218 -38.94 12.62 -23.53
CA GLU H 218 -40.21 12.03 -23.92
C GLU H 218 -39.97 10.62 -24.43
N GLY H 219 -40.93 9.73 -24.17
CA GLY H 219 -40.76 8.37 -24.63
C GLY H 219 -41.95 7.50 -24.25
N ILE H 220 -41.73 6.19 -24.30
CA ILE H 220 -42.74 5.18 -23.99
C ILE H 220 -42.16 4.28 -22.91
N VAL H 221 -42.93 4.08 -21.84
CA VAL H 221 -42.50 3.20 -20.75
C VAL H 221 -42.53 1.77 -21.24
N THR H 222 -41.42 1.05 -21.05
CA THR H 222 -41.30 -0.33 -21.51
C THR H 222 -41.37 -1.35 -20.39
N LYS H 223 -40.97 -0.99 -19.17
CA LYS H 223 -41.04 -1.93 -18.06
C LYS H 223 -40.84 -1.17 -16.76
N THR H 224 -41.72 -1.41 -15.79
CA THR H 224 -41.59 -0.87 -14.44
C THR H 224 -41.02 -1.93 -13.52
N SER H 225 -40.83 -1.53 -12.26
CA SER H 225 -40.29 -2.41 -11.24
C SER H 225 -41.25 -2.51 -10.07
N LEU H 226 -40.99 -3.50 -9.20
CA LEU H 226 -41.85 -3.76 -8.06
C LEU H 226 -41.59 -2.73 -6.97
N VAL H 227 -42.64 -2.04 -6.54
CA VAL H 227 -42.53 -1.00 -5.53
C VAL H 227 -42.08 -1.64 -4.22
N ARG H 228 -40.88 -1.29 -3.76
CA ARG H 228 -40.34 -1.84 -2.53
C ARG H 228 -40.13 -0.74 -1.50
N PRO H 229 -40.21 -1.06 -0.21
CA PRO H 229 -39.88 -0.07 0.81
C PRO H 229 -38.37 0.00 1.05
N LYS H 230 -37.92 1.18 1.47
CA LYS H 230 -36.53 1.43 1.78
C LYS H 230 -36.42 1.84 3.24
N LEU H 231 -35.43 1.32 3.94
CA LEU H 231 -35.25 1.61 5.36
C LEU H 231 -34.50 2.92 5.52
N ILE H 232 -35.02 3.79 6.40
CA ILE H 232 -34.43 5.09 6.66
C ILE H 232 -33.96 5.22 8.11
N ARG H 233 -34.88 5.07 9.06
CA ARG H 233 -34.56 5.18 10.48
C ARG H 233 -35.02 3.91 11.18
N SER H 234 -34.15 3.32 11.97
CA SER H 234 -34.45 2.12 12.73
C SER H 234 -34.49 2.42 14.22
N VAL H 235 -35.46 1.81 14.91
CA VAL H 235 -35.67 2.03 16.33
C VAL H 235 -35.55 0.69 17.05
N HIS H 236 -34.98 0.72 18.26
CA HIS H 236 -34.74 -0.48 19.04
C HIS H 236 -35.09 -0.20 20.50
N TYR H 237 -35.37 -1.28 21.23
CA TYR H 237 -35.71 -1.21 22.64
C TYR H 237 -34.73 -2.06 23.45
N ALA H 238 -34.34 -1.57 24.61
CA ALA H 238 -33.41 -2.28 25.50
C ALA H 238 -34.19 -2.85 26.68
N ALA H 239 -34.08 -4.15 26.87
CA ALA H 239 -34.82 -4.81 27.94
C ALA H 239 -34.24 -4.52 29.32
N LYS H 240 -32.91 -4.57 29.46
CA LYS H 240 -32.28 -4.40 30.76
C LYS H 240 -32.33 -2.96 31.28
N THR H 241 -32.72 -2.00 30.45
CA THR H 241 -32.71 -0.60 30.84
C THR H 241 -33.99 0.15 30.54
N GLY H 242 -34.86 -0.37 29.67
CA GLY H 242 -36.08 0.34 29.33
C GLY H 242 -35.87 1.62 28.55
N ARG H 243 -34.93 1.63 27.61
CA ARG H 243 -34.66 2.79 26.77
C ARG H 243 -34.87 2.46 25.31
N PHE H 244 -35.21 3.48 24.53
CA PHE H 244 -35.38 3.36 23.09
C PHE H 244 -34.26 4.08 22.37
N HIS H 245 -33.55 3.34 21.52
CA HIS H 245 -32.46 3.87 20.72
C HIS H 245 -32.90 3.94 19.27
N TYR H 246 -32.14 4.67 18.46
CA TYR H 246 -32.45 4.77 17.04
C TYR H 246 -31.18 5.03 16.26
N ARG H 247 -31.26 4.79 14.96
CA ARG H 247 -30.16 5.05 14.05
C ARG H 247 -30.73 5.46 12.70
N ASP H 248 -29.93 6.21 11.94
CA ASP H 248 -30.34 6.74 10.64
C ASP H 248 -29.46 6.17 9.53
N TYR H 249 -30.00 6.15 8.32
CA TYR H 249 -29.30 5.61 7.17
C TYR H 249 -29.49 6.53 5.97
N THR H 250 -28.57 6.42 5.01
CA THR H 250 -28.64 7.21 3.79
C THR H 250 -27.80 6.52 2.71
N ASP H 251 -27.99 6.96 1.47
CA ASP H 251 -27.28 6.38 0.34
C ASP H 251 -26.98 7.49 -0.67
N ALA H 252 -26.47 7.08 -1.83
CA ALA H 252 -25.97 8.04 -2.81
C ALA H 252 -27.08 8.78 -3.55
N THR H 253 -28.24 8.16 -3.74
CA THR H 253 -29.26 8.70 -4.63
C THR H 253 -30.22 9.66 -3.95
N THR H 254 -30.09 9.89 -2.65
CA THR H 254 -31.03 10.74 -1.92
C THR H 254 -30.60 12.21 -1.89
N THR H 255 -29.48 12.56 -2.51
CA THR H 255 -29.00 13.94 -2.49
C THR H 255 -28.27 14.24 -3.78
N LEU H 256 -28.41 15.48 -4.26
CA LEU H 256 -27.78 15.89 -5.50
C LEU H 256 -26.28 16.09 -5.33
N THR H 257 -25.85 16.74 -4.25
CA THR H 257 -24.44 17.01 -4.03
C THR H 257 -23.74 15.76 -3.46
N THR H 258 -22.54 15.51 -3.94
CA THR H 258 -21.77 14.37 -3.45
C THR H 258 -21.39 14.59 -1.99
N ARG H 259 -21.39 13.50 -1.22
CA ARG H 259 -21.06 13.55 0.20
C ARG H 259 -20.19 12.34 0.56
N ILE H 260 -19.45 12.49 1.64
CA ILE H 260 -18.51 11.44 2.06
C ILE H 260 -19.31 10.30 2.67
N PRO H 261 -19.08 9.05 2.24
CA PRO H 261 -19.91 7.95 2.73
C PRO H 261 -19.79 7.77 4.24
N THR H 262 -20.90 7.36 4.85
CA THR H 262 -20.97 7.06 6.28
C THR H 262 -21.74 5.76 6.47
N PRO H 263 -21.14 4.62 6.11
CA PRO H 263 -21.86 3.32 6.18
C PRO H 263 -22.05 2.79 7.60
N ALA H 264 -23.04 3.36 8.29
CA ALA H 264 -23.38 2.89 9.63
C ALA H 264 -23.97 1.49 9.57
N ILE H 265 -23.61 0.68 10.57
CA ILE H 265 -24.04 -0.71 10.61
C ILE H 265 -25.37 -0.82 11.35
N TYR H 266 -26.04 -1.95 11.15
CA TYR H 266 -27.30 -2.20 11.83
C TYR H 266 -27.03 -2.62 13.27
N PRO H 267 -27.56 -1.93 14.28
CA PRO H 267 -27.19 -2.23 15.66
C PRO H 267 -27.95 -3.43 16.20
N THR H 268 -27.24 -4.29 16.94
CA THR H 268 -27.84 -5.42 17.63
C THR H 268 -27.59 -5.39 19.14
N GLU H 269 -26.60 -4.64 19.60
CA GLU H 269 -26.28 -4.56 21.01
C GLU H 269 -26.40 -3.11 21.48
N ASP H 270 -26.53 -2.95 22.79
CA ASP H 270 -26.43 -1.65 23.42
C ASP H 270 -24.96 -1.26 23.57
N THR H 271 -24.71 0.00 23.90
CA THR H 271 -23.36 0.44 24.16
C THR H 271 -22.73 -0.33 25.32
N GLU H 272 -23.53 -0.77 26.28
CA GLU H 272 -23.05 -1.50 27.44
C GLU H 272 -22.98 -3.01 27.22
N GLY H 273 -23.52 -3.51 26.11
CA GLY H 273 -23.52 -4.93 25.83
C GLY H 273 -24.88 -5.59 25.92
N ASN H 274 -25.92 -4.87 26.32
CA ASN H 274 -27.25 -5.46 26.43
C ASN H 274 -27.79 -5.80 25.05
N LYS H 275 -28.72 -6.76 25.02
CA LYS H 275 -29.36 -7.14 23.78
C LYS H 275 -30.42 -6.11 23.41
N LEU H 276 -30.79 -6.10 22.13
CA LEU H 276 -31.71 -5.11 21.58
C LEU H 276 -32.86 -5.80 20.86
N THR H 277 -34.02 -5.14 20.89
CA THR H 277 -35.23 -5.62 20.24
C THR H 277 -35.71 -4.57 19.25
N THR H 278 -36.15 -5.02 18.08
CA THR H 278 -36.53 -4.10 17.01
C THR H 278 -38.00 -3.74 17.09
N GLU H 279 -38.33 -2.52 16.68
CA GLU H 279 -39.70 -1.99 16.67
C GLU H 279 -40.06 -1.65 15.23
N TYR H 280 -40.63 -2.63 14.52
CA TYR H 280 -41.01 -2.43 13.13
C TYR H 280 -42.06 -1.33 13.01
N GLY H 281 -42.99 -1.25 13.96
CA GLY H 281 -44.02 -0.24 13.91
C GLY H 281 -43.51 1.17 14.15
N TYR H 282 -42.36 1.30 14.81
CA TYR H 282 -41.78 2.60 15.10
C TYR H 282 -40.62 2.94 14.19
N SER H 283 -40.17 2.02 13.36
CA SER H 283 -39.20 2.35 12.33
C SER H 283 -39.86 3.20 11.24
N THR H 284 -39.09 3.54 10.21
CA THR H 284 -39.59 4.35 9.11
C THR H 284 -39.12 3.76 7.79
N PHE H 285 -40.04 3.64 6.83
CA PHE H 285 -39.73 3.10 5.52
C PHE H 285 -40.26 4.04 4.44
N ILE H 286 -39.60 4.02 3.29
CA ILE H 286 -39.95 4.86 2.15
C ILE H 286 -39.97 4.01 0.89
N ASP H 287 -40.88 4.33 -0.03
CA ASP H 287 -41.02 3.56 -1.25
C ASP H 287 -39.91 3.90 -2.23
N HIS H 288 -39.80 3.10 -3.29
CA HIS H 288 -38.76 3.26 -4.29
C HIS H 288 -39.09 2.41 -5.51
N GLN H 289 -39.05 3.03 -6.69
CA GLN H 289 -39.34 2.32 -7.93
C GLN H 289 -38.33 2.72 -8.99
N ARG H 290 -38.13 1.83 -9.96
CA ARG H 290 -37.27 2.07 -11.10
C ARG H 290 -38.00 1.70 -12.37
N ILE H 291 -37.92 2.57 -13.38
CA ILE H 291 -38.59 2.36 -14.66
C ILE H 291 -37.59 2.58 -15.79
N THR H 292 -38.00 2.18 -17.00
CA THR H 292 -37.22 2.35 -18.21
C THR H 292 -38.05 3.08 -19.24
N VAL H 293 -37.45 4.04 -19.94
CA VAL H 293 -38.13 4.85 -20.94
C VAL H 293 -37.42 4.65 -22.27
N GLN H 294 -38.20 4.60 -23.34
CA GLN H 294 -37.70 4.35 -24.68
C GLN H 294 -38.32 5.35 -25.64
N GLU H 295 -37.59 5.64 -26.73
CA GLU H 295 -38.08 6.57 -27.73
C GLU H 295 -39.34 6.03 -28.39
N MET H 296 -40.26 6.93 -28.72
CA MET H 296 -41.56 6.52 -29.21
C MET H 296 -41.41 5.75 -30.52
N PRO H 297 -42.34 4.85 -30.84
CA PRO H 297 -42.27 4.17 -32.15
C PRO H 297 -42.74 5.04 -33.30
N GLU H 298 -43.49 6.10 -33.03
CA GLU H 298 -43.89 7.04 -34.06
C GLU H 298 -42.77 8.00 -34.46
N MET H 299 -41.63 7.94 -33.77
CA MET H 299 -40.52 8.83 -34.04
C MET H 299 -39.17 8.13 -34.20
N ALA H 300 -39.04 6.89 -33.75
CA ALA H 300 -37.76 6.22 -33.81
C ALA H 300 -37.39 5.89 -35.25
N PRO H 301 -36.09 5.85 -35.57
CA PRO H 301 -35.67 5.41 -36.90
C PRO H 301 -36.17 4.00 -37.18
N ALA H 302 -36.61 3.78 -38.42
CA ALA H 302 -37.13 2.49 -38.82
C ALA H 302 -36.00 1.59 -39.30
N GLY H 303 -36.07 0.32 -38.92
CA GLY H 303 -35.00 -0.61 -39.20
C GLY H 303 -33.78 -0.43 -38.32
N GLN H 304 -33.88 0.36 -37.26
CA GLN H 304 -32.78 0.62 -36.35
C GLN H 304 -33.22 0.31 -34.92
N LEU H 305 -32.32 -0.30 -34.16
CA LEU H 305 -32.65 -0.65 -32.79
C LEU H 305 -32.91 0.63 -31.98
N PRO H 306 -33.74 0.56 -30.94
CA PRO H 306 -34.08 1.77 -30.18
C PRO H 306 -33.11 2.02 -29.03
N ARG H 307 -33.22 3.21 -28.46
CA ARG H 307 -32.41 3.63 -27.33
C ARG H 307 -33.30 3.83 -26.11
N SER H 308 -32.74 3.54 -24.93
CA SER H 308 -33.53 3.57 -23.71
C SER H 308 -32.69 4.16 -22.58
N ILE H 309 -33.38 4.65 -21.56
CA ILE H 309 -32.73 5.27 -20.40
C ILE H 309 -33.51 4.90 -19.15
N ASP H 310 -32.80 4.71 -18.05
CA ASP H 310 -33.39 4.35 -16.78
C ASP H 310 -33.85 5.59 -16.02
N VAL H 311 -34.78 5.39 -15.10
CA VAL H 311 -35.31 6.46 -14.26
C VAL H 311 -35.61 5.89 -12.88
N ILE H 312 -35.36 6.68 -11.84
CA ILE H 312 -35.60 6.29 -10.46
C ILE H 312 -36.62 7.24 -9.87
N LEU H 313 -37.65 6.68 -9.24
CA LEU H 313 -38.69 7.46 -8.59
C LEU H 313 -38.80 7.04 -7.13
N ASP H 314 -39.15 8.00 -6.28
CA ASP H 314 -39.18 7.77 -4.84
C ASP H 314 -40.41 8.42 -4.23
N ASP H 315 -40.89 7.82 -3.14
CA ASP H 315 -41.93 8.40 -2.30
C ASP H 315 -43.25 8.55 -3.06
N ASP H 316 -43.69 9.79 -3.31
CA ASP H 316 -45.03 10.04 -3.81
C ASP H 316 -45.13 9.99 -5.32
N LEU H 317 -44.02 9.71 -6.02
CA LEU H 317 -44.02 9.56 -7.47
C LEU H 317 -43.79 8.11 -7.87
N VAL H 318 -44.26 7.17 -7.05
CA VAL H 318 -43.80 5.79 -7.15
C VAL H 318 -44.64 4.92 -8.10
N ASP H 319 -45.92 5.22 -8.28
CA ASP H 319 -46.80 4.36 -9.07
C ASP H 319 -47.71 5.20 -9.96
N LYS H 320 -47.14 6.20 -10.64
CA LYS H 320 -47.92 7.11 -11.46
C LYS H 320 -48.03 6.67 -12.92
N THR H 321 -47.51 5.50 -13.29
CA THR H 321 -47.55 5.07 -14.67
C THR H 321 -47.53 3.56 -14.75
N LYS H 322 -47.86 3.05 -15.93
CA LYS H 322 -47.85 1.63 -16.26
C LYS H 322 -47.15 1.44 -17.59
N PRO H 323 -46.69 0.23 -17.89
CA PRO H 323 -46.02 -0.01 -19.18
C PRO H 323 -46.95 0.30 -20.34
N GLY H 324 -46.36 0.80 -21.43
CA GLY H 324 -47.09 1.14 -22.63
C GLY H 324 -47.59 2.56 -22.70
N ASP H 325 -47.40 3.35 -21.66
CA ASP H 325 -47.84 4.74 -21.68
C ASP H 325 -46.83 5.62 -22.39
N ARG H 326 -47.32 6.71 -22.97
CA ARG H 326 -46.47 7.79 -23.45
C ARG H 326 -46.21 8.74 -22.28
N VAL H 327 -44.94 9.01 -22.00
CA VAL H 327 -44.57 9.72 -20.79
C VAL H 327 -43.56 10.82 -21.12
N ASN H 328 -43.64 11.90 -20.35
CA ASN H 328 -42.68 13.00 -20.39
C ASN H 328 -42.13 13.16 -18.98
N VAL H 329 -40.83 13.00 -18.83
CA VAL H 329 -40.17 13.00 -17.52
C VAL H 329 -39.14 14.10 -17.50
N VAL H 330 -39.20 14.95 -16.48
CA VAL H 330 -38.25 16.04 -16.27
C VAL H 330 -37.45 15.73 -15.02
N GLY H 331 -36.13 15.76 -15.15
CA GLY H 331 -35.28 15.38 -14.03
C GLY H 331 -33.85 15.80 -14.25
N VAL H 332 -32.98 15.22 -13.43
CA VAL H 332 -31.55 15.51 -13.46
C VAL H 332 -30.81 14.29 -14.00
N PHE H 333 -30.00 14.51 -15.02
CA PHE H 333 -29.22 13.43 -15.63
C PHE H 333 -27.87 13.37 -14.91
N LYS H 334 -27.65 12.30 -14.16
CA LYS H 334 -26.52 12.19 -13.26
C LYS H 334 -25.67 10.98 -13.57
N SER H 335 -24.43 11.01 -13.08
CA SER H 335 -23.50 9.90 -13.13
C SER H 335 -23.14 9.49 -11.71
N LEU H 336 -22.99 8.17 -11.52
CA LEU H 336 -22.79 7.62 -10.18
C LEU H 336 -21.59 6.70 -10.18
N GLY H 337 -21.01 6.54 -8.99
CA GLY H 337 -19.92 5.59 -8.82
C GLY H 337 -18.66 6.03 -9.52
N ALA H 338 -17.74 5.09 -9.69
CA ALA H 338 -16.49 5.30 -10.42
C ALA H 338 -16.42 4.30 -11.56
N GLY H 339 -16.13 4.80 -12.76
CA GLY H 339 -16.12 3.96 -13.94
C GLY H 339 -14.93 3.03 -13.98
N GLY H 340 -14.80 2.18 -12.96
CA GLY H 340 -13.67 1.28 -12.89
C GLY H 340 -12.35 1.94 -12.60
N MET H 341 -12.35 3.25 -12.30
CA MET H 341 -11.09 3.93 -12.03
C MET H 341 -10.46 3.43 -10.74
N ASN H 342 -11.24 3.30 -9.68
CA ASN H 342 -10.71 2.87 -8.40
C ASN H 342 -10.14 1.46 -8.51
N GLN H 343 -9.09 1.19 -7.75
CA GLN H 343 -8.35 -0.07 -7.86
C GLN H 343 -7.83 -0.24 -9.28
N SER H 344 -7.15 -1.36 -9.53
CA SER H 344 -6.63 -1.61 -10.87
C SER H 344 -7.77 -1.69 -11.88
N ASN H 345 -8.67 -2.66 -11.72
CA ASN H 345 -9.82 -2.85 -12.60
C ASN H 345 -9.36 -2.82 -14.07
N SER H 346 -8.59 -3.85 -14.42
CA SER H 346 -7.97 -3.90 -15.73
C SER H 346 -9.00 -3.71 -16.85
N ASN H 347 -10.23 -4.16 -16.63
CA ASN H 347 -11.28 -3.94 -17.61
C ASN H 347 -11.46 -2.46 -17.87
N THR H 348 -11.53 -2.10 -19.17
CA THR H 348 -11.72 -0.73 -19.59
C THR H 348 -12.99 -0.50 -20.39
N LEU H 349 -13.69 -1.56 -20.78
CA LEU H 349 -14.86 -1.41 -21.65
C LEU H 349 -15.97 -0.63 -20.95
N ILE H 350 -16.21 -0.93 -19.68
CA ILE H 350 -17.34 -0.32 -18.97
C ILE H 350 -17.04 1.15 -18.72
N GLY H 351 -18.10 1.95 -18.75
CA GLY H 351 -18.01 3.37 -18.47
C GLY H 351 -18.72 3.72 -17.17
N PHE H 352 -19.16 4.97 -17.05
CA PHE H 352 -19.85 5.44 -15.85
C PHE H 352 -21.33 5.11 -15.93
N LYS H 353 -21.87 4.60 -14.83
CA LYS H 353 -23.31 4.39 -14.74
C LYS H 353 -24.02 5.73 -14.74
N THR H 354 -25.13 5.80 -15.48
CA THR H 354 -25.91 7.03 -15.58
C THR H 354 -27.38 6.71 -15.52
N LEU H 355 -28.17 7.69 -15.08
CA LEU H 355 -29.61 7.56 -14.95
C LEU H 355 -30.16 8.91 -14.57
N ILE H 356 -31.48 9.00 -14.44
CA ILE H 356 -32.18 10.25 -14.18
C ILE H 356 -32.84 10.17 -12.81
N LEU H 357 -32.56 11.15 -11.96
CA LEU H 357 -33.24 11.28 -10.66
C LEU H 357 -34.54 12.02 -10.92
N GLY H 358 -35.51 11.30 -11.49
CA GLY H 358 -36.74 11.94 -11.92
C GLY H 358 -37.42 12.71 -10.81
N ASN H 359 -37.94 13.88 -11.17
CA ASN H 359 -38.71 14.69 -10.23
C ASN H 359 -40.02 15.21 -10.80
N THR H 360 -40.29 15.06 -12.09
CA THR H 360 -41.62 15.37 -12.62
C THR H 360 -41.97 14.35 -13.69
N VAL H 361 -43.19 13.82 -13.63
CA VAL H 361 -43.67 12.81 -14.57
C VAL H 361 -45.04 13.23 -15.07
N TYR H 362 -45.25 13.16 -16.38
CA TYR H 362 -46.51 13.54 -17.00
C TYR H 362 -46.94 12.46 -17.99
N PRO H 363 -48.17 11.95 -17.92
CA PRO H 363 -48.66 11.09 -19.01
C PRO H 363 -49.21 11.93 -20.16
N LEU H 364 -49.00 11.43 -21.38
CA LEU H 364 -49.44 12.09 -22.60
C LEU H 364 -50.40 11.20 -23.36
N HIS H 365 -51.47 11.79 -23.87
CA HIS H 365 -52.43 11.07 -24.68
C HIS H 365 -51.94 10.99 -26.12
N ALA H 366 -52.22 9.86 -26.78
CA ALA H 366 -51.91 9.67 -28.18
C ALA H 366 -52.92 8.72 -28.79
N ARG H 367 -53.04 8.77 -30.10
CA ARG H 367 -53.96 7.90 -30.81
C ARG H 367 -53.55 6.44 -30.62
N SER H 368 -54.54 5.57 -30.49
CA SER H 368 -54.29 4.13 -30.34
C SER H 368 -53.40 3.85 -29.14
N THR H 369 -53.66 4.56 -28.03
CA THR H 369 -52.89 4.40 -26.80
C THR H 369 -53.86 4.28 -25.63
N GLY H 370 -53.37 3.67 -24.55
CA GLY H 370 -54.18 3.39 -23.39
C GLY H 370 -54.39 4.55 -22.44
N VAL H 371 -53.79 5.70 -22.72
CA VAL H 371 -53.96 6.88 -21.86
C VAL H 371 -55.14 7.68 -22.38
N ALA H 372 -56.07 8.00 -21.49
CA ALA H 372 -57.25 8.77 -21.85
C ALA H 372 -56.91 10.26 -21.90
N ALA H 373 -57.69 11.01 -22.68
CA ALA H 373 -57.52 12.45 -22.76
C ALA H 373 -58.51 13.14 -21.84
N ARG H 374 -58.05 14.18 -21.15
CA ARG H 374 -58.90 14.94 -20.26
C ARG H 374 -58.55 16.42 -20.37
N GLN H 375 -59.58 17.26 -20.43
CA GLN H 375 -59.41 18.70 -20.49
C GLN H 375 -59.98 19.34 -19.24
N MET H 376 -59.37 20.44 -18.81
CA MET H 376 -59.85 21.19 -17.66
C MET H 376 -60.99 22.10 -18.10
N LEU H 377 -62.06 22.14 -17.31
CA LEU H 377 -63.26 22.89 -17.63
C LEU H 377 -63.24 24.21 -16.87
N THR H 378 -63.42 25.31 -17.58
CA THR H 378 -63.49 26.62 -16.98
C THR H 378 -64.94 27.03 -16.77
N ASP H 379 -65.12 28.07 -15.95
CA ASP H 379 -66.46 28.58 -15.70
C ASP H 379 -67.12 29.07 -16.99
N PHE H 380 -66.33 29.68 -17.87
CA PHE H 380 -66.86 30.07 -19.18
C PHE H 380 -67.35 28.84 -19.95
N ASP H 381 -66.57 27.76 -19.92
CA ASP H 381 -67.00 26.53 -20.58
C ASP H 381 -68.31 26.02 -20.00
N ILE H 382 -68.42 26.00 -18.66
CA ILE H 382 -69.63 25.50 -18.03
C ILE H 382 -70.83 26.37 -18.42
N ARG H 383 -70.65 27.69 -18.39
CA ARG H 383 -71.74 28.57 -18.77
C ARG H 383 -72.18 28.33 -20.20
N ASN H 384 -71.23 28.20 -21.12
CA ASN H 384 -71.58 28.01 -22.52
C ASN H 384 -72.29 26.68 -22.74
N ILE H 385 -71.78 25.60 -22.15
CA ILE H 385 -72.39 24.29 -22.34
C ILE H 385 -73.80 24.28 -21.74
N ASN H 386 -73.96 24.84 -20.55
CA ASN H 386 -75.27 24.88 -19.92
C ASN H 386 -76.26 25.71 -20.74
N LYS H 387 -75.82 26.85 -21.27
CA LYS H 387 -76.67 27.62 -22.16
C LYS H 387 -77.08 26.81 -23.37
N LEU H 388 -76.10 26.18 -24.04
CA LEU H 388 -76.39 25.42 -25.24
C LEU H 388 -77.39 24.30 -24.98
N SER H 389 -77.31 23.66 -23.81
CA SER H 389 -78.19 22.53 -23.52
C SER H 389 -79.66 22.90 -23.61
N LYS H 390 -80.01 24.17 -23.41
CA LYS H 390 -81.41 24.58 -23.29
C LYS H 390 -82.13 24.71 -24.64
N LYS H 391 -81.41 24.66 -25.76
CA LYS H 391 -82.06 24.77 -27.04
C LYS H 391 -82.68 23.43 -27.44
N LYS H 392 -83.64 23.50 -28.37
CA LYS H 392 -84.44 22.33 -28.72
C LYS H 392 -83.81 21.44 -29.78
N ASP H 393 -82.97 22.02 -30.65
CA ASP H 393 -82.33 21.27 -31.73
C ASP H 393 -80.88 20.92 -31.41
N ILE H 394 -80.54 20.85 -30.13
CA ILE H 394 -79.16 20.58 -29.74
C ILE H 394 -78.69 19.24 -30.31
N PHE H 395 -79.56 18.23 -30.29
CA PHE H 395 -79.18 16.94 -30.83
C PHE H 395 -78.87 17.05 -32.30
N ASP H 396 -79.68 17.81 -33.05
CA ASP H 396 -79.42 18.01 -34.47
C ASP H 396 -78.10 18.73 -34.70
N ILE H 397 -77.84 19.78 -33.92
CA ILE H 397 -76.60 20.55 -34.09
C ILE H 397 -75.39 19.67 -33.83
N LEU H 398 -75.40 18.94 -32.71
CA LEU H 398 -74.28 18.06 -32.41
C LEU H 398 -74.12 16.99 -33.48
N SER H 399 -75.22 16.42 -33.95
CA SER H 399 -75.14 15.38 -34.98
C SER H 399 -74.50 15.93 -36.25
N GLN H 400 -74.92 17.12 -36.67
CA GLN H 400 -74.34 17.72 -37.87
C GLN H 400 -72.89 18.13 -37.66
N SER H 401 -72.49 18.44 -36.43
CA SER H 401 -71.11 18.84 -36.19
C SER H 401 -70.13 17.73 -36.53
N LEU H 402 -70.51 16.48 -36.33
CA LEU H 402 -69.60 15.37 -36.59
C LEU H 402 -69.23 15.30 -38.05
N ALA H 403 -67.93 15.16 -38.32
CA ALA H 403 -67.36 14.94 -39.65
C ALA H 403 -68.14 15.72 -40.72
N PRO H 404 -68.13 17.05 -40.65
CA PRO H 404 -68.90 17.83 -41.63
C PRO H 404 -68.38 17.70 -43.06
N SER H 405 -67.16 17.21 -43.27
CA SER H 405 -66.60 17.06 -44.60
C SER H 405 -67.27 15.93 -45.39
N ILE H 406 -68.01 15.05 -44.73
CA ILE H 406 -68.72 13.96 -45.40
C ILE H 406 -70.15 14.39 -45.63
N TYR H 407 -70.80 13.77 -46.63
CA TYR H 407 -72.12 14.16 -47.07
C TYR H 407 -73.15 13.16 -46.57
N GLY H 408 -74.23 13.66 -45.97
CA GLY H 408 -75.31 12.81 -45.53
C GLY H 408 -74.97 11.91 -44.37
N HIS H 409 -75.54 10.71 -44.34
CA HIS H 409 -75.33 9.76 -43.25
C HIS H 409 -75.73 10.37 -41.91
N ASP H 410 -76.81 11.13 -41.91
CA ASP H 410 -77.25 11.80 -40.69
C ASP H 410 -77.57 10.79 -39.59
N HIS H 411 -78.25 9.70 -39.94
CA HIS H 411 -78.59 8.71 -38.94
C HIS H 411 -77.34 8.04 -38.36
N ILE H 412 -76.34 7.78 -39.21
CA ILE H 412 -75.10 7.20 -38.72
C ILE H 412 -74.38 8.17 -37.80
N LYS H 413 -74.40 9.47 -38.13
CA LYS H 413 -73.80 10.45 -37.24
C LYS H 413 -74.50 10.46 -35.88
N LYS H 414 -75.83 10.43 -35.90
CA LYS H 414 -76.58 10.38 -34.64
C LYS H 414 -76.24 9.13 -33.85
N ALA H 415 -76.11 7.99 -34.53
CA ALA H 415 -75.77 6.75 -33.84
C ALA H 415 -74.38 6.84 -33.22
N ILE H 416 -73.42 7.42 -33.93
CA ILE H 416 -72.08 7.56 -33.38
C ILE H 416 -72.11 8.46 -32.15
N LEU H 417 -72.87 9.55 -32.20
CA LEU H 417 -72.98 10.40 -31.03
C LEU H 417 -73.59 9.65 -29.85
N LEU H 418 -74.63 8.87 -30.09
CA LEU H 418 -75.23 8.09 -29.02
C LEU H 418 -74.24 7.10 -28.43
N MET H 419 -73.44 6.46 -29.30
CA MET H 419 -72.40 5.56 -28.82
C MET H 419 -71.40 6.29 -27.94
N LEU H 420 -70.97 7.48 -28.37
CA LEU H 420 -70.00 8.24 -27.57
C LEU H 420 -70.57 8.57 -26.21
N MET H 421 -71.79 9.07 -26.15
CA MET H 421 -72.38 9.46 -24.86
C MET H 421 -72.60 8.25 -23.97
N GLY H 422 -73.11 7.15 -24.54
CA GLY H 422 -73.31 5.93 -23.79
C GLY H 422 -74.56 5.95 -22.93
N GLY H 423 -74.87 4.80 -22.36
CA GLY H 423 -76.00 4.60 -21.49
C GLY H 423 -75.61 4.57 -20.03
N VAL H 424 -76.22 3.65 -19.29
CA VAL H 424 -75.93 3.44 -17.87
C VAL H 424 -75.97 1.95 -17.59
N GLU H 425 -75.01 1.47 -16.81
CA GLU H 425 -74.94 0.06 -16.43
C GLU H 425 -75.42 -0.11 -14.99
N LYS H 426 -76.05 -1.26 -14.73
CA LYS H 426 -76.67 -1.53 -13.45
C LYS H 426 -76.02 -2.75 -12.81
N ASN H 427 -75.85 -2.70 -11.50
CA ASN H 427 -75.33 -3.82 -10.71
C ASN H 427 -76.29 -4.07 -9.55
N LEU H 428 -76.71 -5.33 -9.40
CA LEU H 428 -77.66 -5.70 -8.36
C LEU H 428 -76.92 -6.20 -7.12
N GLU H 429 -77.62 -6.12 -5.98
CA GLU H 429 -77.01 -6.59 -4.73
C GLU H 429 -76.63 -8.05 -4.81
N ASN H 430 -77.37 -8.85 -5.58
CA ASN H 430 -77.00 -10.24 -5.78
C ASN H 430 -75.63 -10.37 -6.43
N GLY H 431 -75.22 -9.35 -7.18
CA GLY H 431 -73.99 -9.38 -7.93
C GLY H 431 -74.14 -9.50 -9.42
N SER H 432 -75.36 -9.42 -9.94
CA SER H 432 -75.59 -9.49 -11.38
C SER H 432 -75.19 -8.17 -12.03
N HIS H 433 -74.78 -8.26 -13.29
CA HIS H 433 -74.31 -7.11 -14.05
C HIS H 433 -75.12 -6.99 -15.33
N LEU H 434 -75.59 -5.77 -15.62
CA LEU H 434 -76.39 -5.48 -16.80
C LEU H 434 -75.66 -4.44 -17.64
N ARG H 435 -75.51 -4.74 -18.92
CA ARG H 435 -74.67 -3.94 -19.80
C ARG H 435 -75.28 -2.56 -20.03
N GLY H 436 -74.43 -1.61 -20.39
CA GLY H 436 -74.85 -0.25 -20.65
C GLY H 436 -74.15 0.41 -21.82
N ASP H 437 -73.39 -0.37 -22.58
CA ASP H 437 -72.69 0.15 -23.74
C ASP H 437 -73.56 0.02 -25.00
N ILE H 438 -73.02 0.48 -26.12
CA ILE H 438 -73.70 0.40 -27.41
C ILE H 438 -72.72 -0.13 -28.44
N ASN H 439 -73.23 -0.80 -29.47
CA ASN H 439 -72.41 -1.39 -30.52
C ASN H 439 -73.01 -1.08 -31.88
N ILE H 440 -72.13 -0.78 -32.84
CA ILE H 440 -72.57 -0.35 -34.16
C ILE H 440 -71.83 -1.15 -35.23
N LEU H 441 -72.58 -1.57 -36.25
CA LEU H 441 -72.02 -2.22 -37.42
C LEU H 441 -72.55 -1.54 -38.68
N MET H 442 -71.67 -1.39 -39.65
CA MET H 442 -72.02 -0.80 -40.95
C MET H 442 -71.63 -1.75 -42.06
N VAL H 443 -72.56 -2.04 -42.95
CA VAL H 443 -72.30 -2.79 -44.17
C VAL H 443 -72.70 -1.91 -45.34
N GLY H 444 -71.84 -1.81 -46.35
CA GLY H 444 -72.16 -0.90 -47.42
C GLY H 444 -71.28 -1.08 -48.64
N ASP H 445 -71.55 -0.23 -49.62
CA ASP H 445 -70.78 -0.24 -50.86
C ASP H 445 -69.37 0.28 -50.61
N PRO H 446 -68.42 -0.09 -51.45
CA PRO H 446 -67.00 0.08 -51.12
C PRO H 446 -66.46 1.49 -51.26
N SER H 447 -67.30 2.51 -51.45
CA SER H 447 -66.83 3.89 -51.53
C SER H 447 -67.75 4.81 -50.77
N THR H 448 -68.14 4.42 -49.55
CA THR H 448 -69.12 5.16 -48.77
C THR H 448 -68.52 5.81 -47.51
N ALA H 449 -67.21 6.02 -47.49
CA ALA H 449 -66.55 6.76 -46.40
C ALA H 449 -66.62 6.01 -45.07
N LYS H 450 -66.79 4.68 -45.13
CA LYS H 450 -66.81 3.89 -43.90
C LYS H 450 -65.51 4.07 -43.13
N SER H 451 -64.38 3.90 -43.81
CA SER H 451 -63.09 4.08 -43.16
C SER H 451 -62.89 5.52 -42.70
N GLN H 452 -63.45 6.48 -43.44
CA GLN H 452 -63.33 7.88 -43.03
C GLN H 452 -64.02 8.13 -41.69
N LEU H 453 -65.26 7.64 -41.56
CA LEU H 453 -65.95 7.77 -40.28
C LEU H 453 -65.24 7.02 -39.17
N LEU H 454 -64.72 5.82 -39.49
CA LEU H 454 -63.97 5.06 -38.50
C LEU H 454 -62.77 5.86 -38.00
N ARG H 455 -62.01 6.45 -38.91
CA ARG H 455 -60.85 7.24 -38.51
C ARG H 455 -61.26 8.48 -37.74
N PHE H 456 -62.39 9.10 -38.10
CA PHE H 456 -62.84 10.26 -37.35
C PHE H 456 -63.17 9.90 -35.92
N VAL H 457 -63.89 8.79 -35.71
CA VAL H 457 -64.19 8.39 -34.33
C VAL H 457 -62.91 8.04 -33.59
N LEU H 458 -61.95 7.42 -34.29
CA LEU H 458 -60.65 7.17 -33.67
C LEU H 458 -60.00 8.47 -33.21
N ASN H 459 -60.03 9.50 -34.05
CA ASN H 459 -59.37 10.76 -33.73
C ASN H 459 -60.07 11.53 -32.62
N THR H 460 -61.40 11.50 -32.56
CA THR H 460 -62.14 12.34 -31.61
C THR H 460 -62.44 11.66 -30.29
N ALA H 461 -62.56 10.33 -30.25
CA ALA H 461 -62.91 9.66 -29.01
C ALA H 461 -61.80 9.85 -27.98
N SER H 462 -62.20 9.99 -26.71
CA SER H 462 -61.22 10.22 -25.65
C SER H 462 -60.27 9.03 -25.50
N LEU H 463 -60.79 7.80 -25.55
CA LEU H 463 -59.96 6.61 -25.45
C LEU H 463 -60.45 5.61 -26.50
N ALA H 464 -59.73 5.51 -27.61
CA ALA H 464 -60.10 4.63 -28.69
C ALA H 464 -58.89 3.85 -29.16
N ILE H 465 -59.12 2.62 -29.60
CA ILE H 465 -58.09 1.77 -30.17
C ILE H 465 -58.58 1.24 -31.51
N ALA H 466 -57.71 1.29 -32.51
CA ALA H 466 -58.06 0.93 -33.88
C ALA H 466 -57.44 -0.40 -34.25
N THR H 467 -58.18 -1.22 -35.00
CA THR H 467 -57.73 -2.55 -35.39
C THR H 467 -58.32 -2.89 -36.75
N THR H 468 -57.64 -3.78 -37.46
CA THR H 468 -58.10 -4.28 -38.74
C THR H 468 -58.36 -5.78 -38.63
N GLY H 469 -59.00 -6.33 -39.66
CA GLY H 469 -59.44 -7.72 -39.63
C GLY H 469 -58.38 -8.71 -39.21
N ARG H 470 -57.36 -8.90 -40.04
CA ARG H 470 -56.31 -9.88 -39.79
C ARG H 470 -55.08 -9.28 -39.12
N GLY H 471 -55.08 -7.98 -38.86
CA GLY H 471 -53.91 -7.37 -38.27
C GLY H 471 -53.58 -7.92 -36.89
N SER H 472 -54.59 -8.04 -36.05
CA SER H 472 -54.46 -8.62 -34.72
C SER H 472 -55.28 -9.91 -34.66
N SER H 473 -54.67 -10.97 -34.13
CA SER H 473 -55.34 -12.26 -34.07
C SER H 473 -54.92 -12.97 -32.79
N GLY H 474 -55.79 -13.86 -32.34
CA GLY H 474 -55.47 -14.64 -31.16
C GLY H 474 -55.28 -13.77 -29.93
N VAL H 475 -54.14 -13.96 -29.27
CA VAL H 475 -53.88 -13.29 -27.99
C VAL H 475 -53.87 -11.77 -28.10
N GLY H 476 -53.53 -11.23 -29.27
CA GLY H 476 -53.41 -9.80 -29.41
C GLY H 476 -54.67 -9.03 -29.07
N LEU H 477 -55.83 -9.69 -29.11
CA LEU H 477 -57.10 -9.06 -28.80
C LEU H 477 -57.53 -9.26 -27.36
N THR H 478 -57.31 -10.44 -26.79
CA THR H 478 -57.81 -10.78 -25.47
C THR H 478 -56.74 -10.71 -24.38
N ALA H 479 -55.53 -10.26 -24.69
CA ALA H 479 -54.45 -10.16 -23.73
C ALA H 479 -54.03 -11.52 -23.19
N ALA H 480 -54.27 -12.59 -23.96
CA ALA H 480 -54.05 -13.95 -23.49
C ALA H 480 -52.58 -14.35 -23.48
N VAL H 481 -51.66 -13.41 -23.63
CA VAL H 481 -50.24 -13.70 -23.58
C VAL H 481 -49.79 -13.77 -22.13
N THR H 482 -48.73 -14.53 -21.87
CA THR H 482 -48.15 -14.68 -20.55
C THR H 482 -46.66 -14.41 -20.61
N THR H 483 -46.15 -13.64 -19.64
CA THR H 483 -44.73 -13.34 -19.55
C THR H 483 -44.26 -13.45 -18.11
N ASP H 484 -42.96 -13.25 -17.88
CA ASP H 484 -42.38 -13.36 -16.55
C ASP H 484 -41.06 -12.63 -16.51
N ARG H 485 -40.74 -12.04 -15.38
CA ARG H 485 -39.47 -11.36 -15.18
C ARG H 485 -38.45 -12.36 -14.65
N GLU H 486 -37.32 -11.84 -14.17
CA GLU H 486 -36.31 -12.65 -13.50
C GLU H 486 -36.67 -12.94 -12.05
N THR H 487 -37.76 -12.38 -11.54
CA THR H 487 -38.24 -12.72 -10.20
C THR H 487 -38.93 -14.07 -10.16
N GLY H 488 -39.25 -14.66 -11.32
CA GLY H 488 -39.82 -15.99 -11.41
C GLY H 488 -41.32 -16.03 -11.60
N GLU H 489 -42.03 -14.94 -11.29
CA GLU H 489 -43.47 -14.93 -11.39
C GLU H 489 -43.94 -14.66 -12.81
N ARG H 490 -44.96 -15.40 -13.24
CA ARG H 490 -45.59 -15.20 -14.54
C ARG H 490 -46.91 -14.47 -14.37
N ARG H 491 -47.27 -13.68 -15.36
CA ARG H 491 -48.54 -12.98 -15.36
C ARG H 491 -48.84 -12.50 -16.78
N LEU H 492 -49.84 -11.63 -16.90
CA LEU H 492 -50.40 -11.21 -18.17
C LEU H 492 -49.98 -9.80 -18.50
N GLU H 493 -50.05 -9.47 -19.79
CA GLU H 493 -49.90 -8.10 -20.26
C GLU H 493 -51.03 -7.79 -21.23
N ALA H 494 -51.60 -6.60 -21.06
CA ALA H 494 -52.91 -6.29 -21.63
C ALA H 494 -52.87 -6.29 -23.16
N GLY H 495 -54.03 -6.53 -23.76
CA GLY H 495 -54.21 -6.51 -25.19
C GLY H 495 -55.18 -5.43 -25.63
N ALA H 496 -55.59 -5.53 -26.89
CA ALA H 496 -56.39 -4.45 -27.48
C ALA H 496 -57.61 -4.13 -26.62
N MET H 497 -58.52 -5.09 -26.50
CA MET H 497 -59.77 -4.82 -25.78
C MET H 497 -59.53 -4.55 -24.30
N VAL H 498 -58.54 -5.20 -23.69
CA VAL H 498 -58.25 -4.96 -22.28
C VAL H 498 -57.85 -3.52 -22.05
N LEU H 499 -56.93 -2.99 -22.85
CA LEU H 499 -56.61 -1.57 -22.79
C LEU H 499 -57.83 -0.72 -23.10
N ALA H 500 -58.70 -1.19 -24.00
CA ALA H 500 -59.86 -0.43 -24.42
C ALA H 500 -60.94 -0.34 -23.35
N ASP H 501 -60.65 -0.80 -22.12
CA ASP H 501 -61.65 -0.77 -21.07
C ASP H 501 -62.20 0.64 -20.88
N ARG H 502 -63.52 0.74 -20.75
CA ARG H 502 -64.22 2.01 -20.59
C ARG H 502 -64.05 2.93 -21.79
N GLY H 503 -63.70 2.38 -22.96
CA GLY H 503 -63.44 3.16 -24.14
C GLY H 503 -64.09 2.55 -25.37
N VAL H 504 -63.45 2.81 -26.52
CA VAL H 504 -64.01 2.47 -27.82
C VAL H 504 -62.99 1.65 -28.61
N VAL H 505 -63.51 0.67 -29.35
CA VAL H 505 -62.71 -0.13 -30.26
C VAL H 505 -63.29 0.01 -31.66
N CYS H 506 -62.44 0.42 -32.59
CA CYS H 506 -62.79 0.52 -34.00
C CYS H 506 -62.22 -0.68 -34.73
N ILE H 507 -63.06 -1.39 -35.47
CA ILE H 507 -62.65 -2.57 -36.21
C ILE H 507 -62.96 -2.32 -37.69
N ASP H 508 -61.94 -2.47 -38.53
CA ASP H 508 -62.08 -2.31 -39.96
C ASP H 508 -61.86 -3.65 -40.65
N GLU H 509 -62.57 -3.87 -41.76
CA GLU H 509 -62.58 -5.17 -42.43
C GLU H 509 -63.06 -6.25 -41.47
N PHE H 510 -64.24 -6.01 -40.88
CA PHE H 510 -64.73 -6.86 -39.81
C PHE H 510 -64.95 -8.29 -40.29
N ASP H 511 -65.49 -8.46 -41.49
CA ASP H 511 -65.84 -9.78 -41.99
C ASP H 511 -64.63 -10.69 -42.18
N LYS H 512 -63.41 -10.15 -42.19
CA LYS H 512 -62.21 -10.92 -42.45
C LYS H 512 -61.75 -11.73 -41.25
N MET H 513 -62.38 -11.58 -40.09
CA MET H 513 -61.93 -12.26 -38.88
C MET H 513 -62.18 -13.76 -39.01
N THR H 514 -61.79 -14.50 -37.98
CA THR H 514 -61.93 -15.94 -37.94
C THR H 514 -62.79 -16.34 -36.74
N ASP H 515 -63.16 -17.62 -36.70
CA ASP H 515 -64.03 -18.09 -35.62
C ASP H 515 -63.29 -18.11 -34.29
N VAL H 516 -61.99 -18.42 -34.32
CA VAL H 516 -61.23 -18.56 -33.09
C VAL H 516 -61.34 -17.29 -32.25
N ASP H 517 -61.39 -16.13 -32.90
CA ASP H 517 -61.53 -14.88 -32.17
C ASP H 517 -62.95 -14.30 -32.21
N ARG H 518 -63.81 -14.71 -33.15
CA ARG H 518 -65.20 -14.31 -33.02
C ARG H 518 -65.82 -14.90 -31.75
N VAL H 519 -65.53 -16.16 -31.46
CA VAL H 519 -66.02 -16.77 -30.22
C VAL H 519 -65.48 -16.00 -29.02
N ALA H 520 -64.22 -15.58 -29.08
CA ALA H 520 -63.64 -14.81 -27.98
C ALA H 520 -64.36 -13.48 -27.80
N ILE H 521 -64.63 -12.77 -28.90
CA ILE H 521 -65.25 -11.46 -28.79
C ILE H 521 -66.73 -11.54 -28.42
N HIS H 522 -67.36 -12.71 -28.58
CA HIS H 522 -68.72 -12.86 -28.07
C HIS H 522 -68.79 -12.47 -26.59
N GLU H 523 -67.89 -13.02 -25.79
CA GLU H 523 -67.90 -12.75 -24.35
C GLU H 523 -67.64 -11.27 -24.08
N VAL H 524 -66.71 -10.66 -24.80
CA VAL H 524 -66.43 -9.25 -24.58
C VAL H 524 -67.66 -8.40 -24.88
N MET H 525 -68.36 -8.72 -25.97
CA MET H 525 -69.51 -7.91 -26.37
C MET H 525 -70.73 -8.13 -25.49
N GLU H 526 -70.84 -9.28 -24.80
CA GLU H 526 -72.02 -9.53 -23.98
C GLU H 526 -71.73 -9.45 -22.49
N GLN H 527 -70.81 -10.26 -21.98
CA GLN H 527 -70.50 -10.25 -20.55
C GLN H 527 -69.51 -9.15 -20.18
N GLN H 528 -68.78 -8.60 -21.15
CA GLN H 528 -67.80 -7.55 -20.89
C GLN H 528 -66.72 -8.02 -19.91
N THR H 529 -66.29 -9.26 -20.07
CA THR H 529 -65.18 -9.79 -19.29
C THR H 529 -64.36 -10.73 -20.16
N VAL H 530 -63.12 -10.96 -19.74
CA VAL H 530 -62.20 -11.87 -20.42
C VAL H 530 -61.71 -12.89 -19.40
N THR H 531 -61.78 -14.17 -19.77
CA THR H 531 -61.38 -15.26 -18.90
C THR H 531 -60.18 -15.97 -19.50
N ILE H 532 -59.15 -16.18 -18.69
CA ILE H 532 -57.94 -16.86 -19.11
C ILE H 532 -57.67 -18.00 -18.15
N ALA H 533 -57.22 -19.13 -18.68
CA ALA H 533 -56.82 -20.29 -17.86
C ALA H 533 -55.69 -20.98 -18.60
N LYS H 534 -54.45 -20.64 -18.22
CA LYS H 534 -53.26 -21.28 -18.74
C LYS H 534 -52.53 -21.95 -17.58
N ALA H 535 -51.33 -22.44 -17.85
CA ALA H 535 -50.55 -23.13 -16.82
C ALA H 535 -50.20 -22.14 -15.73
N GLY H 536 -50.86 -22.27 -14.58
CA GLY H 536 -50.57 -21.44 -13.44
C GLY H 536 -51.28 -20.10 -13.38
N ILE H 537 -52.19 -19.82 -14.31
CA ILE H 537 -52.95 -18.57 -14.32
C ILE H 537 -54.43 -18.90 -14.43
N HIS H 538 -55.23 -18.28 -13.57
CA HIS H 538 -56.69 -18.42 -13.63
C HIS H 538 -57.28 -17.11 -13.11
N THR H 539 -57.65 -16.22 -14.01
CA THR H 539 -58.09 -14.88 -13.63
C THR H 539 -59.18 -14.42 -14.59
N THR H 540 -59.64 -13.19 -14.36
CA THR H 540 -60.70 -12.57 -15.14
C THR H 540 -60.45 -11.07 -15.20
N LEU H 541 -60.45 -10.52 -16.40
CA LEU H 541 -60.12 -9.12 -16.62
C LEU H 541 -61.34 -8.37 -17.14
N ASN H 542 -61.63 -7.23 -16.53
CA ASN H 542 -62.75 -6.39 -16.96
C ASN H 542 -62.45 -5.81 -18.33
N ALA H 543 -63.45 -5.84 -19.22
CA ALA H 543 -63.28 -5.38 -20.59
C ALA H 543 -64.51 -4.58 -21.03
N ARG H 544 -64.95 -3.65 -20.19
CA ARG H 544 -66.15 -2.88 -20.50
C ARG H 544 -65.87 -1.84 -21.58
N CYS H 545 -66.06 -2.23 -22.84
CA CYS H 545 -65.76 -1.36 -23.97
C CYS H 545 -66.91 -1.40 -24.98
N SER H 546 -66.98 -0.36 -25.81
CA SER H 546 -67.94 -0.31 -26.90
C SER H 546 -67.22 -0.55 -28.22
N VAL H 547 -67.98 -0.98 -29.24
CA VAL H 547 -67.40 -1.45 -30.50
C VAL H 547 -68.13 -0.80 -31.68
N ILE H 548 -67.34 -0.31 -32.63
CA ILE H 548 -67.84 0.14 -33.93
C ILE H 548 -67.09 -0.61 -35.01
N ALA H 549 -67.82 -1.17 -35.98
CA ALA H 549 -67.22 -2.01 -37.00
C ALA H 549 -67.86 -1.76 -38.35
N ALA H 550 -67.10 -2.04 -39.40
CA ALA H 550 -67.55 -1.92 -40.77
C ALA H 550 -67.18 -3.19 -41.54
N ALA H 551 -68.05 -3.56 -42.49
CA ALA H 551 -67.85 -4.78 -43.26
C ALA H 551 -68.39 -4.58 -44.67
N ASN H 552 -67.98 -5.48 -45.57
CA ASN H 552 -68.35 -5.39 -46.97
C ASN H 552 -69.36 -6.49 -47.34
N PRO H 553 -70.21 -6.25 -48.33
CA PRO H 553 -71.10 -7.31 -48.80
C PRO H 553 -70.34 -8.41 -49.52
N VAL H 554 -70.98 -9.58 -49.63
CA VAL H 554 -70.32 -10.74 -50.19
C VAL H 554 -70.04 -10.56 -51.68
N PHE H 555 -71.00 -9.99 -52.41
CA PHE H 555 -70.91 -9.87 -53.86
C PHE H 555 -70.33 -8.54 -54.30
N GLY H 556 -69.45 -7.93 -53.51
CA GLY H 556 -68.85 -6.68 -53.89
C GLY H 556 -69.78 -5.49 -53.69
N GLN H 557 -70.94 -5.54 -54.34
CA GLN H 557 -71.97 -4.52 -54.19
C GLN H 557 -73.22 -5.14 -53.57
N TYR H 558 -73.88 -4.36 -52.73
CA TYR H 558 -75.14 -4.81 -52.14
C TYR H 558 -76.14 -5.11 -53.24
N ASP H 559 -76.80 -6.26 -53.13
CA ASP H 559 -77.78 -6.72 -54.11
C ASP H 559 -79.16 -6.64 -53.48
N VAL H 560 -80.07 -5.92 -54.14
CA VAL H 560 -81.43 -5.77 -53.65
C VAL H 560 -82.33 -6.93 -54.07
N ASN H 561 -81.87 -7.80 -54.95
CA ASN H 561 -82.67 -8.92 -55.43
C ASN H 561 -82.59 -10.15 -54.55
N ARG H 562 -81.83 -10.10 -53.45
CA ARG H 562 -81.71 -11.20 -52.51
C ARG H 562 -81.94 -10.68 -51.09
N ASP H 563 -82.37 -11.59 -50.22
CA ASP H 563 -82.64 -11.24 -48.85
C ASP H 563 -81.33 -10.93 -48.11
N PRO H 564 -81.40 -10.23 -46.98
CA PRO H 564 -80.16 -9.80 -46.32
C PRO H 564 -79.27 -10.95 -45.88
N HIS H 565 -79.81 -12.14 -45.67
CA HIS H 565 -78.97 -13.24 -45.21
C HIS H 565 -77.86 -13.53 -46.21
N GLN H 566 -78.20 -13.63 -47.49
CA GLN H 566 -77.20 -13.92 -48.51
C GLN H 566 -76.23 -12.77 -48.71
N ASN H 567 -76.65 -11.53 -48.49
CA ASN H 567 -75.80 -10.37 -48.68
C ASN H 567 -74.82 -10.15 -47.54
N ILE H 568 -75.23 -10.40 -46.29
CA ILE H 568 -74.33 -10.24 -45.15
C ILE H 568 -73.54 -11.51 -44.87
N ALA H 569 -74.22 -12.63 -44.67
CA ALA H 569 -73.55 -13.91 -44.44
C ALA H 569 -72.64 -13.85 -43.21
N LEU H 570 -73.26 -13.62 -42.06
CA LEU H 570 -72.58 -13.65 -40.77
C LEU H 570 -73.47 -14.37 -39.77
N PRO H 571 -72.89 -14.99 -38.74
CA PRO H 571 -73.70 -15.74 -37.79
C PRO H 571 -74.83 -14.90 -37.20
N ASP H 572 -76.01 -15.50 -37.11
CA ASP H 572 -77.16 -14.82 -36.54
C ASP H 572 -76.91 -14.46 -35.07
N SER H 573 -76.28 -15.37 -34.33
CA SER H 573 -75.95 -15.06 -32.94
C SER H 573 -75.07 -13.82 -32.86
N LEU H 574 -74.03 -13.74 -33.70
CA LEU H 574 -73.18 -12.56 -33.70
C LEU H 574 -73.97 -11.31 -34.05
N LEU H 575 -74.76 -11.35 -35.12
CA LEU H 575 -75.57 -10.19 -35.49
C LEU H 575 -76.49 -9.78 -34.36
N SER H 576 -76.92 -10.73 -33.53
CA SER H 576 -77.78 -10.39 -32.40
C SER H 576 -77.09 -9.46 -31.41
N ARG H 577 -75.79 -9.67 -31.17
CA ARG H 577 -75.06 -8.90 -30.18
C ARG H 577 -74.91 -7.43 -30.55
N PHE H 578 -74.83 -7.11 -31.83
CA PHE H 578 -74.69 -5.72 -32.27
C PHE H 578 -75.99 -4.99 -32.02
N ASP H 579 -75.90 -3.83 -31.36
CA ASP H 579 -77.11 -3.06 -31.06
C ASP H 579 -77.71 -2.47 -32.33
N LEU H 580 -76.88 -1.84 -33.17
CA LEU H 580 -77.39 -1.25 -34.41
C LEU H 580 -76.60 -1.76 -35.60
N LEU H 581 -77.33 -2.04 -36.68
CA LEU H 581 -76.74 -2.47 -37.95
C LEU H 581 -77.31 -1.60 -39.05
N PHE H 582 -76.43 -1.00 -39.85
CA PHE H 582 -76.83 -0.12 -40.95
C PHE H 582 -76.35 -0.68 -42.27
N VAL H 583 -77.15 -0.45 -43.32
CA VAL H 583 -76.82 -0.85 -44.67
C VAL H 583 -76.84 0.40 -45.55
N VAL H 584 -75.75 0.64 -46.27
CA VAL H 584 -75.60 1.84 -47.08
C VAL H 584 -75.18 1.45 -48.50
N THR H 585 -75.95 1.94 -49.47
CA THR H 585 -75.71 1.68 -50.89
C THR H 585 -75.69 3.01 -51.63
N ASP H 586 -74.83 3.09 -52.65
CA ASP H 586 -74.70 4.29 -53.47
C ASP H 586 -75.43 4.04 -54.79
N ASP H 587 -76.49 4.82 -55.01
CA ASP H 587 -77.27 4.74 -56.24
C ASP H 587 -77.04 5.99 -57.08
N ILE H 588 -76.81 5.81 -58.37
CA ILE H 588 -76.49 6.93 -59.23
C ILE H 588 -77.74 7.78 -59.43
N ASN H 589 -77.58 9.09 -59.30
CA ASN H 589 -78.68 10.03 -59.52
C ASN H 589 -78.05 11.37 -59.89
N GLU H 590 -78.55 11.99 -60.96
CA GLU H 590 -77.91 13.19 -61.47
C GLU H 590 -77.83 14.28 -60.41
N ILE H 591 -78.92 14.52 -59.69
CA ILE H 591 -78.96 15.63 -58.74
C ILE H 591 -78.03 15.35 -57.56
N ARG H 592 -78.09 14.14 -57.01
CA ARG H 592 -77.23 13.81 -55.88
C ARG H 592 -75.76 13.86 -56.28
N ASP H 593 -75.44 13.35 -57.47
CA ASP H 593 -74.06 13.43 -57.96
C ASP H 593 -73.61 14.87 -58.09
N ARG H 594 -74.46 15.72 -58.66
CA ARG H 594 -74.14 17.14 -58.75
C ARG H 594 -73.83 17.70 -57.37
N SER H 595 -74.73 17.48 -56.42
CA SER H 595 -74.58 18.08 -55.10
C SER H 595 -73.31 17.63 -54.42
N ILE H 596 -73.01 16.32 -54.47
CA ILE H 596 -71.77 15.84 -53.86
C ILE H 596 -70.57 16.42 -54.58
N SER H 597 -70.68 16.67 -55.89
CA SER H 597 -69.57 17.30 -56.60
C SER H 597 -69.30 18.69 -56.05
N GLU H 598 -70.34 19.52 -55.93
CA GLU H 598 -70.08 20.85 -55.37
C GLU H 598 -69.53 20.75 -53.97
N HIS H 599 -70.06 19.83 -53.15
CA HIS H 599 -69.60 19.73 -51.77
C HIS H 599 -68.13 19.36 -51.71
N VAL H 600 -67.72 18.37 -52.51
CA VAL H 600 -66.32 17.93 -52.48
C VAL H 600 -65.41 19.04 -53.01
N LEU H 601 -65.82 19.75 -54.07
CA LEU H 601 -64.99 20.83 -54.56
C LEU H 601 -64.91 21.97 -53.56
N ARG H 602 -65.98 22.21 -52.82
CA ARG H 602 -65.92 23.16 -51.71
C ARG H 602 -64.88 22.74 -50.69
N THR H 603 -64.90 21.47 -50.30
CA THR H 603 -63.94 20.99 -49.30
C THR H 603 -62.51 21.12 -49.80
N HIS H 604 -62.28 20.82 -51.08
CA HIS H 604 -60.91 20.78 -51.59
C HIS H 604 -60.29 22.17 -51.79
N ARG H 605 -60.87 23.26 -51.32
CA ARG H 605 -60.24 24.57 -51.42
C ARG H 605 -60.20 25.28 -50.07
N VAL H 686 -69.98 23.86 -34.43
CA VAL H 686 -69.28 23.62 -33.18
C VAL H 686 -67.93 22.97 -33.45
N THR H 687 -66.90 23.40 -32.72
CA THR H 687 -65.56 22.89 -32.94
C THR H 687 -65.34 21.58 -32.19
N ILE H 688 -64.37 20.81 -32.68
CA ILE H 688 -64.08 19.51 -32.07
C ILE H 688 -63.67 19.63 -30.61
N PRO H 689 -62.80 20.57 -30.22
CA PRO H 689 -62.48 20.68 -28.79
C PRO H 689 -63.69 20.92 -27.91
N PHE H 690 -64.60 21.81 -28.32
CA PHE H 690 -65.79 22.05 -27.51
C PHE H 690 -66.68 20.83 -27.49
N LEU H 691 -66.75 20.10 -28.61
CA LEU H 691 -67.49 18.85 -28.61
C LEU H 691 -66.93 17.88 -27.59
N ARG H 692 -65.60 17.79 -27.51
CA ARG H 692 -64.98 16.90 -26.53
C ARG H 692 -65.29 17.34 -25.11
N LYS H 693 -65.24 18.64 -24.84
CA LYS H 693 -65.58 19.13 -23.50
C LYS H 693 -67.03 18.80 -23.15
N TYR H 694 -67.93 19.02 -24.11
CA TYR H 694 -69.33 18.67 -23.91
C TYR H 694 -69.48 17.20 -23.56
N VAL H 695 -68.84 16.33 -24.34
CA VAL H 695 -68.97 14.90 -24.11
C VAL H 695 -68.44 14.53 -22.74
N GLN H 696 -67.29 15.09 -22.35
CA GLN H 696 -66.71 14.77 -21.05
C GLN H 696 -67.66 15.16 -19.92
N TYR H 697 -68.15 16.40 -19.95
CA TYR H 697 -69.06 16.84 -18.89
C TYR H 697 -70.31 15.96 -18.85
N ALA H 698 -70.90 15.69 -20.01
CA ALA H 698 -72.13 14.90 -20.02
C ALA H 698 -71.91 13.50 -19.50
N LYS H 699 -70.81 12.85 -19.91
CA LYS H 699 -70.56 11.49 -19.47
C LYS H 699 -70.15 11.40 -18.01
N GLU H 700 -69.60 12.48 -17.44
CA GLU H 700 -69.14 12.41 -16.05
C GLU H 700 -70.22 12.83 -15.06
N ARG H 701 -71.05 13.80 -15.39
CA ARG H 701 -71.88 14.46 -14.39
C ARG H 701 -73.29 13.88 -14.24
N VAL H 702 -73.97 13.57 -15.32
CA VAL H 702 -75.41 13.30 -15.30
C VAL H 702 -75.64 11.80 -15.46
N ILE H 703 -76.57 11.27 -14.66
CA ILE H 703 -77.00 9.88 -14.74
C ILE H 703 -78.52 9.83 -14.63
N PRO H 704 -79.25 9.76 -15.74
CA PRO H 704 -80.73 9.81 -15.66
C PRO H 704 -81.32 8.49 -15.17
N GLN H 705 -82.61 8.56 -14.85
CA GLN H 705 -83.39 7.41 -14.40
C GLN H 705 -84.60 7.21 -15.30
N LEU H 706 -85.16 6.00 -15.23
CA LEU H 706 -86.28 5.63 -16.08
C LEU H 706 -87.58 6.25 -15.59
N THR H 707 -88.53 6.41 -16.52
CA THR H 707 -89.82 7.02 -16.23
C THR H 707 -90.93 6.19 -16.85
N GLN H 708 -92.09 6.17 -16.18
CA GLN H 708 -93.18 5.28 -16.58
C GLN H 708 -93.62 5.52 -18.02
N GLU H 709 -93.59 6.79 -18.46
CA GLU H 709 -93.96 7.09 -19.84
C GLU H 709 -93.06 6.33 -20.81
N ALA H 710 -91.74 6.43 -20.62
CA ALA H 710 -90.81 5.70 -21.45
C ALA H 710 -91.00 4.20 -21.31
N ILE H 711 -91.29 3.72 -20.10
CA ILE H 711 -91.52 2.29 -19.91
C ILE H 711 -92.65 1.82 -20.82
N ASN H 712 -93.78 2.54 -20.78
CA ASN H 712 -94.93 2.15 -21.61
C ASN H 712 -94.61 2.23 -23.10
N VAL H 713 -93.95 3.31 -23.52
CA VAL H 713 -93.65 3.47 -24.95
C VAL H 713 -92.76 2.34 -25.43
N ILE H 714 -91.71 2.03 -24.66
CA ILE H 714 -90.80 0.95 -25.06
C ILE H 714 -91.52 -0.38 -25.09
N VAL H 715 -92.38 -0.63 -24.10
CA VAL H 715 -93.12 -1.90 -24.08
C VAL H 715 -93.95 -2.03 -25.36
N LYS H 716 -94.71 -0.97 -25.70
CA LYS H 716 -95.56 -1.03 -26.87
C LYS H 716 -94.73 -1.26 -28.13
N ASN H 717 -93.65 -0.51 -28.29
CA ASN H 717 -92.85 -0.62 -29.52
C ASN H 717 -92.21 -2.00 -29.63
N TYR H 718 -91.68 -2.54 -28.53
CA TYR H 718 -91.07 -3.86 -28.59
C TYR H 718 -92.11 -4.91 -28.93
N THR H 719 -93.30 -4.82 -28.33
CA THR H 719 -94.35 -5.78 -28.67
C THR H 719 -94.68 -5.70 -30.16
N ASP H 720 -94.84 -4.48 -30.69
CA ASP H 720 -95.16 -4.33 -32.10
C ASP H 720 -94.09 -4.95 -32.98
N LEU H 721 -92.82 -4.65 -32.70
CA LEU H 721 -91.75 -5.20 -33.51
C LEU H 721 -91.73 -6.72 -33.44
N ARG H 722 -91.88 -7.29 -32.25
CA ARG H 722 -91.83 -8.74 -32.12
C ARG H 722 -93.01 -9.41 -32.82
N ASN H 723 -94.16 -8.72 -32.89
CA ASN H 723 -95.34 -9.34 -33.47
C ASN H 723 -95.69 -8.75 -34.84
N ASP H 724 -94.71 -8.14 -35.51
CA ASP H 724 -94.87 -7.70 -36.88
C ASP H 724 -94.28 -8.75 -37.82
N ASP H 725 -94.83 -8.82 -39.03
CA ASP H 725 -94.43 -9.83 -40.01
C ASP H 725 -93.44 -9.31 -41.04
N ASN H 726 -93.08 -8.03 -41.00
CA ASN H 726 -92.20 -7.47 -42.01
C ASN H 726 -90.84 -8.15 -41.97
N THR H 727 -90.21 -8.25 -43.15
CA THR H 727 -88.88 -8.82 -43.25
C THR H 727 -87.85 -7.81 -42.75
N LYS H 728 -87.03 -8.22 -41.80
CA LYS H 728 -86.04 -7.35 -41.20
C LYS H 728 -84.62 -7.77 -41.59
N LYS H 729 -83.69 -6.83 -41.47
CA LYS H 729 -82.28 -7.14 -41.66
C LYS H 729 -81.68 -7.93 -40.50
N SER H 730 -82.27 -7.87 -39.32
CA SER H 730 -81.71 -8.54 -38.15
C SER H 730 -82.84 -9.19 -37.37
N PRO H 731 -82.54 -10.22 -36.56
CA PRO H 731 -83.59 -10.85 -35.75
C PRO H 731 -84.05 -9.97 -34.60
N ILE H 732 -84.97 -10.47 -33.78
CA ILE H 732 -85.50 -9.73 -32.65
C ILE H 732 -85.39 -10.61 -31.41
N THR H 733 -84.83 -10.06 -30.34
CA THR H 733 -84.69 -10.74 -29.06
C THR H 733 -84.94 -9.73 -27.94
N ALA H 734 -84.63 -10.13 -26.70
CA ALA H 734 -84.65 -9.18 -25.60
C ALA H 734 -83.52 -8.17 -25.71
N ARG H 735 -82.49 -8.49 -26.49
CA ARG H 735 -81.43 -7.52 -26.76
C ARG H 735 -81.99 -6.27 -27.41
N THR H 736 -83.05 -6.41 -28.21
CA THR H 736 -83.67 -5.23 -28.80
C THR H 736 -84.32 -4.35 -27.73
N LEU H 737 -85.00 -4.95 -26.76
CA LEU H 737 -85.58 -4.18 -25.68
C LEU H 737 -84.51 -3.45 -24.88
N GLU H 738 -83.44 -4.17 -24.54
CA GLU H 738 -82.34 -3.54 -23.81
C GLU H 738 -81.71 -2.43 -24.63
N THR H 739 -81.59 -2.62 -25.95
CA THR H 739 -81.06 -1.57 -26.81
C THR H 739 -81.95 -0.35 -26.80
N LEU H 740 -83.27 -0.55 -26.85
CA LEU H 740 -84.19 0.58 -26.79
C LEU H 740 -83.99 1.36 -25.50
N ILE H 741 -83.89 0.65 -24.37
CA ILE H 741 -83.66 1.32 -23.10
C ILE H 741 -82.36 2.11 -23.14
N ARG H 742 -81.30 1.50 -23.66
CA ARG H 742 -80.00 2.16 -23.69
C ARG H 742 -80.04 3.42 -24.54
N LEU H 743 -80.68 3.34 -25.71
CA LEU H 743 -80.77 4.52 -26.58
C LEU H 743 -81.56 5.63 -25.92
N ALA H 744 -82.67 5.29 -25.25
CA ALA H 744 -83.43 6.32 -24.56
C ALA H 744 -82.58 6.99 -23.48
N THR H 745 -81.85 6.18 -22.71
CA THR H 745 -81.02 6.75 -21.64
C THR H 745 -79.92 7.63 -22.23
N ALA H 746 -79.31 7.21 -23.33
CA ALA H 746 -78.26 8.03 -23.95
C ALA H 746 -78.81 9.35 -24.45
N HIS H 747 -80.00 9.34 -25.06
CA HIS H 747 -80.59 10.59 -25.51
C HIS H 747 -80.89 11.51 -24.33
N ALA H 748 -81.38 10.94 -23.21
CA ALA H 748 -81.56 11.76 -22.02
C ALA H 748 -80.25 12.35 -21.55
N LYS H 749 -79.18 11.54 -21.56
CA LYS H 749 -77.86 12.02 -21.20
C LYS H 749 -77.48 13.23 -22.07
N VAL H 750 -77.73 13.13 -23.37
CA VAL H 750 -77.47 14.25 -24.26
C VAL H 750 -78.28 15.47 -23.83
N ARG H 751 -79.55 15.24 -23.48
CA ARG H 751 -80.40 16.34 -23.03
C ARG H 751 -79.95 16.92 -21.69
N LEU H 752 -79.06 16.25 -20.97
CA LEU H 752 -78.59 16.69 -19.66
C LEU H 752 -79.71 16.70 -18.61
N SER H 753 -80.75 15.91 -18.83
CA SER H 753 -81.83 15.79 -17.86
C SER H 753 -81.59 14.60 -16.95
N LYS H 754 -82.21 14.64 -15.77
CA LYS H 754 -82.04 13.58 -14.78
C LYS H 754 -83.00 12.41 -14.97
N THR H 755 -83.87 12.47 -15.98
CA THR H 755 -84.82 11.39 -16.23
C THR H 755 -85.07 11.28 -17.72
N VAL H 756 -85.26 10.05 -18.18
CA VAL H 756 -85.64 9.79 -19.56
C VAL H 756 -87.09 10.22 -19.74
N ASN H 757 -87.45 10.61 -20.95
CA ASN H 757 -88.77 11.14 -21.23
C ASN H 757 -89.36 10.51 -22.50
N LYS H 758 -90.64 10.81 -22.71
CA LYS H 758 -91.35 10.28 -23.87
C LYS H 758 -90.67 10.68 -25.17
N VAL H 759 -90.14 11.91 -25.25
CA VAL H 759 -89.48 12.35 -26.47
C VAL H 759 -88.25 11.50 -26.73
N ASP H 760 -87.44 11.24 -25.70
CA ASP H 760 -86.26 10.41 -25.88
C ASP H 760 -86.65 9.00 -26.28
N ALA H 761 -87.69 8.45 -25.66
CA ALA H 761 -88.15 7.11 -26.02
C ALA H 761 -88.56 7.07 -27.49
N LYS H 762 -89.28 8.09 -27.95
CA LYS H 762 -89.74 8.12 -29.34
C LYS H 762 -88.57 8.28 -30.30
N VAL H 763 -87.59 9.09 -29.95
CA VAL H 763 -86.40 9.21 -30.81
C VAL H 763 -85.70 7.86 -30.92
N ALA H 764 -85.53 7.17 -29.80
CA ALA H 764 -84.89 5.85 -29.83
C ALA H 764 -85.67 4.90 -30.72
N ALA H 765 -87.00 4.85 -30.54
CA ALA H 765 -87.82 3.95 -31.33
C ALA H 765 -87.74 4.30 -32.81
N ASN H 766 -87.79 5.59 -33.15
CA ASN H 766 -87.73 6.00 -34.55
C ASN H 766 -86.40 5.62 -35.18
N LEU H 767 -85.29 5.86 -34.47
CA LEU H 767 -83.99 5.50 -35.02
C LEU H 767 -83.87 3.99 -35.22
N LEU H 768 -84.33 3.22 -34.24
CA LEU H 768 -84.28 1.76 -34.38
C LEU H 768 -85.12 1.30 -35.56
N ARG H 769 -86.32 1.87 -35.71
CA ARG H 769 -87.18 1.52 -36.84
C ARG H 769 -86.53 1.88 -38.16
N PHE H 770 -85.88 3.04 -38.25
CA PHE H 770 -85.20 3.40 -39.48
C PHE H 770 -84.08 2.42 -39.78
N ALA H 771 -83.30 2.03 -38.77
CA ALA H 771 -82.22 1.08 -39.00
C ALA H 771 -82.76 -0.26 -39.49
N LEU H 772 -83.86 -0.73 -38.90
CA LEU H 772 -84.40 -2.04 -39.27
C LEU H 772 -85.18 -2.00 -40.58
N LEU H 773 -85.67 -0.83 -40.97
CA LEU H 773 -86.51 -0.70 -42.16
C LEU H 773 -86.13 0.56 -42.94
N LEU I 177 -38.52 -49.04 35.78
CA LEU I 177 -37.55 -48.59 36.77
C LEU I 177 -36.67 -47.48 36.23
N ARG I 178 -35.81 -47.82 35.27
CA ARG I 178 -34.88 -46.87 34.67
C ARG I 178 -35.33 -46.63 33.23
N ILE I 179 -36.02 -45.52 33.00
CA ILE I 179 -36.47 -45.12 31.67
C ILE I 179 -35.31 -44.50 30.92
N ILE I 180 -35.47 -44.32 29.62
CA ILE I 180 -34.47 -43.67 28.78
C ILE I 180 -34.89 -42.21 28.58
N TRP I 181 -33.93 -41.30 28.74
CA TRP I 181 -34.23 -39.88 28.71
C TRP I 181 -34.96 -39.51 27.42
N GLY I 182 -36.04 -38.76 27.55
CA GLY I 182 -36.86 -38.34 26.44
C GLY I 182 -38.00 -39.29 26.14
N THR I 183 -37.82 -40.57 26.42
CA THR I 183 -38.83 -41.59 26.19
C THR I 183 -39.48 -41.99 27.51
N ASN I 184 -40.33 -43.01 27.44
CA ASN I 184 -40.86 -43.68 28.63
C ASN I 184 -40.61 -45.18 28.59
N VAL I 185 -39.68 -45.62 27.74
CA VAL I 185 -39.40 -47.03 27.60
C VAL I 185 -38.52 -47.51 28.75
N SER I 186 -38.83 -48.69 29.29
CA SER I 186 -38.00 -49.36 30.27
C SER I 186 -37.51 -50.67 29.66
N ILE I 187 -36.19 -50.83 29.56
CA ILE I 187 -35.64 -51.96 28.83
C ILE I 187 -36.03 -53.28 29.51
N GLN I 188 -35.92 -53.34 30.83
CA GLN I 188 -36.21 -54.59 31.53
C GLN I 188 -37.67 -54.98 31.37
N GLU I 189 -38.58 -54.04 31.59
CA GLU I 189 -40.00 -54.34 31.48
C GLU I 189 -40.35 -54.74 30.06
N CYS I 190 -39.83 -54.03 29.06
CA CYS I 190 -40.14 -54.35 27.68
C CYS I 190 -39.65 -55.74 27.31
N THR I 191 -38.41 -56.08 27.68
CA THR I 191 -37.89 -57.39 27.33
C THR I 191 -38.67 -58.49 28.04
N THR I 192 -39.02 -58.29 29.31
CA THR I 192 -39.80 -59.30 30.02
C THR I 192 -41.17 -59.50 29.36
N ASN I 193 -41.84 -58.41 29.01
CA ASN I 193 -43.15 -58.52 28.38
C ASN I 193 -43.04 -59.21 27.03
N PHE I 194 -42.01 -58.87 26.25
CA PHE I 194 -41.86 -59.51 24.95
C PHE I 194 -41.61 -61.01 25.10
N ARG I 195 -40.76 -61.39 26.05
CA ARG I 195 -40.51 -62.82 26.25
C ARG I 195 -41.78 -63.55 26.66
N ASN I 196 -42.55 -62.95 27.57
CA ASN I 196 -43.81 -63.58 27.98
C ASN I 196 -44.76 -63.73 26.80
N PHE I 197 -44.87 -62.68 25.96
CA PHE I 197 -45.75 -62.76 24.81
C PHE I 197 -45.29 -63.85 23.84
N LEU I 198 -43.98 -63.94 23.61
CA LEU I 198 -43.48 -64.98 22.73
C LEU I 198 -43.79 -66.37 23.26
N MET I 199 -43.60 -66.57 24.57
CA MET I 199 -43.83 -67.88 25.17
C MET I 199 -45.30 -68.22 25.34
N SER I 200 -46.20 -67.24 25.26
CA SER I 200 -47.63 -67.53 25.38
C SER I 200 -48.39 -66.62 24.41
N PHE I 201 -48.95 -67.23 23.36
CA PHE I 201 -49.85 -66.52 22.46
C PHE I 201 -50.46 -67.51 21.50
N LYS I 202 -51.70 -67.23 21.09
CA LYS I 202 -52.42 -68.06 20.14
C LYS I 202 -53.53 -67.22 19.51
N TYR I 203 -54.03 -67.69 18.37
CA TYR I 203 -54.95 -66.88 17.56
C TYR I 203 -56.15 -66.45 18.38
N LYS I 204 -56.56 -67.25 19.35
CA LYS I 204 -57.73 -66.94 20.17
C LYS I 204 -57.61 -65.53 20.78
N THR I 220 -55.61 -75.87 15.45
CA THR I 220 -54.54 -75.00 14.99
C THR I 220 -54.52 -73.69 15.77
N ASP I 221 -55.70 -73.27 16.24
CA ASP I 221 -55.84 -72.02 16.96
C ASP I 221 -55.53 -72.13 18.46
N GLU I 222 -55.30 -73.35 18.96
CA GLU I 222 -55.01 -73.57 20.37
C GLU I 222 -53.53 -73.79 20.63
N GLU I 223 -52.79 -74.23 19.63
CA GLU I 223 -51.37 -74.51 19.75
C GLU I 223 -50.55 -73.23 19.80
N LEU I 224 -49.36 -73.33 20.37
CA LEU I 224 -48.46 -72.18 20.48
C LEU I 224 -47.96 -71.79 19.09
N TYR I 225 -48.02 -70.49 18.79
CA TYR I 225 -47.78 -70.02 17.43
C TYR I 225 -46.33 -69.62 17.21
N TYR I 226 -45.88 -68.59 17.95
CA TYR I 226 -44.52 -68.11 17.74
C TYR I 226 -43.48 -69.16 18.11
N ILE I 227 -43.85 -70.14 18.93
CA ILE I 227 -42.90 -71.21 19.24
C ILE I 227 -42.57 -72.00 17.99
N LYS I 228 -43.59 -72.40 17.22
CA LYS I 228 -43.30 -73.15 16.00
C LYS I 228 -42.66 -72.24 14.96
N GLN I 229 -43.06 -70.97 14.91
CA GLN I 229 -42.33 -70.06 14.00
C GLN I 229 -40.85 -70.02 14.33
N LEU I 230 -40.50 -69.90 15.62
CA LEU I 230 -39.10 -69.87 16.01
C LEU I 230 -38.40 -71.17 15.65
N ASN I 231 -39.06 -72.30 15.91
CA ASN I 231 -38.45 -73.60 15.60
C ASN I 231 -38.22 -73.76 14.10
N GLU I 232 -39.21 -73.38 13.28
CA GLU I 232 -39.06 -73.46 11.84
C GLU I 232 -37.95 -72.54 11.37
N MET I 233 -37.85 -71.35 11.95
CA MET I 233 -36.80 -70.42 11.59
C MET I 233 -35.43 -71.01 11.87
N ARG I 234 -35.22 -71.52 13.09
CA ARG I 234 -33.91 -72.08 13.42
C ARG I 234 -33.64 -73.36 12.64
N GLU I 235 -34.68 -74.06 12.17
CA GLU I 235 -34.47 -75.20 11.30
C GLU I 235 -33.98 -74.78 9.92
N LEU I 236 -34.63 -73.77 9.34
CA LEU I 236 -34.32 -73.39 7.96
C LEU I 236 -33.17 -72.40 7.85
N GLY I 237 -32.70 -71.86 8.97
CA GLY I 237 -31.60 -70.92 8.95
C GLY I 237 -31.99 -69.49 8.67
N THR I 238 -33.28 -69.17 8.63
CA THR I 238 -33.72 -67.82 8.37
C THR I 238 -33.38 -66.91 9.55
N SER I 239 -33.35 -65.60 9.28
CA SER I 239 -32.94 -64.61 10.27
C SER I 239 -33.95 -63.49 10.49
N ASN I 240 -35.05 -63.47 9.75
CA ASN I 240 -36.03 -62.40 9.81
C ASN I 240 -37.36 -62.92 10.34
N LEU I 241 -37.92 -62.21 11.30
CA LEU I 241 -39.23 -62.55 11.86
C LEU I 241 -40.22 -61.45 11.49
N ASN I 242 -41.21 -61.80 10.69
CA ASN I 242 -42.24 -60.85 10.28
C ASN I 242 -43.33 -60.81 11.35
N LEU I 243 -43.36 -59.73 12.12
CA LEU I 243 -44.26 -59.60 13.25
C LEU I 243 -45.48 -58.78 12.81
N ASP I 244 -46.66 -59.32 13.07
CA ASP I 244 -47.91 -58.60 12.80
C ASP I 244 -48.22 -57.73 14.01
N ALA I 245 -48.07 -56.41 13.85
CA ALA I 245 -48.22 -55.51 14.98
C ALA I 245 -49.61 -55.58 15.62
N ARG I 246 -50.61 -56.07 14.89
CA ARG I 246 -51.94 -56.20 15.46
C ARG I 246 -51.98 -57.31 16.51
N ASN I 247 -51.17 -58.36 16.34
CA ASN I 247 -51.14 -59.44 17.31
C ASN I 247 -50.90 -58.93 18.73
N LEU I 248 -49.95 -58.01 18.90
CA LEU I 248 -49.61 -57.53 20.24
C LEU I 248 -50.83 -56.91 20.91
N LEU I 249 -51.71 -56.27 20.14
CA LEU I 249 -52.85 -55.58 20.72
C LEU I 249 -53.91 -56.53 21.25
N ALA I 250 -53.81 -57.83 20.96
CA ALA I 250 -54.77 -58.78 21.49
C ALA I 250 -54.39 -59.25 22.89
N TYR I 251 -53.18 -59.79 23.04
CA TYR I 251 -52.69 -60.20 24.34
C TYR I 251 -52.78 -59.05 25.33
N LYS I 252 -53.05 -59.39 26.59
CA LYS I 252 -53.32 -58.36 27.59
C LYS I 252 -52.07 -57.53 27.90
N GLN I 253 -50.94 -58.20 28.15
CA GLN I 253 -49.76 -57.50 28.64
C GLN I 253 -49.30 -56.42 27.67
N THR I 254 -49.12 -56.77 26.40
CA THR I 254 -48.45 -55.91 25.43
C THR I 254 -49.34 -54.78 24.91
N GLU I 255 -50.49 -54.53 25.55
CA GLU I 255 -51.34 -53.42 25.12
C GLU I 255 -50.62 -52.09 25.20
N ASP I 256 -49.58 -52.00 26.02
CA ASP I 256 -48.76 -50.79 26.10
C ASP I 256 -47.53 -50.89 25.20
N LEU I 257 -46.95 -52.08 25.08
CA LEU I 257 -45.82 -52.26 24.16
C LEU I 257 -46.23 -51.93 22.74
N TYR I 258 -47.51 -52.09 22.39
CA TYR I 258 -47.96 -51.70 21.06
C TYR I 258 -47.73 -50.20 20.82
N HIS I 259 -48.23 -49.37 21.73
CA HIS I 259 -48.04 -47.92 21.59
C HIS I 259 -46.58 -47.54 21.69
N GLN I 260 -45.82 -48.20 22.56
CA GLN I 260 -44.39 -47.89 22.66
C GLN I 260 -43.67 -48.22 21.36
N LEU I 261 -44.02 -49.33 20.71
CA LEU I 261 -43.45 -49.65 19.41
C LEU I 261 -43.84 -48.61 18.37
N LEU I 262 -45.10 -48.17 18.39
CA LEU I 262 -45.52 -47.16 17.41
C LEU I 262 -44.77 -45.85 17.61
N ASN I 263 -44.49 -45.48 18.86
CA ASN I 263 -43.95 -44.15 19.13
C ASN I 263 -42.42 -44.09 19.11
N TYR I 264 -41.74 -45.14 19.57
CA TYR I 264 -40.28 -45.14 19.71
C TYR I 264 -39.71 -46.38 19.05
N PRO I 265 -39.83 -46.49 17.72
CA PRO I 265 -39.35 -47.71 17.05
C PRO I 265 -37.87 -47.97 17.23
N GLN I 266 -37.04 -46.92 17.30
CA GLN I 266 -35.59 -47.13 17.27
C GLN I 266 -35.15 -48.05 18.39
N GLU I 267 -35.56 -47.75 19.63
CA GLU I 267 -35.12 -48.55 20.77
C GLU I 267 -35.84 -49.90 20.80
N VAL I 268 -37.14 -49.87 20.51
CA VAL I 268 -37.97 -51.06 20.67
C VAL I 268 -37.54 -52.16 19.71
N ILE I 269 -37.14 -51.79 18.49
CA ILE I 269 -36.73 -52.81 17.52
C ILE I 269 -35.48 -53.53 18.01
N SER I 270 -34.49 -52.79 18.50
CA SER I 270 -33.28 -53.42 19.02
C SER I 270 -33.60 -54.28 20.24
N ILE I 271 -34.48 -53.79 21.11
CA ILE I 271 -34.88 -54.58 22.28
C ILE I 271 -35.49 -55.90 21.85
N MET I 272 -36.39 -55.85 20.86
CA MET I 272 -37.02 -57.06 20.37
C MET I 272 -35.99 -58.00 19.75
N ASP I 273 -35.02 -57.46 19.02
CA ASP I 273 -34.01 -58.31 18.41
C ASP I 273 -33.20 -59.04 19.46
N GLN I 274 -32.74 -58.32 20.48
CA GLN I 274 -31.98 -58.97 21.55
C GLN I 274 -32.82 -60.02 22.25
N THR I 275 -34.09 -59.70 22.53
CA THR I 275 -34.97 -60.66 23.18
C THR I 275 -35.14 -61.90 22.32
N ILE I 276 -35.27 -61.73 21.00
CA ILE I 276 -35.45 -62.86 20.12
C ILE I 276 -34.21 -63.75 20.12
N LYS I 277 -33.03 -63.16 20.07
CA LYS I 277 -31.82 -63.98 20.11
C LYS I 277 -31.71 -64.75 21.42
N ASP I 278 -31.98 -64.07 22.54
CA ASP I 278 -31.97 -64.74 23.84
C ASP I 278 -32.98 -65.88 23.87
N CYS I 279 -34.18 -65.64 23.32
CA CYS I 279 -35.20 -66.67 23.31
C CYS I 279 -34.77 -67.87 22.47
N MET I 280 -34.11 -67.61 21.33
CA MET I 280 -33.66 -68.73 20.50
C MET I 280 -32.62 -69.57 21.22
N VAL I 281 -31.64 -68.92 21.84
CA VAL I 281 -30.62 -69.69 22.56
C VAL I 281 -31.25 -70.46 23.71
N SER I 282 -32.19 -69.84 24.41
CA SER I 282 -32.88 -70.53 25.49
C SER I 282 -33.65 -71.74 24.97
N LEU I 283 -34.35 -71.57 23.84
CA LEU I 283 -35.11 -72.67 23.28
C LEU I 283 -34.20 -73.84 22.92
N ILE I 284 -33.07 -73.56 22.30
CA ILE I 284 -32.19 -74.65 21.88
C ILE I 284 -31.57 -75.33 23.10
N VAL I 285 -31.23 -74.57 24.14
CA VAL I 285 -30.49 -75.14 25.27
C VAL I 285 -31.42 -75.86 26.25
N ASP I 286 -32.61 -75.31 26.52
CA ASP I 286 -33.48 -75.88 27.54
C ASP I 286 -34.00 -77.26 27.19
N ASN I 287 -33.87 -77.70 25.93
CA ASN I 287 -34.38 -79.00 25.52
C ASN I 287 -33.29 -79.93 25.00
N ASN I 288 -32.05 -79.48 24.92
CA ASN I 288 -30.92 -80.35 24.58
C ASN I 288 -31.10 -81.01 23.22
N LEU I 289 -31.47 -80.21 22.22
CA LEU I 289 -31.64 -80.74 20.87
C LEU I 289 -30.30 -81.16 20.28
N ASP I 290 -29.40 -80.20 20.13
CA ASP I 290 -28.07 -80.47 19.58
C ASP I 290 -27.11 -79.40 20.09
N TYR I 291 -25.84 -79.77 20.18
CA TYR I 291 -24.83 -78.92 20.80
C TYR I 291 -24.17 -77.95 19.83
N ASP I 292 -24.59 -77.94 18.55
CA ASP I 292 -24.07 -76.97 17.59
C ASP I 292 -24.93 -75.71 17.66
N LEU I 293 -24.54 -74.81 18.56
CA LEU I 293 -25.25 -73.56 18.78
C LEU I 293 -24.37 -72.34 18.54
N ASP I 294 -23.11 -72.55 18.18
CA ASP I 294 -22.21 -71.42 17.96
C ASP I 294 -22.69 -70.55 16.80
N GLU I 295 -23.17 -71.17 15.73
CA GLU I 295 -23.62 -70.42 14.56
C GLU I 295 -24.77 -69.48 14.93
N ILE I 296 -25.75 -69.98 15.67
CA ILE I 296 -26.86 -69.13 16.07
C ILE I 296 -26.41 -68.08 17.09
N GLU I 297 -25.52 -68.46 18.00
CA GLU I 297 -25.02 -67.50 18.98
C GLU I 297 -24.22 -66.39 18.33
N THR I 298 -23.65 -66.64 17.14
CA THR I 298 -22.85 -65.64 16.44
C THR I 298 -23.66 -64.81 15.45
N LYS I 299 -24.59 -65.41 14.73
CA LYS I 299 -25.29 -64.71 13.66
C LYS I 299 -26.19 -63.61 14.23
N PHE I 300 -26.82 -62.87 13.34
CA PHE I 300 -27.74 -61.79 13.69
C PHE I 300 -29.18 -62.24 13.49
N TYR I 301 -30.10 -61.39 13.92
CA TYR I 301 -31.53 -61.58 13.72
C TYR I 301 -32.16 -60.23 13.40
N LYS I 302 -33.44 -60.26 13.05
CA LYS I 302 -34.16 -59.01 12.87
C LYS I 302 -35.66 -59.29 12.93
N VAL I 303 -36.40 -58.26 13.34
CA VAL I 303 -37.85 -58.31 13.43
C VAL I 303 -38.42 -57.18 12.59
N ARG I 304 -39.45 -57.48 11.80
CA ARG I 304 -40.05 -56.51 10.88
C ARG I 304 -41.53 -56.37 11.19
N PRO I 305 -41.98 -55.24 11.75
CA PRO I 305 -43.42 -55.01 11.88
C PRO I 305 -44.03 -54.71 10.52
N TYR I 306 -45.23 -55.26 10.28
CA TYR I 306 -45.83 -55.14 8.96
C TYR I 306 -47.33 -54.88 8.95
N ASN I 307 -47.94 -54.56 10.09
CA ASN I 307 -49.38 -54.27 10.12
C ASN I 307 -49.66 -53.07 11.02
N VAL I 308 -48.85 -52.02 10.87
CA VAL I 308 -49.10 -50.80 11.63
C VAL I 308 -50.51 -50.30 11.30
N GLY I 309 -51.07 -49.56 12.26
CA GLY I 309 -52.43 -49.05 12.10
C GLY I 309 -52.59 -48.23 10.84
N SER I 310 -53.84 -47.95 10.47
CA SER I 310 -54.11 -47.21 9.23
C SER I 310 -53.57 -45.80 9.34
N CYS I 311 -53.07 -45.29 8.21
CA CYS I 311 -52.58 -43.92 8.11
C CYS I 311 -53.55 -43.10 7.27
N LYS I 312 -53.42 -41.78 7.37
CA LYS I 312 -54.33 -40.84 6.73
C LYS I 312 -53.74 -40.20 5.48
N GLY I 313 -52.65 -40.74 4.96
CA GLY I 313 -51.99 -40.14 3.82
C GLY I 313 -50.81 -39.29 4.24
N MET I 314 -49.78 -39.26 3.38
CA MET I 314 -48.54 -38.60 3.75
C MET I 314 -48.75 -37.11 3.99
N ARG I 315 -49.52 -36.45 3.12
CA ARG I 315 -49.71 -35.00 3.27
C ARG I 315 -50.44 -34.62 4.56
N GLU I 316 -51.08 -35.57 5.23
CA GLU I 316 -51.88 -35.27 6.41
C GLU I 316 -51.06 -35.32 7.70
N LEU I 317 -49.79 -35.67 7.63
CA LEU I 317 -48.96 -35.72 8.83
C LEU I 317 -48.52 -34.31 9.22
N ASN I 318 -47.96 -34.22 10.43
CA ASN I 318 -47.48 -32.95 10.96
C ASN I 318 -46.02 -33.09 11.40
N PRO I 319 -45.35 -31.99 11.72
CA PRO I 319 -43.95 -32.11 12.18
C PRO I 319 -43.80 -32.99 13.41
N ASN I 320 -44.81 -33.01 14.30
CA ASN I 320 -44.71 -33.79 15.53
C ASN I 320 -44.88 -35.28 15.30
N ASP I 321 -44.91 -35.75 14.06
CA ASP I 321 -44.97 -37.17 13.75
C ASP I 321 -43.64 -37.72 13.24
N ILE I 322 -42.55 -36.95 13.36
CA ILE I 322 -41.26 -37.43 12.90
C ILE I 322 -40.81 -38.60 13.77
N ASP I 323 -40.06 -39.53 13.17
CA ASP I 323 -39.56 -40.70 13.87
C ASP I 323 -40.70 -41.52 14.48
N LYS I 324 -41.78 -41.64 13.74
CA LYS I 324 -42.87 -42.56 14.05
C LYS I 324 -42.96 -43.63 12.97
N LEU I 325 -43.78 -44.64 13.22
CA LEU I 325 -43.95 -45.76 12.31
C LEU I 325 -45.24 -45.59 11.54
N ILE I 326 -45.17 -45.73 10.22
CA ILE I 326 -46.32 -45.52 9.33
C ILE I 326 -46.23 -46.52 8.18
N ASN I 327 -47.28 -46.51 7.35
CA ASN I 327 -47.35 -47.36 6.17
C ASN I 327 -47.98 -46.58 5.03
N LEU I 328 -47.68 -47.04 3.81
CA LEU I 328 -48.09 -46.36 2.60
C LEU I 328 -48.45 -47.37 1.51
N LYS I 329 -49.25 -46.91 0.56
CA LYS I 329 -49.62 -47.67 -0.63
C LYS I 329 -49.30 -46.83 -1.86
N GLY I 330 -48.65 -47.45 -2.85
CA GLY I 330 -48.27 -46.69 -4.03
C GLY I 330 -47.78 -47.59 -5.14
N LEU I 331 -47.28 -46.94 -6.18
CA LEU I 331 -46.77 -47.60 -7.39
C LEU I 331 -45.34 -47.16 -7.63
N VAL I 332 -44.45 -48.11 -7.88
CA VAL I 332 -43.05 -47.80 -8.09
C VAL I 332 -42.87 -47.18 -9.47
N LEU I 333 -42.01 -46.17 -9.55
CA LEU I 333 -41.68 -45.50 -10.80
C LEU I 333 -40.21 -45.61 -11.17
N ARG I 334 -39.31 -45.34 -10.23
CA ARG I 334 -37.88 -45.34 -10.51
C ARG I 334 -37.13 -45.82 -9.28
N SER I 335 -35.91 -46.31 -9.51
CA SER I 335 -35.03 -46.74 -8.45
C SER I 335 -33.59 -46.45 -8.86
N THR I 336 -32.87 -45.73 -8.03
CA THR I 336 -31.48 -45.39 -8.33
C THR I 336 -30.60 -46.63 -8.18
N PRO I 337 -29.46 -46.65 -8.86
CA PRO I 337 -28.56 -47.81 -8.72
C PRO I 337 -28.02 -47.93 -7.30
N VAL I 338 -27.33 -49.04 -7.05
CA VAL I 338 -26.81 -49.29 -5.72
C VAL I 338 -25.75 -48.25 -5.38
N ILE I 339 -25.88 -47.66 -4.20
CA ILE I 339 -24.96 -46.63 -3.72
C ILE I 339 -24.20 -47.20 -2.52
N PRO I 340 -22.87 -47.22 -2.55
CA PRO I 340 -22.13 -47.74 -1.38
C PRO I 340 -22.08 -46.69 -0.27
N ASP I 341 -22.22 -47.16 0.96
CA ASP I 341 -22.09 -46.32 2.15
C ASP I 341 -20.99 -46.89 3.03
N MET I 342 -20.04 -46.04 3.41
CA MET I 342 -18.91 -46.48 4.21
C MET I 342 -19.36 -46.82 5.63
N LYS I 343 -18.78 -47.88 6.19
CA LYS I 343 -19.02 -48.26 7.57
C LYS I 343 -17.73 -48.35 8.38
N VAL I 344 -16.64 -48.79 7.78
CA VAL I 344 -15.34 -48.85 8.43
C VAL I 344 -14.33 -48.15 7.54
N ALA I 345 -13.69 -47.11 8.07
CA ALA I 345 -12.67 -46.36 7.35
C ALA I 345 -11.30 -46.95 7.66
N PHE I 346 -10.43 -46.95 6.65
CA PHE I 346 -9.12 -47.58 6.74
C PHE I 346 -8.06 -46.52 6.47
N PHE I 347 -7.18 -46.31 7.45
CA PHE I 347 -6.13 -45.31 7.37
C PHE I 347 -4.76 -45.97 7.36
N LYS I 348 -3.78 -45.29 6.77
CA LYS I 348 -2.40 -45.76 6.75
C LYS I 348 -1.47 -44.62 7.13
N CYS I 349 -0.34 -44.98 7.75
CA CYS I 349 0.72 -44.05 8.05
C CYS I 349 1.73 -44.04 6.92
N ASN I 350 1.98 -42.87 6.35
CA ASN I 350 2.86 -42.72 5.21
C ASN I 350 4.34 -42.70 5.60
N VAL I 351 4.67 -43.04 6.85
CA VAL I 351 6.06 -43.15 7.27
C VAL I 351 6.39 -44.48 7.94
N CYS I 352 5.41 -45.22 8.45
CA CYS I 352 5.70 -46.50 9.10
C CYS I 352 4.77 -47.62 8.66
N ASP I 353 3.85 -47.36 7.73
CA ASP I 353 2.94 -48.34 7.16
C ASP I 353 1.91 -48.85 8.16
N HIS I 354 1.91 -48.34 9.40
CA HIS I 354 0.93 -48.79 10.38
C HIS I 354 -0.47 -48.44 9.89
N THR I 355 -1.41 -49.39 10.03
CA THR I 355 -2.75 -49.25 9.49
C THR I 355 -3.77 -49.21 10.61
N MET I 356 -4.75 -48.32 10.47
CA MET I 356 -5.81 -48.10 11.44
C MET I 356 -7.17 -48.43 10.81
N ALA I 357 -8.08 -48.88 11.65
CA ALA I 357 -9.47 -49.09 11.27
C ALA I 357 -10.36 -48.32 12.23
N VAL I 358 -11.29 -47.55 11.69
CA VAL I 358 -12.18 -46.70 12.49
C VAL I 358 -13.62 -47.01 12.10
N GLU I 359 -14.50 -47.04 13.09
CA GLU I 359 -15.92 -47.30 12.86
C GLU I 359 -16.69 -45.99 12.83
N ILE I 360 -17.56 -45.85 11.83
CA ILE I 360 -18.40 -44.67 11.75
C ILE I 360 -19.25 -44.56 13.00
N ASP I 361 -19.57 -43.32 13.39
CA ASP I 361 -20.38 -43.06 14.58
C ASP I 361 -21.39 -41.98 14.21
N ARG I 362 -22.66 -42.37 14.08
CA ARG I 362 -23.75 -41.45 13.77
C ARG I 362 -23.44 -40.63 12.52
N GLY I 363 -22.70 -41.21 11.58
CA GLY I 363 -22.41 -40.55 10.32
C GLY I 363 -21.17 -39.68 10.32
N VAL I 364 -20.27 -39.85 11.28
CA VAL I 364 -19.05 -39.06 11.37
C VAL I 364 -17.87 -39.99 11.61
N ILE I 365 -16.73 -39.64 11.01
CA ILE I 365 -15.50 -40.42 11.12
C ILE I 365 -14.46 -39.56 11.83
N GLN I 366 -13.85 -40.13 12.87
CA GLN I 366 -12.84 -39.42 13.67
C GLN I 366 -11.46 -39.81 13.13
N GLU I 367 -10.91 -38.96 12.28
CA GLU I 367 -9.61 -39.22 11.70
C GLU I 367 -8.52 -39.03 12.75
N PRO I 368 -7.64 -40.01 12.96
CA PRO I 368 -6.55 -39.83 13.92
C PRO I 368 -5.63 -38.70 13.49
N ALA I 369 -5.14 -37.95 14.49
CA ALA I 369 -4.22 -36.84 14.23
C ALA I 369 -2.77 -37.22 14.50
N ARG I 370 -2.51 -38.38 15.09
CA ARG I 370 -1.15 -38.81 15.41
C ARG I 370 -1.07 -40.32 15.29
N CYS I 371 0.01 -40.80 14.69
CA CYS I 371 0.25 -42.23 14.66
C CYS I 371 0.30 -42.79 16.07
N GLU I 372 -0.39 -43.91 16.28
CA GLU I 372 -0.49 -44.50 17.61
C GLU I 372 0.77 -45.20 18.05
N ARG I 373 1.71 -45.46 17.15
CA ARG I 373 2.95 -46.15 17.51
C ARG I 373 3.80 -45.25 18.40
N ILE I 374 4.40 -45.88 19.42
CA ILE I 374 5.33 -45.15 20.26
C ILE I 374 6.56 -44.75 19.46
N ASP I 375 7.07 -45.67 18.64
CA ASP I 375 8.23 -45.35 17.80
C ASP I 375 7.90 -44.24 16.82
N CYS I 376 6.72 -44.31 16.19
CA CYS I 376 6.28 -43.33 15.20
C CYS I 376 5.03 -42.65 15.72
N ASN I 377 5.16 -41.36 16.05
CA ASN I 377 4.01 -40.55 16.46
C ASN I 377 4.03 -39.22 15.73
N GLU I 378 4.39 -39.25 14.46
CA GLU I 378 4.45 -38.02 13.68
C GLU I 378 3.05 -37.43 13.55
N PRO I 379 2.88 -36.12 13.74
CA PRO I 379 1.54 -35.54 13.64
C PRO I 379 1.07 -35.41 12.20
N ASN I 380 -0.23 -35.67 11.99
CA ASN I 380 -0.85 -35.53 10.68
C ASN I 380 -0.11 -36.37 9.63
N SER I 381 -0.08 -37.68 9.89
CA SER I 381 0.50 -38.64 8.96
C SER I 381 -0.50 -39.64 8.43
N MET I 382 -1.75 -39.61 8.91
CA MET I 382 -2.75 -40.58 8.51
C MET I 382 -3.28 -40.24 7.12
N SER I 383 -3.34 -41.23 6.24
CA SER I 383 -3.91 -41.10 4.92
C SER I 383 -5.02 -42.13 4.76
N LEU I 384 -6.02 -41.80 3.94
CA LEU I 384 -7.21 -42.62 3.78
C LEU I 384 -7.11 -43.40 2.48
N ILE I 385 -7.25 -44.71 2.57
CA ILE I 385 -7.20 -45.60 1.40
C ILE I 385 -8.64 -46.04 1.13
N HIS I 386 -9.23 -45.46 0.09
CA HIS I 386 -10.67 -45.60 -0.14
C HIS I 386 -11.04 -47.05 -0.40
N ASN I 387 -10.26 -47.74 -1.24
CA ASN I 387 -10.59 -49.09 -1.67
C ASN I 387 -10.53 -50.11 -0.53
N ARG I 388 -9.83 -49.82 0.56
CA ARG I 388 -9.69 -50.75 1.66
C ARG I 388 -10.82 -50.66 2.68
N CYS I 389 -11.74 -49.71 2.52
CA CYS I 389 -12.85 -49.57 3.45
C CYS I 389 -13.90 -50.64 3.19
N SER I 390 -14.81 -50.79 4.14
CA SER I 390 -15.93 -51.71 4.04
C SER I 390 -17.22 -50.90 3.89
N PHE I 391 -17.98 -51.21 2.86
CA PHE I 391 -19.16 -50.43 2.49
C PHE I 391 -20.42 -51.26 2.62
N ALA I 392 -21.53 -50.58 2.88
CA ALA I 392 -22.85 -51.18 2.93
C ALA I 392 -23.59 -50.86 1.63
N ASP I 393 -24.87 -51.23 1.59
CA ASP I 393 -25.71 -51.00 0.43
C ASP I 393 -26.86 -50.06 0.79
N LYS I 394 -27.18 -49.16 -0.14
CA LYS I 394 -28.27 -48.22 0.04
C LYS I 394 -28.91 -47.97 -1.32
N GLN I 395 -30.23 -47.79 -1.32
CA GLN I 395 -30.93 -47.51 -2.56
C GLN I 395 -32.09 -46.57 -2.28
N VAL I 396 -32.42 -45.77 -3.28
CA VAL I 396 -33.50 -44.79 -3.22
C VAL I 396 -34.53 -45.14 -4.27
N ILE I 397 -35.80 -45.13 -3.87
CA ILE I 397 -36.91 -45.49 -4.73
C ILE I 397 -37.91 -44.34 -4.75
N LYS I 398 -38.50 -44.09 -5.91
CA LYS I 398 -39.54 -43.07 -6.07
C LYS I 398 -40.89 -43.76 -6.11
N LEU I 399 -41.83 -43.29 -5.29
CA LEU I 399 -43.12 -43.94 -5.10
C LEU I 399 -44.24 -42.97 -5.45
N GLN I 400 -45.25 -43.47 -6.14
CA GLN I 400 -46.43 -42.69 -6.48
C GLN I 400 -47.53 -43.09 -5.50
N GLU I 401 -47.73 -42.27 -4.47
CA GLU I 401 -48.66 -42.62 -3.41
C GLU I 401 -50.10 -42.60 -3.93
N THR I 402 -50.90 -43.53 -3.40
CA THR I 402 -52.32 -43.66 -3.77
C THR I 402 -53.14 -43.75 -2.49
N PRO I 403 -53.33 -42.63 -1.80
CA PRO I 403 -54.04 -42.67 -0.52
C PRO I 403 -55.50 -43.09 -0.68
N ASP I 404 -56.03 -43.68 0.39
CA ASP I 404 -57.43 -44.10 0.39
C ASP I 404 -58.37 -42.89 0.42
N PHE I 405 -58.09 -41.93 1.30
CA PHE I 405 -58.91 -40.73 1.42
C PHE I 405 -58.18 -39.56 0.77
N VAL I 406 -58.90 -38.82 -0.08
CA VAL I 406 -58.35 -37.71 -0.83
C VAL I 406 -59.14 -36.45 -0.46
N PRO I 407 -58.51 -35.41 0.07
CA PRO I 407 -59.26 -34.18 0.35
C PRO I 407 -59.67 -33.45 -0.91
N ASP I 408 -60.31 -32.29 -0.76
CA ASP I 408 -60.83 -31.55 -1.90
C ASP I 408 -59.69 -30.92 -2.69
N GLY I 409 -59.72 -31.09 -4.01
CA GLY I 409 -58.77 -30.42 -4.88
C GLY I 409 -57.32 -30.84 -4.72
N GLN I 410 -57.06 -32.11 -4.42
CA GLN I 410 -55.71 -32.59 -4.20
C GLN I 410 -55.26 -33.46 -5.37
N THR I 411 -54.03 -33.24 -5.84
CA THR I 411 -53.49 -33.94 -7.00
C THR I 411 -52.41 -34.93 -6.58
N PRO I 412 -52.04 -35.85 -7.46
CA PRO I 412 -51.01 -36.84 -7.13
C PRO I 412 -49.65 -36.19 -6.93
N HIS I 413 -48.73 -36.96 -6.36
CA HIS I 413 -47.38 -36.49 -6.08
C HIS I 413 -46.45 -37.70 -6.00
N SER I 414 -45.25 -37.48 -5.47
CA SER I 414 -44.26 -38.54 -5.32
C SER I 414 -43.62 -38.46 -3.94
N ILE I 415 -43.11 -39.61 -3.49
CA ILE I 415 -42.39 -39.73 -2.23
C ILE I 415 -41.10 -40.48 -2.48
N SER I 416 -40.14 -40.29 -1.58
CA SER I 416 -38.83 -40.91 -1.67
C SER I 416 -38.64 -41.91 -0.52
N LEU I 417 -38.20 -43.11 -0.87
CA LEU I 417 -38.00 -44.19 0.09
C LEU I 417 -36.55 -44.62 0.07
N CYS I 418 -36.00 -44.91 1.25
CA CYS I 418 -34.64 -45.40 1.40
C CYS I 418 -34.69 -46.83 1.89
N VAL I 419 -34.00 -47.71 1.16
CA VAL I 419 -33.91 -49.12 1.53
C VAL I 419 -32.45 -49.49 1.71
N TYR I 420 -32.19 -50.37 2.67
CA TYR I 420 -30.82 -50.72 3.05
C TYR I 420 -30.65 -52.23 3.11
N ASP I 421 -29.42 -52.67 2.82
CA ASP I 421 -28.97 -54.05 3.06
C ASP I 421 -29.80 -55.00 2.20
N GLU I 422 -30.55 -55.94 2.79
CA GLU I 422 -31.16 -57.02 2.01
C GLU I 422 -32.19 -56.49 1.02
N LEU I 423 -33.01 -55.53 1.44
CA LEU I 423 -34.16 -55.10 0.65
C LEU I 423 -33.77 -54.45 -0.68
N VAL I 424 -32.51 -54.09 -0.87
CA VAL I 424 -32.10 -53.47 -2.12
C VAL I 424 -32.44 -54.39 -3.29
N ASP I 425 -32.98 -53.81 -4.36
CA ASP I 425 -33.32 -54.52 -5.58
C ASP I 425 -34.49 -55.48 -5.40
N SER I 426 -35.34 -55.23 -4.40
CA SER I 426 -36.51 -56.05 -4.16
C SER I 426 -37.76 -55.50 -4.83
N CYS I 427 -37.66 -54.36 -5.51
CA CYS I 427 -38.81 -53.73 -6.15
C CYS I 427 -38.47 -53.40 -7.59
N ARG I 428 -39.48 -53.50 -8.46
CA ARG I 428 -39.35 -53.16 -9.87
C ARG I 428 -40.45 -52.19 -10.24
N ALA I 429 -40.12 -51.23 -11.10
CA ALA I 429 -41.09 -50.23 -11.51
C ALA I 429 -42.32 -50.89 -12.11
N GLY I 430 -43.50 -50.38 -11.75
CA GLY I 430 -44.76 -50.96 -12.15
C GLY I 430 -45.42 -51.81 -11.10
N ASP I 431 -44.69 -52.25 -10.09
CA ASP I 431 -45.25 -53.06 -9.02
C ASP I 431 -46.09 -52.22 -8.09
N ARG I 432 -47.19 -52.79 -7.59
CA ARG I 432 -48.00 -52.17 -6.55
C ARG I 432 -47.64 -52.85 -5.23
N ILE I 433 -47.26 -52.04 -4.24
CA ILE I 433 -46.71 -52.55 -2.99
C ILE I 433 -47.34 -51.82 -1.81
N GLU I 434 -47.17 -52.41 -0.63
CA GLU I 434 -47.55 -51.77 0.63
C GLU I 434 -46.32 -51.72 1.52
N VAL I 435 -45.92 -50.53 1.91
CA VAL I 435 -44.64 -50.33 2.60
C VAL I 435 -44.91 -49.91 4.03
N THR I 436 -44.06 -50.37 4.95
CA THR I 436 -44.06 -49.94 6.33
C THR I 436 -42.66 -49.43 6.68
N GLY I 437 -42.62 -48.25 7.29
CA GLY I 437 -41.33 -47.62 7.55
C GLY I 437 -41.45 -46.55 8.62
N THR I 438 -40.36 -45.82 8.78
CA THR I 438 -40.26 -44.74 9.76
C THR I 438 -40.23 -43.39 9.04
N PHE I 439 -40.92 -42.42 9.62
CA PHE I 439 -41.02 -41.08 9.06
C PHE I 439 -39.82 -40.27 9.52
N ARG I 440 -39.09 -39.67 8.58
CA ARG I 440 -37.83 -39.01 8.86
C ARG I 440 -37.83 -37.58 8.35
N SER I 441 -36.77 -36.86 8.68
CA SER I 441 -36.55 -35.49 8.24
C SER I 441 -35.05 -35.23 8.20
N ILE I 442 -34.65 -34.23 7.44
CA ILE I 442 -33.24 -33.93 7.26
C ILE I 442 -33.06 -32.58 6.59
N PRO I 443 -32.01 -31.82 6.93
CA PRO I 443 -31.70 -30.60 6.18
C PRO I 443 -30.73 -30.87 5.04
N ILE I 444 -30.73 -29.97 4.07
CA ILE I 444 -29.97 -30.15 2.83
C ILE I 444 -29.06 -28.96 2.63
N ARG I 445 -27.84 -29.23 2.16
CA ARG I 445 -26.86 -28.17 1.93
C ARG I 445 -27.32 -27.23 0.83
N ALA I 446 -27.10 -25.94 1.05
CA ALA I 446 -27.48 -24.95 0.05
C ALA I 446 -26.70 -25.14 -1.24
N ASN I 447 -25.40 -25.38 -1.15
CA ASN I 447 -24.57 -25.59 -2.32
C ASN I 447 -23.35 -26.42 -1.91
N SER I 448 -22.73 -27.05 -2.92
CA SER I 448 -21.59 -27.92 -2.66
C SER I 448 -20.40 -27.16 -2.07
N ARG I 449 -20.20 -25.90 -2.45
CA ARG I 449 -19.00 -25.19 -2.04
C ARG I 449 -19.02 -24.92 -0.53
N GLN I 450 -20.13 -24.41 -0.02
CA GLN I 450 -20.22 -23.98 1.36
C GLN I 450 -20.74 -25.11 2.26
N ARG I 451 -20.76 -24.84 3.56
CA ARG I 451 -21.30 -25.76 4.56
C ARG I 451 -22.54 -25.17 5.20
N VAL I 452 -23.31 -24.43 4.42
CA VAL I 452 -24.53 -23.76 4.89
C VAL I 452 -25.72 -24.65 4.59
N LEU I 453 -26.69 -24.67 5.52
CA LEU I 453 -27.88 -25.49 5.40
C LEU I 453 -29.11 -24.60 5.31
N LYS I 454 -30.21 -25.20 4.86
CA LYS I 454 -31.47 -24.49 4.69
C LYS I 454 -32.41 -24.79 5.84
N SER I 455 -33.12 -23.75 6.30
CA SER I 455 -34.00 -23.91 7.45
C SER I 455 -35.10 -24.93 7.19
N LEU I 456 -35.73 -24.89 6.02
CA LEU I 456 -36.83 -25.80 5.71
C LEU I 456 -36.26 -27.18 5.39
N TYR I 457 -36.87 -28.21 5.96
CA TYR I 457 -36.31 -29.55 5.94
C TYR I 457 -36.87 -30.38 4.78
N LYS I 458 -36.20 -31.48 4.49
CA LYS I 458 -36.60 -32.43 3.47
C LYS I 458 -37.05 -33.72 4.14
N THR I 459 -38.19 -34.25 3.69
CA THR I 459 -38.79 -35.42 4.29
C THR I 459 -38.75 -36.60 3.32
N TYR I 460 -38.63 -37.79 3.89
CA TYR I 460 -38.58 -39.04 3.12
C TYR I 460 -39.08 -40.15 4.03
N VAL I 461 -38.91 -41.39 3.59
CA VAL I 461 -39.32 -42.56 4.38
C VAL I 461 -38.17 -43.55 4.41
N ASP I 462 -38.02 -44.25 5.52
CA ASP I 462 -37.04 -45.31 5.67
C ASP I 462 -37.76 -46.64 5.78
N VAL I 463 -37.58 -47.50 4.78
CA VAL I 463 -38.36 -48.72 4.66
C VAL I 463 -37.87 -49.75 5.67
N VAL I 464 -38.81 -50.39 6.35
CA VAL I 464 -38.49 -51.53 7.21
C VAL I 464 -39.23 -52.79 6.81
N HIS I 465 -40.36 -52.71 6.11
CA HIS I 465 -41.02 -53.91 5.62
C HIS I 465 -41.75 -53.58 4.32
N VAL I 466 -41.84 -54.58 3.44
CA VAL I 466 -42.50 -54.44 2.15
C VAL I 466 -43.40 -55.64 1.94
N LYS I 467 -44.65 -55.39 1.53
CA LYS I 467 -45.62 -56.42 1.21
C LYS I 467 -45.99 -56.31 -0.26
N LYS I 468 -45.78 -57.39 -1.00
CA LYS I 468 -46.01 -57.41 -2.44
C LYS I 468 -47.16 -58.32 -2.84
N VAL I 469 -48.02 -58.71 -1.90
CA VAL I 469 -49.10 -59.64 -2.17
C VAL I 469 -50.39 -59.06 -1.59
N SER I 470 -51.52 -59.45 -2.19
CA SER I 470 -52.82 -59.04 -1.70
C SER I 470 -53.83 -60.12 -2.07
N ASP I 471 -54.95 -60.14 -1.34
CA ASP I 471 -56.01 -61.10 -1.57
C ASP I 471 -57.08 -60.57 -2.51
N LYS I 472 -56.99 -59.31 -2.93
CA LYS I 472 -57.96 -58.70 -3.84
C LYS I 472 -57.45 -58.66 -5.27
N ARG I 473 -56.28 -59.24 -5.55
CA ARG I 473 -55.70 -59.17 -6.87
C ARG I 473 -54.91 -60.44 -7.14
N LEU I 474 -54.70 -60.73 -8.41
CA LEU I 474 -53.97 -61.92 -8.81
C LEU I 474 -52.50 -61.81 -8.40
N ASP I 475 -51.75 -62.86 -8.68
CA ASP I 475 -50.32 -62.88 -8.39
C ASP I 475 -49.52 -62.76 -9.68
N VAL I 476 -48.37 -62.08 -9.57
CA VAL I 476 -47.56 -61.82 -10.74
C VAL I 476 -47.23 -63.12 -11.47
N ASP I 477 -47.30 -63.08 -12.79
CA ASP I 477 -46.99 -64.25 -13.60
C ASP I 477 -45.52 -64.61 -13.41
N THR I 478 -45.27 -65.76 -12.77
CA THR I 478 -43.90 -66.16 -12.46
C THR I 478 -43.05 -66.41 -13.69
N SER I 479 -43.66 -66.57 -14.86
CA SER I 479 -42.88 -66.78 -16.08
C SER I 479 -42.03 -65.58 -16.45
N THR I 480 -42.32 -64.41 -15.89
CA THR I 480 -41.63 -63.17 -16.25
C THR I 480 -40.51 -62.81 -15.28
N ILE I 481 -40.50 -63.39 -14.08
CA ILE I 481 -39.56 -62.97 -13.04
C ILE I 481 -38.66 -64.13 -12.65
N GLU I 482 -38.32 -65.00 -13.61
CA GLU I 482 -37.56 -66.20 -13.30
C GLU I 482 -36.23 -65.85 -12.62
N GLN I 483 -35.44 -64.97 -13.25
CA GLN I 483 -34.12 -64.67 -12.70
C GLN I 483 -34.21 -63.96 -11.36
N GLU I 484 -35.21 -63.12 -11.17
CA GLU I 484 -35.33 -62.38 -9.91
C GLU I 484 -35.55 -63.33 -8.73
N LEU I 485 -36.19 -64.47 -8.96
CA LEU I 485 -36.36 -65.44 -7.88
C LEU I 485 -35.02 -66.03 -7.44
N MET I 486 -34.17 -66.43 -8.39
CA MET I 486 -32.85 -66.92 -8.02
C MET I 486 -32.02 -65.82 -7.38
N GLN I 487 -32.14 -64.59 -7.86
CA GLN I 487 -31.43 -63.49 -7.22
C GLN I 487 -31.90 -63.28 -5.79
N ASN I 488 -33.20 -63.38 -5.53
CA ASN I 488 -33.71 -63.27 -4.17
C ASN I 488 -33.15 -64.39 -3.29
N LYS I 489 -33.15 -65.61 -3.81
CA LYS I 489 -32.59 -66.72 -3.03
C LYS I 489 -31.12 -66.49 -2.71
N VAL I 490 -30.36 -65.98 -3.67
CA VAL I 490 -28.94 -65.70 -3.44
C VAL I 490 -28.77 -64.61 -2.39
N ASP I 491 -29.55 -63.54 -2.50
CA ASP I 491 -29.44 -62.40 -1.61
C ASP I 491 -30.00 -62.69 -0.22
N HIS I 492 -30.73 -63.78 -0.04
CA HIS I 492 -31.24 -64.19 1.27
C HIS I 492 -32.27 -63.22 1.82
N ASN I 493 -32.83 -62.37 0.96
CA ASN I 493 -33.96 -61.54 1.35
C ASN I 493 -35.22 -62.40 1.37
N GLU I 494 -36.05 -62.19 2.39
CA GLU I 494 -37.15 -63.09 2.68
C GLU I 494 -38.49 -62.58 2.16
N VAL I 495 -38.48 -61.59 1.27
CA VAL I 495 -39.71 -61.10 0.67
C VAL I 495 -40.28 -62.19 -0.23
N GLU I 496 -41.59 -62.43 -0.12
CA GLU I 496 -42.28 -63.46 -0.89
C GLU I 496 -43.08 -62.81 -2.01
N GLU I 497 -42.89 -63.31 -3.23
CA GLU I 497 -43.56 -62.73 -4.38
C GLU I 497 -45.00 -63.21 -4.51
N VAL I 498 -45.26 -64.49 -4.22
CA VAL I 498 -46.58 -65.09 -4.39
C VAL I 498 -47.10 -65.51 -3.03
N ARG I 499 -48.43 -65.56 -2.92
CA ARG I 499 -49.04 -65.95 -1.65
C ARG I 499 -48.83 -67.43 -1.38
N GLN I 500 -49.09 -67.82 -0.13
CA GLN I 500 -48.92 -69.19 0.29
C GLN I 500 -50.25 -69.94 0.18
N ILE I 501 -50.15 -71.25 -0.05
CA ILE I 501 -51.31 -72.11 -0.25
C ILE I 501 -51.24 -73.25 0.77
N THR I 502 -52.35 -73.49 1.44
CA THR I 502 -52.44 -74.56 2.43
C THR I 502 -53.04 -75.81 1.82
N ASP I 503 -52.83 -76.94 2.51
CA ASP I 503 -53.37 -78.21 2.02
C ASP I 503 -54.90 -78.17 2.00
N GLN I 504 -55.52 -77.57 3.00
CA GLN I 504 -56.97 -77.43 3.00
C GLN I 504 -57.44 -76.62 1.80
N ASP I 505 -56.73 -75.52 1.50
CA ASP I 505 -57.10 -74.71 0.34
C ASP I 505 -56.95 -75.50 -0.95
N LEU I 506 -55.88 -76.28 -1.09
CA LEU I 506 -55.70 -77.09 -2.27
C LEU I 506 -56.80 -78.13 -2.41
N ALA I 507 -57.19 -78.75 -1.29
CA ALA I 507 -58.27 -79.74 -1.33
C ALA I 507 -59.58 -79.08 -1.75
N LYS I 508 -59.86 -77.88 -1.23
CA LYS I 508 -61.07 -77.17 -1.63
C LYS I 508 -61.03 -76.81 -3.10
N ILE I 509 -59.86 -76.42 -3.60
CA ILE I 509 -59.71 -76.09 -5.01
C ILE I 509 -60.03 -77.31 -5.87
N ARG I 510 -59.47 -78.46 -5.49
CA ARG I 510 -59.75 -79.69 -6.23
C ARG I 510 -61.24 -80.01 -6.20
N GLU I 511 -61.86 -79.89 -5.03
CA GLU I 511 -63.29 -80.19 -4.91
C GLU I 511 -64.10 -79.28 -5.82
N VAL I 512 -63.80 -77.98 -5.81
CA VAL I 512 -64.55 -77.05 -6.66
C VAL I 512 -64.33 -77.36 -8.13
N ALA I 513 -63.09 -77.63 -8.53
CA ALA I 513 -62.84 -77.98 -9.92
C ALA I 513 -63.53 -79.29 -10.32
N ALA I 514 -63.85 -80.14 -9.36
CA ALA I 514 -64.48 -81.42 -9.67
C ALA I 514 -65.88 -81.28 -10.24
N ARG I 515 -66.63 -80.25 -9.86
CA ARG I 515 -68.02 -80.17 -10.28
C ARG I 515 -68.12 -79.87 -11.77
N GLU I 516 -69.35 -79.91 -12.28
CA GLU I 516 -69.61 -79.88 -13.71
C GLU I 516 -70.18 -78.55 -14.20
N ASP I 517 -70.50 -77.62 -13.30
CA ASP I 517 -70.98 -76.30 -13.69
C ASP I 517 -69.93 -75.22 -13.44
N LEU I 518 -68.65 -75.61 -13.37
CA LEU I 518 -67.60 -74.69 -12.96
C LEU I 518 -67.47 -73.52 -13.93
N TYR I 519 -67.58 -73.79 -15.22
CA TYR I 519 -67.36 -72.73 -16.21
C TYR I 519 -68.39 -71.62 -16.08
N SER I 520 -69.68 -71.99 -16.08
CA SER I 520 -70.73 -71.00 -15.91
C SER I 520 -70.65 -70.36 -14.53
N LEU I 521 -70.28 -71.14 -13.51
CA LEU I 521 -70.15 -70.59 -12.17
C LEU I 521 -69.13 -69.48 -12.12
N LEU I 522 -67.94 -69.72 -12.69
CA LEU I 522 -66.91 -68.69 -12.70
C LEU I 522 -67.34 -67.49 -13.52
N ALA I 523 -67.92 -67.73 -14.70
CA ALA I 523 -68.39 -66.62 -15.52
C ALA I 523 -69.37 -65.74 -14.75
N ARG I 524 -70.34 -66.36 -14.08
CA ARG I 524 -71.27 -65.61 -13.24
C ARG I 524 -70.55 -64.92 -12.09
N SER I 525 -69.49 -65.53 -11.56
CA SER I 525 -68.77 -64.93 -10.46
C SER I 525 -68.09 -63.63 -10.86
N ILE I 526 -67.48 -63.58 -12.05
CA ILE I 526 -66.78 -62.38 -12.46
C ILE I 526 -67.76 -61.20 -12.50
N ALA I 527 -67.42 -60.14 -11.78
CA ALA I 527 -68.22 -58.92 -11.77
C ALA I 527 -69.69 -59.22 -11.48
N PRO I 528 -70.02 -59.59 -10.25
CA PRO I 528 -71.43 -59.89 -9.92
C PRO I 528 -72.35 -58.71 -10.13
N SER I 529 -71.86 -57.48 -10.00
CA SER I 529 -72.69 -56.30 -10.15
C SER I 529 -73.13 -56.06 -11.59
N ILE I 530 -72.56 -56.79 -12.56
CA ILE I 530 -72.90 -56.63 -13.96
C ILE I 530 -73.83 -57.77 -14.36
N TYR I 531 -74.92 -57.42 -15.04
CA TYR I 531 -76.02 -58.34 -15.27
C TYR I 531 -75.86 -59.07 -16.60
N GLU I 532 -76.03 -60.38 -16.57
CA GLU I 532 -75.95 -61.25 -17.76
C GLU I 532 -74.65 -60.95 -18.49
N LEU I 533 -74.67 -60.72 -19.81
CA LEU I 533 -73.44 -60.58 -20.60
C LEU I 533 -72.53 -61.79 -20.41
N GLU I 534 -73.15 -62.96 -20.52
CA GLU I 534 -72.44 -64.20 -20.21
C GLU I 534 -71.22 -64.41 -21.10
N ASP I 535 -71.36 -64.17 -22.40
CA ASP I 535 -70.24 -64.39 -23.30
C ASP I 535 -69.13 -63.38 -23.07
N VAL I 536 -69.49 -62.12 -22.77
CA VAL I 536 -68.48 -61.13 -22.44
C VAL I 536 -67.70 -61.55 -21.20
N LYS I 537 -68.42 -62.01 -20.17
CA LYS I 537 -67.75 -62.45 -18.95
C LYS I 537 -66.86 -63.66 -19.23
N LYS I 538 -67.33 -64.59 -20.07
CA LYS I 538 -66.51 -65.75 -20.43
C LYS I 538 -65.24 -65.32 -21.14
N GLY I 539 -65.35 -64.38 -22.07
CA GLY I 539 -64.16 -63.88 -22.73
C GLY I 539 -63.19 -63.23 -21.77
N ILE I 540 -63.71 -62.45 -20.83
CA ILE I 540 -62.85 -61.82 -19.83
C ILE I 540 -62.13 -62.89 -19.00
N LEU I 541 -62.87 -63.92 -18.59
CA LEU I 541 -62.26 -65.01 -17.82
C LEU I 541 -61.14 -65.68 -18.61
N LEU I 542 -61.41 -65.99 -19.88
CA LEU I 542 -60.39 -66.65 -20.69
C LEU I 542 -59.17 -65.75 -20.87
N GLN I 543 -59.39 -64.45 -21.04
CA GLN I 543 -58.26 -63.52 -21.11
C GLN I 543 -57.44 -63.57 -19.84
N LEU I 544 -58.09 -63.52 -18.68
CA LEU I 544 -57.36 -63.58 -17.42
C LEU I 544 -56.55 -64.86 -17.33
N PHE I 545 -57.13 -66.00 -17.73
CA PHE I 545 -56.40 -67.25 -17.68
C PHE I 545 -55.20 -67.23 -18.61
N GLY I 546 -55.37 -66.76 -19.83
CA GLY I 546 -54.29 -66.65 -20.77
C GLY I 546 -53.85 -68.00 -21.32
N GLY I 547 -53.15 -67.95 -22.44
CA GLY I 547 -52.65 -69.15 -23.10
C GLY I 547 -51.34 -69.61 -22.51
N THR I 548 -50.71 -70.55 -23.22
CA THR I 548 -49.44 -71.12 -22.81
C THR I 548 -48.31 -70.43 -23.56
N ASN I 549 -47.22 -70.16 -22.84
CA ASN I 549 -46.08 -69.42 -23.39
C ASN I 549 -45.01 -70.41 -23.82
N LYS I 550 -44.89 -70.63 -25.12
CA LYS I 550 -43.85 -71.49 -25.66
C LYS I 550 -42.54 -70.70 -25.78
N THR I 551 -41.43 -71.43 -25.75
CA THR I 551 -40.09 -70.83 -25.83
C THR I 551 -39.19 -71.85 -26.52
N PHE I 552 -38.72 -71.51 -27.72
CA PHE I 552 -37.89 -72.45 -28.48
C PHE I 552 -36.43 -72.34 -28.07
N THR I 553 -35.88 -73.44 -27.58
CA THR I 553 -34.44 -73.51 -27.42
C THR I 553 -33.77 -73.13 -28.74
N LYS I 554 -32.71 -72.34 -28.63
CA LYS I 554 -32.03 -71.71 -29.77
C LYS I 554 -32.77 -70.48 -30.28
N GLY I 555 -33.58 -69.82 -29.45
CA GLY I 555 -34.16 -68.55 -29.84
C GLY I 555 -35.55 -68.68 -30.43
N GLY I 556 -36.44 -67.77 -30.05
CA GLY I 556 -37.82 -67.80 -30.51
C GLY I 556 -38.79 -67.77 -29.34
N ARG I 557 -39.79 -66.89 -29.40
CA ARG I 557 -40.71 -66.69 -28.30
C ARG I 557 -42.15 -66.72 -28.81
N TYR I 558 -43.03 -67.30 -28.01
CA TYR I 558 -44.48 -67.28 -28.25
C TYR I 558 -45.16 -67.08 -26.91
N ARG I 559 -46.18 -66.23 -26.88
CA ARG I 559 -46.85 -65.86 -25.64
C ARG I 559 -48.35 -66.05 -25.78
N GLY I 560 -49.00 -66.34 -24.67
CA GLY I 560 -50.42 -66.64 -24.67
C GLY I 560 -51.29 -65.43 -24.40
N ASP I 561 -50.74 -64.23 -24.57
CA ASP I 561 -51.53 -63.01 -24.37
C ASP I 561 -52.67 -62.97 -25.37
N ILE I 562 -53.83 -62.49 -24.91
CA ILE I 562 -55.05 -62.44 -25.71
C ILE I 562 -55.55 -61.01 -25.72
N ASN I 563 -55.84 -60.50 -26.91
CA ASN I 563 -56.28 -59.12 -27.11
C ASN I 563 -57.77 -59.10 -27.43
N ILE I 564 -58.50 -58.18 -26.82
CA ILE I 564 -59.95 -58.09 -26.99
C ILE I 564 -60.34 -56.65 -27.24
N LEU I 565 -61.32 -56.46 -28.12
CA LEU I 565 -61.89 -55.16 -28.43
C LEU I 565 -63.41 -55.25 -28.31
N LEU I 566 -64.02 -54.22 -27.74
CA LEU I 566 -65.46 -54.18 -27.50
C LEU I 566 -66.10 -53.09 -28.34
N CYS I 567 -67.05 -53.46 -29.19
CA CYS I 567 -67.89 -52.53 -29.93
C CYS I 567 -69.33 -52.72 -29.50
N GLY I 568 -70.11 -51.66 -29.59
CA GLY I 568 -71.53 -51.75 -29.28
C GLY I 568 -72.11 -50.39 -28.96
N ASP I 569 -73.35 -50.42 -28.51
CA ASP I 569 -74.07 -49.19 -28.21
C ASP I 569 -73.38 -48.43 -27.07
N PRO I 570 -73.40 -47.10 -27.12
CA PRO I 570 -72.63 -46.33 -26.13
C PRO I 570 -73.09 -46.50 -24.70
N SER I 571 -74.35 -46.86 -24.46
CA SER I 571 -74.93 -46.82 -23.12
C SER I 571 -74.88 -48.15 -22.39
N THR I 572 -74.28 -49.18 -22.99
CA THR I 572 -74.20 -50.47 -22.31
C THR I 572 -73.12 -50.43 -21.23
N SER I 573 -72.90 -51.57 -20.58
CA SER I 573 -71.89 -51.68 -19.53
C SER I 573 -70.61 -52.28 -20.10
N LYS I 574 -69.99 -51.52 -21.02
CA LYS I 574 -68.71 -51.91 -21.59
C LYS I 574 -67.53 -51.19 -20.96
N SER I 575 -67.77 -50.22 -20.08
CA SER I 575 -66.69 -49.52 -19.40
C SER I 575 -66.45 -50.02 -17.98
N GLN I 576 -67.49 -50.44 -17.27
CA GLN I 576 -67.28 -51.04 -15.95
C GLN I 576 -66.44 -52.31 -16.06
N ILE I 577 -66.50 -52.99 -17.21
CA ILE I 577 -65.65 -54.15 -17.40
C ILE I 577 -64.18 -53.76 -17.31
N LEU I 578 -63.84 -52.59 -17.87
CA LEU I 578 -62.46 -52.14 -17.84
C LEU I 578 -61.98 -51.90 -16.41
N GLN I 579 -62.83 -51.27 -15.60
CA GLN I 579 -62.45 -50.98 -14.22
C GLN I 579 -62.18 -52.26 -13.44
N TYR I 580 -63.04 -53.27 -13.61
CA TYR I 580 -62.89 -54.51 -12.86
C TYR I 580 -61.57 -55.18 -13.21
N VAL I 581 -61.25 -55.26 -14.51
CA VAL I 581 -60.01 -55.89 -14.92
C VAL I 581 -58.81 -55.08 -14.41
N HIS I 582 -58.90 -53.77 -14.48
CA HIS I 582 -57.81 -52.92 -13.99
C HIS I 582 -57.56 -53.17 -12.50
N LYS I 583 -58.62 -53.25 -11.71
CA LYS I 583 -58.46 -53.39 -10.27
C LYS I 583 -58.20 -54.83 -9.83
N ILE I 584 -58.43 -55.81 -10.70
CA ILE I 584 -58.14 -57.20 -10.35
C ILE I 584 -56.77 -57.65 -10.85
N THR I 585 -56.28 -57.08 -11.93
CA THR I 585 -55.01 -57.54 -12.50
C THR I 585 -53.84 -57.02 -11.67
N PRO I 586 -52.70 -57.72 -11.66
CA PRO I 586 -51.56 -57.23 -10.88
C PRO I 586 -50.95 -55.96 -11.45
N ARG I 587 -50.74 -55.90 -12.76
CA ARG I 587 -50.08 -54.75 -13.39
C ARG I 587 -50.90 -54.30 -14.59
N GLY I 588 -50.93 -53.00 -14.81
CA GLY I 588 -51.65 -52.45 -15.93
C GLY I 588 -51.86 -50.96 -15.77
N VAL I 589 -52.25 -50.33 -16.88
CA VAL I 589 -52.54 -48.91 -16.91
C VAL I 589 -53.82 -48.72 -17.72
N TYR I 590 -54.66 -47.78 -17.27
CA TYR I 590 -55.93 -47.47 -17.91
C TYR I 590 -55.78 -46.09 -18.58
N THR I 591 -55.88 -46.06 -19.90
CA THR I 591 -55.65 -44.85 -20.68
C THR I 591 -56.84 -44.59 -21.61
N SER I 592 -57.00 -43.33 -21.97
CA SER I 592 -57.95 -42.90 -22.97
C SER I 592 -57.22 -42.61 -24.28
N GLY I 593 -57.93 -42.80 -25.40
CA GLY I 593 -57.29 -42.70 -26.69
C GLY I 593 -56.73 -41.31 -26.97
N LYS I 594 -57.52 -40.27 -26.68
CA LYS I 594 -57.13 -38.92 -27.04
C LYS I 594 -56.19 -38.27 -26.03
N GLY I 595 -56.01 -38.86 -24.85
CA GLY I 595 -55.16 -38.27 -23.84
C GLY I 595 -53.80 -38.92 -23.75
N SER I 596 -53.34 -39.50 -24.86
CA SER I 596 -52.09 -40.23 -24.91
C SER I 596 -51.17 -39.65 -25.98
N SER I 597 -49.93 -40.13 -26.01
CA SER I 597 -48.96 -39.69 -26.99
C SER I 597 -47.96 -40.81 -27.24
N ALA I 598 -47.33 -40.76 -28.42
CA ALA I 598 -46.41 -41.82 -28.80
C ALA I 598 -45.24 -41.92 -27.82
N VAL I 599 -44.62 -40.79 -27.48
CA VAL I 599 -43.51 -40.81 -26.52
C VAL I 599 -44.01 -41.21 -25.14
N GLY I 600 -45.16 -40.66 -24.73
CA GLY I 600 -45.70 -40.96 -23.41
C GLY I 600 -46.14 -42.40 -23.24
N LEU I 601 -46.30 -43.14 -24.34
CA LEU I 601 -46.65 -44.55 -24.25
C LEU I 601 -45.43 -45.47 -24.23
N THR I 602 -44.26 -44.97 -24.63
CA THR I 602 -43.07 -45.81 -24.73
C THR I 602 -42.00 -45.42 -23.71
N ALA I 603 -41.54 -44.18 -23.72
CA ALA I 603 -40.44 -43.80 -22.83
C ALA I 603 -40.16 -42.32 -23.00
N TYR I 604 -39.32 -41.79 -22.11
CA TYR I 604 -38.87 -40.41 -22.21
C TYR I 604 -37.70 -40.21 -21.25
N ILE I 605 -37.12 -39.02 -21.34
CA ILE I 605 -35.95 -38.64 -20.54
C ILE I 605 -36.31 -37.37 -19.77
N THR I 606 -35.98 -37.36 -18.47
CA THR I 606 -36.36 -36.24 -17.61
C THR I 606 -35.24 -35.92 -16.65
N ARG I 607 -35.22 -34.67 -16.20
CA ARG I 607 -34.21 -34.18 -15.27
C ARG I 607 -34.67 -34.47 -13.85
N ASP I 608 -33.87 -35.22 -13.10
CA ASP I 608 -34.17 -35.47 -11.70
C ASP I 608 -34.01 -34.17 -10.91
N VAL I 609 -34.98 -33.87 -10.06
CA VAL I 609 -34.96 -32.60 -9.34
C VAL I 609 -33.97 -32.62 -8.18
N ASP I 610 -33.58 -33.80 -7.70
CA ASP I 610 -32.64 -33.89 -6.59
C ASP I 610 -31.19 -33.98 -7.09
N THR I 611 -30.89 -34.99 -7.90
CA THR I 611 -29.54 -35.19 -8.40
C THR I 611 -29.21 -34.26 -9.56
N LYS I 612 -30.21 -33.60 -10.14
CA LYS I 612 -30.03 -32.58 -11.18
C LYS I 612 -29.42 -33.14 -12.46
N GLN I 613 -29.51 -34.44 -12.68
CA GLN I 613 -29.04 -35.06 -13.91
C GLN I 613 -30.24 -35.60 -14.71
N LEU I 614 -29.93 -36.19 -15.86
CA LEU I 614 -30.93 -36.71 -16.77
C LEU I 614 -31.05 -38.22 -16.61
N VAL I 615 -32.28 -38.70 -16.50
CA VAL I 615 -32.54 -40.12 -16.29
C VAL I 615 -33.75 -40.53 -17.14
N LEU I 616 -33.75 -41.80 -17.54
CA LEU I 616 -34.82 -42.35 -18.35
C LEU I 616 -36.01 -42.74 -17.49
N GLU I 617 -37.19 -42.77 -18.10
CA GLU I 617 -38.40 -43.20 -17.43
C GLU I 617 -39.21 -44.09 -18.36
N SER I 618 -40.06 -44.93 -17.77
CA SER I 618 -40.85 -45.90 -18.50
C SER I 618 -42.21 -45.33 -18.87
N GLY I 619 -42.72 -45.79 -20.01
CA GLY I 619 -44.04 -45.43 -20.46
C GLY I 619 -45.11 -46.39 -19.96
N ALA I 620 -46.35 -46.13 -20.37
CA ALA I 620 -47.47 -46.95 -19.93
C ALA I 620 -47.32 -48.38 -20.43
N LEU I 621 -46.93 -48.55 -21.69
CA LEU I 621 -46.87 -49.89 -22.27
C LEU I 621 -45.78 -50.73 -21.62
N VAL I 622 -44.70 -50.11 -21.16
CA VAL I 622 -43.66 -50.87 -20.47
C VAL I 622 -44.03 -51.09 -19.01
N LEU I 623 -44.66 -50.10 -18.38
CA LEU I 623 -45.14 -50.27 -17.01
C LEU I 623 -46.15 -51.41 -16.90
N SER I 624 -46.98 -51.60 -17.94
CA SER I 624 -47.99 -52.65 -17.92
C SER I 624 -47.43 -54.01 -18.32
N ASP I 625 -46.10 -54.16 -18.39
CA ASP I 625 -45.53 -55.43 -18.79
C ASP I 625 -45.97 -56.55 -17.85
N GLY I 626 -46.37 -57.68 -18.44
CA GLY I 626 -46.83 -58.81 -17.67
C GLY I 626 -48.24 -58.71 -17.17
N GLY I 627 -49.00 -57.71 -17.60
CA GLY I 627 -50.36 -57.52 -17.12
C GLY I 627 -51.34 -57.16 -18.22
N VAL I 628 -52.24 -56.23 -17.92
CA VAL I 628 -53.32 -55.86 -18.83
C VAL I 628 -53.31 -54.35 -19.02
N CYS I 629 -53.34 -53.91 -20.28
CA CYS I 629 -53.43 -52.50 -20.63
C CYS I 629 -54.84 -52.21 -21.13
N CYS I 630 -55.49 -51.24 -20.49
CA CYS I 630 -56.87 -50.88 -20.81
C CYS I 630 -56.87 -49.60 -21.63
N ILE I 631 -57.56 -49.64 -22.78
CA ILE I 631 -57.66 -48.49 -23.67
C ILE I 631 -59.14 -48.19 -23.88
N ASP I 632 -59.54 -46.96 -23.57
CA ASP I 632 -60.92 -46.52 -23.72
C ASP I 632 -61.01 -45.53 -24.87
N GLU I 633 -62.09 -45.64 -25.65
CA GLU I 633 -62.25 -44.82 -26.86
C GLU I 633 -61.05 -45.02 -27.80
N PHE I 634 -60.83 -46.27 -28.20
CA PHE I 634 -59.71 -46.61 -29.06
C PHE I 634 -59.82 -45.98 -30.44
N ASP I 635 -61.00 -45.49 -30.81
CA ASP I 635 -61.23 -44.96 -32.15
C ASP I 635 -61.01 -43.45 -32.26
N LYS I 636 -60.73 -42.77 -31.15
CA LYS I 636 -60.31 -41.37 -31.18
C LYS I 636 -58.80 -41.22 -31.21
N MET I 637 -58.05 -42.32 -31.14
CA MET I 637 -56.59 -42.26 -31.12
C MET I 637 -56.07 -41.92 -32.50
N SER I 638 -55.07 -41.04 -32.54
CA SER I 638 -54.50 -40.60 -33.81
C SER I 638 -53.74 -41.74 -34.48
N ASP I 639 -53.52 -41.58 -35.79
CA ASP I 639 -52.75 -42.58 -36.53
C ASP I 639 -51.33 -42.67 -36.03
N SER I 640 -50.71 -41.52 -35.75
CA SER I 640 -49.35 -41.50 -35.22
C SER I 640 -49.27 -42.34 -33.94
N THR I 641 -50.20 -42.09 -33.01
CA THR I 641 -50.21 -42.85 -31.77
C THR I 641 -50.45 -44.33 -32.02
N ARG I 642 -51.47 -44.65 -32.84
CA ARG I 642 -51.78 -46.06 -33.11
C ARG I 642 -50.62 -46.79 -33.77
N SER I 643 -49.70 -46.06 -34.42
CA SER I 643 -48.59 -46.70 -35.11
C SER I 643 -47.85 -47.69 -34.21
N VAL I 644 -47.57 -47.29 -32.97
CA VAL I 644 -46.73 -48.12 -32.10
C VAL I 644 -47.38 -49.43 -31.69
N LEU I 645 -48.71 -49.46 -31.56
CA LEU I 645 -49.36 -50.68 -31.08
C LEU I 645 -49.09 -51.89 -31.98
N HIS I 646 -48.74 -51.67 -33.24
CA HIS I 646 -48.55 -52.79 -34.15
C HIS I 646 -47.48 -53.73 -33.64
N GLU I 647 -46.30 -53.20 -33.33
CA GLU I 647 -45.19 -54.06 -32.92
C GLU I 647 -45.49 -54.79 -31.63
N VAL I 648 -46.05 -54.09 -30.64
CA VAL I 648 -46.34 -54.73 -29.36
C VAL I 648 -47.37 -55.84 -29.56
N MET I 649 -48.41 -55.60 -30.35
CA MET I 649 -49.40 -56.64 -30.61
C MET I 649 -48.86 -57.74 -31.51
N GLU I 650 -47.72 -57.51 -32.16
CA GLU I 650 -47.16 -58.50 -33.08
C GLU I 650 -46.11 -59.38 -32.43
N GLN I 651 -45.20 -58.80 -31.63
CA GLN I 651 -44.13 -59.55 -30.99
C GLN I 651 -43.87 -59.16 -29.54
N GLN I 652 -44.72 -58.33 -28.94
CA GLN I 652 -44.63 -58.00 -27.53
C GLN I 652 -43.28 -57.36 -27.18
N THR I 653 -42.75 -56.56 -28.09
CA THR I 653 -41.54 -55.80 -27.79
C THR I 653 -41.65 -54.43 -28.45
N ILE I 654 -40.89 -53.48 -27.92
CA ILE I 654 -40.83 -52.12 -28.44
C ILE I 654 -39.37 -51.75 -28.64
N SER I 655 -39.03 -51.28 -29.82
CA SER I 655 -37.67 -50.88 -30.15
C SER I 655 -37.54 -49.36 -30.07
N ILE I 656 -36.51 -48.91 -29.36
CA ILE I 656 -36.26 -47.48 -29.15
C ILE I 656 -34.89 -47.16 -29.71
N ALA I 657 -34.83 -46.12 -30.55
CA ALA I 657 -33.57 -45.56 -31.06
C ALA I 657 -33.67 -44.06 -30.86
N LYS I 658 -33.31 -43.60 -29.67
CA LYS I 658 -33.36 -42.18 -29.31
C LYS I 658 -32.02 -41.77 -28.75
N ALA I 659 -31.86 -40.46 -28.53
CA ALA I 659 -30.61 -39.93 -28.02
C ALA I 659 -30.25 -40.56 -26.69
N GLY I 660 -29.19 -41.36 -26.67
CA GLY I 660 -28.69 -41.98 -25.46
C GLY I 660 -29.11 -43.42 -25.26
N ILE I 661 -30.14 -43.89 -25.97
CA ILE I 661 -30.65 -45.25 -25.81
C ILE I 661 -30.92 -45.84 -27.18
N ILE I 662 -30.40 -47.05 -27.41
CA ILE I 662 -30.72 -47.84 -28.59
C ILE I 662 -30.90 -49.28 -28.09
N THR I 663 -32.15 -49.71 -27.95
CA THR I 663 -32.39 -51.04 -27.40
C THR I 663 -33.85 -51.43 -27.59
N THR I 664 -34.14 -52.70 -27.33
CA THR I 664 -35.47 -53.25 -27.42
C THR I 664 -35.94 -53.71 -26.05
N LEU I 665 -37.18 -53.40 -25.71
CA LEU I 665 -37.75 -53.67 -24.40
C LEU I 665 -38.93 -54.62 -24.53
N ASN I 666 -39.14 -55.42 -23.48
CA ASN I 666 -40.27 -56.34 -23.43
C ASN I 666 -41.53 -55.60 -23.05
N ALA I 667 -42.66 -55.98 -23.66
CA ALA I 667 -43.96 -55.40 -23.37
C ALA I 667 -45.02 -56.48 -23.30
N ARG I 668 -44.73 -57.56 -22.57
CA ARG I 668 -45.59 -58.73 -22.58
C ARG I 668 -46.88 -58.45 -21.82
N SER I 669 -47.79 -57.71 -22.45
CA SER I 669 -49.04 -57.32 -21.83
C SER I 669 -50.20 -57.59 -22.78
N SER I 670 -51.35 -57.92 -22.22
CA SER I 670 -52.57 -58.09 -22.99
C SER I 670 -53.23 -56.74 -23.19
N ILE I 671 -54.09 -56.66 -24.21
CA ILE I 671 -54.75 -55.42 -24.59
C ILE I 671 -56.26 -55.62 -24.47
N LEU I 672 -56.91 -54.70 -23.75
CA LEU I 672 -58.36 -54.67 -23.66
C LEU I 672 -58.82 -53.29 -24.07
N ALA I 673 -59.48 -53.19 -25.23
CA ALA I 673 -59.82 -51.92 -25.83
C ALA I 673 -61.33 -51.80 -26.02
N SER I 674 -61.81 -50.56 -25.97
CA SER I 674 -63.21 -50.27 -26.21
C SER I 674 -63.33 -49.22 -27.31
N ALA I 675 -64.44 -49.27 -28.04
CA ALA I 675 -64.65 -48.35 -29.16
C ALA I 675 -66.12 -48.00 -29.24
N ASN I 676 -66.40 -46.80 -29.75
CA ASN I 676 -67.73 -46.24 -29.96
C ASN I 676 -68.07 -46.21 -31.44
N PRO I 677 -69.14 -46.85 -31.87
CA PRO I 677 -69.46 -46.86 -33.31
C PRO I 677 -69.83 -45.48 -33.82
N ILE I 678 -69.59 -45.28 -35.12
CA ILE I 678 -69.79 -43.98 -35.74
C ILE I 678 -71.24 -43.55 -35.57
N GLY I 679 -71.44 -42.25 -35.37
CA GLY I 679 -72.78 -41.71 -35.27
C GLY I 679 -73.38 -41.95 -33.90
N SER I 680 -74.70 -42.19 -33.87
CA SER I 680 -75.45 -42.34 -32.63
C SER I 680 -75.62 -43.79 -32.22
N ARG I 681 -76.06 -44.66 -33.13
CA ARG I 681 -76.35 -46.04 -32.81
C ARG I 681 -75.78 -46.93 -33.90
N TYR I 682 -75.44 -48.16 -33.52
CA TYR I 682 -74.98 -49.15 -34.48
C TYR I 682 -76.12 -49.51 -35.42
N ASN I 683 -76.05 -49.04 -36.66
CA ASN I 683 -77.10 -49.31 -37.64
C ASN I 683 -76.95 -50.75 -38.13
N PRO I 684 -77.95 -51.62 -37.97
CA PRO I 684 -77.83 -52.99 -38.47
C PRO I 684 -78.03 -53.11 -39.98
N ASN I 685 -78.29 -52.00 -40.68
CA ASN I 685 -78.48 -52.00 -42.11
C ASN I 685 -77.19 -51.75 -42.88
N LEU I 686 -76.05 -51.68 -42.19
CA LEU I 686 -74.76 -51.43 -42.80
C LEU I 686 -73.74 -52.43 -42.28
N PRO I 687 -72.69 -52.69 -43.04
CA PRO I 687 -71.62 -53.57 -42.55
C PRO I 687 -70.88 -52.93 -41.37
N VAL I 688 -70.31 -53.81 -40.54
CA VAL I 688 -69.60 -53.34 -39.36
C VAL I 688 -68.46 -52.41 -39.74
N THR I 689 -67.87 -52.63 -40.92
CA THR I 689 -66.81 -51.76 -41.39
C THR I 689 -67.32 -50.35 -41.70
N GLU I 690 -68.59 -50.22 -42.06
CA GLU I 690 -69.21 -48.92 -42.24
C GLU I 690 -69.74 -48.33 -40.95
N ASN I 691 -69.78 -49.12 -39.87
CA ASN I 691 -70.24 -48.65 -38.57
C ASN I 691 -69.11 -48.18 -37.68
N ILE I 692 -67.97 -48.85 -37.69
CA ILE I 692 -66.85 -48.51 -36.81
C ILE I 692 -65.86 -47.65 -37.58
N ASP I 693 -65.16 -46.76 -36.86
CA ASP I 693 -64.21 -45.84 -37.48
C ASP I 693 -62.78 -46.34 -37.30
N LEU I 694 -62.52 -47.52 -37.86
CA LEU I 694 -61.19 -48.12 -37.85
C LEU I 694 -60.91 -48.74 -39.21
N PRO I 695 -59.65 -48.80 -39.63
CA PRO I 695 -59.32 -49.51 -40.87
C PRO I 695 -59.65 -50.99 -40.75
N PRO I 696 -60.30 -51.57 -41.74
CA PRO I 696 -60.67 -52.99 -41.65
C PRO I 696 -59.48 -53.89 -41.38
N PRO I 697 -58.33 -53.63 -42.02
CA PRO I 697 -57.17 -54.51 -41.75
C PRO I 697 -56.77 -54.57 -40.30
N LEU I 698 -56.89 -53.46 -39.57
CA LEU I 698 -56.47 -53.44 -38.17
C LEU I 698 -57.34 -54.35 -37.32
N LEU I 699 -58.61 -54.52 -37.70
CA LEU I 699 -59.51 -55.36 -36.91
C LEU I 699 -59.08 -56.82 -36.87
N SER I 700 -58.47 -57.32 -37.94
CA SER I 700 -58.14 -58.72 -38.04
C SER I 700 -57.07 -59.16 -37.05
N ARG I 701 -56.38 -58.21 -36.40
CA ARG I 701 -55.34 -58.54 -35.43
C ARG I 701 -55.90 -59.01 -34.09
N PHE I 702 -57.06 -58.51 -33.69
CA PHE I 702 -57.62 -58.85 -32.38
C PHE I 702 -58.12 -60.28 -32.36
N ASP I 703 -57.99 -60.91 -31.20
CA ASP I 703 -58.40 -62.31 -31.06
C ASP I 703 -59.92 -62.45 -31.04
N LEU I 704 -60.60 -61.54 -30.35
CA LEU I 704 -62.05 -61.54 -30.29
C LEU I 704 -62.57 -60.14 -30.56
N VAL I 705 -63.75 -60.07 -31.17
CA VAL I 705 -64.45 -58.81 -31.39
C VAL I 705 -65.88 -58.99 -30.91
N TYR I 706 -66.34 -58.09 -30.06
CA TYR I 706 -67.65 -58.19 -29.43
C TYR I 706 -68.53 -57.04 -29.90
N LEU I 707 -69.76 -57.38 -30.30
CA LEU I 707 -70.76 -56.41 -30.70
C LEU I 707 -71.84 -56.39 -29.63
N VAL I 708 -71.84 -55.33 -28.82
CA VAL I 708 -72.82 -55.17 -27.75
C VAL I 708 -73.99 -54.39 -28.33
N LEU I 709 -75.04 -55.12 -28.73
CA LEU I 709 -76.22 -54.53 -29.34
C LEU I 709 -77.33 -54.42 -28.30
N ASP I 710 -78.05 -53.32 -28.34
CA ASP I 710 -79.11 -53.02 -27.38
C ASP I 710 -80.46 -53.24 -28.07
N LYS I 711 -81.18 -54.28 -27.65
CA LYS I 711 -82.48 -54.61 -28.20
C LYS I 711 -83.56 -54.38 -27.14
N VAL I 712 -84.68 -53.81 -27.58
CA VAL I 712 -85.79 -53.50 -26.69
C VAL I 712 -86.63 -54.77 -26.52
N ASP I 713 -86.78 -55.22 -25.28
CA ASP I 713 -87.62 -56.39 -24.97
C ASP I 713 -88.12 -56.24 -23.55
N GLU I 714 -89.43 -56.45 -23.36
CA GLU I 714 -90.04 -56.17 -22.06
C GLU I 714 -89.47 -57.07 -20.97
N LYS I 715 -89.27 -58.36 -21.27
CA LYS I 715 -88.77 -59.27 -20.26
C LYS I 715 -87.37 -58.87 -19.79
N ASN I 716 -86.46 -58.63 -20.74
CA ASN I 716 -85.11 -58.25 -20.39
C ASN I 716 -85.10 -56.91 -19.65
N ASP I 717 -85.92 -55.96 -20.10
CA ASP I 717 -85.98 -54.67 -19.42
C ASP I 717 -86.43 -54.85 -17.97
N ARG I 718 -87.47 -55.65 -17.74
CA ARG I 718 -87.94 -55.88 -16.38
C ARG I 718 -86.84 -56.51 -15.54
N GLU I 719 -86.17 -57.54 -16.07
CA GLU I 719 -85.14 -58.21 -15.31
C GLU I 719 -84.02 -57.25 -14.93
N LEU I 720 -83.52 -56.49 -15.91
CA LEU I 720 -82.43 -55.57 -15.64
C LEU I 720 -82.85 -54.48 -14.65
N ALA I 721 -84.06 -53.94 -14.81
CA ALA I 721 -84.51 -52.90 -13.91
C ALA I 721 -84.62 -53.41 -12.48
N LYS I 722 -85.17 -54.62 -12.30
CA LYS I 722 -85.24 -55.18 -10.95
C LYS I 722 -83.84 -55.41 -10.39
N HIS I 723 -82.93 -55.93 -11.21
CA HIS I 723 -81.57 -56.16 -10.74
C HIS I 723 -80.93 -54.86 -10.26
N LEU I 724 -81.09 -53.79 -11.03
CA LEU I 724 -80.49 -52.51 -10.65
C LEU I 724 -81.16 -51.93 -9.41
N THR I 725 -82.48 -51.95 -9.34
CA THR I 725 -83.19 -51.37 -8.21
C THR I 725 -82.95 -52.12 -6.91
N ASN I 726 -82.69 -53.43 -6.98
CA ASN I 726 -82.43 -54.18 -5.75
C ASN I 726 -81.23 -53.64 -4.98
N LEU I 727 -80.26 -53.04 -5.67
CA LEU I 727 -79.03 -52.58 -5.02
C LEU I 727 -79.26 -51.43 -4.05
N TYR I 728 -80.40 -50.74 -4.15
CA TYR I 728 -80.67 -49.56 -3.32
C TYR I 728 -81.59 -49.88 -2.15
N LEU I 729 -81.83 -51.16 -1.88
CA LEU I 729 -82.76 -51.52 -0.81
C LEU I 729 -82.21 -51.16 0.56
N GLU I 730 -80.90 -51.31 0.76
CA GLU I 730 -80.27 -50.96 2.02
C GLU I 730 -78.96 -50.24 1.75
N ASP I 731 -78.50 -49.49 2.76
CA ASP I 731 -77.37 -48.60 2.60
C ASP I 731 -76.06 -49.32 2.25
N LYS I 732 -75.97 -50.62 2.47
CA LYS I 732 -74.75 -51.37 2.21
C LYS I 732 -75.04 -52.57 1.33
N PRO I 733 -74.07 -53.01 0.53
CA PRO I 733 -74.33 -54.14 -0.37
C PRO I 733 -74.53 -55.44 0.39
N GLU I 734 -75.39 -56.28 -0.18
CA GLU I 734 -75.64 -57.61 0.36
C GLU I 734 -75.76 -58.69 -0.71
N HIS I 735 -75.57 -58.34 -1.98
CA HIS I 735 -75.69 -59.31 -3.06
C HIS I 735 -74.71 -60.46 -2.89
N ASP I 740 -75.40 -67.87 -6.09
CA ASP I 740 -74.27 -68.78 -5.89
C ASP I 740 -73.02 -68.24 -6.58
N VAL I 741 -72.30 -67.36 -5.88
CA VAL I 741 -71.13 -66.69 -6.40
C VAL I 741 -69.96 -66.94 -5.46
N LEU I 742 -68.80 -67.30 -6.03
CA LEU I 742 -67.62 -67.50 -5.22
C LEU I 742 -67.12 -66.17 -4.68
N PRO I 743 -66.43 -66.19 -3.54
CA PRO I 743 -65.80 -64.96 -3.04
C PRO I 743 -64.57 -64.61 -3.88
N VAL I 744 -64.26 -63.31 -3.87
CA VAL I 744 -63.17 -62.81 -4.73
C VAL I 744 -61.84 -63.41 -4.31
N GLU I 745 -61.63 -63.58 -2.99
CA GLU I 745 -60.37 -64.16 -2.54
C GLU I 745 -60.19 -65.57 -3.08
N PHE I 746 -61.22 -66.40 -2.96
CA PHE I 746 -61.13 -67.76 -3.46
C PHE I 746 -60.97 -67.78 -4.98
N LEU I 747 -61.70 -66.90 -5.67
CA LEU I 747 -61.58 -66.85 -7.12
C LEU I 747 -60.15 -66.54 -7.55
N THR I 748 -59.56 -65.51 -6.93
CA THR I 748 -58.18 -65.14 -7.26
C THR I 748 -57.22 -66.27 -6.92
N MET I 749 -57.41 -66.92 -5.77
CA MET I 749 -56.54 -68.04 -5.41
C MET I 749 -56.61 -69.13 -6.46
N TYR I 750 -57.82 -69.50 -6.88
CA TYR I 750 -57.98 -70.55 -7.88
C TYR I 750 -57.31 -70.16 -9.18
N ILE I 751 -57.54 -68.94 -9.65
CA ILE I 751 -56.98 -68.53 -10.94
C ILE I 751 -55.46 -68.49 -10.87
N SER I 752 -54.90 -67.99 -9.77
CA SER I 752 -53.44 -67.96 -9.63
C SER I 752 -52.86 -69.37 -9.64
N TYR I 753 -53.46 -70.28 -8.87
CA TYR I 753 -52.96 -71.65 -8.85
C TYR I 753 -53.01 -72.27 -10.24
N ALA I 754 -54.13 -72.11 -10.93
CA ALA I 754 -54.27 -72.67 -12.26
C ALA I 754 -53.23 -72.10 -13.22
N LYS I 755 -53.03 -70.78 -13.17
CA LYS I 755 -52.05 -70.15 -14.05
C LYS I 755 -50.65 -70.70 -13.77
N GLU I 756 -50.29 -70.87 -12.50
CA GLU I 756 -48.91 -71.16 -12.17
C GLU I 756 -48.54 -72.63 -12.28
N HIS I 757 -49.47 -73.55 -12.00
CA HIS I 757 -49.09 -74.94 -11.76
C HIS I 757 -49.33 -75.88 -12.93
N ILE I 758 -49.96 -75.44 -14.01
CA ILE I 758 -50.28 -76.35 -15.11
C ILE I 758 -49.98 -75.69 -16.45
N HIS I 759 -49.79 -76.52 -17.47
CA HIS I 759 -49.42 -76.06 -18.81
C HIS I 759 -50.00 -77.03 -19.83
N PRO I 760 -51.14 -76.70 -20.43
CA PRO I 760 -51.75 -77.61 -21.41
C PRO I 760 -50.91 -77.73 -22.68
N ILE I 761 -51.08 -78.87 -23.35
CA ILE I 761 -50.41 -79.15 -24.62
C ILE I 761 -51.44 -79.68 -25.60
N ILE I 762 -51.14 -79.56 -26.90
CA ILE I 762 -52.09 -79.85 -27.96
C ILE I 762 -51.85 -81.26 -28.49
N THR I 763 -52.89 -81.87 -29.04
CA THR I 763 -52.86 -83.24 -29.53
C THR I 763 -53.41 -83.30 -30.96
N GLU I 764 -53.29 -84.48 -31.57
CA GLU I 764 -53.67 -84.66 -32.96
C GLU I 764 -55.17 -84.49 -33.16
N ALA I 765 -55.98 -84.99 -32.23
CA ALA I 765 -57.42 -84.83 -32.33
C ALA I 765 -57.79 -83.36 -32.36
N ALA I 766 -57.06 -82.53 -31.64
CA ALA I 766 -57.29 -81.09 -31.71
C ALA I 766 -56.73 -80.50 -33.00
N LYS I 767 -55.57 -80.97 -33.46
CA LYS I 767 -54.96 -80.43 -34.67
C LYS I 767 -55.87 -80.59 -35.88
N THR I 768 -56.45 -81.78 -36.03
CA THR I 768 -57.34 -82.02 -37.17
C THR I 768 -58.50 -81.04 -37.16
N GLU I 769 -59.13 -80.85 -36.00
CA GLU I 769 -60.25 -79.94 -35.89
C GLU I 769 -59.84 -78.50 -36.18
N LEU I 770 -58.67 -78.08 -35.66
CA LEU I 770 -58.20 -76.73 -35.95
C LEU I 770 -58.05 -76.51 -37.45
N VAL I 771 -57.38 -77.43 -38.14
CA VAL I 771 -57.17 -77.25 -39.57
C VAL I 771 -58.51 -77.21 -40.30
N ARG I 772 -59.41 -78.14 -39.97
CA ARG I 772 -60.69 -78.17 -40.65
C ARG I 772 -61.46 -76.88 -40.44
N ALA I 773 -61.52 -76.39 -39.19
CA ALA I 773 -62.26 -75.18 -38.90
C ALA I 773 -61.66 -73.97 -39.58
N TYR I 774 -60.33 -73.87 -39.62
CA TYR I 774 -59.71 -72.72 -40.27
C TYR I 774 -60.01 -72.72 -41.77
N VAL I 775 -59.90 -73.88 -42.41
CA VAL I 775 -60.24 -73.96 -43.83
C VAL I 775 -61.70 -73.59 -44.04
N GLY I 776 -62.57 -74.06 -43.14
CA GLY I 776 -63.98 -73.73 -43.26
C GLY I 776 -64.23 -72.24 -43.18
N MET I 777 -63.57 -71.56 -42.23
CA MET I 777 -63.72 -70.12 -42.13
C MET I 777 -63.22 -69.44 -43.39
N ARG I 778 -62.04 -69.83 -43.87
CA ARG I 778 -61.50 -69.20 -45.06
C ARG I 778 -62.47 -69.35 -46.24
N LYS I 779 -63.11 -70.51 -46.35
CA LYS I 779 -64.02 -70.71 -47.47
C LYS I 779 -65.31 -69.92 -47.31
N MET I 780 -65.94 -69.97 -46.14
CA MET I 780 -67.21 -69.27 -45.98
C MET I 780 -67.00 -67.76 -46.17
N GLY I 781 -67.87 -67.14 -46.95
CA GLY I 781 -67.73 -65.74 -47.29
C GLY I 781 -66.67 -65.45 -48.33
N ASP I 782 -65.94 -66.46 -48.79
CA ASP I 782 -64.89 -66.26 -49.78
C ASP I 782 -63.90 -65.19 -49.33
N SER I 786 -68.68 -56.40 -52.79
CA SER I 786 -68.03 -57.69 -52.93
C SER I 786 -66.88 -57.85 -51.94
N ASP I 787 -66.54 -56.76 -51.26
CA ASP I 787 -65.42 -56.78 -50.32
C ASP I 787 -65.65 -55.71 -49.27
N GLU I 788 -64.92 -55.82 -48.16
CA GLU I 788 -65.03 -54.91 -47.03
C GLU I 788 -66.43 -54.93 -46.43
N LYS I 789 -67.11 -56.08 -46.54
CA LYS I 789 -68.39 -56.28 -45.89
C LYS I 789 -68.27 -57.07 -44.59
N ARG I 790 -67.14 -57.73 -44.37
CA ARG I 790 -66.93 -58.53 -43.17
C ARG I 790 -65.45 -58.52 -42.83
N ILE I 791 -65.13 -59.03 -41.64
CA ILE I 791 -63.73 -59.13 -41.23
C ILE I 791 -63.12 -60.36 -41.85
N THR I 792 -62.23 -60.14 -42.83
CA THR I 792 -61.64 -61.25 -43.56
C THR I 792 -60.83 -62.14 -42.62
N ALA I 793 -60.98 -63.45 -42.78
CA ALA I 793 -60.24 -64.39 -41.95
C ALA I 793 -58.77 -64.43 -42.36
N THR I 794 -57.90 -64.61 -41.37
CA THR I 794 -56.46 -64.64 -41.60
C THR I 794 -55.85 -65.68 -40.66
N THR I 795 -54.52 -65.69 -40.59
CA THR I 795 -53.83 -66.62 -39.69
C THR I 795 -53.99 -66.20 -38.24
N ARG I 796 -54.27 -64.91 -38.00
CA ARG I 796 -54.52 -64.47 -36.64
C ARG I 796 -55.70 -65.21 -36.02
N GLN I 797 -56.68 -65.59 -36.84
CA GLN I 797 -57.82 -66.33 -36.32
C GLN I 797 -57.41 -67.74 -35.87
N LEU I 798 -56.55 -68.40 -36.64
CA LEU I 798 -56.04 -69.70 -36.22
C LEU I 798 -55.24 -69.56 -34.92
N GLU I 799 -54.43 -68.51 -34.83
CA GLU I 799 -53.70 -68.25 -33.59
C GLU I 799 -54.67 -68.04 -32.43
N SER I 800 -55.77 -67.34 -32.69
CA SER I 800 -56.78 -67.11 -31.66
C SER I 800 -57.40 -68.42 -31.20
N MET I 801 -57.72 -69.31 -32.15
CA MET I 801 -58.22 -70.63 -31.76
C MET I 801 -57.22 -71.34 -30.87
N ILE I 802 -55.94 -71.34 -31.26
CA ILE I 802 -54.94 -72.03 -30.45
C ILE I 802 -54.91 -71.47 -29.04
N ARG I 803 -54.84 -70.14 -28.92
CA ARG I 803 -54.74 -69.52 -27.60
C ARG I 803 -55.98 -69.80 -26.76
N LEU I 804 -57.17 -69.66 -27.35
CA LEU I 804 -58.39 -69.85 -26.58
C LEU I 804 -58.55 -71.30 -26.15
N ALA I 805 -58.22 -72.26 -27.03
CA ALA I 805 -58.29 -73.65 -26.64
C ALA I 805 -57.30 -73.95 -25.50
N GLU I 806 -56.09 -73.41 -25.58
CA GLU I 806 -55.14 -73.61 -24.51
C GLU I 806 -55.64 -73.01 -23.21
N ALA I 807 -56.26 -71.84 -23.26
CA ALA I 807 -56.78 -71.22 -22.06
C ALA I 807 -57.92 -72.04 -21.45
N HIS I 808 -58.82 -72.54 -22.29
CA HIS I 808 -59.91 -73.38 -21.78
C HIS I 808 -59.37 -74.65 -21.14
N ALA I 809 -58.38 -75.29 -21.79
CA ALA I 809 -57.79 -76.48 -21.21
C ALA I 809 -57.09 -76.16 -19.89
N LYS I 810 -56.39 -75.02 -19.83
CA LYS I 810 -55.74 -74.63 -18.58
C LYS I 810 -56.75 -74.44 -17.48
N MET I 811 -57.89 -73.83 -17.78
CA MET I 811 -59.00 -73.85 -16.85
C MET I 811 -59.35 -75.30 -16.54
N LYS I 812 -60.10 -75.50 -15.45
CA LYS I 812 -60.56 -76.81 -15.00
C LYS I 812 -59.42 -77.80 -14.81
N LEU I 813 -58.18 -77.31 -14.69
CA LEU I 813 -57.04 -78.12 -14.24
C LEU I 813 -56.82 -79.37 -15.11
N LYS I 814 -56.61 -79.14 -16.40
CA LYS I 814 -56.23 -80.19 -17.33
C LYS I 814 -54.80 -79.97 -17.82
N ASN I 815 -54.32 -80.93 -18.59
CA ASN I 815 -52.98 -80.87 -19.17
C ASN I 815 -52.93 -81.29 -20.64
N VAL I 816 -54.07 -81.42 -21.30
CA VAL I 816 -54.13 -81.78 -22.71
C VAL I 816 -55.34 -81.10 -23.33
N VAL I 817 -55.11 -80.38 -24.42
CA VAL I 817 -56.18 -79.70 -25.15
C VAL I 817 -56.86 -80.71 -26.05
N GLU I 818 -58.19 -80.63 -26.16
CA GLU I 818 -58.96 -81.67 -26.81
C GLU I 818 -60.12 -81.07 -27.60
N LEU I 819 -60.90 -81.98 -28.20
CA LEU I 819 -61.93 -81.59 -29.15
C LEU I 819 -62.99 -80.70 -28.51
N GLU I 820 -63.37 -80.99 -27.27
CA GLU I 820 -64.34 -80.13 -26.60
C GLU I 820 -63.82 -78.71 -26.48
N ASP I 821 -62.55 -78.56 -26.10
CA ASP I 821 -61.96 -77.23 -25.98
C ASP I 821 -61.94 -76.53 -27.33
N VAL I 822 -61.56 -77.24 -28.39
CA VAL I 822 -61.50 -76.62 -29.71
C VAL I 822 -62.88 -76.16 -30.15
N GLN I 823 -63.88 -77.02 -29.96
CA GLN I 823 -65.24 -76.67 -30.35
C GLN I 823 -65.74 -75.46 -29.56
N GLU I 824 -65.48 -75.44 -28.25
CA GLU I 824 -65.90 -74.30 -27.44
C GLU I 824 -65.23 -73.02 -27.91
N ALA I 825 -63.94 -73.09 -28.24
CA ALA I 825 -63.23 -71.91 -28.71
C ALA I 825 -63.84 -71.38 -30.00
N VAL I 826 -64.09 -72.28 -30.96
CA VAL I 826 -64.67 -71.85 -32.23
C VAL I 826 -66.06 -71.25 -32.01
N ARG I 827 -66.86 -71.90 -31.16
CA ARG I 827 -68.19 -71.39 -30.87
C ARG I 827 -68.13 -70.00 -30.27
N LEU I 828 -67.20 -69.78 -29.33
CA LEU I 828 -67.08 -68.45 -28.71
C LEU I 828 -66.65 -67.41 -29.73
N ILE I 829 -65.70 -67.76 -30.60
CA ILE I 829 -65.26 -66.81 -31.62
C ILE I 829 -66.43 -66.42 -32.50
N ARG I 830 -67.21 -67.40 -32.95
CA ARG I 830 -68.35 -67.09 -33.81
C ARG I 830 -69.39 -66.26 -33.07
N SER I 831 -69.69 -66.62 -31.82
CA SER I 831 -70.72 -65.91 -31.07
C SER I 831 -70.33 -64.47 -30.79
N ALA I 832 -69.05 -64.20 -30.54
CA ALA I 832 -68.63 -62.84 -30.23
C ALA I 832 -69.06 -61.88 -31.34
N ILE I 833 -68.73 -62.21 -32.59
CA ILE I 833 -69.19 -61.42 -33.73
C ILE I 833 -70.63 -61.73 -34.10
N LYS I 834 -71.25 -62.70 -33.45
CA LYS I 834 -72.64 -63.11 -33.71
C LYS I 834 -72.89 -63.20 -35.22
N ASP I 835 -72.12 -64.08 -35.86
CA ASP I 835 -72.33 -64.36 -37.28
C ASP I 835 -73.64 -65.07 -37.55
N TYR I 836 -74.25 -65.68 -36.52
CA TYR I 836 -75.48 -66.44 -36.73
C TYR I 836 -76.63 -65.53 -37.17
N ALA I 837 -76.60 -64.27 -36.77
CA ALA I 837 -77.64 -63.31 -37.12
C ALA I 837 -77.24 -62.42 -38.29
N THR I 838 -76.16 -62.74 -38.99
CA THR I 838 -75.65 -61.92 -40.07
C THR I 838 -76.00 -62.52 -41.42
N ASP I 839 -76.21 -61.65 -42.40
CA ASP I 839 -76.38 -62.09 -43.79
C ASP I 839 -75.00 -62.28 -44.42
N PRO I 840 -74.65 -63.49 -44.88
CA PRO I 840 -73.30 -63.69 -45.42
C PRO I 840 -73.12 -63.13 -46.82
N LYS I 841 -74.05 -62.30 -47.28
CA LYS I 841 -73.98 -61.74 -48.61
C LYS I 841 -73.88 -60.23 -48.58
N THR I 842 -74.62 -59.58 -47.68
CA THR I 842 -74.56 -58.13 -47.54
C THR I 842 -73.99 -57.67 -46.22
N GLY I 843 -73.76 -58.60 -45.28
CA GLY I 843 -73.18 -58.23 -44.00
C GLY I 843 -74.09 -57.47 -43.08
N LYS I 844 -75.40 -57.60 -43.26
CA LYS I 844 -76.37 -56.91 -42.42
C LYS I 844 -76.85 -57.84 -41.29
N ILE I 845 -77.49 -57.23 -40.30
CA ILE I 845 -77.92 -57.93 -39.10
C ILE I 845 -79.44 -58.06 -39.14
N ASP I 846 -79.94 -59.24 -38.77
CA ASP I 846 -81.36 -59.49 -38.63
C ASP I 846 -81.73 -59.26 -37.18
N MET I 847 -82.33 -58.11 -36.89
CA MET I 847 -82.53 -57.66 -35.52
C MET I 847 -83.37 -58.63 -34.71
N ASN I 848 -84.20 -59.46 -35.35
CA ASN I 848 -85.10 -60.34 -34.63
C ASN I 848 -84.48 -61.68 -34.26
N LEU I 849 -83.31 -62.02 -34.81
CA LEU I 849 -82.69 -63.31 -34.52
C LEU I 849 -81.76 -63.28 -33.32
N VAL I 850 -81.16 -62.13 -33.01
CA VAL I 850 -80.28 -62.03 -31.86
C VAL I 850 -81.08 -62.26 -30.59
N GLN I 851 -80.48 -62.97 -29.64
CA GLN I 851 -81.12 -63.31 -28.38
C GLN I 851 -80.42 -62.60 -27.24
N THR I 852 -81.19 -61.98 -26.36
CA THR I 852 -80.64 -61.28 -25.20
C THR I 852 -80.05 -62.28 -24.21
N SER J 2 2.33 28.51 9.56
CA SER J 2 1.10 28.94 8.91
C SER J 2 1.39 29.72 7.63
N PHE J 3 2.10 29.08 6.72
CA PHE J 3 2.48 29.69 5.45
C PHE J 3 1.77 29.00 4.29
N ASP J 4 1.79 29.67 3.14
CA ASP J 4 1.15 29.18 1.93
C ASP J 4 2.16 28.37 1.12
N ARG J 5 1.80 28.05 -0.12
CA ARG J 5 2.61 27.16 -0.96
C ARG J 5 3.60 27.97 -1.77
N PRO J 6 4.85 27.52 -1.92
CA PRO J 6 5.77 28.22 -2.83
C PRO J 6 5.44 27.97 -4.28
N GLU J 7 5.91 28.87 -5.14
CA GLU J 7 5.64 28.86 -6.57
C GLU J 7 6.88 28.43 -7.34
N ILE J 8 6.70 28.27 -8.65
CA ILE J 8 7.80 28.06 -9.59
C ILE J 8 7.38 28.66 -10.93
N TYR J 9 8.35 29.25 -11.63
CA TYR J 9 8.08 29.86 -12.93
C TYR J 9 9.40 30.02 -13.68
N SER J 10 9.30 30.49 -14.92
CA SER J 10 10.46 30.54 -15.80
C SER J 10 10.32 31.70 -16.77
N ALA J 11 11.35 31.88 -17.60
CA ALA J 11 11.37 32.89 -18.65
C ALA J 11 12.57 32.62 -19.55
N PRO J 12 12.49 32.93 -20.84
CA PRO J 12 13.62 32.65 -21.72
C PRO J 12 14.58 33.82 -21.83
N VAL J 13 15.88 33.51 -21.83
CA VAL J 13 16.92 34.53 -21.94
C VAL J 13 17.89 34.17 -23.05
N LEU J 14 18.47 32.97 -22.99
CA LEU J 14 19.54 32.57 -23.89
C LEU J 14 19.02 31.62 -24.96
N GLN J 15 19.93 31.17 -25.82
CA GLN J 15 19.64 30.19 -26.85
C GLN J 15 20.32 28.88 -26.48
N GLY J 16 19.54 27.81 -26.36
CA GLY J 16 20.08 26.50 -26.04
C GLY J 16 20.89 25.93 -27.18
N GLU J 17 21.03 24.60 -27.17
CA GLU J 17 21.72 23.94 -28.27
C GLU J 17 20.91 24.06 -29.55
N SER J 18 21.58 23.82 -30.68
CA SER J 18 20.91 23.91 -31.96
C SER J 18 19.74 22.93 -31.99
N PRO J 19 18.53 23.38 -32.32
CA PRO J 19 17.38 22.47 -32.24
C PRO J 19 17.49 21.34 -33.26
N ASN J 20 17.40 20.11 -32.77
CA ASN J 20 17.32 18.96 -33.64
C ASN J 20 15.95 18.90 -34.32
N ASP J 21 15.84 18.06 -35.35
CA ASP J 21 14.58 17.93 -36.05
C ASP J 21 13.66 16.93 -35.36
N ASP J 22 14.24 15.88 -34.76
CA ASP J 22 13.46 14.83 -34.11
C ASP J 22 13.13 15.23 -32.67
N ASP J 23 12.49 16.38 -32.53
CA ASP J 23 12.05 16.88 -31.23
C ASP J 23 10.66 17.48 -31.34
N ASN J 24 9.90 17.33 -30.26
CA ASN J 24 8.46 17.59 -30.30
C ASN J 24 8.17 19.05 -30.65
N THR J 25 8.96 19.99 -30.11
CA THR J 25 8.69 21.40 -30.38
C THR J 25 8.85 21.70 -31.87
N GLU J 26 9.88 21.14 -32.51
CA GLU J 26 10.06 21.38 -33.94
C GLU J 26 8.98 20.68 -34.74
N ILE J 27 8.56 19.49 -34.31
CA ILE J 27 7.45 18.82 -34.99
C ILE J 27 6.21 19.71 -34.98
N ILE J 28 5.91 20.28 -33.81
CA ILE J 28 4.73 21.14 -33.68
C ILE J 28 4.89 22.39 -34.52
N LYS J 29 6.08 22.98 -34.54
CA LYS J 29 6.29 24.17 -35.36
C LYS J 29 6.07 23.87 -36.84
N SER J 30 6.59 22.72 -37.29
CA SER J 30 6.38 22.33 -38.69
C SER J 30 4.90 22.13 -38.99
N PHE J 31 4.18 21.46 -38.09
CA PHE J 31 2.75 21.25 -38.31
C PHE J 31 1.99 22.56 -38.33
N LYS J 32 2.34 23.49 -37.45
CA LYS J 32 1.68 24.79 -37.43
C LYS J 32 1.95 25.54 -38.73
N ASN J 33 3.18 25.48 -39.23
CA ASN J 33 3.49 26.10 -40.51
C ASN J 33 2.66 25.49 -41.62
N PHE J 34 2.55 24.15 -41.63
CA PHE J 34 1.73 23.49 -42.64
C PHE J 34 0.29 23.98 -42.59
N ILE J 35 -0.26 24.09 -41.38
CA ILE J 35 -1.64 24.55 -41.25
C ILE J 35 -1.80 25.97 -41.77
N LEU J 36 -0.87 26.85 -41.39
CA LEU J 36 -1.05 28.27 -41.68
C LEU J 36 -0.58 28.69 -43.07
N GLU J 37 0.11 27.83 -43.81
CA GLU J 37 0.68 28.23 -45.09
C GLU J 37 0.15 27.44 -46.28
N PHE J 38 -0.05 26.13 -46.15
CA PHE J 38 -0.34 25.29 -47.30
C PHE J 38 -1.45 25.89 -48.16
N ARG J 39 -1.22 25.91 -49.47
CA ARG J 39 -2.15 26.49 -50.44
C ARG J 39 -2.55 25.43 -51.45
N LEU J 40 -3.80 25.50 -51.89
CA LEU J 40 -4.29 24.68 -53.00
C LEU J 40 -5.27 25.51 -53.79
N ASP J 41 -5.02 25.63 -55.10
CA ASP J 41 -5.82 26.48 -55.97
C ASP J 41 -5.85 27.92 -55.44
N SER J 42 -4.72 28.38 -54.91
CA SER J 42 -4.61 29.73 -54.37
C SER J 42 -5.61 29.98 -53.24
N GLN J 43 -5.66 29.05 -52.28
CA GLN J 43 -6.57 29.18 -51.16
C GLN J 43 -5.93 28.56 -49.92
N PHE J 44 -6.22 29.17 -48.76
CA PHE J 44 -5.78 28.63 -47.48
C PHE J 44 -6.91 27.77 -46.92
N ILE J 45 -7.01 26.56 -47.47
CA ILE J 45 -8.16 25.70 -47.21
C ILE J 45 -8.28 25.41 -45.72
N TYR J 46 -7.18 25.01 -45.09
CA TYR J 46 -7.26 24.56 -43.70
C TYR J 46 -7.53 25.73 -42.76
N ARG J 47 -6.87 26.87 -43.00
CA ARG J 47 -7.15 28.04 -42.18
C ARG J 47 -8.62 28.45 -42.29
N ASP J 48 -9.15 28.49 -43.52
CA ASP J 48 -10.54 28.91 -43.71
C ASP J 48 -11.50 27.94 -43.03
N GLN J 49 -11.30 26.63 -43.22
CA GLN J 49 -12.22 25.68 -42.62
C GLN J 49 -12.08 25.66 -41.11
N LEU J 50 -10.88 25.90 -40.58
CA LEU J 50 -10.72 25.98 -39.13
C LEU J 50 -11.49 27.16 -38.58
N ARG J 51 -11.40 28.32 -39.24
CA ARG J 51 -12.16 29.47 -38.78
C ARG J 51 -13.66 29.19 -38.83
N ASN J 52 -14.12 28.58 -39.91
CA ASN J 52 -15.55 28.27 -40.00
C ASN J 52 -15.98 27.27 -38.92
N ASN J 53 -15.15 26.25 -38.67
CA ASN J 53 -15.47 25.28 -37.63
C ASN J 53 -15.58 25.94 -36.27
N ILE J 54 -14.64 26.83 -35.95
CA ILE J 54 -14.69 27.54 -34.67
C ILE J 54 -15.95 28.39 -34.61
N LEU J 55 -16.29 29.07 -35.70
CA LEU J 55 -17.53 29.83 -35.73
C LEU J 55 -18.74 28.94 -35.47
N VAL J 56 -18.69 27.68 -35.94
CA VAL J 56 -19.82 26.77 -35.80
C VAL J 56 -19.81 26.01 -34.48
N LYS J 57 -18.72 26.08 -33.71
CA LYS J 57 -18.59 25.38 -32.44
C LYS J 57 -18.36 23.88 -32.62
N ASN J 58 -17.71 23.49 -33.71
CA ASN J 58 -17.31 22.11 -33.95
C ASN J 58 -15.79 22.05 -33.83
N TYR J 59 -15.29 21.52 -32.72
CA TYR J 59 -13.88 21.57 -32.40
C TYR J 59 -13.14 20.39 -33.03
N SER J 60 -13.13 20.39 -34.36
CA SER J 60 -12.46 19.32 -35.10
C SER J 60 -11.90 19.90 -36.38
N LEU J 61 -10.84 19.24 -36.87
CA LEU J 61 -10.24 19.59 -38.15
C LEU J 61 -10.08 18.33 -38.99
N THR J 62 -10.52 18.41 -40.24
CA THR J 62 -10.46 17.31 -41.18
C THR J 62 -9.31 17.56 -42.15
N VAL J 63 -8.42 16.59 -42.29
CA VAL J 63 -7.19 16.73 -43.07
C VAL J 63 -7.07 15.55 -44.02
N ASN J 64 -6.56 15.83 -45.22
CA ASN J 64 -6.28 14.79 -46.21
C ASN J 64 -4.78 14.55 -46.27
N MET J 65 -4.39 13.28 -46.18
CA MET J 65 -2.97 12.94 -46.04
C MET J 65 -2.20 13.20 -47.33
N GLU J 66 -2.89 13.26 -48.48
CA GLU J 66 -2.20 13.56 -49.73
C GLU J 66 -1.56 14.94 -49.68
N HIS J 67 -2.29 15.92 -49.16
CA HIS J 67 -1.75 17.27 -49.06
C HIS J 67 -0.52 17.29 -48.16
N LEU J 68 -0.57 16.57 -47.04
CA LEU J 68 0.57 16.54 -46.12
C LEU J 68 1.78 15.89 -46.77
N ILE J 69 1.59 14.76 -47.46
CA ILE J 69 2.73 14.10 -48.08
C ILE J 69 3.31 14.98 -49.18
N GLY J 70 2.45 15.73 -49.89
CA GLY J 70 2.96 16.66 -50.89
C GLY J 70 3.76 17.79 -50.27
N TYR J 71 3.25 18.37 -49.17
CA TYR J 71 3.92 19.50 -48.55
C TYR J 71 5.25 19.10 -47.93
N ASN J 72 5.26 18.00 -47.19
CA ASN J 72 6.46 17.57 -46.47
C ASN J 72 6.38 16.07 -46.25
N GLU J 73 7.47 15.37 -46.56
CA GLU J 73 7.47 13.92 -46.54
C GLU J 73 7.93 13.33 -45.22
N ASP J 74 8.92 13.94 -44.56
CA ASP J 74 9.49 13.34 -43.37
C ASP J 74 8.44 13.18 -42.27
N ILE J 75 7.70 14.25 -41.97
CA ILE J 75 6.69 14.15 -40.92
C ILE J 75 5.57 13.21 -41.35
N TYR J 76 5.29 13.13 -42.66
CA TYR J 76 4.31 12.15 -43.12
C TYR J 76 4.75 10.74 -42.77
N LYS J 77 6.02 10.41 -43.02
CA LYS J 77 6.52 9.08 -42.67
C LYS J 77 6.47 8.87 -41.17
N LYS J 78 6.85 9.89 -40.39
CA LYS J 78 6.81 9.75 -38.93
C LYS J 78 5.41 9.45 -38.45
N LEU J 79 4.42 10.18 -38.99
CA LEU J 79 3.03 9.94 -38.61
C LEU J 79 2.58 8.54 -39.01
N SER J 80 2.93 8.12 -40.23
CA SER J 80 2.51 6.80 -40.68
C SER J 80 3.20 5.69 -39.90
N ASP J 81 4.32 6.01 -39.23
CA ASP J 81 5.05 5.00 -38.49
C ASP J 81 4.64 4.92 -37.03
N GLU J 82 4.45 6.06 -36.36
CA GLU J 82 4.16 6.10 -34.93
C GLU J 82 2.99 7.04 -34.68
N PRO J 83 1.79 6.67 -35.11
CA PRO J 83 0.64 7.57 -34.92
C PRO J 83 0.35 7.88 -33.47
N SER J 84 0.53 6.93 -32.56
CA SER J 84 0.21 7.17 -31.16
C SER J 84 1.07 8.27 -30.57
N ASP J 85 2.24 8.53 -31.17
CA ASP J 85 3.15 9.55 -30.66
C ASP J 85 2.99 10.89 -31.36
N ILE J 86 2.64 10.89 -32.64
CA ILE J 86 2.59 12.14 -33.40
C ILE J 86 1.23 12.83 -33.28
N ILE J 87 0.14 12.06 -33.18
CA ILE J 87 -1.19 12.67 -33.19
C ILE J 87 -1.33 13.75 -32.13
N PRO J 88 -0.94 13.54 -30.88
CA PRO J 88 -1.10 14.60 -29.87
C PRO J 88 -0.37 15.88 -30.23
N LEU J 89 0.78 15.78 -30.90
CA LEU J 89 1.54 16.96 -31.27
C LEU J 89 0.76 17.82 -32.26
N PHE J 90 0.27 17.21 -33.33
CA PHE J 90 -0.49 17.97 -34.31
C PHE J 90 -1.77 18.51 -33.68
N GLU J 91 -2.36 17.73 -32.77
CA GLU J 91 -3.59 18.17 -32.11
C GLU J 91 -3.35 19.42 -31.26
N THR J 92 -2.25 19.43 -30.49
CA THR J 92 -1.95 20.63 -29.70
C THR J 92 -1.57 21.80 -30.59
N ALA J 93 -0.95 21.54 -31.75
CA ALA J 93 -0.72 22.62 -32.70
C ALA J 93 -2.04 23.24 -33.15
N ILE J 94 -3.02 22.39 -33.48
CA ILE J 94 -4.34 22.88 -33.85
C ILE J 94 -4.92 23.72 -32.73
N THR J 95 -4.80 23.25 -31.50
CA THR J 95 -5.34 24.00 -30.37
C THR J 95 -4.68 25.37 -30.25
N GLN J 96 -3.36 25.41 -30.40
CA GLN J 96 -2.64 26.68 -30.31
C GLN J 96 -3.13 27.66 -31.36
N VAL J 97 -3.27 27.20 -32.61
CA VAL J 97 -3.76 28.10 -33.66
C VAL J 97 -5.18 28.55 -33.36
N ALA J 98 -6.03 27.62 -32.90
CA ALA J 98 -7.43 27.95 -32.66
C ALA J 98 -7.58 28.97 -31.56
N LYS J 99 -6.70 28.95 -30.55
CA LYS J 99 -6.77 29.96 -29.50
C LYS J 99 -6.65 31.37 -30.07
N ARG J 100 -5.62 31.60 -30.90
CA ARG J 100 -5.46 32.91 -31.50
C ARG J 100 -6.63 33.25 -32.40
N ILE J 101 -7.06 32.31 -33.23
CA ILE J 101 -8.17 32.60 -34.13
C ILE J 101 -9.40 33.01 -33.33
N SER J 102 -9.70 32.28 -32.26
CA SER J 102 -10.88 32.56 -31.46
C SER J 102 -10.78 33.93 -30.77
N ILE J 103 -9.63 34.25 -30.20
CA ILE J 103 -9.52 35.52 -29.48
C ILE J 103 -9.63 36.69 -30.44
N LEU J 104 -8.98 36.60 -31.61
CA LEU J 104 -9.14 37.67 -32.59
C LEU J 104 -10.58 37.78 -33.07
N SER J 105 -11.24 36.65 -33.32
CA SER J 105 -12.63 36.70 -33.76
C SER J 105 -13.52 37.36 -32.72
N ARG J 106 -13.33 36.99 -31.45
CA ARG J 106 -14.03 37.67 -30.37
C ARG J 106 -13.76 39.17 -30.40
N ALA J 107 -12.52 39.55 -30.67
CA ALA J 107 -12.18 40.97 -30.78
C ALA J 107 -13.02 41.64 -31.87
N GLN J 108 -13.07 41.04 -33.05
CA GLN J 108 -13.81 41.62 -34.17
C GLN J 108 -15.30 41.33 -34.03
N SER J 131 -11.91 28.94 -23.16
CA SER J 131 -12.14 27.66 -22.51
C SER J 131 -12.28 26.55 -23.54
N LEU J 132 -11.59 26.69 -24.66
CA LEU J 132 -11.67 25.69 -25.72
C LEU J 132 -11.06 24.37 -25.24
N PRO J 133 -11.69 23.24 -25.52
CA PRO J 133 -11.08 21.94 -25.22
C PRO J 133 -10.05 21.59 -26.27
N THR J 134 -9.50 20.39 -26.15
CA THR J 134 -8.55 19.90 -27.14
C THR J 134 -9.28 19.53 -28.42
N PHE J 135 -8.79 20.05 -29.55
CA PHE J 135 -9.45 19.82 -30.82
C PHE J 135 -9.27 18.36 -31.25
N GLN J 136 -10.15 17.90 -32.13
CA GLN J 136 -10.09 16.54 -32.63
C GLN J 136 -9.57 16.50 -34.06
N LEU J 137 -8.56 15.67 -34.29
CA LEU J 137 -8.02 15.41 -35.62
C LEU J 137 -8.87 14.35 -36.30
N ILE J 138 -9.20 14.59 -37.57
CA ILE J 138 -9.88 13.60 -38.40
C ILE J 138 -9.10 13.47 -39.69
N LEU J 139 -8.82 12.24 -40.10
CA LEU J 139 -8.03 11.95 -41.29
C LEU J 139 -8.93 11.43 -42.39
N ASN J 140 -8.62 11.80 -43.63
CA ASN J 140 -9.22 11.22 -44.82
C ASN J 140 -8.13 10.82 -45.78
N SER J 141 -8.38 9.77 -46.55
CA SER J 141 -7.36 9.23 -47.43
C SER J 141 -8.02 8.52 -48.60
N ASN J 142 -7.21 8.26 -49.63
CA ASN J 142 -7.68 7.56 -50.81
C ASN J 142 -6.70 6.50 -51.29
N ALA J 143 -5.63 6.24 -50.53
CA ALA J 143 -4.64 5.25 -50.93
C ALA J 143 -5.28 3.87 -51.05
N ASN J 144 -4.51 2.94 -51.61
CA ASN J 144 -5.02 1.59 -51.82
C ASN J 144 -5.44 0.96 -50.50
N GLN J 145 -6.55 0.23 -50.52
CA GLN J 145 -7.06 -0.44 -49.34
C GLN J 145 -6.33 -1.77 -49.14
N ILE J 146 -6.68 -2.46 -48.06
CA ILE J 146 -6.17 -3.80 -47.79
C ILE J 146 -7.36 -4.71 -47.51
N PRO J 147 -7.42 -5.91 -48.08
CA PRO J 147 -8.50 -6.84 -47.70
C PRO J 147 -8.43 -7.15 -46.21
N LEU J 148 -9.61 -7.25 -45.60
CA LEU J 148 -9.67 -7.48 -44.16
C LEU J 148 -8.94 -8.75 -43.76
N ARG J 149 -8.91 -9.74 -44.65
CA ARG J 149 -8.21 -10.98 -44.37
C ARG J 149 -6.70 -10.87 -44.51
N ASP J 150 -6.19 -9.73 -44.99
CA ASP J 150 -4.77 -9.55 -45.21
C ASP J 150 -4.05 -8.88 -44.05
N LEU J 151 -4.76 -8.50 -42.99
CA LEU J 151 -4.10 -7.93 -41.83
C LEU J 151 -3.33 -9.02 -41.09
N ASP J 152 -2.17 -8.66 -40.54
CA ASP J 152 -1.35 -9.59 -39.80
C ASP J 152 -0.38 -8.79 -38.93
N SER J 153 0.65 -9.48 -38.42
CA SER J 153 1.48 -8.90 -37.36
C SER J 153 2.14 -7.59 -37.78
N GLU J 154 2.73 -7.53 -38.97
CA GLU J 154 3.58 -6.40 -39.31
C GLU J 154 2.80 -5.09 -39.35
N HIS J 155 1.48 -5.13 -39.42
CA HIS J 155 0.66 -3.92 -39.43
C HIS J 155 0.32 -3.40 -38.04
N VAL J 156 0.75 -4.08 -36.98
CA VAL J 156 0.37 -3.66 -35.64
C VAL J 156 0.97 -2.29 -35.34
N SER J 157 0.14 -1.38 -34.86
CA SER J 157 0.49 -0.03 -34.42
C SER J 157 0.72 0.92 -35.59
N LYS J 158 0.61 0.46 -36.84
CA LYS J 158 0.70 1.33 -38.00
C LYS J 158 -0.67 1.94 -38.29
N ILE J 159 -0.75 2.63 -39.42
CA ILE J 159 -2.02 3.18 -39.91
C ILE J 159 -2.44 2.37 -41.12
N VAL J 160 -3.72 1.96 -41.13
CA VAL J 160 -4.24 1.11 -42.19
C VAL J 160 -5.57 1.69 -42.69
N ARG J 161 -5.89 1.34 -43.94
CA ARG J 161 -7.14 1.71 -44.58
C ARG J 161 -7.87 0.42 -44.95
N LEU J 162 -9.16 0.37 -44.66
CA LEU J 162 -9.97 -0.82 -44.84
C LEU J 162 -11.31 -0.45 -45.43
N SER J 163 -11.99 -1.43 -46.00
CA SER J 163 -13.32 -1.24 -46.56
C SER J 163 -14.22 -2.39 -46.14
N GLY J 164 -15.46 -2.06 -45.79
CA GLY J 164 -16.36 -3.10 -45.32
C GLY J 164 -17.78 -2.57 -45.16
N ILE J 165 -18.57 -3.32 -44.39
CA ILE J 165 -19.98 -3.01 -44.15
C ILE J 165 -20.22 -3.06 -42.65
N ILE J 166 -20.90 -2.04 -42.13
CA ILE J 166 -21.22 -1.97 -40.71
C ILE J 166 -22.43 -2.85 -40.44
N ILE J 167 -22.34 -3.69 -39.41
CA ILE J 167 -23.41 -4.62 -39.06
C ILE J 167 -23.96 -4.41 -37.67
N SER J 168 -23.35 -3.58 -36.83
CA SER J 168 -23.85 -3.35 -35.49
C SER J 168 -23.15 -2.16 -34.86
N THR J 169 -23.92 -1.33 -34.16
CA THR J 169 -23.38 -0.21 -33.40
C THR J 169 -23.98 -0.24 -32.00
N SER J 170 -23.12 -0.14 -31.00
CA SER J 170 -23.52 -0.23 -29.61
C SER J 170 -24.13 1.09 -29.14
N VAL J 171 -24.39 1.20 -27.85
CA VAL J 171 -24.96 2.40 -27.27
C VAL J 171 -23.82 3.31 -26.81
N LEU J 172 -24.13 4.60 -26.67
CA LEU J 172 -23.13 5.56 -26.24
C LEU J 172 -22.72 5.31 -24.80
N SER J 173 -21.42 5.25 -24.56
CA SER J 173 -20.86 5.15 -23.23
C SER J 173 -20.38 6.52 -22.78
N SER J 174 -19.94 6.59 -21.53
CA SER J 174 -19.41 7.83 -20.95
C SER J 174 -18.01 7.56 -20.42
N ARG J 175 -17.10 8.48 -20.69
CA ARG J 175 -15.74 8.43 -20.17
C ARG J 175 -15.36 9.80 -19.66
N ALA J 176 -14.44 9.83 -18.70
CA ALA J 176 -14.06 11.08 -18.04
C ALA J 176 -12.90 11.73 -18.78
N THR J 177 -12.94 13.06 -18.86
CA THR J 177 -11.84 13.85 -19.39
C THR J 177 -11.23 14.79 -18.37
N TYR J 178 -11.96 15.15 -17.31
CA TYR J 178 -11.45 16.02 -16.26
C TYR J 178 -12.16 15.67 -14.96
N LEU J 179 -11.41 15.15 -14.00
CA LEU J 179 -11.95 14.66 -12.75
C LEU J 179 -11.46 15.52 -11.59
N SER J 180 -12.37 15.84 -10.67
CA SER J 180 -12.03 16.48 -9.40
C SER J 180 -12.25 15.47 -8.30
N ILE J 181 -11.22 15.25 -7.46
CA ILE J 181 -11.27 14.18 -6.48
C ILE J 181 -10.89 14.74 -5.11
N MET J 182 -11.41 14.06 -4.08
CA MET J 182 -11.20 14.44 -2.70
C MET J 182 -10.81 13.22 -1.89
N CYS J 183 -9.96 13.41 -0.90
CA CYS J 183 -9.62 12.34 0.04
C CYS J 183 -10.67 12.31 1.14
N ARG J 184 -11.27 11.14 1.36
CA ARG J 184 -12.38 11.04 2.29
C ARG J 184 -11.97 11.20 3.74
N ASN J 185 -10.68 11.06 4.06
CA ASN J 185 -10.21 11.12 5.44
C ASN J 185 -9.77 12.53 5.83
N CYS J 186 -8.76 13.07 5.14
CA CYS J 186 -8.21 14.38 5.47
C CYS J 186 -8.72 15.50 4.58
N ARG J 187 -9.58 15.19 3.61
CA ARG J 187 -10.19 16.19 2.74
C ARG J 187 -9.18 16.89 1.84
N HIS J 188 -8.09 16.22 1.49
CA HIS J 188 -7.14 16.77 0.53
C HIS J 188 -7.71 16.65 -0.88
N THR J 189 -7.81 17.78 -1.58
CA THR J 189 -8.45 17.85 -2.89
C THR J 189 -7.41 17.91 -3.99
N THR J 190 -7.79 17.46 -5.18
CA THR J 190 -6.91 17.58 -6.34
C THR J 190 -7.72 17.29 -7.60
N SER J 191 -7.03 17.28 -8.74
CA SER J 191 -7.67 17.15 -10.04
C SER J 191 -6.82 16.29 -10.95
N ILE J 192 -7.45 15.73 -11.97
CA ILE J 192 -6.80 14.90 -12.98
C ILE J 192 -7.39 15.26 -14.34
N THR J 193 -6.56 15.19 -15.38
CA THR J 193 -6.99 15.50 -16.73
C THR J 193 -6.52 14.40 -17.68
N ILE J 194 -7.39 14.03 -18.61
CA ILE J 194 -7.13 12.96 -19.57
C ILE J 194 -7.38 13.50 -20.96
N ASN J 195 -6.48 13.19 -21.89
CA ASN J 195 -6.63 13.59 -23.28
C ASN J 195 -5.57 12.93 -24.17
N THR J 204 -4.45 3.75 -19.39
CA THR J 204 -5.45 3.35 -18.40
C THR J 204 -5.25 4.11 -17.10
N VAL J 205 -5.53 5.42 -17.13
CA VAL J 205 -5.38 6.24 -15.94
C VAL J 205 -6.29 5.72 -14.84
N SER J 206 -5.78 5.72 -13.61
CA SER J 206 -6.54 5.28 -12.45
C SER J 206 -6.32 6.26 -11.31
N LEU J 207 -7.27 6.29 -10.38
CA LEU J 207 -7.17 7.20 -9.26
C LEU J 207 -5.97 6.84 -8.39
N PRO J 208 -5.37 7.83 -7.72
CA PRO J 208 -4.19 7.54 -6.90
C PRO J 208 -4.50 6.50 -5.83
N ARG J 209 -3.53 5.60 -5.60
CA ARG J 209 -3.74 4.54 -4.62
C ARG J 209 -3.61 5.05 -3.19
N SER J 210 -2.83 6.10 -2.97
CA SER J 210 -2.55 6.61 -1.64
C SER J 210 -2.71 8.13 -1.62
N CYS J 211 -3.06 8.66 -0.45
CA CYS J 211 -3.18 10.09 -0.30
C CYS J 211 -1.88 10.77 -0.65
N LEU J 212 -1.97 11.86 -1.41
CA LEU J 212 -0.79 12.55 -1.94
C LEU J 212 -0.34 13.69 -1.05
N SER J 213 -1.10 14.05 -0.02
CA SER J 213 -0.75 15.17 0.84
C SER J 213 0.58 14.96 1.55
N THR J 214 1.01 13.72 1.71
CA THR J 214 2.31 13.45 2.35
C THR J 214 3.46 13.84 1.44
N ILE J 215 3.51 13.27 0.22
CA ILE J 215 4.59 13.60 -0.71
C ILE J 215 4.53 15.07 -1.11
N GLU J 216 3.32 15.61 -1.26
CA GLU J 216 3.14 17.03 -1.56
C GLU J 216 3.33 17.80 -0.26
N SER J 217 4.56 18.27 -0.03
CA SER J 217 4.86 19.14 1.10
C SER J 217 4.49 20.57 0.72
N GLU J 218 3.18 20.83 0.66
CA GLU J 218 2.71 22.13 0.18
C GLU J 218 3.25 23.26 1.04
N SER J 219 3.11 23.14 2.37
CA SER J 219 3.35 24.25 3.27
C SER J 219 4.04 23.74 4.53
N SER J 220 4.56 24.69 5.31
CA SER J 220 5.18 24.34 6.59
C SER J 220 4.14 23.80 7.57
N MET J 221 3.00 24.48 7.68
CA MET J 221 1.96 24.03 8.60
C MET J 221 1.31 22.73 8.14
N ALA J 222 1.43 22.38 6.85
CA ALA J 222 0.90 21.11 6.39
C ALA J 222 1.64 19.94 7.05
N ASN J 223 2.96 20.08 7.23
CA ASN J 223 3.71 19.03 7.92
C ASN J 223 3.21 18.84 9.35
N GLU J 224 2.82 19.91 10.02
CA GLU J 224 2.26 19.78 11.36
C GLU J 224 0.87 19.16 11.32
N SER J 225 0.03 19.62 10.38
CA SER J 225 -1.31 19.04 10.24
C SER J 225 -1.27 17.56 9.91
N ASN J 226 -0.17 17.09 9.30
CA ASN J 226 -0.03 15.68 8.95
C ASN J 226 0.34 14.82 10.16
N ILE J 227 0.23 15.33 11.37
CA ILE J 227 0.47 14.54 12.58
C ILE J 227 -0.39 15.11 13.69
N GLY J 228 -0.92 14.22 14.52
CA GLY J 228 -1.76 14.64 15.63
C GLY J 228 -2.11 13.46 16.50
N ASP J 229 -2.63 13.78 17.69
CA ASP J 229 -3.05 12.78 18.67
C ASP J 229 -1.88 11.86 19.04
N GLU J 230 -0.82 12.47 19.55
CA GLU J 230 0.31 11.75 20.12
C GLU J 230 1.13 11.03 19.05
N SER J 231 1.44 9.75 19.28
CA SER J 231 2.40 9.04 18.44
C SER J 231 1.78 8.37 17.22
N THR J 232 0.45 8.34 17.13
CA THR J 232 -0.18 7.67 15.98
C THR J 232 0.23 8.34 14.68
N LYS J 233 0.69 7.53 13.73
CA LYS J 233 1.02 8.03 12.40
C LYS J 233 -0.24 8.15 11.55
N LYS J 234 -0.24 9.13 10.66
CA LYS J 234 -1.38 9.36 9.79
C LYS J 234 -1.33 8.41 8.60
N ASN J 235 -2.43 7.72 8.34
CA ASN J 235 -2.53 6.82 7.20
C ASN J 235 -3.97 6.83 6.72
N CYS J 236 -4.23 7.50 5.59
CA CYS J 236 -5.59 7.64 5.10
C CYS J 236 -6.19 6.30 4.71
N GLY J 237 -5.35 5.31 4.39
CA GLY J 237 -5.82 4.01 3.97
C GLY J 237 -5.63 3.80 2.49
N PRO J 238 -6.02 2.63 1.99
CA PRO J 238 -5.89 2.36 0.57
C PRO J 238 -7.09 2.86 -0.22
N ASP J 239 -6.80 3.49 -1.36
CA ASP J 239 -7.84 4.03 -2.23
C ASP J 239 -8.74 4.99 -1.46
N PRO J 240 -8.19 6.10 -0.96
CA PRO J 240 -9.00 7.03 -0.15
C PRO J 240 -9.74 8.09 -0.95
N TYR J 241 -9.65 8.09 -2.27
CA TYR J 241 -10.17 9.18 -3.08
C TYR J 241 -11.58 8.87 -3.59
N ILE J 242 -12.39 9.93 -3.66
CA ILE J 242 -13.74 9.86 -4.22
C ILE J 242 -13.88 10.98 -5.24
N ILE J 243 -14.68 10.72 -6.27
CA ILE J 243 -14.87 11.63 -7.38
C ILE J 243 -16.06 12.52 -7.08
N ILE J 244 -15.91 13.83 -7.30
CA ILE J 244 -17.00 14.78 -7.16
C ILE J 244 -17.61 14.95 -8.55
N HIS J 245 -18.81 14.41 -8.75
CA HIS J 245 -19.40 14.40 -10.09
C HIS J 245 -19.94 15.77 -10.48
N GLU J 246 -20.17 16.65 -9.51
CA GLU J 246 -20.74 17.96 -9.83
C GLU J 246 -19.77 18.83 -10.60
N SER J 247 -18.48 18.49 -10.60
CA SER J 247 -17.44 19.32 -11.21
C SER J 247 -16.50 18.50 -12.08
N SER J 248 -17.04 17.64 -12.92
CA SER J 248 -16.26 16.81 -13.83
C SER J 248 -16.85 16.88 -15.23
N LYS J 249 -16.05 16.50 -16.22
CA LYS J 249 -16.43 16.56 -17.62
C LYS J 249 -16.25 15.19 -18.26
N PHE J 250 -17.19 14.85 -19.14
CA PHE J 250 -17.20 13.54 -19.78
C PHE J 250 -17.35 13.71 -21.28
N ILE J 251 -17.17 12.60 -22.00
CA ILE J 251 -17.24 12.57 -23.46
C ILE J 251 -18.07 11.36 -23.88
N ASP J 252 -18.15 11.15 -25.19
CA ASP J 252 -18.93 10.06 -25.78
C ASP J 252 -18.00 9.04 -26.43
N GLN J 253 -18.28 7.77 -26.17
CA GLN J 253 -17.50 6.68 -26.73
C GLN J 253 -18.45 5.64 -27.31
N GLN J 254 -18.03 4.99 -28.39
CA GLN J 254 -18.91 4.06 -29.08
C GLN J 254 -18.09 2.95 -29.72
N PHE J 255 -18.73 1.80 -29.87
CA PHE J 255 -18.14 0.62 -30.49
C PHE J 255 -18.87 0.31 -31.79
N LEU J 256 -18.16 -0.38 -32.69
CA LEU J 256 -18.72 -0.79 -33.96
C LEU J 256 -18.11 -2.14 -34.35
N LYS J 257 -18.81 -2.85 -35.22
CA LYS J 257 -18.34 -4.10 -35.80
C LYS J 257 -18.27 -3.95 -37.30
N LEU J 258 -17.15 -4.33 -37.89
CA LEU J 258 -16.94 -4.21 -39.33
C LEU J 258 -16.72 -5.59 -39.92
N GLN J 259 -17.47 -5.91 -40.97
CA GLN J 259 -17.49 -7.22 -41.58
C GLN J 259 -17.07 -7.13 -43.04
N GLU J 260 -16.35 -8.14 -43.50
CA GLU J 260 -15.94 -8.19 -44.89
C GLU J 260 -17.16 -8.34 -45.79
N ILE J 261 -17.06 -7.81 -47.00
CA ILE J 261 -18.20 -7.81 -47.90
C ILE J 261 -18.62 -9.25 -48.18
N PRO J 262 -19.90 -9.61 -48.03
CA PRO J 262 -20.29 -11.02 -48.16
C PRO J 262 -20.06 -11.62 -49.54
N GLU J 263 -19.94 -10.80 -50.59
CA GLU J 263 -19.83 -11.34 -51.94
C GLU J 263 -18.58 -12.19 -52.10
N LEU J 264 -17.45 -11.75 -51.54
CA LEU J 264 -16.16 -12.37 -51.80
C LEU J 264 -15.76 -13.39 -50.75
N VAL J 265 -16.67 -13.77 -49.85
CA VAL J 265 -16.29 -14.75 -48.82
C VAL J 265 -15.97 -16.08 -49.49
N PRO J 266 -14.94 -16.81 -49.05
CA PRO J 266 -14.71 -18.15 -49.60
C PRO J 266 -15.85 -19.09 -49.26
N VAL J 267 -16.09 -20.05 -50.16
CA VAL J 267 -17.14 -21.03 -49.92
C VAL J 267 -16.78 -21.90 -48.72
N GLY J 268 -17.80 -22.30 -47.97
CA GLY J 268 -17.58 -23.14 -46.80
C GLY J 268 -16.96 -22.44 -45.62
N GLU J 269 -17.06 -21.12 -45.56
CA GLU J 269 -16.47 -20.33 -44.48
C GLU J 269 -17.48 -19.30 -43.99
N MET J 270 -17.31 -18.90 -42.73
CA MET J 270 -18.07 -17.78 -42.21
C MET J 270 -17.23 -16.52 -42.24
N PRO J 271 -17.81 -15.38 -42.59
CA PRO J 271 -16.99 -14.17 -42.79
C PRO J 271 -16.35 -13.69 -41.49
N ARG J 272 -15.17 -13.09 -41.64
CA ARG J 272 -14.46 -12.50 -40.51
C ARG J 272 -15.00 -11.10 -40.22
N ASN J 273 -14.67 -10.60 -39.03
CA ASN J 273 -15.08 -9.26 -38.65
C ASN J 273 -14.11 -8.74 -37.59
N LEU J 274 -14.15 -7.42 -37.38
CA LEU J 274 -13.26 -6.75 -36.44
C LEU J 274 -14.08 -5.78 -35.60
N THR J 275 -13.50 -5.42 -34.45
CA THR J 275 -14.10 -4.46 -33.54
C THR J 275 -13.40 -3.12 -33.69
N MET J 276 -14.20 -2.05 -33.64
CA MET J 276 -13.72 -0.69 -33.87
C MET J 276 -14.21 0.20 -32.75
N THR J 277 -13.37 1.14 -32.33
CA THR J 277 -13.74 2.07 -31.27
C THR J 277 -13.60 3.50 -31.78
N CYS J 278 -14.64 4.31 -31.55
CA CYS J 278 -14.63 5.71 -31.96
C CYS J 278 -15.16 6.55 -30.80
N ASP J 279 -14.94 7.86 -30.89
CA ASP J 279 -15.30 8.73 -29.78
C ASP J 279 -15.49 10.16 -30.26
N ARG J 280 -16.10 10.96 -29.39
CA ARG J 280 -16.33 12.39 -29.61
C ARG J 280 -17.11 12.61 -30.91
N TYR J 281 -16.49 13.23 -31.91
CA TYR J 281 -17.22 13.69 -33.08
C TYR J 281 -17.40 12.62 -34.14
N LEU J 282 -16.86 11.42 -33.92
CA LEU J 282 -17.05 10.29 -34.83
C LEU J 282 -18.13 9.34 -34.33
N THR J 283 -19.06 9.82 -33.51
CA THR J 283 -20.16 9.01 -33.01
C THR J 283 -21.46 9.41 -33.69
N ASN J 284 -22.30 8.42 -33.96
CA ASN J 284 -23.58 8.64 -34.64
C ASN J 284 -23.36 9.19 -36.04
N LYS J 285 -22.42 8.60 -36.77
CA LYS J 285 -22.14 8.99 -38.14
C LYS J 285 -22.66 8.01 -39.17
N VAL J 286 -22.74 6.72 -38.82
CA VAL J 286 -23.16 5.68 -39.73
C VAL J 286 -24.24 4.84 -39.05
N ILE J 287 -24.91 4.00 -39.85
CA ILE J 287 -25.92 3.09 -39.35
C ILE J 287 -25.67 1.71 -39.97
N PRO J 288 -26.10 0.63 -39.34
CA PRO J 288 -25.74 -0.71 -39.85
C PRO J 288 -26.23 -0.90 -41.28
N GLY J 289 -25.45 -1.65 -42.05
CA GLY J 289 -25.73 -1.89 -43.45
C GLY J 289 -24.99 -1.00 -44.42
N THR J 290 -24.45 0.11 -43.96
CA THR J 290 -23.71 1.03 -44.81
C THR J 290 -22.37 0.42 -45.20
N ARG J 291 -21.92 0.73 -46.42
CA ARG J 291 -20.60 0.34 -46.89
C ARG J 291 -19.65 1.52 -46.72
N VAL J 292 -18.56 1.32 -46.00
CA VAL J 292 -17.70 2.40 -45.57
C VAL J 292 -16.23 2.04 -45.80
N THR J 293 -15.40 3.08 -45.84
CA THR J 293 -13.95 2.98 -45.82
C THR J 293 -13.46 3.63 -44.53
N ILE J 294 -12.54 2.96 -43.85
CA ILE J 294 -12.12 3.34 -42.50
C ILE J 294 -10.60 3.49 -42.50
N VAL J 295 -10.13 4.59 -41.93
CA VAL J 295 -8.71 4.82 -41.72
C VAL J 295 -8.46 4.78 -40.22
N GLY J 296 -7.58 3.88 -39.78
CA GLY J 296 -7.41 3.69 -38.36
C GLY J 296 -6.07 3.09 -38.03
N ILE J 297 -5.93 2.69 -36.76
CA ILE J 297 -4.69 2.14 -36.22
C ILE J 297 -4.96 0.70 -35.80
N TYR J 298 -4.08 -0.20 -36.23
CA TYR J 298 -4.17 -1.60 -35.84
C TYR J 298 -3.52 -1.77 -34.48
N SER J 299 -4.30 -2.16 -33.48
CA SER J 299 -3.80 -2.30 -32.11
C SER J 299 -4.28 -3.60 -31.48
N ILE J 300 -4.04 -3.77 -30.18
CA ILE J 300 -4.39 -5.00 -29.48
C ILE J 300 -4.82 -4.65 -28.05
N TYR J 301 -5.41 -5.63 -27.38
CA TYR J 301 -5.73 -5.52 -25.97
C TYR J 301 -5.92 -6.93 -25.42
N ASN J 302 -5.79 -7.06 -24.10
CA ASN J 302 -5.85 -8.35 -23.42
C ASN J 302 -7.24 -8.59 -22.87
N SER J 303 -7.79 -9.77 -23.16
CA SER J 303 -9.11 -10.15 -22.67
C SER J 303 -9.05 -11.47 -21.92
N GLY J 320 -4.52 -20.29 -25.64
CA GLY J 320 -3.20 -19.84 -26.02
C GLY J 320 -2.35 -19.43 -24.82
N VAL J 321 -1.13 -19.02 -25.09
CA VAL J 321 -0.18 -18.65 -24.04
C VAL J 321 -0.01 -17.14 -23.94
N ALA J 322 0.22 -16.46 -25.07
CA ALA J 322 0.49 -15.03 -25.09
C ALA J 322 -0.31 -14.36 -26.20
N ILE J 323 -1.61 -14.67 -26.25
CA ILE J 323 -2.48 -14.21 -27.33
C ILE J 323 -3.03 -12.84 -26.98
N ARG J 324 -3.43 -12.10 -28.01
CA ARG J 324 -4.08 -10.81 -27.85
C ARG J 324 -5.14 -10.64 -28.95
N THR J 325 -6.22 -9.96 -28.61
CA THR J 325 -7.32 -9.78 -29.54
C THR J 325 -7.16 -8.44 -30.25
N PRO J 326 -6.98 -8.42 -31.58
CA PRO J 326 -6.82 -7.14 -32.28
C PRO J 326 -8.13 -6.36 -32.35
N TYR J 327 -7.98 -5.07 -32.58
CA TYR J 327 -9.11 -4.16 -32.77
C TYR J 327 -8.56 -2.90 -33.42
N ILE J 328 -9.46 -1.97 -33.73
CA ILE J 328 -9.11 -0.77 -34.50
C ILE J 328 -9.58 0.47 -33.77
N LYS J 329 -8.76 1.52 -33.81
CA LYS J 329 -9.14 2.84 -33.34
C LYS J 329 -9.49 3.70 -34.55
N ILE J 330 -10.72 4.21 -34.59
CA ILE J 330 -11.17 4.95 -35.76
C ILE J 330 -10.48 6.30 -35.80
N LEU J 331 -9.84 6.59 -36.93
CA LEU J 331 -9.33 7.92 -37.22
C LEU J 331 -10.13 8.67 -38.27
N GLY J 332 -10.74 7.95 -39.21
CA GLY J 332 -11.60 8.59 -40.20
C GLY J 332 -12.52 7.59 -40.85
N ILE J 333 -13.70 8.06 -41.24
CA ILE J 333 -14.72 7.23 -41.90
C ILE J 333 -15.18 7.95 -43.15
N GLN J 334 -15.38 7.18 -44.23
CA GLN J 334 -15.87 7.71 -45.49
C GLN J 334 -16.98 6.79 -45.97
N SER J 335 -18.21 7.31 -45.98
CA SER J 335 -19.37 6.53 -46.41
C SER J 335 -19.58 6.69 -47.90
N ASP J 336 -20.25 5.70 -48.49
CA ASP J 336 -20.55 5.69 -49.91
C ASP J 336 -21.98 6.11 -50.22
N VAL J 337 -22.73 6.59 -49.23
CA VAL J 337 -24.09 7.10 -49.44
C VAL J 337 -25.02 5.93 -49.73
N GLU J 338 -25.77 5.51 -48.72
CA GLU J 338 -26.69 4.39 -48.85
C GLU J 338 -28.04 4.71 -48.21
N THR J 339 -29.08 4.05 -48.73
CA THR J 339 -30.42 4.05 -48.16
C THR J 339 -30.86 5.46 -47.73
N SER J 340 -30.98 6.34 -48.71
CA SER J 340 -31.57 7.65 -48.47
C SER J 340 -33.03 7.48 -48.06
N SER J 341 -33.45 8.28 -47.07
CA SER J 341 -34.80 8.18 -46.53
C SER J 341 -35.28 9.58 -46.16
N ILE J 342 -36.51 9.64 -45.62
CA ILE J 342 -37.09 10.90 -45.17
C ILE J 342 -36.30 11.52 -44.04
N TRP J 343 -35.35 10.78 -43.46
CA TRP J 343 -34.73 11.12 -42.19
C TRP J 343 -33.26 11.47 -42.32
N ASN J 344 -32.68 11.33 -43.51
CA ASN J 344 -31.35 11.84 -43.84
C ASN J 344 -31.42 12.71 -45.08
N SER J 345 -32.52 13.42 -45.26
CA SER J 345 -32.73 14.25 -46.44
C SER J 345 -32.17 15.65 -46.22
N VAL J 346 -32.05 16.39 -47.32
CA VAL J 346 -31.52 17.75 -47.31
C VAL J 346 -32.60 18.68 -47.84
N THR J 347 -32.91 19.71 -47.06
CA THR J 347 -33.94 20.68 -47.42
C THR J 347 -33.36 22.05 -47.74
N MET J 348 -32.06 22.13 -48.02
CA MET J 348 -31.40 23.39 -48.35
C MET J 348 -30.87 23.32 -49.77
N PHE J 349 -31.10 24.39 -50.53
CA PHE J 349 -30.75 24.46 -51.94
C PHE J 349 -29.80 25.63 -52.17
N THR J 350 -28.76 25.38 -52.97
CA THR J 350 -27.84 26.45 -53.33
C THR J 350 -28.54 27.47 -54.22
N GLU J 351 -28.07 28.71 -54.14
CA GLU J 351 -28.71 29.80 -54.89
C GLU J 351 -28.58 29.57 -56.39
N GLU J 352 -27.43 29.07 -56.84
CA GLU J 352 -27.27 28.78 -58.26
C GLU J 352 -28.25 27.71 -58.72
N GLU J 353 -28.42 26.66 -57.91
CA GLU J 353 -29.40 25.63 -58.25
C GLU J 353 -30.81 26.20 -58.29
N GLU J 354 -31.15 27.07 -57.33
CA GLU J 354 -32.48 27.66 -57.31
C GLU J 354 -32.72 28.50 -58.56
N GLU J 355 -31.74 29.30 -58.94
CA GLU J 355 -31.87 30.11 -60.15
C GLU J 355 -32.00 29.23 -61.38
N GLU J 356 -31.21 28.17 -61.47
CA GLU J 356 -31.30 27.25 -62.60
C GLU J 356 -32.68 26.61 -62.68
N PHE J 357 -33.22 26.21 -61.53
CA PHE J 357 -34.54 25.59 -61.53
C PHE J 357 -35.62 26.58 -61.93
N LEU J 358 -35.51 27.83 -61.48
CA LEU J 358 -36.47 28.84 -61.93
C LEU J 358 -36.38 29.04 -63.45
N GLN J 359 -35.15 29.09 -63.97
CA GLN J 359 -34.98 29.21 -65.41
C GLN J 359 -35.64 28.05 -66.14
N LEU J 360 -35.43 26.82 -65.67
CA LEU J 360 -36.04 25.67 -66.31
C LEU J 360 -37.56 25.72 -66.20
N SER J 361 -38.07 26.16 -65.05
CA SER J 361 -39.52 26.24 -64.85
C SER J 361 -40.15 27.20 -65.85
N ARG J 362 -39.51 28.35 -66.07
CA ARG J 362 -40.09 29.32 -67.00
C ARG J 362 -40.10 28.82 -68.44
N ASN J 363 -39.40 27.72 -68.74
CA ASN J 363 -39.41 27.15 -70.08
C ASN J 363 -40.84 26.77 -70.47
N PRO J 364 -41.28 27.08 -71.69
CA PRO J 364 -42.65 26.68 -72.09
C PRO J 364 -42.77 25.23 -72.52
N LYS J 365 -41.67 24.55 -72.86
CA LYS J 365 -41.70 23.18 -73.35
C LYS J 365 -41.29 22.18 -72.27
N LEU J 366 -41.42 22.56 -71.00
CA LEU J 366 -40.92 21.72 -69.91
C LEU J 366 -41.65 20.39 -69.86
N TYR J 367 -42.96 20.39 -70.11
CA TYR J 367 -43.72 19.15 -70.07
C TYR J 367 -43.19 18.15 -71.08
N GLU J 368 -43.00 18.60 -72.32
CA GLU J 368 -42.47 17.72 -73.35
C GLU J 368 -41.05 17.28 -73.02
N ILE J 369 -40.23 18.19 -72.51
CA ILE J 369 -38.86 17.83 -72.16
C ILE J 369 -38.86 16.72 -71.12
N LEU J 370 -39.66 16.85 -70.07
CA LEU J 370 -39.71 15.82 -69.04
C LEU J 370 -40.24 14.50 -69.59
N THR J 371 -41.30 14.56 -70.39
CA THR J 371 -41.87 13.33 -70.95
C THR J 371 -40.83 12.60 -71.80
N ASN J 372 -40.09 13.34 -72.63
CA ASN J 372 -38.98 12.74 -73.36
C ASN J 372 -37.90 12.21 -72.41
N SER J 373 -37.69 12.89 -71.27
CA SER J 373 -36.63 12.48 -70.36
C SER J 373 -36.91 11.14 -69.71
N ILE J 374 -38.17 10.86 -69.36
CA ILE J 374 -38.48 9.61 -68.68
C ILE J 374 -38.25 8.45 -69.65
N ALA J 375 -37.24 7.64 -69.35
CA ALA J 375 -36.96 6.41 -70.08
C ALA J 375 -36.96 6.63 -71.58
N PRO J 376 -35.97 7.35 -72.11
CA PRO J 376 -35.88 7.52 -73.57
C PRO J 376 -35.55 6.25 -74.31
N SER J 377 -35.13 5.19 -73.62
CA SER J 377 -34.69 3.96 -74.24
C SER J 377 -35.84 3.01 -74.56
N ILE J 378 -37.09 3.41 -74.29
CA ILE J 378 -38.26 2.62 -74.66
C ILE J 378 -39.03 3.38 -75.72
N PHE J 379 -39.82 2.64 -76.49
CA PHE J 379 -40.48 3.16 -77.68
C PHE J 379 -41.97 3.28 -77.43
N GLY J 380 -42.50 4.49 -77.58
CA GLY J 380 -43.92 4.72 -77.37
C GLY J 380 -44.27 4.86 -75.90
N ASN J 381 -45.57 4.70 -75.63
CA ASN J 381 -46.10 4.76 -74.26
C ASN J 381 -46.04 6.19 -73.71
N GLU J 382 -46.36 7.15 -74.57
CA GLU J 382 -46.31 8.56 -74.17
C GLU J 382 -47.32 8.85 -73.06
N ASP J 383 -48.53 8.29 -73.16
CA ASP J 383 -49.53 8.51 -72.11
C ASP J 383 -49.06 7.93 -70.79
N ILE J 384 -48.47 6.74 -70.82
CA ILE J 384 -47.95 6.13 -69.60
C ILE J 384 -46.85 7.00 -69.00
N LYS J 385 -45.95 7.52 -69.84
CA LYS J 385 -44.90 8.39 -69.34
C LYS J 385 -45.48 9.65 -68.71
N LYS J 386 -46.51 10.23 -69.32
CA LYS J 386 -47.14 11.41 -68.74
C LYS J 386 -47.77 11.08 -67.39
N ALA J 387 -48.42 9.93 -67.30
CA ALA J 387 -48.97 9.49 -66.02
C ALA J 387 -47.87 9.36 -64.98
N ILE J 388 -46.70 8.85 -65.38
CA ILE J 388 -45.59 8.74 -64.45
C ILE J 388 -45.11 10.13 -64.02
N VAL J 389 -45.11 11.09 -64.94
CA VAL J 389 -44.77 12.47 -64.57
C VAL J 389 -45.70 12.95 -63.46
N CYS J 390 -47.00 12.79 -63.69
CA CYS J 390 -47.98 13.23 -62.68
C CYS J 390 -47.78 12.49 -61.37
N LEU J 391 -47.52 11.19 -61.44
CA LEU J 391 -47.29 10.40 -60.24
C LEU J 391 -46.12 10.94 -59.44
N LEU J 392 -44.97 11.13 -60.09
CA LEU J 392 -43.80 11.62 -59.39
C LEU J 392 -44.05 13.00 -58.79
N MET J 393 -44.70 13.89 -59.54
CA MET J 393 -44.97 15.22 -59.00
C MET J 393 -45.89 15.14 -57.78
N GLY J 394 -46.91 14.29 -57.84
CA GLY J 394 -47.82 14.13 -56.72
C GLY J 394 -48.75 15.32 -56.55
N GLY J 395 -49.89 15.06 -55.93
CA GLY J 395 -50.91 16.05 -55.70
C GLY J 395 -50.64 16.90 -54.47
N SER J 396 -51.67 17.64 -54.06
CA SER J 396 -51.60 18.55 -52.92
C SER J 396 -52.43 18.00 -51.78
N LYS J 397 -51.84 17.94 -50.59
CA LYS J 397 -52.51 17.39 -49.42
C LYS J 397 -53.24 18.50 -48.68
N LYS J 398 -54.41 18.16 -48.12
CA LYS J 398 -55.22 19.09 -47.36
C LYS J 398 -55.53 18.48 -45.99
N ILE J 399 -55.45 19.31 -44.95
CA ILE J 399 -55.84 18.92 -43.60
C ILE J 399 -57.02 19.79 -43.19
N LEU J 400 -58.06 19.16 -42.67
CA LEU J 400 -59.32 19.83 -42.38
C LEU J 400 -59.46 20.10 -40.90
N PRO J 401 -60.30 21.05 -40.51
CA PRO J 401 -60.44 21.37 -39.08
C PRO J 401 -60.96 20.22 -38.25
N ASP J 402 -61.67 19.26 -38.86
CA ASP J 402 -62.20 18.12 -38.13
C ASP J 402 -61.24 16.93 -38.10
N GLY J 403 -60.07 17.05 -38.70
CA GLY J 403 -59.05 16.02 -38.68
C GLY J 403 -59.00 15.15 -39.91
N MET J 404 -60.03 15.19 -40.75
CA MET J 404 -60.02 14.41 -41.99
C MET J 404 -58.84 14.82 -42.85
N ARG J 405 -58.15 13.83 -43.40
CA ARG J 405 -57.02 14.04 -44.32
C ARG J 405 -57.45 13.62 -45.71
N LEU J 406 -57.30 14.54 -46.67
CA LEU J 406 -57.50 14.22 -48.07
C LEU J 406 -56.13 14.00 -48.70
N ARG J 407 -55.81 12.75 -49.01
CA ARG J 407 -54.48 12.42 -49.47
C ARG J 407 -54.14 13.19 -50.74
N GLY J 408 -52.86 13.21 -51.07
CA GLY J 408 -52.39 13.97 -52.22
C GLY J 408 -51.51 13.16 -53.15
N ASP J 409 -51.49 11.84 -52.98
CA ASP J 409 -50.72 10.97 -53.86
C ASP J 409 -51.62 10.40 -54.95
N ILE J 410 -51.01 9.63 -55.85
CA ILE J 410 -51.67 9.11 -57.03
C ILE J 410 -51.30 7.63 -57.18
N ASN J 411 -52.31 6.81 -57.47
CA ASN J 411 -52.13 5.37 -57.60
C ASN J 411 -52.32 4.94 -59.05
N VAL J 412 -51.39 4.12 -59.53
CA VAL J 412 -51.39 3.71 -60.94
C VAL J 412 -51.29 2.20 -61.02
N LEU J 413 -52.09 1.60 -61.91
CA LEU J 413 -52.09 0.17 -62.15
C LEU J 413 -51.89 -0.10 -63.63
N LEU J 414 -51.09 -1.13 -63.94
CA LEU J 414 -50.73 -1.48 -65.31
C LEU J 414 -51.10 -2.93 -65.57
N LEU J 415 -52.29 -3.17 -66.12
CA LEU J 415 -52.63 -4.48 -66.67
C LEU J 415 -52.07 -4.56 -68.08
N GLY J 416 -51.46 -5.68 -68.42
CA GLY J 416 -50.80 -5.76 -69.71
C GLY J 416 -50.45 -7.17 -70.10
N ASP J 417 -50.25 -7.33 -71.41
CA ASP J 417 -49.75 -8.58 -71.95
C ASP J 417 -48.29 -8.75 -71.57
N PRO J 418 -47.77 -9.97 -71.63
CA PRO J 418 -46.36 -10.19 -71.28
C PRO J 418 -45.42 -9.46 -72.21
N GLY J 419 -44.26 -9.09 -71.67
CA GLY J 419 -43.19 -8.53 -72.48
C GLY J 419 -43.54 -7.24 -73.17
N THR J 420 -44.18 -6.30 -72.47
CA THR J 420 -44.47 -4.98 -73.00
C THR J 420 -43.68 -3.88 -72.31
N ALA J 421 -42.57 -4.23 -71.66
CA ALA J 421 -41.71 -3.26 -70.99
C ALA J 421 -42.43 -2.49 -69.90
N LYS J 422 -43.34 -3.15 -69.19
CA LYS J 422 -44.00 -2.54 -68.05
C LYS J 422 -43.24 -2.72 -66.74
N SER J 423 -42.15 -3.48 -66.76
CA SER J 423 -41.28 -3.62 -65.59
C SER J 423 -40.10 -2.65 -65.65
N GLN J 424 -39.57 -2.41 -66.84
CA GLN J 424 -38.51 -1.44 -66.99
C GLN J 424 -38.97 -0.06 -66.56
N LEU J 425 -40.26 0.25 -66.73
CA LEU J 425 -40.79 1.51 -66.22
C LEU J 425 -40.69 1.57 -64.71
N LEU J 426 -41.03 0.48 -64.02
CA LEU J 426 -40.91 0.44 -62.57
C LEU J 426 -39.45 0.64 -62.16
N LYS J 427 -38.53 -0.02 -62.85
CA LYS J 427 -37.11 0.09 -62.51
C LYS J 427 -36.61 1.52 -62.73
N PHE J 428 -37.01 2.15 -63.83
CA PHE J 428 -36.59 3.52 -64.04
C PHE J 428 -37.19 4.44 -62.98
N VAL J 429 -38.44 4.17 -62.58
CA VAL J 429 -39.07 5.00 -61.57
C VAL J 429 -38.32 4.90 -60.24
N GLU J 430 -37.93 3.68 -59.84
CA GLU J 430 -37.14 3.59 -58.61
C GLU J 430 -35.83 4.34 -58.77
N LYS J 431 -35.16 4.18 -59.91
CA LYS J 431 -33.85 4.78 -60.07
C LYS J 431 -33.89 6.29 -60.14
N VAL J 432 -35.04 6.88 -60.53
CA VAL J 432 -35.13 8.33 -60.67
C VAL J 432 -35.82 9.01 -59.49
N SER J 433 -36.63 8.30 -58.71
CA SER J 433 -37.31 8.97 -57.61
C SER J 433 -36.37 9.11 -56.42
N PRO J 434 -36.44 10.23 -55.69
CA PRO J 434 -35.52 10.40 -54.54
C PRO J 434 -35.68 9.32 -53.49
N ILE J 435 -36.91 8.89 -53.20
CA ILE J 435 -37.18 7.86 -52.21
C ILE J 435 -38.08 6.82 -52.86
N ALA J 436 -37.54 5.64 -53.12
CA ALA J 436 -38.29 4.63 -53.85
C ALA J 436 -37.90 3.24 -53.35
N VAL J 437 -38.87 2.34 -53.33
CA VAL J 437 -38.63 0.94 -53.01
C VAL J 437 -39.37 0.09 -54.04
N TYR J 438 -38.64 -0.83 -54.66
CA TYR J 438 -39.18 -1.77 -55.62
C TYR J 438 -39.32 -3.13 -54.94
N THR J 439 -40.53 -3.67 -54.95
CA THR J 439 -40.78 -4.95 -54.32
C THR J 439 -41.86 -5.68 -55.09
N SER J 440 -41.94 -6.98 -54.86
CA SER J 440 -42.97 -7.82 -55.45
C SER J 440 -43.92 -8.30 -54.36
N GLY J 441 -45.08 -8.77 -54.78
CA GLY J 441 -45.97 -9.41 -53.84
C GLY J 441 -45.25 -10.51 -53.09
N LYS J 442 -45.50 -10.59 -51.79
CA LYS J 442 -44.79 -11.45 -50.84
C LYS J 442 -43.48 -10.82 -50.41
N GLY J 443 -43.22 -9.56 -50.77
CA GLY J 443 -42.01 -8.89 -50.33
C GLY J 443 -40.76 -9.41 -51.03
N SER J 444 -39.62 -8.97 -50.54
CA SER J 444 -38.31 -9.36 -51.04
C SER J 444 -37.74 -10.45 -50.15
N SER J 445 -36.62 -11.02 -50.58
CA SER J 445 -35.98 -12.07 -49.80
C SER J 445 -35.56 -11.53 -48.43
N ALA J 446 -36.05 -12.17 -47.38
CA ALA J 446 -35.74 -11.75 -46.01
C ALA J 446 -36.09 -10.29 -45.78
N ALA J 447 -37.21 -9.83 -46.34
CA ALA J 447 -37.66 -8.46 -46.15
C ALA J 447 -39.15 -8.41 -46.43
N GLY J 448 -39.94 -8.15 -45.40
CA GLY J 448 -41.38 -8.12 -45.56
C GLY J 448 -41.85 -6.91 -46.33
N LEU J 449 -43.13 -6.94 -46.70
CA LEU J 449 -43.74 -5.86 -47.46
C LEU J 449 -44.38 -4.80 -46.57
N THR J 450 -44.91 -5.20 -45.42
CA THR J 450 -45.62 -4.29 -44.53
C THR J 450 -44.97 -4.32 -43.15
N ALA J 451 -45.25 -3.27 -42.38
CA ALA J 451 -44.64 -3.09 -41.07
C ALA J 451 -44.65 -4.39 -40.27
N SER J 452 -43.50 -4.74 -39.73
CA SER J 452 -43.34 -5.93 -38.90
C SER J 452 -42.78 -5.53 -37.54
N VAL J 453 -43.31 -6.15 -36.49
CA VAL J 453 -42.92 -5.84 -35.12
C VAL J 453 -42.25 -7.07 -34.51
N GLN J 454 -41.05 -6.89 -33.99
CA GLN J 454 -40.28 -7.96 -33.36
C GLN J 454 -39.62 -7.41 -32.11
N ARG J 455 -39.21 -8.33 -31.23
CA ARG J 455 -38.61 -7.96 -29.96
C ARG J 455 -37.11 -7.71 -30.11
N ASP J 456 -36.62 -6.76 -29.34
CA ASP J 456 -35.20 -6.40 -29.38
C ASP J 456 -34.37 -7.63 -29.03
N PRO J 457 -33.38 -8.00 -29.86
CA PRO J 457 -32.65 -9.25 -29.56
C PRO J 457 -31.97 -9.30 -28.19
N MET J 458 -31.57 -8.17 -27.61
CA MET J 458 -30.98 -8.23 -26.27
C MET J 458 -31.93 -7.71 -25.19
N THR J 459 -32.60 -6.58 -25.42
CA THR J 459 -33.45 -6.01 -24.37
C THR J 459 -34.86 -6.60 -24.34
N ARG J 460 -35.24 -7.39 -25.35
CA ARG J 460 -36.55 -8.05 -25.36
C ARG J 460 -37.67 -7.01 -25.38
N GLU J 461 -37.56 -6.03 -26.28
CA GLU J 461 -38.53 -4.95 -26.40
C GLU J 461 -38.91 -4.75 -27.86
N PHE J 462 -40.08 -4.16 -28.07
CA PHE J 462 -40.65 -4.05 -29.40
C PHE J 462 -40.01 -2.92 -30.20
N TYR J 463 -39.76 -3.18 -31.48
CA TYR J 463 -39.24 -2.17 -32.40
C TYR J 463 -39.63 -2.55 -33.81
N LEU J 464 -39.74 -1.54 -34.67
CA LEU J 464 -40.11 -1.77 -36.07
C LEU J 464 -38.99 -2.54 -36.76
N GLU J 465 -39.24 -3.82 -37.05
CA GLU J 465 -38.23 -4.63 -37.74
C GLU J 465 -37.93 -4.08 -39.12
N GLY J 466 -38.95 -3.65 -39.85
CA GLY J 466 -38.76 -3.16 -41.21
C GLY J 466 -40.09 -2.93 -41.89
N GLY J 467 -40.15 -3.33 -43.15
CA GLY J 467 -41.36 -3.17 -43.94
C GLY J 467 -41.22 -2.08 -44.97
N ALA J 468 -41.35 -2.45 -46.25
CA ALA J 468 -41.18 -1.47 -47.32
C ALA J 468 -42.20 -0.34 -47.19
N MET J 469 -43.40 -0.65 -46.73
CA MET J 469 -44.46 0.36 -46.68
C MET J 469 -44.06 1.54 -45.81
N VAL J 470 -43.29 1.29 -44.75
CA VAL J 470 -42.85 2.38 -43.90
C VAL J 470 -41.45 2.85 -44.26
N LEU J 471 -40.61 1.95 -44.81
CA LEU J 471 -39.28 2.36 -45.24
C LEU J 471 -39.35 3.40 -46.35
N ALA J 472 -40.29 3.25 -47.27
CA ALA J 472 -40.44 4.17 -48.39
C ALA J 472 -41.33 5.36 -48.06
N ASP J 473 -41.47 5.70 -46.79
CA ASP J 473 -42.36 6.79 -46.39
C ASP J 473 -41.99 8.07 -47.11
N GLY J 474 -43.01 8.79 -47.59
CA GLY J 474 -42.79 10.01 -48.32
C GLY J 474 -42.31 9.83 -49.74
N GLY J 475 -42.31 8.61 -50.27
CA GLY J 475 -41.77 8.32 -51.57
C GLY J 475 -42.72 7.45 -52.39
N VAL J 476 -42.12 6.54 -53.16
CA VAL J 476 -42.84 5.73 -54.13
C VAL J 476 -42.52 4.26 -53.89
N VAL J 477 -43.56 3.43 -53.98
CA VAL J 477 -43.43 1.99 -53.88
C VAL J 477 -43.88 1.39 -55.22
N CYS J 478 -43.00 0.61 -55.82
CA CYS J 478 -43.24 -0.05 -57.09
C CYS J 478 -43.51 -1.52 -56.80
N ILE J 479 -44.78 -1.91 -56.86
CA ILE J 479 -45.22 -3.26 -56.55
C ILE J 479 -45.34 -4.03 -57.85
N ASP J 480 -44.64 -5.16 -57.93
CA ASP J 480 -44.69 -6.04 -59.08
C ASP J 480 -45.44 -7.30 -58.70
N GLU J 481 -46.16 -7.87 -59.66
CA GLU J 481 -46.97 -9.07 -59.43
C GLU J 481 -48.01 -8.80 -58.34
N PHE J 482 -48.73 -7.68 -58.50
CA PHE J 482 -49.66 -7.25 -57.46
C PHE J 482 -50.79 -8.23 -57.23
N ASP J 483 -51.03 -9.15 -58.16
CA ASP J 483 -52.13 -10.10 -58.04
C ASP J 483 -51.86 -11.20 -57.01
N LYS J 484 -50.60 -11.46 -56.68
CA LYS J 484 -50.22 -12.53 -55.75
C LYS J 484 -49.72 -11.89 -54.47
N MET J 485 -50.52 -12.00 -53.40
CA MET J 485 -50.07 -11.57 -52.07
C MET J 485 -51.07 -12.09 -51.04
N ARG J 486 -50.64 -12.05 -49.79
CA ARG J 486 -51.40 -12.63 -48.69
C ARG J 486 -52.53 -11.70 -48.24
N ASP J 487 -53.45 -12.25 -47.45
CA ASP J 487 -54.67 -11.52 -47.10
C ASP J 487 -54.37 -10.34 -46.17
N GLU J 488 -53.58 -10.56 -45.12
CA GLU J 488 -53.27 -9.48 -44.20
C GLU J 488 -52.44 -8.41 -44.91
N ASP J 489 -51.55 -8.80 -45.81
CA ASP J 489 -50.84 -7.82 -46.62
C ASP J 489 -51.81 -7.02 -47.46
N ARG J 490 -52.79 -7.68 -48.07
CA ARG J 490 -53.79 -6.98 -48.86
C ARG J 490 -54.53 -5.95 -48.01
N VAL J 491 -54.94 -6.36 -46.81
CA VAL J 491 -55.71 -5.46 -45.95
C VAL J 491 -54.86 -4.26 -45.53
N ALA J 492 -53.62 -4.52 -45.12
CA ALA J 492 -52.76 -3.43 -44.68
C ALA J 492 -52.48 -2.45 -45.82
N ILE J 493 -52.17 -2.98 -47.01
CA ILE J 493 -51.96 -2.10 -48.16
C ILE J 493 -53.23 -1.31 -48.47
N HIS J 494 -54.39 -1.96 -48.34
CA HIS J 494 -55.64 -1.28 -48.65
C HIS J 494 -55.85 -0.10 -47.71
N GLU J 495 -55.57 -0.28 -46.42
CA GLU J 495 -55.65 0.85 -45.50
C GLU J 495 -54.62 1.91 -45.85
N ALA J 496 -53.42 1.49 -46.22
CA ALA J 496 -52.34 2.43 -46.48
C ALA J 496 -52.66 3.34 -47.66
N MET J 497 -53.19 2.77 -48.75
CA MET J 497 -53.41 3.58 -49.95
C MET J 497 -54.29 4.79 -49.69
N GLU J 498 -55.26 4.69 -48.78
CA GLU J 498 -56.24 5.75 -48.57
C GLU J 498 -55.98 6.54 -47.29
N GLN J 499 -55.83 5.89 -46.15
CA GLN J 499 -55.55 6.60 -44.92
C GLN J 499 -54.09 6.96 -44.74
N GLN J 500 -53.19 6.36 -45.53
CA GLN J 500 -51.77 6.65 -45.46
C GLN J 500 -51.21 6.42 -44.06
N THR J 501 -51.78 5.45 -43.35
CA THR J 501 -51.29 5.05 -42.05
C THR J 501 -51.55 3.57 -41.86
N ILE J 502 -50.72 2.94 -41.03
CA ILE J 502 -50.84 1.52 -40.72
C ILE J 502 -51.02 1.40 -39.21
N SER J 503 -52.15 0.81 -38.79
CA SER J 503 -52.45 0.64 -37.38
C SER J 503 -51.95 -0.73 -36.92
N ILE J 504 -51.23 -0.74 -35.80
CA ILE J 504 -50.66 -1.96 -35.24
C ILE J 504 -51.28 -2.20 -33.88
N ALA J 505 -51.71 -3.44 -33.65
CA ALA J 505 -52.22 -3.85 -32.34
C ALA J 505 -51.67 -5.24 -32.05
N LYS J 506 -51.01 -5.39 -30.90
CA LYS J 506 -50.43 -6.66 -30.51
C LYS J 506 -50.51 -6.78 -29.00
N ALA J 507 -49.90 -7.84 -28.47
CA ALA J 507 -50.02 -8.15 -27.04
C ALA J 507 -49.32 -7.13 -26.16
N GLY J 508 -48.36 -6.36 -26.68
CA GLY J 508 -47.62 -5.42 -25.86
C GLY J 508 -47.27 -4.13 -26.54
N ILE J 509 -47.97 -3.78 -27.62
CA ILE J 509 -47.68 -2.56 -28.35
C ILE J 509 -48.89 -2.20 -29.20
N THR J 510 -49.22 -0.91 -29.23
CA THR J 510 -50.30 -0.40 -30.06
C THR J 510 -49.93 1.00 -30.53
N THR J 511 -50.08 1.26 -31.83
CA THR J 511 -49.71 2.56 -32.38
C THR J 511 -50.21 2.66 -33.81
N VAL J 512 -50.21 3.89 -34.31
CA VAL J 512 -50.59 4.18 -35.69
C VAL J 512 -49.38 4.80 -36.38
N LEU J 513 -48.87 4.12 -37.41
CA LEU J 513 -47.67 4.56 -38.11
C LEU J 513 -48.03 5.53 -39.23
N ASN J 514 -46.99 6.08 -39.85
CA ASN J 514 -47.12 7.02 -40.95
C ASN J 514 -46.50 6.40 -42.20
N SER J 515 -47.28 6.33 -43.28
CA SER J 515 -46.86 5.64 -44.49
C SER J 515 -47.28 6.41 -45.74
N ARG J 516 -47.02 7.71 -45.76
CA ARG J 516 -47.34 8.51 -46.95
C ARG J 516 -46.49 8.04 -48.12
N THR J 517 -47.11 7.33 -49.06
CA THR J 517 -46.39 6.78 -50.20
C THR J 517 -47.32 6.75 -51.41
N SER J 518 -46.72 6.66 -52.59
CA SER J 518 -47.44 6.56 -53.84
C SER J 518 -47.22 5.18 -54.46
N VAL J 519 -48.30 4.55 -54.90
CA VAL J 519 -48.29 3.14 -55.29
C VAL J 519 -48.37 3.03 -56.80
N LEU J 520 -47.38 2.33 -57.39
CA LEU J 520 -47.37 2.03 -58.81
C LEU J 520 -47.25 0.52 -58.95
N ALA J 521 -48.30 -0.12 -59.47
CA ALA J 521 -48.42 -1.57 -59.48
C ALA J 521 -48.58 -2.09 -60.89
N ALA J 522 -48.02 -3.28 -61.13
CA ALA J 522 -48.12 -3.95 -62.43
C ALA J 522 -48.67 -5.34 -62.21
N ALA J 523 -49.78 -5.65 -62.88
CA ALA J 523 -50.45 -6.94 -62.74
C ALA J 523 -50.48 -7.64 -64.10
N ASN J 524 -50.40 -8.96 -64.06
CA ASN J 524 -50.38 -9.78 -65.25
C ASN J 524 -51.70 -10.54 -65.38
N PRO J 525 -52.47 -10.37 -66.45
CA PRO J 525 -53.74 -11.07 -66.58
C PRO J 525 -53.56 -12.59 -66.65
N ILE J 526 -54.57 -13.30 -66.14
CA ILE J 526 -54.53 -14.76 -66.16
C ILE J 526 -54.58 -15.27 -67.60
N TYR J 527 -54.28 -16.56 -67.75
CA TYR J 527 -54.21 -17.29 -69.01
C TYR J 527 -53.00 -16.88 -69.83
N GLY J 528 -52.19 -15.92 -69.36
CA GLY J 528 -51.02 -15.48 -70.06
C GLY J 528 -51.25 -14.41 -71.10
N ARG J 529 -52.50 -14.20 -71.52
CA ARG J 529 -52.81 -13.19 -72.52
C ARG J 529 -54.17 -12.61 -72.20
N TYR J 530 -54.35 -11.33 -72.54
CA TYR J 530 -55.65 -10.71 -72.37
C TYR J 530 -56.59 -11.17 -73.48
N ASP J 531 -57.78 -11.62 -73.09
CA ASP J 531 -58.79 -12.10 -74.02
C ASP J 531 -59.86 -11.03 -74.15
N ASP J 532 -60.15 -10.63 -75.39
CA ASP J 532 -61.13 -9.58 -75.65
C ASP J 532 -62.57 -10.06 -75.49
N LEU J 533 -62.78 -11.38 -75.37
CA LEU J 533 -64.13 -11.93 -75.23
C LEU J 533 -64.59 -12.00 -73.79
N LYS J 534 -63.78 -11.55 -72.84
CA LYS J 534 -64.12 -11.60 -71.42
C LYS J 534 -63.89 -10.24 -70.78
N SER J 535 -64.63 -9.98 -69.71
CA SER J 535 -64.53 -8.71 -69.02
C SER J 535 -63.16 -8.58 -68.33
N PRO J 536 -62.66 -7.36 -68.16
CA PRO J 536 -61.42 -7.21 -67.39
C PRO J 536 -61.52 -7.72 -65.97
N GLY J 537 -62.72 -7.65 -65.37
CA GLY J 537 -62.89 -8.26 -64.06
C GLY J 537 -62.61 -9.76 -64.09
N ASP J 538 -62.99 -10.42 -65.18
CA ASP J 538 -62.65 -11.83 -65.34
C ASP J 538 -61.19 -12.02 -65.71
N ASN J 539 -60.57 -11.04 -66.39
CA ASN J 539 -59.17 -11.15 -66.75
C ASN J 539 -58.27 -11.06 -65.52
N ILE J 540 -58.65 -10.25 -64.53
CA ILE J 540 -57.86 -10.11 -63.31
C ILE J 540 -58.02 -11.36 -62.46
N ASP J 541 -57.17 -11.51 -61.44
CA ASP J 541 -57.16 -12.67 -60.57
C ASP J 541 -57.36 -12.25 -59.12
N PHE J 542 -58.37 -11.41 -58.87
CA PHE J 542 -58.70 -11.01 -57.51
C PHE J 542 -60.05 -10.29 -57.55
N GLN J 543 -60.53 -9.91 -56.37
CA GLN J 543 -61.81 -9.22 -56.27
C GLN J 543 -61.78 -7.95 -57.10
N THR J 544 -62.85 -7.71 -57.86
CA THR J 544 -62.87 -6.59 -58.77
C THR J 544 -62.86 -5.24 -58.06
N THR J 545 -63.24 -5.19 -56.79
CA THR J 545 -63.32 -3.91 -56.07
C THR J 545 -61.95 -3.25 -55.92
N ILE J 546 -60.85 -4.01 -55.94
CA ILE J 546 -59.54 -3.40 -55.82
C ILE J 546 -59.31 -2.41 -56.95
N LEU J 547 -59.88 -2.66 -58.13
CA LEU J 547 -59.73 -1.72 -59.23
C LEU J 547 -60.33 -0.35 -58.90
N SER J 548 -61.23 -0.29 -57.92
CA SER J 548 -61.81 1.00 -57.53
C SER J 548 -60.80 1.89 -56.83
N ARG J 549 -59.82 1.32 -56.13
CA ARG J 549 -58.87 2.12 -55.36
C ARG J 549 -57.94 2.91 -56.26
N PHE J 550 -57.41 2.29 -57.31
CA PHE J 550 -56.42 2.93 -58.16
C PHE J 550 -57.01 4.15 -58.85
N ASP J 551 -56.18 5.18 -59.01
CA ASP J 551 -56.58 6.40 -59.69
C ASP J 551 -56.47 6.30 -61.20
N MET J 552 -55.45 5.60 -61.72
CA MET J 552 -55.34 5.41 -63.16
C MET J 552 -55.09 3.94 -63.46
N ILE J 553 -55.74 3.45 -64.51
CA ILE J 553 -55.63 2.07 -64.96
C ILE J 553 -55.20 2.08 -66.42
N PHE J 554 -54.17 1.30 -66.75
CA PHE J 554 -53.67 1.20 -68.12
C PHE J 554 -53.70 -0.25 -68.57
N ILE J 555 -54.48 -0.53 -69.59
CA ILE J 555 -54.57 -1.86 -70.19
C ILE J 555 -53.75 -1.81 -71.47
N VAL J 556 -52.68 -2.60 -71.53
CA VAL J 556 -51.78 -2.62 -72.68
C VAL J 556 -51.84 -3.98 -73.34
N LYS J 557 -52.18 -3.98 -74.62
CA LYS J 557 -52.35 -5.19 -75.42
C LYS J 557 -51.24 -5.28 -76.46
N ASP J 558 -50.79 -6.51 -76.72
CA ASP J 558 -49.71 -6.75 -77.68
C ASP J 558 -50.34 -7.03 -79.05
N ASP J 559 -50.81 -5.98 -79.69
CA ASP J 559 -51.32 -6.08 -81.05
C ASP J 559 -50.16 -6.38 -82.00
N HIS J 560 -50.46 -7.13 -83.06
CA HIS J 560 -49.46 -7.54 -84.03
C HIS J 560 -49.56 -6.66 -85.26
N ASN J 561 -48.44 -6.05 -85.66
CA ASN J 561 -48.40 -5.15 -86.79
C ASN J 561 -46.98 -5.13 -87.34
N GLU J 562 -46.87 -5.27 -88.67
CA GLU J 562 -45.56 -5.52 -89.27
C GLU J 562 -44.64 -4.32 -89.16
N GLU J 563 -45.15 -3.12 -89.51
CA GLU J 563 -44.30 -1.94 -89.42
C GLU J 563 -43.93 -1.63 -87.98
N ARG J 564 -44.87 -1.83 -87.05
CA ARG J 564 -44.54 -1.64 -85.64
C ARG J 564 -43.43 -2.60 -85.20
N ASP J 565 -43.53 -3.87 -85.60
CA ASP J 565 -42.48 -4.82 -85.25
C ASP J 565 -41.14 -4.39 -85.83
N ILE J 566 -41.13 -3.95 -87.09
CA ILE J 566 -39.88 -3.54 -87.72
C ILE J 566 -39.27 -2.35 -87.00
N SER J 567 -40.10 -1.35 -86.68
CA SER J 567 -39.59 -0.16 -86.01
C SER J 567 -39.04 -0.49 -84.64
N ILE J 568 -39.77 -1.30 -83.86
CA ILE J 568 -39.30 -1.65 -82.53
C ILE J 568 -38.01 -2.46 -82.60
N ALA J 569 -37.92 -3.39 -83.56
CA ALA J 569 -36.69 -4.14 -83.73
C ALA J 569 -35.53 -3.21 -84.07
N ASN J 570 -35.74 -2.27 -84.99
CA ASN J 570 -34.68 -1.35 -85.33
C ASN J 570 -34.23 -0.59 -84.09
N HIS J 571 -35.19 -0.14 -83.28
CA HIS J 571 -34.84 0.58 -82.05
C HIS J 571 -33.99 -0.29 -81.12
N VAL J 572 -34.38 -1.54 -80.94
CA VAL J 572 -33.69 -2.40 -79.99
C VAL J 572 -32.27 -2.71 -80.47
N ILE J 573 -32.12 -3.09 -81.73
CA ILE J 573 -30.77 -3.34 -82.23
C ILE J 573 -29.93 -2.07 -82.24
N ASN J 574 -30.55 -0.91 -82.44
CA ASN J 574 -29.79 0.34 -82.31
C ASN J 574 -29.26 0.48 -80.89
N ILE J 575 -30.12 0.26 -79.89
CA ILE J 575 -29.68 0.35 -78.50
C ILE J 575 -28.52 -0.60 -78.26
N HIS J 576 -28.66 -1.85 -78.70
CA HIS J 576 -27.60 -2.82 -78.47
C HIS J 576 -26.30 -2.44 -79.16
N THR J 577 -26.39 -1.98 -80.42
CA THR J 577 -25.19 -1.57 -81.15
C THR J 577 -24.52 -0.40 -80.46
N GLY J 578 -25.30 0.44 -79.77
CA GLY J 578 -24.77 1.59 -79.07
C GLY J 578 -24.93 2.90 -79.81
N ASN J 579 -25.53 2.89 -81.01
CA ASN J 579 -25.77 4.15 -81.70
C ASN J 579 -26.65 5.06 -80.86
N ALA J 580 -27.69 4.51 -80.26
CA ALA J 580 -28.56 5.30 -79.37
C ALA J 580 -27.82 5.73 -78.11
N ASN J 581 -26.74 5.05 -77.74
CA ASN J 581 -26.01 5.45 -76.53
C ASN J 581 -25.48 6.87 -76.65
N ALA J 582 -24.95 7.25 -77.81
CA ALA J 582 -24.51 8.61 -78.08
C ALA J 582 -25.62 9.43 -78.74
N MET J 583 -26.06 8.99 -79.91
CA MET J 583 -27.11 9.70 -80.62
C MET J 583 -28.31 9.90 -79.71
N GLN J 584 -29.16 10.86 -80.09
CA GLN J 584 -30.26 11.27 -79.23
C GLN J 584 -29.71 11.72 -77.88
N ASN J 585 -29.45 10.77 -76.98
CA ASN J 585 -29.14 11.12 -75.59
C ASN J 585 -28.17 12.29 -75.49
N GLN J 586 -26.94 12.15 -76.02
CA GLN J 586 -25.91 13.15 -75.80
C GLN J 586 -26.15 14.46 -76.53
N GLN J 587 -27.12 14.51 -77.45
CA GLN J 587 -27.49 15.77 -78.11
C GLN J 587 -28.71 16.42 -77.48
N GLU J 588 -29.75 15.65 -77.22
CA GLU J 588 -30.93 16.13 -76.51
C GLU J 588 -30.60 16.58 -75.10
N GLU J 589 -29.54 16.07 -74.49
CA GLU J 589 -29.11 16.65 -73.22
C GLU J 589 -28.71 18.11 -73.38
N ASN J 590 -28.45 18.55 -74.61
CA ASN J 590 -28.17 19.96 -74.90
C ASN J 590 -29.45 20.66 -75.37
N GLY J 591 -30.36 20.83 -74.41
CA GLY J 591 -31.54 21.64 -74.64
C GLY J 591 -32.88 20.94 -74.50
N SER J 592 -33.00 19.71 -75.02
CA SER J 592 -34.28 19.01 -75.07
C SER J 592 -34.27 17.73 -74.22
N GLU J 593 -33.48 17.69 -73.15
CA GLU J 593 -33.51 16.58 -72.21
C GLU J 593 -32.66 16.96 -71.01
N ILE J 594 -33.07 16.51 -69.83
CA ILE J 594 -32.40 16.85 -68.59
C ILE J 594 -31.81 15.58 -67.97
N SER J 595 -30.72 15.77 -67.23
CA SER J 595 -30.05 14.64 -66.59
C SER J 595 -30.93 14.05 -65.50
N ILE J 596 -30.68 12.77 -65.19
CA ILE J 596 -31.49 12.08 -64.19
C ILE J 596 -31.30 12.71 -62.82
N GLU J 597 -30.06 13.02 -62.44
CA GLU J 597 -29.83 13.66 -61.16
C GLU J 597 -30.49 15.03 -61.10
N LYS J 598 -30.41 15.80 -62.18
CA LYS J 598 -31.04 17.11 -62.21
C LYS J 598 -32.55 16.98 -62.08
N MET J 599 -33.14 15.98 -62.74
CA MET J 599 -34.57 15.76 -62.60
C MET J 599 -34.95 15.36 -61.18
N LYS J 600 -34.12 14.53 -60.55
CA LYS J 600 -34.37 14.16 -59.15
C LYS J 600 -34.38 15.40 -58.26
N ARG J 601 -33.37 16.26 -58.42
CA ARG J 601 -33.31 17.49 -57.64
C ARG J 601 -34.50 18.38 -57.93
N TYR J 602 -34.91 18.48 -59.20
CA TYR J 602 -36.06 19.30 -59.56
C TYR J 602 -37.34 18.78 -58.91
N ILE J 603 -37.52 17.45 -58.91
CA ILE J 603 -38.70 16.87 -58.28
C ILE J 603 -38.71 17.20 -56.80
N THR J 604 -37.58 17.04 -56.14
CA THR J 604 -37.51 17.36 -54.71
C THR J 604 -37.83 18.83 -54.48
N TYR J 605 -37.28 19.71 -55.33
CA TYR J 605 -37.51 21.15 -55.18
C TYR J 605 -39.00 21.47 -55.31
N CYS J 606 -39.63 20.97 -56.37
CA CYS J 606 -41.05 21.26 -56.58
C CYS J 606 -41.89 20.72 -55.43
N ARG J 607 -41.64 19.48 -55.03
CA ARG J 607 -42.37 18.90 -53.90
C ARG J 607 -42.26 19.78 -52.67
N LEU J 608 -41.04 20.22 -52.34
CA LEU J 608 -40.84 21.00 -51.13
C LEU J 608 -41.43 22.41 -51.25
N LYS J 609 -41.50 22.96 -52.46
CA LYS J 609 -41.86 24.36 -52.61
C LYS J 609 -43.34 24.59 -52.89
N CYS J 610 -43.88 24.00 -53.95
CA CYS J 610 -45.16 24.41 -54.48
C CYS J 610 -46.29 23.53 -53.96
N ALA J 611 -47.51 24.09 -53.97
CA ALA J 611 -48.72 23.38 -53.57
C ALA J 611 -49.91 24.06 -54.23
N PRO J 612 -50.24 23.69 -55.45
CA PRO J 612 -51.28 24.41 -56.21
C PRO J 612 -52.65 24.29 -55.57
N ARG J 613 -53.60 25.01 -56.17
CA ARG J 613 -55.00 24.93 -55.78
C ARG J 613 -55.84 25.33 -56.99
N LEU J 614 -56.99 24.66 -57.15
CA LEU J 614 -57.80 24.84 -58.35
C LEU J 614 -58.43 26.24 -58.38
N SER J 615 -59.20 26.47 -59.43
CA SER J 615 -59.97 27.70 -59.62
C SER J 615 -61.43 27.35 -59.89
N PRO J 616 -62.35 28.29 -59.64
CA PRO J 616 -63.78 27.98 -59.78
C PRO J 616 -64.15 27.48 -61.17
N GLN J 617 -63.52 27.99 -62.22
CA GLN J 617 -63.82 27.52 -63.57
C GLN J 617 -63.48 26.04 -63.70
N ALA J 618 -62.29 25.65 -63.25
CA ALA J 618 -61.93 24.24 -63.24
C ALA J 618 -62.91 23.43 -62.42
N ALA J 619 -63.34 23.97 -61.27
CA ALA J 619 -64.29 23.25 -60.43
C ALA J 619 -65.58 22.96 -61.19
N GLU J 620 -66.16 23.98 -61.81
CA GLU J 620 -67.43 23.78 -62.51
C GLU J 620 -67.28 22.81 -63.67
N LYS J 621 -66.19 22.94 -64.45
CA LYS J 621 -65.99 22.02 -65.56
C LYS J 621 -65.86 20.58 -65.06
N LEU J 622 -65.09 20.38 -63.99
CA LEU J 622 -64.92 19.03 -63.46
C LEU J 622 -66.24 18.46 -62.99
N SER J 623 -67.04 19.26 -62.28
CA SER J 623 -68.33 18.79 -61.79
C SER J 623 -69.22 18.36 -62.95
N SER J 624 -69.30 19.20 -63.99
CA SER J 624 -70.14 18.87 -65.13
C SER J 624 -69.68 17.57 -65.79
N ASN J 625 -68.37 17.43 -66.00
CA ASN J 625 -67.86 16.22 -66.65
C ASN J 625 -68.18 14.99 -65.82
N PHE J 626 -67.97 15.06 -64.50
CA PHE J 626 -68.22 13.91 -63.64
C PHE J 626 -69.69 13.52 -63.66
N VAL J 627 -70.58 14.52 -63.59
CA VAL J 627 -72.01 14.23 -63.60
C VAL J 627 -72.41 13.56 -64.92
N THR J 628 -71.90 14.06 -66.05
CA THR J 628 -72.24 13.46 -67.33
C THR J 628 -71.75 12.02 -67.41
N ILE J 629 -70.52 11.77 -66.94
CA ILE J 629 -70.00 10.41 -66.96
C ILE J 629 -70.91 9.46 -66.18
N ARG J 630 -71.26 9.84 -64.95
CA ARG J 630 -72.10 8.94 -64.16
C ARG J 630 -73.50 8.80 -64.75
N LYS J 631 -74.03 9.86 -65.36
CA LYS J 631 -75.33 9.73 -66.01
C LYS J 631 -75.29 8.69 -67.12
N GLN J 632 -74.26 8.75 -67.97
CA GLN J 632 -74.15 7.76 -69.04
C GLN J 632 -74.00 6.36 -68.47
N LEU J 633 -73.19 6.21 -67.42
CA LEU J 633 -73.00 4.89 -66.83
C LEU J 633 -74.32 4.35 -66.28
N LEU J 634 -75.10 5.19 -65.61
CA LEU J 634 -76.40 4.75 -65.10
C LEU J 634 -77.34 4.36 -66.23
N ILE J 635 -77.34 5.12 -67.33
CA ILE J 635 -78.21 4.77 -68.44
C ILE J 635 -77.85 3.37 -68.96
N ASN J 636 -76.55 3.13 -69.18
CA ASN J 636 -76.13 1.81 -69.65
C ASN J 636 -76.52 0.73 -68.66
N GLU J 637 -76.29 0.97 -67.36
CA GLU J 637 -76.56 -0.06 -66.36
C GLU J 637 -78.04 -0.39 -66.28
N LEU J 638 -78.89 0.64 -66.22
CA LEU J 638 -80.33 0.40 -66.17
C LEU J 638 -80.82 -0.30 -67.42
N GLU J 639 -80.25 0.03 -68.59
CA GLU J 639 -80.60 -0.72 -69.79
C GLU J 639 -80.20 -2.18 -69.67
N SER J 640 -79.01 -2.47 -69.15
CA SER J 640 -78.54 -3.84 -68.97
C SER J 640 -79.06 -4.39 -67.63
N THR J 641 -78.64 -5.61 -67.30
CA THR J 641 -79.06 -6.28 -66.08
C THR J 641 -77.90 -6.83 -65.26
N GLU J 642 -76.66 -6.46 -65.58
CA GLU J 642 -75.51 -6.83 -64.77
C GLU J 642 -74.67 -5.59 -64.52
N ARG J 643 -73.92 -5.61 -63.41
CA ARG J 643 -73.11 -4.48 -63.00
C ARG J 643 -71.77 -4.49 -63.72
N SER J 644 -71.23 -3.30 -63.98
CA SER J 644 -69.99 -3.18 -64.72
C SER J 644 -68.80 -3.62 -63.86
N SER J 645 -67.71 -3.96 -64.54
CA SER J 645 -66.48 -4.38 -63.87
C SER J 645 -65.58 -3.22 -63.49
N ILE J 646 -65.86 -2.01 -63.95
CA ILE J 646 -65.04 -0.84 -63.66
C ILE J 646 -65.96 0.27 -63.15
N PRO J 647 -66.38 0.23 -61.89
CA PRO J 647 -67.31 1.25 -61.39
C PRO J 647 -66.66 2.62 -61.33
N ILE J 648 -67.51 3.64 -61.38
CA ILE J 648 -67.10 5.03 -61.27
C ILE J 648 -67.64 5.58 -59.95
N THR J 649 -66.75 6.10 -59.11
CA THR J 649 -67.10 6.51 -57.77
C THR J 649 -66.49 7.88 -57.51
N ILE J 650 -66.59 8.34 -56.25
CA ILE J 650 -66.03 9.63 -55.89
C ILE J 650 -64.51 9.57 -55.93
N ARG J 651 -63.94 8.37 -55.79
CA ARG J 651 -62.50 8.20 -55.89
C ARG J 651 -61.97 8.75 -57.21
N GLN J 652 -62.71 8.52 -58.30
CA GLN J 652 -62.25 8.98 -59.61
C GLN J 652 -62.31 10.50 -59.71
N LEU J 653 -63.36 11.12 -59.16
CA LEU J 653 -63.41 12.58 -59.12
C LEU J 653 -62.20 13.14 -58.38
N GLU J 654 -61.90 12.58 -57.21
CA GLU J 654 -60.75 13.06 -56.46
C GLU J 654 -59.45 12.78 -57.21
N ALA J 655 -59.39 11.68 -57.96
CA ALA J 655 -58.22 11.38 -58.77
C ALA J 655 -58.02 12.44 -59.85
N ILE J 656 -59.10 12.86 -60.50
CA ILE J 656 -58.98 13.92 -61.49
C ILE J 656 -58.49 15.21 -60.83
N ILE J 657 -59.03 15.51 -59.66
CA ILE J 657 -58.57 16.70 -58.93
C ILE J 657 -57.07 16.62 -58.69
N ARG J 658 -56.59 15.46 -58.23
CA ARG J 658 -55.17 15.29 -57.94
C ARG J 658 -54.34 15.41 -59.21
N ILE J 659 -54.84 14.87 -60.32
CA ILE J 659 -54.11 14.95 -61.58
C ILE J 659 -53.93 16.40 -62.01
N THR J 660 -55.01 17.17 -61.96
CA THR J 660 -54.90 18.57 -62.38
C THR J 660 -53.97 19.35 -61.45
N GLU J 661 -54.07 19.10 -60.14
CA GLU J 661 -53.15 19.77 -59.22
C GLU J 661 -51.71 19.40 -59.50
N SER J 662 -51.44 18.12 -59.78
CA SER J 662 -50.08 17.69 -60.06
C SER J 662 -49.54 18.35 -61.31
N LEU J 663 -50.35 18.41 -62.37
CA LEU J 663 -49.91 19.07 -63.60
C LEU J 663 -49.63 20.55 -63.34
N ALA J 664 -50.49 21.21 -62.57
CA ALA J 664 -50.25 22.62 -62.26
C ALA J 664 -48.96 22.79 -61.48
N LYS J 665 -48.65 21.85 -60.59
CA LYS J 665 -47.51 22.04 -59.68
C LYS J 665 -46.20 22.17 -60.44
N LEU J 666 -45.96 21.32 -61.44
CA LEU J 666 -44.65 21.28 -62.07
C LEU J 666 -44.29 22.60 -62.74
N GLU J 667 -45.28 23.45 -63.03
CA GLU J 667 -45.02 24.80 -63.50
C GLU J 667 -44.84 25.78 -62.36
N LEU J 668 -44.93 25.33 -61.11
CA LEU J 668 -44.78 26.14 -59.90
C LEU J 668 -45.93 27.13 -59.72
N SER J 669 -46.96 27.05 -60.54
CA SER J 669 -48.07 27.98 -60.42
C SER J 669 -48.84 27.73 -59.13
N PRO J 670 -49.08 28.75 -58.30
CA PRO J 670 -49.93 28.55 -57.12
C PRO J 670 -51.39 28.35 -57.45
N ILE J 671 -51.79 28.47 -58.71
CA ILE J 671 -53.16 28.25 -59.14
C ILE J 671 -53.14 27.44 -60.42
N ALA J 672 -54.27 26.78 -60.71
CA ALA J 672 -54.43 25.94 -61.89
C ALA J 672 -55.62 26.43 -62.69
N GLN J 673 -55.42 26.59 -64.00
CA GLN J 673 -56.44 27.09 -64.91
C GLN J 673 -57.06 25.93 -65.69
N GLU J 674 -58.12 26.23 -66.43
CA GLU J 674 -58.80 25.21 -67.21
C GLU J 674 -57.89 24.57 -68.24
N ARG J 675 -56.80 25.23 -68.62
CA ARG J 675 -55.83 24.61 -69.51
C ARG J 675 -55.24 23.35 -68.90
N HIS J 676 -55.08 23.32 -67.57
CA HIS J 676 -54.63 22.11 -66.90
C HIS J 676 -55.73 21.06 -66.87
N VAL J 677 -56.97 21.48 -66.62
CA VAL J 677 -58.09 20.54 -66.53
C VAL J 677 -58.28 19.84 -67.86
N ASP J 678 -58.07 20.56 -68.97
CA ASP J 678 -58.23 19.94 -70.29
C ASP J 678 -57.31 18.74 -70.43
N GLU J 679 -56.02 18.93 -70.16
CA GLU J 679 -55.08 17.81 -70.25
C GLU J 679 -55.39 16.74 -69.22
N ALA J 680 -55.85 17.13 -68.03
CA ALA J 680 -56.20 16.14 -67.01
C ALA J 680 -57.31 15.22 -67.50
N ILE J 681 -58.36 15.81 -68.08
CA ILE J 681 -59.47 15.01 -68.59
C ILE J 681 -59.02 14.18 -69.79
N ARG J 682 -58.12 14.74 -70.61
CA ARG J 682 -57.58 13.95 -71.72
C ARG J 682 -56.88 12.70 -71.20
N LEU J 683 -56.01 12.86 -70.21
CA LEU J 683 -55.32 11.71 -69.63
C LEU J 683 -56.30 10.73 -69.01
N PHE J 684 -57.30 11.24 -68.29
CA PHE J 684 -58.28 10.36 -67.66
C PHE J 684 -59.02 9.54 -68.70
N GLN J 685 -59.46 10.18 -69.78
CA GLN J 685 -60.15 9.45 -70.84
C GLN J 685 -59.24 8.42 -71.48
N ALA J 686 -57.97 8.77 -71.68
CA ALA J 686 -57.03 7.83 -72.28
C ALA J 686 -56.83 6.61 -71.38
N SER J 687 -56.71 6.81 -70.07
CA SER J 687 -56.30 5.74 -69.18
C SER J 687 -57.49 4.99 -68.55
N THR J 688 -58.31 5.70 -67.76
CA THR J 688 -59.32 5.02 -66.97
C THR J 688 -60.51 4.58 -67.82
N MET J 689 -60.91 5.39 -68.80
CA MET J 689 -62.13 5.13 -69.55
C MET J 689 -61.92 4.15 -70.69
N ASP J 690 -60.89 3.33 -70.64
CA ASP J 690 -60.83 2.12 -71.44
C ASP J 690 -61.71 1.02 -70.87
N ALA J 691 -62.57 1.35 -69.91
CA ALA J 691 -63.62 0.45 -69.47
C ALA J 691 -64.65 0.28 -70.58
N ALA J 692 -64.52 1.08 -71.65
CA ALA J 692 -65.33 0.86 -72.83
C ALA J 692 -65.19 -0.55 -73.36
N SER J 693 -64.08 -1.22 -73.06
CA SER J 693 -63.93 -2.64 -73.35
C SER J 693 -64.86 -3.51 -72.51
N GLN J 694 -65.51 -2.95 -71.50
CA GLN J 694 -66.39 -3.70 -70.63
C GLN J 694 -67.77 -3.75 -71.27
N ASP J 695 -68.49 -4.86 -71.07
CA ASP J 695 -69.65 -5.15 -71.90
C ASP J 695 -70.80 -4.17 -71.65
N PRO J 696 -71.43 -4.13 -70.47
CA PRO J 696 -72.45 -3.09 -70.23
C PRO J 696 -72.01 -1.66 -70.54
N ILE J 697 -70.73 -1.31 -70.35
CA ILE J 697 -70.31 0.04 -70.72
C ILE J 697 -70.57 0.31 -72.19
N GLY J 698 -70.33 -0.68 -73.05
CA GLY J 698 -70.59 -0.51 -74.47
C GLY J 698 -72.02 -0.12 -74.75
N GLY J 699 -72.21 0.94 -75.53
CA GLY J 699 -73.54 1.43 -75.85
C GLY J 699 -73.50 2.79 -76.51
N VAL K 100 14.08 -46.09 11.08
CA VAL K 100 12.70 -46.40 11.44
C VAL K 100 12.21 -47.57 10.59
N LYS K 101 12.15 -48.76 11.20
CA LYS K 101 11.75 -49.95 10.47
C LYS K 101 10.28 -49.85 10.07
N LYS K 102 9.96 -50.42 8.91
CA LYS K 102 8.62 -50.33 8.35
C LYS K 102 7.80 -51.57 8.68
N VAL K 103 6.55 -51.35 9.09
CA VAL K 103 5.66 -52.47 9.34
C VAL K 103 5.51 -53.28 8.06
N ASP K 104 5.25 -54.58 8.22
CA ASP K 104 5.20 -55.51 7.10
C ASP K 104 3.99 -56.43 7.26
N ASP K 105 3.50 -56.94 6.12
CA ASP K 105 2.34 -57.83 6.07
C ASP K 105 2.85 -59.25 5.80
N VAL K 106 2.91 -60.04 6.88
CA VAL K 106 3.39 -61.42 6.76
C VAL K 106 2.56 -62.18 5.75
N THR K 107 1.24 -61.99 5.78
CA THR K 107 0.37 -62.64 4.80
C THR K 107 0.68 -62.19 3.39
N GLY K 108 0.93 -60.89 3.18
CA GLY K 108 1.29 -60.41 1.87
C GLY K 108 2.55 -61.08 1.34
N GLU K 109 3.58 -61.13 2.17
CA GLU K 109 4.77 -61.87 1.74
C GLU K 109 4.44 -63.32 1.44
N LYS K 110 3.79 -64.02 2.36
CA LYS K 110 3.50 -65.44 2.17
C LYS K 110 2.82 -65.67 0.83
N VAL K 111 1.83 -64.84 0.49
CA VAL K 111 1.18 -64.99 -0.80
C VAL K 111 2.15 -64.67 -1.93
N ARG K 112 3.10 -63.76 -1.71
CA ARG K 112 4.11 -63.51 -2.74
C ARG K 112 4.92 -64.77 -3.04
N GLU K 113 5.44 -65.42 -2.01
CA GLU K 113 6.21 -66.65 -2.25
C GLU K 113 5.32 -67.74 -2.83
N ALA K 114 4.05 -67.80 -2.41
CA ALA K 114 3.15 -68.79 -3.00
C ALA K 114 2.98 -68.57 -4.49
N PHE K 115 2.80 -67.30 -4.90
CA PHE K 115 2.67 -66.99 -6.32
C PHE K 115 3.95 -67.34 -7.07
N GLU K 116 5.11 -67.03 -6.49
CA GLU K 116 6.36 -67.38 -7.14
C GLU K 116 6.50 -68.88 -7.31
N GLN K 117 6.14 -69.65 -6.28
CA GLN K 117 6.17 -71.10 -6.40
C GLN K 117 5.23 -71.59 -7.49
N PHE K 118 4.03 -71.02 -7.56
CA PHE K 118 3.13 -71.35 -8.66
C PHE K 118 3.80 -71.11 -10.00
N LEU K 119 4.37 -69.92 -10.19
CA LEU K 119 4.99 -69.59 -11.47
C LEU K 119 6.10 -70.57 -11.82
N GLU K 120 6.93 -70.92 -10.85
CA GLU K 120 8.08 -71.78 -11.11
C GLU K 120 7.73 -73.26 -11.16
N ASP K 121 6.54 -73.65 -10.72
CA ASP K 121 6.20 -75.06 -10.61
C ASP K 121 5.13 -75.53 -11.59
N PHE K 122 4.09 -74.74 -11.86
CA PHE K 122 2.95 -75.21 -12.64
C PHE K 122 3.41 -75.56 -14.05
N SER K 123 3.23 -76.81 -14.44
CA SER K 123 3.57 -77.26 -15.78
C SER K 123 2.38 -77.93 -16.45
N GLY K 130 2.68 -87.78 -25.31
CA GLY K 130 2.65 -87.39 -23.92
C GLY K 130 3.85 -86.56 -23.51
N GLU K 131 4.06 -85.45 -24.21
CA GLU K 131 5.20 -84.58 -23.93
C GLU K 131 4.80 -83.53 -22.89
N VAL K 132 5.43 -83.59 -21.71
CA VAL K 132 5.15 -82.61 -20.68
C VAL K 132 5.76 -81.27 -21.07
N GLU K 133 5.19 -80.19 -20.54
CA GLU K 133 5.68 -78.85 -20.83
C GLU K 133 5.26 -77.92 -19.70
N LYS K 134 6.01 -76.84 -19.56
CA LYS K 134 5.72 -75.79 -18.59
C LYS K 134 5.39 -74.51 -19.35
N VAL K 135 4.25 -73.91 -19.03
CA VAL K 135 3.69 -72.88 -19.90
C VAL K 135 4.23 -71.49 -19.57
N TYR K 136 4.32 -71.15 -18.28
CA TYR K 136 4.62 -69.77 -17.91
C TYR K 136 6.05 -69.38 -18.22
N ARG K 137 7.01 -70.28 -17.99
CA ARG K 137 8.39 -69.98 -18.36
C ARG K 137 8.52 -69.80 -19.86
N ALA K 138 7.85 -70.65 -20.64
CA ALA K 138 7.84 -70.49 -22.08
C ALA K 138 7.25 -69.13 -22.47
N GLN K 139 6.18 -68.72 -21.78
CA GLN K 139 5.56 -67.43 -22.09
C GLN K 139 6.50 -66.28 -21.75
N ILE K 140 7.26 -66.40 -20.66
CA ILE K 140 8.24 -65.38 -20.32
C ILE K 140 9.32 -65.31 -21.40
N GLU K 141 9.76 -66.46 -21.89
CA GLU K 141 10.72 -66.47 -22.99
C GLU K 141 10.13 -65.80 -24.23
N PHE K 142 8.87 -66.08 -24.52
CA PHE K 142 8.19 -65.44 -25.65
C PHE K 142 8.13 -63.93 -25.47
N MET K 143 7.84 -63.48 -24.24
CA MET K 143 7.81 -62.06 -23.95
C MET K 143 9.16 -61.43 -24.19
N LYS K 144 10.23 -62.09 -23.74
CA LYS K 144 11.58 -61.58 -24.00
C LYS K 144 11.83 -61.48 -25.51
N ILE K 145 11.41 -62.50 -26.26
CA ILE K 145 11.66 -62.50 -27.69
C ILE K 145 10.93 -61.36 -28.37
N TYR K 146 9.66 -61.13 -28.02
CA TYR K 146 8.79 -60.24 -28.79
C TYR K 146 8.58 -58.87 -28.15
N ASP K 147 9.25 -58.56 -27.04
CA ASP K 147 9.20 -57.23 -26.46
C ASP K 147 7.76 -56.81 -26.15
N LEU K 148 7.15 -57.55 -25.22
CA LEU K 148 5.78 -57.30 -24.77
C LEU K 148 5.80 -56.77 -23.34
N ASN K 149 4.60 -56.60 -22.77
CA ASN K 149 4.45 -56.01 -21.45
C ASN K 149 3.48 -56.74 -20.53
N THR K 150 2.76 -57.75 -21.02
CA THR K 150 1.68 -58.36 -20.26
C THR K 150 1.85 -59.87 -20.21
N ILE K 151 1.32 -60.46 -19.13
CA ILE K 151 1.31 -61.91 -18.95
C ILE K 151 -0.13 -62.35 -18.83
N TYR K 152 -0.45 -63.50 -19.41
CA TYR K 152 -1.80 -64.07 -19.40
C TYR K 152 -1.76 -65.30 -18.49
N ILE K 153 -2.48 -65.22 -17.36
CA ILE K 153 -2.49 -66.29 -16.36
C ILE K 153 -3.92 -66.81 -16.25
N ASP K 154 -4.11 -68.05 -16.69
CA ASP K 154 -5.42 -68.68 -16.59
C ASP K 154 -5.84 -68.81 -15.13
N TYR K 155 -7.07 -68.42 -14.83
CA TYR K 155 -7.58 -68.55 -13.47
C TYR K 155 -7.71 -70.01 -13.07
N GLN K 156 -8.15 -70.86 -13.99
CA GLN K 156 -8.34 -72.28 -13.65
C GLN K 156 -7.05 -72.92 -13.19
N HIS K 157 -5.94 -72.66 -13.90
CA HIS K 157 -4.66 -73.23 -13.52
C HIS K 157 -4.26 -72.80 -12.12
N LEU K 158 -4.68 -71.62 -11.68
CA LEU K 158 -4.33 -71.12 -10.37
C LEU K 158 -5.11 -71.79 -9.25
N SER K 159 -6.10 -72.62 -9.57
CA SER K 159 -7.01 -73.17 -8.56
C SER K 159 -6.49 -74.45 -7.92
N MET K 160 -6.01 -75.40 -8.70
CA MET K 160 -5.74 -76.75 -8.21
C MET K 160 -4.39 -76.85 -7.51
N ARG K 161 -4.12 -75.97 -6.56
CA ARG K 161 -2.93 -76.07 -5.74
C ARG K 161 -3.22 -75.49 -4.36
N GLU K 162 -2.58 -76.08 -3.35
CA GLU K 162 -2.65 -75.60 -1.97
C GLU K 162 -4.10 -75.51 -1.48
N ASN K 163 -4.98 -76.34 -2.03
CA ASN K 163 -6.39 -76.38 -1.66
C ASN K 163 -7.09 -75.05 -1.97
N GLY K 164 -6.51 -74.29 -2.89
CA GLY K 164 -7.14 -73.08 -3.39
C GLY K 164 -7.12 -71.89 -2.46
N ALA K 165 -6.42 -71.99 -1.31
CA ALA K 165 -6.39 -70.87 -0.38
C ALA K 165 -5.80 -69.64 -1.06
N LEU K 166 -4.77 -69.83 -1.89
CA LEU K 166 -4.23 -68.71 -2.66
C LEU K 166 -5.28 -68.16 -3.60
N ALA K 167 -6.04 -69.04 -4.25
CA ALA K 167 -7.06 -68.58 -5.20
C ALA K 167 -8.07 -67.68 -4.51
N MET K 168 -8.64 -68.14 -3.40
CA MET K 168 -9.55 -67.28 -2.65
C MET K 168 -8.84 -65.99 -2.22
N ALA K 169 -7.81 -66.11 -1.39
CA ALA K 169 -7.11 -64.93 -0.89
C ALA K 169 -6.96 -63.88 -1.98
N ILE K 170 -6.52 -64.28 -3.17
CA ILE K 170 -6.38 -63.34 -4.27
C ILE K 170 -7.74 -62.81 -4.71
N SER K 171 -8.73 -63.69 -4.85
CA SER K 171 -10.02 -63.28 -5.39
C SER K 171 -10.70 -62.23 -4.52
N GLU K 172 -10.83 -62.52 -3.22
CA GLU K 172 -11.47 -61.53 -2.35
C GLU K 172 -10.53 -60.45 -1.85
N GLN K 173 -9.23 -60.55 -2.06
CA GLN K 173 -8.30 -59.50 -1.68
C GLN K 173 -7.27 -59.26 -2.79
N TYR K 174 -7.77 -59.13 -4.02
CA TYR K 174 -6.89 -58.81 -5.14
C TYR K 174 -6.24 -57.45 -4.96
N TYR K 175 -7.02 -56.45 -4.53
CA TYR K 175 -6.50 -55.10 -4.39
C TYR K 175 -5.32 -55.05 -3.43
N ARG K 176 -5.46 -55.71 -2.28
CA ARG K 176 -4.41 -55.66 -1.28
C ARG K 176 -3.12 -56.28 -1.80
N PHE K 177 -3.22 -57.39 -2.51
CA PHE K 177 -2.05 -58.20 -2.84
C PHE K 177 -1.44 -57.86 -4.20
N LEU K 178 -2.10 -57.07 -5.04
CA LEU K 178 -1.55 -56.80 -6.36
C LEU K 178 -0.09 -56.34 -6.32
N PRO K 179 0.32 -55.41 -5.46
CA PRO K 179 1.74 -55.02 -5.44
C PRO K 179 2.67 -56.19 -5.16
N PHE K 180 2.27 -57.12 -4.29
CA PHE K 180 3.13 -58.26 -4.00
C PHE K 180 3.22 -59.20 -5.18
N LEU K 181 2.13 -59.39 -5.92
CA LEU K 181 2.20 -60.15 -7.16
C LEU K 181 3.16 -59.49 -8.14
N GLN K 182 3.10 -58.17 -8.26
CA GLN K 182 4.02 -57.46 -9.14
C GLN K 182 5.47 -57.69 -8.71
N LYS K 183 5.72 -57.61 -7.39
CA LYS K 183 7.07 -57.81 -6.89
C LYS K 183 7.58 -59.20 -7.21
N GLY K 184 6.74 -60.21 -6.99
CA GLY K 184 7.15 -61.58 -7.30
C GLY K 184 7.43 -61.77 -8.77
N LEU K 185 6.57 -61.22 -9.64
CA LEU K 185 6.79 -61.30 -11.07
C LEU K 185 8.12 -60.65 -11.44
N ARG K 186 8.40 -59.48 -10.87
CA ARG K 186 9.66 -58.80 -11.16
C ARG K 186 10.85 -59.66 -10.74
N ARG K 187 10.78 -60.26 -9.56
CA ARG K 187 11.91 -61.06 -9.09
C ARG K 187 12.13 -62.28 -9.97
N VAL K 188 11.06 -62.98 -10.34
CA VAL K 188 11.23 -64.17 -11.18
C VAL K 188 11.75 -63.77 -12.55
N VAL K 189 11.26 -62.64 -13.09
CA VAL K 189 11.76 -62.16 -14.36
C VAL K 189 13.25 -61.86 -14.28
N ARG K 190 13.68 -61.22 -13.20
CA ARG K 190 15.10 -60.95 -13.02
C ARG K 190 15.90 -62.24 -12.97
N LYS K 191 15.39 -63.24 -12.24
CA LYS K 191 16.12 -64.50 -12.11
C LYS K 191 16.29 -65.18 -13.46
N TYR K 192 15.20 -65.35 -14.21
CA TYR K 192 15.21 -66.17 -15.41
C TYR K 192 15.24 -65.36 -16.70
N ALA K 193 15.63 -64.08 -16.63
CA ALA K 193 15.74 -63.28 -17.84
C ALA K 193 16.42 -61.97 -17.48
N PRO K 194 17.07 -61.29 -18.43
CA PRO K 194 17.71 -60.00 -18.14
C PRO K 194 16.73 -58.83 -18.16
N GLU K 260 12.55 -50.12 -15.69
CA GLU K 260 11.69 -49.13 -16.33
C GLU K 260 10.43 -49.78 -16.88
N ARG K 261 10.57 -50.99 -17.39
CA ARG K 261 9.45 -51.68 -18.02
C ARG K 261 8.28 -51.80 -17.05
N VAL K 262 7.09 -51.50 -17.55
CA VAL K 262 5.86 -51.64 -16.76
C VAL K 262 5.17 -52.94 -17.16
N PHE K 263 4.96 -53.81 -16.19
CA PHE K 263 4.43 -55.14 -16.43
C PHE K 263 2.97 -55.20 -15.99
N GLN K 264 2.17 -55.99 -16.71
CA GLN K 264 0.77 -56.17 -16.37
C GLN K 264 0.44 -57.66 -16.30
N ILE K 265 -0.46 -58.01 -15.40
CA ILE K 265 -1.00 -59.35 -15.28
C ILE K 265 -2.43 -59.33 -15.81
N SER K 266 -2.87 -60.45 -16.37
CA SER K 266 -4.21 -60.55 -16.92
C SER K 266 -4.77 -61.92 -16.58
N PHE K 267 -5.78 -61.94 -15.71
CA PHE K 267 -6.53 -63.15 -15.41
C PHE K 267 -7.73 -63.26 -16.35
N PHE K 268 -8.24 -64.47 -16.48
CA PHE K 268 -9.43 -64.70 -17.29
C PHE K 268 -9.87 -66.15 -17.09
N ASN K 269 -11.01 -66.48 -17.70
CA ASN K 269 -11.62 -67.82 -17.56
C ASN K 269 -12.09 -68.05 -16.14
N LEU K 270 -12.85 -67.09 -15.60
CA LEU K 270 -13.39 -67.23 -14.26
C LEU K 270 -14.54 -68.24 -14.24
N PRO K 271 -14.84 -68.82 -13.09
CA PRO K 271 -15.93 -69.81 -13.02
C PRO K 271 -17.29 -69.25 -13.41
N THR K 272 -17.58 -67.99 -13.08
CA THR K 272 -18.91 -67.44 -13.25
C THR K 272 -18.83 -66.01 -13.77
N VAL K 273 -19.95 -65.53 -14.29
CA VAL K 273 -20.08 -64.17 -14.79
C VAL K 273 -21.30 -63.52 -14.15
N HIS K 274 -21.11 -62.31 -13.65
CA HIS K 274 -22.17 -61.56 -12.98
C HIS K 274 -22.84 -60.60 -13.95
N ARG K 275 -24.02 -60.13 -13.57
CA ARG K 275 -24.75 -59.14 -14.34
C ARG K 275 -24.52 -57.75 -13.77
N ILE K 276 -24.72 -56.73 -14.61
CA ILE K 276 -24.63 -55.36 -14.12
C ILE K 276 -25.72 -55.09 -13.10
N ARG K 277 -26.83 -55.84 -13.19
CA ARG K 277 -27.93 -55.66 -12.25
C ARG K 277 -27.65 -56.33 -10.90
N ASP K 278 -26.60 -57.13 -10.79
CA ASP K 278 -26.33 -57.92 -9.60
C ASP K 278 -25.04 -57.51 -8.90
N ILE K 279 -24.62 -56.26 -9.05
CA ILE K 279 -23.44 -55.76 -8.37
C ILE K 279 -23.82 -55.33 -6.96
N ARG K 280 -22.86 -55.43 -6.04
CA ARG K 280 -23.09 -55.08 -4.64
C ARG K 280 -21.83 -54.45 -4.07
N SER K 281 -22.02 -53.60 -3.06
CA SER K 281 -20.92 -52.93 -2.38
C SER K 281 -20.08 -53.88 -1.53
N GLU K 282 -20.55 -55.11 -1.32
CA GLU K 282 -19.79 -56.06 -0.51
C GLU K 282 -18.50 -56.50 -1.21
N LYS K 283 -18.48 -56.49 -2.54
CA LYS K 283 -17.35 -57.00 -3.31
C LYS K 283 -16.40 -55.91 -3.76
N ILE K 284 -16.51 -54.70 -3.22
CA ILE K 284 -15.58 -53.63 -3.57
C ILE K 284 -14.16 -54.11 -3.33
N GLY K 285 -13.27 -53.81 -4.29
CA GLY K 285 -11.89 -54.23 -4.19
C GLY K 285 -11.65 -55.68 -4.55
N SER K 286 -12.63 -56.37 -5.10
CA SER K 286 -12.51 -57.78 -5.46
C SER K 286 -12.53 -57.93 -6.98
N LEU K 287 -11.84 -58.97 -7.45
CA LEU K 287 -11.75 -59.30 -8.86
C LEU K 287 -12.96 -60.12 -9.26
N LEU K 288 -13.54 -59.79 -10.41
CA LEU K 288 -14.71 -60.49 -10.92
C LEU K 288 -14.80 -60.31 -12.43
N SER K 289 -15.90 -60.77 -12.99
CA SER K 289 -16.13 -60.74 -14.43
C SER K 289 -17.55 -60.28 -14.71
N ILE K 290 -17.71 -59.47 -15.75
CA ILE K 290 -18.99 -58.88 -16.13
C ILE K 290 -19.13 -58.98 -17.64
N SER K 291 -20.37 -58.88 -18.11
CA SER K 291 -20.67 -58.87 -19.53
C SER K 291 -21.69 -57.77 -19.83
N GLY K 292 -21.53 -57.13 -20.98
CA GLY K 292 -22.41 -56.04 -21.35
C GLY K 292 -22.11 -55.57 -22.76
N THR K 293 -22.90 -54.60 -23.20
CA THR K 293 -22.81 -54.04 -24.54
C THR K 293 -22.22 -52.65 -24.47
N VAL K 294 -21.19 -52.39 -25.29
CA VAL K 294 -20.50 -51.11 -25.28
C VAL K 294 -21.35 -50.08 -26.01
N THR K 295 -21.34 -48.85 -25.49
CA THR K 295 -22.11 -47.75 -26.07
C THR K 295 -21.25 -46.61 -26.59
N ARG K 296 -20.09 -46.38 -26.00
CA ARG K 296 -19.29 -45.21 -26.34
C ARG K 296 -17.84 -45.48 -25.96
N THR K 297 -16.94 -44.71 -26.56
CA THR K 297 -15.52 -44.78 -26.24
C THR K 297 -14.90 -43.40 -26.42
N SER K 298 -13.91 -43.09 -25.58
CA SER K 298 -13.21 -41.82 -25.64
C SER K 298 -11.82 -42.03 -26.24
N GLU K 299 -11.14 -40.92 -26.51
CA GLU K 299 -9.82 -40.96 -27.11
C GLU K 299 -8.78 -41.41 -26.08
N VAL K 300 -7.69 -41.96 -26.59
CA VAL K 300 -6.58 -42.41 -25.75
C VAL K 300 -5.76 -41.19 -25.33
N ARG K 301 -5.54 -41.05 -24.03
CA ARG K 301 -4.85 -39.90 -23.47
C ARG K 301 -3.79 -40.37 -22.48
N PRO K 302 -2.68 -39.64 -22.37
CA PRO K 302 -1.65 -40.03 -21.41
C PRO K 302 -2.12 -39.84 -19.98
N GLU K 303 -1.60 -40.68 -19.09
CA GLU K 303 -2.00 -40.72 -17.69
C GLU K 303 -0.79 -40.54 -16.81
N LEU K 304 -0.89 -39.66 -15.81
CA LEU K 304 0.21 -39.44 -14.88
C LEU K 304 0.38 -40.68 -14.01
N TYR K 305 1.53 -41.32 -14.11
CA TYR K 305 1.78 -42.59 -13.43
C TYR K 305 2.74 -42.44 -12.25
N LYS K 306 3.93 -41.88 -12.48
CA LYS K 306 4.93 -41.72 -11.44
C LYS K 306 5.58 -40.35 -11.63
N ALA K 307 5.16 -39.38 -10.84
CA ALA K 307 5.55 -37.99 -11.03
C ALA K 307 6.95 -37.73 -10.47
N SER K 308 7.47 -36.56 -10.80
CA SER K 308 8.70 -36.03 -10.23
C SER K 308 8.43 -34.60 -9.76
N PHE K 309 8.97 -34.26 -8.61
CA PHE K 309 8.75 -32.95 -8.02
C PHE K 309 10.07 -32.35 -7.57
N THR K 310 10.07 -31.02 -7.49
CA THR K 310 11.18 -30.25 -6.96
C THR K 310 10.70 -29.49 -5.74
N CYS K 311 11.48 -29.58 -4.65
CA CYS K 311 11.19 -28.83 -3.45
C CYS K 311 11.42 -27.35 -3.67
N ASP K 312 10.77 -26.52 -2.85
CA ASP K 312 10.83 -25.08 -3.00
C ASP K 312 11.85 -24.43 -2.07
N MET K 313 11.71 -24.63 -0.75
CA MET K 313 12.66 -24.04 0.18
C MET K 313 14.07 -24.56 -0.06
N CYS K 314 14.20 -25.76 -0.62
CA CYS K 314 15.46 -26.24 -1.16
C CYS K 314 15.19 -26.86 -2.52
N ARG K 315 16.24 -26.93 -3.35
CA ARG K 315 16.12 -27.41 -4.72
C ARG K 315 16.30 -28.93 -4.83
N ALA K 316 16.00 -29.66 -3.77
CA ALA K 316 16.04 -31.12 -3.83
C ALA K 316 15.01 -31.62 -4.84
N ILE K 317 15.31 -32.79 -5.42
CA ILE K 317 14.47 -33.41 -6.44
C ILE K 317 14.03 -34.77 -5.93
N VAL K 318 12.71 -35.02 -6.00
CA VAL K 318 12.13 -36.30 -5.64
C VAL K 318 11.54 -36.91 -6.90
N ASP K 319 11.76 -38.20 -7.10
CA ASP K 319 11.33 -38.89 -8.31
C ASP K 319 10.52 -40.12 -7.95
N ASN K 320 9.70 -40.55 -8.90
CA ASN K 320 8.93 -41.78 -8.78
C ASN K 320 7.94 -41.70 -7.61
N VAL K 321 7.08 -40.70 -7.66
CA VAL K 321 6.01 -40.53 -6.68
C VAL K 321 4.73 -41.13 -7.27
N GLU K 322 4.20 -42.16 -6.63
CA GLU K 322 3.01 -42.82 -7.13
C GLU K 322 1.77 -42.00 -6.82
N GLN K 323 0.75 -42.16 -7.66
CA GLN K 323 -0.48 -41.38 -7.58
C GLN K 323 -1.64 -42.16 -6.97
N SER K 324 -1.87 -43.39 -7.44
CA SER K 324 -2.92 -44.25 -6.91
C SER K 324 -4.29 -43.60 -7.07
N PHE K 325 -4.68 -43.38 -8.33
CA PHE K 325 -6.01 -42.93 -8.74
C PHE K 325 -6.29 -41.47 -8.40
N LYS K 326 -5.32 -40.72 -7.88
CA LYS K 326 -5.53 -39.31 -7.63
C LYS K 326 -4.18 -38.61 -7.62
N TYR K 327 -4.20 -37.32 -7.93
CA TYR K 327 -2.98 -36.52 -8.00
C TYR K 327 -2.38 -36.42 -6.61
N THR K 328 -1.26 -37.12 -6.40
CA THR K 328 -0.59 -37.19 -5.10
C THR K 328 0.73 -36.46 -5.16
N GLU K 329 1.05 -35.75 -4.08
CA GLU K 329 2.27 -34.99 -3.94
C GLU K 329 3.17 -35.62 -2.88
N PRO K 330 4.46 -35.32 -2.90
CA PRO K 330 5.33 -35.78 -1.81
C PRO K 330 4.90 -35.15 -0.49
N THR K 331 5.12 -35.90 0.60
CA THR K 331 4.64 -35.50 1.91
C THR K 331 5.70 -34.90 2.80
N PHE K 332 6.98 -35.08 2.47
CA PHE K 332 8.05 -34.57 3.32
C PHE K 332 9.34 -34.53 2.53
N CYS K 333 10.12 -33.48 2.72
CA CYS K 333 11.38 -33.34 2.00
C CYS K 333 12.32 -34.48 2.40
N PRO K 334 12.91 -35.19 1.43
CA PRO K 334 13.69 -36.39 1.78
C PRO K 334 14.97 -36.10 2.55
N ASN K 335 15.49 -34.88 2.49
CA ASN K 335 16.75 -34.55 3.14
C ASN K 335 16.49 -33.75 4.40
N PRO K 336 17.04 -34.14 5.55
CA PRO K 336 16.85 -33.33 6.76
C PRO K 336 17.43 -31.92 6.64
N SER K 337 18.32 -31.68 5.68
CA SER K 337 18.81 -30.33 5.45
C SER K 337 17.66 -29.36 5.14
N CYS K 338 16.56 -29.86 4.58
CA CYS K 338 15.37 -29.06 4.35
C CYS K 338 14.17 -29.83 4.88
N GLU K 339 13.28 -29.12 5.58
CA GLU K 339 12.15 -29.73 6.27
C GLU K 339 10.85 -29.44 5.52
N ASN K 340 10.93 -29.26 4.20
CA ASN K 340 9.77 -28.84 3.43
C ASN K 340 8.68 -29.91 3.43
N ARG K 341 7.44 -29.46 3.53
CA ARG K 341 6.27 -30.33 3.45
C ARG K 341 5.14 -29.54 2.79
N ALA K 342 4.51 -30.14 1.79
CA ALA K 342 3.34 -29.61 1.10
C ALA K 342 3.67 -28.42 0.19
N PHE K 343 4.95 -28.18 -0.11
CA PHE K 343 5.35 -27.13 -1.04
C PHE K 343 6.27 -27.77 -2.09
N TRP K 344 5.76 -27.93 -3.30
CA TRP K 344 6.46 -28.65 -4.35
C TRP K 344 6.06 -28.10 -5.70
N THR K 345 6.88 -28.39 -6.71
CA THR K 345 6.55 -28.07 -8.10
C THR K 345 6.74 -29.31 -8.95
N LEU K 346 5.80 -29.54 -9.86
CA LEU K 346 5.78 -30.74 -10.68
C LEU K 346 6.66 -30.55 -11.91
N ASN K 347 7.49 -31.54 -12.21
CA ASN K 347 8.38 -31.51 -13.37
C ASN K 347 7.80 -32.46 -14.42
N VAL K 348 7.25 -31.89 -15.49
CA VAL K 348 6.57 -32.66 -16.51
C VAL K 348 7.56 -33.19 -17.54
N THR K 349 8.86 -32.98 -17.32
CA THR K 349 9.86 -33.29 -18.32
C THR K 349 10.55 -34.63 -18.11
N ARG K 350 10.50 -35.19 -16.91
CA ARG K 350 11.19 -36.45 -16.60
C ARG K 350 10.28 -37.37 -15.80
N SER K 351 8.99 -37.36 -16.09
CA SER K 351 8.03 -38.28 -15.50
C SER K 351 7.59 -39.29 -16.56
N ARG K 352 6.82 -40.28 -16.13
CA ARG K 352 6.32 -41.33 -17.00
C ARG K 352 4.80 -41.28 -17.08
N PHE K 353 4.27 -41.77 -18.20
CA PHE K 353 2.83 -41.76 -18.44
C PHE K 353 2.39 -43.10 -19.00
N LEU K 354 1.08 -43.36 -18.92
CA LEU K 354 0.47 -44.56 -19.47
C LEU K 354 -0.78 -44.17 -20.26
N ASP K 355 -1.12 -45.03 -21.21
CA ASP K 355 -2.32 -44.81 -22.01
C ASP K 355 -3.57 -45.12 -21.20
N TRP K 356 -4.57 -44.26 -21.32
CA TRP K 356 -5.75 -44.28 -20.47
C TRP K 356 -6.99 -43.98 -21.32
N GLN K 357 -8.01 -44.83 -21.19
CA GLN K 357 -9.25 -44.66 -21.93
C GLN K 357 -10.44 -44.96 -21.05
N LYS K 358 -11.58 -44.32 -21.36
CA LYS K 358 -12.83 -44.56 -20.67
C LYS K 358 -13.84 -45.11 -21.66
N VAL K 359 -14.64 -46.08 -21.22
CA VAL K 359 -15.66 -46.71 -22.05
C VAL K 359 -16.94 -46.77 -21.24
N ARG K 360 -18.08 -46.77 -21.94
CA ARG K 360 -19.39 -46.86 -21.32
C ARG K 360 -20.10 -48.09 -21.84
N ILE K 361 -20.59 -48.93 -20.93
CA ILE K 361 -21.26 -50.16 -21.30
C ILE K 361 -22.67 -50.13 -20.74
N GLN K 362 -23.54 -50.92 -21.36
CA GLN K 362 -24.97 -50.89 -21.09
C GLN K 362 -25.46 -52.30 -20.85
N GLU K 363 -26.54 -52.43 -20.09
CA GLU K 363 -27.15 -53.73 -19.88
C GLU K 363 -27.49 -54.39 -21.22
N ASN K 364 -27.20 -55.68 -21.31
CA ASN K 364 -27.60 -56.44 -22.49
C ASN K 364 -29.12 -56.56 -22.53
N ALA K 365 -29.64 -56.86 -23.73
CA ALA K 365 -31.07 -56.72 -23.95
C ALA K 365 -31.88 -57.70 -23.10
N ASN K 366 -31.43 -58.95 -23.00
CA ASN K 366 -32.28 -60.01 -22.44
C ASN K 366 -32.14 -60.20 -20.94
N GLU K 367 -31.28 -59.43 -20.26
CA GLU K 367 -31.20 -59.47 -18.81
C GLU K 367 -32.00 -58.39 -18.12
N ILE K 368 -32.50 -57.40 -18.86
CA ILE K 368 -33.23 -56.29 -18.26
C ILE K 368 -34.47 -56.84 -17.58
N PRO K 369 -34.69 -56.56 -16.28
CA PRO K 369 -35.88 -57.11 -15.61
C PRO K 369 -37.16 -56.47 -16.09
N THR K 370 -38.30 -57.03 -15.69
CA THR K 370 -39.59 -56.56 -16.17
C THR K 370 -39.82 -55.11 -15.78
N GLY K 371 -40.35 -54.32 -16.71
CA GLY K 371 -40.76 -52.96 -16.41
C GLY K 371 -39.68 -52.06 -15.89
N SER K 372 -38.48 -52.11 -16.46
CA SER K 372 -37.37 -51.30 -16.01
C SER K 372 -36.52 -50.86 -17.19
N MET K 373 -35.78 -49.74 -17.00
CA MET K 373 -34.88 -49.24 -18.01
C MET K 373 -33.46 -49.75 -17.78
N PRO K 374 -32.66 -49.85 -18.83
CA PRO K 374 -31.34 -50.46 -18.69
C PRO K 374 -30.39 -49.62 -17.86
N ARG K 375 -29.40 -50.30 -17.27
CA ARG K 375 -28.34 -49.66 -16.50
C ARG K 375 -27.12 -49.42 -17.38
N THR K 376 -26.27 -48.53 -16.92
CA THR K 376 -25.02 -48.20 -17.60
C THR K 376 -23.89 -48.17 -16.58
N LEU K 377 -22.68 -48.45 -17.06
CA LEU K 377 -21.52 -48.54 -16.18
C LEU K 377 -20.28 -48.05 -16.91
N ASP K 378 -19.35 -47.48 -16.16
CA ASP K 378 -18.09 -47.00 -16.72
C ASP K 378 -17.01 -48.05 -16.57
N VAL K 379 -16.12 -48.13 -17.56
CA VAL K 379 -15.02 -49.08 -17.56
C VAL K 379 -13.75 -48.34 -17.97
N ILE K 380 -12.73 -48.39 -17.13
CA ILE K 380 -11.46 -47.71 -17.38
C ILE K 380 -10.47 -48.72 -17.92
N LEU K 381 -9.85 -48.40 -19.06
CA LEU K 381 -8.85 -49.25 -19.67
C LEU K 381 -7.50 -48.56 -19.63
N ARG K 382 -6.47 -49.35 -19.34
CA ARG K 382 -5.11 -48.86 -19.17
C ARG K 382 -4.17 -49.63 -20.08
N GLY K 383 -3.05 -49.00 -20.42
CA GLY K 383 -2.00 -49.70 -21.13
C GLY K 383 -2.46 -50.25 -22.47
N ASP K 384 -1.96 -51.44 -22.81
CA ASP K 384 -2.15 -52.01 -24.14
C ASP K 384 -3.56 -52.52 -24.38
N SER K 385 -4.36 -52.71 -23.33
CA SER K 385 -5.75 -53.12 -23.50
C SER K 385 -6.59 -52.04 -24.17
N VAL K 386 -6.09 -50.82 -24.26
CA VAL K 386 -6.85 -49.73 -24.84
C VAL K 386 -7.14 -50.01 -26.30
N GLU K 387 -8.21 -49.40 -26.81
CA GLU K 387 -8.63 -49.54 -28.21
C GLU K 387 -8.83 -50.99 -28.59
N ARG K 388 -9.33 -51.80 -27.65
CA ARG K 388 -9.76 -53.17 -27.95
C ARG K 388 -11.26 -53.30 -27.97
N ALA K 389 -11.98 -52.40 -27.29
CA ALA K 389 -13.43 -52.37 -27.38
C ALA K 389 -13.86 -51.69 -28.67
N LYS K 390 -15.11 -51.94 -29.08
CA LYS K 390 -15.67 -51.34 -30.27
C LYS K 390 -17.15 -51.10 -30.01
N PRO K 391 -17.65 -49.89 -30.28
CA PRO K 391 -19.05 -49.59 -29.98
C PRO K 391 -19.99 -50.53 -30.71
N GLY K 392 -21.05 -50.94 -30.02
CA GLY K 392 -22.07 -51.77 -30.61
C GLY K 392 -21.83 -53.26 -30.51
N ASP K 393 -20.84 -53.71 -29.74
CA ASP K 393 -20.53 -55.11 -29.59
C ASP K 393 -20.80 -55.57 -28.16
N ARG K 394 -20.86 -56.88 -27.98
CA ARG K 394 -21.02 -57.51 -26.67
C ARG K 394 -19.67 -58.05 -26.22
N CYS K 395 -19.19 -57.58 -25.07
CA CYS K 395 -17.87 -57.92 -24.59
C CYS K 395 -17.96 -58.42 -23.16
N LYS K 396 -16.99 -59.26 -22.80
CA LYS K 396 -16.83 -59.78 -21.44
C LYS K 396 -15.56 -59.18 -20.87
N PHE K 397 -15.70 -58.51 -19.72
CA PHE K 397 -14.60 -57.92 -18.98
C PHE K 397 -14.29 -58.75 -17.75
N THR K 398 -13.02 -58.73 -17.37
CA THR K 398 -12.56 -59.30 -16.12
C THR K 398 -11.61 -58.31 -15.48
N GLY K 399 -11.88 -57.97 -14.22
CA GLY K 399 -11.09 -56.96 -13.53
C GLY K 399 -11.62 -56.62 -12.15
N VAL K 400 -11.17 -55.50 -11.61
CA VAL K 400 -11.47 -55.12 -10.23
C VAL K 400 -12.65 -54.18 -10.22
N GLU K 401 -13.37 -54.19 -9.10
CA GLU K 401 -14.44 -53.23 -8.82
C GLU K 401 -13.89 -52.19 -7.85
N ILE K 402 -14.11 -50.91 -8.15
CA ILE K 402 -13.54 -49.82 -7.38
C ILE K 402 -14.63 -48.78 -7.11
N VAL K 403 -14.25 -47.75 -6.37
CA VAL K 403 -15.13 -46.63 -6.05
C VAL K 403 -14.41 -45.34 -6.41
N VAL K 404 -15.18 -44.33 -6.77
CA VAL K 404 -14.62 -43.01 -7.11
C VAL K 404 -15.51 -41.94 -6.51
N PRO K 405 -14.96 -40.75 -6.27
CA PRO K 405 -15.78 -39.70 -5.65
C PRO K 405 -16.97 -39.32 -6.52
N ASP K 406 -18.07 -38.98 -5.87
CA ASP K 406 -19.30 -38.58 -6.54
C ASP K 406 -19.84 -37.34 -5.82
N VAL K 407 -19.82 -36.20 -6.52
CA VAL K 407 -20.31 -34.96 -5.94
C VAL K 407 -21.82 -34.81 -6.10
N THR K 408 -22.44 -35.56 -7.01
CA THR K 408 -23.85 -35.40 -7.31
C THR K 408 -24.77 -35.91 -6.22
N GLN K 409 -24.30 -36.81 -5.35
CA GLN K 409 -25.17 -37.43 -4.36
C GLN K 409 -25.73 -36.43 -3.36
N LEU K 410 -25.14 -35.25 -3.22
CA LEU K 410 -25.73 -34.23 -2.37
C LEU K 410 -27.15 -33.94 -2.82
N GLY K 411 -28.06 -33.84 -1.85
CA GLY K 411 -29.47 -33.67 -2.12
C GLY K 411 -30.28 -34.94 -1.99
N LEU K 412 -29.64 -36.11 -2.02
CA LEU K 412 -30.36 -37.35 -1.79
C LEU K 412 -30.72 -37.49 -0.32
N PRO K 413 -31.77 -38.25 -0.01
CA PRO K 413 -32.13 -38.48 1.40
C PRO K 413 -31.13 -39.42 2.07
N GLY K 414 -31.10 -39.33 3.39
CA GLY K 414 -30.19 -40.12 4.20
C GLY K 414 -29.05 -39.29 4.76
N VAL K 415 -28.24 -39.94 5.60
CA VAL K 415 -27.09 -39.31 6.22
C VAL K 415 -25.84 -39.72 5.45
N LYS K 416 -25.11 -38.73 4.96
CA LYS K 416 -23.93 -38.96 4.15
C LYS K 416 -22.68 -38.87 5.01
N PRO K 417 -21.80 -39.87 4.99
CA PRO K 417 -20.67 -39.86 5.93
C PRO K 417 -19.78 -38.65 5.74
N SER K 418 -19.25 -38.15 6.86
CA SER K 418 -18.32 -37.03 6.87
C SER K 418 -17.10 -37.40 7.68
N SER K 419 -15.99 -36.73 7.39
CA SER K 419 -14.72 -36.96 8.07
C SER K 419 -14.23 -35.66 8.67
N THR K 420 -13.86 -35.71 9.95
CA THR K 420 -13.31 -34.57 10.66
C THR K 420 -12.15 -35.04 11.52
N LEU K 421 -11.23 -34.13 11.80
CA LEU K 421 -10.02 -34.48 12.52
C LEU K 421 -10.30 -34.62 14.01
N ASP K 422 -9.52 -35.48 14.67
CA ASP K 422 -9.67 -35.74 16.09
C ASP K 422 -8.91 -34.68 16.89
N THR K 423 -9.62 -33.91 17.71
CA THR K 423 -9.03 -32.84 18.49
C THR K 423 -8.61 -33.27 19.89
N ARG K 424 -8.78 -34.55 20.23
CA ARG K 424 -8.41 -35.03 21.55
C ARG K 424 -6.90 -35.30 21.60
N GLY K 425 -6.29 -34.91 22.71
CA GLY K 425 -4.88 -35.18 22.93
C GLY K 425 -3.92 -34.23 22.26
N ILE K 426 -4.39 -33.08 21.79
CA ILE K 426 -3.54 -32.09 21.13
C ILE K 426 -3.57 -30.81 21.97
N SER K 427 -2.38 -30.32 22.34
CA SER K 427 -2.28 -29.19 23.25
C SER K 427 -2.80 -27.92 22.57
N LYS K 428 -3.54 -27.12 23.34
CA LYS K 428 -4.13 -25.86 22.89
C LYS K 428 -3.59 -24.72 23.76
N THR K 429 -4.16 -23.53 23.55
CA THR K 429 -3.78 -22.35 24.31
C THR K 429 -4.98 -21.43 24.50
N LEU K 443 -13.07 -26.54 9.16
CA LEU K 443 -11.85 -26.97 9.83
C LEU K 443 -11.30 -28.24 9.17
N GLY K 444 -11.45 -28.32 7.85
CA GLY K 444 -10.98 -29.47 7.10
C GLY K 444 -11.98 -30.60 6.96
N VAL K 445 -13.24 -30.38 7.33
CA VAL K 445 -14.25 -31.44 7.23
C VAL K 445 -14.45 -31.81 5.77
N ARG K 446 -14.59 -33.11 5.51
CA ARG K 446 -14.75 -33.63 4.16
C ARG K 446 -15.98 -34.51 4.09
N ASP K 447 -16.50 -34.69 2.88
CA ASP K 447 -17.65 -35.54 2.62
C ASP K 447 -17.19 -36.85 1.98
N LEU K 448 -17.95 -37.92 2.22
CA LEU K 448 -17.50 -39.25 1.82
C LEU K 448 -18.50 -39.93 0.88
N THR K 449 -18.98 -39.20 -0.12
CA THR K 449 -19.89 -39.77 -1.12
C THR K 449 -19.08 -40.33 -2.28
N TYR K 450 -19.55 -41.45 -2.85
CA TYR K 450 -18.82 -42.13 -3.91
C TYR K 450 -19.80 -42.83 -4.85
N LYS K 451 -19.26 -43.31 -5.97
CA LYS K 451 -19.99 -44.13 -6.91
C LYS K 451 -19.10 -45.28 -7.36
N ILE K 452 -19.73 -46.36 -7.79
CA ILE K 452 -19.01 -47.58 -8.15
C ILE K 452 -18.60 -47.50 -9.62
N SER K 453 -17.34 -47.83 -9.90
CA SER K 453 -16.83 -47.94 -11.25
C SER K 453 -16.14 -49.28 -11.43
N PHE K 454 -15.48 -49.48 -12.56
CA PHE K 454 -14.84 -50.76 -12.85
C PHE K 454 -13.56 -50.51 -13.64
N LEU K 455 -12.43 -50.93 -13.09
CA LEU K 455 -11.14 -50.86 -13.76
C LEU K 455 -10.84 -52.24 -14.31
N ALA K 456 -11.06 -52.42 -15.61
CA ALA K 456 -10.93 -53.72 -16.25
C ALA K 456 -9.48 -54.01 -16.59
N CYS K 457 -9.13 -55.30 -16.59
CA CYS K 457 -7.79 -55.76 -16.97
C CYS K 457 -7.79 -56.65 -18.20
N HIS K 458 -8.85 -57.42 -18.44
CA HIS K 458 -8.94 -58.25 -19.63
C HIS K 458 -10.31 -58.05 -20.27
N VAL K 459 -10.34 -57.84 -21.58
CA VAL K 459 -11.59 -57.64 -22.31
C VAL K 459 -11.56 -58.52 -23.55
N ILE K 460 -12.63 -59.30 -23.76
CA ILE K 460 -12.73 -60.17 -24.92
C ILE K 460 -14.12 -60.06 -25.51
N SER K 461 -14.20 -59.90 -26.82
CA SER K 461 -15.48 -59.86 -27.50
C SER K 461 -16.11 -61.25 -27.51
N ILE K 462 -17.44 -61.28 -27.43
CA ILE K 462 -18.21 -62.52 -27.45
C ILE K 462 -19.29 -62.40 -28.52
N GLY K 463 -19.37 -63.40 -29.38
CA GLY K 463 -20.35 -63.39 -30.45
C GLY K 463 -21.77 -63.63 -29.95
N SER K 509 -8.11 -71.17 -39.59
CA SER K 509 -9.32 -71.61 -38.89
C SER K 509 -9.07 -72.92 -38.17
N SER K 510 -9.75 -73.98 -38.58
CA SER K 510 -9.58 -75.30 -37.96
C SER K 510 -10.14 -76.34 -38.92
N ASP K 511 -10.33 -77.57 -38.43
CA ASP K 511 -10.71 -78.68 -39.30
C ASP K 511 -11.85 -78.35 -40.26
N GLU K 512 -12.71 -77.38 -39.93
CA GLU K 512 -13.92 -77.14 -40.70
C GLU K 512 -13.67 -76.73 -42.14
N ILE K 513 -12.42 -76.48 -42.57
CA ILE K 513 -12.19 -76.29 -43.99
C ILE K 513 -12.59 -77.54 -44.77
N ASN K 514 -12.47 -78.71 -44.15
CA ASN K 514 -12.94 -79.93 -44.80
C ASN K 514 -14.43 -79.83 -45.14
N GLU K 515 -15.24 -79.45 -44.15
CA GLU K 515 -16.68 -79.32 -44.39
C GLU K 515 -16.97 -78.20 -45.37
N LEU K 516 -16.18 -77.12 -45.31
CA LEU K 516 -16.39 -76.02 -46.24
C LEU K 516 -16.19 -76.48 -47.67
N LYS K 517 -15.10 -77.22 -47.93
CA LYS K 517 -14.89 -77.77 -49.26
C LYS K 517 -16.01 -78.74 -49.64
N GLU K 518 -16.41 -79.60 -48.70
CA GLU K 518 -17.45 -80.57 -49.00
C GLU K 518 -18.73 -79.87 -49.43
N MET K 519 -19.09 -78.80 -48.74
CA MET K 519 -20.34 -78.11 -49.04
C MET K 519 -20.25 -77.25 -50.30
N VAL K 520 -19.10 -76.61 -50.53
CA VAL K 520 -18.97 -75.81 -51.75
C VAL K 520 -18.99 -76.70 -52.98
N LYS K 521 -18.43 -77.91 -52.89
CA LYS K 521 -18.47 -78.81 -54.04
C LYS K 521 -19.89 -79.30 -54.37
N ASP K 522 -20.91 -78.92 -53.61
CA ASP K 522 -22.27 -79.29 -53.95
C ASP K 522 -22.70 -78.65 -55.28
N GLU K 523 -23.76 -79.19 -55.86
CA GLU K 523 -24.31 -78.70 -57.13
C GLU K 523 -25.58 -77.88 -56.95
N HIS K 524 -26.47 -78.29 -56.06
CA HIS K 524 -27.67 -77.52 -55.71
C HIS K 524 -27.43 -76.61 -54.52
N ILE K 525 -26.19 -76.14 -54.36
CA ILE K 525 -25.84 -75.30 -53.22
C ILE K 525 -26.72 -74.06 -53.18
N TYR K 526 -26.98 -73.45 -54.34
CA TYR K 526 -27.80 -72.25 -54.35
C TYR K 526 -29.21 -72.53 -53.86
N ASP K 527 -29.80 -73.65 -54.32
CA ASP K 527 -31.16 -73.98 -53.88
C ASP K 527 -31.21 -74.26 -52.39
N LYS K 528 -30.23 -75.01 -51.87
CA LYS K 528 -30.19 -75.26 -50.43
C LYS K 528 -30.04 -73.96 -49.66
N LEU K 529 -29.16 -73.08 -50.12
CA LEU K 529 -29.04 -71.76 -49.51
C LEU K 529 -30.40 -71.08 -49.45
N VAL K 530 -31.06 -70.94 -50.59
CA VAL K 530 -32.33 -70.22 -50.64
C VAL K 530 -33.33 -70.85 -49.66
N ARG K 531 -33.37 -72.18 -49.62
CA ARG K 531 -34.29 -72.85 -48.70
C ARG K 531 -33.92 -72.59 -47.24
N SER K 532 -32.65 -72.33 -46.94
CA SER K 532 -32.21 -72.24 -45.55
C SER K 532 -32.54 -70.92 -44.88
N ILE K 533 -32.89 -69.86 -45.62
CA ILE K 533 -33.18 -68.56 -45.01
C ILE K 533 -34.57 -68.59 -44.41
N ALA K 534 -34.71 -68.00 -43.23
CA ALA K 534 -35.99 -67.81 -42.56
C ALA K 534 -36.87 -69.06 -42.65
N PRO K 535 -36.40 -70.19 -42.11
CA PRO K 535 -37.19 -71.42 -42.19
C PRO K 535 -38.53 -71.34 -41.48
N ALA K 536 -38.72 -70.38 -40.58
CA ALA K 536 -39.94 -70.30 -39.79
C ALA K 536 -41.10 -69.65 -40.54
N VAL K 537 -40.88 -69.14 -41.75
CA VAL K 537 -41.94 -68.49 -42.53
C VAL K 537 -42.20 -69.34 -43.77
N PHE K 538 -43.44 -69.28 -44.25
CA PHE K 538 -43.89 -70.15 -45.33
C PHE K 538 -43.89 -69.40 -46.66
N GLY K 539 -43.25 -69.98 -47.68
CA GLY K 539 -43.26 -69.39 -49.00
C GLY K 539 -42.37 -68.17 -49.12
N HIS K 540 -42.70 -67.31 -50.08
CA HIS K 540 -41.99 -66.07 -50.33
C HIS K 540 -40.55 -66.33 -50.76
N GLU K 541 -40.43 -67.18 -51.79
CA GLU K 541 -39.11 -67.55 -52.30
C GLU K 541 -38.39 -66.32 -52.86
N ALA K 542 -39.11 -65.42 -53.52
CA ALA K 542 -38.48 -64.21 -54.04
C ALA K 542 -37.93 -63.35 -52.91
N VAL K 543 -38.69 -63.19 -51.83
CA VAL K 543 -38.21 -62.40 -50.70
C VAL K 543 -36.98 -63.05 -50.08
N LYS K 544 -36.97 -64.37 -49.98
CA LYS K 544 -35.79 -65.06 -49.47
C LYS K 544 -34.59 -64.84 -50.40
N LYS K 545 -34.80 -64.93 -51.72
CA LYS K 545 -33.74 -64.69 -52.68
C LYS K 545 -33.27 -63.24 -52.67
N GLY K 546 -34.07 -62.33 -52.11
CA GLY K 546 -33.64 -60.96 -51.93
C GLY K 546 -32.81 -60.78 -50.68
N ILE K 547 -33.29 -61.34 -49.58
CA ILE K 547 -32.53 -61.30 -48.32
C ILE K 547 -31.14 -61.88 -48.55
N LEU K 548 -31.08 -63.04 -49.20
CA LEU K 548 -29.84 -63.44 -49.85
C LEU K 548 -29.65 -62.55 -51.07
N LEU K 549 -28.39 -62.24 -51.37
CA LEU K 549 -27.96 -61.25 -52.34
C LEU K 549 -28.13 -59.84 -51.80
N GLN K 550 -28.81 -59.65 -50.67
CA GLN K 550 -28.55 -58.49 -49.82
C GLN K 550 -27.49 -58.79 -48.78
N MET K 551 -27.49 -60.01 -48.23
CA MET K 551 -26.40 -60.41 -47.35
C MET K 551 -25.07 -60.38 -48.09
N LEU K 552 -25.04 -60.86 -49.32
CA LEU K 552 -23.88 -60.76 -50.19
C LEU K 552 -24.07 -59.57 -51.13
N GLY K 553 -23.12 -58.64 -51.09
CA GLY K 553 -23.22 -57.41 -51.86
C GLY K 553 -22.28 -57.41 -53.05
N GLY K 554 -22.43 -56.36 -53.86
CA GLY K 554 -21.57 -56.15 -55.01
C GLY K 554 -20.22 -55.61 -54.59
N VAL K 555 -19.53 -55.02 -55.56
CA VAL K 555 -18.21 -54.46 -55.36
C VAL K 555 -18.26 -52.97 -55.66
N HIS K 556 -17.63 -52.18 -54.79
CA HIS K 556 -17.58 -50.74 -54.97
C HIS K 556 -16.52 -50.39 -56.00
N LYS K 557 -16.84 -49.49 -56.93
CA LYS K 557 -15.93 -49.12 -58.00
C LYS K 557 -15.48 -47.67 -57.82
N SER K 558 -14.29 -47.36 -58.34
CA SER K 558 -13.79 -45.99 -58.40
C SER K 558 -13.36 -45.68 -59.82
N THR K 559 -13.85 -44.57 -60.35
CA THR K 559 -13.48 -44.13 -61.69
C THR K 559 -12.31 -43.17 -61.61
N VAL K 560 -11.59 -43.04 -62.73
CA VAL K 560 -10.39 -42.21 -62.75
C VAL K 560 -10.73 -40.77 -62.42
N GLU K 561 -11.88 -40.29 -62.87
CA GLU K 561 -12.30 -38.92 -62.59
C GLU K 561 -12.79 -38.73 -61.16
N GLY K 562 -12.64 -39.73 -60.29
CA GLY K 562 -13.08 -39.64 -58.92
C GLY K 562 -14.51 -40.07 -58.67
N ILE K 563 -15.24 -40.47 -59.72
CA ILE K 563 -16.61 -40.92 -59.54
C ILE K 563 -16.59 -42.29 -58.89
N LYS K 564 -17.41 -42.46 -57.85
CA LYS K 564 -17.53 -43.71 -57.13
C LYS K 564 -18.85 -44.38 -57.49
N LEU K 565 -18.80 -45.68 -57.73
CA LEU K 565 -19.97 -46.46 -58.12
C LEU K 565 -20.31 -47.42 -57.00
N ARG K 566 -21.57 -47.37 -56.56
CA ARG K 566 -22.02 -48.11 -55.39
C ARG K 566 -22.04 -49.62 -55.67
N GLY K 567 -21.90 -50.39 -54.60
CA GLY K 567 -21.92 -51.85 -54.68
C GLY K 567 -22.91 -52.48 -53.72
N ASP K 568 -23.68 -51.65 -53.02
CA ASP K 568 -24.65 -52.13 -52.05
C ASP K 568 -26.02 -52.27 -52.69
N ILE K 569 -26.89 -53.03 -52.03
CA ILE K 569 -28.24 -53.29 -52.50
C ILE K 569 -29.21 -52.95 -51.37
N ASN K 570 -30.32 -52.30 -51.72
CA ASN K 570 -31.36 -51.94 -50.77
C ASN K 570 -32.66 -52.62 -51.19
N ILE K 571 -33.49 -52.95 -50.20
CA ILE K 571 -34.70 -53.72 -50.46
C ILE K 571 -35.87 -53.09 -49.71
N CYS K 572 -37.04 -53.08 -50.37
CA CYS K 572 -38.28 -52.66 -49.73
C CYS K 572 -39.31 -53.77 -49.90
N VAL K 573 -39.98 -54.11 -48.81
CA VAL K 573 -41.05 -55.10 -48.80
C VAL K 573 -42.34 -54.36 -48.48
N VAL K 574 -43.30 -54.41 -49.40
CA VAL K 574 -44.54 -53.67 -49.31
C VAL K 574 -45.66 -54.65 -49.00
N GLY K 575 -46.49 -54.31 -48.02
CA GLY K 575 -47.62 -55.16 -47.68
C GLY K 575 -48.43 -54.53 -46.57
N ASP K 576 -49.69 -54.96 -46.51
CA ASP K 576 -50.61 -54.50 -45.47
C ASP K 576 -50.28 -55.18 -44.15
N PRO K 577 -50.77 -54.64 -43.03
CA PRO K 577 -50.38 -55.17 -41.72
C PRO K 577 -50.65 -56.66 -41.53
N SER K 578 -51.69 -57.20 -42.17
CA SER K 578 -52.06 -58.59 -41.96
C SER K 578 -51.03 -59.58 -42.49
N THR K 579 -50.06 -59.12 -43.27
CA THR K 579 -49.05 -60.01 -43.83
C THR K 579 -47.96 -60.30 -42.78
N SER K 580 -46.96 -61.08 -43.18
CA SER K 580 -45.91 -61.55 -42.29
C SER K 580 -44.55 -60.94 -42.66
N LYS K 581 -44.54 -59.68 -43.05
CA LYS K 581 -43.29 -59.05 -43.48
C LYS K 581 -42.31 -58.87 -42.33
N SER K 582 -42.81 -58.52 -41.13
CA SER K 582 -41.92 -58.21 -40.03
C SER K 582 -41.08 -59.41 -39.59
N GLN K 583 -41.53 -60.63 -39.89
CA GLN K 583 -40.75 -61.80 -39.54
C GLN K 583 -39.42 -61.82 -40.27
N PHE K 584 -39.40 -61.38 -41.53
CA PHE K 584 -38.14 -61.31 -42.25
C PHE K 584 -37.17 -60.35 -41.57
N LEU K 585 -37.67 -59.17 -41.16
CA LEU K 585 -36.81 -58.22 -40.46
C LEU K 585 -36.26 -58.82 -39.18
N LYS K 586 -37.12 -59.50 -38.41
CA LYS K 586 -36.66 -60.09 -37.16
C LYS K 586 -35.61 -61.16 -37.41
N TYR K 587 -35.83 -62.00 -38.41
CA TYR K 587 -34.83 -63.04 -38.72
C TYR K 587 -33.50 -62.41 -39.12
N VAL K 588 -33.54 -61.38 -39.97
CA VAL K 588 -32.31 -60.76 -40.43
C VAL K 588 -31.56 -60.13 -39.25
N VAL K 589 -32.28 -59.41 -38.39
CA VAL K 589 -31.61 -58.78 -37.26
C VAL K 589 -31.04 -59.83 -36.32
N GLY K 590 -31.73 -60.97 -36.16
CA GLY K 590 -31.23 -62.01 -35.30
C GLY K 590 -30.06 -62.78 -35.87
N PHE K 591 -29.93 -62.83 -37.19
CA PHE K 591 -28.90 -63.66 -37.83
C PHE K 591 -27.66 -62.87 -38.26
N ALA K 592 -27.84 -61.73 -38.91
CA ALA K 592 -26.73 -61.07 -39.56
C ALA K 592 -25.68 -60.62 -38.54
N PRO K 593 -24.41 -60.50 -38.95
CA PRO K 593 -23.36 -60.11 -38.00
C PRO K 593 -23.55 -58.71 -37.43
N ARG K 594 -23.65 -57.71 -38.31
CA ARG K 594 -23.80 -56.32 -37.90
C ARG K 594 -25.14 -55.81 -38.46
N SER K 595 -26.13 -55.75 -37.58
CA SER K 595 -27.47 -55.33 -37.94
C SER K 595 -28.11 -54.63 -36.75
N VAL K 596 -28.97 -53.66 -37.07
CA VAL K 596 -29.73 -52.91 -36.08
C VAL K 596 -31.16 -52.78 -36.56
N TYR K 597 -32.11 -53.09 -35.67
CA TYR K 597 -33.53 -53.02 -35.96
C TYR K 597 -34.10 -51.76 -35.34
N THR K 598 -34.96 -51.06 -36.08
CA THR K 598 -35.59 -49.86 -35.55
C THR K 598 -36.94 -49.66 -36.20
N SER K 599 -37.82 -48.98 -35.47
CA SER K 599 -39.16 -48.67 -35.91
C SER K 599 -39.25 -47.22 -36.38
N GLY K 600 -40.24 -46.95 -37.22
CA GLY K 600 -40.34 -45.63 -37.82
C GLY K 600 -40.61 -44.54 -36.79
N LYS K 601 -41.56 -44.78 -35.89
CA LYS K 601 -42.02 -43.74 -34.97
C LYS K 601 -41.27 -43.73 -33.65
N ALA K 602 -40.65 -44.85 -33.26
CA ALA K 602 -39.93 -44.93 -32.00
C ALA K 602 -38.48 -44.48 -32.11
N SER K 603 -38.14 -43.73 -33.15
CA SER K 603 -36.80 -43.24 -33.38
C SER K 603 -36.81 -41.72 -33.51
N SER K 604 -35.65 -41.15 -33.80
CA SER K 604 -35.52 -39.71 -33.94
C SER K 604 -34.27 -39.42 -34.78
N ALA K 605 -34.14 -38.16 -35.18
CA ALA K 605 -32.99 -37.75 -35.98
C ALA K 605 -31.69 -38.03 -35.25
N ALA K 606 -31.61 -37.66 -33.97
CA ALA K 606 -30.42 -37.96 -33.19
C ALA K 606 -30.23 -39.46 -33.03
N GLY K 607 -31.31 -40.21 -32.82
CA GLY K 607 -31.19 -41.65 -32.72
C GLY K 607 -30.54 -42.25 -33.95
N LEU K 608 -30.98 -41.82 -35.13
CA LEU K 608 -30.27 -42.13 -36.35
C LEU K 608 -29.06 -41.20 -36.48
N THR K 609 -28.23 -41.44 -37.49
CA THR K 609 -27.07 -40.58 -37.78
C THR K 609 -26.15 -40.62 -36.58
N ALA K 610 -26.00 -39.54 -35.81
CA ALA K 610 -25.08 -39.54 -34.69
C ALA K 610 -25.43 -38.37 -33.77
N ALA K 611 -24.71 -38.30 -32.65
CA ALA K 611 -24.80 -37.18 -31.74
C ALA K 611 -23.39 -36.86 -31.23
N VAL K 612 -23.23 -35.66 -30.66
CA VAL K 612 -21.96 -35.23 -30.11
C VAL K 612 -22.14 -35.00 -28.61
N VAL K 613 -21.42 -35.78 -27.81
CA VAL K 613 -21.39 -35.59 -26.36
C VAL K 613 -20.19 -34.72 -26.05
N ARG K 614 -20.41 -33.43 -25.84
CA ARG K 614 -19.33 -32.52 -25.52
C ARG K 614 -18.95 -32.55 -24.05
N ASP K 615 -19.77 -33.15 -23.20
CA ASP K 615 -19.51 -33.20 -21.76
C ASP K 615 -18.60 -34.36 -21.40
N GLU K 616 -17.46 -34.46 -22.07
CA GLU K 616 -16.43 -35.41 -21.67
C GLU K 616 -15.76 -34.86 -20.41
N GLU K 617 -15.91 -35.58 -19.30
CA GLU K 617 -15.57 -35.01 -18.01
C GLU K 617 -14.12 -34.59 -17.91
N GLY K 618 -13.24 -35.14 -18.74
CA GLY K 618 -11.82 -34.84 -18.64
C GLY K 618 -11.29 -33.91 -19.71
N GLY K 619 -12.07 -33.62 -20.74
CA GLY K 619 -11.57 -32.82 -21.83
C GLY K 619 -12.54 -32.57 -22.97
N ASP K 620 -12.04 -32.73 -24.20
CA ASP K 620 -12.78 -32.34 -25.40
C ASP K 620 -13.94 -33.29 -25.67
N TYR K 621 -14.71 -32.96 -26.71
CA TYR K 621 -15.94 -33.65 -27.03
C TYR K 621 -15.66 -35.10 -27.47
N THR K 622 -16.74 -35.82 -27.72
CA THR K 622 -16.69 -37.17 -28.26
C THR K 622 -17.95 -37.39 -29.09
N ILE K 623 -17.93 -38.41 -29.94
CA ILE K 623 -19.03 -38.70 -30.86
C ILE K 623 -19.73 -39.96 -30.39
N GLU K 624 -21.04 -39.87 -30.19
CA GLU K 624 -21.88 -41.03 -29.87
C GLU K 624 -22.56 -41.48 -31.15
N ALA K 625 -22.35 -42.74 -31.51
CA ALA K 625 -22.84 -43.28 -32.77
C ALA K 625 -24.35 -43.45 -32.74
N GLY K 626 -24.94 -43.46 -33.94
CA GLY K 626 -26.36 -43.66 -34.10
C GLY K 626 -26.67 -44.98 -34.79
N ALA K 627 -27.96 -45.17 -35.10
CA ALA K 627 -28.39 -46.41 -35.73
C ALA K 627 -27.73 -46.62 -37.08
N LEU K 628 -27.69 -45.58 -37.91
CA LEU K 628 -27.09 -45.72 -39.23
C LEU K 628 -25.61 -46.05 -39.13
N MET K 629 -24.88 -45.35 -38.26
CA MET K 629 -23.47 -45.65 -38.07
C MET K 629 -23.28 -47.09 -37.62
N LEU K 630 -24.08 -47.53 -36.64
CA LEU K 630 -24.11 -48.94 -36.30
C LEU K 630 -24.55 -49.74 -37.51
N ALA K 631 -23.97 -50.93 -37.66
CA ALA K 631 -24.19 -51.78 -38.82
C ALA K 631 -23.47 -51.26 -40.06
N ASP K 632 -22.44 -50.46 -39.89
CA ASP K 632 -21.62 -50.06 -41.02
C ASP K 632 -21.04 -51.29 -41.69
N ASN K 633 -21.10 -51.32 -43.03
CA ASN K 633 -20.83 -52.54 -43.78
C ASN K 633 -21.75 -53.67 -43.34
N GLY K 634 -22.91 -53.32 -42.82
CA GLY K 634 -23.90 -54.29 -42.37
C GLY K 634 -25.27 -53.95 -42.91
N ILE K 635 -26.32 -54.37 -42.19
CA ILE K 635 -27.69 -54.20 -42.65
C ILE K 635 -28.53 -53.55 -41.57
N CYS K 636 -29.29 -52.53 -41.95
CA CYS K 636 -30.19 -51.83 -41.05
C CYS K 636 -31.63 -52.17 -41.42
N CYS K 637 -32.40 -52.61 -40.44
CA CYS K 637 -33.80 -52.98 -40.63
C CYS K 637 -34.69 -51.83 -40.15
N ILE K 638 -35.55 -51.35 -41.05
CA ILE K 638 -36.42 -50.21 -40.78
C ILE K 638 -37.86 -50.67 -40.94
N ASP K 639 -38.54 -50.85 -39.81
CA ASP K 639 -39.96 -51.20 -39.83
C ASP K 639 -40.81 -49.93 -39.76
N GLU K 640 -42.04 -50.04 -40.25
CA GLU K 640 -42.95 -48.90 -40.32
C GLU K 640 -42.28 -47.74 -41.08
N PHE K 641 -41.62 -48.08 -42.19
CA PHE K 641 -40.84 -47.08 -42.92
C PHE K 641 -41.67 -45.89 -43.34
N ASP K 642 -42.96 -46.09 -43.59
CA ASP K 642 -43.81 -45.03 -44.13
C ASP K 642 -44.07 -43.90 -43.15
N LYS K 643 -43.76 -44.08 -41.87
CA LYS K 643 -44.01 -43.05 -40.85
C LYS K 643 -42.82 -42.14 -40.62
N MET K 644 -41.70 -42.35 -41.31
CA MET K 644 -40.52 -41.55 -41.06
C MET K 644 -40.73 -40.12 -41.55
N ASP K 645 -40.12 -39.17 -40.85
CA ASP K 645 -40.36 -37.75 -41.09
C ASP K 645 -39.51 -37.26 -42.27
N ILE K 646 -39.73 -36.01 -42.67
CA ILE K 646 -38.95 -35.46 -43.77
C ILE K 646 -37.48 -35.36 -43.40
N SER K 647 -37.18 -34.95 -42.17
CA SER K 647 -35.79 -34.75 -41.77
C SER K 647 -35.00 -36.05 -41.83
N ASP K 648 -35.50 -37.10 -41.17
CA ASP K 648 -34.77 -38.37 -41.18
C ASP K 648 -34.84 -39.04 -42.54
N GLN K 649 -35.90 -38.79 -43.31
CA GLN K 649 -35.91 -39.26 -44.69
C GLN K 649 -34.77 -38.63 -45.49
N VAL K 650 -34.55 -37.33 -45.29
CA VAL K 650 -33.44 -36.64 -45.96
C VAL K 650 -32.11 -37.21 -45.49
N ALA K 651 -31.99 -37.51 -44.19
CA ALA K 651 -30.76 -38.09 -43.68
C ALA K 651 -30.47 -39.43 -44.35
N ILE K 652 -31.49 -40.28 -44.46
CA ILE K 652 -31.32 -41.58 -45.11
C ILE K 652 -30.99 -41.39 -46.59
N HIS K 653 -31.63 -40.40 -47.22
CA HIS K 653 -31.32 -40.08 -48.60
C HIS K 653 -29.84 -39.74 -48.77
N GLU K 654 -29.33 -38.85 -47.92
CA GLU K 654 -27.91 -38.51 -47.98
C GLU K 654 -27.05 -39.76 -47.77
N ALA K 655 -27.46 -40.62 -46.84
CA ALA K 655 -26.71 -41.85 -46.57
C ALA K 655 -26.61 -42.70 -47.84
N MET K 656 -27.70 -42.83 -48.59
CA MET K 656 -27.63 -43.62 -49.81
C MET K 656 -26.83 -42.90 -50.90
N GLU K 657 -27.02 -41.59 -51.05
CA GLU K 657 -26.27 -40.86 -52.07
C GLU K 657 -24.77 -40.99 -51.84
N GLN K 658 -24.27 -40.44 -50.74
CA GLN K 658 -22.88 -40.62 -50.35
C GLN K 658 -22.86 -41.36 -49.03
N GLN K 659 -21.85 -42.21 -48.85
CA GLN K 659 -21.79 -43.09 -47.69
C GLN K 659 -21.27 -42.31 -46.47
N THR K 660 -21.87 -41.14 -46.25
CA THR K 660 -21.39 -40.22 -45.24
C THR K 660 -22.56 -39.51 -44.59
N ILE K 661 -22.37 -39.16 -43.32
CA ILE K 661 -23.25 -38.27 -42.57
C ILE K 661 -22.43 -37.06 -42.16
N SER K 662 -22.97 -35.88 -42.38
CA SER K 662 -22.34 -34.62 -41.99
C SER K 662 -22.98 -34.14 -40.70
N ILE K 663 -22.17 -34.03 -39.65
CA ILE K 663 -22.62 -33.57 -38.34
C ILE K 663 -22.15 -32.15 -38.16
N ALA K 664 -23.06 -31.25 -37.81
CA ALA K 664 -22.74 -29.84 -37.55
C ALA K 664 -23.61 -29.38 -36.38
N LYS K 665 -23.06 -29.48 -35.17
CA LYS K 665 -23.76 -29.05 -33.97
C LYS K 665 -22.76 -28.48 -32.98
N ALA K 666 -23.22 -27.56 -32.14
CA ALA K 666 -22.40 -26.96 -31.09
C ALA K 666 -21.06 -26.48 -31.63
N GLY K 667 -21.06 -26.06 -32.89
CA GLY K 667 -19.84 -25.60 -33.54
C GLY K 667 -18.87 -26.69 -33.90
N ILE K 668 -19.27 -27.96 -33.81
CA ILE K 668 -18.41 -29.08 -34.15
C ILE K 668 -18.86 -29.63 -35.50
N HIS K 669 -17.92 -29.79 -36.41
CA HIS K 669 -18.18 -30.35 -37.74
C HIS K 669 -17.50 -31.70 -37.85
N ALA K 670 -18.15 -32.63 -38.55
CA ALA K 670 -17.59 -33.97 -38.69
C ALA K 670 -18.27 -34.68 -39.85
N THR K 671 -17.59 -35.71 -40.34
CA THR K 671 -18.09 -36.59 -41.40
C THR K 671 -17.89 -38.03 -40.96
N LEU K 672 -18.94 -38.85 -41.07
CA LEU K 672 -18.92 -40.19 -40.52
C LEU K 672 -19.40 -41.20 -41.56
N ASN K 673 -18.73 -42.34 -41.64
CA ASN K 673 -19.02 -43.32 -42.68
C ASN K 673 -20.31 -44.08 -42.37
N ALA K 674 -21.06 -44.38 -43.43
CA ALA K 674 -22.32 -45.14 -43.32
C ALA K 674 -22.47 -46.11 -44.49
N ARG K 675 -21.41 -46.86 -44.80
CA ARG K 675 -21.46 -47.84 -45.88
C ARG K 675 -22.33 -49.00 -45.40
N THR K 676 -23.64 -48.88 -45.63
CA THR K 676 -24.62 -49.79 -45.08
C THR K 676 -25.57 -50.27 -46.17
N SER K 677 -26.38 -51.27 -45.83
CA SER K 677 -27.50 -51.71 -46.64
C SER K 677 -28.78 -51.52 -45.85
N ILE K 678 -29.88 -51.28 -46.57
CA ILE K 678 -31.15 -50.95 -45.94
C ILE K 678 -32.20 -51.98 -46.34
N LEU K 679 -32.90 -52.52 -45.35
CA LEU K 679 -34.04 -53.41 -45.54
C LEU K 679 -35.24 -52.73 -44.89
N ALA K 680 -36.17 -52.25 -45.70
CA ALA K 680 -37.29 -51.46 -45.23
C ALA K 680 -38.60 -52.22 -45.44
N ALA K 681 -39.52 -52.04 -44.49
CA ALA K 681 -40.86 -52.60 -44.58
C ALA K 681 -41.86 -51.45 -44.66
N ALA K 682 -42.76 -51.50 -45.63
CA ALA K 682 -43.68 -50.41 -45.91
C ALA K 682 -45.11 -50.93 -46.05
N ASN K 683 -46.06 -50.08 -45.67
CA ASN K 683 -47.48 -50.37 -45.78
C ASN K 683 -48.12 -49.52 -46.87
N PRO K 684 -49.17 -50.03 -47.53
CA PRO K 684 -49.88 -49.19 -48.50
C PRO K 684 -50.43 -47.94 -47.85
N VAL K 685 -50.47 -46.86 -48.63
CA VAL K 685 -50.91 -45.57 -48.09
C VAL K 685 -52.33 -45.68 -47.55
N GLY K 686 -53.20 -46.39 -48.25
CA GLY K 686 -54.59 -46.54 -47.86
C GLY K 686 -54.89 -47.75 -47.00
N GLY K 687 -53.89 -48.39 -46.42
CA GLY K 687 -54.10 -49.58 -45.62
C GLY K 687 -54.03 -50.84 -46.45
N ARG K 688 -54.75 -50.86 -47.57
CA ARG K 688 -54.73 -51.97 -48.50
C ARG K 688 -54.08 -51.54 -49.81
N TYR K 689 -53.37 -52.46 -50.44
CA TYR K 689 -52.69 -52.18 -51.70
C TYR K 689 -53.73 -52.17 -52.81
N ASN K 690 -54.19 -50.98 -53.18
CA ASN K 690 -55.13 -50.84 -54.29
C ASN K 690 -54.43 -51.24 -55.58
N ARG K 691 -54.78 -52.42 -56.10
CA ARG K 691 -54.13 -52.92 -57.30
C ARG K 691 -54.44 -52.10 -58.54
N LYS K 692 -55.47 -51.25 -58.49
CA LYS K 692 -55.79 -50.40 -59.64
C LYS K 692 -54.74 -49.32 -59.88
N LEU K 693 -54.13 -48.81 -58.82
CA LEU K 693 -53.15 -47.73 -58.92
C LEU K 693 -51.75 -48.30 -59.12
N SER K 694 -50.80 -47.41 -59.36
CA SER K 694 -49.41 -47.78 -59.54
C SER K 694 -48.68 -47.73 -58.19
N LEU K 695 -47.43 -48.21 -58.19
CA LEU K 695 -46.66 -48.22 -56.95
C LEU K 695 -46.43 -46.80 -56.44
N ARG K 696 -46.13 -45.86 -57.33
CA ARG K 696 -45.95 -44.48 -56.91
C ARG K 696 -47.23 -43.92 -56.30
N GLY K 697 -48.38 -44.31 -56.83
CA GLY K 697 -49.64 -43.87 -56.26
C GLY K 697 -50.00 -44.56 -54.96
N ASN K 698 -49.44 -45.75 -54.71
CA ASN K 698 -49.73 -46.50 -53.50
C ASN K 698 -48.80 -46.15 -52.34
N LEU K 699 -47.56 -45.79 -52.61
CA LEU K 699 -46.60 -45.51 -51.55
C LEU K 699 -46.66 -44.04 -51.12
N ASN K 700 -45.93 -43.73 -50.05
CA ASN K 700 -45.86 -42.39 -49.48
C ASN K 700 -44.46 -41.81 -49.53
N MET K 701 -43.45 -42.61 -49.90
CA MET K 701 -42.08 -42.15 -49.92
C MET K 701 -41.91 -40.99 -50.90
N THR K 702 -40.77 -40.32 -50.80
CA THR K 702 -40.43 -39.23 -51.70
C THR K 702 -39.64 -39.77 -52.89
N ALA K 703 -39.82 -39.12 -54.04
CA ALA K 703 -39.23 -39.61 -55.28
C ALA K 703 -37.73 -39.86 -55.16
N PRO K 704 -36.93 -38.97 -54.56
CA PRO K 704 -35.49 -39.24 -54.49
C PRO K 704 -35.15 -40.55 -53.81
N ILE K 705 -35.66 -40.78 -52.60
CA ILE K 705 -35.38 -42.04 -51.91
C ILE K 705 -35.99 -43.21 -52.68
N MET K 706 -37.21 -43.05 -53.20
CA MET K 706 -37.86 -44.14 -53.91
C MET K 706 -37.04 -44.60 -55.12
N SER K 707 -36.35 -43.67 -55.78
CA SER K 707 -35.62 -44.01 -56.98
C SER K 707 -34.44 -44.94 -56.72
N ARG K 708 -33.89 -44.97 -55.51
CA ARG K 708 -32.70 -45.74 -55.22
C ARG K 708 -33.00 -47.10 -54.61
N PHE K 709 -34.26 -47.44 -54.39
CA PHE K 709 -34.64 -48.78 -53.97
C PHE K 709 -34.76 -49.66 -55.21
N ASP K 710 -33.73 -50.46 -55.46
CA ASP K 710 -33.68 -51.27 -56.67
C ASP K 710 -34.54 -52.52 -56.60
N LEU K 711 -35.01 -52.90 -55.42
CA LEU K 711 -35.91 -54.04 -55.28
C LEU K 711 -37.13 -53.66 -54.46
N PHE K 712 -38.31 -53.81 -55.08
CA PHE K 712 -39.60 -53.62 -54.43
C PHE K 712 -40.34 -54.95 -54.53
N PHE K 713 -40.63 -55.56 -53.38
CA PHE K 713 -41.35 -56.82 -53.33
C PHE K 713 -42.71 -56.57 -52.68
N VAL K 714 -43.77 -56.61 -53.49
CA VAL K 714 -45.13 -56.41 -53.01
C VAL K 714 -45.71 -57.79 -52.72
N ILE K 715 -46.18 -57.99 -51.49
CA ILE K 715 -46.74 -59.26 -51.06
C ILE K 715 -48.25 -59.12 -50.93
N LEU K 716 -48.99 -60.07 -51.47
CA LEU K 716 -50.44 -60.01 -51.56
C LEU K 716 -51.04 -61.37 -51.23
N ASP K 717 -52.33 -61.36 -50.91
CA ASP K 717 -53.05 -62.54 -50.43
C ASP K 717 -53.78 -63.20 -51.58
N ASP K 718 -53.62 -64.52 -51.71
CA ASP K 718 -54.35 -65.32 -52.67
C ASP K 718 -55.07 -66.44 -51.92
N CYS K 719 -56.38 -66.54 -52.14
CA CYS K 719 -57.21 -67.51 -51.44
C CYS K 719 -57.24 -68.82 -52.22
N ASN K 720 -56.76 -69.89 -51.59
CA ASN K 720 -56.73 -71.19 -52.23
C ASN K 720 -56.72 -72.27 -51.15
N GLU K 721 -57.53 -73.30 -51.36
CA GLU K 721 -57.78 -74.27 -50.29
C GLU K 721 -56.53 -75.06 -49.92
N LYS K 722 -55.79 -75.54 -50.92
CA LYS K 722 -54.59 -76.32 -50.61
C LYS K 722 -53.55 -75.46 -49.89
N ILE K 723 -53.37 -74.22 -50.34
CA ILE K 723 -52.44 -73.33 -49.66
C ILE K 723 -52.89 -73.09 -48.22
N ASP K 724 -54.18 -72.86 -48.01
CA ASP K 724 -54.69 -72.61 -46.67
C ASP K 724 -54.43 -73.80 -45.76
N THR K 725 -54.75 -75.01 -46.23
CA THR K 725 -54.56 -76.18 -45.39
C THR K 725 -53.08 -76.42 -45.11
N GLU K 726 -52.21 -76.21 -46.09
CA GLU K 726 -50.78 -76.37 -45.86
C GLU K 726 -50.28 -75.38 -44.82
N LEU K 727 -50.72 -74.11 -44.93
CA LEU K 727 -50.28 -73.10 -43.97
C LEU K 727 -50.76 -73.44 -42.56
N ALA K 728 -52.02 -73.85 -42.43
CA ALA K 728 -52.54 -74.21 -41.12
C ALA K 728 -51.78 -75.41 -40.55
N SER K 729 -51.51 -76.41 -41.39
CA SER K 729 -50.73 -77.56 -40.93
C SER K 729 -49.36 -77.13 -40.44
N HIS K 730 -48.70 -76.24 -41.18
CA HIS K 730 -47.37 -75.79 -40.76
C HIS K 730 -47.42 -75.07 -39.43
N ILE K 731 -48.38 -74.16 -39.26
CA ILE K 731 -48.45 -73.40 -38.01
C ILE K 731 -48.74 -74.33 -36.84
N VAL K 732 -49.69 -75.25 -37.02
CA VAL K 732 -50.01 -76.17 -35.93
C VAL K 732 -48.84 -77.09 -35.64
N ASP K 733 -48.09 -77.49 -36.68
CA ASP K 733 -46.89 -78.29 -36.46
C ASP K 733 -45.89 -77.53 -35.60
N LEU K 734 -45.66 -76.25 -35.91
CA LEU K 734 -44.76 -75.47 -35.09
C LEU K 734 -45.22 -75.36 -33.65
N HIS K 735 -46.51 -75.08 -33.43
CA HIS K 735 -47.00 -74.95 -32.06
C HIS K 735 -46.94 -76.27 -31.28
N MET K 736 -47.33 -77.39 -31.90
CA MET K 736 -47.36 -78.66 -31.21
C MET K 736 -45.97 -79.22 -30.98
N LYS K 737 -45.12 -79.21 -32.01
CA LYS K 737 -43.80 -79.83 -31.95
C LYS K 737 -42.69 -78.87 -31.58
N ARG K 738 -42.89 -77.56 -31.77
CA ARG K 738 -41.90 -76.57 -31.41
C ARG K 738 -40.65 -76.74 -32.28
N ASP K 739 -39.47 -76.78 -31.65
CA ASP K 739 -38.23 -76.78 -32.42
C ASP K 739 -38.09 -77.98 -33.35
N GLU K 740 -38.83 -79.05 -33.10
CA GLU K 740 -38.64 -80.27 -33.87
C GLU K 740 -38.94 -80.05 -35.34
N ALA K 741 -40.04 -79.36 -35.66
CA ALA K 741 -40.51 -79.24 -37.04
C ALA K 741 -39.93 -77.98 -37.69
N ILE K 742 -38.61 -78.00 -37.85
CA ILE K 742 -37.90 -76.92 -38.53
C ILE K 742 -37.04 -77.51 -39.65
N GLU K 743 -36.20 -78.50 -39.29
CA GLU K 743 -35.39 -79.29 -40.22
C GLU K 743 -34.90 -78.49 -41.43
N PRO K 744 -34.07 -77.47 -41.23
CA PRO K 744 -33.49 -76.76 -42.38
C PRO K 744 -32.25 -77.48 -42.88
N PRO K 745 -31.93 -77.34 -44.18
CA PRO K 745 -30.75 -78.05 -44.70
C PRO K 745 -29.44 -77.65 -44.04
N PHE K 746 -29.30 -76.38 -43.65
CA PHE K 746 -28.06 -75.87 -43.07
C PHE K 746 -28.36 -75.10 -41.79
N SER K 747 -27.37 -75.06 -40.91
CA SER K 747 -27.48 -74.38 -39.63
C SER K 747 -26.87 -72.98 -39.69
N ALA K 748 -27.11 -72.21 -38.63
CA ALA K 748 -26.69 -70.82 -38.62
C ALA K 748 -25.18 -70.69 -38.71
N GLU K 749 -24.44 -71.51 -37.96
CA GLU K 749 -22.98 -71.42 -37.98
C GLU K 749 -22.44 -71.76 -39.36
N GLN K 750 -22.98 -72.81 -39.98
CA GLN K 750 -22.54 -73.17 -41.33
C GLN K 750 -22.84 -72.04 -42.31
N LEU K 751 -24.03 -71.45 -42.22
CA LEU K 751 -24.40 -70.38 -43.13
C LEU K 751 -23.48 -69.17 -42.95
N ARG K 752 -23.19 -68.81 -41.70
CA ARG K 752 -22.31 -67.67 -41.45
C ARG K 752 -20.91 -67.93 -41.98
N ARG K 753 -20.39 -69.14 -41.76
CA ARG K 753 -19.07 -69.47 -42.29
C ARG K 753 -19.06 -69.35 -43.81
N TYR K 754 -20.08 -69.90 -44.47
CA TYR K 754 -20.15 -69.85 -45.93
C TYR K 754 -20.22 -68.41 -46.42
N ILE K 755 -21.04 -67.59 -45.79
CA ILE K 755 -21.16 -66.19 -46.22
C ILE K 755 -19.84 -65.45 -46.03
N LYS K 756 -19.20 -65.66 -44.88
CA LYS K 756 -17.92 -65.00 -44.64
C LYS K 756 -16.91 -65.38 -45.71
N TYR K 757 -16.82 -66.67 -46.04
CA TYR K 757 -15.86 -67.10 -47.06
C TYR K 757 -16.22 -66.49 -48.41
N ALA K 758 -17.50 -66.53 -48.78
CA ALA K 758 -17.91 -66.11 -50.11
C ALA K 758 -17.84 -64.60 -50.29
N ARG K 759 -17.83 -63.83 -49.21
CA ARG K 759 -17.83 -62.37 -49.32
C ARG K 759 -16.50 -61.80 -49.83
N THR K 760 -15.52 -62.59 -50.28
CA THR K 760 -14.19 -62.09 -50.60
C THR K 760 -13.68 -62.63 -51.93
N PHE K 761 -14.49 -62.55 -52.99
CA PHE K 761 -14.11 -63.07 -54.30
C PHE K 761 -14.02 -61.99 -55.37
N LYS K 762 -14.88 -60.99 -55.33
CA LYS K 762 -14.76 -59.81 -56.17
C LYS K 762 -14.88 -60.21 -57.64
N PRO K 763 -16.04 -60.70 -58.08
CA PRO K 763 -16.12 -61.26 -59.44
C PRO K 763 -15.92 -60.20 -60.53
N ILE K 764 -15.84 -60.67 -61.77
CA ILE K 764 -15.58 -59.84 -62.93
C ILE K 764 -16.49 -60.28 -64.07
N LEU K 765 -16.76 -59.35 -64.99
CA LEU K 765 -17.61 -59.63 -66.14
C LEU K 765 -16.83 -60.37 -67.22
N THR K 766 -17.56 -60.76 -68.27
CA THR K 766 -16.99 -61.51 -69.38
C THR K 766 -17.35 -60.84 -70.71
N LYS K 767 -16.48 -61.06 -71.69
CA LYS K 767 -16.68 -60.47 -73.01
C LYS K 767 -17.97 -61.01 -73.64
N GLU K 768 -18.18 -62.32 -73.59
CA GLU K 768 -19.45 -62.88 -74.04
C GLU K 768 -20.62 -62.34 -73.25
N ALA K 769 -20.42 -62.05 -71.96
CA ALA K 769 -21.49 -61.58 -71.09
C ALA K 769 -21.90 -60.15 -71.38
N ARG K 770 -20.98 -59.30 -71.84
CA ARG K 770 -21.34 -57.89 -72.05
C ARG K 770 -22.44 -57.75 -73.08
N SER K 771 -22.27 -58.38 -74.25
CA SER K 771 -23.28 -58.29 -75.30
C SER K 771 -24.60 -58.92 -74.85
N TYR K 772 -24.53 -60.03 -74.12
CA TYR K 772 -25.75 -60.66 -73.64
C TYR K 772 -26.50 -59.73 -72.69
N LEU K 773 -25.78 -59.04 -71.81
CA LEU K 773 -26.42 -58.07 -70.91
C LEU K 773 -27.04 -56.93 -71.70
N VAL K 774 -26.35 -56.43 -72.73
CA VAL K 774 -26.92 -55.38 -73.55
C VAL K 774 -28.22 -55.83 -74.19
N GLU K 775 -28.22 -57.05 -74.74
CA GLU K 775 -29.43 -57.58 -75.37
C GLU K 775 -30.54 -57.74 -74.35
N LYS K 776 -30.21 -58.20 -73.14
CA LYS K 776 -31.23 -58.38 -72.11
C LYS K 776 -31.85 -57.05 -71.72
N TYR K 777 -31.03 -56.01 -71.54
CA TYR K 777 -31.57 -54.71 -71.21
C TYR K 777 -32.44 -54.18 -72.35
N LYS K 778 -32.00 -54.40 -73.59
CA LYS K 778 -32.82 -54.01 -74.74
C LYS K 778 -34.18 -54.69 -74.69
N GLU K 779 -34.20 -56.00 -74.45
CA GLU K 779 -35.44 -56.74 -74.39
C GLU K 779 -36.33 -56.20 -73.27
N LEU K 780 -35.75 -55.94 -72.10
CA LEU K 780 -36.54 -55.49 -70.97
C LEU K 780 -37.14 -54.11 -71.24
N ARG K 781 -36.36 -53.21 -71.83
CA ARG K 781 -36.91 -51.90 -72.21
C ARG K 781 -38.02 -52.04 -73.23
N LYS K 782 -37.83 -52.90 -74.24
CA LYS K 782 -38.87 -53.09 -75.25
C LYS K 782 -40.15 -53.60 -74.62
N ASP K 783 -40.03 -54.58 -73.72
CA ASP K 783 -41.20 -55.11 -73.04
C ASP K 783 -41.89 -54.03 -72.21
N ASP K 784 -41.10 -53.22 -71.51
CA ASP K 784 -41.69 -52.14 -70.71
C ASP K 784 -42.45 -51.15 -71.58
N ALA K 785 -41.90 -50.83 -72.75
CA ALA K 785 -42.53 -49.88 -73.66
C ALA K 785 -43.98 -50.26 -73.93
N SER K 791 -47.34 -50.62 -66.82
CA SER K 791 -46.90 -51.46 -65.72
C SER K 791 -46.76 -50.63 -64.44
N SER K 792 -46.14 -51.23 -63.42
CA SER K 792 -46.01 -50.55 -62.14
C SER K 792 -45.17 -49.28 -62.27
N TYR K 793 -44.04 -49.37 -62.97
CA TYR K 793 -43.15 -48.22 -63.12
C TYR K 793 -42.22 -48.48 -64.29
N ARG K 794 -41.81 -47.40 -64.95
CA ARG K 794 -40.99 -47.51 -66.14
C ARG K 794 -39.58 -48.00 -65.80
N ILE K 795 -38.75 -48.11 -66.84
CA ILE K 795 -37.40 -48.65 -66.73
C ILE K 795 -36.42 -47.60 -67.22
N THR K 796 -35.28 -47.49 -66.54
CA THR K 796 -34.23 -46.55 -66.91
C THR K 796 -32.88 -47.23 -66.72
N VAL K 797 -31.81 -46.46 -66.88
CA VAL K 797 -30.46 -47.00 -66.76
C VAL K 797 -30.19 -47.49 -65.34
N ARG K 798 -30.94 -46.95 -64.37
CA ARG K 798 -30.80 -47.43 -63.00
C ARG K 798 -31.10 -48.92 -62.92
N GLN K 799 -32.09 -49.37 -63.69
CA GLN K 799 -32.39 -50.80 -63.73
C GLN K 799 -31.23 -51.61 -64.30
N LEU K 800 -30.56 -51.10 -65.33
CA LEU K 800 -29.39 -51.80 -65.87
C LEU K 800 -28.29 -51.89 -64.82
N GLU K 801 -28.05 -50.80 -64.10
CA GLU K 801 -27.03 -50.83 -63.05
C GLU K 801 -27.40 -51.85 -61.97
N SER K 802 -28.67 -51.86 -61.57
CA SER K 802 -29.12 -52.84 -60.59
C SER K 802 -28.96 -54.26 -61.12
N MET K 803 -29.22 -54.46 -62.41
CA MET K 803 -29.03 -55.79 -63.00
C MET K 803 -27.58 -56.22 -62.91
N ILE K 804 -26.65 -55.32 -63.20
CA ILE K 804 -25.23 -55.64 -63.07
C ILE K 804 -24.92 -56.03 -61.63
N ARG K 805 -25.41 -55.22 -60.68
CA ARG K 805 -25.14 -55.47 -59.27
C ARG K 805 -25.65 -56.84 -58.85
N LEU K 806 -26.90 -57.15 -59.19
CA LEU K 806 -27.48 -58.44 -58.82
C LEU K 806 -26.74 -59.59 -59.48
N SER K 807 -26.37 -59.44 -60.75
CA SER K 807 -25.65 -60.51 -61.43
C SER K 807 -24.33 -60.80 -60.74
N GLU K 808 -23.58 -59.76 -60.39
CA GLU K 808 -22.30 -59.99 -59.73
C GLU K 808 -22.51 -60.56 -58.33
N ALA K 809 -23.58 -60.15 -57.65
CA ALA K 809 -23.88 -60.74 -56.35
C ALA K 809 -24.19 -62.23 -56.49
N ILE K 810 -24.92 -62.62 -57.53
CA ILE K 810 -25.21 -64.03 -57.76
C ILE K 810 -23.92 -64.78 -58.02
N ALA K 811 -23.02 -64.20 -58.82
CA ALA K 811 -21.73 -64.84 -59.06
C ALA K 811 -20.97 -65.06 -57.75
N ARG K 812 -20.94 -64.03 -56.90
CA ARG K 812 -20.29 -64.19 -55.60
C ARG K 812 -20.95 -65.30 -54.79
N ALA K 813 -22.28 -65.34 -54.79
CA ALA K 813 -22.99 -66.36 -54.02
C ALA K 813 -22.64 -67.76 -54.51
N ASN K 814 -22.58 -67.96 -55.82
CA ASN K 814 -22.17 -69.24 -56.38
C ASN K 814 -20.67 -69.48 -56.25
N CYS K 815 -19.91 -68.48 -55.80
CA CYS K 815 -18.49 -68.64 -55.50
C CYS K 815 -17.69 -68.91 -56.77
N VAL K 816 -17.87 -68.04 -57.76
CA VAL K 816 -17.09 -68.06 -58.99
C VAL K 816 -16.57 -66.65 -59.23
N ASP K 817 -15.41 -66.56 -59.89
CA ASP K 817 -14.73 -65.30 -60.08
C ASP K 817 -15.16 -64.58 -61.35
N GLU K 818 -16.08 -65.14 -62.13
CA GLU K 818 -16.54 -64.53 -63.37
C GLU K 818 -18.03 -64.72 -63.53
N ILE K 819 -18.70 -63.67 -64.02
CA ILE K 819 -20.13 -63.74 -64.28
C ILE K 819 -20.36 -64.46 -65.61
N THR K 820 -21.48 -65.17 -65.71
CA THR K 820 -21.81 -65.97 -66.87
C THR K 820 -23.23 -65.67 -67.35
N PRO K 821 -23.55 -66.01 -68.60
CA PRO K 821 -24.90 -65.73 -69.11
C PRO K 821 -25.99 -66.40 -68.29
N SER K 822 -25.74 -67.58 -67.71
CA SER K 822 -26.75 -68.22 -66.88
C SER K 822 -27.09 -67.35 -65.67
N PHE K 823 -26.07 -66.83 -64.99
CA PHE K 823 -26.32 -65.96 -63.84
C PHE K 823 -26.96 -64.66 -64.27
N ILE K 824 -26.57 -64.14 -65.44
CA ILE K 824 -27.19 -62.92 -65.94
C ILE K 824 -28.68 -63.14 -66.17
N ALA K 825 -29.04 -64.27 -66.79
CA ALA K 825 -30.44 -64.58 -67.01
C ALA K 825 -31.17 -64.77 -65.67
N GLU K 826 -30.52 -65.40 -64.71
CA GLU K 826 -31.13 -65.55 -63.38
C GLU K 826 -31.46 -64.19 -62.79
N ALA K 827 -30.49 -63.27 -62.83
CA ALA K 827 -30.72 -61.94 -62.28
C ALA K 827 -31.83 -61.21 -63.03
N TYR K 828 -31.84 -61.32 -64.36
CA TYR K 828 -32.86 -60.65 -65.15
C TYR K 828 -34.25 -61.20 -64.82
N ASP K 829 -34.37 -62.51 -64.69
CA ASP K 829 -35.66 -63.09 -64.34
C ASP K 829 -36.10 -62.65 -62.95
N LEU K 830 -35.18 -62.65 -62.00
CA LEU K 830 -35.52 -62.18 -60.65
C LEU K 830 -36.04 -60.75 -60.70
N LEU K 831 -35.33 -59.87 -61.40
CA LEU K 831 -35.74 -58.48 -61.47
C LEU K 831 -37.09 -58.33 -62.15
N ARG K 832 -37.29 -59.06 -63.25
CA ARG K 832 -38.52 -58.92 -64.01
C ARG K 832 -39.73 -59.40 -63.22
N GLN K 833 -39.60 -60.53 -62.53
CA GLN K 833 -40.75 -61.07 -61.80
C GLN K 833 -41.23 -60.13 -60.70
N SER K 834 -40.35 -59.31 -60.14
CA SER K 834 -40.72 -58.42 -59.04
C SER K 834 -41.71 -57.33 -59.46
N ILE K 835 -41.82 -57.05 -60.76
CA ILE K 835 -42.77 -56.04 -61.25
C ILE K 835 -44.10 -56.71 -61.53
N ILE K 836 -45.18 -56.08 -61.10
CA ILE K 836 -46.51 -56.61 -61.26
C ILE K 836 -47.24 -55.83 -62.34
N ARG K 837 -48.42 -56.31 -62.72
CA ARG K 837 -49.24 -55.67 -63.74
C ARG K 837 -50.36 -54.88 -63.09
N VAL K 838 -50.67 -53.73 -63.68
CA VAL K 838 -51.78 -52.90 -63.21
C VAL K 838 -53.06 -53.37 -63.90
N ASP K 839 -54.06 -53.71 -63.08
CA ASP K 839 -55.35 -54.15 -63.60
C ASP K 839 -56.22 -52.94 -63.92
N VAL K 840 -56.91 -53.01 -65.05
CA VAL K 840 -57.77 -51.92 -65.51
C VAL K 840 -59.14 -52.50 -65.84
N ASP K 841 -60.14 -51.62 -65.83
CA ASP K 841 -61.51 -52.03 -66.11
C ASP K 841 -61.68 -52.32 -67.60
N ASP K 842 -62.76 -53.03 -67.92
CA ASP K 842 -63.06 -53.43 -69.29
C ASP K 842 -61.90 -54.21 -69.89
N ALA L 3 -23.50 10.96 21.68
CA ALA L 3 -22.78 9.70 21.54
C ALA L 3 -23.36 8.88 20.40
N ALA L 4 -22.67 7.80 20.04
CA ALA L 4 -23.19 6.89 19.03
C ALA L 4 -24.37 6.10 19.59
N LEU L 5 -25.35 5.85 18.74
CA LEU L 5 -26.56 5.15 19.16
C LEU L 5 -27.26 5.95 20.25
N PRO L 6 -27.79 7.13 19.93
CA PRO L 6 -28.50 7.92 20.94
C PRO L 6 -29.76 7.22 21.40
N SER L 7 -30.44 7.85 22.35
CA SER L 7 -31.68 7.34 22.90
C SER L 7 -32.82 8.32 22.62
N ILE L 8 -34.03 7.77 22.55
CA ILE L 8 -35.23 8.56 22.28
C ILE L 8 -36.30 8.17 23.30
N GLN L 9 -37.27 9.05 23.46
CA GLN L 9 -38.34 8.88 24.45
C GLN L 9 -39.65 8.67 23.72
N LEU L 10 -40.41 7.67 24.13
CA LEU L 10 -41.69 7.32 23.53
C LEU L 10 -42.77 7.24 24.61
N PRO L 11 -44.04 7.43 24.24
CA PRO L 11 -45.15 7.33 25.20
C PRO L 11 -45.66 5.90 25.38
N VAL L 12 -44.74 4.97 25.62
CA VAL L 12 -45.05 3.56 25.76
C VAL L 12 -44.31 3.03 26.99
N ASP L 13 -45.06 2.42 27.91
CA ASP L 13 -44.49 1.80 29.11
C ASP L 13 -44.94 0.35 29.14
N TYR L 14 -43.97 -0.58 29.17
CA TYR L 14 -44.29 -1.99 29.07
C TYR L 14 -44.68 -2.63 30.39
N ASN L 15 -44.20 -2.11 31.52
CA ASN L 15 -44.57 -2.70 32.80
C ASN L 15 -46.05 -2.51 33.10
N ASN L 16 -46.58 -1.31 32.86
CA ASN L 16 -48.00 -1.08 33.02
C ASN L 16 -48.80 -2.01 32.14
N LEU L 17 -48.39 -2.15 30.88
CA LEU L 17 -49.09 -3.03 29.96
C LEU L 17 -49.05 -4.48 30.43
N PHE L 18 -47.91 -4.94 30.92
CA PHE L 18 -47.82 -6.32 31.39
C PHE L 18 -48.74 -6.56 32.57
N ASN L 19 -48.76 -5.61 33.52
CA ASN L 19 -49.67 -5.75 34.65
C ASN L 19 -51.12 -5.80 34.17
N GLU L 20 -51.47 -4.94 33.20
CA GLU L 20 -52.82 -4.94 32.67
C GLU L 20 -53.14 -6.27 31.98
N ILE L 21 -52.17 -6.84 31.26
CA ILE L 21 -52.37 -8.13 30.62
C ILE L 21 -52.66 -9.20 31.67
N THR L 22 -51.89 -9.22 32.74
CA THR L 22 -52.12 -10.22 33.79
C THR L 22 -53.51 -10.07 34.38
N ASP L 23 -53.89 -8.82 34.70
CA ASP L 23 -55.21 -8.60 35.27
C ASP L 23 -56.30 -9.02 34.31
N PHE L 24 -56.16 -8.69 33.02
CA PHE L 24 -57.15 -9.08 32.03
C PHE L 24 -57.26 -10.60 31.93
N LEU L 25 -56.12 -11.30 31.87
CA LEU L 25 -56.15 -12.75 31.73
C LEU L 25 -56.81 -13.40 32.94
N VAL L 26 -56.63 -12.83 34.13
CA VAL L 26 -57.17 -13.46 35.34
C VAL L 26 -58.56 -12.94 35.71
N THR L 27 -59.06 -11.91 35.03
CA THR L 27 -60.26 -11.22 35.49
C THR L 27 -61.45 -11.27 34.53
N PHE L 28 -61.22 -11.42 33.23
CA PHE L 28 -62.28 -11.19 32.26
C PHE L 28 -63.45 -12.15 32.46
N LYS L 29 -64.66 -11.63 32.30
CA LYS L 29 -65.88 -12.42 32.33
C LYS L 29 -66.79 -12.00 31.18
N GLN L 30 -67.30 -12.99 30.45
CA GLN L 30 -68.15 -12.74 29.30
C GLN L 30 -69.61 -12.65 29.72
N ASP L 31 -70.41 -11.97 28.93
CA ASP L 31 -71.82 -11.78 29.22
C ASP L 31 -72.65 -13.01 28.81
N LYS L 59 -69.83 -19.45 35.96
CA LYS L 59 -68.62 -19.99 35.37
C LYS L 59 -67.40 -19.17 35.77
N GLY L 60 -66.23 -19.79 35.73
CA GLY L 60 -65.00 -19.11 36.06
C GLY L 60 -64.48 -18.30 34.90
N PRO L 61 -63.29 -17.72 35.05
CA PRO L 61 -62.73 -16.91 33.97
C PRO L 61 -62.59 -17.72 32.68
N LYS L 62 -62.99 -17.10 31.57
CA LYS L 62 -62.95 -17.77 30.28
C LYS L 62 -61.55 -18.25 29.96
N TYR L 63 -60.56 -17.36 30.04
CA TYR L 63 -59.20 -17.72 29.72
C TYR L 63 -58.60 -18.69 30.72
N MET L 64 -58.98 -18.61 31.99
CA MET L 64 -58.49 -19.60 32.95
C MET L 64 -59.02 -20.99 32.63
N ALA L 65 -60.28 -21.09 32.21
CA ALA L 65 -60.80 -22.38 31.77
C ALA L 65 -60.05 -22.87 30.54
N MET L 66 -59.80 -21.97 29.59
CA MET L 66 -59.01 -22.34 28.41
C MET L 66 -57.65 -22.88 28.83
N LEU L 67 -56.98 -22.20 29.75
CA LEU L 67 -55.68 -22.66 30.23
C LEU L 67 -55.79 -24.00 30.95
N GLN L 68 -56.88 -24.23 31.68
CA GLN L 68 -57.06 -25.53 32.31
C GLN L 68 -57.13 -26.63 31.27
N LYS L 69 -57.89 -26.40 30.19
CA LYS L 69 -57.93 -27.38 29.12
C LYS L 69 -56.55 -27.58 28.49
N VAL L 70 -55.84 -26.47 28.26
CA VAL L 70 -54.52 -26.55 27.64
C VAL L 70 -53.58 -27.39 28.49
N ALA L 71 -53.57 -27.14 29.81
CA ALA L 71 -52.73 -27.93 30.71
C ALA L 71 -53.15 -29.38 30.71
N ASN L 72 -54.46 -29.65 30.71
CA ASN L 72 -54.96 -31.01 30.65
C ASN L 72 -54.75 -31.67 29.29
N ARG L 73 -54.21 -30.93 28.33
CA ARG L 73 -53.81 -31.47 27.03
C ARG L 73 -55.02 -31.81 26.15
N GLU L 74 -56.00 -30.92 26.11
CA GLU L 74 -57.11 -31.02 25.16
C GLU L 74 -57.17 -29.82 24.21
N LEU L 75 -56.09 -29.06 24.08
CA LEU L 75 -56.06 -27.91 23.20
C LEU L 75 -54.63 -27.63 22.79
N ASN L 76 -54.45 -26.89 21.69
CA ASN L 76 -53.14 -26.56 21.18
C ASN L 76 -52.98 -25.09 20.82
N SER L 77 -54.07 -24.36 20.62
CA SER L 77 -54.01 -22.98 20.16
C SER L 77 -54.87 -22.11 21.06
N VAL L 78 -54.38 -20.90 21.33
CA VAL L 78 -55.09 -19.90 22.10
C VAL L 78 -55.39 -18.74 21.17
N ILE L 79 -56.63 -18.25 21.20
CA ILE L 79 -57.09 -17.16 20.36
C ILE L 79 -57.43 -15.99 21.26
N ILE L 80 -56.71 -14.88 21.07
CA ILE L 80 -56.97 -13.65 21.81
C ILE L 80 -57.79 -12.74 20.92
N ASP L 81 -58.99 -12.40 21.36
CA ASP L 81 -59.87 -11.51 20.63
C ASP L 81 -59.75 -10.11 21.20
N LEU L 82 -59.72 -9.11 20.32
CA LEU L 82 -59.55 -7.73 20.78
C LEU L 82 -60.86 -7.12 21.26
N ASP L 83 -62.01 -7.68 20.87
CA ASP L 83 -63.27 -7.18 21.42
C ASP L 83 -63.33 -7.39 22.93
N ASP L 84 -62.81 -8.52 23.40
CA ASP L 84 -62.74 -8.75 24.84
C ASP L 84 -61.89 -7.70 25.53
N ILE L 85 -60.73 -7.37 24.94
CA ILE L 85 -59.85 -6.37 25.53
C ILE L 85 -60.56 -5.01 25.56
N LEU L 86 -61.23 -4.65 24.47
CA LEU L 86 -61.94 -3.38 24.44
C LEU L 86 -63.05 -3.34 25.47
N GLN L 87 -63.78 -4.44 25.64
CA GLN L 87 -64.82 -4.48 26.66
C GLN L 87 -64.22 -4.34 28.05
N TYR L 88 -63.10 -5.00 28.30
CA TYR L 88 -62.43 -4.86 29.59
C TYR L 88 -62.04 -3.42 29.85
N GLN L 89 -61.44 -2.77 28.85
CA GLN L 89 -61.03 -1.38 29.03
C GLN L 89 -62.22 -0.47 29.29
N ASN L 90 -63.30 -0.66 28.54
CA ASN L 90 -64.47 0.20 28.73
C ASN L 90 -65.12 -0.06 30.09
N GLU L 91 -65.15 -1.31 30.54
CA GLU L 91 -65.68 -1.61 31.86
C GLU L 91 -64.84 -0.95 32.93
N LYS L 92 -63.52 -0.98 32.79
CA LYS L 92 -62.66 -0.31 33.75
C LYS L 92 -62.91 1.19 33.75
N PHE L 93 -63.09 1.78 32.56
CA PHE L 93 -63.29 3.23 32.48
C PHE L 93 -64.61 3.65 33.10
N LEU L 94 -65.71 2.99 32.71
CA LEU L 94 -67.03 3.48 33.07
C LEU L 94 -67.23 3.58 34.58
N GLN L 95 -66.50 2.78 35.35
CA GLN L 95 -66.55 2.83 36.81
C GLN L 95 -65.40 3.64 37.39
N GLY L 96 -64.63 4.35 36.57
CA GLY L 96 -63.73 5.37 37.06
C GLY L 96 -62.25 5.06 36.95
N THR L 97 -61.85 3.83 37.29
CA THR L 97 -60.43 3.52 37.37
C THR L 97 -59.77 3.60 35.99
N GLN L 98 -58.49 3.95 36.00
CA GLN L 98 -57.74 4.17 34.77
C GLN L 98 -57.40 2.85 34.10
N ALA L 99 -57.23 2.93 32.77
CA ALA L 99 -56.80 1.79 31.97
C ALA L 99 -56.12 2.33 30.72
N ASP L 100 -55.13 1.57 30.23
CA ASP L 100 -54.36 1.96 29.06
C ASP L 100 -54.98 1.38 27.79
N ASP L 101 -54.57 1.96 26.65
CA ASP L 101 -55.12 1.57 25.35
C ASP L 101 -54.31 0.39 24.80
N LEU L 102 -54.44 -0.74 25.49
CA LEU L 102 -53.81 -1.96 25.02
C LEU L 102 -54.23 -2.30 23.60
N VAL L 103 -55.46 -1.94 23.22
CA VAL L 103 -55.95 -2.23 21.87
C VAL L 103 -55.11 -1.48 20.84
N SER L 104 -54.93 -0.18 21.04
CA SER L 104 -54.12 0.58 20.10
C SER L 104 -52.67 0.11 20.10
N ALA L 105 -52.13 -0.19 21.29
CA ALA L 105 -50.74 -0.65 21.36
C ALA L 105 -50.55 -1.94 20.57
N ILE L 106 -51.44 -2.91 20.77
CA ILE L 106 -51.35 -4.16 20.02
C ILE L 106 -51.54 -3.91 18.52
N GLN L 107 -52.50 -3.06 18.16
CA GLN L 107 -52.76 -2.80 16.75
C GLN L 107 -51.51 -2.24 16.07
N GLN L 108 -50.80 -1.32 16.74
CA GLN L 108 -49.67 -0.66 16.12
C GLN L 108 -48.39 -1.47 16.19
N ASN L 109 -48.20 -2.31 17.21
CA ASN L 109 -46.95 -3.05 17.37
C ASN L 109 -47.22 -4.50 17.73
N ALA L 110 -48.08 -5.15 16.95
CA ALA L 110 -48.51 -6.52 17.27
C ALA L 110 -47.34 -7.45 17.53
N ASN L 111 -46.28 -7.37 16.72
CA ASN L 111 -45.24 -8.40 16.78
C ASN L 111 -44.54 -8.47 18.14
N HIS L 112 -44.60 -7.41 18.93
CA HIS L 112 -43.89 -7.39 20.21
C HIS L 112 -44.72 -7.94 21.36
N PHE L 113 -46.05 -7.89 21.25
CA PHE L 113 -46.91 -8.32 22.35
C PHE L 113 -47.06 -9.83 22.43
N THR L 114 -46.64 -10.56 21.40
CA THR L 114 -46.73 -12.02 21.45
C THR L 114 -45.96 -12.58 22.64
N GLU L 115 -44.72 -12.10 22.82
CA GLU L 115 -43.90 -12.59 23.94
C GLU L 115 -44.48 -12.15 25.28
N LEU L 116 -44.98 -10.92 25.38
CA LEU L 116 -45.61 -10.48 26.62
C LEU L 116 -46.76 -11.41 26.99
N PHE L 117 -47.63 -11.70 26.03
CA PHE L 117 -48.75 -12.59 26.32
C PHE L 117 -48.28 -13.99 26.68
N CYS L 118 -47.27 -14.50 25.96
CA CYS L 118 -46.77 -15.83 26.27
C CYS L 118 -46.25 -15.92 27.70
N ARG L 119 -45.48 -14.91 28.11
CA ARG L 119 -44.94 -14.91 29.48
C ARG L 119 -46.05 -14.77 30.50
N ALA L 120 -47.02 -13.89 30.25
CA ALA L 120 -48.13 -13.72 31.19
C ALA L 120 -48.88 -15.03 31.37
N ILE L 121 -49.10 -15.76 30.28
CA ILE L 121 -49.81 -17.04 30.37
C ILE L 121 -48.97 -18.06 31.13
N ASP L 122 -47.68 -18.17 30.78
CA ASP L 122 -46.82 -19.13 31.46
C ASP L 122 -46.74 -18.86 32.95
N ASN L 123 -46.89 -17.60 33.37
CA ASN L 123 -46.88 -17.30 34.80
C ASN L 123 -48.15 -17.77 35.50
N ASN L 124 -49.16 -18.21 34.77
CA ASN L 124 -50.46 -18.55 35.35
C ASN L 124 -50.98 -19.91 34.96
N MET L 125 -50.30 -20.65 34.09
CA MET L 125 -50.84 -21.93 33.64
C MET L 125 -51.13 -22.84 34.83
N PRO L 126 -52.36 -23.33 35.00
CA PRO L 126 -52.65 -24.23 36.11
C PRO L 126 -52.01 -25.59 35.92
N LEU L 127 -51.98 -26.36 37.01
CA LEU L 127 -51.38 -27.69 36.98
C LEU L 127 -52.30 -28.67 36.25
N PRO L 128 -51.76 -29.78 35.74
CA PRO L 128 -52.60 -30.78 35.06
C PRO L 128 -53.38 -31.61 36.07
N THR L 129 -54.66 -31.80 35.80
CA THR L 129 -55.52 -32.62 36.65
C THR L 129 -55.60 -34.07 36.18
N LYS L 130 -54.98 -34.41 35.05
CA LYS L 130 -54.95 -35.77 34.53
C LYS L 130 -53.52 -36.26 34.44
N GLU L 131 -53.27 -37.44 35.02
CA GLU L 131 -51.96 -38.05 34.93
C GLU L 131 -51.58 -38.29 33.47
N ILE L 132 -50.30 -38.57 33.25
CA ILE L 132 -49.76 -38.83 31.92
C ILE L 132 -49.69 -40.32 31.70
N ASP L 133 -50.31 -40.79 30.61
CA ASP L 133 -50.44 -42.22 30.36
C ASP L 133 -49.72 -42.61 29.08
N TYR L 134 -49.85 -43.87 28.68
CA TYR L 134 -49.18 -44.38 27.49
C TYR L 134 -49.82 -43.91 26.20
N LYS L 135 -50.98 -43.26 26.27
CA LYS L 135 -51.69 -42.79 25.09
C LYS L 135 -51.53 -41.29 24.88
N ASP L 136 -50.41 -40.73 25.33
CA ASP L 136 -50.15 -39.30 25.24
C ASP L 136 -49.04 -39.04 24.23
N ASP L 137 -48.89 -37.77 23.87
CA ASP L 137 -47.94 -37.39 22.83
C ASP L 137 -46.51 -37.39 23.37
N VAL L 138 -45.59 -37.80 22.49
CA VAL L 138 -44.17 -37.81 22.84
C VAL L 138 -43.71 -36.41 23.20
N LEU L 139 -44.25 -35.40 22.53
CA LEU L 139 -43.92 -34.02 22.86
C LEU L 139 -44.26 -33.71 24.32
N ASP L 140 -45.47 -34.05 24.74
CA ASP L 140 -45.87 -33.81 26.12
C ASP L 140 -45.00 -34.61 27.09
N VAL L 141 -44.67 -35.85 26.72
CA VAL L 141 -43.79 -36.66 27.57
C VAL L 141 -42.47 -35.93 27.80
N ILE L 142 -41.87 -35.44 26.71
CA ILE L 142 -40.57 -34.78 26.82
C ILE L 142 -40.69 -33.50 27.66
N LEU L 143 -41.77 -32.74 27.45
CA LEU L 143 -41.94 -31.51 28.22
C LEU L 143 -42.06 -31.80 29.72
N ASN L 144 -42.84 -32.82 30.07
CA ASN L 144 -42.97 -33.20 31.47
C ASN L 144 -41.64 -33.61 32.05
N GLN L 145 -40.87 -34.42 31.31
CA GLN L 145 -39.55 -34.82 31.78
C GLN L 145 -38.68 -33.59 32.04
N ARG L 146 -38.70 -32.62 31.12
CA ARG L 146 -37.87 -31.44 31.27
C ARG L 146 -38.25 -30.67 32.52
N ARG L 147 -39.56 -30.50 32.77
CA ARG L 147 -39.97 -29.74 33.93
C ARG L 147 -39.55 -30.44 35.23
N LEU L 148 -39.73 -31.76 35.29
CA LEU L 148 -39.31 -32.50 36.49
C LEU L 148 -37.81 -32.37 36.69
N ARG L 149 -37.04 -32.44 35.60
CA ARG L 149 -35.59 -32.29 35.72
C ARG L 149 -35.22 -30.91 36.23
N ASN L 150 -35.91 -29.87 35.75
CA ASN L 150 -35.71 -28.52 36.29
C ASN L 150 -35.88 -28.52 37.81
N GLU L 151 -37.01 -29.05 38.29
CA GLU L 151 -37.24 -29.07 39.73
C GLU L 151 -36.14 -29.82 40.44
N ARG L 152 -35.65 -30.91 39.84
CA ARG L 152 -34.60 -31.70 40.48
C ARG L 152 -33.34 -30.88 40.68
N MET L 153 -32.86 -30.19 39.63
CA MET L 153 -31.65 -29.39 39.83
C MET L 153 -31.88 -28.31 40.86
N LEU L 154 -33.04 -27.66 40.84
CA LEU L 154 -33.27 -26.58 41.80
C LEU L 154 -33.17 -27.11 43.23
N SER L 155 -33.87 -28.22 43.51
CA SER L 155 -33.84 -28.76 44.86
C SER L 155 -32.43 -29.20 45.26
N ASP L 156 -31.72 -29.86 44.34
CA ASP L 156 -30.37 -30.32 44.65
C ASP L 156 -29.45 -29.15 44.99
N ARG L 157 -29.53 -28.08 44.21
CA ARG L 157 -28.69 -26.92 44.48
C ARG L 157 -29.02 -26.30 45.81
N THR L 158 -30.32 -26.18 46.13
CA THR L 158 -30.68 -25.60 47.42
C THR L 158 -30.14 -26.43 48.57
N ASN L 159 -30.26 -27.76 48.48
CA ASN L 159 -29.73 -28.62 49.54
C ASN L 159 -28.23 -28.44 49.68
N GLU L 160 -27.51 -28.45 48.56
CA GLU L 160 -26.05 -28.35 48.62
C GLU L 160 -25.62 -27.03 49.23
N ILE L 161 -26.29 -25.93 48.87
CA ILE L 161 -25.89 -24.64 49.39
C ILE L 161 -26.20 -24.55 50.89
N ARG L 162 -27.36 -25.06 51.31
CA ARG L 162 -27.66 -25.04 52.74
C ARG L 162 -26.66 -25.86 53.54
N SER L 163 -26.16 -26.97 52.97
CA SER L 163 -25.26 -27.82 53.71
C SER L 163 -23.97 -27.11 54.13
N GLU L 164 -23.62 -26.00 53.49
CA GLU L 164 -22.32 -25.37 53.74
C GLU L 164 -22.31 -24.56 55.03
N ASN L 165 -23.47 -24.04 55.46
CA ASN L 165 -23.56 -23.23 56.68
C ASN L 165 -22.72 -21.97 56.55
N LEU L 166 -22.65 -21.42 55.34
CA LEU L 166 -21.94 -20.17 55.11
C LEU L 166 -22.54 -19.05 55.95
N ASN L 178 -34.84 -16.69 53.82
CA ASN L 178 -34.67 -17.73 52.81
C ASN L 178 -34.65 -17.13 51.41
N ASP L 179 -35.05 -15.86 51.30
CA ASP L 179 -35.08 -15.21 50.00
C ASP L 179 -33.70 -15.13 49.39
N ALA L 180 -32.68 -14.80 50.20
CA ALA L 180 -31.32 -14.75 49.69
C ALA L 180 -30.85 -16.11 49.20
N LEU L 181 -31.13 -17.15 49.99
CA LEU L 181 -30.80 -18.51 49.57
C LEU L 181 -31.44 -18.84 48.23
N ARG L 182 -32.74 -18.55 48.10
CA ARG L 182 -33.42 -18.80 46.84
C ARG L 182 -32.76 -18.04 45.70
N GLU L 183 -32.48 -16.75 45.91
CA GLU L 183 -31.93 -15.91 44.85
C GLU L 183 -30.59 -16.45 44.37
N VAL L 184 -29.70 -16.79 45.31
CA VAL L 184 -28.42 -17.36 44.90
C VAL L 184 -28.64 -18.68 44.18
N VAL L 185 -29.66 -19.44 44.59
CA VAL L 185 -29.95 -20.71 43.93
C VAL L 185 -30.30 -20.48 42.46
N GLU L 186 -31.22 -19.55 42.18
CA GLU L 186 -31.51 -19.29 40.77
C GLU L 186 -30.28 -18.74 40.04
N ASP L 187 -29.52 -17.86 40.68
CA ASP L 187 -28.39 -17.25 40.00
C ASP L 187 -27.34 -18.29 39.59
N GLU L 188 -27.08 -19.29 40.43
CA GLU L 188 -25.95 -20.20 40.22
C GLU L 188 -26.33 -21.46 39.46
N THR L 189 -27.52 -21.53 38.86
CA THR L 189 -27.98 -22.76 38.22
C THR L 189 -28.50 -22.47 36.81
N GLU L 190 -28.42 -23.49 35.96
CA GLU L 190 -28.94 -23.41 34.60
C GLU L 190 -30.26 -24.18 34.50
N LEU L 191 -31.10 -23.74 33.56
CA LEU L 191 -32.46 -24.25 33.44
C LEU L 191 -32.82 -24.40 31.97
N PHE L 192 -33.99 -24.98 31.72
CA PHE L 192 -34.57 -25.00 30.38
C PHE L 192 -35.49 -23.79 30.21
N PRO L 193 -35.22 -22.89 29.27
CA PRO L 193 -36.01 -21.65 29.19
C PRO L 193 -37.47 -21.94 28.92
N PRO L 194 -38.36 -20.98 29.20
CA PRO L 194 -39.80 -21.25 29.06
C PRO L 194 -40.21 -21.66 27.66
N ASN L 195 -39.55 -21.14 26.63
CA ASN L 195 -39.95 -21.45 25.26
C ASN L 195 -39.76 -22.92 24.92
N LEU L 196 -38.80 -23.59 25.55
CA LEU L 196 -38.61 -25.02 25.34
C LEU L 196 -39.53 -25.88 26.19
N THR L 197 -40.37 -25.26 27.03
CA THR L 197 -41.35 -25.97 27.82
C THR L 197 -42.79 -25.62 27.44
N ARG L 198 -42.99 -24.56 26.68
CA ARG L 198 -44.33 -24.25 26.18
C ARG L 198 -44.80 -25.34 25.24
N ARG L 199 -46.12 -25.52 25.20
CA ARG L 199 -46.74 -26.52 24.33
C ARG L 199 -47.87 -25.97 23.48
N TYR L 200 -48.12 -24.66 23.49
CA TYR L 200 -49.26 -24.09 22.82
C TYR L 200 -48.82 -22.98 21.87
N PHE L 201 -49.68 -22.67 20.91
CA PHE L 201 -49.50 -21.55 20.01
C PHE L 201 -50.49 -20.45 20.38
N LEU L 202 -50.13 -19.21 20.03
CA LEU L 202 -50.95 -18.06 20.37
C LEU L 202 -51.23 -17.25 19.11
N TYR L 203 -52.48 -16.86 18.91
CA TYR L 203 -52.87 -16.07 17.75
C TYR L 203 -53.80 -14.95 18.21
N PHE L 204 -53.82 -13.87 17.42
CA PHE L 204 -54.72 -12.75 17.62
C PHE L 204 -55.77 -12.75 16.52
N LYS L 205 -56.89 -12.09 16.80
CA LYS L 205 -57.92 -11.89 15.79
C LYS L 205 -58.42 -10.46 15.85
N PRO L 206 -58.90 -9.92 14.73
CA PRO L 206 -59.09 -8.47 14.62
C PRO L 206 -60.31 -7.98 15.37
N LEU L 207 -60.46 -6.65 15.40
CA LEU L 207 -61.57 -6.00 16.08
C LEU L 207 -62.78 -5.94 15.15
N SER L 208 -63.93 -6.37 15.66
CA SER L 208 -65.13 -6.43 14.83
C SER L 208 -65.69 -5.04 14.58
N GLN L 209 -66.15 -4.82 13.35
CA GLN L 209 -66.80 -3.56 13.00
C GLN L 209 -67.99 -3.27 13.91
N ASN L 210 -68.78 -4.29 14.23
CA ASN L 210 -69.94 -4.09 15.08
C ASN L 210 -69.53 -3.58 16.45
N CYS L 211 -68.54 -4.23 17.06
CA CYS L 211 -68.09 -3.81 18.39
C CYS L 211 -67.51 -2.40 18.35
N ALA L 212 -66.69 -2.11 17.35
CA ALA L 212 -66.10 -0.77 17.25
C ALA L 212 -67.18 0.29 17.07
N ARG L 213 -68.19 0.01 16.24
CA ARG L 213 -69.27 0.95 16.04
C ARG L 213 -70.08 1.16 17.30
N ARG L 214 -70.34 0.07 18.05
CA ARG L 214 -71.10 0.21 19.29
C ARG L 214 -70.34 1.01 20.34
N TYR L 215 -69.03 0.80 20.44
CA TYR L 215 -68.21 1.51 21.41
C TYR L 215 -67.69 2.85 20.89
N ARG L 216 -68.05 3.24 19.67
CA ARG L 216 -67.65 4.53 19.12
C ARG L 216 -66.13 4.58 18.89
N LYS L 217 -65.61 3.54 18.27
CA LYS L 217 -64.20 3.46 17.89
C LYS L 217 -64.10 3.11 16.41
N LYS L 218 -62.88 3.21 15.88
CA LYS L 218 -62.59 2.92 14.47
C LYS L 218 -61.70 1.69 14.41
N ALA L 219 -62.27 0.56 13.97
CA ALA L 219 -61.55 -0.70 13.90
C ALA L 219 -60.64 -0.69 12.67
N ILE L 220 -59.41 -0.24 12.86
CA ILE L 220 -58.45 -0.23 11.75
C ILE L 220 -58.13 -1.65 11.31
N SER L 221 -57.92 -2.55 12.26
CA SER L 221 -57.41 -3.88 11.95
C SER L 221 -58.41 -4.72 11.15
N SER L 222 -59.67 -4.30 11.08
CA SER L 222 -60.70 -5.06 10.37
C SER L 222 -61.30 -4.29 9.21
N LYS L 223 -60.50 -3.44 8.56
CA LYS L 223 -60.95 -2.78 7.34
C LYS L 223 -60.30 -3.48 6.14
N PRO L 224 -61.05 -4.20 5.31
CA PRO L 224 -60.42 -4.96 4.24
C PRO L 224 -59.70 -4.06 3.25
N LEU L 225 -58.59 -4.57 2.72
CA LEU L 225 -57.75 -3.81 1.80
C LEU L 225 -57.27 -4.72 0.69
N SER L 226 -56.93 -4.12 -0.44
CA SER L 226 -56.34 -4.83 -1.56
C SER L 226 -54.82 -4.73 -1.50
N VAL L 227 -54.15 -5.64 -2.21
CA VAL L 227 -52.69 -5.62 -2.22
C VAL L 227 -52.19 -4.31 -2.81
N ARG L 228 -53.03 -3.64 -3.58
CA ARG L 228 -52.65 -2.34 -4.15
C ARG L 228 -52.40 -1.30 -3.07
N GLN L 229 -53.27 -1.27 -2.06
CA GLN L 229 -53.27 -0.19 -1.07
C GLN L 229 -52.26 -0.39 0.05
N ILE L 230 -51.68 -1.59 0.18
CA ILE L 230 -50.77 -1.89 1.27
C ILE L 230 -49.39 -1.34 0.90
N LYS L 231 -49.00 -0.25 1.54
CA LYS L 231 -47.75 0.45 1.27
C LYS L 231 -46.77 0.23 2.42
N GLY L 232 -45.63 0.90 2.34
CA GLY L 232 -44.59 0.75 3.35
C GLY L 232 -44.98 1.25 4.73
N ASP L 233 -45.81 2.28 4.82
CA ASP L 233 -46.17 2.83 6.12
C ASP L 233 -46.95 1.84 6.97
N PHE L 234 -47.48 0.77 6.37
CA PHE L 234 -48.27 -0.22 7.09
C PHE L 234 -47.41 -1.31 7.72
N LEU L 235 -46.11 -1.29 7.51
CA LEU L 235 -45.25 -2.34 8.04
C LEU L 235 -45.33 -2.38 9.56
N GLY L 236 -45.33 -3.59 10.11
CA GLY L 236 -45.36 -3.78 11.54
C GLY L 236 -46.73 -3.71 12.18
N GLN L 237 -47.79 -3.54 11.40
CA GLN L 237 -49.14 -3.42 11.91
C GLN L 237 -49.91 -4.71 11.71
N LEU L 238 -51.09 -4.76 12.34
CA LEU L 238 -52.04 -5.85 12.19
C LEU L 238 -53.15 -5.39 11.26
N ILE L 239 -53.28 -6.05 10.10
CA ILE L 239 -54.15 -5.59 9.04
C ILE L 239 -54.90 -6.76 8.43
N THR L 240 -56.00 -6.45 7.76
CA THR L 240 -56.87 -7.43 7.12
C THR L 240 -56.86 -7.22 5.61
N VAL L 241 -56.66 -8.31 4.89
CA VAL L 241 -56.58 -8.29 3.43
C VAL L 241 -57.69 -9.15 2.86
N ARG L 242 -58.36 -8.65 1.83
CA ARG L 242 -59.42 -9.38 1.13
C ARG L 242 -58.91 -9.78 -0.25
N GLY L 243 -58.90 -11.07 -0.53
CA GLY L 243 -58.34 -11.52 -1.79
C GLY L 243 -58.79 -12.92 -2.15
N ILE L 244 -58.24 -13.41 -3.26
CA ILE L 244 -58.51 -14.76 -3.75
C ILE L 244 -57.19 -15.51 -3.82
N ILE L 245 -57.16 -16.70 -3.24
CA ILE L 245 -55.94 -17.51 -3.22
C ILE L 245 -55.69 -18.07 -4.60
N THR L 246 -54.42 -18.28 -4.93
CA THR L 246 -54.02 -18.85 -6.21
C THR L 246 -53.03 -19.99 -6.09
N ARG L 247 -52.24 -20.04 -5.02
CA ARG L 247 -51.24 -21.08 -4.85
C ARG L 247 -50.98 -21.27 -3.35
N VAL L 248 -50.81 -22.52 -2.96
CA VAL L 248 -50.50 -22.89 -1.59
C VAL L 248 -49.43 -23.98 -1.62
N SER L 249 -48.41 -23.84 -0.78
CA SER L 249 -47.33 -24.81 -0.72
C SER L 249 -47.66 -25.90 0.29
N ASP L 250 -46.98 -27.04 0.16
CA ASP L 250 -47.19 -28.15 1.07
C ASP L 250 -46.66 -27.81 2.46
N VAL L 251 -47.14 -28.57 3.45
CA VAL L 251 -46.67 -28.38 4.82
C VAL L 251 -45.32 -29.07 4.98
N LYS L 252 -44.36 -28.34 5.53
CA LYS L 252 -43.02 -28.85 5.77
C LYS L 252 -42.53 -28.38 7.12
N PRO L 253 -41.55 -29.07 7.71
CA PRO L 253 -41.05 -28.65 9.03
C PRO L 253 -40.06 -27.51 8.90
N ALA L 254 -40.31 -26.43 9.64
CA ALA L 254 -39.39 -25.30 9.74
C ALA L 254 -38.76 -25.33 11.12
N VAL L 255 -37.43 -25.27 11.16
CA VAL L 255 -36.70 -25.38 12.42
C VAL L 255 -36.60 -24.01 13.06
N GLU L 256 -36.79 -23.96 14.38
CA GLU L 256 -36.66 -22.73 15.16
C GLU L 256 -35.48 -22.79 16.13
N VAL L 257 -35.31 -23.92 16.81
CA VAL L 257 -34.19 -24.13 17.72
C VAL L 257 -33.62 -25.51 17.48
N ILE L 258 -32.34 -25.57 17.14
CA ILE L 258 -31.63 -26.83 16.96
C ILE L 258 -31.07 -27.26 18.31
N ALA L 259 -31.00 -28.56 18.52
CA ALA L 259 -30.48 -29.13 19.76
C ALA L 259 -29.34 -30.09 19.46
N TYR L 260 -28.27 -29.97 20.22
CA TYR L 260 -27.13 -30.88 20.16
C TYR L 260 -26.87 -31.44 21.55
N THR L 261 -26.22 -32.59 21.59
CA THR L 261 -25.87 -33.24 22.84
C THR L 261 -24.37 -33.47 22.89
N CYS L 262 -23.75 -33.11 24.01
CA CYS L 262 -22.32 -33.29 24.21
C CYS L 262 -22.11 -34.52 25.07
N ASP L 263 -21.44 -35.54 24.51
CA ASP L 263 -21.15 -36.75 25.27
C ASP L 263 -20.12 -36.51 26.37
N GLN L 264 -19.20 -35.57 26.17
CA GLN L 264 -18.16 -35.33 27.17
C GLN L 264 -18.75 -34.79 28.47
N CYS L 265 -19.56 -33.74 28.38
CA CYS L 265 -20.11 -33.11 29.57
C CYS L 265 -21.58 -33.41 29.80
N GLY L 266 -22.22 -34.18 28.92
CA GLY L 266 -23.62 -34.52 29.08
C GLY L 266 -24.57 -33.36 28.99
N TYR L 267 -24.15 -32.25 28.39
CA TYR L 267 -25.02 -31.09 28.28
C TYR L 267 -25.81 -31.12 26.97
N GLU L 268 -26.87 -30.31 26.94
CA GLU L 268 -27.67 -30.07 25.75
C GLU L 268 -27.50 -28.62 25.34
N VAL L 269 -27.14 -28.39 24.09
CA VAL L 269 -26.87 -27.06 23.57
C VAL L 269 -27.95 -26.69 22.58
N PHE L 270 -28.53 -25.51 22.74
CA PHE L 270 -29.64 -25.05 21.92
C PHE L 270 -29.22 -23.83 21.11
N GLN L 271 -29.41 -23.90 19.81
CA GLN L 271 -29.02 -22.85 18.87
C GLN L 271 -30.27 -22.30 18.21
N GLU L 272 -30.53 -21.00 18.38
CA GLU L 272 -31.67 -20.37 17.74
C GLU L 272 -31.42 -20.20 16.25
N VAL L 273 -32.51 -20.11 15.48
CA VAL L 273 -32.43 -19.85 14.05
C VAL L 273 -33.66 -19.07 13.64
N ASN L 274 -33.44 -17.94 12.97
CA ASN L 274 -34.54 -17.13 12.45
C ASN L 274 -34.24 -16.62 11.04
N SER L 275 -33.35 -17.28 10.31
CA SER L 275 -32.97 -16.89 8.97
C SER L 275 -33.33 -18.01 7.99
N ARG L 276 -33.24 -17.68 6.70
CA ARG L 276 -33.49 -18.69 5.67
C ARG L 276 -32.39 -19.74 5.61
N THR L 277 -31.26 -19.50 6.27
CA THR L 277 -30.17 -20.46 6.34
C THR L 277 -29.44 -20.29 7.65
N PHE L 278 -28.68 -21.31 8.03
CA PHE L 278 -27.93 -21.30 9.28
C PHE L 278 -26.67 -22.12 9.11
N THR L 279 -25.84 -22.12 10.17
CA THR L 279 -24.59 -22.86 10.16
C THR L 279 -24.56 -23.80 11.37
N PRO L 280 -24.21 -25.08 11.20
CA PRO L 280 -24.17 -25.98 12.35
C PRO L 280 -22.91 -25.76 13.19
N LEU L 281 -23.08 -25.90 14.50
CA LEU L 281 -21.96 -25.78 15.42
C LEU L 281 -21.08 -27.03 15.35
N SER L 282 -19.85 -26.90 15.84
CA SER L 282 -18.87 -27.99 15.81
C SER L 282 -18.41 -28.40 17.20
N GLU L 283 -18.05 -27.45 18.05
CA GLU L 283 -17.49 -27.73 19.36
C GLU L 283 -18.43 -27.28 20.45
N CYS L 284 -18.30 -27.90 21.63
CA CYS L 284 -19.21 -27.64 22.73
C CYS L 284 -19.09 -26.20 23.22
N THR L 285 -20.16 -25.74 23.86
CA THR L 285 -20.20 -24.41 24.46
C THR L 285 -20.59 -24.44 25.93
N SER L 286 -20.90 -25.62 26.47
CA SER L 286 -21.26 -25.73 27.87
C SER L 286 -20.11 -25.26 28.76
N GLU L 287 -20.42 -25.01 30.02
CA GLU L 287 -19.43 -24.45 30.94
C GLU L 287 -18.25 -25.39 31.13
N GLU L 288 -18.53 -26.68 31.33
CA GLU L 288 -17.45 -27.62 31.62
C GLU L 288 -16.49 -27.74 30.45
N CYS L 289 -17.01 -27.93 29.24
CA CYS L 289 -16.14 -28.02 28.07
C CYS L 289 -15.47 -26.69 27.78
N SER L 290 -16.13 -25.57 28.08
CA SER L 290 -15.51 -24.27 27.88
C SER L 290 -14.28 -24.11 28.77
N GLN L 291 -14.39 -24.50 30.04
CA GLN L 291 -13.26 -24.37 30.94
C GLN L 291 -12.18 -25.43 30.69
N ASN L 292 -12.56 -26.63 30.28
CA ASN L 292 -11.59 -27.71 30.12
C ASN L 292 -10.71 -27.44 28.90
N GLN L 293 -9.63 -28.22 28.81
CA GLN L 293 -8.71 -28.14 27.68
C GLN L 293 -9.11 -29.03 26.51
N THR L 294 -9.79 -30.14 26.79
CA THR L 294 -10.24 -31.08 25.77
C THR L 294 -11.74 -30.98 25.65
N LYS L 295 -12.22 -30.46 24.52
CA LYS L 295 -13.63 -30.21 24.30
C LYS L 295 -14.24 -31.32 23.45
N GLY L 296 -15.51 -31.61 23.70
CA GLY L 296 -16.22 -32.67 23.01
C GLY L 296 -16.84 -32.19 21.71
N GLN L 297 -17.17 -33.15 20.86
CA GLN L 297 -17.77 -32.86 19.56
C GLN L 297 -19.29 -32.98 19.66
N LEU L 298 -19.99 -31.94 19.23
CA LEU L 298 -21.44 -31.93 19.27
C LEU L 298 -22.02 -32.84 18.20
N PHE L 299 -23.22 -33.34 18.46
CA PHE L 299 -23.98 -34.15 17.51
C PHE L 299 -25.40 -33.61 17.45
N MET L 300 -26.12 -33.95 16.38
CA MET L 300 -27.45 -33.42 16.16
C MET L 300 -28.51 -34.40 16.66
N SER L 301 -29.54 -33.85 17.31
CA SER L 301 -30.64 -34.65 17.85
C SER L 301 -31.95 -34.04 17.34
N THR L 302 -32.60 -34.74 16.41
CA THR L 302 -33.81 -34.20 15.80
C THR L 302 -34.96 -34.13 16.79
N ARG L 303 -35.12 -35.15 17.64
CA ARG L 303 -36.30 -35.21 18.49
C ARG L 303 -36.38 -34.04 19.46
N ALA L 304 -35.24 -33.64 20.03
CA ALA L 304 -35.22 -32.54 20.99
C ALA L 304 -35.39 -31.17 20.33
N SER L 305 -35.26 -31.09 19.01
CA SER L 305 -35.32 -29.80 18.34
C SER L 305 -36.71 -29.18 18.46
N LYS L 306 -36.81 -27.93 18.03
CA LYS L 306 -38.07 -27.18 18.04
C LYS L 306 -38.47 -26.89 16.61
N PHE L 307 -39.51 -27.58 16.14
CA PHE L 307 -39.96 -27.46 14.76
C PHE L 307 -41.28 -26.70 14.69
N SER L 308 -41.56 -26.16 13.52
CA SER L 308 -42.81 -25.44 13.25
C SER L 308 -43.35 -25.88 11.90
N ALA L 309 -44.67 -26.05 11.81
CA ALA L 309 -45.33 -26.38 10.57
C ALA L 309 -45.53 -25.09 9.77
N PHE L 310 -45.01 -25.07 8.54
CA PHE L 310 -44.89 -23.84 7.76
C PHE L 310 -45.47 -24.02 6.36
N GLN L 311 -46.29 -23.06 5.95
CA GLN L 311 -46.81 -23.01 4.59
C GLN L 311 -46.70 -21.58 4.07
N GLU L 312 -46.62 -21.46 2.74
CA GLU L 312 -46.64 -20.17 2.08
C GLU L 312 -47.72 -20.17 1.00
N CYS L 313 -48.44 -19.05 0.92
CA CYS L 313 -49.57 -18.92 0.01
C CYS L 313 -49.45 -17.61 -0.75
N LYS L 314 -50.02 -17.59 -1.95
CA LYS L 314 -50.06 -16.39 -2.78
C LYS L 314 -51.50 -15.94 -2.94
N ILE L 315 -51.74 -14.66 -2.65
CA ILE L 315 -53.09 -14.09 -2.71
C ILE L 315 -53.10 -13.04 -3.82
N GLN L 316 -54.25 -12.90 -4.48
CA GLN L 316 -54.37 -12.07 -5.67
C GLN L 316 -55.58 -11.15 -5.54
N GLU L 317 -55.54 -10.05 -6.29
CA GLU L 317 -56.59 -9.05 -6.23
C GLU L 317 -57.91 -9.59 -6.80
N LEU L 318 -59.01 -9.05 -6.31
CA LEU L 318 -60.31 -9.28 -6.91
C LEU L 318 -60.51 -8.35 -8.10
N SER L 319 -61.43 -8.76 -8.99
CA SER L 319 -61.65 -8.00 -10.21
C SER L 319 -62.12 -6.57 -9.91
N GLN L 320 -63.08 -6.43 -8.99
CA GLN L 320 -63.67 -5.12 -8.75
C GLN L 320 -62.73 -4.14 -8.06
N GLN L 321 -61.60 -4.61 -7.53
CA GLN L 321 -60.65 -3.73 -6.87
C GLN L 321 -59.61 -3.16 -7.83
N VAL L 322 -59.29 -3.86 -8.91
CA VAL L 322 -58.28 -3.42 -9.86
C VAL L 322 -58.75 -2.12 -10.51
N PRO L 323 -57.92 -1.08 -10.61
CA PRO L 323 -58.34 0.14 -11.29
C PRO L 323 -58.58 -0.12 -12.78
N VAL L 324 -59.06 0.91 -13.45
CA VAL L 324 -59.39 0.78 -14.87
C VAL L 324 -58.12 0.58 -15.67
N GLY L 325 -58.11 -0.46 -16.50
CA GLY L 325 -57.01 -0.67 -17.43
C GLY L 325 -55.72 -1.15 -16.82
N HIS L 326 -55.76 -1.77 -15.64
CA HIS L 326 -54.56 -2.28 -14.98
C HIS L 326 -54.67 -3.79 -14.83
N ILE L 327 -53.56 -4.39 -14.40
CA ILE L 327 -53.47 -5.83 -14.18
C ILE L 327 -53.46 -6.08 -12.68
N PRO L 328 -54.15 -7.10 -12.19
CA PRO L 328 -54.10 -7.40 -10.74
C PRO L 328 -52.71 -7.82 -10.30
N ARG L 329 -52.40 -7.50 -9.04
CA ARG L 329 -51.12 -7.84 -8.42
C ARG L 329 -51.36 -8.84 -7.30
N SER L 330 -50.25 -9.35 -6.73
CA SER L 330 -50.30 -10.44 -5.79
C SER L 330 -49.63 -10.05 -4.48
N LEU L 331 -49.58 -11.00 -3.55
CA LEU L 331 -48.96 -10.80 -2.25
C LEU L 331 -48.68 -12.17 -1.64
N ASN L 332 -47.73 -12.19 -0.70
CA ASN L 332 -47.24 -13.41 -0.09
C ASN L 332 -47.68 -13.51 1.36
N ILE L 333 -48.14 -14.70 1.75
CA ILE L 333 -48.65 -14.95 3.10
C ILE L 333 -47.92 -16.16 3.67
N HIS L 334 -47.55 -16.08 4.94
CA HIS L 334 -46.94 -17.18 5.67
C HIS L 334 -47.92 -17.69 6.72
N VAL L 335 -47.98 -19.02 6.87
CA VAL L 335 -48.86 -19.66 7.84
C VAL L 335 -48.00 -20.59 8.69
N ASN L 336 -48.11 -20.44 10.01
CA ASN L 336 -47.29 -21.20 10.94
C ASN L 336 -48.15 -21.80 12.03
N GLY L 337 -47.87 -23.06 12.35
CA GLY L 337 -48.47 -23.70 13.52
C GLY L 337 -49.72 -24.48 13.14
N THR L 338 -50.76 -24.33 13.95
CA THR L 338 -52.00 -25.07 13.77
C THR L 338 -52.94 -24.43 12.76
N LEU L 339 -52.55 -23.29 12.19
CA LEU L 339 -53.37 -22.61 11.20
C LEU L 339 -53.13 -23.11 9.79
N VAL L 340 -52.28 -24.12 9.62
CA VAL L 340 -51.96 -24.64 8.30
C VAL L 340 -53.17 -25.41 7.75
N ARG L 341 -53.12 -25.69 6.46
CA ARG L 341 -54.15 -26.45 5.74
C ARG L 341 -55.50 -25.78 5.79
N SER L 342 -55.56 -24.50 6.17
CA SER L 342 -56.82 -23.76 6.21
C SER L 342 -57.10 -23.00 4.93
N LEU L 343 -56.17 -22.99 3.98
CA LEU L 343 -56.32 -22.27 2.72
C LEU L 343 -56.14 -23.22 1.56
N SER L 344 -57.05 -23.16 0.59
CA SER L 344 -56.98 -23.97 -0.61
C SER L 344 -57.16 -23.09 -1.83
N PRO L 345 -56.60 -23.48 -2.97
CA PRO L 345 -56.69 -22.62 -4.16
C PRO L 345 -58.13 -22.31 -4.53
N GLY L 346 -58.36 -21.09 -5.02
CA GLY L 346 -59.67 -20.67 -5.46
C GLY L 346 -60.53 -20.06 -4.37
N ASP L 347 -60.07 -20.03 -3.13
CA ASP L 347 -60.84 -19.48 -2.02
C ASP L 347 -60.80 -17.95 -2.05
N ILE L 348 -61.96 -17.34 -1.83
CA ILE L 348 -62.06 -15.90 -1.64
C ILE L 348 -62.18 -15.65 -0.14
N VAL L 349 -61.15 -15.04 0.43
CA VAL L 349 -60.97 -15.02 1.88
C VAL L 349 -60.61 -13.61 2.36
N ASP L 350 -60.78 -13.42 3.67
CA ASP L 350 -60.24 -12.27 4.39
C ASP L 350 -59.24 -12.82 5.40
N VAL L 351 -57.98 -12.42 5.25
CA VAL L 351 -56.89 -12.91 6.08
C VAL L 351 -56.40 -11.76 6.95
N THR L 352 -56.31 -12.01 8.25
CA THR L 352 -55.73 -11.06 9.20
C THR L 352 -54.27 -11.44 9.41
N GLY L 353 -53.41 -10.44 9.52
CA GLY L 353 -52.00 -10.76 9.66
C GLY L 353 -51.18 -9.55 10.04
N ILE L 354 -49.97 -9.85 10.51
CA ILE L 354 -48.98 -8.84 10.85
C ILE L 354 -48.10 -8.63 9.63
N PHE L 355 -47.89 -7.36 9.27
CA PHE L 355 -47.13 -7.03 8.07
C PHE L 355 -45.67 -6.81 8.46
N LEU L 356 -44.78 -7.65 7.94
CA LEU L 356 -43.38 -7.64 8.33
C LEU L 356 -42.48 -7.58 7.10
N PRO L 357 -41.27 -7.04 7.24
CA PRO L 357 -40.34 -6.99 6.11
C PRO L 357 -39.42 -8.21 6.08
N ALA L 358 -38.61 -8.27 5.03
CA ALA L 358 -37.67 -9.36 4.82
C ALA L 358 -36.53 -8.85 3.96
N PRO L 359 -35.37 -9.52 3.98
CA PRO L 359 -34.22 -9.02 3.23
C PRO L 359 -34.47 -9.00 1.73
N TYR L 360 -33.77 -8.07 1.08
CA TYR L 360 -33.87 -7.89 -0.37
C TYR L 360 -33.33 -9.13 -1.09
N THR L 361 -33.89 -9.40 -2.28
CA THR L 361 -33.54 -10.59 -3.03
C THR L 361 -33.36 -10.36 -4.53
N GLY L 362 -33.41 -9.13 -5.00
CA GLY L 362 -33.22 -8.85 -6.41
C GLY L 362 -31.76 -8.77 -6.81
N PHE L 363 -31.49 -8.30 -8.01
CA PHE L 363 -30.12 -8.17 -8.49
C PHE L 363 -29.36 -7.15 -7.64
N LYS L 364 -28.05 -7.37 -7.47
CA LYS L 364 -27.25 -6.40 -6.75
C LYS L 364 -27.23 -5.05 -7.47
N ALA L 365 -27.04 -5.08 -8.79
CA ALA L 365 -26.81 -3.85 -9.55
C ALA L 365 -27.96 -2.87 -9.47
N LEU L 366 -29.16 -3.32 -9.08
CA LEU L 366 -30.32 -2.44 -8.98
C LEU L 366 -30.63 -2.07 -7.54
N LYS L 367 -29.72 -2.37 -6.61
CA LYS L 367 -29.91 -2.08 -5.20
C LYS L 367 -29.47 -0.65 -4.91
N ALA L 368 -30.35 0.13 -4.28
CA ALA L 368 -30.07 1.51 -3.91
C ALA L 368 -30.46 1.69 -2.45
N GLY L 369 -29.52 1.41 -1.55
CA GLY L 369 -29.77 1.55 -0.13
C GLY L 369 -30.24 0.27 0.52
N LEU L 370 -31.01 0.39 1.60
CA LEU L 370 -31.51 -0.76 2.34
C LEU L 370 -32.94 -1.05 1.88
N LEU L 371 -33.06 -1.69 0.73
CA LEU L 371 -34.35 -2.14 0.24
C LEU L 371 -34.73 -3.46 0.91
N THR L 372 -36.04 -3.68 1.06
CA THR L 372 -36.54 -4.83 1.79
C THR L 372 -37.72 -5.44 1.04
N GLU L 373 -37.93 -6.73 1.27
CA GLU L 373 -39.06 -7.47 0.75
C GLU L 373 -40.07 -7.70 1.86
N THR L 374 -41.36 -7.69 1.48
CA THR L 374 -42.44 -7.73 2.44
C THR L 374 -43.22 -9.03 2.32
N TYR L 375 -43.89 -9.39 3.40
CA TYR L 375 -44.80 -10.53 3.43
C TYR L 375 -45.80 -10.31 4.56
N LEU L 376 -46.85 -11.11 4.57
CA LEU L 376 -47.86 -11.07 5.61
C LEU L 376 -47.72 -12.33 6.47
N GLU L 377 -47.90 -12.19 7.78
CA GLU L 377 -47.88 -13.32 8.69
C GLU L 377 -49.29 -13.56 9.20
N ALA L 378 -49.83 -14.75 8.93
CA ALA L 378 -51.25 -15.00 9.13
C ALA L 378 -51.59 -15.23 10.59
N GLN L 379 -52.76 -14.77 11.00
CA GLN L 379 -53.28 -14.97 12.34
C GLN L 379 -54.72 -15.43 12.39
N PHE L 380 -55.51 -15.24 11.33
CA PHE L 380 -56.92 -15.56 11.34
C PHE L 380 -57.44 -15.54 9.91
N VAL L 381 -58.31 -16.49 9.58
CA VAL L 381 -58.83 -16.66 8.23
C VAL L 381 -60.35 -16.67 8.29
N ARG L 382 -60.98 -15.92 7.38
CA ARG L 382 -62.43 -15.90 7.28
C ARG L 382 -62.84 -16.17 5.84
N GLN L 383 -63.64 -17.21 5.62
CA GLN L 383 -64.08 -17.58 4.29
C GLN L 383 -65.34 -16.80 3.90
N HIS L 384 -65.45 -16.49 2.61
CA HIS L 384 -66.64 -15.82 2.11
C HIS L 384 -67.79 -16.79 1.83
N LYS L 385 -67.50 -18.09 1.75
CA LYS L 385 -68.53 -19.09 1.52
C LYS L 385 -68.15 -20.36 2.27
N LYS L 386 -68.97 -20.72 3.25
CA LYS L 386 -68.64 -21.83 4.14
C LYS L 386 -68.78 -23.16 3.40
N LYS L 387 -67.76 -23.99 3.51
CA LYS L 387 -67.77 -25.30 2.86
C LYS L 387 -68.80 -26.22 3.52
N PHE L 388 -69.36 -27.12 2.72
CA PHE L 388 -70.34 -28.07 3.24
C PHE L 388 -69.71 -29.03 4.24
N ALA L 389 -68.49 -29.49 3.96
CA ALA L 389 -67.86 -30.52 4.79
C ALA L 389 -67.75 -30.05 6.24
N SER L 390 -67.62 -28.75 6.46
CA SER L 390 -67.48 -28.20 7.81
C SER L 390 -68.82 -28.03 8.53
N PHE L 391 -69.89 -28.62 8.03
CA PHE L 391 -71.20 -28.43 8.63
C PHE L 391 -71.26 -29.06 10.02
N SER L 392 -72.04 -28.44 10.90
CA SER L 392 -72.27 -28.95 12.24
C SER L 392 -73.48 -28.25 12.83
N LEU L 393 -74.43 -29.04 13.31
CA LEU L 393 -75.66 -28.49 13.86
C LEU L 393 -75.38 -27.72 15.14
N THR L 394 -76.25 -26.76 15.43
CA THR L 394 -76.06 -25.85 16.56
C THR L 394 -77.31 -24.97 16.66
N SER L 395 -77.50 -24.40 17.85
CA SER L 395 -78.70 -23.60 18.10
C SER L 395 -78.91 -22.54 17.03
N ASP L 396 -77.84 -21.81 16.68
CA ASP L 396 -77.99 -20.71 15.73
C ASP L 396 -78.43 -21.21 14.37
N VAL L 397 -77.82 -22.30 13.88
CA VAL L 397 -78.26 -22.88 12.62
C VAL L 397 -79.63 -23.54 12.79
N GLU L 398 -79.87 -24.16 13.94
CA GLU L 398 -81.12 -24.88 14.14
C GLU L 398 -82.31 -23.93 14.04
N GLU L 399 -82.23 -22.76 14.66
CA GLU L 399 -83.36 -21.84 14.65
C GLU L 399 -83.69 -21.39 13.23
N ARG L 400 -82.67 -21.04 12.45
CA ARG L 400 -82.92 -20.59 11.09
C ARG L 400 -83.49 -21.72 10.23
N VAL L 401 -82.92 -22.93 10.35
CA VAL L 401 -83.39 -24.04 9.54
C VAL L 401 -84.83 -24.40 9.90
N MET L 402 -85.14 -24.43 11.20
CA MET L 402 -86.51 -24.77 11.60
C MET L 402 -87.48 -23.68 11.19
N GLU L 403 -87.07 -22.41 11.24
CA GLU L 403 -87.92 -21.35 10.73
C GLU L 403 -88.22 -21.57 9.25
N LEU L 404 -87.19 -21.84 8.45
CA LEU L 404 -87.39 -22.05 7.02
C LEU L 404 -88.33 -23.22 6.77
N ILE L 405 -88.07 -24.37 7.41
CA ILE L 405 -88.89 -25.55 7.15
C ILE L 405 -90.31 -25.33 7.61
N THR L 406 -90.49 -24.60 8.72
CA THR L 406 -91.83 -24.29 9.20
C THR L 406 -92.57 -23.42 8.20
N SER L 407 -91.86 -22.48 7.56
CA SER L 407 -92.51 -21.62 6.57
C SER L 407 -93.20 -22.43 5.48
N GLY L 408 -92.68 -23.61 5.14
CA GLY L 408 -93.34 -24.51 4.23
C GLY L 408 -93.02 -24.23 2.77
N ASP L 409 -93.42 -25.18 1.92
CA ASP L 409 -93.21 -25.09 0.47
C ASP L 409 -91.73 -24.87 0.14
N VAL L 410 -90.86 -25.64 0.80
CA VAL L 410 -89.43 -25.42 0.67
C VAL L 410 -88.98 -25.60 -0.78
N TYR L 411 -89.50 -26.63 -1.45
CA TYR L 411 -89.05 -26.94 -2.80
C TYR L 411 -89.21 -25.74 -3.71
N ASN L 412 -90.45 -25.29 -3.92
CA ASN L 412 -90.68 -24.16 -4.81
C ASN L 412 -90.07 -22.88 -4.27
N ARG L 413 -90.10 -22.68 -2.95
CA ARG L 413 -89.56 -21.45 -2.38
C ARG L 413 -88.08 -21.30 -2.70
N LEU L 414 -87.32 -22.40 -2.58
CA LEU L 414 -85.91 -22.37 -2.96
C LEU L 414 -85.75 -22.26 -4.47
N ALA L 415 -86.55 -23.01 -5.23
CA ALA L 415 -86.38 -23.03 -6.68
C ALA L 415 -86.55 -21.63 -7.28
N LYS L 416 -87.56 -20.90 -6.83
CA LYS L 416 -87.80 -19.55 -7.33
C LYS L 416 -86.72 -18.56 -6.91
N SER L 417 -85.86 -18.93 -5.97
CA SER L 417 -84.88 -18.01 -5.41
C SER L 417 -83.53 -18.04 -6.12
N ILE L 418 -83.41 -18.78 -7.21
CA ILE L 418 -82.16 -18.84 -7.96
C ILE L 418 -82.25 -17.83 -9.10
N ALA L 419 -81.44 -16.77 -9.03
CA ALA L 419 -81.46 -15.72 -10.05
C ALA L 419 -82.88 -15.17 -10.16
N PRO L 420 -83.40 -14.50 -9.13
CA PRO L 420 -84.80 -14.07 -9.14
C PRO L 420 -85.11 -12.99 -10.16
N GLU L 421 -84.11 -12.39 -10.80
CA GLU L 421 -84.34 -11.33 -11.77
C GLU L 421 -84.63 -11.87 -13.17
N ILE L 422 -84.45 -13.16 -13.40
CA ILE L 422 -84.74 -13.79 -14.69
C ILE L 422 -86.18 -14.25 -14.67
N TYR L 423 -86.93 -13.91 -15.72
CA TYR L 423 -88.36 -14.23 -15.75
C TYR L 423 -88.58 -15.65 -16.25
N GLY L 424 -89.60 -16.30 -15.69
CA GLY L 424 -89.98 -17.64 -16.13
C GLY L 424 -88.90 -18.66 -15.80
N ASN L 425 -88.93 -19.78 -16.52
CA ASN L 425 -87.88 -20.78 -16.44
C ASN L 425 -87.90 -21.51 -15.09
N LEU L 426 -89.10 -21.69 -14.55
CA LEU L 426 -89.24 -22.33 -13.25
C LEU L 426 -88.76 -23.77 -13.28
N ASP L 427 -89.07 -24.51 -14.34
CA ASP L 427 -88.67 -25.91 -14.40
C ASP L 427 -87.15 -26.04 -14.42
N VAL L 428 -86.47 -25.23 -15.21
CA VAL L 428 -85.01 -25.30 -15.26
C VAL L 428 -84.43 -24.84 -13.93
N LYS L 429 -85.05 -23.86 -13.28
CA LYS L 429 -84.56 -23.47 -11.95
C LYS L 429 -84.68 -24.63 -10.97
N LYS L 430 -85.79 -25.36 -11.02
CA LYS L 430 -85.94 -26.54 -10.17
C LYS L 430 -84.87 -27.58 -10.47
N ALA L 431 -84.62 -27.83 -11.76
CA ALA L 431 -83.59 -28.81 -12.13
C ALA L 431 -82.22 -28.38 -11.63
N LEU L 432 -81.91 -27.08 -11.73
CA LEU L 432 -80.64 -26.59 -11.23
C LEU L 432 -80.54 -26.77 -9.72
N LEU L 433 -81.64 -26.51 -9.00
CA LEU L 433 -81.62 -26.72 -7.56
C LEU L 433 -81.36 -28.18 -7.23
N LEU L 434 -81.98 -29.10 -7.97
CA LEU L 434 -81.74 -30.52 -7.72
C LEU L 434 -80.29 -30.88 -8.03
N LEU L 435 -79.71 -30.29 -9.08
CA LEU L 435 -78.30 -30.51 -9.35
C LEU L 435 -77.45 -30.03 -8.19
N LEU L 436 -77.78 -28.87 -7.63
CA LEU L 436 -77.03 -28.37 -6.48
C LEU L 436 -77.11 -29.33 -5.31
N VAL L 437 -78.30 -29.84 -5.03
CA VAL L 437 -78.47 -30.75 -3.89
C VAL L 437 -77.71 -32.05 -4.13
N GLY L 438 -77.81 -32.61 -5.34
CA GLY L 438 -77.13 -33.85 -5.66
C GLY L 438 -77.93 -35.07 -5.22
N GLY L 439 -77.44 -36.23 -5.65
CA GLY L 439 -78.04 -37.51 -5.35
C GLY L 439 -77.35 -38.21 -4.19
N VAL L 440 -77.35 -39.53 -4.24
CA VAL L 440 -76.71 -40.36 -3.23
C VAL L 440 -75.73 -41.29 -3.94
N ASP L 441 -74.46 -41.22 -3.55
CA ASP L 441 -73.48 -42.18 -4.02
C ASP L 441 -73.80 -43.55 -3.45
N LYS L 442 -73.39 -44.60 -4.16
CA LYS L 442 -73.63 -45.96 -3.73
C LYS L 442 -72.34 -46.77 -3.85
N ARG L 443 -71.92 -47.37 -2.75
CA ARG L 443 -70.75 -48.23 -2.70
C ARG L 443 -71.23 -49.68 -2.73
N VAL L 444 -71.10 -50.34 -3.88
CA VAL L 444 -71.70 -51.65 -4.07
C VAL L 444 -70.77 -52.78 -3.65
N GLY L 445 -69.53 -52.50 -3.28
CA GLY L 445 -68.58 -53.54 -2.94
C GLY L 445 -67.89 -54.10 -4.16
N ASP L 446 -66.90 -54.96 -3.90
CA ASP L 446 -66.09 -55.57 -4.95
C ASP L 446 -65.28 -54.53 -5.73
N GLY L 447 -65.01 -53.39 -5.11
CA GLY L 447 -64.26 -52.33 -5.75
C GLY L 447 -65.07 -51.41 -6.65
N MET L 448 -66.36 -51.67 -6.84
CA MET L 448 -67.15 -50.89 -7.77
C MET L 448 -67.76 -49.67 -7.09
N LYS L 449 -68.26 -48.75 -7.92
CA LYS L 449 -68.75 -47.47 -7.45
C LYS L 449 -69.83 -46.98 -8.41
N ILE L 450 -70.82 -46.28 -7.86
CA ILE L 450 -71.88 -45.64 -8.64
C ILE L 450 -71.90 -44.17 -8.28
N ARG L 451 -71.91 -43.31 -9.31
CA ARG L 451 -71.88 -41.88 -9.06
C ARG L 451 -73.17 -41.42 -8.40
N GLY L 452 -73.10 -40.25 -7.77
CA GLY L 452 -74.25 -39.68 -7.10
C GLY L 452 -74.51 -38.24 -7.49
N ASP L 453 -73.85 -37.78 -8.55
CA ASP L 453 -73.97 -36.40 -8.98
C ASP L 453 -74.79 -36.30 -10.27
N ILE L 454 -75.36 -35.12 -10.51
CA ILE L 454 -76.30 -34.90 -11.60
C ILE L 454 -75.66 -33.96 -12.61
N ASN L 455 -75.87 -34.25 -13.90
CA ASN L 455 -75.27 -33.52 -15.00
C ASN L 455 -76.38 -32.89 -15.84
N VAL L 456 -76.22 -31.60 -16.15
CA VAL L 456 -77.28 -30.84 -16.82
C VAL L 456 -76.70 -30.11 -18.04
N CYS L 457 -77.42 -30.19 -19.15
CA CYS L 457 -77.10 -29.44 -20.35
C CYS L 457 -78.31 -28.59 -20.74
N LEU L 458 -78.07 -27.31 -20.98
CA LEU L 458 -79.06 -26.40 -21.53
C LEU L 458 -78.68 -26.11 -22.97
N MET L 459 -79.65 -26.17 -23.88
CA MET L 459 -79.40 -25.97 -25.29
C MET L 459 -80.49 -25.06 -25.82
N GLY L 460 -80.14 -23.88 -26.29
CA GLY L 460 -81.18 -22.91 -26.54
C GLY L 460 -80.83 -21.89 -27.59
N ASP L 461 -81.87 -21.17 -28.01
CA ASP L 461 -81.72 -20.11 -28.99
C ASP L 461 -81.01 -18.91 -28.38
N PRO L 462 -80.41 -18.05 -29.21
CA PRO L 462 -79.69 -16.90 -28.67
C PRO L 462 -80.61 -15.97 -27.90
N GLY L 463 -80.06 -15.38 -26.84
CA GLY L 463 -80.77 -14.36 -26.08
C GLY L 463 -81.84 -14.90 -25.15
N VAL L 464 -81.49 -15.86 -24.29
CA VAL L 464 -82.41 -16.43 -23.32
C VAL L 464 -81.80 -16.52 -21.93
N ALA L 465 -80.67 -15.85 -21.70
CA ALA L 465 -80.07 -15.73 -20.36
C ALA L 465 -79.40 -17.00 -19.88
N LYS L 466 -79.00 -17.87 -20.81
CA LYS L 466 -78.27 -19.07 -20.41
C LYS L 466 -77.01 -18.70 -19.64
N SER L 467 -76.25 -17.73 -20.15
CA SER L 467 -75.04 -17.31 -19.46
C SER L 467 -75.36 -16.71 -18.10
N GLN L 468 -76.45 -15.96 -18.00
CA GLN L 468 -76.85 -15.42 -16.71
C GLN L 468 -77.08 -16.54 -15.69
N LEU L 469 -77.81 -17.58 -16.10
CA LEU L 469 -78.06 -18.69 -15.18
C LEU L 469 -76.76 -19.41 -14.83
N LEU L 470 -75.89 -19.63 -15.82
CA LEU L 470 -74.61 -20.27 -15.56
C LEU L 470 -73.82 -19.50 -14.51
N LYS L 471 -73.71 -18.18 -14.69
CA LYS L 471 -72.96 -17.37 -13.73
C LYS L 471 -73.60 -17.39 -12.36
N ALA L 472 -74.94 -17.31 -12.29
CA ALA L 472 -75.61 -17.33 -10.99
C ALA L 472 -75.33 -18.63 -10.26
N ILE L 473 -75.39 -19.77 -10.97
CA ILE L 473 -75.13 -21.04 -10.33
C ILE L 473 -73.68 -21.13 -9.87
N CYS L 474 -72.74 -20.70 -10.73
CA CYS L 474 -71.34 -20.76 -10.35
C CYS L 474 -71.06 -19.89 -9.13
N LYS L 475 -71.78 -18.79 -8.99
CA LYS L 475 -71.61 -17.94 -7.82
C LYS L 475 -72.23 -18.55 -6.57
N ILE L 476 -73.42 -19.14 -6.69
CA ILE L 476 -74.08 -19.71 -5.53
C ILE L 476 -73.31 -20.90 -5.00
N SER L 477 -72.72 -21.70 -5.89
CA SER L 477 -71.99 -22.87 -5.44
C SER L 477 -70.80 -22.46 -4.58
N PRO L 478 -70.45 -23.23 -3.55
CA PRO L 478 -69.29 -22.88 -2.72
C PRO L 478 -67.96 -23.18 -3.38
N ARG L 479 -67.93 -24.05 -4.39
CA ARG L 479 -66.72 -24.38 -5.13
C ARG L 479 -67.00 -24.37 -6.62
N GLY L 480 -67.81 -23.41 -7.06
CA GLY L 480 -68.18 -23.31 -8.45
C GLY L 480 -67.11 -22.64 -9.31
N VAL L 481 -66.87 -23.23 -10.47
CA VAL L 481 -65.89 -22.71 -11.43
C VAL L 481 -66.62 -22.41 -12.73
N TYR L 482 -66.12 -21.41 -13.45
CA TYR L 482 -66.77 -20.91 -14.66
C TYR L 482 -65.77 -20.91 -15.80
N THR L 483 -66.22 -21.29 -16.99
CA THR L 483 -65.35 -21.43 -18.15
C THR L 483 -66.14 -21.12 -19.42
N THR L 484 -65.43 -20.62 -20.43
CA THR L 484 -66.06 -20.22 -21.71
C THR L 484 -65.15 -20.63 -22.87
N GLY L 485 -65.41 -21.82 -23.42
CA GLY L 485 -64.89 -22.16 -24.74
C GLY L 485 -63.38 -22.03 -24.86
N LYS L 486 -62.96 -21.32 -25.91
CA LYS L 486 -61.54 -21.27 -26.28
C LYS L 486 -60.69 -20.58 -25.23
N GLY L 487 -61.30 -19.88 -24.27
CA GLY L 487 -60.51 -19.19 -23.26
C GLY L 487 -59.60 -20.14 -22.50
N SER L 488 -60.09 -21.33 -22.18
CA SER L 488 -59.31 -22.35 -21.48
C SER L 488 -59.21 -23.57 -22.38
N SER L 489 -58.00 -24.10 -22.54
CA SER L 489 -57.79 -25.27 -23.36
C SER L 489 -56.52 -25.98 -22.93
N GLY L 490 -56.42 -27.25 -23.27
CA GLY L 490 -55.23 -28.02 -22.93
C GLY L 490 -55.00 -28.01 -21.43
N VAL L 491 -53.78 -27.69 -21.02
CA VAL L 491 -53.42 -27.68 -19.61
C VAL L 491 -54.26 -26.71 -18.80
N GLY L 492 -54.97 -25.78 -19.46
CA GLY L 492 -55.95 -24.99 -18.73
C GLY L 492 -56.95 -25.86 -18.02
N LEU L 493 -57.43 -26.89 -18.70
CA LEU L 493 -58.10 -28.01 -18.05
C LEU L 493 -57.06 -29.05 -17.65
N THR L 494 -57.47 -29.97 -16.78
CA THR L 494 -56.60 -31.05 -16.32
C THR L 494 -55.49 -30.40 -15.49
N ALA L 495 -54.21 -30.70 -15.73
CA ALA L 495 -53.14 -30.18 -14.90
C ALA L 495 -51.85 -30.13 -15.71
N ALA L 496 -50.87 -29.40 -15.17
CA ALA L 496 -49.57 -29.24 -15.81
C ALA L 496 -48.47 -29.43 -14.78
N VAL L 497 -47.28 -29.81 -15.27
CA VAL L 497 -46.13 -30.10 -14.43
C VAL L 497 -45.33 -28.82 -14.24
N MET L 498 -45.02 -28.48 -12.99
CA MET L 498 -44.20 -27.32 -12.70
C MET L 498 -43.28 -27.64 -11.53
N LYS L 499 -42.43 -26.67 -11.20
CA LYS L 499 -41.50 -26.77 -10.09
C LYS L 499 -41.89 -25.74 -9.03
N ASP L 500 -41.99 -26.19 -7.78
CA ASP L 500 -42.34 -25.29 -6.69
C ASP L 500 -41.19 -24.35 -6.40
N PRO L 501 -41.44 -23.04 -6.24
CA PRO L 501 -40.37 -22.16 -5.79
C PRO L 501 -39.96 -22.41 -4.35
N VAL L 502 -40.96 -22.50 -3.46
CA VAL L 502 -40.69 -22.62 -2.04
C VAL L 502 -39.84 -23.85 -1.76
N THR L 503 -40.39 -25.04 -2.06
CA THR L 503 -39.65 -26.27 -1.96
C THR L 503 -39.03 -26.59 -3.31
N ASP L 504 -38.10 -27.54 -3.32
CA ASP L 504 -37.37 -27.92 -4.54
C ASP L 504 -37.91 -29.21 -5.13
N GLU L 505 -39.22 -29.41 -5.13
CA GLU L 505 -39.85 -30.60 -5.68
C GLU L 505 -40.78 -30.23 -6.83
N MET L 506 -40.98 -31.19 -7.73
CA MET L 506 -41.91 -31.04 -8.83
C MET L 506 -43.33 -31.30 -8.35
N ILE L 507 -44.28 -30.59 -8.94
CA ILE L 507 -45.69 -30.69 -8.55
C ILE L 507 -46.57 -30.57 -9.79
N LEU L 508 -47.84 -30.92 -9.62
CA LEU L 508 -48.85 -30.77 -10.66
C LEU L 508 -49.83 -29.68 -10.24
N GLU L 509 -50.07 -28.72 -11.12
CA GLU L 509 -51.06 -27.67 -10.91
C GLU L 509 -52.32 -28.02 -11.68
N GLY L 510 -53.45 -28.05 -10.98
CA GLY L 510 -54.69 -28.45 -11.60
C GLY L 510 -55.32 -27.32 -12.40
N GLY L 511 -56.19 -27.71 -13.33
CA GLY L 511 -56.94 -26.78 -14.14
C GLY L 511 -58.29 -26.47 -13.55
N ALA L 512 -59.23 -26.07 -14.42
CA ALA L 512 -60.57 -25.76 -13.96
C ALA L 512 -61.25 -26.99 -13.36
N LEU L 513 -61.09 -28.15 -14.01
CA LEU L 513 -61.74 -29.35 -13.53
C LEU L 513 -61.26 -29.76 -12.15
N VAL L 514 -59.95 -29.77 -11.92
CA VAL L 514 -59.42 -30.11 -10.61
C VAL L 514 -59.75 -29.03 -9.59
N LEU L 515 -59.73 -27.76 -9.99
CA LEU L 515 -60.08 -26.68 -9.08
C LEU L 515 -61.55 -26.74 -8.66
N ALA L 516 -62.41 -27.31 -9.50
CA ALA L 516 -63.82 -27.44 -9.20
C ALA L 516 -64.19 -28.77 -8.56
N ASP L 517 -63.21 -29.51 -8.05
CA ASP L 517 -63.48 -30.81 -7.47
C ASP L 517 -64.48 -30.68 -6.32
N ASN L 518 -65.37 -31.65 -6.20
CA ASN L 518 -66.46 -31.61 -5.22
C ASN L 518 -67.27 -30.32 -5.38
N GLY L 519 -67.48 -29.92 -6.62
CA GLY L 519 -68.23 -28.72 -6.91
C GLY L 519 -68.82 -28.71 -8.31
N ILE L 520 -69.26 -27.55 -8.76
CA ILE L 520 -69.92 -27.40 -10.06
C ILE L 520 -68.94 -26.77 -11.04
N CYS L 521 -68.89 -27.31 -12.25
CA CYS L 521 -68.15 -26.72 -13.36
C CYS L 521 -69.16 -26.23 -14.39
N CYS L 522 -69.17 -24.94 -14.64
CA CYS L 522 -70.07 -24.30 -15.58
C CYS L 522 -69.31 -24.02 -16.86
N ILE L 523 -69.83 -24.52 -17.98
CA ILE L 523 -69.18 -24.39 -19.28
C ILE L 523 -70.13 -23.64 -20.21
N ASP L 524 -69.64 -22.56 -20.80
CA ASP L 524 -70.36 -21.80 -21.82
C ASP L 524 -69.78 -22.11 -23.20
N GLU L 525 -70.61 -21.92 -24.22
CA GLU L 525 -70.21 -22.21 -25.59
C GLU L 525 -69.66 -23.63 -25.69
N PHE L 526 -70.46 -24.59 -25.21
CA PHE L 526 -69.98 -25.96 -25.09
C PHE L 526 -69.60 -26.55 -26.45
N ASP L 527 -70.35 -26.21 -27.50
CA ASP L 527 -70.17 -26.85 -28.79
C ASP L 527 -68.94 -26.37 -29.54
N LYS L 528 -68.28 -25.30 -29.09
CA LYS L 528 -67.12 -24.77 -29.77
C LYS L 528 -65.81 -25.36 -29.27
N MET L 529 -65.85 -26.30 -28.33
CA MET L 529 -64.66 -26.83 -27.71
C MET L 529 -63.91 -27.74 -28.67
N ASP L 530 -62.61 -27.94 -28.38
CA ASP L 530 -61.76 -28.81 -29.16
C ASP L 530 -62.04 -30.28 -28.81
N GLU L 531 -61.63 -31.17 -29.71
CA GLU L 531 -61.92 -32.60 -29.54
C GLU L 531 -61.26 -33.15 -28.27
N SER L 532 -60.03 -32.72 -27.98
CA SER L 532 -59.36 -33.21 -26.78
C SER L 532 -60.11 -32.79 -25.52
N ASP L 533 -60.54 -31.53 -25.46
CA ASP L 533 -61.30 -31.09 -24.30
C ASP L 533 -62.62 -31.85 -24.20
N ARG L 534 -63.28 -32.06 -25.34
CA ARG L 534 -64.53 -32.82 -25.32
C ARG L 534 -64.31 -34.22 -24.77
N THR L 535 -63.21 -34.87 -25.16
CA THR L 535 -62.88 -36.17 -24.61
C THR L 535 -62.60 -36.08 -23.10
N ALA L 536 -61.96 -35.00 -22.67
CA ALA L 536 -61.70 -34.83 -21.23
C ALA L 536 -63.01 -34.79 -20.44
N ILE L 537 -63.94 -33.94 -20.86
CA ILE L 537 -65.24 -33.90 -20.18
C ILE L 537 -65.95 -35.24 -20.32
N HIS L 538 -65.84 -35.87 -21.49
CA HIS L 538 -66.36 -37.23 -21.65
C HIS L 538 -65.94 -38.11 -20.48
N GLU L 539 -64.63 -38.29 -20.31
CA GLU L 539 -64.13 -39.25 -19.33
C GLU L 539 -64.47 -38.81 -17.90
N VAL L 540 -64.39 -37.51 -17.63
CA VAL L 540 -64.74 -37.01 -16.30
C VAL L 540 -66.19 -37.36 -15.97
N MET L 541 -67.10 -37.01 -16.87
CA MET L 541 -68.51 -37.24 -16.60
C MET L 541 -68.84 -38.71 -16.68
N GLU L 542 -67.94 -39.52 -17.23
CA GLU L 542 -68.11 -40.97 -17.18
C GLU L 542 -67.76 -41.53 -15.80
N GLN L 543 -66.48 -41.40 -15.38
CA GLN L 543 -66.08 -42.06 -14.13
C GLN L 543 -65.28 -41.17 -13.18
N GLN L 544 -65.52 -39.86 -13.18
CA GLN L 544 -64.99 -38.99 -12.13
C GLN L 544 -63.46 -38.97 -12.08
N THR L 545 -62.80 -39.40 -13.15
CA THR L 545 -61.34 -39.40 -13.17
C THR L 545 -60.84 -38.94 -14.52
N ILE L 546 -59.57 -38.53 -14.54
CA ILE L 546 -58.90 -38.07 -15.76
C ILE L 546 -57.57 -38.79 -15.86
N SER L 547 -57.37 -39.54 -16.93
CA SER L 547 -56.14 -40.29 -17.14
C SER L 547 -55.24 -39.51 -18.10
N ILE L 548 -53.98 -39.34 -17.72
CA ILE L 548 -53.00 -38.64 -18.54
C ILE L 548 -51.79 -39.53 -18.73
N SER L 549 -51.31 -39.62 -19.97
CA SER L 549 -50.09 -40.38 -20.30
C SER L 549 -49.35 -39.59 -21.38
N LYS L 550 -48.43 -38.74 -20.96
CA LYS L 550 -47.63 -37.92 -21.86
C LYS L 550 -46.20 -37.89 -21.35
N ALA L 551 -45.32 -37.27 -22.13
CA ALA L 551 -43.91 -37.18 -21.76
C ALA L 551 -43.78 -36.55 -20.38
N GLY L 552 -43.24 -37.31 -19.44
CA GLY L 552 -43.01 -36.83 -18.09
C GLY L 552 -44.18 -36.96 -17.14
N ILE L 553 -45.27 -37.62 -17.54
CA ILE L 553 -46.42 -37.77 -16.67
C ILE L 553 -47.18 -39.03 -17.09
N ASN L 554 -47.54 -39.85 -16.12
CA ASN L 554 -48.35 -41.05 -16.32
C ASN L 554 -49.17 -41.24 -15.05
N THR L 555 -50.40 -40.72 -15.04
CA THR L 555 -51.13 -40.65 -13.78
C THR L 555 -52.63 -40.52 -14.03
N THR L 556 -53.36 -40.42 -12.92
CA THR L 556 -54.81 -40.25 -12.93
C THR L 556 -55.19 -39.24 -11.86
N LEU L 557 -56.10 -38.34 -12.21
CA LEU L 557 -56.58 -37.30 -11.33
C LEU L 557 -58.05 -37.54 -10.97
N ASN L 558 -58.41 -37.13 -9.77
CA ASN L 558 -59.77 -37.25 -9.26
C ASN L 558 -60.52 -35.95 -9.56
N ALA L 559 -61.70 -36.07 -10.17
CA ALA L 559 -62.48 -34.93 -10.64
C ALA L 559 -63.94 -35.07 -10.24
N ARG L 560 -64.19 -35.32 -8.95
CA ARG L 560 -65.54 -35.56 -8.45
C ARG L 560 -66.31 -34.23 -8.50
N THR L 561 -66.77 -33.89 -9.70
CA THR L 561 -67.46 -32.63 -9.95
C THR L 561 -68.67 -32.86 -10.85
N SER L 562 -69.61 -31.93 -10.77
CA SER L 562 -70.79 -31.93 -11.61
C SER L 562 -70.61 -30.97 -12.78
N ILE L 563 -71.32 -31.25 -13.87
CA ILE L 563 -71.17 -30.51 -15.12
C ILE L 563 -72.48 -29.79 -15.44
N LEU L 564 -72.39 -28.49 -15.69
CA LEU L 564 -73.51 -27.68 -16.16
C LEU L 564 -73.05 -27.00 -17.44
N ALA L 565 -73.58 -27.46 -18.57
CA ALA L 565 -73.12 -27.01 -19.87
C ALA L 565 -74.20 -26.19 -20.58
N ALA L 566 -73.75 -25.26 -21.41
CA ALA L 566 -74.64 -24.44 -22.24
C ALA L 566 -74.26 -24.60 -23.71
N ALA L 567 -75.26 -24.60 -24.58
CA ALA L 567 -75.03 -24.83 -25.99
C ALA L 567 -76.07 -24.12 -26.84
N ASN L 568 -75.71 -23.88 -28.10
CA ASN L 568 -76.50 -23.17 -29.07
C ASN L 568 -76.67 -24.03 -30.32
N PRO L 569 -77.85 -24.05 -30.93
CA PRO L 569 -78.03 -24.84 -32.15
C PRO L 569 -76.96 -24.53 -33.19
N LEU L 570 -76.83 -25.43 -34.16
CA LEU L 570 -75.73 -25.34 -35.12
C LEU L 570 -75.96 -24.24 -36.16
N TYR L 571 -77.21 -23.94 -36.49
CA TYR L 571 -77.53 -22.90 -37.47
C TYR L 571 -78.03 -21.62 -36.78
N GLY L 572 -77.61 -21.38 -35.54
CA GLY L 572 -78.10 -20.24 -34.81
C GLY L 572 -79.43 -20.56 -34.16
N ARG L 573 -80.52 -20.08 -34.76
CA ARG L 573 -81.85 -20.47 -34.31
C ARG L 573 -82.11 -21.93 -34.66
N TYR L 574 -83.02 -22.54 -33.90
CA TYR L 574 -83.40 -23.92 -34.18
C TYR L 574 -84.24 -23.98 -35.45
N ASN L 575 -83.99 -25.01 -36.26
CA ASN L 575 -84.71 -25.21 -37.51
C ASN L 575 -85.65 -26.40 -37.36
N PRO L 576 -86.96 -26.19 -37.17
CA PRO L 576 -87.87 -27.32 -37.01
C PRO L 576 -87.93 -28.25 -38.21
N ARG L 577 -87.50 -27.79 -39.38
CA ARG L 577 -87.54 -28.59 -40.59
C ARG L 577 -86.43 -29.64 -40.66
N LEU L 578 -85.50 -29.62 -39.71
CA LEU L 578 -84.43 -30.60 -39.62
C LEU L 578 -84.55 -31.38 -38.32
N SER L 579 -83.95 -32.57 -38.32
CA SER L 579 -84.04 -33.43 -37.16
C SER L 579 -83.26 -32.84 -35.98
N PRO L 580 -83.66 -33.16 -34.75
CA PRO L 580 -82.96 -32.59 -33.59
C PRO L 580 -81.46 -32.90 -33.58
N LEU L 581 -81.07 -34.11 -33.97
CA LEU L 581 -79.66 -34.47 -33.94
C LEU L 581 -78.86 -33.77 -35.04
N ASP L 582 -79.49 -33.40 -36.14
CA ASP L 582 -78.83 -32.58 -37.16
C ASP L 582 -78.92 -31.10 -36.87
N ASN L 583 -79.73 -30.70 -35.89
CA ASN L 583 -79.76 -29.32 -35.42
C ASN L 583 -78.64 -29.01 -34.44
N ILE L 584 -77.86 -30.01 -34.04
CA ILE L 584 -76.80 -29.84 -33.06
C ILE L 584 -75.54 -30.54 -33.56
N ASN L 585 -74.39 -30.15 -32.99
CA ASN L 585 -73.09 -30.65 -33.43
C ASN L 585 -72.52 -31.73 -32.53
N LEU L 586 -72.82 -31.71 -31.24
CA LEU L 586 -72.16 -32.61 -30.30
C LEU L 586 -72.58 -34.05 -30.55
N PRO L 587 -71.69 -35.03 -30.29
CA PRO L 587 -72.07 -36.44 -30.51
C PRO L 587 -73.28 -36.85 -29.70
N ALA L 588 -74.09 -37.72 -30.31
CA ALA L 588 -75.32 -38.19 -29.68
C ALA L 588 -75.04 -38.92 -28.38
N ALA L 589 -73.95 -39.68 -28.30
CA ALA L 589 -73.60 -40.33 -27.03
C ALA L 589 -73.31 -39.30 -25.96
N LEU L 590 -72.59 -38.23 -26.32
CA LEU L 590 -72.31 -37.16 -25.37
C LEU L 590 -73.61 -36.53 -24.88
N LEU L 591 -74.56 -36.28 -25.79
CA LEU L 591 -75.85 -35.78 -25.35
C LEU L 591 -76.53 -36.78 -24.42
N SER L 592 -76.50 -38.06 -24.77
CA SER L 592 -77.23 -39.07 -24.00
C SER L 592 -76.71 -39.18 -22.58
N ARG L 593 -75.40 -39.13 -22.39
CA ARG L 593 -74.83 -39.39 -21.07
C ARG L 593 -75.22 -38.34 -20.04
N PHE L 594 -75.79 -37.22 -20.44
CA PHE L 594 -76.27 -36.20 -19.53
C PHE L 594 -77.52 -36.69 -18.82
N ASP L 595 -77.60 -36.43 -17.52
CA ASP L 595 -78.80 -36.77 -16.77
C ASP L 595 -80.00 -35.95 -17.23
N ILE L 596 -79.82 -34.65 -17.42
CA ILE L 596 -80.90 -33.77 -17.82
C ILE L 596 -80.46 -32.92 -19.01
N LEU L 597 -81.35 -32.79 -20.00
CA LEU L 597 -81.10 -32.02 -21.21
C LEU L 597 -82.32 -31.18 -21.50
N PHE L 598 -82.15 -29.86 -21.52
CA PHE L 598 -83.24 -28.93 -21.79
C PHE L 598 -83.07 -28.25 -23.13
N LEU L 599 -84.19 -28.10 -23.83
CA LEU L 599 -84.27 -27.36 -25.09
C LEU L 599 -85.07 -26.09 -24.85
N MET L 600 -84.47 -24.95 -25.18
CA MET L 600 -85.09 -23.64 -24.96
C MET L 600 -85.17 -22.91 -26.30
N LEU L 601 -86.41 -22.63 -26.72
CA LEU L 601 -86.66 -21.99 -28.00
C LEU L 601 -87.38 -20.67 -27.78
N ASP L 602 -87.26 -19.77 -28.75
CA ASP L 602 -87.86 -18.45 -28.71
C ASP L 602 -88.95 -18.40 -29.78
N ILE L 603 -90.18 -18.64 -29.35
CA ILE L 603 -91.36 -18.58 -30.23
C ILE L 603 -92.11 -17.30 -29.87
N PRO L 604 -92.19 -16.31 -30.77
CA PRO L 604 -92.85 -15.06 -30.41
C PRO L 604 -94.28 -15.28 -29.97
N SER L 605 -94.68 -14.52 -28.95
CA SER L 605 -96.05 -14.60 -28.42
C SER L 605 -96.39 -13.25 -27.80
N ARG L 606 -97.40 -12.58 -28.36
CA ARG L 606 -97.72 -11.22 -27.97
C ARG L 606 -98.14 -11.12 -26.52
N ASP L 607 -98.58 -12.22 -25.91
CA ASP L 607 -99.00 -12.17 -24.51
C ASP L 607 -97.80 -12.24 -23.58
N ASP L 608 -97.03 -13.32 -23.64
CA ASP L 608 -95.90 -13.50 -22.74
C ASP L 608 -94.80 -12.47 -22.99
N ASP L 609 -94.69 -11.95 -24.22
CA ASP L 609 -93.71 -10.91 -24.48
C ASP L 609 -93.99 -9.67 -23.62
N GLU L 610 -95.27 -9.34 -23.43
CA GLU L 610 -95.61 -8.21 -22.57
C GLU L 610 -95.13 -8.44 -21.15
N LYS L 611 -95.36 -9.64 -20.61
CA LYS L 611 -94.94 -9.93 -19.24
C LYS L 611 -93.43 -9.85 -19.12
N LEU L 612 -92.70 -10.43 -20.07
CA LEU L 612 -91.25 -10.40 -20.02
C LEU L 612 -90.72 -8.99 -20.10
N ALA L 613 -91.28 -8.17 -21.00
CA ALA L 613 -90.84 -6.79 -21.13
C ALA L 613 -91.12 -6.01 -19.85
N GLU L 614 -92.29 -6.20 -19.24
CA GLU L 614 -92.59 -5.53 -17.99
C GLU L 614 -91.60 -5.94 -16.91
N HIS L 615 -91.31 -7.23 -16.83
CA HIS L 615 -90.34 -7.71 -15.83
C HIS L 615 -88.99 -7.04 -16.02
N VAL L 616 -88.45 -7.08 -17.24
CA VAL L 616 -87.11 -6.55 -17.48
C VAL L 616 -87.07 -5.04 -17.23
N THR L 617 -88.08 -4.32 -17.72
CA THR L 617 -88.07 -2.87 -17.56
C THR L 617 -88.23 -2.48 -16.10
N TYR L 618 -89.02 -3.24 -15.32
CA TYR L 618 -89.09 -3.01 -13.89
C TYR L 618 -87.73 -3.26 -13.24
N VAL L 619 -87.05 -4.34 -13.67
CA VAL L 619 -85.75 -4.66 -13.09
C VAL L 619 -84.77 -3.54 -13.33
N HIS L 620 -84.79 -2.95 -14.52
CA HIS L 620 -83.91 -1.81 -14.78
C HIS L 620 -84.33 -0.55 -14.03
N MET L 621 -85.63 -0.29 -13.92
CA MET L 621 -86.05 0.96 -13.28
C MET L 621 -85.77 0.92 -11.79
N HIS L 622 -85.92 -0.24 -11.16
CA HIS L 622 -85.43 -0.49 -9.82
C HIS L 622 -84.14 -1.29 -9.89
N ASN L 623 -83.69 -1.79 -8.74
CA ASN L 623 -82.63 -2.79 -8.68
C ASN L 623 -83.12 -4.07 -8.03
N LYS L 624 -84.44 -4.27 -7.96
CA LYS L 624 -85.03 -5.42 -7.29
C LYS L 624 -86.11 -6.03 -8.19
N GLN L 625 -86.50 -7.26 -7.85
CA GLN L 625 -87.53 -7.98 -8.59
C GLN L 625 -88.90 -7.34 -8.35
N PRO L 626 -89.87 -7.62 -9.23
CA PRO L 626 -91.18 -6.97 -9.11
C PRO L 626 -92.15 -7.65 -8.14
N ASP L 627 -92.04 -8.96 -7.97
CA ASP L 627 -93.03 -9.67 -7.16
C ASP L 627 -92.95 -9.23 -5.71
N LEU L 628 -94.11 -9.00 -5.10
CA LEU L 628 -94.20 -8.62 -3.69
C LEU L 628 -94.75 -9.71 -2.80
N ASP L 629 -95.41 -10.73 -3.36
CA ASP L 629 -95.96 -11.81 -2.57
C ASP L 629 -94.94 -12.89 -2.24
N PHE L 630 -93.71 -12.77 -2.76
CA PHE L 630 -92.67 -13.75 -2.53
C PHE L 630 -91.39 -13.04 -2.09
N THR L 631 -90.78 -13.54 -1.01
CA THR L 631 -89.55 -12.97 -0.48
C THR L 631 -88.41 -13.94 -0.73
N PRO L 632 -87.39 -13.58 -1.51
CA PRO L 632 -86.32 -14.52 -1.81
C PRO L 632 -85.45 -14.82 -0.59
N VAL L 633 -84.86 -16.01 -0.60
CA VAL L 633 -83.97 -16.45 0.46
C VAL L 633 -82.53 -16.25 0.02
N GLU L 634 -81.72 -15.69 0.90
CA GLU L 634 -80.38 -15.27 0.53
C GLU L 634 -79.44 -16.48 0.36
N PRO L 635 -78.35 -16.30 -0.38
CA PRO L 635 -77.45 -17.43 -0.64
C PRO L 635 -76.89 -18.06 0.63
N SER L 636 -76.67 -17.28 1.69
CA SER L 636 -76.14 -17.86 2.91
C SER L 636 -77.10 -18.90 3.49
N LYS L 637 -78.38 -18.54 3.63
CA LYS L 637 -79.35 -19.49 4.15
C LYS L 637 -79.58 -20.63 3.19
N MET L 638 -79.52 -20.37 1.88
CA MET L 638 -79.64 -21.45 0.91
C MET L 638 -78.51 -22.47 1.09
N ARG L 639 -77.28 -21.98 1.23
CA ARG L 639 -76.16 -22.88 1.47
C ARG L 639 -76.33 -23.63 2.79
N GLU L 640 -76.81 -22.95 3.82
CA GLU L 640 -77.06 -23.61 5.10
C GLU L 640 -78.00 -24.79 4.90
N TYR L 641 -79.15 -24.55 4.27
CA TYR L 641 -80.13 -25.62 4.10
C TYR L 641 -79.58 -26.74 3.24
N ILE L 642 -78.87 -26.42 2.16
CA ILE L 642 -78.34 -27.46 1.29
C ILE L 642 -77.31 -28.30 2.04
N ALA L 643 -76.44 -27.65 2.81
CA ALA L 643 -75.46 -28.38 3.59
C ALA L 643 -76.13 -29.32 4.59
N TYR L 644 -77.17 -28.83 5.26
CA TYR L 644 -77.89 -29.69 6.19
C TYR L 644 -78.51 -30.88 5.46
N ALA L 645 -79.15 -30.62 4.31
CA ALA L 645 -79.81 -31.69 3.57
C ALA L 645 -78.81 -32.74 3.10
N LYS L 646 -77.59 -32.31 2.77
CA LYS L 646 -76.60 -33.25 2.24
C LYS L 646 -76.23 -34.32 3.27
N THR L 647 -76.56 -34.12 4.54
CA THR L 647 -76.24 -35.11 5.56
C THR L 647 -77.13 -36.34 5.49
N LYS L 648 -78.29 -36.26 4.83
CA LYS L 648 -79.20 -37.37 4.76
C LYS L 648 -78.76 -38.39 3.71
N ARG L 649 -79.34 -39.59 3.80
CA ARG L 649 -79.09 -40.65 2.83
C ARG L 649 -80.31 -41.55 2.75
N PRO L 650 -81.36 -41.12 2.05
CA PRO L 650 -82.58 -41.92 1.98
C PRO L 650 -82.36 -43.25 1.27
N VAL L 651 -83.32 -44.16 1.46
CA VAL L 651 -83.22 -45.51 0.94
C VAL L 651 -84.48 -45.85 0.16
N MET L 652 -84.41 -46.91 -0.64
CA MET L 652 -85.45 -47.30 -1.58
C MET L 652 -86.12 -48.59 -1.11
N SER L 653 -87.44 -48.70 -1.36
CA SER L 653 -88.20 -49.87 -0.95
C SER L 653 -88.89 -50.52 -2.15
N GLU L 654 -89.70 -51.55 -1.87
CA GLU L 654 -90.24 -52.44 -2.88
C GLU L 654 -91.37 -51.81 -3.69
N ALA L 655 -92.29 -51.09 -3.04
CA ALA L 655 -93.37 -50.45 -3.79
C ALA L 655 -92.83 -49.43 -4.77
N VAL L 656 -91.89 -48.60 -4.33
CA VAL L 656 -91.28 -47.61 -5.22
C VAL L 656 -90.48 -48.31 -6.30
N ASN L 657 -89.82 -49.43 -5.96
CA ASN L 657 -89.10 -50.20 -6.97
C ASN L 657 -90.04 -50.69 -8.06
N ASP L 658 -91.20 -51.21 -7.66
CA ASP L 658 -92.17 -51.70 -8.64
C ASP L 658 -92.66 -50.55 -9.52
N TYR L 659 -92.99 -49.42 -8.90
CA TYR L 659 -93.43 -48.28 -9.69
C TYR L 659 -92.36 -47.85 -10.69
N VAL L 660 -91.10 -47.82 -10.24
CA VAL L 660 -90.01 -47.39 -11.10
C VAL L 660 -89.83 -48.35 -12.26
N VAL L 661 -89.88 -49.66 -12.00
CA VAL L 661 -89.69 -50.62 -13.09
C VAL L 661 -90.82 -50.51 -14.10
N GLN L 662 -92.06 -50.36 -13.64
CA GLN L 662 -93.17 -50.19 -14.58
C GLN L 662 -92.98 -48.94 -15.43
N ALA L 663 -92.63 -47.83 -14.79
CA ALA L 663 -92.44 -46.59 -15.54
C ALA L 663 -91.31 -46.74 -16.56
N TYR L 664 -90.21 -47.37 -16.16
CA TYR L 664 -89.09 -47.56 -17.07
C TYR L 664 -89.49 -48.42 -18.26
N ILE L 665 -90.24 -49.50 -18.02
CA ILE L 665 -90.67 -50.35 -19.12
C ILE L 665 -91.52 -49.55 -20.09
N ARG L 666 -92.49 -48.80 -19.56
CA ARG L 666 -93.35 -48.01 -20.45
C ARG L 666 -92.53 -47.01 -21.26
N LEU L 667 -91.64 -46.28 -20.59
CA LEU L 667 -90.86 -45.24 -21.27
C LEU L 667 -89.96 -45.85 -22.35
N ARG L 668 -89.31 -46.97 -22.04
CA ARG L 668 -88.44 -47.60 -23.01
C ARG L 668 -89.24 -48.12 -24.20
N GLN L 669 -90.42 -48.68 -23.94
CA GLN L 669 -91.27 -49.12 -25.04
C GLN L 669 -91.66 -47.95 -25.94
N ASP L 670 -92.00 -46.81 -25.34
CA ASP L 670 -92.45 -45.67 -26.15
C ASP L 670 -91.31 -45.06 -26.95
N SER L 671 -90.14 -44.87 -26.33
CA SER L 671 -89.09 -44.08 -26.96
C SER L 671 -88.62 -44.68 -28.28
N LYS L 672 -88.68 -46.01 -28.43
CA LYS L 672 -88.16 -46.65 -29.62
C LYS L 672 -88.89 -46.17 -30.87
N ARG L 673 -90.22 -46.05 -30.78
CA ARG L 673 -90.99 -45.58 -31.93
C ARG L 673 -90.58 -44.16 -32.33
N GLU L 674 -90.42 -43.29 -31.33
CA GLU L 674 -90.03 -41.92 -31.63
C GLU L 674 -88.66 -41.86 -32.30
N MET L 675 -87.71 -42.66 -31.80
CA MET L 675 -86.37 -42.64 -32.39
C MET L 675 -86.40 -43.12 -33.84
N ASP L 676 -87.28 -44.07 -34.16
CA ASP L 676 -87.35 -44.56 -35.54
C ASP L 676 -87.75 -43.46 -36.51
N SER L 677 -88.68 -42.60 -36.14
CA SER L 677 -89.12 -41.49 -36.98
C SER L 677 -88.13 -40.34 -37.03
N LYS L 678 -86.91 -40.53 -36.50
CA LYS L 678 -85.88 -39.50 -36.51
C LYS L 678 -86.39 -38.22 -35.87
N PHE L 679 -87.04 -38.34 -34.71
CA PHE L 679 -87.56 -37.19 -33.98
C PHE L 679 -87.28 -37.33 -32.49
N SER L 680 -86.07 -37.74 -32.14
CA SER L 680 -85.68 -37.87 -30.74
C SER L 680 -84.19 -37.59 -30.62
N PHE L 681 -83.81 -36.88 -29.55
CA PHE L 681 -82.41 -36.64 -29.28
C PHE L 681 -81.67 -37.93 -28.93
N GLY L 682 -82.40 -38.97 -28.54
CA GLY L 682 -81.78 -40.24 -28.22
C GLY L 682 -82.75 -41.27 -27.69
N GLN L 683 -82.40 -42.55 -27.86
CA GLN L 683 -83.24 -43.62 -27.34
C GLN L 683 -83.09 -43.75 -25.84
N ALA L 684 -84.14 -44.23 -25.19
CA ALA L 684 -84.09 -44.44 -23.75
C ALA L 684 -83.13 -45.56 -23.41
N THR L 685 -82.39 -45.40 -22.32
CA THR L 685 -81.36 -46.36 -21.94
C THR L 685 -81.26 -46.46 -20.42
N PRO L 686 -80.52 -47.45 -19.90
CA PRO L 686 -80.44 -47.60 -18.43
C PRO L 686 -79.94 -46.36 -17.72
N ARG L 687 -79.12 -45.54 -18.39
CA ARG L 687 -78.72 -44.27 -17.79
C ARG L 687 -79.93 -43.43 -17.46
N THR L 688 -81.00 -43.54 -18.24
CA THR L 688 -82.24 -42.81 -17.92
C THR L 688 -82.83 -43.29 -16.60
N LEU L 689 -82.88 -44.61 -16.39
CA LEU L 689 -83.36 -45.14 -15.13
C LEU L 689 -82.50 -44.66 -13.97
N LEU L 690 -81.18 -44.68 -14.16
CA LEU L 690 -80.30 -44.21 -13.09
C LEU L 690 -80.52 -42.74 -12.80
N GLY L 691 -80.74 -41.93 -13.84
CA GLY L 691 -81.04 -40.52 -13.61
C GLY L 691 -82.33 -40.32 -12.86
N ILE L 692 -83.36 -41.11 -13.17
CA ILE L 692 -84.62 -41.03 -12.45
C ILE L 692 -84.40 -41.37 -10.98
N ILE L 693 -83.63 -42.43 -10.71
CA ILE L 693 -83.34 -42.82 -9.35
C ILE L 693 -82.63 -41.70 -8.61
N ARG L 694 -81.63 -41.10 -9.26
CA ARG L 694 -80.87 -40.03 -8.62
C ARG L 694 -81.75 -38.82 -8.32
N LEU L 695 -82.62 -38.46 -9.26
CA LEU L 695 -83.51 -37.32 -9.02
C LEU L 695 -84.48 -37.60 -7.88
N SER L 696 -85.01 -38.82 -7.81
CA SER L 696 -85.89 -39.17 -6.70
C SER L 696 -85.15 -39.08 -5.37
N GLN L 697 -83.91 -39.58 -5.33
CA GLN L 697 -83.13 -39.48 -4.10
C GLN L 697 -82.87 -38.01 -3.73
N ALA L 698 -82.57 -37.18 -4.72
CA ALA L 698 -82.33 -35.77 -4.43
C ALA L 698 -83.57 -35.11 -3.86
N LEU L 699 -84.74 -35.41 -4.44
CA LEU L 699 -85.97 -34.84 -3.91
C LEU L 699 -86.24 -35.31 -2.48
N ALA L 700 -85.97 -36.59 -2.21
CA ALA L 700 -86.12 -37.09 -0.85
C ALA L 700 -85.19 -36.34 0.11
N LYS L 701 -83.92 -36.20 -0.26
CA LYS L 701 -82.98 -35.46 0.58
C LYS L 701 -83.47 -34.05 0.84
N LEU L 702 -83.99 -33.39 -0.20
CA LEU L 702 -84.53 -32.04 -0.01
C LEU L 702 -85.70 -32.05 0.95
N ARG L 703 -86.58 -33.05 0.85
CA ARG L 703 -87.66 -33.20 1.82
C ARG L 703 -87.15 -33.51 3.21
N LEU L 704 -85.88 -33.90 3.34
CA LEU L 704 -85.28 -34.22 4.64
C LEU L 704 -85.96 -35.43 5.27
N ALA L 705 -85.98 -36.52 4.50
CA ALA L 705 -86.55 -37.78 4.94
C ALA L 705 -85.59 -38.91 4.62
N ASP L 706 -85.56 -39.90 5.52
CA ASP L 706 -84.80 -41.13 5.29
C ASP L 706 -85.53 -42.06 4.34
N MET L 707 -86.83 -41.89 4.15
CA MET L 707 -87.63 -42.76 3.31
C MET L 707 -88.06 -42.02 2.06
N VAL L 708 -87.91 -42.69 0.92
CA VAL L 708 -88.36 -42.17 -0.36
C VAL L 708 -89.84 -42.50 -0.54
N ASP L 709 -90.52 -41.71 -1.37
CA ASP L 709 -91.95 -41.84 -1.56
C ASP L 709 -92.28 -41.74 -3.05
N ILE L 710 -93.49 -42.21 -3.40
CA ILE L 710 -93.88 -42.29 -4.80
C ILE L 710 -93.97 -40.91 -5.42
N ASP L 711 -94.40 -39.91 -4.65
CA ASP L 711 -94.52 -38.55 -5.18
C ASP L 711 -93.20 -38.03 -5.71
N ASP L 712 -92.08 -38.43 -5.09
CA ASP L 712 -90.78 -38.00 -5.57
C ASP L 712 -90.52 -38.52 -6.98
N VAL L 713 -90.79 -39.80 -7.22
CA VAL L 713 -90.62 -40.36 -8.56
C VAL L 713 -91.60 -39.71 -9.52
N GLU L 714 -92.81 -39.39 -9.05
CA GLU L 714 -93.76 -38.69 -9.90
C GLU L 714 -93.19 -37.36 -10.38
N GLU L 715 -92.62 -36.58 -9.45
CA GLU L 715 -92.04 -35.29 -9.82
C GLU L 715 -90.86 -35.47 -10.75
N ALA L 716 -90.02 -36.49 -10.49
CA ALA L 716 -88.86 -36.71 -11.35
C ALA L 716 -89.29 -37.04 -12.77
N LEU L 717 -90.30 -37.90 -12.92
CA LEU L 717 -90.79 -38.22 -14.26
C LEU L 717 -91.42 -37.00 -14.91
N ARG L 718 -92.15 -36.19 -14.13
CA ARG L 718 -92.70 -34.95 -14.67
C ARG L 718 -91.59 -34.08 -15.25
N LEU L 719 -90.49 -33.94 -14.51
CA LEU L 719 -89.39 -33.11 -14.99
C LEU L 719 -88.77 -33.69 -16.27
N VAL L 720 -88.45 -34.99 -16.25
CA VAL L 720 -87.80 -35.56 -17.41
C VAL L 720 -88.72 -35.54 -18.62
N ARG L 721 -90.04 -35.53 -18.41
CA ARG L 721 -90.96 -35.44 -19.52
C ARG L 721 -91.01 -34.01 -20.06
N VAL L 722 -91.18 -33.02 -19.19
CA VAL L 722 -91.32 -31.63 -19.61
C VAL L 722 -90.00 -31.14 -20.18
N SER L 723 -88.92 -31.92 -19.99
CA SER L 723 -87.64 -31.53 -20.55
C SER L 723 -87.69 -31.28 -22.05
N LYS L 724 -88.56 -31.97 -22.78
CA LYS L 724 -88.62 -31.85 -24.24
C LYS L 724 -89.95 -31.30 -24.73
N GLU L 725 -90.67 -30.54 -23.89
CA GLU L 725 -91.99 -30.06 -24.28
C GLU L 725 -91.92 -29.14 -25.48
N SER L 726 -90.95 -28.22 -25.51
CA SER L 726 -90.91 -27.23 -26.59
C SER L 726 -90.75 -27.85 -27.96
N LEU L 727 -90.26 -29.08 -28.04
CA LEU L 727 -90.07 -29.76 -29.31
C LEU L 727 -91.37 -30.22 -29.94
N TYR L 728 -92.50 -30.06 -29.25
CA TYR L 728 -93.79 -30.54 -29.73
C TYR L 728 -94.78 -29.41 -29.98
N GLN L 729 -94.30 -28.18 -30.17
CA GLN L 729 -95.19 -27.05 -30.41
C GLN L 729 -95.65 -27.03 -31.86
N LYS M 16 45.83 71.85 -52.47
CA LYS M 16 45.75 73.23 -52.01
C LYS M 16 46.19 73.31 -50.55
N GLU M 17 45.48 72.60 -49.68
CA GLU M 17 45.92 72.50 -48.28
C GLU M 17 47.19 71.66 -48.14
N GLU M 18 47.47 70.80 -49.13
CA GLU M 18 48.63 69.93 -49.05
C GLU M 18 49.92 70.73 -48.99
N MET M 19 50.07 71.72 -49.89
CA MET M 19 51.30 72.50 -49.90
C MET M 19 51.51 73.20 -48.56
N ILE M 20 50.46 73.83 -48.03
CA ILE M 20 50.61 74.57 -46.78
C ILE M 20 50.94 73.63 -45.61
N GLN M 21 50.28 72.48 -45.54
CA GLN M 21 50.54 71.58 -44.41
C GLN M 21 51.93 70.98 -44.50
N LEU M 22 52.35 70.57 -45.71
CA LEU M 22 53.70 70.05 -45.88
C LEU M 22 54.75 71.11 -45.60
N TYR M 23 54.48 72.38 -45.96
CA TYR M 23 55.42 73.44 -45.62
C TYR M 23 55.50 73.65 -44.12
N HIS M 24 54.35 73.63 -43.43
CA HIS M 24 54.35 73.80 -41.98
C HIS M 24 55.13 72.69 -41.30
N ASP M 25 54.92 71.44 -41.73
CA ASP M 25 55.64 70.33 -41.10
C ASP M 25 57.12 70.35 -41.46
N LEU M 26 57.45 70.66 -42.71
CA LEU M 26 58.81 70.62 -43.23
C LEU M 26 59.10 71.95 -43.91
N PRO M 27 59.64 72.93 -43.19
CA PRO M 27 59.96 74.22 -43.83
C PRO M 27 60.99 74.11 -44.94
N GLY M 28 61.82 73.07 -44.94
CA GLY M 28 62.88 72.97 -45.94
C GLY M 28 62.35 72.86 -47.36
N ILE M 29 61.31 72.05 -47.57
CA ILE M 29 60.79 71.87 -48.92
C ILE M 29 60.24 73.17 -49.46
N GLU M 30 59.78 74.08 -48.58
CA GLU M 30 59.27 75.36 -49.05
C GLU M 30 60.31 76.10 -49.90
N ASN M 31 61.58 75.98 -49.54
CA ASN M 31 62.66 76.57 -50.32
C ASN M 31 63.27 75.59 -51.33
N GLU M 32 63.16 74.28 -51.08
CA GLU M 32 63.77 73.30 -51.96
C GLU M 32 62.95 73.14 -53.25
N TYR M 33 61.67 72.84 -53.11
CA TYR M 33 60.77 72.60 -54.23
C TYR M 33 59.52 73.46 -54.11
N LYS M 34 58.92 73.77 -55.25
CA LYS M 34 57.53 74.24 -55.28
C LYS M 34 56.65 73.09 -55.74
N LEU M 35 55.92 72.50 -54.80
CA LEU M 35 55.07 71.35 -55.12
C LEU M 35 54.10 71.72 -56.24
N ILE M 36 54.06 70.89 -57.28
CA ILE M 36 53.23 71.15 -58.45
C ILE M 36 51.80 70.74 -58.14
N ASP M 37 51.59 69.46 -57.85
CA ASP M 37 50.25 68.96 -57.53
C ASP M 37 50.40 67.51 -57.05
N LYS M 38 49.28 66.94 -56.61
CA LYS M 38 49.21 65.56 -56.14
C LYS M 38 48.76 64.68 -57.30
N ILE M 39 49.40 63.52 -57.43
CA ILE M 39 49.11 62.60 -58.54
C ILE M 39 48.51 61.28 -58.07
N GLY M 40 48.55 60.97 -56.78
CA GLY M 40 47.98 59.73 -56.29
C GLY M 40 48.05 59.57 -54.78
N GLU M 41 47.16 58.76 -54.23
CA GLU M 41 47.10 58.48 -52.80
C GLU M 41 47.07 56.97 -52.61
N GLY M 42 48.11 56.42 -52.00
CA GLY M 42 48.22 55.00 -51.77
C GLY M 42 47.80 54.60 -50.36
N THR M 43 47.48 53.31 -50.21
CA THR M 43 47.12 52.79 -48.89
C THR M 43 48.34 52.64 -48.00
N PHE M 44 49.54 52.72 -48.57
CA PHE M 44 50.79 52.56 -47.83
C PHE M 44 51.58 53.85 -47.76
N SER M 45 51.24 54.85 -48.59
CA SER M 45 51.95 56.11 -48.61
C SER M 45 51.18 57.12 -49.45
N SER M 46 51.73 58.31 -49.63
CA SER M 46 51.15 59.32 -50.50
C SER M 46 52.15 59.70 -51.57
N VAL M 47 51.65 60.00 -52.77
CA VAL M 47 52.48 60.35 -53.91
C VAL M 47 52.09 61.74 -54.39
N TYR M 48 53.06 62.64 -54.46
CA TYR M 48 52.87 63.96 -55.06
C TYR M 48 53.87 64.11 -56.20
N LYS M 49 53.58 65.06 -57.09
CA LYS M 49 54.49 65.39 -58.18
C LYS M 49 55.03 66.79 -57.98
N ALA M 50 56.35 66.94 -58.04
CA ALA M 50 57.01 68.20 -57.75
C ALA M 50 57.99 68.53 -58.87
N LYS M 51 58.13 69.84 -59.13
CA LYS M 51 59.05 70.35 -60.14
C LYS M 51 60.45 70.29 -59.55
N ASP M 52 61.21 69.26 -59.94
CA ASP M 52 62.56 69.03 -59.40
C ASP M 52 63.60 69.73 -60.27
N ILE M 53 63.55 71.06 -60.25
CA ILE M 53 64.65 71.84 -60.81
C ILE M 53 65.13 72.86 -59.79
N THR M 54 66.01 72.41 -58.91
CA THR M 54 66.94 73.27 -58.18
C THR M 54 68.33 73.03 -58.77
N GLY M 55 69.44 73.47 -58.15
CA GLY M 55 70.75 73.07 -58.63
C GLY M 55 70.76 71.64 -59.11
N LYS M 56 70.51 70.70 -58.20
CA LYS M 56 70.10 69.34 -58.55
C LYS M 56 70.93 68.76 -59.69
N ILE M 57 72.21 68.49 -59.40
CA ILE M 57 73.16 68.13 -60.44
C ILE M 57 72.59 67.04 -61.34
N THR M 58 72.65 67.28 -62.65
CA THR M 58 72.09 66.35 -63.61
C THR M 58 72.82 65.01 -63.56
N LYS M 59 74.06 65.00 -63.07
CA LYS M 59 74.73 63.72 -62.83
C LYS M 59 74.01 62.91 -61.77
N LYS M 60 73.63 63.55 -60.67
CA LYS M 60 72.82 62.86 -59.66
C LYS M 60 71.50 62.40 -60.27
N PHE M 61 70.93 63.19 -61.18
CA PHE M 61 69.67 62.83 -61.83
C PHE M 61 69.87 62.20 -63.20
N ALA M 62 70.99 61.53 -63.44
CA ALA M 62 71.28 60.97 -64.74
C ALA M 62 71.13 59.44 -64.75
N SER M 63 71.17 58.88 -65.96
CA SER M 63 71.10 57.43 -66.14
C SER M 63 69.85 56.86 -65.47
N HIS M 64 68.74 57.56 -65.60
CA HIS M 64 67.46 57.14 -65.05
C HIS M 64 66.46 56.93 -66.18
N PHE M 65 65.57 55.96 -65.99
CA PHE M 65 64.75 55.46 -67.09
C PHE M 65 64.05 56.59 -67.85
N TRP M 66 63.91 57.76 -67.22
CA TRP M 66 63.28 58.91 -67.87
C TRP M 66 64.36 59.85 -68.41
N ASN M 67 64.56 59.80 -69.73
CA ASN M 67 65.18 60.86 -70.53
C ASN M 67 66.59 61.24 -70.11
N TYR M 68 67.14 60.64 -69.04
CA TYR M 68 68.50 60.92 -68.60
C TYR M 68 68.73 62.43 -68.43
N GLY M 69 68.02 63.04 -67.49
CA GLY M 69 68.18 64.46 -67.24
C GLY M 69 67.66 64.87 -65.89
N SER M 70 67.37 66.16 -65.75
CA SER M 70 66.79 66.69 -64.52
C SER M 70 65.41 67.28 -64.80
N ASN M 71 64.39 66.74 -64.14
CA ASN M 71 63.01 67.11 -64.40
C ASN M 71 62.16 66.61 -63.23
N TYR M 72 60.84 66.63 -63.43
CA TYR M 72 59.89 66.43 -62.33
C TYR M 72 60.21 65.16 -61.53
N VAL M 73 60.19 65.29 -60.21
CA VAL M 73 60.43 64.16 -59.31
C VAL M 73 59.24 64.03 -58.39
N ALA M 74 58.64 62.85 -58.37
CA ALA M 74 57.57 62.56 -57.41
C ALA M 74 58.15 62.49 -56.00
N LEU M 75 57.39 63.00 -55.05
CA LEU M 75 57.73 62.91 -53.64
C LEU M 75 56.82 61.86 -52.99
N LYS M 76 57.43 60.87 -52.35
CA LYS M 76 56.72 59.76 -51.72
C LYS M 76 56.71 60.02 -50.21
N LYS M 77 55.58 60.51 -49.72
CA LYS M 77 55.39 60.75 -48.29
C LYS M 77 55.06 59.42 -47.62
N ILE M 78 55.98 58.92 -46.79
CA ILE M 78 55.81 57.62 -46.15
C ILE M 78 55.14 57.81 -44.81
N TYR M 79 54.06 57.07 -44.58
CA TYR M 79 53.33 57.19 -43.31
C TYR M 79 54.23 56.86 -42.14
N VAL M 80 54.14 57.68 -41.09
CA VAL M 80 54.95 57.47 -39.89
C VAL M 80 54.62 56.14 -39.21
N THR M 81 53.43 55.60 -39.43
CA THR M 81 53.04 54.37 -38.75
C THR M 81 53.97 53.21 -39.09
N SER M 82 54.49 53.20 -40.31
CA SER M 82 55.32 52.07 -40.74
C SER M 82 56.57 51.97 -39.88
N SER M 83 57.06 50.75 -39.72
CA SER M 83 58.20 50.51 -38.84
C SER M 83 59.49 51.07 -39.45
N PRO M 84 60.40 51.57 -38.62
CA PRO M 84 61.69 52.03 -39.15
C PRO M 84 62.42 50.95 -39.93
N GLN M 85 62.37 49.70 -39.47
CA GLN M 85 63.09 48.64 -40.17
C GLN M 85 62.50 48.40 -41.56
N ARG M 86 61.17 48.36 -41.66
CA ARG M 86 60.53 48.18 -42.95
C ARG M 86 60.85 49.33 -43.90
N ILE M 87 60.69 50.56 -43.43
CA ILE M 87 60.96 51.70 -44.32
C ILE M 87 62.42 51.70 -44.73
N TYR M 88 63.33 51.32 -43.82
CA TYR M 88 64.73 51.32 -44.16
C TYR M 88 65.06 50.25 -45.18
N ASN M 89 64.49 49.05 -45.04
CA ASN M 89 64.72 48.03 -46.05
C ASN M 89 64.23 48.51 -47.41
N GLU M 90 63.06 49.16 -47.44
CA GLU M 90 62.57 49.66 -48.72
C GLU M 90 63.51 50.72 -49.30
N LEU M 91 63.84 51.75 -48.53
CA LEU M 91 64.69 52.83 -49.01
C LEU M 91 66.11 52.40 -49.32
N ASN M 92 66.58 51.27 -48.78
CA ASN M 92 67.89 50.76 -49.14
C ASN M 92 67.86 49.87 -50.37
N LEU M 93 66.79 49.09 -50.56
CA LEU M 93 66.69 48.29 -51.78
C LEU M 93 66.35 49.17 -52.98
N LEU M 94 65.73 50.33 -52.74
CA LEU M 94 65.67 51.33 -53.80
C LEU M 94 67.06 51.80 -54.21
N TYR M 95 67.96 52.02 -53.25
CA TYR M 95 69.24 52.65 -53.55
C TYR M 95 70.23 51.66 -54.16
N ILE M 96 70.47 50.54 -53.47
CA ILE M 96 71.56 49.65 -53.87
C ILE M 96 71.14 48.76 -55.03
N MET M 97 70.11 47.94 -54.83
CA MET M 97 69.80 46.88 -55.78
C MET M 97 68.96 47.36 -56.96
N THR M 98 68.57 48.62 -57.01
CA THR M 98 67.77 49.16 -58.11
C THR M 98 68.37 50.47 -58.58
N GLY M 99 69.08 50.43 -59.71
CA GLY M 99 69.63 51.63 -60.30
C GLY M 99 69.56 51.64 -61.81
N SER M 100 69.01 50.58 -62.39
CA SER M 100 68.92 50.45 -63.84
C SER M 100 68.03 49.25 -64.16
N SER M 101 67.94 48.92 -65.44
CA SER M 101 67.16 47.76 -65.91
C SER M 101 65.67 47.96 -65.65
N ARG M 102 65.16 49.10 -66.11
CA ARG M 102 63.72 49.39 -66.07
C ARG M 102 63.18 49.29 -64.65
N VAL M 103 63.88 49.95 -63.72
CA VAL M 103 63.47 50.00 -62.32
C VAL M 103 63.51 51.45 -61.84
N ALA M 104 62.75 51.72 -60.79
CA ALA M 104 62.69 53.07 -60.25
C ALA M 104 63.93 53.36 -59.43
N PRO M 105 64.73 54.37 -59.79
CA PRO M 105 65.86 54.74 -58.94
C PRO M 105 65.52 55.86 -57.97
N LEU M 106 66.23 55.88 -56.85
CA LEU M 106 66.06 56.90 -55.82
C LEU M 106 67.37 57.65 -55.65
N CYS M 107 67.26 58.97 -55.56
CA CYS M 107 68.44 59.84 -55.44
C CYS M 107 68.58 60.45 -54.05
N ASP M 108 67.48 60.83 -53.41
CA ASP M 108 67.54 61.54 -52.14
C ASP M 108 66.27 61.27 -51.33
N ALA M 109 66.31 61.71 -50.07
CA ALA M 109 65.15 61.61 -49.19
C ALA M 109 65.29 62.68 -48.11
N LYS M 110 64.15 63.20 -47.67
CA LYS M 110 64.10 64.21 -46.63
C LYS M 110 63.44 63.63 -45.38
N ARG M 111 64.12 63.76 -44.25
CA ARG M 111 63.67 63.16 -43.00
C ARG M 111 63.51 64.24 -41.93
N VAL M 112 62.51 64.05 -41.08
CA VAL M 112 62.32 64.86 -39.88
C VAL M 112 62.18 63.92 -38.70
N ARG M 113 61.87 64.46 -37.52
CA ARG M 113 61.81 63.65 -36.32
C ARG M 113 60.92 62.43 -36.52
N ASP M 114 59.77 62.61 -37.17
CA ASP M 114 58.80 61.52 -37.33
C ASP M 114 58.62 61.10 -38.79
N GLN M 115 58.26 62.03 -39.66
CA GLN M 115 57.84 61.69 -41.02
C GLN M 115 59.02 61.76 -41.99
N VAL M 116 58.86 61.08 -43.13
CA VAL M 116 59.92 61.00 -44.13
C VAL M 116 59.31 61.04 -45.52
N ILE M 117 60.07 61.58 -46.47
CA ILE M 117 59.70 61.63 -47.88
C ILE M 117 60.87 61.09 -48.69
N ALA M 118 60.55 60.33 -49.74
CA ALA M 118 61.52 59.86 -50.71
C ALA M 118 61.39 60.68 -51.99
N VAL M 119 62.51 60.81 -52.72
CA VAL M 119 62.60 61.64 -53.90
C VAL M 119 62.81 60.71 -55.10
N LEU M 120 61.70 60.30 -55.73
CA LEU M 120 61.76 59.30 -56.80
C LEU M 120 61.29 59.94 -58.10
N PRO M 121 62.10 59.89 -59.17
CA PRO M 121 61.75 60.68 -60.36
C PRO M 121 60.37 60.35 -60.92
N TYR M 122 59.61 61.37 -61.31
CA TYR M 122 58.23 61.14 -61.71
C TYR M 122 58.18 60.45 -63.08
N TYR M 123 57.25 59.52 -63.21
CA TYR M 123 57.03 58.81 -64.47
C TYR M 123 55.58 59.00 -64.92
N PRO M 124 55.32 59.77 -65.97
CA PRO M 124 53.94 59.93 -66.44
C PRO M 124 53.35 58.58 -66.82
N HIS M 125 52.05 58.41 -66.55
CA HIS M 125 51.36 57.16 -66.80
C HIS M 125 49.87 57.46 -66.96
N GLU M 126 49.06 56.40 -66.92
CA GLU M 126 47.62 56.55 -67.01
C GLU M 126 46.95 55.40 -66.29
N GLU M 127 45.68 55.60 -65.92
CA GLU M 127 44.95 54.58 -65.19
C GLU M 127 44.88 53.29 -66.02
N PHE M 128 45.06 52.16 -65.33
CA PHE M 128 45.12 50.86 -66.00
C PHE M 128 43.75 50.32 -66.36
N ARG M 129 42.67 50.88 -65.83
CA ARG M 129 41.32 50.47 -66.17
C ARG M 129 40.82 51.11 -67.45
N THR M 130 41.58 52.03 -68.04
CA THR M 130 41.16 52.69 -69.27
C THR M 130 41.44 51.83 -70.51
N PHE M 131 42.61 51.20 -70.57
CA PHE M 131 43.03 50.43 -71.73
C PHE M 131 43.05 48.92 -71.44
N TYR M 132 42.16 48.45 -70.58
CA TYR M 132 42.16 47.05 -70.16
C TYR M 132 41.32 46.15 -71.06
N ARG M 133 40.57 46.71 -72.02
CA ARG M 133 39.77 45.89 -72.91
C ARG M 133 39.75 46.37 -74.35
N ASP M 134 40.61 47.33 -74.73
CA ASP M 134 40.64 47.88 -76.08
C ASP M 134 42.08 48.04 -76.54
N LEU M 135 42.91 47.03 -76.31
CA LEU M 135 44.33 47.09 -76.63
C LEU M 135 44.70 45.86 -77.45
N PRO M 136 45.45 46.03 -78.55
CA PRO M 136 45.79 44.86 -79.38
C PRO M 136 46.62 43.85 -78.61
N ILE M 137 46.84 42.70 -79.25
CA ILE M 137 47.61 41.64 -78.61
C ILE M 137 49.08 42.03 -78.50
N LYS M 138 49.59 42.76 -79.49
CA LYS M 138 51.01 43.11 -79.50
C LYS M 138 51.37 44.00 -78.32
N GLY M 139 50.47 44.92 -77.95
CA GLY M 139 50.72 45.74 -76.77
C GLY M 139 50.85 44.91 -75.51
N ILE M 140 49.99 43.92 -75.35
CA ILE M 140 50.09 43.03 -74.20
C ILE M 140 51.38 42.23 -74.28
N LYS M 141 51.79 41.84 -75.49
CA LYS M 141 53.03 41.09 -75.66
C LYS M 141 54.22 41.90 -75.16
N LYS M 142 54.30 43.17 -75.58
CA LYS M 142 55.42 44.01 -75.13
C LYS M 142 55.31 44.34 -73.65
N TYR M 143 54.08 44.48 -73.13
CA TYR M 143 53.88 44.68 -71.70
C TYR M 143 54.48 43.53 -70.90
N ILE M 144 54.12 42.29 -71.28
CA ILE M 144 54.66 41.14 -70.57
C ILE M 144 56.15 41.02 -70.79
N TRP M 145 56.65 41.38 -71.99
CA TRP M 145 58.08 41.40 -72.22
C TRP M 145 58.79 42.27 -71.18
N GLU M 146 58.31 43.51 -71.03
CA GLU M 146 58.92 44.44 -70.08
C GLU M 146 58.82 43.91 -68.66
N LEU M 147 57.63 43.47 -68.26
CA LEU M 147 57.44 42.98 -66.90
C LEU M 147 58.35 41.80 -66.60
N LEU M 148 58.46 40.86 -67.54
CA LEU M 148 59.20 39.64 -67.27
C LEU M 148 60.71 39.88 -67.32
N ARG M 149 61.15 40.83 -68.15
CA ARG M 149 62.54 41.28 -68.06
C ARG M 149 62.85 41.88 -66.70
N ALA M 150 61.96 42.75 -66.19
CA ALA M 150 62.17 43.31 -64.87
C ALA M 150 62.18 42.21 -63.81
N LEU M 151 61.29 41.23 -63.96
CA LEU M 151 61.24 40.10 -63.04
C LEU M 151 62.55 39.32 -63.05
N LYS M 152 63.09 39.06 -64.25
CA LYS M 152 64.36 38.36 -64.34
C LYS M 152 65.48 39.14 -63.66
N PHE M 153 65.49 40.46 -63.84
CA PHE M 153 66.49 41.27 -63.13
C PHE M 153 66.32 41.17 -61.62
N VAL M 154 65.08 41.20 -61.16
CA VAL M 154 64.82 41.10 -59.71
C VAL M 154 65.32 39.77 -59.17
N HIS M 155 65.05 38.68 -59.90
CA HIS M 155 65.53 37.38 -59.44
C HIS M 155 67.04 37.29 -59.52
N SER M 156 67.66 37.93 -60.51
CA SER M 156 69.11 38.03 -60.52
C SER M 156 69.61 38.70 -59.26
N LYS M 157 68.89 39.73 -58.80
CA LYS M 157 69.19 40.33 -57.50
C LYS M 157 68.88 39.40 -56.34
N GLY M 158 67.99 38.42 -56.54
CA GLY M 158 67.72 37.42 -55.52
C GLY M 158 66.57 37.71 -54.59
N ILE M 159 65.74 38.70 -54.91
CA ILE M 159 64.63 39.09 -54.06
C ILE M 159 63.32 38.65 -54.70
N ILE M 160 62.33 38.38 -53.85
CA ILE M 160 60.98 38.02 -54.28
C ILE M 160 60.07 39.21 -54.04
N HIS M 161 59.42 39.69 -55.10
CA HIS M 161 58.56 40.87 -54.99
C HIS M 161 57.39 40.58 -54.06
N ARG M 162 56.70 39.46 -54.27
CA ARG M 162 55.69 38.92 -53.36
C ARG M 162 54.42 39.76 -53.31
N ASP M 163 54.40 40.95 -53.92
CA ASP M 163 53.20 41.77 -53.97
C ASP M 163 53.07 42.28 -55.41
N ILE M 164 52.41 41.48 -56.24
CA ILE M 164 52.33 41.73 -57.68
C ILE M 164 50.90 42.04 -58.04
N LYS M 165 50.68 43.25 -58.55
CA LYS M 165 49.35 43.72 -58.92
C LYS M 165 49.50 44.87 -59.90
N PRO M 166 48.43 45.20 -60.63
CA PRO M 166 48.59 46.21 -61.70
C PRO M 166 49.16 47.53 -61.21
N THR M 167 48.75 48.00 -60.04
CA THR M 167 49.25 49.28 -59.55
C THR M 167 50.74 49.22 -59.23
N ASN M 168 51.24 48.04 -58.87
CA ASN M 168 52.64 47.89 -58.49
C ASN M 168 53.60 48.14 -59.64
N PHE M 169 53.11 48.18 -60.88
CA PHE M 169 53.97 48.46 -62.04
C PHE M 169 53.28 49.52 -62.88
N LEU M 170 53.73 50.77 -62.77
CA LEU M 170 53.18 51.85 -63.56
C LEU M 170 53.59 51.71 -65.02
N PHE M 171 52.67 52.01 -65.93
CA PHE M 171 52.93 51.89 -67.36
C PHE M 171 52.37 53.11 -68.08
N ASN M 172 53.03 53.47 -69.19
CA ASN M 172 52.61 54.57 -70.04
C ASN M 172 52.67 54.11 -71.49
N LEU M 173 51.51 54.10 -72.15
CA LEU M 173 51.44 53.57 -73.51
C LEU M 173 52.04 54.53 -74.54
N GLU M 174 51.95 55.85 -74.29
CA GLU M 174 52.46 56.81 -75.24
C GLU M 174 53.95 56.58 -75.51
N LEU M 175 54.75 56.51 -74.46
CA LEU M 175 56.17 56.23 -74.57
C LEU M 175 56.50 54.76 -74.35
N GLY M 176 55.52 53.94 -73.98
CA GLY M 176 55.80 52.56 -73.63
C GLY M 176 56.55 52.39 -72.33
N ARG M 177 56.55 53.40 -71.47
CA ARG M 177 57.32 53.36 -70.25
C ARG M 177 56.69 52.39 -69.25
N GLY M 178 57.56 51.73 -68.47
CA GLY M 178 57.11 50.83 -67.43
C GLY M 178 58.09 50.76 -66.28
N VAL M 179 57.60 50.95 -65.05
CA VAL M 179 58.44 50.99 -63.86
C VAL M 179 57.68 50.37 -62.70
N LEU M 180 58.42 49.74 -61.79
CA LEU M 180 57.81 49.11 -60.62
C LEU M 180 57.59 50.12 -59.50
N VAL M 181 56.52 49.91 -58.74
CA VAL M 181 56.17 50.73 -57.59
C VAL M 181 55.38 49.87 -56.61
N ASP M 182 55.16 50.39 -55.41
CA ASP M 182 54.32 49.73 -54.40
C ASP M 182 54.81 48.30 -54.15
N PHE M 183 56.10 48.18 -53.87
CA PHE M 183 56.75 46.88 -53.67
C PHE M 183 57.31 46.73 -52.26
N GLY M 184 56.61 47.25 -51.25
CA GLY M 184 57.12 47.17 -49.88
C GLY M 184 57.28 45.75 -49.39
N LEU M 185 56.52 44.82 -49.96
CA LEU M 185 56.56 43.43 -49.51
C LEU M 185 57.63 42.61 -50.22
N ALA M 186 58.69 43.23 -50.71
CA ALA M 186 59.76 42.49 -51.35
C ALA M 186 60.72 41.91 -50.31
N GLU M 187 60.98 40.62 -50.40
CA GLU M 187 61.90 39.95 -49.50
C GLU M 187 62.58 38.80 -50.24
N ALA M 188 63.55 38.20 -49.58
CA ALA M 188 64.41 37.18 -50.20
C ALA M 188 64.07 35.79 -49.66
N GLN M 189 64.47 34.79 -50.43
CA GLN M 189 64.31 33.40 -50.03
C GLN M 189 65.33 33.06 -48.95
N MET M 190 65.23 31.84 -48.41
CA MET M 190 66.18 31.40 -47.39
C MET M 190 67.61 31.61 -47.87
N ASP M 191 67.88 31.29 -49.13
CA ASP M 191 69.19 31.50 -49.75
C ASP M 191 70.27 30.62 -49.14
N TYR M 192 69.90 29.76 -48.20
CA TYR M 192 70.81 28.76 -47.65
C TYR M 192 70.00 27.73 -46.86
N LYS M 193 70.30 26.46 -47.09
CA LYS M 193 69.68 25.35 -46.38
C LYS M 193 70.78 24.46 -45.80
N SER M 194 70.67 24.15 -44.52
CA SER M 194 71.68 23.38 -43.81
C SER M 194 71.07 22.07 -43.34
N MET M 195 71.66 20.95 -43.76
CA MET M 195 71.31 19.62 -43.28
C MET M 195 72.61 18.90 -42.88
N ILE M 196 73.06 19.15 -41.66
CA ILE M 196 74.29 18.51 -41.18
C ILE M 196 74.09 17.01 -41.07
N SER M 197 72.97 16.58 -40.50
CA SER M 197 72.62 15.17 -40.40
C SER M 197 71.20 14.98 -40.91
N SER M 198 71.00 14.00 -41.77
CA SER M 198 69.69 13.71 -42.33
C SER M 198 69.14 14.92 -43.08
N ILE M 245 34.95 3.55 -31.86
CA ILE M 245 34.67 3.85 -30.47
C ILE M 245 34.72 5.35 -30.24
N GLN M 246 34.48 5.76 -29.00
CA GLN M 246 34.36 7.17 -28.65
C GLN M 246 35.52 7.60 -27.75
N ASN M 247 36.17 8.69 -28.14
CA ASN M 247 37.16 9.37 -27.30
C ASN M 247 36.82 10.83 -27.07
N GLY M 248 35.99 11.41 -27.92
CA GLY M 248 35.63 12.81 -27.81
C GLY M 248 35.07 13.30 -29.11
N LYS M 249 35.03 14.63 -29.25
CA LYS M 249 34.60 15.23 -30.51
C LYS M 249 35.51 14.82 -31.65
N VAL M 250 36.61 14.13 -31.36
CA VAL M 250 37.51 13.58 -32.37
C VAL M 250 36.73 12.72 -33.35
N VAL M 251 35.61 12.15 -32.90
CA VAL M 251 34.82 11.27 -33.76
C VAL M 251 34.31 12.01 -34.98
N HIS M 252 34.24 13.34 -34.91
CA HIS M 252 33.78 14.14 -36.05
C HIS M 252 34.53 13.71 -37.31
N LEU M 253 33.81 13.17 -38.28
CA LEU M 253 34.38 12.64 -39.52
C LEU M 253 35.61 11.80 -39.13
N ASN M 254 36.78 12.08 -39.69
CA ASN M 254 38.00 11.40 -39.25
C ASN M 254 38.48 12.01 -37.94
N ASN M 255 39.40 11.29 -37.29
CA ASN M 255 39.94 11.80 -36.03
C ASN M 255 40.45 13.23 -36.19
N VAL M 256 41.23 13.48 -37.25
CA VAL M 256 41.90 14.77 -37.41
C VAL M 256 40.91 15.92 -37.42
N ASN M 257 39.68 15.69 -37.90
CA ASN M 257 38.70 16.77 -37.92
C ASN M 257 38.40 17.27 -36.52
N GLY M 258 38.25 16.35 -35.56
CA GLY M 258 37.84 16.69 -34.21
C GLY M 258 38.94 16.67 -33.17
N VAL M 259 40.18 16.36 -33.54
CA VAL M 259 41.27 16.44 -32.55
C VAL M 259 41.34 17.84 -31.98
N ASP M 260 41.21 18.85 -32.85
CA ASP M 260 41.24 20.24 -32.37
C ASP M 260 40.14 20.51 -31.36
N LEU M 261 38.91 20.09 -31.66
CA LEU M 261 37.78 20.44 -30.80
C LEU M 261 37.83 19.67 -29.48
N THR M 262 38.09 18.36 -29.54
CA THR M 262 37.98 17.52 -28.35
C THR M 262 38.82 18.06 -27.21
N LYS M 263 40.09 18.34 -27.48
CA LYS M 263 40.96 18.90 -26.46
C LYS M 263 40.74 20.42 -26.37
N GLY M 264 41.31 21.01 -25.34
CA GLY M 264 41.23 22.45 -25.16
C GLY M 264 42.27 23.17 -26.00
N TYR M 265 41.83 23.74 -27.13
CA TYR M 265 42.70 24.35 -28.11
C TYR M 265 44.05 23.62 -28.20
N PRO M 266 44.04 22.33 -28.52
CA PRO M 266 45.27 21.55 -28.42
C PRO M 266 46.37 22.13 -29.28
N LYS M 267 47.60 22.09 -28.75
CA LYS M 267 48.79 22.55 -29.47
C LYS M 267 48.54 24.01 -29.87
N ASN M 268 48.67 24.36 -31.15
CA ASN M 268 48.47 25.69 -31.72
C ASN M 268 49.47 25.95 -32.85
N GLU M 269 50.03 24.87 -33.43
CA GLU M 269 51.23 25.00 -34.24
C GLU M 269 51.04 25.95 -35.42
N THR M 270 49.91 25.86 -36.12
CA THR M 270 49.79 26.51 -37.42
C THR M 270 50.15 27.99 -37.34
N ARG M 271 49.60 28.71 -36.38
CA ARG M 271 49.84 30.13 -36.23
C ARG M 271 50.93 30.44 -35.21
N ARG M 272 51.55 29.41 -34.61
CA ARG M 272 52.56 29.62 -33.58
C ARG M 272 53.92 29.10 -34.00
N ILE M 273 54.02 27.87 -34.54
CA ILE M 273 55.33 27.32 -34.85
C ILE M 273 55.50 27.16 -36.36
N LYS M 274 54.40 27.17 -37.12
CA LYS M 274 54.55 27.37 -38.55
C LYS M 274 54.70 28.85 -38.85
N ARG M 275 53.60 29.59 -38.71
CA ARG M 275 53.57 31.06 -38.76
C ARG M 275 54.08 31.60 -40.09
N ALA M 276 54.63 30.73 -40.95
CA ALA M 276 55.07 31.01 -42.31
C ALA M 276 55.16 32.50 -42.64
N ASN M 277 54.77 32.86 -43.87
CA ASN M 277 54.56 34.24 -44.25
C ASN M 277 53.26 34.33 -45.04
N ARG M 278 52.44 35.32 -44.73
CA ARG M 278 51.23 35.59 -45.51
C ARG M 278 51.08 37.10 -45.59
N ALA M 279 51.65 37.70 -46.63
CA ALA M 279 51.51 39.12 -46.89
C ALA M 279 51.33 39.32 -48.38
N GLY M 280 50.58 40.37 -48.74
CA GLY M 280 50.28 40.68 -50.12
C GLY M 280 48.81 40.97 -50.28
N THR M 281 48.33 40.80 -51.51
CA THR M 281 46.94 41.07 -51.85
C THR M 281 46.20 39.74 -52.06
N ARG M 282 44.95 39.70 -51.63
CA ARG M 282 44.15 38.49 -51.77
C ARG M 282 43.87 38.20 -53.24
N GLY M 283 43.83 36.91 -53.58
CA GLY M 283 43.54 36.49 -54.93
C GLY M 283 44.73 36.40 -55.85
N PHE M 284 45.94 36.75 -55.39
CA PHE M 284 47.14 36.67 -56.19
C PHE M 284 48.20 35.78 -55.55
N ARG M 285 47.83 35.03 -54.51
CA ARG M 285 48.78 34.21 -53.77
C ARG M 285 48.97 32.85 -54.45
N ALA M 286 50.13 32.26 -54.22
CA ALA M 286 50.45 30.94 -54.74
C ALA M 286 49.90 29.86 -53.84
N PRO M 287 49.61 28.67 -54.38
CA PRO M 287 49.00 27.61 -53.55
C PRO M 287 49.82 27.28 -52.31
N GLU M 288 51.14 27.34 -52.41
CA GLU M 288 51.97 27.11 -51.23
C GLU M 288 51.67 28.14 -50.16
N VAL M 289 51.54 29.40 -50.55
CA VAL M 289 51.20 30.44 -49.58
C VAL M 289 49.80 30.22 -49.01
N LEU M 290 48.83 29.90 -49.88
CA LEU M 290 47.48 29.64 -49.39
C LEU M 290 47.48 28.52 -48.35
N MET M 291 48.30 27.50 -48.57
CA MET M 291 48.39 26.39 -47.64
C MET M 291 49.32 26.67 -46.46
N LYS M 292 50.05 27.80 -46.49
CA LYS M 292 50.83 28.26 -45.35
C LYS M 292 52.05 27.35 -45.14
N CYS M 293 52.63 26.90 -46.24
CA CYS M 293 53.76 26.01 -46.16
C CYS M 293 54.98 26.72 -45.56
N GLY M 294 55.88 25.93 -44.98
CA GLY M 294 57.08 26.45 -44.37
C GLY M 294 58.25 26.65 -45.29
N ALA M 295 58.08 26.41 -46.60
CA ALA M 295 59.17 26.55 -47.54
C ALA M 295 58.61 26.87 -48.92
N GLN M 296 58.97 28.05 -49.44
CA GLN M 296 58.63 28.45 -50.80
C GLN M 296 59.86 29.10 -51.40
N SER M 297 60.18 28.70 -52.65
CA SER M 297 61.46 29.11 -53.20
C SER M 297 61.39 30.40 -54.02
N THR M 298 60.74 30.37 -55.18
CA THR M 298 60.69 31.55 -56.03
C THR M 298 59.39 31.74 -56.80
N LYS M 299 58.56 30.71 -56.96
CA LYS M 299 57.58 30.71 -58.05
C LYS M 299 56.32 31.51 -57.74
N ILE M 300 56.21 32.11 -56.55
CA ILE M 300 55.03 32.91 -56.24
C ILE M 300 54.89 34.05 -57.25
N ASP M 301 56.00 34.68 -57.62
CA ASP M 301 55.94 35.81 -58.54
C ASP M 301 55.41 35.38 -59.90
N ILE M 302 55.92 34.26 -60.44
CA ILE M 302 55.46 33.81 -61.74
C ILE M 302 54.01 33.31 -61.65
N TRP M 303 53.60 32.76 -60.51
CA TRP M 303 52.19 32.41 -60.36
C TRP M 303 51.31 33.66 -60.43
N SER M 304 51.75 34.74 -59.78
CA SER M 304 51.02 35.99 -59.87
C SER M 304 50.98 36.51 -61.30
N VAL M 305 52.09 36.35 -62.03
CA VAL M 305 52.12 36.75 -63.44
C VAL M 305 51.10 35.95 -64.24
N GLY M 306 51.02 34.64 -63.97
CA GLY M 306 50.00 33.83 -64.61
C GLY M 306 48.59 34.30 -64.29
N VAL M 307 48.36 34.67 -63.03
CA VAL M 307 47.06 35.21 -62.66
C VAL M 307 46.78 36.49 -63.46
N ILE M 308 47.79 37.33 -63.64
CA ILE M 308 47.62 38.55 -64.42
C ILE M 308 47.23 38.23 -65.86
N LEU M 309 47.90 37.24 -66.45
CA LEU M 309 47.60 36.96 -67.86
C LEU M 309 46.22 36.32 -68.00
N LEU M 310 45.82 35.51 -67.02
CA LEU M 310 44.44 35.03 -67.01
C LEU M 310 43.45 36.19 -66.90
N SER M 311 43.78 37.20 -66.10
CA SER M 311 42.93 38.37 -66.00
C SER M 311 42.83 39.09 -67.34
N LEU M 312 43.97 39.28 -68.02
CA LEU M 312 43.96 40.07 -69.24
C LEU M 312 43.32 39.34 -70.42
N LEU M 313 43.40 37.99 -70.44
CA LEU M 313 42.71 37.26 -71.50
C LEU M 313 41.20 37.28 -71.32
N GLY M 314 40.70 37.79 -70.18
CA GLY M 314 39.27 37.76 -69.83
C GLY M 314 38.66 39.13 -69.62
N ARG M 315 37.74 39.51 -70.51
CA ARG M 315 37.19 40.87 -70.52
C ARG M 315 36.07 40.98 -69.49
N ARG M 316 36.48 41.14 -68.23
CA ARG M 316 35.53 41.32 -67.14
C ARG M 316 36.27 41.93 -65.96
N PHE M 317 35.81 43.11 -65.52
CA PHE M 317 36.56 43.86 -64.51
C PHE M 317 36.67 43.13 -63.18
N PRO M 318 35.59 42.63 -62.56
CA PRO M 318 35.76 41.93 -61.27
C PRO M 318 36.21 40.48 -61.42
N MET M 319 37.51 40.29 -61.57
CA MET M 319 38.04 38.93 -61.70
C MET M 319 37.78 38.12 -60.43
N PHE M 320 38.09 38.69 -59.27
CA PHE M 320 37.96 38.00 -58.00
C PHE M 320 37.34 38.93 -56.97
N GLN M 321 36.37 38.42 -56.21
CA GLN M 321 35.79 39.14 -55.09
C GLN M 321 36.25 38.60 -53.74
N SER M 322 37.22 37.69 -53.73
CA SER M 322 37.61 37.03 -52.49
C SER M 322 38.25 38.02 -51.52
N LEU M 323 38.04 37.77 -50.22
CA LEU M 323 38.67 38.57 -49.16
C LEU M 323 39.15 37.71 -48.01
N ASP M 324 39.09 36.38 -48.13
CA ASP M 324 39.51 35.46 -47.09
C ASP M 324 40.34 34.34 -47.70
N ASP M 325 41.21 33.73 -46.89
CA ASP M 325 42.04 32.64 -47.36
C ASP M 325 41.19 31.43 -47.74
N ALA M 326 40.25 31.05 -46.86
CA ALA M 326 39.39 29.91 -47.16
C ALA M 326 38.50 30.20 -48.36
N ASP M 327 38.00 31.42 -48.47
CA ASP M 327 37.18 31.79 -49.62
C ASP M 327 38.00 31.71 -50.90
N SER M 328 39.25 32.18 -50.87
CA SER M 328 40.10 32.11 -52.05
C SER M 328 40.37 30.66 -52.43
N LEU M 329 40.63 29.80 -51.44
CA LEU M 329 40.85 28.39 -51.74
C LEU M 329 39.60 27.76 -52.35
N LEU M 330 38.42 28.13 -51.83
CA LEU M 330 37.18 27.63 -52.41
C LEU M 330 37.02 28.12 -53.85
N GLU M 331 37.42 29.36 -54.12
CA GLU M 331 37.39 29.87 -55.48
C GLU M 331 38.32 29.08 -56.38
N LEU M 332 39.51 28.76 -55.91
CA LEU M 332 40.45 27.96 -56.70
C LEU M 332 39.89 26.57 -56.96
N CYS M 333 39.22 25.98 -55.96
CA CYS M 333 38.58 24.68 -56.19
C CYS M 333 37.40 24.80 -57.15
N THR M 334 36.72 25.95 -57.14
CA THR M 334 35.63 26.18 -58.08
C THR M 334 36.14 26.24 -59.51
N ILE M 335 37.24 26.95 -59.72
CA ILE M 335 37.77 27.09 -61.08
C ILE M 335 38.45 25.79 -61.53
N PHE M 336 39.23 25.18 -60.64
CA PHE M 336 39.98 23.96 -60.96
C PHE M 336 39.59 22.86 -59.99
N GLY M 337 39.62 21.62 -60.47
CA GLY M 337 39.11 20.49 -59.71
C GLY M 337 39.68 20.36 -58.31
N TRP M 338 38.77 20.24 -57.33
CA TRP M 338 39.21 19.98 -55.97
C TRP M 338 40.00 18.68 -55.88
N LYS M 339 39.81 17.77 -56.83
CA LYS M 339 40.64 16.56 -56.87
C LYS M 339 42.11 16.91 -57.01
N GLU M 340 42.46 17.72 -58.02
CA GLU M 340 43.86 18.09 -58.19
C GLU M 340 44.32 19.07 -57.12
N LEU M 341 43.40 19.86 -56.56
CA LEU M 341 43.77 20.70 -55.43
C LEU M 341 44.20 19.86 -54.24
N ARG M 342 43.45 18.80 -53.92
CA ARG M 342 43.85 17.92 -52.83
C ARG M 342 45.14 17.19 -53.17
N LYS M 343 45.31 16.80 -54.44
CA LYS M 343 46.57 16.18 -54.85
C LYS M 343 47.75 17.11 -54.58
N CYS M 344 47.65 18.37 -55.00
CA CYS M 344 48.75 19.29 -54.81
C CYS M 344 49.01 19.54 -53.33
N ALA M 345 47.94 19.73 -52.55
CA ALA M 345 48.11 19.97 -51.12
C ALA M 345 48.80 18.78 -50.46
N ALA M 346 48.40 17.55 -50.82
CA ALA M 346 49.04 16.37 -50.25
C ALA M 346 50.51 16.31 -50.63
N LEU M 347 50.83 16.47 -51.92
CA LEU M 347 52.22 16.33 -52.34
C LEU M 347 53.10 17.46 -51.81
N HIS M 348 52.53 18.60 -51.44
CA HIS M 348 53.31 19.65 -50.80
C HIS M 348 53.84 19.23 -49.43
N GLY M 349 53.27 18.20 -48.81
CA GLY M 349 53.73 17.73 -47.53
C GLY M 349 52.76 17.89 -46.38
N LEU M 350 51.55 18.38 -46.63
CA LEU M 350 50.53 18.54 -45.61
C LEU M 350 49.19 18.06 -46.14
N GLY M 351 48.34 17.60 -45.23
CA GLY M 351 47.13 16.92 -45.63
C GLY M 351 46.08 17.85 -46.19
N PHE M 352 45.04 17.24 -46.78
CA PHE M 352 43.95 17.95 -47.40
C PHE M 352 42.73 17.05 -47.41
N GLU M 353 41.55 17.61 -47.14
CA GLU M 353 40.32 16.84 -47.11
C GLU M 353 39.16 17.80 -47.38
N ALA M 354 38.53 17.66 -48.54
CA ALA M 354 37.39 18.48 -48.95
C ALA M 354 36.19 17.56 -49.15
N SER M 355 35.37 17.44 -48.10
CA SER M 355 34.20 16.57 -48.12
C SER M 355 32.92 17.32 -48.47
N GLY M 356 33.01 18.60 -48.82
CA GLY M 356 31.83 19.36 -49.20
C GLY M 356 31.06 18.72 -50.32
N LEU M 357 29.86 18.20 -50.02
CA LEU M 357 29.09 17.45 -51.00
C LEU M 357 28.69 18.33 -52.18
N ILE M 358 28.07 19.46 -51.92
CA ILE M 358 27.52 20.30 -52.97
C ILE M 358 28.65 20.92 -53.77
N TRP M 359 28.44 21.04 -55.09
CA TRP M 359 29.43 21.61 -55.98
C TRP M 359 30.73 20.81 -55.94
N ASP M 360 30.67 19.54 -56.36
CA ASP M 360 31.85 18.69 -56.45
C ASP M 360 32.18 18.26 -57.87
N LYS M 361 31.30 18.52 -58.83
CA LYS M 361 31.53 18.04 -60.18
C LYS M 361 32.76 18.71 -60.79
N PRO M 362 33.40 18.08 -61.77
CA PRO M 362 34.57 18.70 -62.40
C PRO M 362 34.22 20.07 -62.98
N ASN M 363 35.16 21.00 -62.84
CA ASN M 363 34.92 22.39 -63.20
C ASN M 363 35.23 22.62 -64.68
N GLY M 364 34.53 23.60 -65.25
CA GLY M 364 34.79 23.97 -66.63
C GLY M 364 36.22 24.43 -66.82
N TYR M 365 36.95 23.75 -67.71
CA TYR M 365 38.37 24.02 -67.93
C TYR M 365 38.61 25.02 -69.05
N SER M 366 37.84 24.95 -70.14
CA SER M 366 37.95 25.91 -71.23
C SER M 366 36.59 26.52 -71.52
N ASN M 367 35.53 25.72 -71.38
CA ASN M 367 34.18 26.20 -71.60
C ASN M 367 33.83 27.32 -70.62
N CYS M 442 45.79 30.05 -79.25
CA CYS M 442 46.35 31.00 -78.30
C CYS M 442 45.87 30.69 -76.88
N PHE M 443 44.57 30.45 -76.74
CA PHE M 443 44.01 30.23 -75.42
C PHE M 443 44.63 29.01 -74.74
N GLN M 444 44.79 27.91 -75.49
CA GLN M 444 45.35 26.70 -74.91
C GLN M 444 46.79 26.88 -74.48
N VAL M 445 47.60 27.49 -75.34
CA VAL M 445 49.02 27.68 -75.02
C VAL M 445 49.17 28.62 -73.83
N LEU M 446 48.29 29.62 -73.73
CA LEU M 446 48.35 30.56 -72.62
C LEU M 446 47.80 29.97 -71.33
N GLU M 447 46.88 29.01 -71.41
CA GLU M 447 46.25 28.41 -70.24
C GLU M 447 46.99 27.18 -69.73
N GLN M 448 47.87 26.59 -70.53
CA GLN M 448 48.57 25.39 -70.10
C GLN M 448 49.80 25.67 -69.26
N CYS M 449 50.12 26.94 -68.99
CA CYS M 449 51.32 27.30 -68.26
C CYS M 449 51.06 27.58 -66.78
N PHE M 450 50.13 26.85 -66.17
CA PHE M 450 49.76 27.04 -64.76
C PHE M 450 50.01 25.74 -64.02
N GLU M 451 51.24 25.60 -63.54
CA GLU M 451 51.71 24.40 -62.89
C GLU M 451 52.21 24.77 -61.49
N MET M 452 51.60 24.17 -60.48
CA MET M 452 51.69 24.67 -59.11
C MET M 452 52.77 23.99 -58.27
N ASP M 453 53.55 23.08 -58.85
CA ASP M 453 54.57 22.34 -58.14
C ASP M 453 55.94 22.71 -58.68
N PRO M 454 56.98 22.62 -57.84
CA PRO M 454 58.31 23.14 -58.23
C PRO M 454 59.10 22.25 -59.16
N GLN M 455 58.51 21.21 -59.74
CA GLN M 455 59.25 20.30 -60.62
C GLN M 455 58.93 20.49 -62.10
N LYS M 456 58.06 21.44 -62.46
CA LYS M 456 57.68 21.63 -63.86
C LYS M 456 57.99 23.00 -64.42
N ARG M 457 57.63 24.08 -63.73
CA ARG M 457 57.64 25.40 -64.35
C ARG M 457 59.06 25.88 -64.59
N SER M 458 59.17 26.82 -65.53
CA SER M 458 60.44 27.31 -66.05
C SER M 458 60.73 28.73 -65.56
N SER M 459 61.80 29.32 -66.08
CA SER M 459 62.24 30.63 -65.65
C SER M 459 61.67 31.72 -66.54
N ALA M 460 62.07 32.97 -66.26
CA ALA M 460 61.50 34.12 -66.95
C ALA M 460 61.91 34.15 -68.42
N GLU M 461 63.19 33.96 -68.70
CA GLU M 461 63.62 33.92 -70.10
C GLU M 461 62.97 32.76 -70.84
N ASP M 462 62.68 31.66 -70.14
CA ASP M 462 61.99 30.54 -70.76
C ASP M 462 60.61 30.94 -71.25
N LEU M 463 59.87 31.70 -70.44
CA LEU M 463 58.59 32.24 -70.89
C LEU M 463 58.76 33.27 -71.99
N LEU M 464 59.83 34.07 -71.93
CA LEU M 464 60.14 34.98 -73.03
C LEU M 464 60.33 34.26 -74.36
N LYS M 465 60.92 33.05 -74.35
CA LYS M 465 61.21 32.35 -75.60
C LYS M 465 59.99 32.16 -76.48
N THR M 466 58.79 32.03 -75.89
CA THR M 466 57.60 31.90 -76.70
C THR M 466 57.45 33.13 -77.61
N PRO M 467 57.03 32.94 -78.87
CA PRO M 467 56.97 34.08 -79.80
C PRO M 467 56.14 35.25 -79.28
N PHE M 468 56.78 36.40 -79.05
CA PHE M 468 56.09 37.63 -78.73
C PHE M 468 56.68 38.85 -79.43
N PHE M 469 57.66 38.67 -80.32
CA PHE M 469 58.54 39.76 -80.76
C PHE M 469 58.53 39.88 -82.28
N ASN M 470 57.33 39.91 -82.86
CA ASN M 470 57.21 40.10 -84.30
C ASN M 470 57.87 41.40 -84.72
N GLU M 471 58.94 41.31 -85.51
CA GLU M 471 59.72 42.48 -85.90
C GLU M 471 60.09 43.35 -84.70
N LYS N 132 80.06 -20.53 -61.69
CA LYS N 132 81.26 -20.87 -62.47
C LYS N 132 81.02 -20.65 -63.96
N ASN N 133 79.94 -21.24 -64.47
CA ASN N 133 79.57 -21.12 -65.87
C ASN N 133 78.68 -19.91 -66.07
N VAL N 134 78.58 -19.47 -67.33
CA VAL N 134 77.86 -18.24 -67.64
C VAL N 134 76.41 -18.51 -68.04
N GLU N 135 76.16 -19.56 -68.84
CA GLU N 135 74.81 -19.82 -69.33
C GLU N 135 73.93 -20.38 -68.22
N PRO N 136 72.82 -19.71 -67.87
CA PRO N 136 71.94 -20.26 -66.83
C PRO N 136 71.07 -21.38 -67.37
N ARG N 137 70.65 -22.26 -66.45
CA ARG N 137 69.76 -23.36 -66.83
C ARG N 137 68.42 -22.82 -67.32
N VAL N 138 67.81 -21.93 -66.55
CA VAL N 138 66.53 -21.32 -66.90
C VAL N 138 66.72 -19.82 -66.99
N THR N 139 66.33 -19.26 -68.14
CA THR N 139 66.50 -17.84 -68.35
C THR N 139 65.44 -17.05 -67.58
N PRO N 140 65.74 -15.82 -67.16
CA PRO N 140 64.71 -15.01 -66.50
C PRO N 140 63.45 -14.87 -67.33
N LYS N 141 63.58 -14.71 -68.65
CA LYS N 141 62.38 -14.58 -69.48
C LYS N 141 61.65 -15.91 -69.59
N GLU N 142 62.38 -17.03 -69.54
CA GLU N 142 61.71 -18.33 -69.50
C GLU N 142 60.88 -18.48 -68.23
N LEU N 143 61.46 -18.11 -67.07
CA LEU N 143 60.72 -18.17 -65.83
C LEU N 143 59.51 -17.23 -65.86
N LEU N 144 59.70 -16.04 -66.43
CA LEU N 144 58.60 -15.10 -66.57
C LEU N 144 57.50 -15.65 -67.47
N GLU N 145 57.86 -16.33 -68.56
CA GLU N 145 56.86 -16.94 -69.42
C GLU N 145 56.07 -18.01 -68.69
N TRP N 146 56.76 -18.85 -67.93
CA TRP N 146 56.08 -19.87 -67.15
C TRP N 146 55.11 -19.24 -66.15
N GLN N 147 55.58 -18.23 -65.42
CA GLN N 147 54.76 -17.56 -64.43
C GLN N 147 53.56 -16.88 -65.09
N THR N 148 53.78 -16.27 -66.26
CA THR N 148 52.73 -15.56 -66.99
C THR N 148 51.67 -16.53 -67.50
N ASN N 149 52.09 -17.70 -68.00
CA ASN N 149 51.12 -18.68 -68.43
C ASN N 149 50.28 -19.17 -67.25
N TRP N 150 50.92 -19.45 -66.12
CA TRP N 150 50.15 -19.86 -64.95
C TRP N 150 49.21 -18.75 -64.49
N LYS N 151 49.67 -17.50 -64.55
CA LYS N 151 48.82 -16.37 -64.19
C LYS N 151 47.63 -16.23 -65.13
N LYS N 152 47.85 -16.48 -66.43
CA LYS N 152 46.74 -16.47 -67.38
C LYS N 152 45.73 -17.54 -67.02
N ILE N 153 46.20 -18.76 -66.76
CA ILE N 153 45.30 -19.85 -66.37
C ILE N 153 44.50 -19.39 -65.16
N MET N 154 45.18 -18.80 -64.19
CA MET N 154 44.51 -18.37 -62.97
C MET N 154 43.43 -17.33 -63.26
N LYS N 155 43.83 -16.19 -63.83
CA LYS N 155 42.91 -15.07 -63.93
C LYS N 155 41.82 -15.31 -64.98
N ARG N 156 41.98 -16.35 -65.80
CA ARG N 156 40.96 -16.65 -66.80
C ARG N 156 40.01 -17.76 -66.36
N ASP N 157 40.53 -18.89 -65.88
CA ASP N 157 39.71 -20.08 -65.69
C ASP N 157 39.88 -20.78 -64.35
N SER N 158 40.52 -20.14 -63.37
CA SER N 158 40.73 -20.75 -62.06
C SER N 158 39.59 -20.35 -61.12
N ARG N 159 38.71 -21.31 -60.85
CA ARG N 159 37.71 -21.24 -59.79
C ARG N 159 38.26 -22.07 -58.63
N ILE N 160 38.31 -21.47 -57.45
CA ILE N 160 39.02 -22.03 -56.31
C ILE N 160 38.09 -22.01 -55.10
N TYR N 161 38.36 -22.90 -54.16
CA TYR N 161 37.80 -22.80 -52.81
C TYR N 161 38.59 -23.68 -51.85
N PHE N 162 38.34 -23.50 -50.56
CA PHE N 162 39.14 -24.09 -49.51
C PHE N 162 38.28 -25.00 -48.65
N ASP N 163 38.75 -26.21 -48.41
CA ASP N 163 38.03 -27.13 -47.53
C ASP N 163 38.00 -26.58 -46.12
N ILE N 164 36.84 -26.66 -45.47
CA ILE N 164 36.66 -26.21 -44.10
C ILE N 164 36.54 -27.38 -43.13
N THR N 165 36.74 -28.60 -43.61
CA THR N 165 36.73 -29.80 -42.78
C THR N 165 38.16 -30.26 -42.54
N ASP N 166 38.50 -30.50 -41.27
CA ASP N 166 39.85 -30.85 -40.88
C ASP N 166 39.90 -32.29 -40.36
N ASP N 167 41.07 -32.90 -40.51
CA ASP N 167 41.30 -34.28 -40.10
C ASP N 167 42.05 -34.39 -38.77
N VAL N 168 42.20 -33.29 -38.04
CA VAL N 168 42.94 -33.27 -36.78
C VAL N 168 42.14 -32.48 -35.76
N GLU N 169 42.13 -32.96 -34.51
CA GLU N 169 41.44 -32.27 -33.42
C GLU N 169 42.42 -31.31 -32.74
N MET N 170 42.72 -30.22 -33.46
CA MET N 170 43.66 -29.23 -32.96
C MET N 170 43.00 -28.38 -31.89
N ASN N 171 43.84 -27.68 -31.11
CA ASN N 171 43.34 -26.74 -30.13
C ASN N 171 43.02 -25.41 -30.79
N THR N 172 42.24 -24.59 -30.09
CA THR N 172 41.74 -23.34 -30.63
C THR N 172 42.87 -22.47 -31.18
N TYR N 173 44.01 -22.45 -30.49
CA TYR N 173 45.14 -21.63 -30.95
C TYR N 173 45.62 -22.08 -32.32
N ASN N 174 45.87 -23.38 -32.48
CA ASN N 174 46.31 -23.90 -33.77
C ASN N 174 45.24 -23.73 -34.84
N LYS N 175 43.97 -23.88 -34.46
CA LYS N 175 42.89 -23.65 -35.43
C LYS N 175 42.92 -22.22 -35.94
N SER N 176 43.08 -21.25 -35.03
CA SER N 176 43.21 -19.86 -35.43
C SER N 176 44.44 -19.64 -36.30
N LYS N 177 45.53 -20.32 -36.00
CA LYS N 177 46.74 -20.18 -36.81
C LYS N 177 46.51 -20.67 -38.24
N MET N 178 45.93 -21.86 -38.41
CA MET N 178 45.64 -22.33 -39.76
C MET N 178 44.60 -21.45 -40.45
N ASP N 179 43.67 -20.88 -39.68
CA ASP N 179 42.70 -19.97 -40.28
C ASP N 179 43.39 -18.70 -40.79
N LYS N 180 44.36 -18.19 -40.05
CA LYS N 180 45.12 -17.04 -40.51
C LYS N 180 45.91 -17.38 -41.77
N ARG N 181 46.51 -18.57 -41.81
CA ARG N 181 47.17 -19.01 -43.03
C ARG N 181 46.19 -19.09 -44.19
N ARG N 182 44.98 -19.58 -43.92
CA ARG N 182 43.92 -19.64 -44.91
C ARG N 182 43.61 -18.26 -45.46
N ASP N 183 43.48 -17.27 -44.57
CA ASP N 183 43.19 -15.91 -45.00
C ASP N 183 44.32 -15.35 -45.85
N LEU N 184 45.57 -15.63 -45.45
CA LEU N 184 46.71 -15.15 -46.23
C LEU N 184 46.70 -15.76 -47.63
N LEU N 185 46.41 -17.06 -47.72
CA LEU N 185 46.32 -17.69 -49.03
C LEU N 185 45.16 -17.11 -49.85
N LYS N 186 44.03 -16.83 -49.19
CA LYS N 186 42.91 -16.20 -49.87
C LYS N 186 43.36 -14.90 -50.52
N ARG N 187 44.03 -14.04 -49.75
CA ARG N 187 44.46 -12.75 -50.28
C ARG N 187 45.49 -12.95 -51.39
N GLY N 188 46.38 -13.93 -51.24
CA GLY N 188 47.35 -14.23 -52.27
C GLY N 188 46.70 -14.60 -53.59
N PHE N 189 45.70 -15.48 -53.55
CA PHE N 189 45.01 -15.88 -54.77
C PHE N 189 44.18 -14.72 -55.33
N LEU N 190 43.61 -13.90 -54.46
CA LEU N 190 42.88 -12.73 -54.93
C LEU N 190 43.81 -11.79 -55.70
N THR N 191 45.06 -11.65 -55.21
CA THR N 191 46.04 -10.84 -55.92
C THR N 191 46.26 -11.33 -57.34
N LEU N 192 46.24 -12.64 -57.56
CA LEU N 192 46.41 -13.21 -58.89
C LEU N 192 45.11 -13.29 -59.68
N GLY N 193 43.98 -13.03 -59.04
CA GLY N 193 42.74 -12.82 -59.77
C GLY N 193 41.90 -14.05 -60.01
N ALA N 194 42.29 -15.22 -59.49
CA ALA N 194 41.42 -16.37 -59.57
C ALA N 194 40.18 -16.14 -58.71
N GLN N 195 39.07 -16.74 -59.13
CA GLN N 195 37.81 -16.62 -58.41
C GLN N 195 37.88 -17.51 -57.17
N ILE N 196 37.41 -17.01 -56.04
CA ILE N 196 37.28 -17.80 -54.82
C ILE N 196 35.80 -17.83 -54.48
N THR N 197 35.19 -19.01 -54.56
CA THR N 197 33.76 -19.14 -54.33
C THR N 197 33.47 -19.34 -52.85
N GLN N 198 32.23 -19.71 -52.53
CA GLN N 198 31.83 -20.02 -51.17
C GLN N 198 31.08 -21.35 -51.06
N PHE N 199 31.23 -22.25 -52.03
CA PHE N 199 30.52 -23.52 -52.04
C PHE N 199 31.08 -24.39 -53.14
N PHE N 200 31.23 -25.69 -52.86
CA PHE N 200 31.70 -26.63 -53.88
C PHE N 200 30.61 -26.93 -54.90
N ASP N 201 31.00 -26.84 -56.17
CA ASP N 201 30.19 -27.30 -57.29
C ASP N 201 31.16 -27.74 -58.39
N THR N 202 30.64 -28.46 -59.38
CA THR N 202 31.51 -29.01 -60.42
C THR N 202 32.32 -27.94 -61.13
N THR N 203 31.85 -26.69 -61.14
CA THR N 203 32.58 -25.62 -61.83
C THR N 203 33.93 -25.33 -61.18
N VAL N 204 34.08 -25.60 -59.88
CA VAL N 204 35.31 -25.24 -59.20
C VAL N 204 36.46 -26.09 -59.74
N THR N 205 37.64 -25.49 -59.82
CA THR N 205 38.80 -26.10 -60.47
C THR N 205 39.95 -26.44 -59.52
N ILE N 206 40.17 -25.67 -58.45
CA ILE N 206 41.10 -26.04 -57.40
C ILE N 206 40.39 -26.03 -56.05
N VAL N 207 40.56 -27.11 -55.29
CA VAL N 207 40.29 -27.09 -53.86
C VAL N 207 41.61 -27.11 -53.12
N ILE N 208 41.69 -26.34 -52.04
CA ILE N 208 42.87 -26.25 -51.19
C ILE N 208 42.50 -26.76 -49.80
N THR N 209 43.26 -27.73 -49.30
CA THR N 209 42.80 -28.55 -48.18
C THR N 209 43.95 -28.80 -47.20
N ARG N 210 43.58 -28.94 -45.93
CA ARG N 210 44.51 -29.33 -44.87
C ARG N 210 44.67 -30.84 -44.73
N ARG N 211 43.60 -31.60 -44.97
CA ARG N 211 43.61 -33.04 -44.78
C ARG N 211 44.63 -33.69 -45.69
N SER N 212 44.78 -35.01 -45.55
CA SER N 212 45.71 -35.75 -46.37
C SER N 212 45.25 -35.76 -47.83
N VAL N 213 46.22 -35.61 -48.73
CA VAL N 213 45.97 -35.63 -50.17
C VAL N 213 46.29 -36.97 -50.80
N GLU N 214 46.75 -37.96 -50.02
CA GLU N 214 47.10 -39.26 -50.54
C GLU N 214 46.06 -40.33 -50.24
N ASN N 215 45.05 -40.02 -49.42
CA ASN N 215 44.08 -41.01 -48.96
C ASN N 215 42.64 -40.59 -49.30
N ILE N 216 42.43 -40.04 -50.49
CA ILE N 216 41.08 -39.64 -50.88
C ILE N 216 40.20 -40.87 -51.11
N TYR N 217 40.78 -41.96 -51.65
CA TYR N 217 39.99 -43.14 -51.97
C TYR N 217 39.30 -43.74 -50.75
N LEU N 218 39.79 -43.45 -49.55
CA LEU N 218 39.18 -43.98 -48.33
C LEU N 218 37.96 -43.20 -47.89
N LEU N 219 37.71 -42.02 -48.47
CA LEU N 219 36.62 -41.16 -48.02
C LEU N 219 35.30 -41.61 -48.63
N LYS N 220 34.22 -40.95 -48.19
CA LYS N 220 32.89 -41.25 -48.70
C LYS N 220 32.73 -40.76 -50.13
N ASP N 221 31.80 -41.39 -50.86
CA ASP N 221 31.44 -40.87 -52.18
CA ASP N 221 31.44 -40.88 -52.17
C ASP N 221 30.82 -39.49 -52.06
N THR N 222 29.97 -39.29 -51.05
CA THR N 222 29.43 -37.96 -50.78
C THR N 222 30.52 -36.96 -50.41
N ASP N 223 31.70 -37.45 -50.03
CA ASP N 223 32.77 -36.58 -49.57
C ASP N 223 33.19 -35.61 -50.66
N ILE N 224 33.48 -34.38 -50.25
CA ILE N 224 33.91 -33.34 -51.17
C ILE N 224 35.19 -33.71 -51.93
N LEU N 225 36.19 -34.25 -51.24
CA LEU N 225 37.42 -34.64 -51.92
C LEU N 225 37.19 -35.80 -52.88
N SER N 226 36.32 -36.74 -52.52
CA SER N 226 35.96 -37.81 -53.44
C SER N 226 35.34 -37.23 -54.70
N ARG N 227 34.41 -36.28 -54.54
CA ARG N 227 33.83 -35.61 -55.69
C ARG N 227 34.91 -34.95 -56.54
N ALA N 228 35.88 -34.30 -55.88
CA ALA N 228 36.95 -33.64 -56.62
C ALA N 228 37.73 -34.64 -57.45
N LYS N 229 38.09 -35.78 -56.85
CA LYS N 229 38.82 -36.80 -57.59
C LYS N 229 38.00 -37.33 -58.76
N LYS N 230 36.69 -37.52 -58.56
CA LYS N 230 35.85 -38.01 -59.65
C LYS N 230 35.78 -37.01 -60.79
N ASN N 231 35.71 -35.71 -60.47
CA ASN N 231 35.60 -34.67 -61.49
C ASN N 231 36.95 -34.22 -62.03
N TYR N 232 38.05 -34.81 -61.57
CA TYR N 232 39.38 -34.51 -62.10
C TYR N 232 39.78 -33.07 -61.78
N MET N 233 39.23 -32.55 -60.69
CA MET N 233 39.52 -31.21 -60.22
C MET N 233 40.77 -31.24 -59.33
N LYS N 234 41.59 -30.19 -59.43
CA LYS N 234 42.93 -30.24 -58.88
C LYS N 234 42.91 -29.91 -57.37
N VAL N 235 43.60 -30.74 -56.59
CA VAL N 235 43.60 -30.66 -55.14
C VAL N 235 44.99 -30.27 -54.68
N TRP N 236 45.07 -29.25 -53.83
CA TRP N 236 46.33 -28.77 -53.29
C TRP N 236 46.32 -28.85 -51.77
N SER N 237 47.48 -29.10 -51.20
CA SER N 237 47.70 -28.85 -49.79
C SER N 237 48.07 -27.38 -49.58
N TYR N 238 48.00 -26.94 -48.33
CA TYR N 238 48.36 -25.56 -48.04
C TYR N 238 49.82 -25.29 -48.38
N GLU N 239 50.69 -26.27 -48.13
CA GLU N 239 52.10 -26.11 -48.51
C GLU N 239 52.24 -25.98 -50.02
N LYS N 240 51.49 -26.78 -50.78
CA LYS N 240 51.55 -26.68 -52.23
C LYS N 240 51.06 -25.32 -52.71
N ALA N 241 49.98 -24.82 -52.10
CA ALA N 241 49.46 -23.50 -52.48
C ALA N 241 50.48 -22.41 -52.18
N ALA N 242 51.12 -22.47 -51.01
CA ALA N 242 52.14 -21.49 -50.68
C ALA N 242 53.31 -21.56 -51.65
N ARG N 243 53.72 -22.79 -52.00
CA ARG N 243 54.81 -22.96 -52.95
C ARG N 243 54.45 -22.36 -54.31
N PHE N 244 53.22 -22.60 -54.76
CA PHE N 244 52.76 -22.05 -56.04
C PHE N 244 52.77 -20.52 -56.01
N LEU N 245 52.26 -19.94 -54.92
CA LEU N 245 52.25 -18.49 -54.80
C LEU N 245 53.67 -17.93 -54.80
N LYS N 246 54.58 -18.54 -54.04
CA LYS N 246 55.95 -18.05 -54.00
C LYS N 246 56.64 -18.20 -55.36
N ASN N 247 56.39 -19.30 -56.07
CA ASN N 247 56.93 -19.48 -57.40
C ASN N 247 56.39 -18.46 -58.39
N LEU N 248 55.12 -18.05 -58.26
CA LEU N 248 54.58 -16.94 -59.01
C LEU N 248 55.00 -15.59 -58.42
N ASP N 249 55.76 -15.62 -57.33
CA ASP N 249 56.32 -14.42 -56.72
C ASP N 249 55.24 -13.56 -56.08
N VAL N 250 54.23 -14.20 -55.50
CA VAL N 250 53.24 -13.51 -54.68
C VAL N 250 53.75 -13.51 -53.24
N ASP N 251 54.19 -12.37 -52.75
CA ASP N 251 54.75 -12.24 -51.41
C ASP N 251 53.61 -12.15 -50.41
N LEU N 252 53.61 -13.06 -49.43
CA LEU N 252 52.58 -13.08 -48.40
C LEU N 252 52.99 -12.34 -47.15
N ASP N 253 54.29 -12.36 -46.81
CA ASP N 253 54.75 -11.67 -45.61
C ASP N 253 54.58 -10.16 -45.73
N HIS N 254 54.79 -9.61 -46.92
CA HIS N 254 54.68 -8.16 -47.14
C HIS N 254 55.67 -7.41 -46.25
N TYR N 294 28.46 15.39 -42.72
CA TYR N 294 28.44 13.99 -42.28
C TYR N 294 28.18 13.89 -40.78
N PHE N 295 29.22 14.14 -39.98
CA PHE N 295 29.01 14.14 -38.53
C PHE N 295 27.87 15.08 -38.15
N LYS N 296 27.83 16.26 -38.76
CA LYS N 296 26.71 17.17 -38.61
C LYS N 296 26.07 17.39 -39.98
N TYR N 297 26.85 17.92 -40.92
CA TYR N 297 26.53 18.13 -42.33
C TYR N 297 27.81 18.47 -43.10
N PRO N 298 27.77 18.58 -44.45
CA PRO N 298 29.01 18.79 -45.21
C PRO N 298 29.92 19.87 -44.65
N HIS N 299 31.20 19.81 -45.01
CA HIS N 299 32.23 20.66 -44.42
C HIS N 299 33.55 20.39 -45.12
N VAL N 300 34.56 21.17 -44.75
CA VAL N 300 35.90 21.04 -45.32
C VAL N 300 36.94 21.45 -44.28
N TYR N 301 38.02 20.67 -44.19
CA TYR N 301 39.11 20.97 -43.29
C TYR N 301 40.39 20.40 -43.87
N LEU N 302 41.45 21.21 -43.87
CA LEU N 302 42.77 20.77 -44.27
C LEU N 302 43.56 20.45 -43.02
N TYR N 303 44.49 19.51 -43.12
CA TYR N 303 45.25 19.13 -41.93
C TYR N 303 46.62 18.59 -42.30
N ASP N 304 47.29 17.97 -41.34
CA ASP N 304 48.63 17.44 -41.52
C ASP N 304 48.61 15.93 -41.53
N LEU N 305 49.38 15.33 -42.44
CA LEU N 305 49.44 13.88 -42.53
C LEU N 305 49.78 13.26 -41.18
N TRP N 306 50.62 13.92 -40.39
CA TRP N 306 50.94 13.48 -39.04
C TRP N 306 50.01 14.07 -37.99
N GLN N 307 49.37 15.20 -38.29
CA GLN N 307 48.49 15.91 -37.36
C GLN N 307 49.27 16.52 -36.20
N THR N 308 50.59 16.34 -36.18
CA THR N 308 51.40 17.11 -35.25
C THR N 308 51.25 18.60 -35.52
N TRP N 309 50.92 18.96 -36.75
CA TRP N 309 50.76 20.35 -37.13
C TRP N 309 49.27 20.67 -37.10
N ALA N 310 48.91 21.80 -36.49
CA ALA N 310 47.51 22.12 -36.31
C ALA N 310 46.85 22.34 -37.67
N PRO N 311 45.55 22.00 -37.79
CA PRO N 311 44.88 22.06 -39.10
C PRO N 311 44.33 23.43 -39.45
N ILE N 312 43.73 23.53 -40.63
CA ILE N 312 43.09 24.75 -41.12
C ILE N 312 41.61 24.43 -41.33
N ILE N 313 40.75 25.22 -40.69
CA ILE N 313 39.31 25.01 -40.70
C ILE N 313 38.70 25.74 -41.88
N THR N 314 37.78 25.07 -42.59
CA THR N 314 36.90 25.74 -43.53
C THR N 314 35.49 25.16 -43.43
N LEU N 315 35.02 24.96 -42.20
CA LEU N 315 33.65 24.47 -42.01
C LEU N 315 32.71 25.41 -42.75
N GLU N 316 32.11 24.91 -43.83
CA GLU N 316 31.30 25.74 -44.69
C GLU N 316 30.10 24.93 -45.18
N TRP N 317 28.93 25.55 -45.11
CA TRP N 317 27.72 25.06 -45.74
C TRP N 317 27.22 26.16 -46.64
N LYS N 318 27.06 25.87 -47.94
CA LYS N 318 26.45 26.87 -48.81
C LYS N 318 25.15 27.38 -48.21
N PRO N 319 24.31 26.55 -47.58
CA PRO N 319 23.18 27.04 -46.78
C PRO N 319 23.56 27.33 -45.33
N GLN N 320 24.28 28.44 -45.12
CA GLN N 320 24.76 28.76 -43.77
C GLN N 320 23.61 29.06 -42.82
N GLU N 321 22.64 29.88 -43.26
CA GLU N 321 21.71 30.48 -42.31
C GLU N 321 20.91 29.42 -41.55
N LEU N 322 20.43 28.39 -42.24
CA LEU N 322 19.77 27.28 -41.57
C LEU N 322 20.73 26.16 -41.25
N THR N 323 21.92 26.17 -41.83
CA THR N 323 22.94 25.14 -41.66
C THR N 323 22.37 23.74 -41.92
N ASN N 324 21.20 23.67 -42.57
CA ASN N 324 20.63 22.41 -43.01
C ASN N 324 20.47 22.35 -44.52
N LEU N 325 19.71 23.26 -45.10
CA LEU N 325 19.47 23.32 -46.54
C LEU N 325 18.84 24.68 -46.86
N ASP N 326 19.41 25.34 -47.87
CA ASP N 326 18.98 26.67 -48.30
C ASP N 326 19.60 26.99 -49.66
N GLU N 327 19.19 28.11 -50.26
CA GLU N 327 19.66 28.48 -51.58
C GLU N 327 20.09 29.93 -51.72
N LEU N 328 19.63 30.83 -50.86
CA LEU N 328 19.87 32.26 -51.08
C LEU N 328 21.35 32.60 -51.10
N PRO N 329 22.17 32.20 -50.13
CA PRO N 329 23.58 32.61 -50.13
C PRO N 329 24.46 31.66 -50.94
N TYR N 330 25.71 32.10 -51.16
CA TYR N 330 26.68 31.33 -51.91
C TYR N 330 28.08 31.70 -51.45
N PRO N 331 28.97 30.72 -51.27
CA PRO N 331 30.38 31.03 -50.94
C PRO N 331 31.29 31.11 -52.15
N ILE N 332 30.84 30.67 -53.32
CA ILE N 332 31.68 30.62 -54.50
C ILE N 332 31.37 31.82 -55.39
N LEU N 333 32.30 32.12 -56.29
CA LEU N 333 32.14 33.27 -57.18
C LEU N 333 30.98 33.06 -58.13
N LYS N 334 30.26 34.13 -58.42
CA LYS N 334 29.23 34.14 -59.46
C LYS N 334 29.77 34.89 -60.67
N ILE N 335 29.61 34.28 -61.85
CA ILE N 335 30.25 34.82 -63.04
C ILE N 335 29.82 36.26 -63.28
N GLY N 336 28.53 36.56 -63.10
CA GLY N 336 28.07 37.93 -63.12
C GLY N 336 27.69 38.40 -61.72
N SER N 337 28.59 39.15 -61.08
CA SER N 337 28.35 39.63 -59.73
C SER N 337 28.85 41.06 -59.55
N PHE N 338 28.59 41.93 -60.52
CA PHE N 338 29.03 43.32 -60.38
C PHE N 338 28.38 43.98 -59.17
N GLY N 339 27.14 43.59 -58.87
CA GLY N 339 26.39 44.23 -57.82
C GLY N 339 25.02 44.65 -58.31
N ARG N 340 24.84 44.65 -59.63
CA ARG N 340 23.58 45.03 -60.25
C ARG N 340 22.43 44.25 -59.63
N CYS N 341 21.34 44.95 -59.32
CA CYS N 341 20.19 44.28 -58.72
C CYS N 341 19.73 43.07 -59.54
N PRO N 342 19.65 43.15 -60.88
CA PRO N 342 19.29 41.96 -61.65
C PRO N 342 20.24 40.79 -61.38
N GLY N 693 43.28 52.32 -37.37
CA GLY N 693 44.58 51.79 -37.72
C GLY N 693 45.36 51.30 -36.50
N TYR N 694 46.52 50.72 -36.75
CA TYR N 694 47.39 50.20 -35.70
C TYR N 694 48.78 50.81 -35.86
N CYS N 695 49.32 51.33 -34.76
CA CYS N 695 50.65 51.95 -34.75
C CYS N 695 51.67 50.93 -34.28
N GLU N 696 52.42 50.37 -35.23
CA GLU N 696 53.51 49.47 -34.89
C GLU N 696 54.66 50.22 -34.21
N ASN N 697 54.88 51.48 -34.56
CA ASN N 697 55.89 52.29 -33.88
C ASN N 697 55.58 52.46 -32.40
N CYS N 698 54.30 52.51 -32.04
CA CYS N 698 53.89 52.58 -30.64
C CYS N 698 52.90 51.50 -30.23
N ARG N 699 52.85 50.38 -30.95
CA ARG N 699 52.19 49.14 -30.51
C ARG N 699 50.86 49.41 -29.78
N VAL N 700 50.09 50.37 -30.28
CA VAL N 700 48.83 50.74 -29.65
C VAL N 700 47.77 50.95 -30.72
N LYS N 701 46.56 50.48 -30.46
CA LYS N 701 45.44 50.69 -31.37
C LYS N 701 45.01 52.15 -31.34
N TYR N 702 44.35 52.57 -32.42
CA TYR N 702 43.82 53.92 -32.51
C TYR N 702 42.74 53.96 -33.58
N GLU N 703 41.95 55.03 -33.56
CA GLU N 703 40.88 55.23 -34.53
C GLU N 703 41.11 56.43 -35.44
N SER N 704 41.87 57.43 -34.99
CA SER N 704 42.21 58.58 -35.82
C SER N 704 43.68 58.93 -35.59
N LEU N 705 44.38 59.25 -36.68
CA LEU N 705 45.83 59.44 -36.58
C LEU N 705 46.19 60.58 -35.65
N GLU N 706 45.48 61.72 -35.77
CA GLU N 706 45.85 62.89 -34.98
C GLU N 706 45.78 62.62 -33.49
N GLN N 707 44.84 61.76 -33.06
CA GLN N 707 44.74 61.43 -31.64
C GLN N 707 46.03 60.77 -31.15
N HIS N 708 46.58 59.85 -31.94
CA HIS N 708 47.75 59.10 -31.51
C HIS N 708 49.00 59.95 -31.43
N ILE N 709 49.05 61.07 -32.18
CA ILE N 709 50.26 61.89 -32.20
C ILE N 709 50.50 62.51 -30.82
N VAL N 710 49.45 63.04 -30.20
CA VAL N 710 49.61 63.73 -28.93
C VAL N 710 49.97 62.78 -27.78
N SER N 711 49.88 61.47 -28.00
CA SER N 711 50.22 60.53 -26.94
C SER N 711 51.67 60.69 -26.52
N GLU N 712 51.92 60.52 -25.23
CA GLU N 712 53.27 60.72 -24.70
C GLU N 712 54.26 59.77 -25.34
N LYS N 713 53.85 58.51 -25.53
CA LYS N 713 54.76 57.53 -26.13
C LYS N 713 55.19 57.94 -27.53
N HIS N 714 54.24 58.42 -28.35
CA HIS N 714 54.57 58.83 -29.70
C HIS N 714 55.52 60.03 -29.69
N LEU N 715 55.27 60.99 -28.79
CA LEU N 715 56.14 62.16 -28.70
C LEU N 715 57.55 61.77 -28.29
N SER N 716 57.68 60.82 -27.36
CA SER N 716 59.00 60.46 -26.85
C SER N 716 59.88 59.91 -27.97
N PHE N 717 59.32 59.09 -28.85
CA PHE N 717 60.12 58.53 -29.94
C PHE N 717 60.57 59.63 -30.91
N ALA N 718 59.73 60.63 -31.15
CA ALA N 718 60.07 61.67 -32.12
C ALA N 718 61.40 62.33 -31.78
N GLU N 719 61.56 62.78 -30.54
CA GLU N 719 62.80 63.42 -30.13
C GLU N 719 63.97 62.45 -30.11
N ASN N 720 63.71 61.14 -30.05
CA ASN N 720 64.76 60.14 -30.02
C ASN N 720 65.24 59.88 -31.45
N ASP N 721 66.44 60.39 -31.77
CA ASP N 721 67.02 60.26 -33.10
C ASP N 721 68.28 59.39 -32.97
N LEU N 722 68.10 58.07 -33.04
CA LEU N 722 69.21 57.13 -33.04
C LEU N 722 69.07 56.03 -34.08
N ASN N 723 67.94 55.96 -34.80
CA ASN N 723 67.75 54.97 -35.84
C ASN N 723 67.88 55.55 -37.24
N PHE N 724 68.27 56.82 -37.35
CA PHE N 724 68.35 57.50 -38.63
C PHE N 724 69.70 57.37 -39.30
N GLU N 725 70.68 56.73 -38.65
CA GLU N 725 71.99 56.56 -39.25
C GLU N 725 71.97 55.70 -40.51
N ALA N 726 71.00 54.79 -40.62
CA ALA N 726 71.01 53.82 -41.71
C ALA N 726 70.97 54.51 -43.07
N ILE N 727 69.88 55.20 -43.37
CA ILE N 727 69.71 55.79 -44.70
C ILE N 727 70.70 56.92 -44.91
N ASP N 728 70.98 57.70 -43.87
CA ASP N 728 71.93 58.80 -44.01
C ASP N 728 73.29 58.28 -44.48
N SER N 729 73.69 57.11 -43.99
CA SER N 729 74.94 56.51 -44.44
C SER N 729 74.90 56.23 -45.94
N LEU N 730 73.78 55.73 -46.44
CA LEU N 730 73.68 55.43 -47.86
C LEU N 730 73.48 56.71 -48.67
N ILE N 731 72.74 57.67 -48.14
CA ILE N 731 72.47 58.90 -48.89
C ILE N 731 73.77 59.63 -49.18
N GLU N 732 74.63 59.77 -48.17
CA GLU N 732 75.89 60.48 -48.37
C GLU N 732 76.82 59.74 -49.34
N ASN N 733 76.62 58.44 -49.54
CA ASN N 733 77.42 57.69 -50.49
C ASN N 733 76.93 57.93 -51.91
#